data_5LF1
#
_entry.id   5LF1
#
_cell.length_a   113.890
_cell.length_b   203.490
_cell.length_c   316.040
_cell.angle_alpha   90.00
_cell.angle_beta   90.00
_cell.angle_gamma   90.00
#
_symmetry.space_group_name_H-M   'P 21 21 21'
#
loop_
_entity.id
_entity.type
_entity.pdbx_description
1 polymer 'Proteasome subunit alpha type-2'
2 polymer 'Proteasome subunit alpha type-4'
3 polymer 'Proteasome subunit alpha type-7'
4 polymer 'Proteasome subunit alpha type-5'
5 polymer 'Proteasome subunit alpha type-1'
6 polymer 'Proteasome subunit alpha type-3'
7 polymer 'Proteasome subunit alpha type-6'
8 polymer 'Proteasome subunit beta type-7'
9 polymer 'Proteasome subunit beta type-3'
10 polymer 'Proteasome subunit beta type-2'
11 polymer 'Proteasome subunit beta type-5'
12 polymer 'Proteasome subunit beta type-1'
13 polymer 'Proteasome subunit beta type-4'
14 polymer 'Proteasome subunit beta type-6'
15 non-polymer 'CHLORIDE ION'
16 non-polymer 'POTASSIUM ION'
17 non-polymer 'MAGNESIUM ION'
18 non-polymer 'PENTAETHYLENE GLYCOL'
19 non-polymer ~{N}-[(2~{S})-1-[[(2~{S},3~{R},4~{S})-2,6-dimethyl-1,2,3-tris(oxidanyl)heptan-4-yl]amino]-3-oxidanyl-1-oxidanylidene-propan-2-yl]-6-methyl-heptanamide
20 water water
#
loop_
_entity_poly.entity_id
_entity_poly.type
_entity_poly.pdbx_seq_one_letter_code
_entity_poly.pdbx_strand_id
1 'polypeptide(L)'
;MAERGYSFSLTTFSPSGKLVQIEYALAAVAGGAPSVGIKAANGVVLATEKKQKSILYDERSVHKVEPITKHIGLVYSGMG
PDYRVLVHRARKLAQQYYLVYQEPIPTAQLVQRVASVMQEYTQSGGVRPFGVSLLICGWNEGRPYLFQSDPSGAYFAWKA
TAMGKNYVNGKTFLEKRYNEDLELEDAIHTAILTLKESFEGQMTEDNIEVGICNEAGFRRLTPTEVKDYLAAIA
;
A,O
2 'polypeptide(L)'
;MSRRYDSRTTIFSPEGRLYQVEYAMEAIGHAGTCLGILANDGVLLAAERRNIHKLLDEVFFSEKIYKLNEDMACSVAGIT
SDANVLTNELRLIAQRYLLQYQEPIPCEQLVTALCDIKQAYTQFGGKRPFGVSLLYIGWDKHYGFQLYQSDPSGNYGGWK
ATCIGNNSAAAVSMLKQDYKEGEMTLKSALALAIKVLNKTMDVSKLSAEKVEIATLTRENGKTVIRVLKQKEVEQLIKKH
EEEEAKAEREKKEKEQKEKDK
;
B,P
3 'polypeptide(L)'
;MSYDRAITVFSPDGHLFQVEYAQEAVKKGSTAVGVRGRDIVVLGVEKKSVAKLQDERTVRKI(YCM)ALDDNVCMAFAGL
TADARIVINRARVECQSHRLTVEDPVTVEYITRYIASLKQRYTQSNGRRPFGISALIVGFDFDGTPRLYQTDPSGTYHAW
KANAIGRGAKSVREFLEKNYTDEAIETDDLTIKLVIKALLEVVQSGGKNIELAVMRRDQSLKILNPEEIEKYVAEIEKEK
EENEKKKQKKAS
;
C,Q
4 'polypeptide(L)'
;MFLTRSEYDRGVNTFSPEGRLFQVEYAIEAIKLGSTAIGIQTSEGVCLAVEKRITSPLMEPSSIEKIVEIDAHIGCAMSG
LIADAKTLIDKARVETQNHWFTYNETMTVESVTQAVSNLALQFGEEDADPGAMSRPFGVALLFGGVDEKGPQLFHMDPSG
TFVQCDARAIGSASEGAQSSLQEVYHKSMTLKEAIKSSLIILKQVMEEKLNATNIELATVQPGQNFHMFTKEELEEVIKD
I
;
D,R
5 'polypeptide(L)'
;MFRNQYDNDVTVWSPQGRIHQIEYAMEAVKQGSATVGLKSKTHAVLVALKRAQSELAAHQKKILHVDNHIGISIAGLTAD
ARLLCNFMRQECLDSRFVFDRPLPVSRLVSLIGSKTQIPTQRYGRRPYGVGLLIAGYDDMGPHIFQT(6V1)PSANYFDC
RAMSIGARSQSARTYLERHMSEFMECNLNELVKHGLRALRETLPAEQDLTTKNVSIGIVGKDLEFTIYDDDDVSPFLEGL
EERPQRKAQPAQPADEPAEKADEPMEH
;
E,S
6 'polypeptide(L)'
;MSSIGTGYDLSASTFSPDGRVFQVEYAMKAVENSSTAIGIRCKDGVVFGVEKLVLSKLYEEGSNKRLFNVDRHVGMAVAG
LLADARSLADIAREEASNFRSNFGYNIPLKHLADRVAMYVHAYTLYSAVRPFGCSFMLGSYSVNDGAQLYMIDPSGVSYG
YWGCAIGKARQAAKTEIEKLQMKEMTCRDIVKEVAKIIYIVHDEVKDKAFELELSWVGELTNGRHEIVPKDIREEAEKYA
KESLKEEDESDDDNM
;
F,T
7 'polypeptide(L)'
;MSRGSSAGFDRHITIFSPEGRLYQVEYAFKAINQGGLTSVAVRGKD(6V1)AVIVTQKKVPDKLLDSSTVTHLFKITENI
GCVMTGMTADSRSQVQRARYEAANWKYKYGYEIPVDMLCKRIADISQVYTQNAEMRPLGC(YCM)MILIGIDEEQGPQVY
KCDPAGYY(6V1)GFKATAAGVKQTESTSFLEKKVKKKFDWTFEQTVETAITCLSTVLSIDFKPSEIEVGVVTVENPKFR
ILTEAEIDAHLVALAERD
;
G,U
8 'polypeptide(L)'
;TTIAGVVYKDGIVLGADTRATEGMVVADKNCSKIHFISPNIYCCGAGTAADTDMTTQLISSNLELHSLSTGRLPRVVTAN
RMLKQMLFRYQGYIGAALVLGGVDVTGPHLYSIYPHGSTDKLPYVTMGSGSLAAMAVFEDKFRPDMEEEEAKNLVSEAIA
AGIFNDLGSGSNIDLCVISKNKLDFLRPYTVPNKKGTRLGRYRCEKGTTAVLTEKITPLEIEVLEETVQTMDTS
;
H,V
9 'polypeptide(L)'
;MSIMSYNGGAVMAMKGKNCVAIAADRRFGIQAQMVTTDFQKIFPMGDRLYIGLAGLATDVQTVAQRLKFRLNLYELKEGR
QIKPYTLMSMVANLLYEKRFGPYYTEPVIAGLDPKTFKPFICSLDLIGCPMVTDDFVVSGTCAEQMYGMCESLWEPNMDP
DHLFETISQAMLNAVDRDAVSGMGVIVHIIEKDKITTRTLKARMD
;
I,W
10 'polypeptide(L)'
;MEYLIGIQGPDYVLVASDRVAASNIVQMKDDHDKMFKMSEKILLLCVGEAGDTVQFAEYIQKNVQLYKMRNGYELSPTAA
ANFTRRNLAD(6V1)LRSRTPYHVNLLLAGYDEHEGPALYYMDYLAALAKAPFAAHGYGAFLTLSILDRYYTPTISRERA
VELLRKCLEELQKRFILNLPTFSVRIIDKNGIHDLDNISFPKQGS
;
J,X
11 'polypeptide(L)'
;TTTLAFKFRHGVIVAADSRATAGAYIASQTVKKVIEINPYLLGTMAGGAADCSFWERLLARQCRIYELRNKERISVAAAS
KLLANMVYQYKGMGLSMGTMICGWDKRGPGLYYVDSEGNRISGATFSVGSGSVYAYGVMDRGYSYDLEVEQAYDLARRAI
YQATYRDAYSGGAVNLYHVREDGWIRVSSDNVADLHEKYSGSTP
;
K,Y
12 'polypeptide(L)'
;RFSPYVFNGGTILAIAGEDFAIVASDTRLSEGFSIHTRDSPKCYKLTDKTVIGCSGFHGDCLTLTKIIEARLKMYKHSNN
KAMTTGAIAAMLSTILYSRRFFPYYVYNIIGGLDEEGKGAVYSFDPVGSYQRDSFKAGGSASAMLQPLLDNQVGFKNMQN
VEHVPLSLDRAMRLVKDVFISAAERDVYTGDALRICIVTKEGIREETVSLRKD
;
L,Z
13 'polypeptide(L)'
;TQNPMVTGTSVLGVKFEGGVVIAADMLGSYGSLARFRNISRIMRVNNSTMLGASGDYADFQYLKQVLGQMVIDEELLGDG
HSYSPRAIHSWLTRAMYSRRSKMNPLWNTMVIGGYADGESFLGYVDMLGVAYEAPSLATGYGAYLAQPLLREVLEKQPVL
SQTEARDLVERCMRVLYYRDARSYNRFQIATVTEKGVEIEGPLSTETNWDIAHMISGFE
;
M,a
14 'polypeptide(L)'
;TTIMAVQFDGGVVLGADSRTTTGSYIANRVTDKLTPIHDRIFCCRSGSAADTQAVADAVTYQLGFHSIELNEPPLVHTAA
SLFKEMCYRYREDLMAGIIIAGWDPQEGGQVYSVPMGGMMVRQSFAIGGSGSSYIYGYVDATYREGMTKEECLQFTANAL
ALAMERDGSSGGVIRLAAIAESGVERQVLLGDQIPKFAVATLPPA
;
N,b
#
loop_
_chem_comp.id
_chem_comp.type
_chem_comp.name
_chem_comp.formula
1PE non-polymer 'PENTAETHYLENE GLYCOL' 'C10 H22 O6'
6VC non-polymer ~{N}-[(2~{S})-1-[[(2~{S},3~{R},4~{S})-2,6-dimethyl-1,2,3-tris(oxidanyl)heptan-4-yl]amino]-3-oxidanyl-1-oxidanylidene-propan-2-yl]-6-methyl-heptanamide 'C20 H40 N2 O6'
CL non-polymer 'CHLORIDE ION' 'Cl -1'
K non-polymer 'POTASSIUM ION' 'K 1'
MG non-polymer 'MAGNESIUM ION' 'Mg 2'
#
# COMPACT_ATOMS: atom_id res chain seq x y z
N ARG A 4 -52.63 9.99 -10.73
CA ARG A 4 -51.60 9.18 -11.46
C ARG A 4 -51.50 9.49 -12.99
N GLY A 5 -52.65 9.50 -13.68
CA GLY A 5 -52.69 9.47 -15.16
C GLY A 5 -53.69 8.36 -15.49
N TYR A 6 -54.52 8.51 -16.53
CA TYR A 6 -55.39 7.42 -16.95
C TYR A 6 -54.53 6.58 -17.93
N SER A 7 -54.54 5.25 -17.79
CA SER A 7 -53.67 4.41 -18.56
C SER A 7 -54.36 3.78 -19.79
N PHE A 8 -55.65 4.05 -19.98
CA PHE A 8 -56.43 3.54 -21.09
C PHE A 8 -56.49 4.53 -22.24
N SER A 9 -56.65 4.04 -23.47
CA SER A 9 -56.75 4.90 -24.66
C SER A 9 -58.09 5.69 -24.62
N LEU A 10 -58.06 6.95 -25.04
CA LEU A 10 -59.27 7.76 -25.20
C LEU A 10 -59.69 7.82 -26.64
N THR A 11 -58.84 7.34 -27.56
CA THR A 11 -59.20 7.08 -28.92
C THR A 11 -59.29 5.56 -29.12
N THR A 12 -60.46 5.11 -29.60
CA THR A 12 -60.72 3.70 -29.91
C THR A 12 -61.50 3.53 -31.23
N PHE A 13 -61.57 2.29 -31.74
CA PHE A 13 -62.28 2.01 -32.99
C PHE A 13 -63.75 1.95 -32.74
N SER A 14 -64.49 2.59 -33.63
CA SER A 14 -65.97 2.46 -33.63
C SER A 14 -66.35 1.19 -34.41
N PRO A 15 -67.64 0.77 -34.36
CA PRO A 15 -68.01 -0.46 -35.08
C PRO A 15 -67.69 -0.45 -36.60
N SER A 16 -67.73 0.73 -37.20
CA SER A 16 -67.47 0.90 -38.64
C SER A 16 -65.97 1.06 -38.96
N GLY A 17 -65.12 0.93 -37.97
CA GLY A 17 -63.70 0.99 -38.19
C GLY A 17 -63.11 2.39 -38.15
N LYS A 18 -63.87 3.38 -37.69
CA LYS A 18 -63.33 4.75 -37.56
C LYS A 18 -62.77 5.04 -36.15
N LEU A 19 -61.71 5.84 -36.13
CA LEU A 19 -61.19 6.43 -34.92
C LEU A 19 -61.80 7.82 -34.83
N VAL A 20 -62.97 7.92 -34.23
CA VAL A 20 -63.71 9.20 -34.28
C VAL A 20 -62.99 10.38 -33.59
N GLN A 21 -62.25 10.13 -32.51
CA GLN A 21 -61.50 11.25 -31.90
C GLN A 21 -60.56 11.92 -32.88
N ILE A 22 -59.98 11.12 -33.78
CA ILE A 22 -59.13 11.67 -34.83
C ILE A 22 -59.94 12.44 -35.85
N GLU A 23 -61.08 11.90 -36.28
CA GLU A 23 -61.95 12.66 -37.14
C GLU A 23 -62.32 14.05 -36.50
N TYR A 24 -62.64 14.01 -35.21
CA TYR A 24 -63.07 15.23 -34.51
C TYR A 24 -61.90 16.22 -34.34
N ALA A 25 -60.69 15.70 -34.14
CA ALA A 25 -59.51 16.52 -34.22
C ALA A 25 -59.35 17.18 -35.57
N LEU A 26 -59.61 16.44 -36.66
CA LEU A 26 -59.65 17.06 -37.99
C LEU A 26 -60.69 18.16 -38.19
N ALA A 27 -61.85 18.04 -37.54
CA ALA A 27 -62.84 19.12 -37.55
C ALA A 27 -62.33 20.37 -36.80
N ALA A 28 -61.55 20.20 -35.74
CA ALA A 28 -60.91 21.37 -35.12
C ALA A 28 -59.93 22.02 -36.09
N VAL A 29 -59.23 21.22 -36.87
CA VAL A 29 -58.32 21.76 -37.90
C VAL A 29 -59.10 22.53 -38.96
N ALA A 30 -60.18 21.93 -39.46
CA ALA A 30 -60.99 22.52 -40.52
C ALA A 30 -61.60 23.85 -40.16
N GLY A 31 -61.87 24.06 -38.88
CA GLY A 31 -62.40 25.33 -38.38
C GLY A 31 -61.34 26.32 -37.98
N GLY A 32 -60.05 25.97 -38.14
CA GLY A 32 -58.97 26.87 -37.80
C GLY A 32 -58.77 27.89 -38.91
N ALA A 33 -57.90 28.85 -38.64
CA ALA A 33 -57.59 29.89 -39.61
C ALA A 33 -56.85 29.30 -40.83
N PRO A 34 -57.09 29.84 -42.03
CA PRO A 34 -56.44 29.28 -43.23
C PRO A 34 -54.91 29.33 -43.24
N SER A 35 -54.29 28.28 -43.76
CA SER A 35 -52.84 28.23 -44.04
C SER A 35 -52.59 27.66 -45.43
N VAL A 36 -51.51 28.13 -46.04
CA VAL A 36 -51.17 27.82 -47.44
C VAL A 36 -49.69 27.52 -47.50
N GLY A 37 -49.33 26.52 -48.28
CA GLY A 37 -47.93 26.27 -48.60
C GLY A 37 -47.77 25.99 -50.07
N ILE A 38 -46.75 26.58 -50.70
CA ILE A 38 -46.47 26.41 -52.12
C ILE A 38 -44.98 26.12 -52.27
N LYS A 39 -44.68 25.00 -52.89
CA LYS A 39 -43.30 24.66 -53.28
C LYS A 39 -43.00 25.21 -54.69
N ALA A 40 -42.19 26.26 -54.76
CA ALA A 40 -41.66 26.77 -56.03
C ALA A 40 -40.46 25.94 -56.46
N ALA A 41 -39.89 26.28 -57.61
CA ALA A 41 -38.72 25.59 -58.12
C ALA A 41 -37.50 25.81 -57.23
N ASN A 42 -37.35 27.05 -56.73
CA ASN A 42 -36.17 27.48 -55.94
C ASN A 42 -36.47 27.78 -54.46
N GLY A 43 -37.62 27.35 -53.97
CA GLY A 43 -37.96 27.57 -52.56
C GLY A 43 -39.39 27.24 -52.19
N VAL A 44 -39.74 27.53 -50.93
CA VAL A 44 -41.06 27.27 -50.41
C VAL A 44 -41.58 28.49 -49.68
N VAL A 45 -42.87 28.74 -49.80
CA VAL A 45 -43.55 29.79 -49.04
C VAL A 45 -44.63 29.14 -48.20
N LEU A 46 -44.72 29.59 -46.96
CA LEU A 46 -45.78 29.27 -46.03
C LEU A 46 -46.50 30.57 -45.66
N ALA A 47 -47.82 30.56 -45.68
CA ALA A 47 -48.58 31.77 -45.34
C ALA A 47 -49.84 31.42 -44.57
N THR A 48 -50.25 32.35 -43.72
CA THR A 48 -51.35 32.11 -42.83
C THR A 48 -52.05 33.40 -42.49
N GLU A 49 -53.34 33.26 -42.22
CA GLU A 49 -54.16 34.34 -41.75
C GLU A 49 -54.13 34.37 -40.21
N LYS A 50 -54.01 35.55 -39.66
CA LYS A 50 -54.28 35.71 -38.23
C LYS A 50 -55.79 35.79 -37.97
N LYS A 51 -56.31 34.89 -37.11
CA LYS A 51 -57.65 35.06 -36.49
C LYS A 51 -57.68 36.30 -35.51
N GLN A 52 -57.17 37.43 -36.02
CA GLN A 52 -56.78 38.61 -35.25
C GLN A 52 -57.90 39.61 -35.33
N LYS A 53 -58.70 39.60 -34.29
CA LYS A 53 -59.62 40.67 -34.05
C LYS A 53 -58.81 41.96 -33.78
N SER A 54 -59.04 42.49 -32.59
CA SER A 54 -58.60 43.78 -32.11
C SER A 54 -57.31 44.40 -32.67
N ILE A 55 -57.39 45.71 -32.88
CA ILE A 55 -56.20 46.57 -32.91
C ILE A 55 -55.36 46.49 -31.58
N LEU A 56 -55.96 46.03 -30.49
CA LEU A 56 -55.27 45.89 -29.22
C LEU A 56 -54.19 44.85 -29.18
N TYR A 57 -54.23 43.83 -30.05
CA TYR A 57 -53.21 42.81 -30.12
C TYR A 57 -51.89 43.41 -30.57
N ASP A 58 -50.81 42.98 -29.94
CA ASP A 58 -49.49 43.25 -30.43
C ASP A 58 -49.24 42.07 -31.32
N GLU A 59 -49.34 42.32 -32.63
N GLU A 59 -49.37 42.30 -32.62
CA GLU A 59 -49.22 41.26 -33.66
CA GLU A 59 -49.26 41.21 -33.61
C GLU A 59 -47.87 40.57 -33.67
C GLU A 59 -47.87 40.58 -33.68
N ARG A 60 -46.85 41.32 -33.25
CA ARG A 60 -45.46 40.83 -33.20
C ARG A 60 -45.16 39.91 -31.99
N SER A 61 -46.09 39.80 -31.02
CA SER A 61 -45.81 39.13 -29.75
C SER A 61 -45.84 37.61 -29.81
N VAL A 62 -46.63 37.03 -30.70
CA VAL A 62 -46.56 35.60 -30.94
C VAL A 62 -46.68 35.35 -32.44
N HIS A 63 -46.01 34.30 -32.91
CA HIS A 63 -45.95 34.00 -34.34
C HIS A 63 -46.54 32.64 -34.59
N LYS A 64 -47.25 32.54 -35.68
CA LYS A 64 -47.73 31.27 -36.19
C LYS A 64 -46.71 30.58 -37.12
N VAL A 65 -45.91 31.38 -37.80
CA VAL A 65 -44.87 30.86 -38.68
C VAL A 65 -43.60 30.87 -37.85
N GLU A 66 -43.00 29.71 -37.64
CA GLU A 66 -41.89 29.53 -36.68
C GLU A 66 -40.71 28.77 -37.29
N PRO A 67 -39.48 29.17 -36.96
CA PRO A 67 -38.27 28.38 -37.30
C PRO A 67 -38.08 27.14 -36.38
N ILE A 68 -37.75 26.01 -36.99
CA ILE A 68 -37.37 24.81 -36.26
C ILE A 68 -35.86 24.70 -36.22
N THR A 69 -35.21 24.94 -37.37
CA THR A 69 -33.77 24.99 -37.51
C THR A 69 -33.48 26.16 -38.44
N LYS A 70 -32.20 26.37 -38.74
CA LYS A 70 -31.77 27.31 -39.76
C LYS A 70 -32.43 27.10 -41.14
N HIS A 71 -32.82 25.87 -41.44
CA HIS A 71 -33.26 25.47 -42.77
C HIS A 71 -34.68 24.87 -42.84
N ILE A 72 -35.40 24.81 -41.72
CA ILE A 72 -36.74 24.22 -41.62
C ILE A 72 -37.65 25.18 -40.86
N GLY A 73 -38.87 25.34 -41.37
CA GLY A 73 -39.91 26.09 -40.68
C GLY A 73 -41.29 25.46 -40.80
N LEU A 74 -42.24 25.99 -40.00
CA LEU A 74 -43.54 25.37 -39.76
C LEU A 74 -44.63 26.47 -39.75
N VAL A 75 -45.83 26.05 -40.14
CA VAL A 75 -47.07 26.78 -39.79
C VAL A 75 -48.14 25.71 -39.52
N TYR A 76 -49.34 26.12 -39.11
CA TYR A 76 -50.40 25.16 -38.78
C TYR A 76 -51.77 25.78 -39.05
N SER A 77 -52.78 24.92 -38.99
CA SER A 77 -54.16 25.28 -38.80
C SER A 77 -54.72 24.41 -37.67
N GLY A 78 -55.51 25.03 -36.80
CA GLY A 78 -56.16 24.35 -35.70
C GLY A 78 -55.88 25.05 -34.38
N MET A 79 -55.56 24.27 -33.36
CA MET A 79 -55.44 24.84 -32.02
C MET A 79 -54.06 25.32 -31.70
N GLY A 80 -53.90 26.62 -31.53
CA GLY A 80 -52.60 27.23 -31.27
C GLY A 80 -51.80 26.63 -30.12
N PRO A 81 -52.40 26.41 -28.95
CA PRO A 81 -51.57 25.87 -27.87
C PRO A 81 -51.04 24.43 -28.14
N ASP A 82 -51.82 23.60 -28.86
CA ASP A 82 -51.34 22.28 -29.30
C ASP A 82 -50.12 22.42 -30.23
N TYR A 83 -50.18 23.40 -31.11
CA TYR A 83 -49.09 23.72 -32.00
C TYR A 83 -47.77 24.04 -31.28
N ARG A 84 -47.85 24.84 -30.21
CA ARG A 84 -46.67 25.18 -29.45
C ARG A 84 -45.95 23.95 -28.85
N VAL A 85 -46.73 22.92 -28.45
CA VAL A 85 -46.17 21.67 -28.02
C VAL A 85 -45.33 21.03 -29.13
N LEU A 86 -45.89 20.97 -30.33
CA LEU A 86 -45.25 20.31 -31.45
C LEU A 86 -44.01 21.09 -31.94
N VAL A 87 -44.07 22.43 -31.91
CA VAL A 87 -42.93 23.28 -32.22
C VAL A 87 -41.76 22.97 -31.27
N HIS A 88 -42.05 22.90 -29.96
CA HIS A 88 -41.07 22.62 -28.93
C HIS A 88 -40.45 21.23 -29.16
N ARG A 89 -41.28 20.20 -29.41
CA ARG A 89 -40.76 18.86 -29.64
CA ARG A 89 -40.78 18.86 -29.64
C ARG A 89 -39.97 18.76 -30.95
N ALA A 90 -40.43 19.45 -32.00
CA ALA A 90 -39.73 19.44 -33.26
C ALA A 90 -38.32 20.04 -33.12
N ARG A 91 -38.23 21.17 -32.44
CA ARG A 91 -36.95 21.81 -32.18
C ARG A 91 -36.02 20.85 -31.42
N LYS A 92 -36.55 20.19 -30.39
CA LYS A 92 -35.78 19.24 -29.58
C LYS A 92 -35.33 18.02 -30.42
N LEU A 93 -36.24 17.48 -31.23
CA LEU A 93 -35.90 16.41 -32.18
C LEU A 93 -34.82 16.79 -33.14
N ALA A 94 -34.89 18.01 -33.67
CA ALA A 94 -33.84 18.49 -34.58
C ALA A 94 -32.44 18.58 -33.94
N GLN A 95 -32.39 19.10 -32.72
CA GLN A 95 -31.14 19.18 -31.98
C GLN A 95 -30.57 17.81 -31.59
N GLN A 96 -31.41 16.89 -31.14
CA GLN A 96 -30.99 15.51 -30.84
C GLN A 96 -30.31 14.82 -32.05
N TYR A 97 -30.91 14.99 -33.23
CA TYR A 97 -30.34 14.55 -34.51
C TYR A 97 -28.97 15.20 -34.78
N TYR A 98 -28.92 16.52 -34.66
CA TYR A 98 -27.68 17.24 -34.90
C TYR A 98 -26.54 16.78 -33.97
N LEU A 99 -26.86 16.51 -32.72
CA LEU A 99 -25.82 16.09 -31.77
C LEU A 99 -25.19 14.75 -32.18
N VAL A 100 -26.00 13.83 -32.68
CA VAL A 100 -25.51 12.53 -33.09
C VAL A 100 -24.79 12.62 -34.45
N TYR A 101 -25.44 13.19 -35.46
CA TYR A 101 -24.96 13.11 -36.83
C TYR A 101 -24.11 14.28 -37.32
N GLN A 102 -24.13 15.39 -36.61
CA GLN A 102 -23.40 16.61 -36.98
C GLN A 102 -23.73 17.15 -38.39
N GLU A 103 -25.00 17.04 -38.74
CA GLU A 103 -25.54 17.42 -40.01
C GLU A 103 -26.98 17.92 -39.67
N PRO A 104 -27.44 19.04 -40.27
CA PRO A 104 -28.85 19.41 -40.02
C PRO A 104 -29.84 18.27 -40.41
N ILE A 105 -30.83 18.07 -39.59
CA ILE A 105 -31.84 17.02 -39.88
C ILE A 105 -32.51 17.26 -41.27
N PRO A 106 -32.53 16.23 -42.13
CA PRO A 106 -33.30 16.36 -43.38
C PRO A 106 -34.78 16.61 -43.07
N THR A 107 -35.40 17.45 -43.88
CA THR A 107 -36.80 17.83 -43.69
C THR A 107 -37.69 16.61 -43.53
N ALA A 108 -37.54 15.62 -44.37
CA ALA A 108 -38.37 14.42 -44.30
C ALA A 108 -38.16 13.62 -43.01
N GLN A 109 -36.93 13.64 -42.48
CA GLN A 109 -36.63 12.98 -41.20
C GLN A 109 -37.26 13.68 -40.02
N LEU A 110 -37.25 15.00 -40.05
CA LEU A 110 -37.93 15.75 -39.04
C LEU A 110 -39.46 15.53 -39.08
N VAL A 111 -40.04 15.52 -40.25
CA VAL A 111 -41.49 15.28 -40.39
C VAL A 111 -41.84 13.90 -39.83
N GLN A 112 -41.05 12.87 -40.20
CA GLN A 112 -41.31 11.50 -39.70
C GLN A 112 -41.30 11.45 -38.17
N ARG A 113 -40.34 12.13 -37.54
CA ARG A 113 -40.25 12.07 -36.08
C ARG A 113 -41.38 12.83 -35.40
N VAL A 114 -41.72 14.02 -35.93
CA VAL A 114 -42.86 14.79 -35.43
C VAL A 114 -44.19 14.03 -35.62
N ALA A 115 -44.39 13.44 -36.81
CA ALA A 115 -45.61 12.65 -37.10
C ALA A 115 -45.74 11.47 -36.15
N SER A 116 -44.60 10.94 -35.75
CA SER A 116 -44.58 9.84 -34.81
C SER A 116 -45.06 10.28 -33.41
N VAL A 117 -44.70 11.49 -32.98
CA VAL A 117 -45.23 12.03 -31.74
C VAL A 117 -46.76 12.19 -31.82
N MET A 118 -47.25 12.70 -32.94
CA MET A 118 -48.71 12.88 -33.13
C MET A 118 -49.43 11.53 -33.06
N GLN A 119 -48.86 10.48 -33.67
CA GLN A 119 -49.42 9.14 -33.58
C GLN A 119 -49.58 8.68 -32.14
N GLU A 120 -48.58 8.96 -31.32
CA GLU A 120 -48.64 8.54 -29.90
C GLU A 120 -49.84 8.99 -29.15
N TYR A 121 -50.20 10.25 -29.41
CA TYR A 121 -51.36 10.87 -28.77
C TYR A 121 -52.69 10.36 -29.33
N THR A 122 -52.67 9.43 -30.30
CA THR A 122 -53.90 8.75 -30.71
C THR A 122 -54.08 7.39 -30.05
N GLN A 123 -53.12 6.97 -29.23
CA GLN A 123 -53.12 5.62 -28.66
C GLN A 123 -52.75 5.52 -27.21
N SER A 124 -51.85 6.40 -26.79
CA SER A 124 -51.33 6.38 -25.46
C SER A 124 -52.42 6.74 -24.43
N GLY A 125 -52.17 6.45 -23.17
CA GLY A 125 -53.18 6.52 -22.15
C GLY A 125 -53.60 7.93 -21.75
N GLY A 126 -54.91 8.15 -21.63
CA GLY A 126 -55.42 9.35 -20.93
C GLY A 126 -55.22 10.70 -21.62
N VAL A 127 -54.99 10.69 -22.92
CA VAL A 127 -54.78 11.87 -23.72
C VAL A 127 -55.62 11.87 -24.98
N ARG A 128 -55.94 13.07 -25.47
CA ARG A 128 -56.60 13.23 -26.79
C ARG A 128 -55.57 13.52 -27.87
N PRO A 129 -55.95 13.33 -29.14
CA PRO A 129 -55.05 13.72 -30.20
C PRO A 129 -54.89 15.23 -30.27
N PHE A 130 -53.82 15.66 -30.92
CA PHE A 130 -53.58 17.05 -31.27
C PHE A 130 -54.61 17.59 -32.23
N GLY A 131 -55.10 18.77 -31.96
CA GLY A 131 -56.07 19.40 -32.86
C GLY A 131 -55.41 20.34 -33.84
N VAL A 132 -54.38 19.83 -34.52
CA VAL A 132 -53.63 20.64 -35.48
C VAL A 132 -53.16 19.81 -36.65
N SER A 133 -53.10 20.44 -37.81
CA SER A 133 -52.29 19.93 -38.90
C SER A 133 -51.14 20.94 -39.14
N LEU A 134 -49.97 20.39 -39.43
CA LEU A 134 -48.74 21.15 -39.64
C LEU A 134 -48.41 21.18 -41.11
N LEU A 135 -47.97 22.34 -41.61
CA LEU A 135 -47.24 22.41 -42.85
C LEU A 135 -45.76 22.74 -42.52
N ILE A 136 -44.87 21.88 -43.01
CA ILE A 136 -43.44 21.94 -42.72
C ILE A 136 -42.68 22.15 -44.02
N CYS A 137 -41.87 23.20 -44.09
CA CYS A 137 -41.02 23.44 -45.26
C CYS A 137 -39.52 23.31 -44.87
N GLY A 138 -38.73 22.95 -45.85
CA GLY A 138 -37.30 22.89 -45.68
C GLY A 138 -36.56 22.85 -46.99
N TRP A 139 -35.22 22.99 -46.88
CA TRP A 139 -34.31 22.87 -48.02
C TRP A 139 -33.14 22.00 -47.60
N ASN A 140 -32.95 20.89 -48.29
CA ASN A 140 -31.72 20.07 -48.17
C ASN A 140 -31.49 19.19 -49.40
N GLU A 141 -30.25 18.73 -49.61
CA GLU A 141 -29.84 18.11 -50.89
C GLU A 141 -30.14 18.99 -52.09
N GLY A 142 -29.88 20.29 -51.94
CA GLY A 142 -30.07 21.27 -52.99
C GLY A 142 -31.51 21.42 -53.49
N ARG A 143 -32.51 21.20 -52.63
CA ARG A 143 -33.89 21.08 -53.16
C ARG A 143 -34.96 21.38 -52.10
N PRO A 144 -36.08 22.03 -52.50
CA PRO A 144 -37.13 22.39 -51.53
C PRO A 144 -38.10 21.26 -51.20
N TYR A 145 -38.62 21.27 -49.97
CA TYR A 145 -39.56 20.28 -49.51
C TYR A 145 -40.77 20.97 -48.84
N LEU A 146 -41.98 20.46 -49.12
CA LEU A 146 -43.20 20.89 -48.42
C LEU A 146 -43.97 19.64 -47.97
N PHE A 147 -44.19 19.53 -46.66
CA PHE A 147 -44.93 18.43 -46.06
C PHE A 147 -46.10 18.92 -45.20
N GLN A 148 -47.14 18.09 -45.12
CA GLN A 148 -48.22 18.24 -44.15
C GLN A 148 -48.23 17.05 -43.17
N SER A 149 -48.46 17.30 -41.89
CA SER A 149 -48.63 16.22 -40.91
C SER A 149 -49.98 16.43 -40.18
N ASP A 150 -50.85 15.41 -40.19
CA ASP A 150 -52.22 15.52 -39.69
CA ASP A 150 -52.24 15.50 -39.70
C ASP A 150 -52.35 14.95 -38.25
N PRO A 151 -53.50 15.17 -37.59
CA PRO A 151 -53.69 14.65 -36.20
C PRO A 151 -53.52 13.12 -36.03
N SER A 152 -53.70 12.33 -37.08
CA SER A 152 -53.42 10.88 -36.96
C SER A 152 -51.94 10.54 -36.86
N GLY A 153 -51.07 11.44 -37.32
CA GLY A 153 -49.66 11.14 -37.50
C GLY A 153 -49.35 10.72 -38.93
N ALA A 154 -50.33 10.78 -39.82
CA ALA A 154 -50.09 10.59 -41.26
C ALA A 154 -49.44 11.86 -41.79
N TYR A 155 -48.48 11.70 -42.71
CA TYR A 155 -47.85 12.85 -43.36
C TYR A 155 -47.83 12.64 -44.89
N PHE A 156 -47.73 13.76 -45.62
CA PHE A 156 -47.82 13.76 -47.08
C PHE A 156 -46.90 14.85 -47.61
N ALA A 157 -46.29 14.61 -48.75
CA ALA A 157 -45.49 15.62 -49.45
C ALA A 157 -46.37 16.29 -50.50
N TRP A 158 -46.37 17.62 -50.52
CA TRP A 158 -47.20 18.41 -51.45
C TRP A 158 -46.36 19.34 -52.30
N LYS A 159 -46.80 19.58 -53.51
CA LYS A 159 -46.33 20.70 -54.34
C LYS A 159 -46.96 22.03 -53.89
N ALA A 160 -48.22 21.97 -53.47
CA ALA A 160 -48.96 23.10 -52.94
C ALA A 160 -50.22 22.57 -52.28
N THR A 161 -50.62 23.23 -51.19
CA THR A 161 -51.85 22.86 -50.52
C THR A 161 -52.38 23.97 -49.60
N ALA A 162 -53.56 23.69 -49.07
CA ALA A 162 -54.27 24.61 -48.17
C ALA A 162 -54.90 23.79 -47.04
N MET A 163 -55.01 24.42 -45.88
CA MET A 163 -55.65 23.77 -44.74
C MET A 163 -56.40 24.82 -43.93
N GLY A 164 -57.23 24.36 -42.99
CA GLY A 164 -58.08 25.26 -42.22
C GLY A 164 -59.37 25.59 -42.96
N LYS A 165 -60.06 26.63 -42.52
CA LYS A 165 -61.30 27.12 -43.13
C LYS A 165 -61.20 27.27 -44.64
N ASN A 166 -62.20 26.76 -45.37
CA ASN A 166 -62.30 26.94 -46.82
C ASN A 166 -61.14 26.30 -47.60
N TYR A 167 -60.53 25.26 -47.02
CA TYR A 167 -59.37 24.60 -47.64
C TYR A 167 -59.72 23.88 -48.96
N VAL A 168 -60.92 23.29 -49.05
CA VAL A 168 -61.31 22.55 -50.26
C VAL A 168 -61.20 23.47 -51.47
N ASN A 169 -61.80 24.65 -51.35
CA ASN A 169 -61.71 25.68 -52.36
C ASN A 169 -60.32 26.19 -52.63
N GLY A 170 -59.53 26.39 -51.56
CA GLY A 170 -58.16 26.82 -51.67
C GLY A 170 -57.31 25.86 -52.48
N LYS A 171 -57.56 24.56 -52.30
CA LYS A 171 -56.85 23.51 -53.06
C LYS A 171 -57.19 23.57 -54.55
N THR A 172 -58.47 23.76 -54.88
CA THR A 172 -58.85 23.93 -56.28
C THR A 172 -58.33 25.26 -56.86
N PHE A 173 -58.33 26.34 -56.08
CA PHE A 173 -57.68 27.58 -56.49
C PHE A 173 -56.20 27.38 -56.88
N LEU A 174 -55.44 26.67 -56.04
CA LEU A 174 -54.03 26.32 -56.32
C LEU A 174 -53.85 25.34 -57.50
N GLU A 175 -54.73 24.35 -57.60
CA GLU A 175 -54.78 23.39 -58.74
C GLU A 175 -54.84 24.07 -60.08
N LYS A 176 -55.65 25.14 -60.18
CA LYS A 176 -55.79 25.94 -61.40
C LYS A 176 -54.82 27.14 -61.42
N ARG A 177 -53.59 26.99 -60.95
CA ARG A 177 -52.71 28.16 -60.74
C ARG A 177 -51.24 27.88 -60.48
N TYR A 178 -50.93 26.76 -59.87
CA TYR A 178 -49.55 26.33 -59.64
C TYR A 178 -48.98 25.72 -60.92
N ASN A 179 -47.71 26.01 -61.23
CA ASN A 179 -46.95 25.25 -62.24
C ASN A 179 -45.56 24.87 -61.70
N GLU A 180 -44.99 23.80 -62.27
CA GLU A 180 -43.71 23.20 -61.80
C GLU A 180 -42.55 24.19 -61.82
N ASP A 181 -42.51 25.02 -62.86
CA ASP A 181 -41.38 25.91 -63.14
C ASP A 181 -41.50 27.29 -62.45
N LEU A 182 -42.48 27.47 -61.57
CA LEU A 182 -42.71 28.74 -60.87
C LEU A 182 -41.58 29.16 -59.90
N GLU A 183 -41.26 30.46 -59.88
CA GLU A 183 -40.25 31.04 -58.98
C GLU A 183 -40.85 31.37 -57.60
N LEU A 184 -39.96 31.55 -56.62
CA LEU A 184 -40.37 31.83 -55.25
C LEU A 184 -41.15 33.16 -55.12
N GLU A 185 -40.70 34.22 -55.79
CA GLU A 185 -41.38 35.52 -55.71
C GLU A 185 -42.78 35.51 -56.28
N ASP A 186 -42.99 34.75 -57.35
CA ASP A 186 -44.31 34.56 -57.93
C ASP A 186 -45.18 33.71 -56.99
N ALA A 187 -44.61 32.64 -56.43
CA ALA A 187 -45.26 31.77 -55.45
C ALA A 187 -45.78 32.49 -54.20
N ILE A 188 -45.01 33.45 -53.69
CA ILE A 188 -45.44 34.28 -52.56
C ILE A 188 -46.73 35.02 -52.92
N HIS A 189 -46.73 35.67 -54.08
CA HIS A 189 -47.93 36.34 -54.61
C HIS A 189 -49.15 35.39 -54.67
N THR A 190 -48.98 34.17 -55.19
CA THR A 190 -50.17 33.29 -55.37
C THR A 190 -50.63 32.73 -54.01
N ALA A 191 -49.70 32.54 -53.09
CA ALA A 191 -50.03 32.17 -51.71
C ALA A 191 -50.91 33.20 -51.00
N ILE A 192 -50.58 34.48 -51.17
CA ILE A 192 -51.36 35.58 -50.60
C ILE A 192 -52.74 35.70 -51.28
N LEU A 193 -52.77 35.56 -52.62
CA LEU A 193 -54.04 35.46 -53.33
C LEU A 193 -54.92 34.29 -52.86
N THR A 194 -54.30 33.16 -52.53
CA THR A 194 -55.04 32.02 -52.03
C THR A 194 -55.72 32.38 -50.69
N LEU A 195 -55.00 33.06 -49.81
CA LEU A 195 -55.61 33.56 -48.55
C LEU A 195 -56.70 34.60 -48.80
N LYS A 196 -56.51 35.49 -49.78
CA LYS A 196 -57.50 36.50 -50.12
C LYS A 196 -58.82 35.90 -50.56
N GLU A 197 -58.79 34.72 -51.19
CA GLU A 197 -60.01 33.98 -51.57
C GLU A 197 -61.00 33.79 -50.43
N SER A 198 -60.49 33.55 -49.24
CA SER A 198 -61.33 33.30 -48.09
C SER A 198 -61.06 34.28 -46.93
N PHE A 199 -60.65 35.52 -47.21
CA PHE A 199 -60.14 36.36 -46.11
C PHE A 199 -61.25 36.95 -45.23
N GLU A 200 -61.99 37.92 -45.77
CA GLU A 200 -62.98 38.70 -44.99
C GLU A 200 -62.31 39.63 -43.96
N GLY A 201 -62.10 40.89 -44.33
CA GLY A 201 -61.54 41.87 -43.39
C GLY A 201 -60.70 43.01 -43.94
N GLN A 202 -60.15 42.83 -45.15
CA GLN A 202 -59.12 43.72 -45.70
C GLN A 202 -57.74 43.34 -45.11
N MET A 203 -56.86 42.86 -45.99
CA MET A 203 -55.53 42.43 -45.65
C MET A 203 -54.55 43.55 -45.40
N THR A 204 -53.86 43.47 -44.27
CA THR A 204 -52.70 44.27 -43.96
C THR A 204 -51.56 43.33 -43.64
N GLU A 205 -50.36 43.91 -43.58
CA GLU A 205 -49.17 43.17 -43.16
C GLU A 205 -49.22 42.74 -41.70
N ASP A 206 -50.16 43.27 -40.93
CA ASP A 206 -50.30 42.91 -39.52
C ASP A 206 -51.23 41.74 -39.24
N ASN A 207 -52.04 41.30 -40.21
CA ASN A 207 -52.91 40.14 -39.96
C ASN A 207 -52.69 38.96 -40.90
N ILE A 208 -51.61 38.98 -41.67
CA ILE A 208 -51.08 37.76 -42.25
C ILE A 208 -49.60 37.62 -41.86
N GLU A 209 -49.12 36.37 -41.93
CA GLU A 209 -47.76 36.04 -41.63
C GLU A 209 -47.24 35.17 -42.76
N VAL A 210 -46.04 35.47 -43.23
CA VAL A 210 -45.41 34.76 -44.34
C VAL A 210 -44.00 34.31 -43.95
N GLY A 211 -43.68 33.06 -44.28
CA GLY A 211 -42.35 32.49 -44.09
C GLY A 211 -41.88 31.93 -45.42
N ILE A 212 -40.58 31.97 -45.65
CA ILE A 212 -39.99 31.45 -46.87
C ILE A 212 -38.79 30.55 -46.57
N CYS A 213 -38.53 29.65 -47.48
CA CYS A 213 -37.46 28.68 -47.36
C CYS A 213 -36.73 28.59 -48.70
N ASN A 214 -35.42 28.78 -48.70
CA ASN A 214 -34.60 28.57 -49.92
C ASN A 214 -33.22 28.05 -49.52
N GLU A 215 -32.27 28.10 -50.46
CA GLU A 215 -30.92 27.69 -50.21
C GLU A 215 -30.29 28.47 -49.04
N ALA A 216 -30.61 29.76 -48.90
CA ALA A 216 -30.08 30.57 -47.78
C ALA A 216 -30.66 30.19 -46.39
N GLY A 217 -31.81 29.52 -46.35
CA GLY A 217 -32.42 29.07 -45.07
C GLY A 217 -33.88 29.47 -44.91
N PHE A 218 -34.44 29.19 -43.75
CA PHE A 218 -35.81 29.54 -43.42
C PHE A 218 -35.87 30.83 -42.64
N ARG A 219 -36.82 31.70 -42.99
CA ARG A 219 -37.06 32.90 -42.20
C ARG A 219 -38.48 33.44 -42.44
N ARG A 220 -38.97 34.16 -41.45
CA ARG A 220 -40.21 34.92 -41.59
C ARG A 220 -39.91 36.14 -42.40
N LEU A 221 -40.81 36.50 -43.29
CA LEU A 221 -40.79 37.83 -43.87
C LEU A 221 -41.18 38.87 -42.82
N THR A 222 -40.62 40.06 -43.00
CA THR A 222 -40.82 41.14 -42.09
C THR A 222 -42.14 41.84 -42.49
N PRO A 223 -42.78 42.57 -41.53
CA PRO A 223 -43.94 43.41 -41.88
C PRO A 223 -43.74 44.28 -43.14
N THR A 224 -42.60 44.96 -43.24
CA THR A 224 -42.31 45.79 -44.43
C THR A 224 -42.26 44.97 -45.75
N GLU A 225 -41.71 43.77 -45.72
CA GLU A 225 -41.67 42.93 -46.94
C GLU A 225 -43.07 42.47 -47.33
N VAL A 226 -43.89 42.11 -46.34
CA VAL A 226 -45.25 41.66 -46.62
C VAL A 226 -46.09 42.81 -47.21
N LYS A 227 -45.97 44.00 -46.62
CA LYS A 227 -46.56 45.26 -47.15
C LYS A 227 -46.33 45.48 -48.66
N ASP A 228 -45.08 45.24 -49.08
CA ASP A 228 -44.64 45.29 -50.49
C ASP A 228 -45.37 44.32 -51.41
N TYR A 229 -45.47 43.06 -50.99
CA TYR A 229 -46.23 42.08 -51.73
C TYR A 229 -47.73 42.41 -51.76
N LEU A 230 -48.23 43.01 -50.67
CA LEU A 230 -49.64 43.45 -50.59
C LEU A 230 -50.04 44.64 -51.47
N ALA A 231 -49.07 45.43 -51.91
CA ALA A 231 -49.42 46.57 -52.78
C ALA A 231 -50.10 46.13 -54.12
N ALA A 232 -49.56 45.11 -54.78
CA ALA A 232 -50.16 44.44 -55.98
C ALA A 232 -51.57 43.82 -55.72
N ILE A 233 -51.78 43.33 -54.50
CA ILE A 233 -53.01 42.69 -54.03
C ILE A 233 -53.82 43.68 -53.21
N SER B 2 -59.63 5.75 -13.85
CA SER B 2 -61.09 6.08 -13.67
C SER B 2 -62.03 5.17 -14.53
N ARG B 3 -62.92 4.57 -13.78
CA ARG B 3 -63.63 3.40 -14.27
C ARG B 3 -64.73 3.82 -15.20
N ARG B 4 -65.29 5.01 -15.00
CA ARG B 4 -66.36 5.56 -15.81
C ARG B 4 -65.92 5.82 -17.25
N TYR B 5 -64.69 6.25 -17.45
CA TYR B 5 -64.26 6.66 -18.78
C TYR B 5 -63.52 5.56 -19.54
N ASP B 6 -63.17 4.48 -18.88
CA ASP B 6 -62.37 3.42 -19.50
C ASP B 6 -63.26 2.65 -20.46
N SER B 7 -62.95 2.70 -21.75
CA SER B 7 -63.75 1.92 -22.73
C SER B 7 -63.39 0.40 -22.76
N ARG B 8 -62.35 -0.04 -22.04
CA ARG B 8 -62.07 -1.46 -21.82
C ARG B 8 -61.80 -2.17 -23.14
N THR B 9 -60.72 -1.77 -23.76
CA THR B 9 -60.38 -2.27 -25.07
C THR B 9 -59.88 -3.73 -25.08
N THR B 10 -59.50 -4.29 -23.92
CA THR B 10 -58.86 -5.60 -23.85
C THR B 10 -59.65 -6.63 -23.10
N ILE B 11 -60.97 -6.62 -23.22
CA ILE B 11 -61.82 -7.59 -22.53
C ILE B 11 -62.60 -8.37 -23.57
N PHE B 12 -63.08 -9.55 -23.19
CA PHE B 12 -64.00 -10.31 -24.01
C PHE B 12 -65.42 -9.79 -23.95
N SER B 13 -66.13 -9.93 -25.07
CA SER B 13 -67.57 -9.79 -25.16
C SER B 13 -68.24 -11.13 -24.82
N PRO B 14 -69.57 -11.16 -24.63
CA PRO B 14 -70.25 -12.41 -24.32
C PRO B 14 -70.04 -13.63 -25.24
N GLU B 15 -69.64 -13.46 -26.50
CA GLU B 15 -69.48 -14.67 -27.36
C GLU B 15 -68.03 -15.07 -27.50
N GLY B 16 -67.19 -14.61 -26.59
CA GLY B 16 -65.76 -14.82 -26.71
C GLY B 16 -65.13 -13.97 -27.78
N ARG B 17 -65.69 -12.81 -28.11
CA ARG B 17 -65.10 -11.94 -29.14
C ARG B 17 -64.34 -10.77 -28.55
N LEU B 18 -63.43 -10.23 -29.37
CA LEU B 18 -62.62 -9.08 -29.04
C LEU B 18 -63.05 -7.96 -29.98
N TYR B 19 -63.96 -7.10 -29.49
CA TYR B 19 -64.55 -6.13 -30.37
C TYR B 19 -63.58 -5.17 -31.05
N GLN B 20 -62.63 -4.62 -30.31
CA GLN B 20 -61.67 -3.68 -30.90
C GLN B 20 -60.88 -4.27 -32.07
N VAL B 21 -60.50 -5.54 -31.93
CA VAL B 21 -59.84 -6.30 -33.01
C VAL B 21 -60.77 -6.38 -34.24
N GLU B 22 -62.00 -6.80 -34.05
CA GLU B 22 -63.01 -6.86 -35.16
C GLU B 22 -63.25 -5.51 -35.83
N TYR B 23 -63.27 -4.45 -35.00
CA TYR B 23 -63.48 -3.13 -35.54
C TYR B 23 -62.28 -2.64 -36.31
N ALA B 24 -61.09 -2.93 -35.82
CA ALA B 24 -59.86 -2.60 -36.53
C ALA B 24 -59.85 -3.30 -37.92
N MET B 25 -60.31 -4.55 -37.93
CA MET B 25 -60.43 -5.32 -39.19
CA MET B 25 -60.43 -5.32 -39.20
C MET B 25 -61.41 -4.67 -40.18
N GLU B 26 -62.47 -4.02 -39.70
CA GLU B 26 -63.33 -3.19 -40.59
C GLU B 26 -62.60 -1.99 -41.18
N ALA B 27 -61.74 -1.35 -40.39
CA ALA B 27 -60.89 -0.26 -40.93
C ALA B 27 -60.01 -0.74 -42.10
N ILE B 28 -59.43 -1.93 -41.95
CA ILE B 28 -58.50 -2.48 -42.94
C ILE B 28 -59.19 -2.79 -44.26
N GLY B 29 -60.40 -3.35 -44.17
CA GLY B 29 -61.23 -3.64 -45.33
C GLY B 29 -61.53 -2.46 -46.22
N HIS B 30 -61.49 -1.25 -45.66
CA HIS B 30 -61.74 -0.02 -46.42
C HIS B 30 -60.47 0.58 -47.03
N ALA B 31 -59.30 0.22 -46.52
CA ALA B 31 -58.03 0.77 -47.04
C ALA B 31 -57.66 0.23 -48.44
N GLY B 32 -56.60 0.80 -49.02
CA GLY B 32 -56.11 0.44 -50.34
C GLY B 32 -55.88 -1.04 -50.49
N THR B 33 -56.33 -1.61 -51.60
CA THR B 33 -56.13 -3.04 -51.85
C THR B 33 -54.61 -3.33 -52.00
N CYS B 34 -54.18 -4.43 -51.42
CA CYS B 34 -52.79 -4.77 -51.39
C CYS B 34 -52.66 -6.29 -51.57
N LEU B 35 -52.00 -6.74 -52.64
CA LEU B 35 -51.80 -8.18 -52.84
C LEU B 35 -50.34 -8.61 -52.90
N GLY B 36 -50.13 -9.89 -52.60
CA GLY B 36 -48.84 -10.54 -52.67
C GLY B 36 -48.97 -11.81 -53.46
N ILE B 37 -47.97 -12.10 -54.30
CA ILE B 37 -47.95 -13.34 -55.12
C ILE B 37 -46.54 -13.97 -55.14
N LEU B 38 -46.48 -15.23 -54.72
CA LEU B 38 -45.24 -16.02 -54.69
C LEU B 38 -45.01 -16.75 -56.03
N ALA B 39 -43.79 -16.66 -56.56
CA ALA B 39 -43.39 -17.42 -57.74
C ALA B 39 -42.14 -18.27 -57.48
N ASN B 40 -41.78 -19.10 -58.47
CA ASN B 40 -40.57 -19.92 -58.40
C ASN B 40 -39.28 -19.10 -58.29
N ASP B 41 -39.20 -18.00 -59.02
CA ASP B 41 -38.02 -17.16 -59.08
C ASP B 41 -38.16 -15.83 -58.34
N GLY B 42 -39.10 -15.72 -57.41
CA GLY B 42 -39.29 -14.45 -56.71
C GLY B 42 -40.66 -14.29 -56.08
N VAL B 43 -40.88 -13.14 -55.46
CA VAL B 43 -42.13 -12.80 -54.79
C VAL B 43 -42.41 -11.34 -55.11
N LEU B 44 -43.70 -10.97 -55.16
CA LEU B 44 -44.08 -9.59 -55.43
C LEU B 44 -45.17 -9.07 -54.50
N LEU B 45 -45.21 -7.73 -54.41
CA LEU B 45 -46.26 -6.98 -53.75
C LEU B 45 -46.78 -5.99 -54.78
N ALA B 46 -48.11 -5.86 -54.86
CA ALA B 46 -48.73 -4.82 -55.67
C ALA B 46 -49.84 -4.18 -54.84
N ALA B 47 -49.87 -2.85 -54.82
CA ALA B 47 -50.79 -2.09 -53.93
C ALA B 47 -51.44 -0.94 -54.66
N GLU B 48 -52.72 -0.75 -54.38
CA GLU B 48 -53.43 0.45 -54.76
C GLU B 48 -52.86 1.65 -54.02
N ARG B 49 -52.55 2.71 -54.72
CA ARG B 49 -52.16 3.96 -54.06
C ARG B 49 -53.40 4.78 -53.68
N ARG B 50 -53.43 5.31 -52.46
CA ARG B 50 -54.44 6.31 -52.10
C ARG B 50 -53.92 7.77 -52.24
N ASN B 51 -52.61 7.97 -52.13
CA ASN B 51 -51.96 9.26 -52.44
C ASN B 51 -51.88 9.57 -53.94
N ILE B 52 -53.00 10.05 -54.51
CA ILE B 52 -53.19 10.29 -55.95
C ILE B 52 -53.75 11.66 -56.39
N HIS B 53 -53.93 12.61 -55.49
CA HIS B 53 -54.24 14.02 -55.86
C HIS B 53 -53.14 14.64 -56.72
N LYS B 54 -53.56 15.47 -57.66
CA LYS B 54 -52.68 16.14 -58.64
C LYS B 54 -51.53 16.91 -57.98
N LEU B 55 -51.85 17.68 -56.95
CA LEU B 55 -50.85 18.47 -56.22
C LEU B 55 -49.85 17.77 -55.27
N LEU B 56 -49.91 16.45 -55.10
CA LEU B 56 -48.92 15.74 -54.29
C LEU B 56 -47.52 15.80 -54.93
N ASP B 57 -46.45 15.68 -54.13
CA ASP B 57 -45.09 15.97 -54.64
C ASP B 57 -44.22 14.82 -55.05
N GLU B 58 -44.38 13.64 -54.48
CA GLU B 58 -43.46 12.53 -54.88
C GLU B 58 -41.99 12.75 -54.45
N VAL B 59 -41.67 12.13 -53.34
CA VAL B 59 -40.43 12.37 -52.63
C VAL B 59 -39.79 11.05 -52.21
N PHE B 60 -40.57 10.04 -51.85
CA PHE B 60 -40.04 8.73 -51.49
C PHE B 60 -40.14 7.78 -52.66
N PHE B 61 -39.49 6.63 -52.54
CA PHE B 61 -39.48 5.63 -53.60
C PHE B 61 -40.78 4.78 -53.64
N SER B 62 -41.56 4.81 -52.56
CA SER B 62 -42.90 4.27 -52.56
C SER B 62 -43.80 4.91 -51.51
N GLU B 63 -45.07 4.51 -51.49
CA GLU B 63 -46.08 5.04 -50.60
C GLU B 63 -46.32 4.03 -49.49
N LYS B 64 -46.45 2.75 -49.82
CA LYS B 64 -46.88 1.72 -48.86
C LYS B 64 -45.98 0.45 -48.88
N ILE B 65 -44.88 0.48 -49.60
CA ILE B 65 -43.94 -0.65 -49.63
C ILE B 65 -42.73 -0.23 -48.78
N TYR B 66 -42.38 -1.05 -47.79
CA TYR B 66 -41.27 -0.75 -46.91
C TYR B 66 -40.22 -1.88 -46.95
N LYS B 67 -38.97 -1.50 -47.14
CA LYS B 67 -37.84 -2.42 -46.88
C LYS B 67 -37.66 -2.64 -45.37
N LEU B 68 -37.56 -3.89 -44.94
CA LEU B 68 -37.39 -4.24 -43.51
C LEU B 68 -35.91 -4.56 -43.12
N ASN B 69 -35.17 -5.18 -44.05
CA ASN B 69 -33.77 -5.56 -43.91
C ASN B 69 -33.28 -5.98 -45.30
N GLU B 70 -32.10 -6.57 -45.40
CA GLU B 70 -31.54 -6.89 -46.70
C GLU B 70 -32.41 -7.85 -47.56
N ASP B 71 -33.10 -8.77 -46.90
CA ASP B 71 -33.79 -9.86 -47.52
C ASP B 71 -35.33 -9.81 -47.45
N MET B 72 -35.92 -8.70 -46.99
CA MET B 72 -37.39 -8.66 -46.72
C MET B 72 -37.99 -7.29 -46.89
N ALA B 73 -39.24 -7.28 -47.35
CA ALA B 73 -40.04 -6.08 -47.47
C ALA B 73 -41.47 -6.38 -47.05
N CYS B 74 -42.25 -5.33 -46.84
CA CYS B 74 -43.64 -5.49 -46.55
C CYS B 74 -44.48 -4.40 -47.16
N SER B 75 -45.78 -4.69 -47.23
CA SER B 75 -46.78 -3.65 -47.53
C SER B 75 -47.86 -3.68 -46.47
N VAL B 76 -48.63 -2.62 -46.43
CA VAL B 76 -49.57 -2.43 -45.32
C VAL B 76 -50.94 -1.98 -45.85
N ALA B 77 -51.99 -2.36 -45.13
CA ALA B 77 -53.31 -1.85 -45.35
C ALA B 77 -53.84 -1.44 -44.01
N GLY B 78 -54.32 -0.21 -43.93
CA GLY B 78 -55.03 0.29 -42.74
C GLY B 78 -54.55 1.65 -42.30
N ILE B 79 -54.41 1.87 -41.00
CA ILE B 79 -54.08 3.21 -40.49
C ILE B 79 -52.59 3.47 -40.77
N THR B 80 -52.26 4.51 -41.53
CA THR B 80 -50.88 4.70 -41.97
C THR B 80 -49.88 4.99 -40.81
N SER B 81 -50.25 5.88 -39.91
CA SER B 81 -49.41 6.20 -38.77
C SER B 81 -49.14 4.95 -37.93
N ASP B 82 -50.16 4.12 -37.73
CA ASP B 82 -49.95 2.83 -37.06
C ASP B 82 -48.97 1.93 -37.84
N ALA B 83 -49.09 1.90 -39.18
CA ALA B 83 -48.13 1.15 -39.98
C ALA B 83 -46.67 1.62 -39.78
N ASN B 84 -46.46 2.94 -39.69
CA ASN B 84 -45.11 3.53 -39.45
C ASN B 84 -44.49 3.08 -38.12
N VAL B 85 -45.29 2.99 -37.07
CA VAL B 85 -44.86 2.40 -35.80
C VAL B 85 -44.42 0.94 -35.97
N LEU B 86 -45.25 0.12 -36.61
CA LEU B 86 -44.96 -1.31 -36.71
C LEU B 86 -43.74 -1.63 -37.59
N THR B 87 -43.56 -0.86 -38.66
CA THR B 87 -42.52 -1.12 -39.62
C THR B 87 -41.21 -0.67 -39.01
N ASN B 88 -41.25 0.40 -38.23
CA ASN B 88 -40.08 0.77 -37.43
C ASN B 88 -39.68 -0.34 -36.44
N GLU B 89 -40.65 -0.87 -35.72
CA GLU B 89 -40.42 -2.02 -34.86
C GLU B 89 -39.90 -3.28 -35.59
N LEU B 90 -40.45 -3.62 -36.77
CA LEU B 90 -39.90 -4.70 -37.57
C LEU B 90 -38.37 -4.52 -37.87
N ARG B 91 -37.96 -3.33 -38.27
CA ARG B 91 -36.59 -3.04 -38.59
C ARG B 91 -35.70 -3.23 -37.36
N LEU B 92 -36.16 -2.75 -36.20
CA LEU B 92 -35.46 -2.98 -34.94
CA LEU B 92 -35.46 -2.96 -34.95
C LEU B 92 -35.28 -4.46 -34.60
N ILE B 93 -36.35 -5.24 -34.70
CA ILE B 93 -36.30 -6.66 -34.38
C ILE B 93 -35.28 -7.36 -35.28
N ALA B 94 -35.33 -7.04 -36.57
CA ALA B 94 -34.45 -7.62 -37.54
C ALA B 94 -32.97 -7.27 -37.22
N GLN B 95 -32.67 -6.06 -36.78
CA GLN B 95 -31.31 -5.70 -36.43
C GLN B 95 -30.85 -6.31 -35.08
N ARG B 96 -31.77 -6.47 -34.14
CA ARG B 96 -31.47 -7.18 -32.89
C ARG B 96 -31.08 -8.63 -33.12
N TYR B 97 -31.78 -9.30 -34.03
CA TYR B 97 -31.43 -10.63 -34.36
C TYR B 97 -30.00 -10.63 -34.98
N LEU B 98 -29.76 -9.77 -35.98
CA LEU B 98 -28.50 -9.78 -36.75
C LEU B 98 -27.31 -9.49 -35.82
N LEU B 99 -27.52 -8.57 -34.87
CA LEU B 99 -26.56 -8.29 -33.83
C LEU B 99 -26.20 -9.54 -33.03
N GLN B 100 -27.23 -10.23 -32.56
CA GLN B 100 -27.06 -11.42 -31.73
C GLN B 100 -26.46 -12.66 -32.44
N TYR B 101 -26.94 -12.99 -33.62
CA TYR B 101 -26.59 -14.23 -34.33
C TYR B 101 -25.62 -14.05 -35.50
N GLN B 102 -25.48 -12.82 -35.97
CA GLN B 102 -24.67 -12.47 -37.15
C GLN B 102 -25.15 -13.19 -38.41
N GLU B 103 -26.46 -13.35 -38.51
CA GLU B 103 -27.09 -13.82 -39.75
C GLU B 103 -28.47 -13.13 -39.83
N PRO B 104 -29.02 -13.01 -41.04
CA PRO B 104 -30.38 -12.39 -41.17
C PRO B 104 -31.48 -13.16 -40.44
N ILE B 105 -32.46 -12.44 -39.93
CA ILE B 105 -33.62 -13.07 -39.28
C ILE B 105 -34.43 -13.86 -40.34
N PRO B 106 -34.73 -15.12 -40.06
CA PRO B 106 -35.61 -15.84 -40.98
C PRO B 106 -36.99 -15.18 -40.97
N CYS B 107 -37.63 -15.17 -42.13
CA CYS B 107 -38.84 -14.43 -42.38
C CYS B 107 -39.94 -14.68 -41.36
N GLU B 108 -40.23 -15.94 -41.06
CA GLU B 108 -41.33 -16.29 -40.18
C GLU B 108 -41.07 -15.84 -38.76
N GLN B 109 -39.80 -15.81 -38.38
CA GLN B 109 -39.39 -15.35 -37.07
C GLN B 109 -39.58 -13.85 -36.90
N LEU B 110 -39.38 -13.07 -37.95
CA LEU B 110 -39.66 -11.63 -37.88
C LEU B 110 -41.18 -11.41 -37.74
N VAL B 111 -41.96 -12.11 -38.56
CA VAL B 111 -43.42 -11.96 -38.54
C VAL B 111 -43.99 -12.29 -37.15
N THR B 112 -43.60 -13.43 -36.62
CA THR B 112 -43.99 -13.91 -35.28
C THR B 112 -43.64 -12.98 -34.16
N ALA B 113 -42.40 -12.43 -34.19
CA ALA B 113 -41.99 -11.45 -33.19
C ALA B 113 -42.96 -10.24 -33.17
N LEU B 114 -43.29 -9.70 -34.35
CA LEU B 114 -44.22 -8.54 -34.40
C LEU B 114 -45.64 -8.96 -33.97
N CYS B 115 -46.08 -10.14 -34.40
CA CYS B 115 -47.38 -10.64 -34.01
C CYS B 115 -47.55 -10.80 -32.50
N ASP B 116 -46.46 -11.12 -31.79
CA ASP B 116 -46.52 -11.20 -30.34
C ASP B 116 -46.77 -9.80 -29.68
N ILE B 117 -46.25 -8.73 -30.29
CA ILE B 117 -46.52 -7.36 -29.85
C ILE B 117 -48.01 -7.01 -30.08
N LYS B 118 -48.52 -7.33 -31.28
CA LYS B 118 -49.93 -7.11 -31.59
C LYS B 118 -50.84 -7.87 -30.67
N GLN B 119 -50.52 -9.15 -30.43
CA GLN B 119 -51.27 -9.96 -29.47
C GLN B 119 -51.34 -9.34 -28.06
N ALA B 120 -50.21 -8.85 -27.58
CA ALA B 120 -50.16 -8.23 -26.24
C ALA B 120 -51.18 -7.07 -26.13
N TYR B 121 -51.25 -6.24 -27.16
CA TYR B 121 -52.19 -5.12 -27.23
C TYR B 121 -53.68 -5.55 -27.20
N THR B 122 -54.00 -6.82 -27.48
CA THR B 122 -55.36 -7.35 -27.37
C THR B 122 -55.63 -7.98 -26.00
N GLN B 123 -54.59 -8.19 -25.19
CA GLN B 123 -54.73 -8.93 -23.96
C GLN B 123 -54.50 -8.13 -22.70
N PHE B 124 -53.59 -7.16 -22.73
CA PHE B 124 -53.41 -6.30 -21.57
C PHE B 124 -53.03 -4.87 -21.95
N GLY B 125 -53.05 -3.96 -20.98
CA GLY B 125 -52.64 -2.56 -21.21
C GLY B 125 -53.73 -1.57 -21.53
N GLY B 126 -54.93 -2.03 -21.81
CA GLY B 126 -56.08 -1.10 -21.99
C GLY B 126 -55.97 -0.08 -23.13
N LYS B 127 -55.13 -0.37 -24.12
CA LYS B 127 -54.98 0.48 -25.28
C LYS B 127 -55.76 -0.06 -26.51
N ARG B 128 -56.05 0.82 -27.48
CA ARG B 128 -56.54 0.39 -28.77
C ARG B 128 -55.48 -0.42 -29.52
N PRO B 129 -55.91 -1.46 -30.25
CA PRO B 129 -54.95 -2.19 -31.06
C PRO B 129 -54.52 -1.33 -32.24
N PHE B 130 -53.48 -1.80 -32.90
CA PHE B 130 -52.98 -1.20 -34.12
C PHE B 130 -53.93 -1.58 -35.25
N GLY B 131 -54.27 -0.61 -36.09
CA GLY B 131 -55.25 -0.80 -37.15
C GLY B 131 -54.62 -1.13 -38.49
N VAL B 132 -53.79 -2.19 -38.51
CA VAL B 132 -52.94 -2.49 -39.63
C VAL B 132 -52.96 -4.00 -39.94
N SER B 133 -53.05 -4.33 -41.22
CA SER B 133 -52.67 -5.66 -41.70
C SER B 133 -51.45 -5.51 -42.60
N LEU B 134 -50.62 -6.54 -42.62
CA LEU B 134 -49.36 -6.50 -43.38
C LEU B 134 -49.18 -7.72 -44.24
N LEU B 135 -48.60 -7.50 -45.43
CA LEU B 135 -48.10 -8.59 -46.26
C LEU B 135 -46.57 -8.49 -46.23
N TYR B 136 -45.91 -9.62 -45.99
CA TYR B 136 -44.43 -9.69 -45.89
C TYR B 136 -43.90 -10.59 -47.00
N ILE B 137 -42.90 -10.11 -47.74
CA ILE B 137 -42.18 -10.91 -48.72
C ILE B 137 -40.71 -10.99 -48.35
N GLY B 138 -40.10 -12.12 -48.66
CA GLY B 138 -38.74 -12.34 -48.24
C GLY B 138 -38.11 -13.56 -48.85
N TRP B 139 -36.79 -13.68 -48.63
CA TRP B 139 -36.04 -14.92 -48.88
C TRP B 139 -35.21 -15.22 -47.63
N ASP B 140 -35.20 -16.47 -47.18
CA ASP B 140 -34.16 -16.93 -46.25
C ASP B 140 -33.64 -18.32 -46.66
N LYS B 141 -32.57 -18.73 -46.00
CA LYS B 141 -31.88 -19.98 -46.34
C LYS B 141 -32.63 -21.22 -45.86
N HIS B 142 -33.65 -21.08 -45.00
CA HIS B 142 -34.45 -22.23 -44.56
C HIS B 142 -35.63 -22.60 -45.47
N TYR B 143 -36.39 -21.63 -45.95
CA TYR B 143 -37.55 -21.90 -46.83
C TYR B 143 -37.56 -21.11 -48.13
N GLY B 144 -36.46 -20.42 -48.47
CA GLY B 144 -36.38 -19.65 -49.74
C GLY B 144 -37.40 -18.52 -49.81
N PHE B 145 -38.07 -18.39 -50.96
CA PHE B 145 -39.04 -17.33 -51.18
C PHE B 145 -40.32 -17.56 -50.39
N GLN B 146 -40.78 -16.51 -49.70
CA GLN B 146 -41.90 -16.61 -48.77
C GLN B 146 -42.79 -15.37 -48.79
N LEU B 147 -44.06 -15.60 -48.49
CA LEU B 147 -45.09 -14.56 -48.36
C LEU B 147 -45.93 -14.85 -47.13
N TYR B 148 -46.06 -13.83 -46.25
CA TYR B 148 -46.83 -13.92 -45.01
C TYR B 148 -47.86 -12.81 -44.95
N GLN B 149 -48.91 -13.05 -44.17
CA GLN B 149 -49.92 -12.08 -43.88
C GLN B 149 -50.17 -12.05 -42.39
N SER B 150 -50.25 -10.84 -41.82
CA SER B 150 -50.64 -10.69 -40.40
C SER B 150 -51.76 -9.65 -40.23
N ASP B 151 -52.56 -9.81 -39.19
CA ASP B 151 -53.62 -8.87 -38.91
C ASP B 151 -53.66 -8.37 -37.42
N PRO B 152 -54.56 -7.43 -37.10
CA PRO B 152 -54.51 -6.88 -35.75
C PRO B 152 -54.78 -7.81 -34.59
N SER B 153 -55.28 -9.01 -34.81
CA SER B 153 -55.37 -10.00 -33.73
C SER B 153 -54.01 -10.58 -33.31
N GLY B 154 -52.93 -10.28 -34.05
CA GLY B 154 -51.66 -10.95 -33.84
C GLY B 154 -51.61 -12.33 -34.47
N ASN B 155 -52.56 -12.61 -35.35
CA ASN B 155 -52.55 -13.86 -36.14
C ASN B 155 -51.82 -13.67 -37.45
N TYR B 156 -51.16 -14.73 -37.91
CA TYR B 156 -50.51 -14.67 -39.22
C TYR B 156 -50.65 -16.02 -39.91
N GLY B 157 -50.39 -15.99 -41.21
CA GLY B 157 -50.23 -17.20 -41.99
C GLY B 157 -49.34 -16.98 -43.21
N GLY B 158 -48.79 -18.09 -43.73
CA GLY B 158 -48.03 -18.07 -44.95
C GLY B 158 -48.97 -18.38 -46.10
N TRP B 159 -48.69 -17.79 -47.26
CA TRP B 159 -49.53 -17.90 -48.46
C TRP B 159 -48.69 -18.01 -49.73
N LYS B 160 -49.23 -18.68 -50.72
CA LYS B 160 -48.68 -18.64 -52.05
C LYS B 160 -49.15 -17.34 -52.74
N ALA B 161 -50.36 -16.92 -52.39
CA ALA B 161 -50.92 -15.68 -52.91
C ALA B 161 -52.02 -15.22 -51.94
N THR B 162 -52.11 -13.92 -51.74
CA THR B 162 -53.14 -13.36 -50.87
C THR B 162 -53.30 -11.84 -51.08
N CYS B 163 -54.41 -11.36 -50.48
CA CYS B 163 -54.88 -9.95 -50.62
C CYS B 163 -55.47 -9.44 -49.31
N ILE B 164 -55.19 -8.19 -49.03
CA ILE B 164 -55.82 -7.47 -47.91
C ILE B 164 -56.34 -6.13 -48.43
N GLY B 165 -57.22 -5.52 -47.65
CA GLY B 165 -57.74 -4.21 -47.98
C GLY B 165 -58.96 -4.32 -48.88
N ASN B 166 -59.24 -3.23 -49.59
CA ASN B 166 -60.51 -3.13 -50.33
C ASN B 166 -60.70 -4.26 -51.36
N ASN B 167 -61.88 -4.87 -51.34
CA ASN B 167 -62.26 -5.96 -52.25
C ASN B 167 -61.41 -7.24 -52.14
N SER B 168 -60.84 -7.49 -50.96
CA SER B 168 -60.03 -8.69 -50.68
C SER B 168 -60.65 -9.98 -51.13
N ALA B 169 -61.93 -10.19 -50.78
CA ALA B 169 -62.64 -11.45 -51.04
C ALA B 169 -62.69 -11.74 -52.54
N ALA B 170 -63.07 -10.73 -53.33
CA ALA B 170 -63.09 -10.83 -54.79
C ALA B 170 -61.69 -11.11 -55.34
N ALA B 171 -60.68 -10.38 -54.84
CA ALA B 171 -59.30 -10.61 -55.28
C ALA B 171 -58.89 -12.06 -55.03
N VAL B 172 -59.17 -12.59 -53.85
CA VAL B 172 -58.78 -13.98 -53.52
C VAL B 172 -59.45 -15.00 -54.40
N SER B 173 -60.72 -14.77 -54.78
CA SER B 173 -61.39 -15.68 -55.70
C SER B 173 -60.68 -15.72 -57.03
N MET B 174 -60.34 -14.56 -57.58
CA MET B 174 -59.59 -14.48 -58.84
C MET B 174 -58.21 -15.13 -58.78
N LEU B 175 -57.53 -15.03 -57.63
CA LEU B 175 -56.26 -15.72 -57.42
C LEU B 175 -56.46 -17.26 -57.37
N LYS B 176 -57.43 -17.72 -56.57
CA LYS B 176 -57.79 -19.15 -56.48
C LYS B 176 -57.94 -19.79 -57.85
N GLN B 177 -58.49 -19.05 -58.78
CA GLN B 177 -58.76 -19.60 -60.07
C GLN B 177 -57.60 -19.55 -61.02
N ASP B 178 -56.74 -18.54 -60.89
CA ASP B 178 -55.69 -18.37 -61.89
C ASP B 178 -54.29 -18.80 -61.47
N TYR B 179 -54.09 -19.03 -60.18
CA TYR B 179 -52.75 -19.28 -59.66
C TYR B 179 -52.39 -20.76 -59.86
N LYS B 180 -51.22 -21.01 -60.41
CA LYS B 180 -50.76 -22.37 -60.72
C LYS B 180 -49.70 -22.83 -59.71
N GLU B 181 -50.12 -23.60 -58.69
CA GLU B 181 -49.21 -24.03 -57.63
C GLU B 181 -47.95 -24.74 -58.21
N GLY B 182 -46.76 -24.24 -57.91
CA GLY B 182 -45.51 -24.82 -58.40
C GLY B 182 -45.05 -24.38 -59.79
N GLU B 183 -45.85 -23.57 -60.49
CA GLU B 183 -45.59 -23.28 -61.91
C GLU B 183 -45.53 -21.78 -62.26
N MET B 184 -45.62 -20.89 -61.28
CA MET B 184 -45.63 -19.44 -61.56
C MET B 184 -44.22 -18.89 -61.70
N THR B 185 -44.06 -17.95 -62.60
CA THR B 185 -42.87 -17.13 -62.68
C THR B 185 -43.19 -15.69 -62.27
N LEU B 186 -42.15 -14.90 -62.08
CA LEU B 186 -42.31 -13.49 -61.74
C LEU B 186 -43.08 -12.75 -62.83
N LYS B 187 -42.83 -13.12 -64.07
CA LYS B 187 -43.46 -12.49 -65.22
C LYS B 187 -44.96 -12.81 -65.33
N SER B 188 -45.34 -14.03 -64.97
CA SER B 188 -46.75 -14.44 -64.94
C SER B 188 -47.45 -13.99 -63.65
N ALA B 189 -46.74 -13.95 -62.53
CA ALA B 189 -47.28 -13.35 -61.27
C ALA B 189 -47.57 -11.85 -61.44
N LEU B 190 -46.69 -11.16 -62.15
CA LEU B 190 -46.91 -9.76 -62.55
C LEU B 190 -48.16 -9.59 -63.40
N ALA B 191 -48.32 -10.43 -64.42
CA ALA B 191 -49.54 -10.41 -65.25
C ALA B 191 -50.77 -10.65 -64.39
N LEU B 192 -50.73 -11.63 -63.51
CA LEU B 192 -51.89 -11.96 -62.68
C LEU B 192 -52.22 -10.82 -61.69
N ALA B 193 -51.19 -10.16 -61.14
CA ALA B 193 -51.39 -9.05 -60.22
C ALA B 193 -52.17 -7.95 -60.90
N ILE B 194 -51.77 -7.62 -62.13
CA ILE B 194 -52.45 -6.55 -62.89
C ILE B 194 -53.89 -6.94 -63.26
N LYS B 195 -54.08 -8.20 -63.65
CA LYS B 195 -55.43 -8.73 -63.88
C LYS B 195 -56.33 -8.51 -62.65
N VAL B 196 -55.82 -8.87 -61.47
CA VAL B 196 -56.60 -8.81 -60.23
C VAL B 196 -56.93 -7.39 -59.83
N LEU B 197 -55.93 -6.50 -59.87
CA LEU B 197 -56.15 -5.08 -59.56
C LEU B 197 -57.07 -4.39 -60.56
N ASN B 198 -57.00 -4.81 -61.81
CA ASN B 198 -57.89 -4.29 -62.83
C ASN B 198 -59.36 -4.57 -62.53
N LYS B 199 -59.65 -5.74 -61.96
CA LYS B 199 -61.01 -6.09 -61.56
C LYS B 199 -61.44 -5.48 -60.21
N THR B 200 -60.52 -5.38 -59.24
CA THR B 200 -60.86 -4.93 -57.88
C THR B 200 -60.73 -3.43 -57.64
N MET B 201 -60.04 -2.71 -58.52
CA MET B 201 -60.17 -1.25 -58.53
C MET B 201 -61.33 -0.89 -59.48
N ASP B 202 -62.55 -1.34 -59.14
CA ASP B 202 -63.74 -1.14 -59.99
C ASP B 202 -64.36 0.25 -59.78
N VAL B 203 -63.60 1.19 -59.19
CA VAL B 203 -63.88 2.65 -59.21
C VAL B 203 -62.57 3.48 -59.48
N SER B 204 -61.93 3.38 -60.68
CA SER B 204 -62.53 2.91 -61.95
C SER B 204 -61.54 2.27 -62.99
N LYS B 205 -61.03 3.05 -63.97
CA LYS B 205 -60.04 2.57 -64.99
C LYS B 205 -58.56 2.64 -64.51
N LEU B 206 -57.80 1.57 -64.77
CA LEU B 206 -56.50 1.36 -64.11
C LEU B 206 -55.31 2.04 -64.82
N SER B 207 -54.41 2.58 -64.02
CA SER B 207 -53.36 3.49 -64.50
C SER B 207 -52.13 3.31 -63.60
N ALA B 208 -50.95 3.62 -64.15
CA ALA B 208 -49.68 3.44 -63.44
C ALA B 208 -49.55 4.37 -62.23
N GLU B 209 -50.03 5.61 -62.38
CA GLU B 209 -50.15 6.54 -61.24
C GLU B 209 -50.90 5.97 -60.03
N LYS B 210 -51.78 4.99 -60.23
CA LYS B 210 -52.65 4.45 -59.16
C LYS B 210 -52.21 3.13 -58.54
N VAL B 211 -51.12 2.53 -59.03
CA VAL B 211 -50.56 1.31 -58.42
C VAL B 211 -49.06 1.41 -58.18
N GLU B 212 -48.61 0.51 -57.32
CA GLU B 212 -47.23 0.45 -56.87
C GLU B 212 -46.88 -1.03 -56.86
N ILE B 213 -45.79 -1.40 -57.50
CA ILE B 213 -45.38 -2.81 -57.52
C ILE B 213 -43.92 -2.93 -57.09
N ALA B 214 -43.65 -3.91 -56.24
CA ALA B 214 -42.29 -4.21 -55.85
C ALA B 214 -42.02 -5.69 -56.04
N THR B 215 -40.82 -6.02 -56.51
CA THR B 215 -40.40 -7.41 -56.67
C THR B 215 -39.21 -7.71 -55.77
N LEU B 216 -39.15 -8.96 -55.32
CA LEU B 216 -38.04 -9.50 -54.55
C LEU B 216 -37.54 -10.73 -55.28
N THR B 217 -36.26 -10.69 -55.67
CA THR B 217 -35.58 -11.78 -56.38
C THR B 217 -34.18 -12.07 -55.79
N ARG B 218 -33.55 -13.13 -56.29
CA ARG B 218 -32.17 -13.50 -55.89
C ARG B 218 -31.28 -13.43 -57.12
N GLU B 219 -30.13 -12.76 -57.02
CA GLU B 219 -29.16 -12.57 -58.11
C GLU B 219 -27.73 -12.63 -57.55
N ASN B 220 -26.97 -13.64 -57.98
CA ASN B 220 -25.57 -13.82 -57.56
C ASN B 220 -25.38 -13.89 -56.05
N GLY B 221 -26.19 -14.74 -55.42
CA GLY B 221 -26.13 -14.95 -53.97
C GLY B 221 -26.60 -13.81 -53.08
N LYS B 222 -27.37 -12.88 -53.64
CA LYS B 222 -27.78 -11.65 -52.95
C LYS B 222 -29.29 -11.39 -53.24
N THR B 223 -30.00 -10.79 -52.30
CA THR B 223 -31.44 -10.49 -52.47
C THR B 223 -31.59 -9.09 -53.09
N VAL B 224 -32.43 -8.95 -54.11
CA VAL B 224 -32.65 -7.67 -54.78
C VAL B 224 -34.13 -7.33 -54.60
N ILE B 225 -34.39 -6.16 -54.05
CA ILE B 225 -35.74 -5.67 -53.81
C ILE B 225 -35.83 -4.40 -54.61
N ARG B 226 -36.79 -4.32 -55.53
CA ARG B 226 -36.90 -3.17 -56.43
C ARG B 226 -38.37 -2.76 -56.53
N VAL B 227 -38.61 -1.45 -56.61
CA VAL B 227 -39.91 -0.88 -56.87
C VAL B 227 -39.93 -0.56 -58.35
N LEU B 228 -40.85 -1.17 -59.10
CA LEU B 228 -40.90 -0.97 -60.57
C LEU B 228 -41.14 0.49 -60.94
N LYS B 229 -40.48 0.97 -62.00
CA LYS B 229 -40.64 2.37 -62.42
C LYS B 229 -41.94 2.43 -63.21
N GLN B 230 -42.43 3.65 -63.42
CA GLN B 230 -43.78 3.83 -63.99
C GLN B 230 -43.84 3.36 -65.42
N LYS B 231 -42.73 3.52 -66.14
CA LYS B 231 -42.58 3.00 -67.51
C LYS B 231 -42.95 1.50 -67.57
N GLU B 232 -42.37 0.73 -66.65
CA GLU B 232 -42.59 -0.73 -66.58
C GLU B 232 -44.02 -1.10 -66.22
N VAL B 233 -44.62 -0.33 -65.32
CA VAL B 233 -45.99 -0.57 -64.87
C VAL B 233 -46.97 -0.32 -66.05
N GLU B 234 -46.77 0.76 -66.80
CA GLU B 234 -47.61 1.06 -67.97
C GLU B 234 -47.47 -0.01 -69.07
N GLN B 235 -46.25 -0.55 -69.22
CA GLN B 235 -46.00 -1.65 -70.16
C GLN B 235 -46.80 -2.88 -69.73
N LEU B 236 -46.80 -3.22 -68.45
CA LEU B 236 -47.58 -4.39 -68.00
C LEU B 236 -49.10 -4.20 -68.17
N ILE B 237 -49.56 -2.94 -68.03
CA ILE B 237 -50.97 -2.60 -68.19
C ILE B 237 -51.32 -2.71 -69.67
N LYS B 238 -50.47 -2.19 -70.54
CA LYS B 238 -50.58 -2.42 -71.99
C LYS B 238 -50.73 -3.90 -72.36
N LYS B 239 -49.84 -4.75 -71.83
CA LYS B 239 -49.86 -6.20 -72.15
C LYS B 239 -51.15 -6.87 -71.69
N HIS B 240 -51.60 -6.54 -70.49
CA HIS B 240 -52.89 -7.04 -70.01
C HIS B 240 -54.08 -6.63 -70.93
N GLU B 241 -54.02 -5.42 -71.49
CA GLU B 241 -55.07 -4.87 -72.35
C GLU B 241 -54.99 -5.45 -73.75
N GLU B 242 -53.77 -5.64 -74.26
CA GLU B 242 -53.54 -6.47 -75.46
C GLU B 242 -54.10 -7.89 -75.24
N GLU B 243 -53.78 -8.49 -74.09
CA GLU B 243 -54.23 -9.87 -73.78
C GLU B 243 -55.74 -10.04 -73.76
N GLU B 244 -56.48 -9.14 -73.11
CA GLU B 244 -57.97 -9.13 -73.17
C GLU B 244 -58.59 -8.91 -74.56
N ALA B 245 -57.83 -8.35 -75.51
CA ALA B 245 -58.28 -8.28 -76.90
C ALA B 245 -58.30 -9.66 -77.55
N LYS B 246 -57.41 -10.55 -77.11
CA LYS B 246 -57.42 -11.95 -77.55
C LYS B 246 -58.59 -12.79 -76.99
N ALA B 247 -59.27 -12.32 -75.95
CA ALA B 247 -60.10 -13.19 -75.09
C ALA B 247 -61.18 -14.03 -75.78
N GLU B 248 -61.72 -13.59 -76.93
CA GLU B 248 -62.83 -14.28 -77.62
C GLU B 248 -62.33 -15.04 -78.87
N ARG B 249 -61.94 -14.30 -79.90
CA ARG B 249 -61.36 -14.86 -81.15
C ARG B 249 -59.97 -14.26 -81.38
N SER C 2 -48.89 2.27 -15.96
CA SER C 2 -49.37 0.90 -16.21
C SER C 2 -50.87 0.69 -15.91
N TYR C 3 -51.55 -0.10 -16.73
CA TYR C 3 -52.98 -0.25 -16.67
C TYR C 3 -53.34 -1.31 -15.66
N ASP C 4 -54.05 -0.92 -14.60
CA ASP C 4 -54.34 -1.78 -13.44
C ASP C 4 -55.81 -2.05 -13.23
N ARG C 5 -56.66 -1.88 -14.23
CA ARG C 5 -58.09 -2.19 -14.09
C ARG C 5 -58.31 -3.66 -13.73
N ALA C 6 -59.17 -3.92 -12.76
CA ALA C 6 -59.67 -5.25 -12.48
C ALA C 6 -60.58 -5.71 -13.64
N ILE C 7 -60.18 -6.71 -14.39
CA ILE C 7 -60.90 -7.16 -15.58
C ILE C 7 -61.75 -8.36 -15.29
N THR C 8 -61.17 -9.36 -14.63
CA THR C 8 -61.97 -10.50 -14.23
C THR C 8 -62.42 -10.29 -12.79
N VAL C 9 -63.73 -10.14 -12.62
CA VAL C 9 -64.35 -9.90 -11.30
C VAL C 9 -65.53 -10.87 -11.14
N PHE C 10 -65.95 -11.11 -9.90
CA PHE C 10 -67.17 -11.85 -9.65
C PHE C 10 -68.39 -11.01 -9.98
N SER C 11 -69.43 -11.73 -10.38
CA SER C 11 -70.79 -11.17 -10.56
C SER C 11 -71.69 -11.84 -9.56
N PRO C 12 -72.95 -11.34 -9.47
CA PRO C 12 -73.86 -12.00 -8.54
C PRO C 12 -73.90 -13.52 -8.94
N ASP C 13 -74.10 -14.37 -7.94
CA ASP C 13 -74.17 -15.86 -8.10
C ASP C 13 -72.87 -16.56 -8.29
N GLY C 14 -71.77 -15.83 -8.16
CA GLY C 14 -70.47 -16.45 -8.17
C GLY C 14 -69.85 -16.68 -9.52
N HIS C 15 -70.35 -16.02 -10.57
CA HIS C 15 -69.76 -16.16 -11.89
C HIS C 15 -68.57 -15.24 -12.10
N LEU C 16 -67.59 -15.74 -12.86
CA LEU C 16 -66.54 -14.98 -13.43
C LEU C 16 -66.77 -14.87 -14.93
N PHE C 17 -67.45 -13.80 -15.35
CA PHE C 17 -67.88 -13.66 -16.75
C PHE C 17 -66.75 -13.66 -17.78
N GLN C 18 -65.62 -13.03 -17.50
CA GLN C 18 -64.52 -13.07 -18.46
C GLN C 18 -64.06 -14.50 -18.75
N VAL C 19 -64.07 -15.36 -17.73
CA VAL C 19 -63.63 -16.72 -17.84
C VAL C 19 -64.67 -17.50 -18.66
N GLU C 20 -65.95 -17.31 -18.34
CA GLU C 20 -67.03 -17.91 -19.12
C GLU C 20 -66.97 -17.49 -20.58
N TYR C 21 -66.61 -16.23 -20.85
CA TYR C 21 -66.50 -15.76 -22.22
C TYR C 21 -65.25 -16.30 -22.92
N ALA C 22 -64.17 -16.47 -22.16
CA ALA C 22 -62.98 -17.13 -22.69
C ALA C 22 -63.33 -18.57 -23.15
N GLN C 23 -64.11 -19.27 -22.33
CA GLN C 23 -64.60 -20.65 -22.68
C GLN C 23 -65.50 -20.66 -23.92
N GLU C 24 -66.25 -19.59 -24.15
CA GLU C 24 -67.01 -19.46 -25.41
C GLU C 24 -66.09 -19.35 -26.62
N ALA C 25 -64.97 -18.66 -26.45
CA ALA C 25 -63.94 -18.59 -27.51
C ALA C 25 -63.38 -19.98 -27.86
N VAL C 26 -63.13 -20.80 -26.84
CA VAL C 26 -62.59 -22.14 -27.04
C VAL C 26 -63.62 -22.99 -27.83
N LYS C 27 -64.89 -22.87 -27.46
CA LYS C 27 -65.95 -23.67 -28.10
C LYS C 27 -66.14 -23.38 -29.59
N LYS C 28 -65.78 -22.18 -30.03
CA LYS C 28 -65.76 -21.85 -31.47
C LYS C 28 -64.45 -22.19 -32.19
N GLY C 29 -63.45 -22.70 -31.48
CA GLY C 29 -62.21 -23.17 -32.12
C GLY C 29 -62.42 -24.52 -32.80
N SER C 30 -61.49 -24.89 -33.67
CA SER C 30 -61.47 -26.18 -34.34
C SER C 30 -61.40 -27.30 -33.32
N THR C 31 -62.04 -28.41 -33.62
CA THR C 31 -62.06 -29.55 -32.74
C THR C 31 -60.65 -30.13 -32.60
N ALA C 32 -60.29 -30.54 -31.39
CA ALA C 32 -59.04 -31.24 -31.17
C ALA C 32 -59.34 -32.43 -30.31
N VAL C 33 -58.64 -33.56 -30.55
CA VAL C 33 -58.86 -34.81 -29.85
C VAL C 33 -57.54 -35.42 -29.41
N GLY C 34 -57.54 -36.04 -28.23
CA GLY C 34 -56.40 -36.77 -27.73
C GLY C 34 -56.81 -38.16 -27.27
N VAL C 35 -56.01 -39.18 -27.60
CA VAL C 35 -56.13 -40.47 -26.89
C VAL C 35 -54.79 -41.00 -26.39
N ARG C 36 -54.84 -41.42 -25.13
CA ARG C 36 -53.78 -42.12 -24.47
C ARG C 36 -53.84 -43.63 -24.78
N GLY C 37 -52.87 -44.08 -25.59
CA GLY C 37 -52.65 -45.50 -25.85
C GLY C 37 -51.90 -46.21 -24.73
N ARG C 38 -51.52 -47.44 -25.02
CA ARG C 38 -50.74 -48.28 -24.11
C ARG C 38 -49.26 -47.84 -24.10
N ASP C 39 -48.68 -47.68 -25.29
CA ASP C 39 -47.32 -47.12 -25.42
C ASP C 39 -47.21 -46.12 -26.60
N ILE C 40 -48.31 -45.44 -26.87
CA ILE C 40 -48.36 -44.36 -27.83
C ILE C 40 -49.35 -43.32 -27.27
N VAL C 41 -49.21 -42.08 -27.70
CA VAL C 41 -50.23 -41.05 -27.49
C VAL C 41 -50.49 -40.37 -28.80
N VAL C 42 -51.75 -40.04 -29.07
CA VAL C 42 -52.12 -39.48 -30.36
C VAL C 42 -52.94 -38.18 -30.21
N LEU C 43 -52.65 -37.20 -31.06
CA LEU C 43 -53.41 -35.97 -31.15
C LEU C 43 -53.84 -35.78 -32.57
N GLY C 44 -55.11 -35.39 -32.74
CA GLY C 44 -55.63 -35.06 -34.06
C GLY C 44 -56.42 -33.78 -33.94
N VAL C 45 -56.41 -32.96 -34.98
CA VAL C 45 -57.22 -31.74 -34.96
C VAL C 45 -57.88 -31.43 -36.31
N GLU C 46 -59.06 -30.81 -36.23
CA GLU C 46 -59.86 -30.42 -37.39
C GLU C 46 -59.23 -29.28 -38.17
N LYS C 47 -59.31 -29.42 -39.49
CA LYS C 47 -59.35 -28.33 -40.49
C LYS C 47 -58.15 -27.40 -40.54
N LYS C 48 -58.25 -26.09 -40.33
CA LYS C 48 -59.44 -25.27 -39.98
C LYS C 48 -60.27 -24.87 -41.25
N SER C 49 -59.60 -24.17 -42.17
CA SER C 49 -60.22 -23.57 -43.36
C SER C 49 -60.14 -24.42 -44.62
N VAL C 50 -59.08 -25.24 -44.77
CA VAL C 50 -58.61 -25.65 -46.10
C VAL C 50 -58.02 -24.36 -46.74
N ALA C 51 -58.27 -24.11 -48.03
CA ALA C 51 -57.73 -22.94 -48.76
C ALA C 51 -56.44 -23.32 -49.48
N LYS C 52 -56.55 -23.54 -50.78
CA LYS C 52 -55.45 -24.06 -51.63
C LYS C 52 -54.20 -23.19 -51.59
N LEU C 53 -54.37 -21.87 -51.44
CA LEU C 53 -53.27 -20.93 -51.48
C LEU C 53 -52.52 -20.75 -50.15
N GLN C 54 -52.98 -21.41 -49.10
CA GLN C 54 -52.29 -21.45 -47.82
C GLN C 54 -51.05 -22.34 -47.89
N ASP C 55 -49.97 -21.88 -47.23
CA ASP C 55 -48.84 -22.74 -46.90
C ASP C 55 -49.19 -23.48 -45.61
N GLU C 56 -49.38 -24.79 -45.72
CA GLU C 56 -49.92 -25.66 -44.64
C GLU C 56 -49.05 -25.62 -43.35
N ARG C 57 -47.73 -25.78 -43.55
CA ARG C 57 -46.70 -25.75 -42.47
C ARG C 57 -46.91 -24.63 -41.43
N THR C 58 -47.31 -23.45 -41.91
CA THR C 58 -47.39 -22.24 -41.09
C THR C 58 -48.58 -22.14 -40.13
N VAL C 59 -49.55 -23.06 -40.20
CA VAL C 59 -50.76 -22.97 -39.35
C VAL C 59 -51.08 -24.21 -38.51
N ARG C 60 -50.10 -25.10 -38.29
CA ARG C 60 -50.34 -26.30 -37.48
C ARG C 60 -50.87 -25.92 -36.09
N LYS C 61 -51.79 -26.73 -35.57
CA LYS C 61 -52.32 -26.55 -34.22
C LYS C 61 -51.78 -27.57 -33.24
N ILE C 62 -50.80 -28.36 -33.67
CA ILE C 62 -50.11 -29.30 -32.81
C ILE C 62 -48.65 -28.81 -32.73
N YCM C 63 -48.07 -28.78 -31.51
CA YCM C 63 -46.77 -28.09 -31.20
CB YCM C 63 -47.11 -26.79 -30.45
SG YCM C 63 -48.09 -25.71 -31.46
CD YCM C 63 -46.97 -25.29 -32.76
CE YCM C 63 -47.47 -24.03 -33.50
OZ1 YCM C 63 -48.19 -23.16 -32.98
NZ2 YCM C 63 -47.07 -23.96 -34.77
C YCM C 63 -45.92 -28.85 -30.21
O YCM C 63 -46.41 -29.20 -29.12
N ALA C 64 -44.64 -29.03 -30.52
CA ALA C 64 -43.70 -29.56 -29.52
C ALA C 64 -43.44 -28.51 -28.44
N LEU C 65 -43.53 -28.91 -27.17
CA LEU C 65 -43.08 -28.08 -26.06
C LEU C 65 -41.62 -28.39 -25.72
N ASP C 66 -41.29 -29.68 -25.76
CA ASP C 66 -39.96 -30.20 -25.54
C ASP C 66 -39.90 -31.54 -26.33
N ASP C 67 -38.82 -32.31 -26.19
CA ASP C 67 -38.69 -33.60 -26.87
C ASP C 67 -39.75 -34.61 -26.47
N ASN C 68 -40.08 -34.65 -25.18
CA ASN C 68 -41.01 -35.66 -24.64
C ASN C 68 -42.43 -35.13 -24.33
N VAL C 69 -42.76 -33.90 -24.74
CA VAL C 69 -44.09 -33.30 -24.48
C VAL C 69 -44.59 -32.46 -25.65
N CYS C 70 -45.84 -32.64 -26.05
CA CYS C 70 -46.43 -31.77 -27.07
C CYS C 70 -47.85 -31.39 -26.67
N MET C 71 -48.45 -30.51 -27.47
CA MET C 71 -49.78 -30.09 -27.17
C MET C 71 -50.53 -29.72 -28.40
N ALA C 72 -51.86 -29.85 -28.29
CA ALA C 72 -52.78 -29.25 -29.21
C ALA C 72 -53.62 -28.22 -28.43
N PHE C 73 -54.23 -27.30 -29.15
CA PHE C 73 -55.13 -26.36 -28.51
C PHE C 73 -56.37 -26.16 -29.34
N ALA C 74 -57.42 -25.62 -28.71
CA ALA C 74 -58.54 -25.01 -29.41
C ALA C 74 -58.79 -23.63 -28.82
N GLY C 75 -59.09 -22.66 -29.68
CA GLY C 75 -59.52 -21.35 -29.27
C GLY C 75 -58.76 -20.29 -30.03
N LEU C 76 -58.40 -19.20 -29.36
CA LEU C 76 -57.68 -18.08 -30.00
C LEU C 76 -56.22 -18.45 -30.28
N THR C 77 -55.86 -18.49 -31.56
CA THR C 77 -54.57 -19.04 -31.98
C THR C 77 -53.39 -18.15 -31.51
N ALA C 78 -53.58 -16.81 -31.52
CA ALA C 78 -52.55 -15.86 -31.00
C ALA C 78 -52.30 -16.06 -29.51
N ASP C 79 -53.37 -16.19 -28.73
CA ASP C 79 -53.26 -16.55 -27.33
C ASP C 79 -52.48 -17.86 -27.13
N ALA C 80 -52.81 -18.89 -27.91
CA ALA C 80 -52.11 -20.18 -27.82
C ALA C 80 -50.59 -20.06 -28.05
N ARG C 81 -50.19 -19.23 -29.01
CA ARG C 81 -48.79 -19.02 -29.34
C ARG C 81 -48.04 -18.45 -28.12
N ILE C 82 -48.69 -17.55 -27.37
CA ILE C 82 -48.10 -16.99 -26.15
C ILE C 82 -47.90 -18.04 -25.06
N VAL C 83 -48.93 -18.84 -24.85
CA VAL C 83 -48.90 -19.92 -23.86
C VAL C 83 -47.81 -20.96 -24.24
N ILE C 84 -47.76 -21.29 -25.53
CA ILE C 84 -46.82 -22.32 -25.98
C ILE C 84 -45.37 -21.86 -25.75
N ASN C 85 -45.06 -20.64 -26.14
CA ASN C 85 -43.72 -20.11 -25.95
CA ASN C 85 -43.72 -20.09 -25.91
C ASN C 85 -43.34 -20.00 -24.44
N ARG C 86 -44.26 -19.57 -23.60
CA ARG C 86 -44.03 -19.55 -22.17
C ARG C 86 -43.71 -20.97 -21.63
N ALA C 87 -44.46 -21.96 -22.07
CA ALA C 87 -44.25 -23.35 -21.64
C ALA C 87 -42.90 -23.90 -22.15
N ARG C 88 -42.51 -23.50 -23.36
CA ARG C 88 -41.22 -23.91 -23.94
C ARG C 88 -40.05 -23.36 -23.11
N VAL C 89 -40.15 -22.10 -22.68
CA VAL C 89 -39.14 -21.49 -21.82
C VAL C 89 -39.06 -22.30 -20.52
N GLU C 90 -40.20 -22.54 -19.92
CA GLU C 90 -40.28 -23.26 -18.64
C GLU C 90 -39.69 -24.67 -18.70
N CYS C 91 -39.92 -25.40 -19.81
CA CYS C 91 -39.29 -26.73 -19.99
C CYS C 91 -37.76 -26.69 -19.94
N GLN C 92 -37.18 -25.65 -20.52
CA GLN C 92 -35.72 -25.44 -20.46
C GLN C 92 -35.24 -25.03 -19.02
N SER C 93 -35.99 -24.21 -18.27
CA SER C 93 -35.66 -23.99 -16.84
C SER C 93 -35.67 -25.28 -16.03
N HIS C 94 -36.73 -26.07 -16.16
CA HIS C 94 -36.77 -27.37 -15.48
C HIS C 94 -35.53 -28.22 -15.77
N ARG C 95 -35.21 -28.45 -17.04
CA ARG C 95 -33.98 -29.18 -17.41
C ARG C 95 -32.73 -28.56 -16.77
N LEU C 96 -32.70 -27.24 -16.74
CA LEU C 96 -31.56 -26.51 -16.22
C LEU C 96 -31.37 -26.79 -14.74
N THR C 97 -32.44 -26.72 -13.96
CA THR C 97 -32.35 -26.78 -12.47
C THR C 97 -32.56 -28.18 -11.86
N VAL C 98 -33.25 -29.06 -12.59
CA VAL C 98 -33.52 -30.44 -12.12
C VAL C 98 -32.73 -31.51 -12.85
N GLU C 99 -32.24 -31.22 -14.07
CA GLU C 99 -31.50 -32.19 -14.91
C GLU C 99 -32.32 -33.44 -15.20
N ASP C 100 -33.60 -33.22 -15.42
CA ASP C 100 -34.46 -34.21 -16.00
C ASP C 100 -35.41 -33.44 -16.86
N PRO C 101 -35.96 -34.10 -17.88
CA PRO C 101 -37.06 -33.50 -18.59
C PRO C 101 -38.28 -33.34 -17.64
N VAL C 102 -39.17 -32.46 -18.01
CA VAL C 102 -40.38 -32.23 -17.24
C VAL C 102 -41.22 -33.47 -17.33
N THR C 103 -41.95 -33.77 -16.27
CA THR C 103 -43.11 -34.64 -16.45
C THR C 103 -44.21 -33.86 -17.18
N VAL C 104 -45.11 -34.59 -17.78
CA VAL C 104 -46.22 -33.99 -18.51
C VAL C 104 -47.10 -33.25 -17.50
N GLU C 105 -47.22 -33.81 -16.28
CA GLU C 105 -48.01 -33.22 -15.24
C GLU C 105 -47.36 -31.92 -14.73
N TYR C 106 -46.04 -31.89 -14.62
CA TYR C 106 -45.34 -30.68 -14.23
C TYR C 106 -45.65 -29.54 -15.20
N ILE C 107 -45.49 -29.76 -16.51
CA ILE C 107 -45.68 -28.64 -17.45
C ILE C 107 -47.16 -28.26 -17.60
N THR C 108 -48.04 -29.25 -17.43
CA THR C 108 -49.47 -29.00 -17.39
C THR C 108 -49.82 -28.07 -16.22
N ARG C 109 -49.35 -28.46 -15.04
CA ARG C 109 -49.56 -27.70 -13.84
C ARG C 109 -49.04 -26.23 -13.99
N TYR C 110 -47.90 -26.07 -14.66
CA TYR C 110 -47.35 -24.77 -14.96
C TYR C 110 -48.29 -23.96 -15.90
N ILE C 111 -48.74 -24.58 -16.98
CA ILE C 111 -49.60 -23.90 -17.95
C ILE C 111 -50.94 -23.48 -17.29
N ALA C 112 -51.48 -24.40 -16.51
CA ALA C 112 -52.73 -24.17 -15.82
C ALA C 112 -52.60 -23.01 -14.83
N SER C 113 -51.47 -22.91 -14.13
CA SER C 113 -51.34 -21.87 -13.14
C SER C 113 -51.07 -20.53 -13.83
N LEU C 114 -50.42 -20.54 -14.99
CA LEU C 114 -50.35 -19.33 -15.83
C LEU C 114 -51.73 -18.83 -16.25
N LYS C 115 -52.54 -19.75 -16.74
CA LYS C 115 -53.92 -19.42 -17.09
C LYS C 115 -54.71 -18.90 -15.87
N GLN C 116 -54.59 -19.55 -14.71
CA GLN C 116 -55.31 -19.13 -13.53
C GLN C 116 -54.90 -17.68 -13.13
N ARG C 117 -53.62 -17.38 -13.21
CA ARG C 117 -53.11 -16.05 -12.89
C ARG C 117 -53.70 -14.98 -13.78
N TYR C 118 -53.87 -15.26 -15.07
CA TYR C 118 -54.51 -14.31 -15.96
C TYR C 118 -56.06 -14.22 -15.73
N THR C 119 -56.63 -14.99 -14.80
CA THR C 119 -58.02 -14.73 -14.35
C THR C 119 -58.12 -13.95 -13.02
N GLN C 120 -56.98 -13.62 -12.42
CA GLN C 120 -56.94 -12.96 -11.14
C GLN C 120 -55.92 -11.79 -11.05
N SER C 121 -55.44 -11.26 -12.17
CA SER C 121 -54.45 -10.21 -12.18
C SER C 121 -55.01 -9.01 -12.86
N ASN C 122 -54.75 -7.86 -12.27
CA ASN C 122 -55.14 -6.60 -12.87
C ASN C 122 -54.58 -6.35 -14.26
N GLY C 123 -55.40 -5.74 -15.10
CA GLY C 123 -54.96 -5.23 -16.40
C GLY C 123 -54.98 -6.22 -17.57
N ARG C 124 -55.32 -7.47 -17.29
CA ARG C 124 -55.26 -8.60 -18.25
C ARG C 124 -56.57 -9.29 -18.38
N ARG C 125 -56.88 -9.76 -19.58
CA ARG C 125 -57.99 -10.71 -19.77
C ARG C 125 -57.48 -12.17 -19.72
N PRO C 126 -58.37 -13.15 -19.46
CA PRO C 126 -57.97 -14.55 -19.50
C PRO C 126 -57.52 -15.02 -20.90
N PHE C 127 -56.79 -16.12 -20.93
CA PHE C 127 -56.40 -16.70 -22.24
C PHE C 127 -57.62 -17.43 -22.80
N GLY C 128 -57.96 -17.18 -24.05
CA GLY C 128 -59.08 -17.88 -24.70
C GLY C 128 -58.68 -19.23 -25.36
N ILE C 129 -58.06 -20.13 -24.60
CA ILE C 129 -57.66 -21.43 -25.10
C ILE C 129 -57.80 -22.52 -24.05
N SER C 130 -58.07 -23.73 -24.55
CA SER C 130 -57.88 -24.98 -23.82
C SER C 130 -56.79 -25.75 -24.53
N ALA C 131 -56.09 -26.58 -23.78
CA ALA C 131 -54.99 -27.34 -24.36
C ALA C 131 -55.12 -28.79 -24.01
N LEU C 132 -54.72 -29.65 -24.96
CA LEU C 132 -54.49 -31.06 -24.67
C LEU C 132 -52.98 -31.29 -24.70
N ILE C 133 -52.46 -31.84 -23.62
CA ILE C 133 -51.03 -31.98 -23.44
C ILE C 133 -50.70 -33.48 -23.27
N VAL C 134 -49.78 -33.97 -24.09
CA VAL C 134 -49.42 -35.40 -24.07
C VAL C 134 -47.93 -35.64 -24.05
N GLY C 135 -47.59 -36.80 -23.50
CA GLY C 135 -46.26 -37.37 -23.67
C GLY C 135 -46.02 -38.52 -22.71
N PHE C 136 -44.76 -38.71 -22.35
CA PHE C 136 -44.32 -39.79 -21.51
C PHE C 136 -43.45 -39.29 -20.38
N ASP C 137 -43.64 -39.91 -19.21
CA ASP C 137 -42.73 -39.70 -18.06
C ASP C 137 -41.49 -40.60 -18.11
N PHE C 138 -40.46 -40.17 -17.36
CA PHE C 138 -39.17 -40.91 -17.19
C PHE C 138 -39.32 -42.43 -17.17
N ASP C 139 -40.33 -42.93 -16.47
CA ASP C 139 -40.56 -44.38 -16.32
C ASP C 139 -41.39 -45.04 -17.46
N GLY C 140 -41.57 -44.33 -18.59
CA GLY C 140 -42.36 -44.82 -19.72
C GLY C 140 -43.89 -44.69 -19.68
N THR C 141 -44.47 -44.13 -18.61
CA THR C 141 -45.95 -44.05 -18.50
C THR C 141 -46.52 -42.98 -19.45
N PRO C 142 -47.49 -43.35 -20.32
CA PRO C 142 -48.11 -42.39 -21.25
C PRO C 142 -49.13 -41.47 -20.53
N ARG C 143 -49.26 -40.22 -20.99
CA ARG C 143 -50.08 -39.21 -20.28
C ARG C 143 -50.89 -38.32 -21.23
N LEU C 144 -52.10 -37.98 -20.81
CA LEU C 144 -52.92 -37.04 -21.53
C LEU C 144 -53.59 -36.12 -20.51
N TYR C 145 -53.31 -34.83 -20.59
CA TYR C 145 -53.91 -33.82 -19.68
C TYR C 145 -54.66 -32.83 -20.50
N GLN C 146 -55.64 -32.17 -19.86
CA GLN C 146 -56.33 -31.05 -20.47
C GLN C 146 -56.35 -29.85 -19.50
N THR C 147 -56.12 -28.66 -20.04
CA THR C 147 -56.25 -27.39 -19.29
C THR C 147 -57.34 -26.54 -19.91
N ASP C 148 -57.98 -25.68 -19.11
CA ASP C 148 -58.92 -24.74 -19.71
C ASP C 148 -58.67 -23.32 -19.21
N PRO C 149 -59.40 -22.34 -19.78
CA PRO C 149 -59.12 -20.93 -19.42
C PRO C 149 -59.18 -20.60 -17.95
N SER C 150 -59.94 -21.33 -17.16
CA SER C 150 -59.98 -21.10 -15.71
C SER C 150 -58.69 -21.44 -14.97
N GLY C 151 -57.82 -22.25 -15.59
CA GLY C 151 -56.68 -22.81 -14.91
C GLY C 151 -56.94 -24.19 -14.31
N THR C 152 -58.14 -24.73 -14.48
CA THR C 152 -58.41 -26.11 -14.01
C THR C 152 -57.70 -27.09 -14.96
N TYR C 153 -57.25 -28.20 -14.40
CA TYR C 153 -56.67 -29.27 -15.24
C TYR C 153 -56.95 -30.63 -14.69
N HIS C 154 -57.07 -31.59 -15.61
CA HIS C 154 -57.25 -33.00 -15.25
C HIS C 154 -56.54 -33.90 -16.25
N ALA C 155 -56.32 -35.14 -15.83
CA ALA C 155 -55.82 -36.22 -16.70
C ALA C 155 -57.01 -36.96 -17.30
N TRP C 156 -56.82 -37.44 -18.52
CA TRP C 156 -57.83 -38.12 -19.27
C TRP C 156 -57.22 -39.36 -19.96
N LYS C 157 -58.07 -40.40 -20.16
CA LYS C 157 -57.77 -41.54 -21.02
C LYS C 157 -57.89 -41.12 -22.48
N ALA C 158 -58.88 -40.28 -22.75
CA ALA C 158 -59.14 -39.70 -24.06
C ALA C 158 -60.02 -38.48 -23.84
N ASN C 159 -60.01 -37.53 -24.78
CA ASN C 159 -60.79 -36.29 -24.64
C ASN C 159 -60.82 -35.49 -25.93
N ALA C 160 -61.78 -34.57 -26.00
CA ALA C 160 -61.92 -33.65 -27.12
C ALA C 160 -62.16 -32.24 -26.55
N ILE C 161 -61.67 -31.21 -27.23
CA ILE C 161 -61.98 -29.79 -26.94
C ILE C 161 -62.33 -29.08 -28.25
N GLY C 162 -62.88 -27.87 -28.16
CA GLY C 162 -63.31 -27.12 -29.35
C GLY C 162 -64.73 -27.44 -29.77
N ARG C 163 -65.11 -26.99 -30.97
CA ARG C 163 -66.49 -27.13 -31.42
C ARG C 163 -66.80 -28.61 -31.67
N GLY C 164 -67.97 -29.05 -31.21
CA GLY C 164 -68.33 -30.48 -31.29
C GLY C 164 -67.62 -31.38 -30.29
N ALA C 165 -66.88 -30.82 -29.31
CA ALA C 165 -66.32 -31.64 -28.23
C ALA C 165 -67.34 -32.55 -27.49
N LYS C 166 -68.59 -32.08 -27.31
CA LYS C 166 -69.64 -32.84 -26.59
C LYS C 166 -69.89 -34.18 -27.25
N SER C 167 -70.17 -34.15 -28.55
CA SER C 167 -70.47 -35.36 -29.31
C SER C 167 -69.22 -36.22 -29.52
N VAL C 168 -68.05 -35.60 -29.76
CA VAL C 168 -66.80 -36.37 -29.88
C VAL C 168 -66.50 -37.08 -28.55
N ARG C 169 -66.72 -36.41 -27.42
CA ARG C 169 -66.54 -37.06 -26.12
C ARG C 169 -67.50 -38.23 -25.93
N GLU C 170 -68.74 -38.07 -26.39
CA GLU C 170 -69.75 -39.14 -26.31
C GLU C 170 -69.28 -40.37 -27.10
N PHE C 171 -68.88 -40.15 -28.34
CA PHE C 171 -68.26 -41.18 -29.15
C PHE C 171 -67.10 -41.92 -28.47
N LEU C 172 -66.15 -41.16 -27.89
CA LEU C 172 -65.01 -41.74 -27.17
C LEU C 172 -65.41 -42.57 -25.95
N GLU C 173 -66.37 -42.08 -25.17
CA GLU C 173 -66.91 -42.83 -24.00
C GLU C 173 -67.42 -44.21 -24.36
N LYS C 174 -68.02 -44.34 -25.54
CA LYS C 174 -68.52 -45.63 -26.03
C LYS C 174 -67.42 -46.46 -26.71
N ASN C 175 -66.47 -45.80 -27.36
CA ASN C 175 -65.46 -46.48 -28.20
C ASN C 175 -64.06 -46.69 -27.57
N TYR C 176 -63.77 -46.06 -26.44
CA TYR C 176 -62.49 -46.27 -25.79
C TYR C 176 -62.51 -47.51 -24.89
N THR C 177 -61.91 -48.59 -25.37
CA THR C 177 -61.77 -49.87 -24.65
C THR C 177 -60.34 -50.45 -24.79
N ASP C 178 -60.03 -51.49 -24.00
CA ASP C 178 -58.73 -52.20 -24.12
C ASP C 178 -58.45 -52.67 -25.55
N GLU C 179 -59.50 -53.13 -26.25
CA GLU C 179 -59.42 -53.54 -27.67
C GLU C 179 -59.08 -52.44 -28.64
N ALA C 180 -59.71 -51.27 -28.48
CA ALA C 180 -59.50 -50.15 -29.42
C ALA C 180 -58.11 -49.52 -29.36
N ILE C 181 -57.39 -49.75 -28.25
CA ILE C 181 -56.00 -49.28 -28.06
C ILE C 181 -54.97 -50.45 -27.87
N GLU C 182 -55.34 -51.66 -28.28
CA GLU C 182 -54.40 -52.79 -28.14
C GLU C 182 -53.12 -52.62 -28.97
N THR C 183 -53.24 -51.94 -30.12
CA THR C 183 -52.10 -51.59 -30.94
C THR C 183 -52.07 -50.13 -31.31
N ASP C 184 -50.92 -49.75 -31.88
CA ASP C 184 -50.70 -48.41 -32.42
C ASP C 184 -51.60 -47.97 -33.59
N ASP C 185 -51.79 -48.83 -34.56
CA ASP C 185 -52.65 -48.53 -35.70
C ASP C 185 -54.13 -48.22 -35.30
N LEU C 186 -54.64 -48.92 -34.28
CA LEU C 186 -56.04 -48.86 -33.86
C LEU C 186 -56.27 -47.60 -33.01
N THR C 187 -55.32 -47.30 -32.11
CA THR C 187 -55.26 -46.04 -31.38
C THR C 187 -55.36 -44.83 -32.34
N ILE C 188 -54.55 -44.87 -33.39
CA ILE C 188 -54.57 -43.81 -34.41
C ILE C 188 -55.93 -43.74 -35.08
N LYS C 189 -56.47 -44.89 -35.49
CA LYS C 189 -57.78 -44.97 -36.13
C LYS C 189 -58.90 -44.43 -35.20
N LEU C 190 -58.81 -44.76 -33.91
CA LEU C 190 -59.79 -44.30 -32.94
C LEU C 190 -59.90 -42.78 -32.93
N VAL C 191 -58.77 -42.09 -32.99
CA VAL C 191 -58.72 -40.63 -33.14
C VAL C 191 -59.34 -40.14 -34.45
N ILE C 192 -59.00 -40.78 -35.56
CA ILE C 192 -59.54 -40.39 -36.87
C ILE C 192 -61.07 -40.60 -36.93
N LYS C 193 -61.54 -41.77 -36.45
CA LYS C 193 -62.99 -42.03 -36.37
C LYS C 193 -63.67 -40.92 -35.52
N ALA C 194 -63.09 -40.63 -34.35
CA ALA C 194 -63.61 -39.56 -33.47
C ALA C 194 -63.76 -38.21 -34.20
N LEU C 195 -62.70 -37.77 -34.88
CA LEU C 195 -62.77 -36.58 -35.76
C LEU C 195 -63.79 -36.70 -36.88
N LEU C 196 -63.69 -37.78 -37.65
CA LEU C 196 -64.51 -38.00 -38.86
C LEU C 196 -66.00 -37.98 -38.61
N GLU C 197 -66.40 -37.97 -37.35
CA GLU C 197 -67.76 -37.65 -36.99
C GLU C 197 -68.20 -36.21 -37.23
N VAL C 198 -67.38 -35.31 -36.77
CA VAL C 198 -67.71 -33.92 -36.78
C VAL C 198 -67.06 -33.19 -37.97
N VAL C 199 -66.02 -33.77 -38.56
CA VAL C 199 -65.19 -33.08 -39.54
C VAL C 199 -65.90 -32.83 -40.85
N GLN C 200 -66.16 -31.56 -41.18
CA GLN C 200 -66.99 -31.17 -42.36
C GLN C 200 -66.87 -32.01 -43.64
N SER C 201 -65.83 -31.82 -44.46
CA SER C 201 -65.71 -32.55 -45.75
C SER C 201 -64.66 -33.67 -45.64
N GLY C 202 -64.98 -34.71 -44.85
CA GLY C 202 -64.00 -35.67 -44.37
C GLY C 202 -63.18 -36.16 -45.56
N GLY C 203 -61.85 -36.10 -45.54
CA GLY C 203 -61.01 -35.66 -44.42
C GLY C 203 -59.57 -36.10 -44.70
N LYS C 204 -58.75 -35.38 -45.48
CA LYS C 204 -58.92 -34.06 -46.07
C LYS C 204 -58.27 -33.16 -45.03
N ASN C 205 -59.03 -32.68 -44.06
CA ASN C 205 -58.50 -31.71 -43.15
C ASN C 205 -58.61 -32.22 -41.73
N ILE C 206 -58.03 -33.39 -41.47
CA ILE C 206 -57.57 -33.78 -40.15
C ILE C 206 -56.05 -33.61 -40.21
N GLU C 207 -55.47 -32.84 -39.29
CA GLU C 207 -54.02 -32.88 -39.04
C GLU C 207 -53.82 -33.88 -37.91
N LEU C 208 -52.79 -34.72 -38.00
CA LEU C 208 -52.55 -35.75 -36.99
C LEU C 208 -51.09 -35.96 -36.61
N ALA C 209 -50.86 -36.22 -35.33
CA ALA C 209 -49.54 -36.48 -34.81
C ALA C 209 -49.55 -37.53 -33.71
N VAL C 210 -48.40 -38.20 -33.61
CA VAL C 210 -48.18 -39.30 -32.71
C VAL C 210 -46.93 -39.08 -31.93
N MET C 211 -46.89 -39.62 -30.70
CA MET C 211 -45.66 -39.73 -29.95
C MET C 211 -45.51 -41.11 -29.34
N ARG C 212 -44.40 -41.77 -29.66
CA ARG C 212 -44.05 -43.06 -29.09
C ARG C 212 -43.05 -42.92 -27.97
N ARG C 213 -43.01 -43.93 -27.10
CA ARG C 213 -42.11 -43.95 -25.94
C ARG C 213 -40.67 -43.68 -26.42
N ASP C 214 -40.07 -42.59 -25.94
CA ASP C 214 -38.70 -42.16 -26.29
C ASP C 214 -38.50 -41.62 -27.73
N GLN C 215 -39.51 -41.70 -28.59
CA GLN C 215 -39.28 -41.61 -30.04
C GLN C 215 -39.52 -40.23 -30.66
N SER C 216 -39.86 -39.21 -29.86
CA SER C 216 -40.17 -37.85 -30.35
C SER C 216 -41.30 -37.69 -31.39
N LEU C 217 -41.85 -36.48 -31.46
CA LEU C 217 -43.09 -36.20 -32.20
C LEU C 217 -42.98 -36.46 -33.73
N LYS C 218 -43.78 -37.40 -34.26
CA LYS C 218 -43.93 -37.60 -35.70
C LYS C 218 -45.31 -37.03 -36.11
N ILE C 219 -45.34 -36.05 -37.02
CA ILE C 219 -46.60 -35.63 -37.65
C ILE C 219 -46.84 -36.48 -38.91
N LEU C 220 -48.08 -36.93 -39.14
CA LEU C 220 -48.43 -37.64 -40.39
C LEU C 220 -48.75 -36.68 -41.56
N ASN C 221 -48.38 -37.14 -42.75
CA ASN C 221 -48.62 -36.39 -44.00
CA ASN C 221 -48.62 -36.41 -44.01
C ASN C 221 -49.95 -36.84 -44.61
N PRO C 222 -50.54 -36.02 -45.53
CA PRO C 222 -51.87 -36.37 -46.08
C PRO C 222 -51.95 -37.76 -46.72
N GLU C 223 -50.84 -38.21 -47.35
CA GLU C 223 -50.75 -39.57 -47.93
C GLU C 223 -50.83 -40.66 -46.85
N GLU C 224 -50.13 -40.47 -45.72
CA GLU C 224 -50.14 -41.43 -44.59
C GLU C 224 -51.49 -41.42 -43.86
N ILE C 225 -52.17 -40.25 -43.84
CA ILE C 225 -53.52 -40.10 -43.25
C ILE C 225 -54.60 -40.82 -44.08
N GLU C 226 -54.64 -40.55 -45.38
CA GLU C 226 -55.62 -41.19 -46.27
C GLU C 226 -55.46 -42.71 -46.43
N LYS C 227 -54.30 -43.27 -46.09
CA LYS C 227 -54.13 -44.72 -45.90
C LYS C 227 -55.06 -45.19 -44.78
N TYR C 228 -54.95 -44.56 -43.60
CA TYR C 228 -55.82 -44.87 -42.44
C TYR C 228 -57.31 -44.65 -42.72
N VAL C 229 -57.63 -43.60 -43.49
CA VAL C 229 -59.02 -43.23 -43.74
C VAL C 229 -59.75 -44.34 -44.52
N ALA C 230 -59.09 -44.82 -45.59
CA ALA C 230 -59.58 -45.93 -46.43
C ALA C 230 -59.67 -47.26 -45.65
N GLU C 231 -58.59 -47.56 -44.93
CA GLU C 231 -58.48 -48.71 -44.01
C GLU C 231 -59.57 -48.80 -42.91
N ILE C 232 -60.22 -47.68 -42.56
CA ILE C 232 -61.39 -47.65 -41.63
C ILE C 232 -62.75 -47.62 -42.38
N GLU C 233 -62.79 -46.93 -43.51
CA GLU C 233 -64.00 -46.71 -44.31
C GLU C 233 -64.48 -47.98 -45.03
N LYS C 234 -63.54 -48.70 -45.62
CA LYS C 234 -63.83 -50.03 -46.16
C LYS C 234 -64.13 -51.10 -45.10
N GLU C 235 -63.61 -50.92 -43.88
CA GLU C 235 -63.97 -51.81 -42.76
C GLU C 235 -65.40 -51.58 -42.26
N LYS C 236 -65.84 -50.30 -42.25
CA LYS C 236 -67.25 -49.95 -41.89
C LYS C 236 -68.37 -50.29 -42.96
N GLU C 237 -68.17 -51.30 -43.81
CA GLU C 237 -69.19 -51.77 -44.78
C GLU C 237 -69.78 -53.10 -44.36
N GLU C 238 -68.89 -54.06 -44.14
CA GLU C 238 -69.13 -55.28 -43.35
C GLU C 238 -70.40 -55.26 -42.48
N ASP D 9 -71.82 -1.01 -13.08
CA ASP D 9 -70.39 -1.40 -12.75
C ASP D 9 -69.83 -0.34 -11.74
N ARG D 10 -69.09 -0.88 -10.78
CA ARG D 10 -68.55 -0.23 -9.58
C ARG D 10 -67.19 -0.89 -9.35
N GLY D 11 -66.42 -0.39 -8.40
CA GLY D 11 -65.13 -0.95 -8.14
C GLY D 11 -65.18 -2.21 -7.30
N VAL D 12 -64.10 -2.95 -7.33
CA VAL D 12 -64.01 -4.18 -6.53
C VAL D 12 -63.94 -3.99 -5.01
N ASN D 13 -63.61 -2.79 -4.54
CA ASN D 13 -63.64 -2.54 -3.10
C ASN D 13 -64.84 -1.69 -2.64
N THR D 14 -65.98 -1.86 -3.28
CA THR D 14 -67.22 -1.18 -2.94
C THR D 14 -68.02 -1.96 -1.90
N PHE D 15 -68.41 -1.25 -0.85
CA PHE D 15 -69.35 -1.72 0.13
C PHE D 15 -70.78 -1.58 -0.38
N SER D 16 -71.60 -2.57 -0.05
CA SER D 16 -73.07 -2.52 -0.23
C SER D 16 -73.67 -1.73 0.93
N PRO D 17 -74.95 -1.31 0.82
CA PRO D 17 -75.62 -0.65 1.93
C PRO D 17 -75.72 -1.47 3.23
N GLU D 18 -75.57 -2.77 3.17
CA GLU D 18 -75.56 -3.60 4.37
C GLU D 18 -74.19 -3.77 4.97
N GLY D 19 -73.17 -3.09 4.46
CA GLY D 19 -71.87 -3.18 5.05
C GLY D 19 -71.05 -4.40 4.65
N ARG D 20 -71.30 -4.93 3.47
CA ARG D 20 -70.51 -6.04 2.96
C ARG D 20 -69.85 -5.64 1.65
N LEU D 21 -68.72 -6.27 1.37
CA LEU D 21 -68.05 -6.10 0.10
C LEU D 21 -68.71 -7.02 -0.92
N PHE D 22 -69.26 -6.41 -1.97
CA PHE D 22 -69.93 -7.15 -3.04
C PHE D 22 -69.10 -8.32 -3.50
N GLN D 23 -67.81 -8.05 -3.82
CA GLN D 23 -66.93 -9.09 -4.36
C GLN D 23 -66.79 -10.30 -3.45
N VAL D 24 -66.71 -10.04 -2.14
CA VAL D 24 -66.61 -11.12 -1.15
C VAL D 24 -67.92 -11.92 -1.06
N GLU D 25 -69.05 -11.22 -1.07
CA GLU D 25 -70.32 -11.90 -1.04
C GLU D 25 -70.46 -12.79 -2.27
N TYR D 26 -70.06 -12.28 -3.44
CA TYR D 26 -70.16 -13.03 -4.65
C TYR D 26 -69.23 -14.24 -4.64
N ALA D 27 -68.00 -14.06 -4.11
CA ALA D 27 -67.08 -15.19 -3.94
C ALA D 27 -67.62 -16.30 -3.02
N ILE D 28 -68.36 -15.90 -1.97
CA ILE D 28 -69.01 -16.84 -1.08
C ILE D 28 -70.09 -17.67 -1.83
N GLU D 29 -70.84 -17.03 -2.72
CA GLU D 29 -71.78 -17.74 -3.59
C GLU D 29 -71.09 -18.76 -4.55
N ALA D 30 -69.88 -18.46 -5.01
CA ALA D 30 -69.10 -19.43 -5.82
C ALA D 30 -68.76 -20.71 -5.05
N ILE D 31 -68.62 -20.66 -3.74
CA ILE D 31 -68.36 -21.89 -2.92
C ILE D 31 -69.50 -22.92 -3.05
N LYS D 32 -70.71 -22.43 -3.22
CA LYS D 32 -71.87 -23.27 -3.40
C LYS D 32 -71.87 -24.05 -4.72
N LEU D 33 -71.05 -23.66 -5.70
CA LEU D 33 -70.87 -24.41 -6.96
C LEU D 33 -69.82 -25.52 -6.82
N GLY D 34 -69.20 -25.64 -5.64
CA GLY D 34 -68.22 -26.69 -5.42
C GLY D 34 -68.79 -28.00 -4.90
N SER D 35 -68.01 -29.06 -5.04
CA SER D 35 -68.31 -30.36 -4.44
C SER D 35 -68.26 -30.30 -2.94
N THR D 36 -69.00 -31.21 -2.32
CA THR D 36 -69.12 -31.21 -0.87
C THR D 36 -67.87 -31.81 -0.24
N ALA D 37 -67.38 -31.18 0.82
CA ALA D 37 -66.30 -31.71 1.63
C ALA D 37 -66.72 -31.64 3.08
N ILE D 38 -66.22 -32.59 3.87
CA ILE D 38 -66.55 -32.76 5.27
C ILE D 38 -65.27 -32.91 6.11
N GLY D 39 -65.26 -32.27 7.27
CA GLY D 39 -64.21 -32.40 8.25
C GLY D 39 -64.79 -32.74 9.60
N ILE D 40 -64.15 -33.65 10.33
CA ILE D 40 -64.54 -34.00 11.70
C ILE D 40 -63.30 -34.11 12.57
N GLN D 41 -63.38 -33.46 13.73
CA GLN D 41 -62.34 -33.47 14.74
C GLN D 41 -62.76 -34.36 15.90
N THR D 42 -61.92 -35.37 16.20
CA THR D 42 -62.10 -36.24 17.36
C THR D 42 -60.85 -36.17 18.23
N SER D 43 -60.93 -36.69 19.44
CA SER D 43 -59.75 -36.78 20.29
C SER D 43 -58.65 -37.72 19.71
N GLU D 44 -59.04 -38.65 18.82
CA GLU D 44 -58.09 -39.57 18.16
C GLU D 44 -57.54 -39.09 16.81
N GLY D 45 -57.91 -37.90 16.36
CA GLY D 45 -57.43 -37.40 15.07
C GLY D 45 -58.53 -36.70 14.29
N VAL D 46 -58.18 -36.14 13.14
CA VAL D 46 -59.19 -35.54 12.28
C VAL D 46 -59.24 -36.30 10.96
N CYS D 47 -60.44 -36.35 10.39
CA CYS D 47 -60.65 -36.84 9.03
C CYS D 47 -61.28 -35.79 8.11
N LEU D 48 -60.94 -35.90 6.84
CA LEU D 48 -61.35 -35.02 5.79
C LEU D 48 -61.84 -35.94 4.71
N ALA D 49 -63.01 -35.64 4.17
CA ALA D 49 -63.65 -36.46 3.15
C ALA D 49 -64.26 -35.55 2.13
N VAL D 50 -64.17 -35.91 0.86
CA VAL D 50 -64.62 -35.04 -0.21
C VAL D 50 -65.18 -35.86 -1.36
N GLU D 51 -66.22 -35.32 -1.96
CA GLU D 51 -66.87 -35.83 -3.14
C GLU D 51 -66.01 -35.42 -4.32
N LYS D 52 -65.66 -36.35 -5.20
CA LYS D 52 -64.81 -35.97 -6.35
C LYS D 52 -65.56 -35.25 -7.45
N ARG D 53 -66.74 -35.75 -7.75
CA ARG D 53 -67.61 -35.23 -8.80
C ARG D 53 -67.06 -35.49 -10.19
N ILE D 54 -67.11 -36.76 -10.57
CA ILE D 54 -66.55 -37.21 -11.84
C ILE D 54 -67.58 -36.86 -12.91
N THR D 55 -67.15 -36.25 -14.01
CA THR D 55 -68.07 -35.82 -15.08
C THR D 55 -67.99 -36.66 -16.35
N SER D 56 -67.01 -37.58 -16.44
CA SER D 56 -66.86 -38.51 -17.58
C SER D 56 -66.10 -39.74 -17.09
N PRO D 57 -66.49 -40.95 -17.55
CA PRO D 57 -65.66 -42.11 -17.25
C PRO D 57 -64.23 -42.09 -17.89
N LEU D 58 -64.03 -41.23 -18.90
CA LEU D 58 -62.72 -41.02 -19.52
C LEU D 58 -61.74 -40.23 -18.64
N MET D 59 -62.25 -39.46 -17.68
CA MET D 59 -61.42 -38.69 -16.74
C MET D 59 -60.71 -39.65 -15.79
N GLU D 60 -59.43 -39.44 -15.52
CA GLU D 60 -58.71 -40.18 -14.47
C GLU D 60 -59.08 -39.68 -13.08
N PRO D 61 -59.75 -40.52 -12.26
CA PRO D 61 -60.19 -40.05 -10.95
C PRO D 61 -59.07 -39.64 -10.01
N SER D 62 -57.93 -40.28 -10.11
CA SER D 62 -56.79 -39.92 -9.26
C SER D 62 -56.22 -38.53 -9.61
N SER D 63 -56.52 -37.98 -10.79
CA SER D 63 -56.12 -36.60 -11.09
C SER D 63 -57.00 -35.55 -10.43
N ILE D 64 -58.08 -35.93 -9.76
CA ILE D 64 -58.86 -34.93 -8.99
C ILE D 64 -58.27 -34.94 -7.58
N GLU D 65 -57.72 -33.82 -7.12
CA GLU D 65 -57.09 -33.77 -5.80
C GLU D 65 -57.68 -32.60 -5.03
N LYS D 66 -58.65 -32.91 -4.19
CA LYS D 66 -59.37 -31.90 -3.45
C LYS D 66 -58.99 -32.01 -1.99
N ILE D 67 -58.17 -33.00 -1.64
CA ILE D 67 -57.50 -33.06 -0.34
C ILE D 67 -55.99 -33.10 -0.64
N VAL D 68 -55.22 -32.26 0.06
CA VAL D 68 -53.77 -32.15 -0.14
C VAL D 68 -53.08 -32.11 1.21
N GLU D 69 -51.87 -32.63 1.23
CA GLU D 69 -50.97 -32.47 2.36
C GLU D 69 -50.39 -31.04 2.37
N ILE D 70 -50.46 -30.37 3.51
CA ILE D 70 -49.77 -29.08 3.73
C ILE D 70 -48.39 -29.35 4.30
N ASP D 71 -48.37 -30.17 5.35
CA ASP D 71 -47.17 -30.70 5.97
C ASP D 71 -47.56 -32.07 6.59
N ALA D 72 -46.60 -32.74 7.24
CA ALA D 72 -46.82 -34.09 7.74
C ALA D 72 -47.97 -34.16 8.74
N HIS D 73 -48.20 -33.06 9.44
CA HIS D 73 -49.19 -32.99 10.52
C HIS D 73 -50.47 -32.22 10.12
N ILE D 74 -50.60 -31.79 8.86
CA ILE D 74 -51.67 -30.90 8.42
C ILE D 74 -52.11 -31.25 7.03
N GLY D 75 -53.41 -31.52 6.87
CA GLY D 75 -54.01 -31.64 5.55
C GLY D 75 -55.03 -30.56 5.31
N CYS D 76 -55.44 -30.44 4.06
CA CYS D 76 -56.40 -29.44 3.66
C CYS D 76 -57.38 -29.96 2.62
N ALA D 77 -58.67 -29.80 2.89
CA ALA D 77 -59.74 -30.09 1.92
C ALA D 77 -60.32 -28.78 1.38
N MET D 78 -60.62 -28.72 0.10
CA MET D 78 -61.11 -27.52 -0.55
C MET D 78 -62.43 -27.74 -1.29
N SER D 79 -63.20 -26.64 -1.42
CA SER D 79 -64.36 -26.58 -2.26
C SER D 79 -64.55 -25.19 -2.87
N GLY D 80 -64.95 -25.17 -4.13
CA GLY D 80 -65.29 -23.96 -4.83
C GLY D 80 -64.54 -23.94 -6.13
N LEU D 81 -63.93 -22.81 -6.47
CA LEU D 81 -63.16 -22.71 -7.72
C LEU D 81 -61.74 -23.22 -7.43
N ILE D 82 -61.49 -24.46 -7.84
CA ILE D 82 -60.35 -25.23 -7.39
C ILE D 82 -59.05 -24.63 -7.87
N ALA D 83 -59.05 -24.05 -9.08
CA ALA D 83 -57.85 -23.44 -9.61
C ALA D 83 -57.37 -22.28 -8.69
N ASP D 84 -58.32 -21.54 -8.14
CA ASP D 84 -58.01 -20.49 -7.17
C ASP D 84 -57.30 -21.01 -5.91
N ALA D 85 -57.56 -22.24 -5.51
CA ALA D 85 -56.99 -22.76 -4.29
C ALA D 85 -55.46 -22.99 -4.36
N LYS D 86 -54.91 -23.13 -5.56
CA LYS D 86 -53.48 -23.50 -5.71
C LYS D 86 -52.54 -22.52 -5.04
N THR D 87 -52.74 -21.21 -5.21
CA THR D 87 -51.85 -20.26 -4.58
C THR D 87 -52.02 -20.24 -3.08
N LEU D 88 -53.22 -20.53 -2.56
CA LEU D 88 -53.43 -20.60 -1.13
C LEU D 88 -52.74 -21.79 -0.47
N ILE D 89 -52.85 -22.93 -1.13
CA ILE D 89 -52.20 -24.17 -0.72
C ILE D 89 -50.66 -23.98 -0.73
N ASP D 90 -50.14 -23.35 -1.77
CA ASP D 90 -48.70 -23.17 -1.88
C ASP D 90 -48.20 -22.22 -0.80
N LYS D 91 -48.98 -21.16 -0.53
CA LYS D 91 -48.67 -20.25 0.59
C LYS D 91 -48.68 -20.99 1.92
N ALA D 92 -49.64 -21.90 2.11
CA ALA D 92 -49.66 -22.67 3.37
C ALA D 92 -48.39 -23.53 3.52
N ARG D 93 -47.99 -24.18 2.42
CA ARG D 93 -46.83 -25.06 2.42
C ARG D 93 -45.54 -24.32 2.72
N VAL D 94 -45.35 -23.21 2.02
CA VAL D 94 -44.20 -22.32 2.18
C VAL D 94 -44.11 -21.74 3.60
N GLU D 95 -45.23 -21.28 4.13
CA GLU D 95 -45.29 -20.76 5.49
C GLU D 95 -44.87 -21.82 6.55
N THR D 96 -45.33 -23.08 6.42
CA THR D 96 -45.00 -24.09 7.44
C THR D 96 -43.50 -24.44 7.34
N GLN D 97 -42.98 -24.49 6.11
CA GLN D 97 -41.54 -24.68 5.92
C GLN D 97 -40.67 -23.52 6.40
N ASN D 98 -41.13 -22.28 6.23
CA ASN D 98 -40.47 -21.11 6.79
C ASN D 98 -40.43 -21.16 8.29
N HIS D 99 -41.54 -21.58 8.88
CA HIS D 99 -41.64 -21.62 10.31
C HIS D 99 -40.69 -22.69 10.87
N TRP D 100 -40.65 -23.86 10.22
CA TRP D 100 -39.68 -24.90 10.55
C TRP D 100 -38.21 -24.37 10.42
N PHE D 101 -37.92 -23.71 9.30
CA PHE D 101 -36.58 -23.16 9.03
C PHE D 101 -36.16 -22.24 10.18
N THR D 102 -37.05 -21.31 10.53
CA THR D 102 -36.73 -20.26 11.47
C THR D 102 -36.70 -20.72 12.93
N TYR D 103 -37.71 -21.51 13.30
CA TYR D 103 -37.95 -21.86 14.70
C TYR D 103 -37.67 -23.31 15.08
N ASN D 104 -37.34 -24.16 14.11
CA ASN D 104 -37.11 -25.57 14.34
C ASN D 104 -38.25 -26.28 15.11
N GLU D 105 -39.46 -26.07 14.67
CA GLU D 105 -40.64 -26.62 15.31
C GLU D 105 -41.74 -26.61 14.27
N THR D 106 -42.78 -27.38 14.53
CA THR D 106 -43.93 -27.43 13.64
C THR D 106 -44.84 -26.24 13.90
N MET D 107 -45.45 -25.71 12.86
CA MET D 107 -46.37 -24.61 12.97
C MET D 107 -47.77 -25.15 13.39
N THR D 108 -48.46 -24.45 14.29
CA THR D 108 -49.83 -24.88 14.67
C THR D 108 -50.82 -24.79 13.51
N VAL D 109 -51.88 -25.57 13.59
CA VAL D 109 -52.93 -25.58 12.56
C VAL D 109 -53.55 -24.20 12.50
N GLU D 110 -53.88 -23.65 13.68
CA GLU D 110 -54.40 -22.29 13.79
C GLU D 110 -53.50 -21.24 13.11
N SER D 111 -52.19 -21.35 13.35
CA SER D 111 -51.23 -20.41 12.74
C SER D 111 -51.16 -20.53 11.23
N VAL D 112 -51.19 -21.73 10.72
CA VAL D 112 -51.21 -21.92 9.28
C VAL D 112 -52.45 -21.27 8.70
N THR D 113 -53.58 -21.49 9.36
CA THR D 113 -54.85 -21.01 8.84
C THR D 113 -54.86 -19.47 8.83
N GLN D 114 -54.39 -18.88 9.92
CA GLN D 114 -54.22 -17.45 10.03
C GLN D 114 -53.33 -16.86 8.92
N ALA D 115 -52.19 -17.49 8.65
CA ALA D 115 -51.29 -16.99 7.59
C ALA D 115 -51.98 -16.94 6.23
N VAL D 116 -52.71 -18.00 5.93
CA VAL D 116 -53.44 -18.06 4.66
C VAL D 116 -54.56 -17.03 4.66
N SER D 117 -55.24 -16.90 5.77
CA SER D 117 -56.39 -16.00 5.84
C SER D 117 -56.01 -14.51 5.66
N ASN D 118 -54.79 -14.14 5.99
CA ASN D 118 -54.29 -12.78 5.71
C ASN D 118 -54.11 -12.40 4.22
N LEU D 119 -54.18 -13.37 3.32
CA LEU D 119 -54.25 -13.08 1.89
C LEU D 119 -55.66 -12.64 1.46
N ALA D 120 -56.66 -13.00 2.24
CA ALA D 120 -58.04 -12.92 1.70
C ALA D 120 -58.55 -11.58 1.06
N LEU D 121 -58.41 -10.42 1.70
CA LEU D 121 -58.89 -9.18 1.19
C LEU D 121 -57.78 -8.36 0.50
N GLN D 122 -56.67 -9.00 0.16
CA GLN D 122 -55.60 -8.32 -0.57
C GLN D 122 -55.91 -8.33 -2.06
N PHE D 123 -56.97 -7.62 -2.46
CA PHE D 123 -57.24 -7.34 -3.85
C PHE D 123 -57.60 -5.89 -4.03
N GLY D 124 -57.51 -5.39 -5.24
CA GLY D 124 -57.88 -4.01 -5.53
C GLY D 124 -57.02 -3.46 -6.64
N GLU D 125 -57.47 -2.37 -7.23
CA GLU D 125 -56.86 -1.85 -8.48
C GLU D 125 -56.23 -0.46 -8.47
N GLU D 126 -55.95 0.09 -7.28
CA GLU D 126 -55.11 1.34 -7.28
C GLU D 126 -54.30 1.63 -6.01
N ASP D 127 -54.00 0.60 -5.22
CA ASP D 127 -52.92 0.66 -4.20
C ASP D 127 -51.60 -0.03 -4.66
N ALA D 128 -51.70 -1.13 -5.42
CA ALA D 128 -50.73 -2.25 -5.37
C ALA D 128 -49.82 -2.41 -6.64
N ASP D 129 -49.12 -3.54 -6.75
CA ASP D 129 -48.09 -3.75 -7.80
C ASP D 129 -48.70 -3.88 -9.21
N PRO D 130 -47.86 -3.74 -10.29
CA PRO D 130 -48.37 -3.66 -11.68
C PRO D 130 -49.51 -4.65 -12.11
N GLY D 131 -49.48 -5.90 -11.61
CA GLY D 131 -50.58 -6.83 -11.81
C GLY D 131 -50.93 -7.70 -10.60
N ALA D 132 -51.27 -7.05 -9.48
CA ALA D 132 -51.63 -7.69 -8.18
C ALA D 132 -53.03 -8.33 -8.29
N MET D 133 -53.56 -8.94 -7.21
CA MET D 133 -54.87 -9.66 -7.27
C MET D 133 -56.04 -8.71 -7.59
N SER D 134 -56.85 -9.07 -8.57
CA SER D 134 -57.98 -8.26 -9.01
C SER D 134 -59.32 -8.56 -8.29
N ARG D 135 -59.36 -9.64 -7.53
CA ARG D 135 -60.59 -10.16 -6.95
C ARG D 135 -60.25 -11.12 -5.83
N PRO D 136 -61.18 -11.38 -4.95
CA PRO D 136 -61.00 -12.42 -3.95
C PRO D 136 -60.95 -13.88 -4.55
N PHE D 137 -60.60 -14.82 -3.68
CA PHE D 137 -60.46 -16.21 -4.02
C PHE D 137 -61.83 -16.87 -3.86
N GLY D 138 -62.27 -17.61 -4.87
CA GLY D 138 -63.59 -18.33 -4.80
C GLY D 138 -63.53 -19.72 -4.20
N VAL D 139 -62.96 -19.82 -2.99
CA VAL D 139 -62.54 -21.04 -2.38
C VAL D 139 -62.88 -21.04 -0.94
N ALA D 140 -63.34 -22.17 -0.42
CA ALA D 140 -63.38 -22.41 1.01
C ALA D 140 -62.45 -23.56 1.37
N LEU D 141 -61.92 -23.55 2.58
CA LEU D 141 -60.89 -24.52 3.00
C LEU D 141 -61.14 -25.03 4.38
N LEU D 142 -60.91 -26.35 4.54
CA LEU D 142 -60.88 -27.00 5.83
C LEU D 142 -59.44 -27.45 6.07
N PHE D 143 -58.81 -26.97 7.15
CA PHE D 143 -57.49 -27.38 7.54
C PHE D 143 -57.68 -28.32 8.71
N GLY D 144 -57.26 -29.57 8.55
CA GLY D 144 -57.27 -30.57 9.62
C GLY D 144 -55.88 -31.07 9.98
N GLY D 145 -55.54 -31.05 11.26
CA GLY D 145 -54.23 -31.52 11.68
C GLY D 145 -54.12 -31.75 13.17
N VAL D 146 -52.89 -32.05 13.58
CA VAL D 146 -52.55 -32.32 14.97
C VAL D 146 -51.31 -31.48 15.33
N ASP D 147 -51.38 -30.78 16.47
CA ASP D 147 -50.23 -30.03 17.02
C ASP D 147 -50.28 -30.24 18.54
N GLU D 148 -49.48 -29.53 19.32
CA GLU D 148 -49.51 -29.70 20.79
C GLU D 148 -50.85 -29.38 21.46
N LYS D 149 -51.77 -28.68 20.79
CA LYS D 149 -53.16 -28.57 21.28
C LYS D 149 -53.97 -29.85 21.07
N GLY D 150 -53.42 -30.83 20.36
CA GLY D 150 -54.16 -32.04 19.97
C GLY D 150 -54.73 -31.88 18.58
N PRO D 151 -55.67 -32.76 18.19
CA PRO D 151 -56.32 -32.67 16.88
C PRO D 151 -57.14 -31.40 16.69
N GLN D 152 -57.15 -30.87 15.48
CA GLN D 152 -57.79 -29.60 15.20
C GLN D 152 -58.26 -29.42 13.77
N LEU D 153 -59.49 -28.91 13.64
CA LEU D 153 -60.10 -28.62 12.36
C LEU D 153 -60.51 -27.15 12.33
N PHE D 154 -60.08 -26.44 11.29
CA PHE D 154 -60.38 -25.04 11.11
C PHE D 154 -61.00 -24.85 9.76
N HIS D 155 -61.94 -23.91 9.70
CA HIS D 155 -62.60 -23.56 8.46
C HIS D 155 -62.20 -22.14 8.08
N MET D 156 -62.02 -21.91 6.79
CA MET D 156 -61.78 -20.57 6.27
C MET D 156 -62.57 -20.36 4.99
N ASP D 157 -63.12 -19.14 4.83
CA ASP D 157 -63.85 -18.74 3.62
C ASP D 157 -63.26 -17.46 2.95
N PRO D 158 -63.80 -17.01 1.81
CA PRO D 158 -63.19 -15.89 1.14
C PRO D 158 -63.19 -14.51 1.85
N SER D 159 -63.88 -14.38 2.97
CA SER D 159 -63.81 -13.17 3.77
C SER D 159 -62.53 -13.04 4.61
N GLY D 160 -61.79 -14.14 4.73
CA GLY D 160 -60.61 -14.20 5.59
C GLY D 160 -61.01 -14.49 7.03
N THR D 161 -62.28 -14.82 7.26
CA THR D 161 -62.71 -15.30 8.55
C THR D 161 -62.35 -16.78 8.67
N PHE D 162 -61.73 -17.15 9.78
CA PHE D 162 -61.40 -18.52 10.08
C PHE D 162 -61.76 -18.82 11.51
N VAL D 163 -62.10 -20.07 11.76
CA VAL D 163 -62.61 -20.49 13.05
C VAL D 163 -62.41 -22.02 13.19
N GLN D 164 -62.17 -22.47 14.44
CA GLN D 164 -62.12 -23.90 14.77
C GLN D 164 -63.54 -24.48 14.73
N CYS D 165 -63.72 -25.68 14.18
CA CYS D 165 -65.00 -26.40 14.20
C CYS D 165 -64.81 -27.85 14.66
N ASP D 166 -65.76 -28.37 15.42
CA ASP D 166 -65.74 -29.79 15.76
C ASP D 166 -66.10 -30.66 14.55
N ALA D 167 -66.98 -30.17 13.70
CA ALA D 167 -67.34 -30.80 12.43
C ALA D 167 -67.93 -29.73 11.51
N ARG D 168 -67.64 -29.83 10.23
CA ARG D 168 -68.07 -28.82 9.27
C ARG D 168 -68.14 -29.39 7.87
N ALA D 169 -69.19 -29.04 7.15
CA ALA D 169 -69.27 -29.31 5.72
C ALA D 169 -69.19 -28.00 4.90
N ILE D 170 -68.68 -28.07 3.69
CA ILE D 170 -68.59 -26.93 2.80
C ILE D 170 -68.94 -27.39 1.41
N GLY D 171 -69.30 -26.44 0.54
CA GLY D 171 -69.71 -26.76 -0.82
C GLY D 171 -71.23 -26.91 -1.00
N SER D 172 -71.62 -27.42 -2.17
CA SER D 172 -73.05 -27.48 -2.65
C SER D 172 -74.06 -27.97 -1.63
N ALA D 173 -73.76 -29.07 -0.95
CA ALA D 173 -74.77 -29.68 -0.07
C ALA D 173 -74.48 -29.45 1.41
N SER D 174 -73.75 -28.38 1.73
CA SER D 174 -73.28 -28.18 3.12
C SER D 174 -74.42 -27.98 4.12
N GLU D 175 -75.52 -27.41 3.65
N GLU D 175 -75.55 -27.42 3.70
CA GLU D 175 -76.77 -27.45 4.35
CA GLU D 175 -76.75 -27.31 4.59
C GLU D 175 -77.38 -28.70 3.76
C GLU D 175 -77.26 -28.61 5.24
N GLY D 176 -78.04 -29.46 4.57
CA GLY D 176 -77.92 -30.89 4.54
C GLY D 176 -76.89 -31.57 5.37
N ALA D 177 -75.65 -31.53 4.90
CA ALA D 177 -74.57 -32.24 5.55
C ALA D 177 -74.30 -31.71 6.95
N GLN D 178 -74.32 -30.38 7.11
CA GLN D 178 -74.11 -29.77 8.42
C GLN D 178 -75.18 -30.23 9.42
N SER D 179 -76.43 -30.33 8.97
CA SER D 179 -77.52 -30.85 9.82
C SER D 179 -77.30 -32.29 10.29
N SER D 180 -76.92 -33.18 9.37
CA SER D 180 -76.59 -34.56 9.76
C SER D 180 -75.36 -34.58 10.70
N LEU D 181 -74.39 -33.68 10.49
CA LEU D 181 -73.24 -33.62 11.40
C LEU D 181 -73.64 -33.24 12.83
N GLN D 182 -74.54 -32.28 13.01
CA GLN D 182 -75.08 -31.94 14.36
C GLN D 182 -75.70 -33.17 15.01
N GLU D 183 -76.45 -33.95 14.22
CA GLU D 183 -77.15 -35.15 14.71
C GLU D 183 -76.18 -36.22 15.21
N VAL D 184 -75.14 -36.53 14.43
CA VAL D 184 -74.20 -37.63 14.77
C VAL D 184 -72.98 -37.25 15.63
N TYR D 185 -72.54 -35.99 15.62
CA TYR D 185 -71.31 -35.64 16.33
C TYR D 185 -71.44 -35.78 17.84
N HIS D 186 -70.41 -36.29 18.50
CA HIS D 186 -70.26 -36.14 19.95
C HIS D 186 -68.78 -36.03 20.29
N LYS D 187 -68.47 -35.27 21.34
CA LYS D 187 -67.07 -34.98 21.73
C LYS D 187 -66.21 -36.24 21.98
N SER D 188 -66.81 -37.31 22.48
CA SER D 188 -66.11 -38.58 22.75
C SER D 188 -66.15 -39.62 21.59
N MET D 189 -66.70 -39.23 20.45
CA MET D 189 -66.69 -40.04 19.23
C MET D 189 -65.27 -40.49 18.82
N THR D 190 -65.13 -41.74 18.41
CA THR D 190 -63.84 -42.25 17.92
C THR D 190 -63.57 -41.79 16.49
N LEU D 191 -62.32 -41.84 16.07
CA LEU D 191 -61.98 -41.57 14.68
C LEU D 191 -62.68 -42.52 13.72
N LYS D 192 -62.71 -43.82 14.02
CA LYS D 192 -63.37 -44.77 13.11
C LYS D 192 -64.86 -44.49 12.92
N GLU D 193 -65.52 -44.05 13.98
CA GLU D 193 -66.92 -43.58 13.91
C GLU D 193 -67.05 -42.32 13.05
N ALA D 194 -66.12 -41.38 13.22
CA ALA D 194 -66.13 -40.14 12.44
C ALA D 194 -65.98 -40.41 10.95
N ILE D 195 -65.09 -41.34 10.61
CA ILE D 195 -64.84 -41.73 9.22
C ILE D 195 -66.11 -42.31 8.59
N LYS D 196 -66.73 -43.27 9.28
CA LYS D 196 -68.00 -43.85 8.86
C LYS D 196 -69.11 -42.80 8.71
N SER D 197 -69.29 -41.97 9.74
CA SER D 197 -70.30 -40.91 9.70
C SER D 197 -70.14 -39.99 8.47
N SER D 198 -68.92 -39.59 8.15
CA SER D 198 -68.71 -38.69 7.03
C SER D 198 -68.95 -39.37 5.67
N LEU D 199 -68.65 -40.65 5.54
CA LEU D 199 -69.01 -41.36 4.34
C LEU D 199 -70.53 -41.60 4.24
N ILE D 200 -71.20 -41.89 5.36
CA ILE D 200 -72.66 -42.01 5.36
C ILE D 200 -73.29 -40.71 4.85
N ILE D 201 -72.78 -39.57 5.34
CA ILE D 201 -73.32 -38.27 4.95
C ILE D 201 -73.01 -37.91 3.50
N LEU D 202 -71.77 -38.13 3.06
CA LEU D 202 -71.46 -37.95 1.65
C LEU D 202 -72.36 -38.80 0.76
N LYS D 203 -72.59 -40.04 1.17
CA LYS D 203 -73.45 -40.93 0.43
C LYS D 203 -74.87 -40.35 0.24
N GLN D 204 -75.46 -39.79 1.31
CA GLN D 204 -76.78 -39.13 1.19
C GLN D 204 -76.75 -37.98 0.21
N VAL D 205 -75.75 -37.11 0.32
CA VAL D 205 -75.81 -35.83 -0.39
C VAL D 205 -75.33 -35.90 -1.83
N MET D 206 -74.48 -36.89 -2.16
CA MET D 206 -73.93 -37.03 -3.51
C MET D 206 -75.01 -37.39 -4.52
N GLU D 207 -74.96 -36.79 -5.72
CA GLU D 207 -75.88 -37.17 -6.83
C GLU D 207 -75.55 -38.59 -7.35
N GLU D 208 -74.27 -38.88 -7.54
CA GLU D 208 -73.81 -40.22 -7.92
C GLU D 208 -73.81 -41.21 -6.76
N LYS D 209 -73.92 -42.48 -7.12
CA LYS D 209 -73.75 -43.58 -6.16
C LYS D 209 -72.31 -43.54 -5.66
N LEU D 210 -72.13 -43.42 -4.35
CA LEU D 210 -70.80 -43.43 -3.75
C LEU D 210 -70.10 -44.74 -4.04
N ASN D 211 -68.80 -44.66 -4.33
CA ASN D 211 -67.92 -45.83 -4.43
C ASN D 211 -66.46 -45.43 -4.12
N ALA D 212 -65.57 -46.40 -4.15
CA ALA D 212 -64.16 -46.21 -3.76
C ALA D 212 -63.28 -45.37 -4.69
N THR D 213 -63.77 -44.99 -5.87
CA THR D 213 -63.04 -44.09 -6.79
C THR D 213 -63.59 -42.64 -6.88
N ASN D 214 -64.85 -42.38 -6.51
CA ASN D 214 -65.42 -41.00 -6.64
C ASN D 214 -65.48 -40.20 -5.33
N ILE D 215 -64.78 -40.66 -4.30
CA ILE D 215 -64.53 -39.91 -3.10
C ILE D 215 -63.01 -39.93 -2.75
N GLU D 216 -62.57 -39.02 -1.88
CA GLU D 216 -61.24 -39.11 -1.26
C GLU D 216 -61.44 -38.97 0.23
N LEU D 217 -60.51 -39.52 0.98
CA LEU D 217 -60.55 -39.48 2.43
C LEU D 217 -59.14 -39.45 2.95
N ALA D 218 -58.88 -38.64 3.96
CA ALA D 218 -57.58 -38.57 4.62
C ALA D 218 -57.73 -38.37 6.10
N THR D 219 -56.72 -38.79 6.85
CA THR D 219 -56.68 -38.56 8.29
C THR D 219 -55.35 -37.98 8.74
N VAL D 220 -55.37 -37.41 9.94
CA VAL D 220 -54.16 -37.08 10.67
C VAL D 220 -54.44 -37.47 12.12
N GLN D 221 -53.50 -38.19 12.74
CA GLN D 221 -53.66 -38.68 14.11
C GLN D 221 -52.43 -38.34 14.92
N PRO D 222 -52.56 -38.27 16.27
CA PRO D 222 -51.40 -38.00 17.15
C PRO D 222 -50.24 -38.96 16.91
N GLY D 223 -50.52 -40.23 16.69
CA GLY D 223 -49.44 -41.14 16.35
C GLY D 223 -48.79 -40.86 15.00
N GLN D 224 -49.64 -40.56 14.02
CA GLN D 224 -49.35 -40.86 12.62
C GLN D 224 -49.52 -39.63 11.72
N ASN D 225 -48.62 -39.51 10.75
CA ASN D 225 -48.64 -38.43 9.75
C ASN D 225 -49.89 -38.44 8.85
N PHE D 226 -50.09 -37.30 8.17
CA PHE D 226 -51.09 -37.18 7.10
C PHE D 226 -51.14 -38.44 6.26
N HIS D 227 -52.34 -39.00 6.11
CA HIS D 227 -52.51 -40.21 5.35
C HIS D 227 -53.76 -40.19 4.46
N MET D 228 -53.52 -40.20 3.14
CA MET D 228 -54.55 -40.41 2.14
C MET D 228 -54.93 -41.90 2.09
N PHE D 229 -56.22 -42.21 2.18
CA PHE D 229 -56.70 -43.58 2.03
C PHE D 229 -56.51 -44.06 0.60
N THR D 230 -56.02 -45.29 0.49
CA THR D 230 -55.90 -45.97 -0.80
C THR D 230 -57.28 -46.51 -1.23
N LYS D 231 -57.39 -46.92 -2.50
CA LYS D 231 -58.59 -47.55 -3.04
C LYS D 231 -59.03 -48.70 -2.14
N GLU D 232 -58.06 -49.56 -1.81
CA GLU D 232 -58.29 -50.77 -1.00
C GLU D 232 -58.77 -50.43 0.42
N GLU D 233 -58.19 -49.39 1.04
CA GLU D 233 -58.64 -48.97 2.38
C GLU D 233 -60.03 -48.28 2.38
N LEU D 234 -60.36 -47.60 1.28
CA LEU D 234 -61.70 -47.00 1.11
C LEU D 234 -62.75 -48.10 0.95
N GLU D 235 -62.46 -49.09 0.09
CA GLU D 235 -63.34 -50.27 -0.08
C GLU D 235 -63.69 -50.94 1.23
N GLU D 236 -62.69 -51.15 2.09
CA GLU D 236 -62.92 -51.70 3.45
C GLU D 236 -63.95 -50.89 4.23
N VAL D 237 -63.74 -49.57 4.33
CA VAL D 237 -64.70 -48.68 5.04
C VAL D 237 -66.05 -48.60 4.33
N ILE D 238 -66.07 -48.72 3.00
CA ILE D 238 -67.33 -48.62 2.22
C ILE D 238 -68.27 -49.80 2.44
N LYS D 239 -67.74 -50.98 2.78
CA LYS D 239 -68.55 -52.20 3.00
C LYS D 239 -69.73 -52.00 3.95
N ASP D 240 -69.45 -51.41 5.10
CA ASP D 240 -70.48 -51.11 6.12
C ASP D 240 -71.48 -50.03 5.68
N ILE D 241 -71.06 -49.19 4.74
CA ILE D 241 -71.77 -47.96 4.31
C ILE D 241 -72.23 -48.09 2.86
N ASN E 4 -76.78 7.33 -4.92
CA ASN E 4 -77.07 6.38 -6.09
C ASN E 4 -75.94 6.43 -7.14
N GLN E 5 -75.89 7.50 -7.95
CA GLN E 5 -74.61 7.93 -8.58
C GLN E 5 -73.57 8.36 -7.51
N TYR E 6 -74.02 8.67 -6.30
CA TYR E 6 -73.17 9.07 -5.21
C TYR E 6 -72.79 7.94 -4.26
N ASP E 7 -73.13 6.68 -4.48
CA ASP E 7 -72.79 5.73 -3.40
C ASP E 7 -71.75 4.64 -3.65
N ASN E 8 -71.03 4.69 -4.76
CA ASN E 8 -70.10 3.61 -5.00
C ASN E 8 -68.62 3.95 -4.73
N ASP E 9 -68.28 5.24 -4.66
CA ASP E 9 -66.90 5.67 -4.52
C ASP E 9 -66.71 6.51 -3.28
N VAL E 10 -65.68 6.17 -2.51
CA VAL E 10 -65.37 6.90 -1.30
C VAL E 10 -64.93 8.33 -1.60
N THR E 11 -64.52 8.60 -2.85
CA THR E 11 -64.18 9.93 -3.31
C THR E 11 -65.33 10.81 -3.76
N VAL E 12 -66.57 10.31 -3.74
CA VAL E 12 -67.70 11.09 -4.24
C VAL E 12 -68.53 11.62 -3.06
N TRP E 13 -68.46 12.93 -2.85
CA TRP E 13 -69.38 13.62 -1.94
C TRP E 13 -70.78 13.60 -2.50
N SER E 14 -71.78 13.37 -1.67
CA SER E 14 -73.19 13.55 -2.10
C SER E 14 -73.57 15.04 -2.01
N PRO E 15 -74.69 15.42 -2.64
CA PRO E 15 -75.09 16.83 -2.57
C PRO E 15 -75.49 17.30 -1.16
N GLN E 16 -75.64 16.40 -0.19
CA GLN E 16 -75.90 16.73 1.22
C GLN E 16 -74.67 16.82 2.07
N GLY E 17 -73.47 16.74 1.48
CA GLY E 17 -72.27 16.72 2.22
C GLY E 17 -72.00 15.44 2.99
N ARG E 18 -72.37 14.30 2.41
CA ARG E 18 -72.11 12.98 3.00
C ARG E 18 -71.27 12.09 2.05
N ILE E 19 -70.71 11.01 2.59
CA ILE E 19 -69.94 10.05 1.80
C ILE E 19 -70.57 8.70 2.11
N HIS E 20 -71.41 8.24 1.19
CA HIS E 20 -72.17 7.01 1.40
C HIS E 20 -71.29 5.76 1.67
N GLN E 21 -70.15 5.64 0.97
CA GLN E 21 -69.26 4.51 1.22
C GLN E 21 -68.80 4.43 2.67
N ILE E 22 -68.57 5.58 3.32
CA ILE E 22 -68.20 5.57 4.73
C ILE E 22 -69.36 5.13 5.60
N GLU E 23 -70.54 5.68 5.33
CA GLU E 23 -71.76 5.25 6.03
C GLU E 23 -72.02 3.73 5.86
N TYR E 24 -71.80 3.19 4.66
CA TYR E 24 -71.99 1.77 4.44
C TYR E 24 -71.01 0.95 5.22
N ALA E 25 -69.73 1.37 5.24
CA ALA E 25 -68.73 0.71 6.06
C ALA E 25 -69.10 0.65 7.53
N MET E 26 -69.72 1.73 8.02
CA MET E 26 -70.22 1.71 9.42
C MET E 26 -71.31 0.67 9.69
N GLU E 27 -72.08 0.30 8.68
CA GLU E 27 -73.03 -0.80 8.82
C GLU E 27 -72.38 -2.16 9.09
N ALA E 28 -71.16 -2.35 8.59
CA ALA E 28 -70.42 -3.56 8.92
C ALA E 28 -70.24 -3.67 10.43
N VAL E 29 -69.94 -2.57 11.10
CA VAL E 29 -69.81 -2.65 12.57
C VAL E 29 -71.15 -2.86 13.30
N LYS E 30 -72.21 -2.19 12.87
CA LYS E 30 -73.53 -2.34 13.50
C LYS E 30 -74.07 -3.75 13.44
N GLN E 31 -73.65 -4.52 12.43
CA GLN E 31 -74.04 -5.92 12.29
C GLN E 31 -73.13 -6.93 12.96
N GLY E 32 -71.94 -6.54 13.43
CA GLY E 32 -71.14 -7.43 14.25
C GLY E 32 -71.79 -7.77 15.59
N SER E 33 -71.31 -8.81 16.28
CA SER E 33 -71.83 -9.13 17.61
C SER E 33 -71.38 -8.06 18.62
N ALA E 34 -72.21 -7.80 19.61
CA ALA E 34 -71.93 -6.70 20.54
C ALA E 34 -70.67 -6.90 21.40
N THR E 35 -70.03 -5.79 21.71
CA THR E 35 -68.94 -5.75 22.66
C THR E 35 -69.09 -4.50 23.51
N VAL E 36 -68.63 -4.62 24.76
CA VAL E 36 -68.72 -3.57 25.75
C VAL E 36 -67.32 -3.27 26.30
N GLY E 37 -67.05 -1.98 26.51
CA GLY E 37 -65.85 -1.49 27.18
C GLY E 37 -66.19 -0.50 28.29
N LEU E 38 -65.52 -0.61 29.42
CA LEU E 38 -65.70 0.33 30.53
C LEU E 38 -64.46 0.42 31.43
N LYS E 39 -64.40 1.44 32.28
CA LYS E 39 -63.26 1.64 33.16
C LYS E 39 -63.59 2.20 34.51
N SER E 40 -62.68 1.95 35.45
CA SER E 40 -62.72 2.53 36.78
C SER E 40 -61.50 3.48 36.88
N LYS E 41 -61.18 3.92 38.11
CA LYS E 41 -59.92 4.62 38.39
C LYS E 41 -58.67 3.75 38.07
N THR E 42 -58.76 2.43 38.23
CA THR E 42 -57.60 1.53 38.17
C THR E 42 -57.58 0.49 37.06
N HIS E 43 -58.72 0.17 36.43
CA HIS E 43 -58.76 -0.91 35.42
C HIS E 43 -59.62 -0.54 34.21
N ALA E 44 -59.28 -1.13 33.07
CA ALA E 44 -60.06 -1.00 31.86
C ALA E 44 -60.46 -2.41 31.47
N VAL E 45 -61.75 -2.60 31.18
CA VAL E 45 -62.30 -3.92 30.84
C VAL E 45 -63.02 -3.93 29.50
N LEU E 46 -62.83 -5.03 28.77
CA LEU E 46 -63.58 -5.34 27.58
C LEU E 46 -64.38 -6.64 27.79
N VAL E 47 -65.60 -6.67 27.27
CA VAL E 47 -66.46 -7.83 27.37
C VAL E 47 -67.03 -8.02 25.98
N ALA E 48 -67.01 -9.24 25.47
CA ALA E 48 -67.50 -9.47 24.09
C ALA E 48 -68.37 -10.71 23.99
N LEU E 49 -69.47 -10.59 23.26
CA LEU E 49 -70.24 -11.75 22.82
C LEU E 49 -69.64 -12.33 21.58
N LYS E 50 -69.43 -13.63 21.60
CA LYS E 50 -68.90 -14.34 20.45
C LYS E 50 -70.05 -15.08 19.75
N ARG E 51 -70.15 -14.86 18.43
CA ARG E 51 -71.10 -15.55 17.55
C ARG E 51 -70.45 -16.90 17.06
N ALA E 52 -71.21 -17.99 17.16
CA ALA E 52 -70.81 -19.29 16.60
C ALA E 52 -71.70 -19.60 15.39
N GLN E 53 -71.07 -19.93 14.27
CA GLN E 53 -71.77 -20.24 13.01
C GLN E 53 -72.77 -21.37 13.24
N SER E 54 -72.28 -22.57 13.54
CA SER E 54 -73.14 -23.71 13.92
C SER E 54 -72.95 -24.05 15.41
N GLU E 55 -73.76 -25.01 15.88
CA GLU E 55 -73.64 -25.59 17.23
C GLU E 55 -72.27 -26.27 17.48
N LEU E 56 -71.59 -26.68 16.40
CA LEU E 56 -70.29 -27.38 16.46
C LEU E 56 -69.03 -26.50 16.21
N ALA E 57 -69.22 -25.22 15.85
CA ALA E 57 -68.12 -24.23 15.76
C ALA E 57 -67.71 -23.61 17.13
N ALA E 58 -66.42 -23.25 17.25
CA ALA E 58 -65.82 -22.70 18.49
C ALA E 58 -66.41 -21.39 19.00
N HIS E 59 -66.72 -20.49 18.10
CA HIS E 59 -67.07 -19.11 18.50
C HIS E 59 -65.85 -18.23 18.11
N GLN E 60 -66.14 -17.19 17.30
CA GLN E 60 -65.13 -16.29 16.75
C GLN E 60 -64.42 -15.49 17.86
N LYS E 61 -63.10 -15.46 17.84
CA LYS E 61 -62.37 -14.51 18.68
C LYS E 61 -62.85 -13.05 18.48
N LYS E 62 -63.06 -12.35 19.60
CA LYS E 62 -63.40 -10.96 19.56
C LYS E 62 -62.39 -10.02 20.26
N ILE E 63 -61.50 -10.57 21.09
CA ILE E 63 -60.62 -9.76 21.89
C ILE E 63 -59.18 -10.17 21.51
N LEU E 64 -58.33 -9.18 21.27
CA LEU E 64 -56.96 -9.37 20.75
C LEU E 64 -55.97 -8.61 21.58
N HIS E 65 -54.82 -9.24 21.82
CA HIS E 65 -53.67 -8.61 22.53
C HIS E 65 -52.93 -7.67 21.55
N VAL E 66 -52.63 -6.46 22.01
CA VAL E 66 -51.83 -5.50 21.23
C VAL E 66 -50.44 -5.31 21.85
N ASP E 67 -50.40 -5.04 23.15
CA ASP E 67 -49.14 -4.95 23.90
C ASP E 67 -49.46 -5.23 25.36
N ASN E 68 -48.46 -5.26 26.22
CA ASN E 68 -48.69 -5.55 27.64
C ASN E 68 -49.73 -4.65 28.29
N HIS E 69 -49.86 -3.44 27.76
CA HIS E 69 -50.69 -2.41 28.34
C HIS E 69 -51.96 -2.08 27.50
N ILE E 70 -52.18 -2.79 26.39
CA ILE E 70 -53.24 -2.49 25.43
C ILE E 70 -53.86 -3.75 24.83
N GLY E 71 -55.20 -3.83 24.84
CA GLY E 71 -55.92 -4.85 24.09
C GLY E 71 -57.12 -4.27 23.41
N ILE E 72 -57.66 -5.00 22.43
CA ILE E 72 -58.81 -4.50 21.64
C ILE E 72 -59.93 -5.55 21.55
N SER E 73 -61.13 -5.03 21.31
CA SER E 73 -62.29 -5.80 20.95
C SER E 73 -62.79 -5.26 19.61
N ILE E 74 -63.25 -6.17 18.77
CA ILE E 74 -63.52 -5.85 17.36
C ILE E 74 -65.00 -6.04 17.00
N ALA E 75 -65.47 -5.28 16.02
CA ALA E 75 -66.76 -5.56 15.38
C ALA E 75 -66.75 -5.13 13.93
N GLY E 76 -67.10 -6.04 13.02
CA GLY E 76 -67.07 -5.78 11.60
C GLY E 76 -66.25 -6.80 10.85
N LEU E 77 -65.62 -6.40 9.76
CA LEU E 77 -64.84 -7.35 8.95
C LEU E 77 -63.61 -7.83 9.71
N THR E 78 -63.55 -9.14 9.94
CA THR E 78 -62.46 -9.73 10.69
C THR E 78 -61.06 -9.48 10.06
N ALA E 79 -60.98 -9.49 8.73
CA ALA E 79 -59.69 -9.33 8.04
C ALA E 79 -59.18 -7.92 8.19
N ASP E 80 -60.10 -6.93 8.17
CA ASP E 80 -59.74 -5.58 8.48
C ASP E 80 -59.33 -5.39 9.95
N ALA E 81 -59.99 -6.12 10.84
CA ALA E 81 -59.62 -6.08 12.24
C ALA E 81 -58.16 -6.58 12.40
N ARG E 82 -57.81 -7.68 11.78
CA ARG E 82 -56.43 -8.19 11.89
C ARG E 82 -55.39 -7.22 11.29
N LEU E 83 -55.69 -6.63 10.15
CA LEU E 83 -54.78 -5.69 9.52
C LEU E 83 -54.52 -4.49 10.44
N LEU E 84 -55.58 -3.94 11.02
CA LEU E 84 -55.47 -2.84 11.96
C LEU E 84 -54.77 -3.25 13.27
N CYS E 85 -55.10 -4.41 13.80
CA CYS E 85 -54.44 -4.92 14.99
C CYS E 85 -52.94 -5.11 14.76
N ASN E 86 -52.55 -5.57 13.57
CA ASN E 86 -51.12 -5.76 13.24
C ASN E 86 -50.39 -4.38 13.15
N PHE E 87 -51.05 -3.39 12.56
CA PHE E 87 -50.56 -2.01 12.56
C PHE E 87 -50.34 -1.48 14.01
N MET E 88 -51.34 -1.70 14.86
CA MET E 88 -51.22 -1.29 16.27
C MET E 88 -50.06 -1.94 17.01
N ARG E 89 -49.92 -3.25 16.80
CA ARG E 89 -48.85 -4.03 17.40
C ARG E 89 -47.48 -3.51 17.00
N GLN E 90 -47.34 -3.24 15.71
CA GLN E 90 -46.11 -2.73 15.16
C GLN E 90 -45.78 -1.32 15.71
N GLU E 91 -46.76 -0.43 15.80
CA GLU E 91 -46.56 0.89 16.41
C GLU E 91 -46.12 0.80 17.88
N CYS E 92 -46.71 -0.11 18.64
CA CYS E 92 -46.27 -0.39 20.01
C CYS E 92 -44.83 -0.95 20.10
N LEU E 93 -44.48 -1.89 19.22
CA LEU E 93 -43.13 -2.45 19.21
C LEU E 93 -42.11 -1.37 18.89
N ASP E 94 -42.43 -0.52 17.91
CA ASP E 94 -41.56 0.59 17.51
C ASP E 94 -41.27 1.52 18.67
N SER E 95 -42.32 1.85 19.42
CA SER E 95 -42.14 2.73 20.56
C SER E 95 -41.28 2.15 21.65
N ARG E 96 -41.45 0.86 21.98
CA ARG E 96 -40.54 0.22 22.92
C ARG E 96 -39.09 0.11 22.42
N PHE E 97 -38.92 -0.14 21.13
CA PHE E 97 -37.61 -0.27 20.53
C PHE E 97 -36.85 1.07 20.62
N VAL E 98 -37.51 2.16 20.24
CA VAL E 98 -36.89 3.46 20.14
C VAL E 98 -36.71 4.09 21.51
N PHE E 99 -37.79 4.09 22.30
CA PHE E 99 -37.87 4.88 23.55
C PHE E 99 -37.81 4.05 24.83
N ASP E 100 -37.88 2.73 24.70
CA ASP E 100 -37.85 1.83 25.84
C ASP E 100 -38.97 2.07 26.84
N ARG E 101 -40.13 2.50 26.35
CA ARG E 101 -41.30 2.72 27.18
CA ARG E 101 -41.30 2.70 27.18
C ARG E 101 -42.58 2.48 26.39
N PRO E 102 -43.69 2.17 27.10
CA PRO E 102 -44.93 1.90 26.36
C PRO E 102 -45.47 3.09 25.60
N LEU E 103 -46.03 2.84 24.44
CA LEU E 103 -46.66 3.87 23.64
C LEU E 103 -47.91 4.38 24.38
N PRO E 104 -48.01 5.71 24.66
CA PRO E 104 -49.22 6.15 25.31
C PRO E 104 -50.51 5.86 24.47
N VAL E 105 -51.56 5.47 25.15
CA VAL E 105 -52.74 4.92 24.47
C VAL E 105 -53.34 5.96 23.53
N SER E 106 -53.44 7.21 24.00
CA SER E 106 -53.98 8.30 23.15
C SER E 106 -53.17 8.59 21.90
N ARG E 107 -51.85 8.38 21.94
CA ARG E 107 -51.02 8.49 20.75
C ARG E 107 -51.24 7.37 19.76
N LEU E 108 -51.38 6.14 20.25
CA LEU E 108 -51.71 5.04 19.38
C LEU E 108 -53.06 5.30 18.69
N VAL E 109 -54.05 5.80 19.42
CA VAL E 109 -55.37 6.01 18.81
C VAL E 109 -55.25 7.08 17.70
N SER E 110 -54.50 8.18 17.95
CA SER E 110 -54.20 9.15 16.89
C SER E 110 -53.61 8.56 15.63
N LEU E 111 -52.66 7.64 15.79
CA LEU E 111 -52.05 6.95 14.66
C LEU E 111 -53.09 6.15 13.88
N ILE E 112 -54.02 5.53 14.58
CA ILE E 112 -55.14 4.79 13.90
C ILE E 112 -55.99 5.75 13.09
N GLY E 113 -56.40 6.85 13.69
CA GLY E 113 -57.16 7.93 13.01
C GLY E 113 -56.49 8.40 11.73
N SER E 114 -55.21 8.65 11.82
CA SER E 114 -54.45 9.09 10.66
C SER E 114 -54.31 8.00 9.58
N LYS E 115 -53.98 6.78 9.99
CA LYS E 115 -53.91 5.68 9.04
C LYS E 115 -55.24 5.38 8.35
N THR E 116 -56.32 5.34 9.12
CA THR E 116 -57.62 4.93 8.55
C THR E 116 -58.31 6.02 7.73
N GLN E 117 -57.88 7.28 7.90
CA GLN E 117 -58.45 8.37 7.12
C GLN E 117 -57.99 8.32 5.65
N ILE E 118 -56.75 7.89 5.41
CA ILE E 118 -56.10 7.96 4.11
C ILE E 118 -56.92 7.29 2.99
N PRO E 119 -57.32 6.01 3.13
CA PRO E 119 -58.09 5.45 2.02
C PRO E 119 -59.50 6.09 1.85
N THR E 120 -60.00 6.91 2.77
CA THR E 120 -61.31 7.55 2.58
C THR E 120 -61.26 8.72 1.59
N GLN E 121 -60.06 9.09 1.15
CA GLN E 121 -59.89 10.21 0.30
C GLN E 121 -59.27 9.91 -1.09
N ARG E 122 -58.96 8.65 -1.37
CA ARG E 122 -58.33 8.23 -2.62
C ARG E 122 -59.19 7.26 -3.44
N TYR E 123 -59.24 7.50 -4.73
CA TYR E 123 -60.08 6.76 -5.64
C TYR E 123 -59.67 5.30 -5.66
N GLY E 124 -60.66 4.44 -5.66
CA GLY E 124 -60.40 2.99 -5.70
C GLY E 124 -59.97 2.38 -4.36
N ARG E 125 -59.86 3.17 -3.29
CA ARG E 125 -59.60 2.64 -1.96
C ARG E 125 -60.94 2.58 -1.20
N ARG E 126 -60.95 1.97 -0.02
CA ARG E 126 -62.18 1.89 0.71
C ARG E 126 -61.91 2.16 2.16
N PRO E 127 -62.94 2.53 2.91
CA PRO E 127 -62.70 2.59 4.32
C PRO E 127 -62.41 1.20 4.92
N TYR E 128 -61.82 1.21 6.11
CA TYR E 128 -61.76 0.04 6.96
C TYR E 128 -63.15 -0.31 7.51
N GLY E 129 -63.55 -1.57 7.42
CA GLY E 129 -64.93 -1.92 7.80
C GLY E 129 -64.98 -2.53 9.18
N VAL E 130 -64.33 -1.88 10.13
CA VAL E 130 -64.19 -2.41 11.45
C VAL E 130 -64.24 -1.28 12.44
N GLY E 131 -64.83 -1.57 13.59
CA GLY E 131 -64.88 -0.64 14.70
C GLY E 131 -64.16 -1.34 15.81
N LEU E 132 -63.43 -0.59 16.61
CA LEU E 132 -62.68 -1.14 17.74
C LEU E 132 -63.08 -0.50 19.04
N LEU E 133 -63.11 -1.32 20.10
CA LEU E 133 -62.99 -0.81 21.45
C LEU E 133 -61.58 -1.10 21.93
N ILE E 134 -60.91 -0.06 22.44
CA ILE E 134 -59.50 -0.14 22.85
C ILE E 134 -59.40 0.08 24.36
N ALA E 135 -58.88 -0.92 25.09
CA ALA E 135 -58.64 -0.80 26.52
C ALA E 135 -57.15 -0.67 26.75
N GLY E 136 -56.75 0.27 27.59
CA GLY E 136 -55.33 0.46 27.85
C GLY E 136 -55.09 1.07 29.18
N TYR E 137 -53.83 1.01 29.63
CA TYR E 137 -53.40 1.64 30.85
C TYR E 137 -52.00 2.28 30.65
N ASP E 138 -51.87 3.53 31.00
CA ASP E 138 -50.57 4.21 30.94
C ASP E 138 -50.47 5.21 32.09
N ASP E 139 -49.56 6.16 31.98
CA ASP E 139 -49.33 7.16 33.01
C ASP E 139 -50.52 8.00 33.31
N MET E 140 -51.43 8.15 32.36
CA MET E 140 -52.65 8.90 32.62
C MET E 140 -53.80 7.95 33.10
N GLY E 141 -53.49 6.73 33.51
CA GLY E 141 -54.47 5.80 34.02
C GLY E 141 -55.16 4.96 32.96
N PRO E 142 -56.34 4.41 33.29
CA PRO E 142 -57.04 3.54 32.34
C PRO E 142 -57.72 4.32 31.23
N HIS E 143 -57.87 3.68 30.07
CA HIS E 143 -58.59 4.28 28.94
C HIS E 143 -59.50 3.28 28.25
N ILE E 144 -60.60 3.79 27.75
CA ILE E 144 -61.42 3.12 26.75
C ILE E 144 -61.58 4.08 25.56
N PHE E 145 -61.13 3.67 24.39
CA PHE E 145 -61.34 4.43 23.19
C PHE E 145 -62.19 3.58 22.21
N GLN E 146 -62.89 4.29 21.33
CA GLN E 146 -63.62 3.71 20.24
C GLN E 146 -63.14 4.29 18.93
N THR E 147 -62.94 3.43 17.93
CA THR E 147 -62.55 3.85 16.57
C THR E 147 -63.61 3.39 15.59
N 6V1 E 148 -63.77 4.15 14.50
CA 6V1 E 148 -64.81 3.94 13.50
C 6V1 E 148 -64.24 3.88 12.09
O 6V1 E 148 -63.18 4.45 11.88
CB 6V1 E 148 -65.83 5.12 13.47
SG 6V1 E 148 -66.41 5.41 15.12
C1 6V1 E 148 -68.19 5.45 14.81
C2 6V1 E 148 -68.84 4.08 14.59
N3 6V1 E 148 -70.12 4.11 15.02
C4 6V1 E 148 -70.24 5.07 15.93
C5 6V1 E 148 -69.11 6.08 15.87
C6 6V1 E 148 -71.27 3.29 14.58
O7 6V1 E 148 -68.30 3.10 14.08
O8 6V1 E 148 -71.15 5.07 16.76
C3 6V1 E 148 -70.97 2.08 13.71
N PRO E 149 -65.00 3.33 11.13
CA PRO E 149 -64.63 3.36 9.70
C PRO E 149 -64.52 4.74 9.06
N SER E 150 -65.16 5.73 9.65
CA SER E 150 -64.99 7.13 9.30
C SER E 150 -63.58 7.69 9.66
N ALA E 151 -62.79 6.92 10.43
CA ALA E 151 -61.48 7.36 10.96
C ALA E 151 -61.59 8.28 12.15
N ASN E 152 -62.81 8.63 12.56
CA ASN E 152 -63.02 9.29 13.84
C ASN E 152 -62.78 8.32 15.00
N TYR E 153 -62.45 8.89 16.14
CA TYR E 153 -62.30 8.15 17.35
C TYR E 153 -62.76 8.98 18.51
N PHE E 154 -63.03 8.30 19.61
CA PHE E 154 -63.68 8.85 20.78
C PHE E 154 -63.04 8.32 22.04
N ASP E 155 -62.87 9.20 23.03
CA ASP E 155 -62.41 8.84 24.33
C ASP E 155 -63.63 8.65 25.22
N CYS E 156 -63.74 7.49 25.86
CA CYS E 156 -65.01 7.06 26.48
C CYS E 156 -64.91 6.72 27.94
N ARG E 157 -65.97 7.04 28.68
CA ARG E 157 -66.13 6.53 30.04
C ARG E 157 -66.50 5.05 29.96
N ALA E 158 -67.28 4.71 28.95
CA ALA E 158 -67.67 3.35 28.62
C ALA E 158 -68.32 3.38 27.27
N MET E 159 -68.42 2.24 26.61
CA MET E 159 -69.00 2.20 25.28
C MET E 159 -69.45 0.79 24.92
N SER E 160 -70.40 0.70 24.00
CA SER E 160 -70.78 -0.55 23.34
C SER E 160 -70.99 -0.29 21.86
N ILE E 161 -70.56 -1.22 21.03
CA ILE E 161 -70.77 -1.20 19.59
C ILE E 161 -71.28 -2.56 19.17
N GLY E 162 -71.88 -2.61 18.00
CA GLY E 162 -72.36 -3.86 17.38
C GLY E 162 -73.85 -3.99 17.50
N ALA E 163 -74.35 -5.19 17.26
CA ALA E 163 -75.79 -5.40 17.12
C ALA E 163 -76.49 -5.30 18.48
N ARG E 164 -77.57 -4.51 18.49
CA ARG E 164 -78.34 -4.21 19.68
C ARG E 164 -77.51 -3.55 20.80
N SER E 165 -76.44 -2.86 20.44
CA SER E 165 -75.60 -2.17 21.41
C SER E 165 -76.26 -0.95 22.07
N GLN E 166 -77.32 -0.41 21.45
CA GLN E 166 -78.13 0.66 22.03
C GLN E 166 -78.58 0.26 23.45
N SER E 167 -79.01 -0.98 23.65
CA SER E 167 -79.42 -1.45 24.98
C SER E 167 -78.27 -1.43 26.00
N ALA E 168 -77.11 -1.89 25.54
CA ALA E 168 -75.92 -1.88 26.37
C ALA E 168 -75.56 -0.41 26.76
N ARG E 169 -75.58 0.49 25.78
CA ARG E 169 -75.28 1.91 26.02
C ARG E 169 -76.25 2.51 27.04
N THR E 170 -77.53 2.17 26.93
CA THR E 170 -78.53 2.63 27.92
C THR E 170 -78.23 2.12 29.35
N TYR E 171 -77.88 0.85 29.49
CA TYR E 171 -77.44 0.34 30.80
C TYR E 171 -76.18 1.13 31.33
N LEU E 172 -75.21 1.33 30.46
CA LEU E 172 -73.93 1.98 30.85
C LEU E 172 -74.15 3.44 31.28
N GLU E 173 -75.00 4.18 30.56
CA GLU E 173 -75.42 5.52 31.03
C GLU E 173 -76.09 5.50 32.39
N ARG E 174 -76.98 4.54 32.59
CA ARG E 174 -77.70 4.38 33.85
C ARG E 174 -76.76 4.17 35.07
N HIS E 175 -75.66 3.46 34.88
CA HIS E 175 -74.79 3.08 36.00
C HIS E 175 -73.40 3.73 36.02
N MET E 176 -73.09 4.60 35.06
CA MET E 176 -71.71 5.09 34.87
C MET E 176 -71.17 5.93 36.04
N SER E 177 -72.04 6.56 36.82
CA SER E 177 -71.61 7.29 38.03
C SER E 177 -70.99 6.37 39.09
N GLU E 178 -71.23 5.06 39.00
CA GLU E 178 -70.65 4.07 39.90
C GLU E 178 -69.28 3.56 39.43
N PHE E 179 -68.92 3.70 38.14
CA PHE E 179 -67.80 2.90 37.62
C PHE E 179 -66.44 3.28 38.25
N MET E 180 -66.21 4.57 38.49
CA MET E 180 -64.86 5.05 38.84
C MET E 180 -64.39 4.43 40.16
N GLU E 181 -65.32 4.24 41.08
CA GLU E 181 -65.07 3.68 42.39
C GLU E 181 -65.21 2.16 42.51
N CYS E 182 -65.56 1.46 41.43
CA CYS E 182 -65.74 0.00 41.48
C CYS E 182 -64.43 -0.77 41.68
N ASN E 183 -64.46 -1.81 42.51
CA ASN E 183 -63.41 -2.83 42.47
C ASN E 183 -63.50 -3.59 41.15
N LEU E 184 -62.51 -4.43 40.85
CA LEU E 184 -62.44 -5.08 39.54
C LEU E 184 -63.66 -5.96 39.26
N ASN E 185 -64.04 -6.75 40.27
CA ASN E 185 -65.13 -7.71 40.13
C ASN E 185 -66.45 -7.00 39.82
N GLU E 186 -66.74 -5.93 40.56
CA GLU E 186 -67.89 -5.07 40.32
C GLU E 186 -67.89 -4.48 38.92
N LEU E 187 -66.74 -4.05 38.46
CA LEU E 187 -66.63 -3.44 37.14
C LEU E 187 -66.89 -4.43 36.00
N VAL E 188 -66.37 -5.65 36.12
CA VAL E 188 -66.57 -6.68 35.10
C VAL E 188 -68.05 -7.12 35.08
N LYS E 189 -68.62 -7.33 36.25
CA LYS E 189 -70.07 -7.61 36.43
C LYS E 189 -70.93 -6.56 35.68
N HIS E 190 -70.61 -5.28 35.86
CA HIS E 190 -71.28 -4.19 35.12
C HIS E 190 -71.14 -4.36 33.59
N GLY E 191 -69.95 -4.71 33.12
CA GLY E 191 -69.73 -5.03 31.71
C GLY E 191 -70.59 -6.16 31.21
N LEU E 192 -70.67 -7.22 31.99
CA LEU E 192 -71.48 -8.38 31.65
C LEU E 192 -73.00 -8.06 31.63
N ARG E 193 -73.48 -7.31 32.61
CA ARG E 193 -74.88 -6.94 32.63
C ARG E 193 -75.26 -6.06 31.45
N ALA E 194 -74.36 -5.14 31.07
CA ALA E 194 -74.57 -4.34 29.87
C ALA E 194 -74.66 -5.21 28.63
N LEU E 195 -73.72 -6.13 28.46
CA LEU E 195 -73.69 -7.02 27.29
C LEU E 195 -74.96 -7.90 27.26
N ARG E 196 -75.38 -8.39 28.41
CA ARG E 196 -76.56 -9.22 28.52
C ARG E 196 -77.86 -8.53 28.07
N GLU E 197 -77.93 -7.21 28.17
CA GLU E 197 -79.05 -6.43 27.64
C GLU E 197 -79.17 -6.54 26.11
N THR E 198 -78.09 -6.90 25.42
CA THR E 198 -78.13 -7.01 23.96
C THR E 198 -78.77 -8.31 23.49
N LEU E 199 -78.98 -9.29 24.40
CA LEU E 199 -79.45 -10.63 24.04
C LEU E 199 -80.96 -10.78 23.95
N PRO E 200 -81.42 -11.69 23.04
CA PRO E 200 -82.83 -12.08 23.07
C PRO E 200 -83.23 -12.63 24.44
N ALA E 201 -84.48 -12.39 24.84
CA ALA E 201 -84.98 -12.70 26.20
C ALA E 201 -84.77 -14.16 26.64
N GLU E 202 -84.82 -15.06 25.65
CA GLU E 202 -84.60 -16.50 25.91
C GLU E 202 -83.18 -16.73 26.46
N GLN E 203 -82.20 -16.08 25.83
CA GLN E 203 -80.83 -16.55 25.87
C GLN E 203 -80.00 -15.83 26.94
N ASP E 204 -78.94 -16.52 27.39
CA ASP E 204 -78.12 -16.04 28.49
C ASP E 204 -76.62 -16.05 28.19
N LEU E 205 -75.87 -15.38 29.04
CA LEU E 205 -74.41 -15.44 29.01
C LEU E 205 -73.94 -16.82 29.46
N THR E 206 -72.99 -17.39 28.73
CA THR E 206 -72.44 -18.70 29.08
C THR E 206 -70.95 -18.63 28.91
N THR E 207 -70.28 -19.66 29.38
CA THR E 207 -68.83 -19.78 29.20
C THR E 207 -68.44 -19.98 27.74
N LYS E 208 -69.37 -20.45 26.90
CA LYS E 208 -69.12 -20.62 25.46
C LYS E 208 -69.20 -19.31 24.66
N ASN E 209 -70.07 -18.38 25.07
CA ASN E 209 -70.27 -17.15 24.29
C ASN E 209 -69.69 -15.83 24.83
N VAL E 210 -69.07 -15.83 26.02
CA VAL E 210 -68.51 -14.60 26.62
C VAL E 210 -66.99 -14.66 26.59
N SER E 211 -66.37 -13.54 26.22
CA SER E 211 -64.93 -13.36 26.25
C SER E 211 -64.66 -12.06 27.02
N ILE E 212 -63.64 -12.08 27.87
CA ILE E 212 -63.29 -10.96 28.75
C ILE E 212 -61.80 -10.55 28.60
N GLY E 213 -61.54 -9.24 28.54
CA GLY E 213 -60.22 -8.66 28.57
C GLY E 213 -60.08 -7.61 29.65
N ILE E 214 -58.95 -7.63 30.37
CA ILE E 214 -58.73 -6.75 31.52
C ILE E 214 -57.27 -6.25 31.51
N VAL E 215 -57.10 -4.96 31.80
CA VAL E 215 -55.78 -4.38 32.03
C VAL E 215 -55.94 -3.34 33.13
N GLY E 216 -54.90 -3.16 33.94
CA GLY E 216 -54.90 -2.09 34.93
C GLY E 216 -53.53 -1.88 35.56
N LYS E 217 -53.52 -1.10 36.64
CA LYS E 217 -52.27 -0.70 37.33
C LYS E 217 -51.33 -1.88 37.63
N ASP E 218 -51.90 -2.94 38.18
CA ASP E 218 -51.14 -4.13 38.58
C ASP E 218 -51.28 -5.33 37.61
N LEU E 219 -51.84 -5.13 36.42
CA LEU E 219 -52.29 -6.24 35.58
C LEU E 219 -52.06 -5.96 34.10
N GLU E 220 -51.20 -6.76 33.47
CA GLU E 220 -51.00 -6.70 32.03
C GLU E 220 -52.26 -7.16 31.30
N PHE E 221 -52.42 -6.73 30.05
CA PHE E 221 -53.61 -7.10 29.31
C PHE E 221 -53.75 -8.63 29.22
N THR E 222 -54.86 -9.16 29.75
CA THR E 222 -55.11 -10.60 29.88
C THR E 222 -56.52 -10.91 29.29
N ILE E 223 -56.60 -12.00 28.52
CA ILE E 223 -57.83 -12.48 27.92
C ILE E 223 -58.35 -13.72 28.67
N TYR E 224 -59.64 -13.70 29.02
CA TYR E 224 -60.32 -14.82 29.69
C TYR E 224 -61.40 -15.41 28.79
N ASP E 225 -61.30 -16.72 28.50
CA ASP E 225 -62.22 -17.45 27.62
C ASP E 225 -62.59 -18.78 28.26
N ASP E 226 -63.72 -19.33 27.81
CA ASP E 226 -64.16 -20.69 28.13
C ASP E 226 -64.22 -20.90 29.63
N ASP E 227 -63.58 -21.92 30.18
CA ASP E 227 -63.66 -22.16 31.61
C ASP E 227 -63.14 -20.98 32.46
N ASP E 228 -62.21 -20.17 31.94
CA ASP E 228 -61.70 -19.00 32.70
C ASP E 228 -62.67 -17.81 32.90
N VAL E 229 -63.80 -17.78 32.19
CA VAL E 229 -64.79 -16.74 32.45
C VAL E 229 -65.76 -17.08 33.57
N SER E 230 -65.86 -18.36 33.96
CA SER E 230 -66.77 -18.82 35.02
C SER E 230 -66.72 -18.06 36.35
N PRO E 231 -65.52 -17.80 36.91
CA PRO E 231 -65.46 -16.94 38.11
C PRO E 231 -66.25 -15.62 37.99
N PHE E 232 -66.21 -14.99 36.83
CA PHE E 232 -66.90 -13.72 36.59
C PHE E 232 -68.41 -13.85 36.38
N LEU E 233 -68.85 -14.98 35.83
CA LEU E 233 -70.27 -15.20 35.56
C LEU E 233 -71.09 -15.67 36.75
N GLU E 234 -70.46 -16.42 37.63
CA GLU E 234 -71.09 -16.88 38.86
C GLU E 234 -71.13 -15.69 39.80
N GLY E 235 -72.21 -15.57 40.54
CA GLY E 235 -72.51 -14.31 41.21
C GLY E 235 -72.75 -13.22 40.19
N LEU E 236 -73.78 -13.41 39.35
CA LEU E 236 -74.53 -12.32 38.73
C LEU E 236 -75.84 -12.39 39.51
N GLU E 237 -75.70 -12.22 40.85
CA GLU E 237 -76.77 -12.48 41.84
C GLU E 237 -77.25 -11.17 42.49
N GLY F 7 -74.14 13.05 -15.55
CA GLY F 7 -74.14 14.09 -14.48
C GLY F 7 -72.77 14.76 -14.17
N TYR F 8 -72.83 16.06 -13.88
CA TYR F 8 -71.69 16.97 -13.83
C TYR F 8 -71.06 17.19 -12.44
N ASP F 9 -71.42 16.39 -11.46
CA ASP F 9 -71.09 16.64 -10.09
C ASP F 9 -70.42 15.47 -9.41
N LEU F 10 -69.79 14.59 -10.17
CA LEU F 10 -69.19 13.37 -9.61
C LEU F 10 -67.68 13.41 -9.40
N SER F 11 -67.00 14.37 -10.00
CA SER F 11 -65.55 14.45 -9.93
C SER F 11 -65.09 15.89 -9.76
N ALA F 12 -64.04 16.09 -8.97
CA ALA F 12 -63.42 17.40 -8.88
C ALA F 12 -62.62 17.79 -10.13
N SER F 13 -62.36 16.86 -11.04
CA SER F 13 -61.78 17.17 -12.35
C SER F 13 -62.79 17.50 -13.46
N THR F 14 -64.07 17.74 -13.11
CA THR F 14 -65.10 18.09 -14.10
C THR F 14 -65.78 19.39 -13.75
N PHE F 15 -65.71 20.37 -14.67
CA PHE F 15 -66.49 21.60 -14.53
C PHE F 15 -67.92 21.30 -14.99
N SER F 16 -68.91 21.92 -14.33
CA SER F 16 -70.24 21.95 -14.86
C SER F 16 -70.30 22.95 -16.00
N PRO F 17 -71.38 22.94 -16.82
CA PRO F 17 -71.53 23.92 -17.92
C PRO F 17 -71.51 25.40 -17.49
N ASP F 18 -71.78 25.70 -16.22
CA ASP F 18 -71.74 27.09 -15.71
C ASP F 18 -70.42 27.45 -15.02
N GLY F 19 -69.45 26.53 -15.06
CA GLY F 19 -68.14 26.77 -14.53
C GLY F 19 -68.02 26.53 -13.05
N ARG F 20 -68.81 25.62 -12.49
CA ARG F 20 -68.73 25.31 -11.07
C ARG F 20 -68.04 23.98 -10.90
N VAL F 21 -67.49 23.74 -9.72
CA VAL F 21 -66.94 22.45 -9.36
C VAL F 21 -67.76 21.92 -8.22
N PHE F 22 -68.81 21.13 -8.53
CA PHE F 22 -69.77 20.75 -7.52
C PHE F 22 -69.20 19.92 -6.40
N GLN F 23 -68.22 19.07 -6.69
CA GLN F 23 -67.63 18.28 -5.60
C GLN F 23 -67.03 19.18 -4.49
N VAL F 24 -66.46 20.32 -4.85
CA VAL F 24 -65.97 21.28 -3.86
C VAL F 24 -67.13 21.94 -3.09
N GLU F 25 -68.18 22.30 -3.80
CA GLU F 25 -69.42 22.80 -3.15
C GLU F 25 -70.03 21.79 -2.17
N TYR F 26 -69.97 20.48 -2.51
CA TYR F 26 -70.57 19.47 -1.65
C TYR F 26 -69.77 19.28 -0.39
N ALA F 27 -68.44 19.36 -0.53
CA ALA F 27 -67.54 19.33 0.59
C ALA F 27 -67.83 20.53 1.52
N MET F 28 -68.11 21.71 0.95
CA MET F 28 -68.51 22.88 1.74
C MET F 28 -69.79 22.65 2.53
N LYS F 29 -70.71 21.82 2.00
CA LYS F 29 -71.96 21.55 2.69
C LYS F 29 -71.68 20.72 3.93
N ALA F 30 -70.67 19.85 3.91
CA ALA F 30 -70.30 19.11 5.12
C ALA F 30 -69.84 20.04 6.28
N VAL F 31 -69.13 21.09 5.92
CA VAL F 31 -68.67 22.10 6.89
C VAL F 31 -69.91 22.83 7.39
N GLU F 32 -70.76 23.24 6.47
CA GLU F 32 -71.98 23.93 6.89
C GLU F 32 -73.03 23.14 7.69
N ASN F 33 -72.93 21.81 7.73
CA ASN F 33 -73.72 20.98 8.65
C ASN F 33 -73.14 20.84 10.07
N SER F 34 -71.91 21.26 10.24
CA SER F 34 -71.20 21.10 11.48
C SER F 34 -71.59 22.22 12.46
N SER F 35 -71.46 21.97 13.76
CA SER F 35 -71.67 23.02 14.75
C SER F 35 -70.59 24.14 14.64
N THR F 36 -70.82 25.25 15.29
CA THR F 36 -70.12 26.49 14.97
C THR F 36 -68.79 26.67 15.75
N ALA F 37 -67.78 27.15 15.04
CA ALA F 37 -66.52 27.56 15.63
C ALA F 37 -66.33 29.04 15.27
N ILE F 38 -65.79 29.82 16.20
CA ILE F 38 -65.47 31.22 15.93
C ILE F 38 -64.05 31.61 16.35
N GLY F 39 -63.50 32.59 15.66
CA GLY F 39 -62.25 33.22 16.07
C GLY F 39 -62.39 34.71 16.08
N ILE F 40 -61.70 35.35 17.02
CA ILE F 40 -61.72 36.79 17.10
C ILE F 40 -60.30 37.27 17.41
N ARG F 41 -59.82 38.17 16.58
CA ARG F 41 -58.56 38.86 16.78
C ARG F 41 -58.83 40.12 17.56
N CYS F 42 -57.96 40.44 18.51
CA CYS F 42 -58.11 41.65 19.28
C CYS F 42 -56.79 42.33 19.45
N LYS F 43 -56.73 43.23 20.41
CA LYS F 43 -55.62 44.16 20.55
C LYS F 43 -54.33 43.40 20.72
N ASP F 44 -54.34 42.32 21.50
CA ASP F 44 -53.14 41.64 21.99
C ASP F 44 -53.16 40.11 21.79
N GLY F 45 -53.96 39.63 20.85
CA GLY F 45 -54.07 38.15 20.60
C GLY F 45 -55.29 37.70 19.82
N VAL F 46 -55.45 36.37 19.80
CA VAL F 46 -56.53 35.70 19.14
C VAL F 46 -57.16 34.67 20.10
N VAL F 47 -58.50 34.62 20.08
CA VAL F 47 -59.27 33.73 20.91
C VAL F 47 -60.16 32.88 20.00
N PHE F 48 -60.20 31.58 20.28
CA PHE F 48 -61.06 30.63 19.58
C PHE F 48 -62.09 30.06 20.53
N GLY F 49 -63.27 29.82 19.98
CA GLY F 49 -64.38 29.13 20.69
C GLY F 49 -65.07 28.14 19.79
N VAL F 50 -65.43 26.98 20.34
CA VAL F 50 -66.19 25.98 19.60
C VAL F 50 -67.35 25.48 20.41
N GLU F 51 -68.49 25.44 19.73
CA GLU F 51 -69.70 24.77 20.19
C GLU F 51 -69.53 23.29 19.92
N LYS F 52 -69.22 22.51 20.93
CA LYS F 52 -68.87 21.11 20.67
C LYS F 52 -70.05 20.25 21.08
N LEU F 53 -70.76 19.71 20.08
CA LEU F 53 -71.97 18.95 20.37
C LEU F 53 -71.57 17.63 21.03
N VAL F 54 -72.22 17.28 22.11
CA VAL F 54 -71.93 16.04 22.83
C VAL F 54 -73.04 15.06 22.40
N LEU F 55 -72.65 14.07 21.60
CA LEU F 55 -73.58 13.17 20.97
C LEU F 55 -73.90 11.99 21.84
N SER F 56 -73.11 11.76 22.88
CA SER F 56 -73.40 10.75 23.89
C SER F 56 -72.83 11.18 25.23
N LYS F 57 -73.61 10.97 26.27
CA LYS F 57 -73.12 11.17 27.63
C LYS F 57 -72.00 10.18 28.04
N LEU F 58 -71.81 9.11 27.27
CA LEU F 58 -70.76 8.13 27.54
C LEU F 58 -69.35 8.64 27.21
N TYR F 59 -69.25 9.70 26.43
CA TYR F 59 -67.96 10.30 26.09
C TYR F 59 -67.33 11.10 27.22
N GLU F 60 -66.00 11.07 27.27
CA GLU F 60 -65.23 11.87 28.22
C GLU F 60 -65.31 13.34 27.85
N GLU F 61 -65.38 14.19 28.85
CA GLU F 61 -65.06 15.62 28.66
C GLU F 61 -63.71 15.75 27.95
N GLY F 62 -63.62 16.55 26.88
CA GLY F 62 -62.39 16.62 26.08
C GLY F 62 -62.40 15.78 24.81
N SER F 63 -63.19 14.71 24.75
CA SER F 63 -63.22 13.89 23.53
C SER F 63 -63.53 14.71 22.26
N ASN F 64 -62.96 14.29 21.15
CA ASN F 64 -63.18 14.95 19.86
C ASN F 64 -62.95 16.44 19.93
N LYS F 65 -61.79 16.85 20.49
CA LYS F 65 -61.34 18.25 20.40
C LYS F 65 -61.41 18.78 18.99
N ARG F 66 -61.82 20.03 18.85
CA ARG F 66 -61.84 20.74 17.59
C ARG F 66 -60.83 21.91 17.58
N LEU F 67 -60.01 21.99 18.64
CA LEU F 67 -58.95 22.96 18.77
C LEU F 67 -57.62 22.21 18.90
N PHE F 68 -56.64 22.61 18.09
CA PHE F 68 -55.33 21.93 17.99
C PHE F 68 -54.21 22.93 18.13
N ASN F 69 -53.10 22.49 18.68
CA ASN F 69 -51.82 23.24 18.54
C ASN F 69 -51.10 22.69 17.29
N VAL F 70 -50.87 23.55 16.31
CA VAL F 70 -50.13 23.14 15.14
C VAL F 70 -48.65 23.57 15.16
N ASP F 71 -48.34 24.60 15.93
CA ASP F 71 -46.96 24.91 16.32
C ASP F 71 -47.05 25.54 17.69
N ARG F 72 -45.93 25.82 18.31
CA ARG F 72 -46.02 26.38 19.67
C ARG F 72 -46.73 27.75 19.70
N HIS F 73 -46.63 28.48 18.60
CA HIS F 73 -47.23 29.80 18.45
C HIS F 73 -48.54 29.83 17.61
N VAL F 74 -49.04 28.68 17.18
CA VAL F 74 -50.16 28.61 16.23
C VAL F 74 -51.21 27.64 16.70
N GLY F 75 -52.42 28.19 16.83
CA GLY F 75 -53.60 27.37 17.08
C GLY F 75 -54.44 27.14 15.83
N MET F 76 -55.19 26.05 15.83
CA MET F 76 -56.09 25.73 14.74
C MET F 76 -57.45 25.33 15.28
N ALA F 77 -58.49 25.92 14.70
CA ALA F 77 -59.89 25.62 15.05
C ALA F 77 -60.65 25.15 13.80
N VAL F 78 -61.40 24.05 13.93
CA VAL F 78 -61.94 23.33 12.78
C VAL F 78 -63.46 23.18 12.81
N ALA F 79 -64.04 23.03 11.63
CA ALA F 79 -65.43 22.57 11.46
C ALA F 79 -65.52 21.66 10.25
N GLY F 80 -66.40 20.66 10.31
CA GLY F 80 -66.62 19.76 9.20
C GLY F 80 -66.27 18.36 9.62
N LEU F 81 -65.82 17.57 8.68
CA LEU F 81 -65.57 16.14 8.94
C LEU F 81 -64.28 16.02 9.75
N LEU F 82 -64.38 15.49 10.94
CA LEU F 82 -63.31 15.64 11.91
C LEU F 82 -62.00 14.85 11.51
N ALA F 83 -62.12 13.65 10.98
CA ALA F 83 -60.97 12.91 10.44
C ALA F 83 -60.23 13.68 9.34
N ASP F 84 -60.96 14.36 8.46
CA ASP F 84 -60.30 15.26 7.50
C ASP F 84 -59.55 16.42 8.22
N ALA F 85 -60.18 17.03 9.21
CA ALA F 85 -59.58 18.14 9.93
C ALA F 85 -58.27 17.72 10.65
N ARG F 86 -58.30 16.54 11.27
CA ARG F 86 -57.10 16.04 11.95
C ARG F 86 -55.94 15.78 10.98
N SER F 87 -56.27 15.33 9.79
CA SER F 87 -55.30 15.12 8.75
C SER F 87 -54.65 16.43 8.31
N LEU F 88 -55.46 17.45 8.22
CA LEU F 88 -54.97 18.80 7.94
C LEU F 88 -54.14 19.39 9.06
N ALA F 89 -54.50 19.16 10.31
CA ALA F 89 -53.70 19.56 11.42
C ALA F 89 -52.29 18.90 11.36
N ASP F 90 -52.23 17.62 11.01
CA ASP F 90 -50.97 16.97 10.80
C ASP F 90 -50.15 17.56 9.63
N ILE F 91 -50.80 17.90 8.54
CA ILE F 91 -50.15 18.61 7.46
C ILE F 91 -49.61 19.97 7.92
N ALA F 92 -50.41 20.71 8.65
CA ALA F 92 -49.98 22.02 9.19
C ALA F 92 -48.78 21.85 10.11
N ARG F 93 -48.78 20.82 10.96
CA ARG F 93 -47.68 20.57 11.87
C ARG F 93 -46.37 20.23 11.15
N GLU F 94 -46.48 19.36 10.13
CA GLU F 94 -45.33 18.98 9.32
C GLU F 94 -44.78 20.23 8.57
N GLU F 95 -45.65 21.06 8.06
CA GLU F 95 -45.23 22.26 7.37
C GLU F 95 -44.47 23.25 8.30
N ALA F 96 -44.96 23.40 9.52
CA ALA F 96 -44.30 24.25 10.50
C ALA F 96 -42.93 23.71 10.91
N SER F 97 -42.89 22.41 11.17
CA SER F 97 -41.67 21.70 11.52
C SER F 97 -40.60 21.80 10.42
N ASN F 98 -40.98 21.52 9.18
CA ASN F 98 -40.09 21.58 8.02
C ASN F 98 -39.56 22.97 7.75
N PHE F 99 -40.43 23.97 7.96
CA PHE F 99 -40.01 25.35 7.84
C PHE F 99 -38.90 25.69 8.87
N ARG F 100 -39.10 25.35 10.13
CA ARG F 100 -38.10 25.56 11.14
C ARG F 100 -36.75 24.84 10.84
N SER F 101 -36.83 23.59 10.40
CA SER F 101 -35.61 22.88 10.01
C SER F 101 -34.84 23.53 8.85
N ASN F 102 -35.55 24.03 7.86
CA ASN F 102 -34.96 24.55 6.61
C ASN F 102 -34.49 25.97 6.72
N PHE F 103 -35.31 26.83 7.33
CA PHE F 103 -35.03 28.27 7.45
C PHE F 103 -34.56 28.73 8.80
N GLY F 104 -34.77 27.94 9.84
CA GLY F 104 -34.20 28.24 11.17
C GLY F 104 -34.96 29.18 12.07
N TYR F 105 -36.26 29.38 11.85
CA TYR F 105 -37.08 30.25 12.72
C TYR F 105 -38.58 29.84 12.60
N ASN F 106 -39.41 30.33 13.50
CA ASN F 106 -40.84 29.99 13.51
C ASN F 106 -41.59 30.46 12.28
N ILE F 107 -42.38 29.58 11.67
CA ILE F 107 -43.08 29.92 10.47
C ILE F 107 -44.04 31.13 10.72
N PRO F 108 -43.98 32.15 9.85
CA PRO F 108 -44.95 33.25 9.94
C PRO F 108 -46.34 32.71 9.62
N LEU F 109 -47.35 33.22 10.29
CA LEU F 109 -48.70 32.65 10.17
C LEU F 109 -49.23 32.67 8.76
N LYS F 110 -49.08 33.81 8.11
CA LYS F 110 -49.54 33.97 6.75
C LYS F 110 -48.94 32.95 5.79
N HIS F 111 -47.64 32.68 5.94
CA HIS F 111 -46.98 31.70 5.10
C HIS F 111 -47.51 30.29 5.40
N LEU F 112 -47.73 29.97 6.68
CA LEU F 112 -48.28 28.69 7.03
C LEU F 112 -49.69 28.52 6.43
N ALA F 113 -50.51 29.54 6.61
CA ALA F 113 -51.86 29.55 6.01
C ALA F 113 -51.77 29.30 4.49
N ASP F 114 -50.91 30.01 3.78
CA ASP F 114 -50.80 29.88 2.34
C ASP F 114 -50.34 28.46 1.96
N ARG F 115 -49.42 27.86 2.72
CA ARG F 115 -48.88 26.55 2.34
C ARG F 115 -49.91 25.45 2.55
N VAL F 116 -50.60 25.50 3.67
CA VAL F 116 -51.64 24.49 3.89
C VAL F 116 -52.79 24.71 2.87
N ALA F 117 -53.14 25.97 2.56
CA ALA F 117 -54.22 26.26 1.60
C ALA F 117 -53.90 25.68 0.21
N MET F 118 -52.63 25.72 -0.18
CA MET F 118 -52.23 25.09 -1.44
C MET F 118 -52.34 23.57 -1.41
N TYR F 119 -52.08 22.96 -0.26
CA TYR F 119 -52.31 21.52 -0.10
C TYR F 119 -53.81 21.18 -0.23
N VAL F 120 -54.68 21.97 0.44
CA VAL F 120 -56.15 21.81 0.31
C VAL F 120 -56.53 21.95 -1.16
N HIS F 121 -55.99 22.97 -1.82
CA HIS F 121 -56.30 23.27 -3.20
C HIS F 121 -55.96 22.13 -4.15
N ALA F 122 -54.86 21.43 -3.87
CA ALA F 122 -54.43 20.29 -4.68
C ALA F 122 -55.45 19.16 -4.70
N TYR F 123 -56.31 19.09 -3.70
CA TYR F 123 -57.38 18.07 -3.65
C TYR F 123 -58.71 18.47 -4.33
N THR F 124 -58.70 19.54 -5.12
CA THR F 124 -59.84 20.08 -5.83
C THR F 124 -59.72 20.03 -7.36
N LEU F 125 -58.70 19.35 -7.87
CA LEU F 125 -58.37 19.29 -9.30
C LEU F 125 -58.58 17.92 -10.02
N TYR F 126 -58.74 16.83 -9.26
CA TYR F 126 -58.49 15.47 -9.74
C TYR F 126 -59.63 14.48 -9.47
N SER F 127 -59.87 13.56 -10.40
CA SER F 127 -60.75 12.41 -10.10
C SER F 127 -60.11 11.44 -9.12
N ALA F 128 -58.75 11.50 -8.97
CA ALA F 128 -58.06 10.54 -8.13
C ALA F 128 -58.28 10.75 -6.62
N VAL F 129 -58.67 11.96 -6.21
CA VAL F 129 -58.86 12.25 -4.81
C VAL F 129 -60.10 13.13 -4.63
N ARG F 130 -60.60 13.22 -3.41
CA ARG F 130 -61.68 14.14 -3.11
C ARG F 130 -61.29 15.33 -2.26
N PRO F 131 -62.05 16.43 -2.39
CA PRO F 131 -61.80 17.59 -1.55
C PRO F 131 -62.01 17.30 -0.07
N PHE F 132 -61.21 17.98 0.75
CA PHE F 132 -61.38 17.97 2.22
C PHE F 132 -62.75 18.53 2.63
N GLY F 133 -63.45 17.84 3.51
CA GLY F 133 -64.71 18.31 4.06
C GLY F 133 -64.53 19.12 5.34
N CYS F 134 -63.68 20.13 5.31
CA CYS F 134 -63.42 20.92 6.50
CA CYS F 134 -63.34 20.91 6.49
C CYS F 134 -62.96 22.33 6.15
N SER F 135 -63.28 23.25 7.06
CA SER F 135 -62.79 24.60 7.07
C SER F 135 -62.06 24.73 8.41
N PHE F 136 -61.04 25.58 8.43
CA PHE F 136 -60.29 25.78 9.65
C PHE F 136 -59.74 27.21 9.74
N MET F 137 -59.57 27.64 10.99
CA MET F 137 -58.98 28.91 11.28
C MET F 137 -57.59 28.65 11.89
N LEU F 138 -56.65 29.55 11.59
CA LEU F 138 -55.29 29.53 12.20
C LEU F 138 -55.08 30.87 12.93
N GLY F 139 -54.59 30.84 14.15
CA GLY F 139 -54.39 32.01 14.94
C GLY F 139 -53.00 32.05 15.54
N SER F 140 -52.39 33.23 15.54
CA SER F 140 -51.14 33.44 16.27
CA SER F 140 -51.15 33.45 16.26
C SER F 140 -50.96 34.87 16.76
N TYR F 141 -49.93 35.01 17.61
CA TYR F 141 -49.48 36.28 18.10
C TYR F 141 -47.94 36.28 18.29
N SER F 142 -47.31 37.40 17.96
CA SER F 142 -45.93 37.67 18.31
C SER F 142 -45.77 39.16 18.39
N VAL F 143 -44.72 39.62 19.07
CA VAL F 143 -44.47 41.06 19.18
C VAL F 143 -44.21 41.64 17.79
N ASN F 144 -43.39 41.01 16.96
CA ASN F 144 -43.14 41.53 15.59
C ASN F 144 -44.32 41.55 14.60
N ASP F 145 -45.13 40.50 14.58
CA ASP F 145 -46.21 40.37 13.62
C ASP F 145 -47.58 40.79 14.15
N GLY F 146 -47.71 40.97 15.46
CA GLY F 146 -49.00 41.22 16.10
C GLY F 146 -49.92 39.99 16.06
N ALA F 147 -51.20 40.24 16.20
CA ALA F 147 -52.20 39.19 16.22
C ALA F 147 -52.59 38.89 14.79
N GLN F 148 -52.70 37.61 14.44
CA GLN F 148 -53.19 37.23 13.13
C GLN F 148 -54.15 36.06 13.18
N LEU F 149 -55.20 36.15 12.36
CA LEU F 149 -56.29 35.16 12.27
C LEU F 149 -56.60 34.93 10.78
N TYR F 150 -56.43 33.70 10.30
CA TYR F 150 -56.67 33.32 8.91
C TYR F 150 -57.72 32.22 8.89
N MET F 151 -58.44 32.13 7.80
CA MET F 151 -59.42 31.03 7.62
C MET F 151 -59.27 30.49 6.23
N ILE F 152 -59.34 29.18 6.17
CA ILE F 152 -59.14 28.40 4.95
C ILE F 152 -60.37 27.45 4.79
N ASP F 153 -60.92 27.43 3.57
CA ASP F 153 -62.10 26.62 3.25
C ASP F 153 -61.73 25.45 2.28
N PRO F 154 -62.67 24.52 1.99
CA PRO F 154 -62.35 23.39 1.16
C PRO F 154 -61.85 23.70 -0.26
N SER F 155 -62.12 24.87 -0.82
CA SER F 155 -61.56 25.21 -2.11
C SER F 155 -60.07 25.57 -2.06
N GLY F 156 -59.53 25.83 -0.86
CA GLY F 156 -58.17 26.28 -0.68
C GLY F 156 -58.03 27.80 -0.65
N VAL F 157 -59.14 28.52 -0.56
CA VAL F 157 -59.05 30.01 -0.38
C VAL F 157 -58.66 30.31 1.09
N SER F 158 -57.81 31.32 1.25
CA SER F 158 -57.25 31.72 2.49
C SER F 158 -57.29 33.25 2.59
N TYR F 159 -57.88 33.78 3.65
CA TYR F 159 -57.90 35.21 3.89
C TYR F 159 -57.63 35.45 5.37
N GLY F 160 -57.23 36.68 5.66
CA GLY F 160 -57.14 37.16 7.04
C GLY F 160 -58.38 37.93 7.52
N TYR F 161 -58.64 37.88 8.83
CA TYR F 161 -59.88 38.32 9.47
C TYR F 161 -59.65 39.04 10.82
N TRP F 162 -60.57 39.94 11.13
CA TRP F 162 -60.77 40.45 12.47
C TRP F 162 -61.62 39.52 13.30
N GLY F 163 -62.59 38.91 12.64
CA GLY F 163 -63.51 37.97 13.27
C GLY F 163 -64.00 36.97 12.22
N CYS F 164 -64.27 35.76 12.65
CA CYS F 164 -64.55 34.71 11.73
C CYS F 164 -65.40 33.64 12.39
N ALA F 165 -66.29 33.06 11.59
CA ALA F 165 -67.11 31.95 12.02
C ALA F 165 -67.34 30.97 10.90
N ILE F 166 -67.35 29.70 11.26
CA ILE F 166 -67.54 28.60 10.35
C ILE F 166 -68.51 27.61 11.00
N GLY F 167 -69.24 26.90 10.16
CA GLY F 167 -70.21 25.92 10.59
C GLY F 167 -71.59 26.48 10.38
N LYS F 168 -72.54 25.84 11.01
CA LYS F 168 -73.94 26.00 10.63
C LYS F 168 -74.62 27.28 11.08
N ALA F 169 -74.14 27.94 12.14
CA ALA F 169 -74.74 29.21 12.56
C ALA F 169 -73.75 30.39 12.29
N ARG F 170 -73.07 30.27 11.17
CA ARG F 170 -72.01 31.15 10.75
CA ARG F 170 -72.01 31.15 10.75
C ARG F 170 -72.49 32.60 10.67
N GLN F 171 -73.60 32.79 9.97
CA GLN F 171 -74.14 34.13 9.75
C GLN F 171 -74.64 34.75 11.04
N ALA F 172 -75.41 34.00 11.83
CA ALA F 172 -75.80 34.50 13.15
C ALA F 172 -74.57 34.86 14.01
N ALA F 173 -73.51 34.05 13.96
CA ALA F 173 -72.29 34.37 14.75
C ALA F 173 -71.63 35.69 14.28
N LYS F 174 -71.49 35.84 12.96
CA LYS F 174 -70.87 37.03 12.37
C LYS F 174 -71.58 38.32 12.74
N THR F 175 -72.90 38.28 12.73
CA THR F 175 -73.67 39.47 13.13
C THR F 175 -73.43 39.86 14.61
N GLU F 176 -73.28 38.88 15.52
CA GLU F 176 -72.90 39.19 16.90
C GLU F 176 -71.43 39.70 16.98
N ILE F 177 -70.52 39.09 16.20
CA ILE F 177 -69.10 39.47 16.23
C ILE F 177 -68.94 40.94 15.78
N GLU F 178 -69.69 41.33 14.75
CA GLU F 178 -69.74 42.73 14.27
C GLU F 178 -70.10 43.80 15.29
N LYS F 179 -70.75 43.41 16.39
CA LYS F 179 -71.06 44.34 17.46
C LYS F 179 -69.92 44.69 18.38
N LEU F 180 -68.83 43.92 18.35
CA LEU F 180 -67.69 44.16 19.23
C LEU F 180 -66.73 45.12 18.57
N GLN F 181 -66.16 46.04 19.34
CA GLN F 181 -65.00 46.82 18.90
C GLN F 181 -63.75 46.02 19.25
N MET F 182 -63.49 44.93 18.53
CA MET F 182 -62.43 44.01 18.94
C MET F 182 -61.00 44.59 18.88
N LYS F 183 -60.74 45.57 18.01
CA LYS F 183 -59.42 46.24 17.86
C LYS F 183 -58.88 46.83 19.15
N GLU F 184 -59.78 47.22 20.05
CA GLU F 184 -59.43 47.84 21.30
C GLU F 184 -59.64 46.96 22.54
N MET F 185 -60.01 45.69 22.37
CA MET F 185 -60.26 44.82 23.53
C MET F 185 -59.08 43.88 23.71
N THR F 186 -58.93 43.36 24.93
CA THR F 186 -57.92 42.38 25.28
C THR F 186 -58.49 40.97 25.21
N CYS F 187 -57.59 39.98 25.10
CA CYS F 187 -57.97 38.58 25.11
C CYS F 187 -58.83 38.18 26.32
N ARG F 188 -58.49 38.69 27.49
CA ARG F 188 -59.29 38.41 28.71
C ARG F 188 -60.76 38.89 28.62
N ASP F 189 -60.99 40.01 27.93
CA ASP F 189 -62.32 40.57 27.68
C ASP F 189 -63.06 39.74 26.61
N ILE F 190 -62.32 39.42 25.54
CA ILE F 190 -62.88 38.73 24.38
C ILE F 190 -63.35 37.28 24.68
N VAL F 191 -62.65 36.53 25.55
CA VAL F 191 -63.09 35.16 25.90
C VAL F 191 -64.56 35.14 26.37
N LYS F 192 -64.92 36.10 27.19
CA LYS F 192 -66.30 36.20 27.70
C LYS F 192 -67.29 36.43 26.56
N GLU F 193 -66.93 37.28 25.62
CA GLU F 193 -67.72 37.58 24.44
C GLU F 193 -67.81 36.42 23.43
N VAL F 194 -66.73 35.66 23.29
CA VAL F 194 -66.72 34.40 22.52
C VAL F 194 -67.74 33.41 23.14
N ALA F 195 -67.68 33.23 24.46
CA ALA F 195 -68.61 32.32 25.12
C ALA F 195 -70.03 32.79 24.95
N LYS F 196 -70.23 34.08 25.11
CA LYS F 196 -71.56 34.69 24.93
C LYS F 196 -72.15 34.38 23.56
N ILE F 197 -71.36 34.61 22.51
CA ILE F 197 -71.79 34.40 21.13
C ILE F 197 -72.13 32.93 20.80
N ILE F 198 -71.31 31.99 21.29
CA ILE F 198 -71.61 30.58 21.15
C ILE F 198 -72.99 30.21 21.77
N TYR F 199 -73.26 30.70 22.97
CA TYR F 199 -74.56 30.50 23.61
C TYR F 199 -75.71 31.10 22.87
N ILE F 200 -75.48 32.26 22.26
CA ILE F 200 -76.53 32.93 21.46
C ILE F 200 -76.90 32.08 20.25
N VAL F 201 -75.94 31.64 19.48
CA VAL F 201 -76.20 30.90 18.22
C VAL F 201 -76.51 29.39 18.37
N HIS F 202 -76.20 28.81 19.52
CA HIS F 202 -76.60 27.46 19.90
C HIS F 202 -78.11 27.33 19.89
N ASP F 203 -78.60 26.33 19.19
CA ASP F 203 -80.05 26.04 19.10
C ASP F 203 -80.40 25.00 20.18
N GLU F 204 -80.77 25.49 21.37
CA GLU F 204 -80.93 24.61 22.55
C GLU F 204 -82.10 23.61 22.41
N VAL F 205 -83.09 23.93 21.57
CA VAL F 205 -84.17 22.99 21.25
C VAL F 205 -83.61 21.84 20.40
N LYS F 206 -82.99 22.14 19.26
CA LYS F 206 -82.64 21.08 18.30
C LYS F 206 -81.49 20.17 18.68
N ASP F 207 -80.40 20.70 19.26
CA ASP F 207 -79.29 19.85 19.76
C ASP F 207 -79.02 20.13 21.25
N LYS F 208 -79.10 19.07 22.06
CA LYS F 208 -79.48 19.22 23.47
C LYS F 208 -78.34 19.66 24.37
N ALA F 209 -77.15 19.16 24.07
CA ALA F 209 -76.01 19.22 24.99
C ALA F 209 -74.80 19.60 24.21
N PHE F 210 -74.05 20.58 24.75
CA PHE F 210 -72.75 20.91 24.23
C PHE F 210 -71.70 21.27 25.31
N GLU F 211 -70.44 21.14 24.95
CA GLU F 211 -69.30 21.63 25.72
C GLU F 211 -68.76 22.87 24.99
N LEU F 212 -68.41 23.89 25.72
CA LEU F 212 -67.69 24.99 25.14
C LEU F 212 -66.17 24.69 25.19
N GLU F 213 -65.51 24.81 24.05
CA GLU F 213 -64.09 24.63 23.98
C GLU F 213 -63.49 26.03 23.73
N LEU F 214 -62.48 26.42 24.51
CA LEU F 214 -61.81 27.72 24.34
C LEU F 214 -60.28 27.60 24.30
N SER F 215 -59.66 28.36 23.42
CA SER F 215 -58.23 28.50 23.38
C SER F 215 -57.83 29.91 22.99
N TRP F 216 -56.58 30.25 23.27
CA TRP F 216 -56.08 31.55 22.97
C TRP F 216 -54.57 31.59 22.75
N VAL F 217 -54.15 32.65 22.07
CA VAL F 217 -52.75 32.95 21.89
C VAL F 217 -52.60 34.45 21.90
N GLY F 218 -51.70 34.97 22.72
CA GLY F 218 -51.55 36.39 22.81
C GLY F 218 -50.44 36.85 23.74
N GLU F 219 -50.36 38.17 23.94
CA GLU F 219 -49.37 38.74 24.87
C GLU F 219 -49.43 38.01 26.21
N LEU F 220 -50.63 37.73 26.69
CA LEU F 220 -50.83 37.09 27.98
C LEU F 220 -50.37 35.62 28.07
N THR F 221 -50.16 34.95 26.94
CA THR F 221 -49.59 33.59 26.93
C THR F 221 -48.13 33.57 26.41
N ASN F 222 -47.58 34.76 26.24
CA ASN F 222 -46.27 34.97 25.63
C ASN F 222 -46.14 34.41 24.23
N GLY F 223 -47.21 34.53 23.45
CA GLY F 223 -47.16 34.02 22.09
C GLY F 223 -47.23 32.51 21.95
N ARG F 224 -47.57 31.79 23.00
CA ARG F 224 -47.87 30.35 22.94
C ARG F 224 -49.42 30.10 22.84
N HIS F 225 -49.83 29.24 21.90
CA HIS F 225 -51.25 28.84 21.78
C HIS F 225 -51.53 27.82 22.85
N GLU F 226 -52.57 28.06 23.64
CA GLU F 226 -52.86 27.35 24.89
C GLU F 226 -54.39 27.26 25.06
N ILE F 227 -54.85 26.21 25.72
CA ILE F 227 -56.20 26.11 26.19
C ILE F 227 -56.48 27.24 27.17
N VAL F 228 -57.67 27.79 27.15
CA VAL F 228 -58.02 28.78 28.18
C VAL F 228 -58.07 28.01 29.48
N PRO F 229 -57.47 28.54 30.57
CA PRO F 229 -57.60 27.83 31.85
C PRO F 229 -59.06 27.60 32.31
N LYS F 230 -59.26 26.48 33.01
CA LYS F 230 -60.57 25.99 33.43
C LYS F 230 -61.40 27.03 34.17
N ASP F 231 -60.81 27.71 35.14
CA ASP F 231 -61.53 28.69 35.92
C ASP F 231 -62.02 29.90 35.08
N ILE F 232 -61.16 30.39 34.21
CA ILE F 232 -61.56 31.43 33.27
C ILE F 232 -62.66 30.94 32.30
N ARG F 233 -62.57 29.69 31.80
CA ARG F 233 -63.65 29.14 30.94
CA ARG F 233 -63.62 29.11 30.93
C ARG F 233 -64.97 29.13 31.68
N GLU F 234 -64.97 28.67 32.93
CA GLU F 234 -66.21 28.53 33.70
C GLU F 234 -66.83 29.87 33.98
N GLU F 235 -65.99 30.85 34.25
CA GLU F 235 -66.49 32.22 34.42
C GLU F 235 -67.09 32.78 33.11
N ALA F 236 -66.43 32.52 31.98
CA ALA F 236 -66.97 32.94 30.70
C ALA F 236 -68.33 32.27 30.43
N GLU F 237 -68.46 30.97 30.68
CA GLU F 237 -69.73 30.25 30.51
C GLU F 237 -70.82 30.85 31.40
N LYS F 238 -70.48 31.03 32.67
CA LYS F 238 -71.41 31.63 33.61
C LYS F 238 -71.89 33.01 33.15
N TYR F 239 -70.97 33.87 32.71
CA TYR F 239 -71.30 35.15 32.06
C TYR F 239 -72.21 35.03 30.81
N ALA F 240 -71.88 34.10 29.92
CA ALA F 240 -72.67 33.82 28.70
C ALA F 240 -74.12 33.36 29.02
N LYS F 241 -74.25 32.49 30.01
CA LYS F 241 -75.52 31.88 30.39
C LYS F 241 -76.43 32.93 31.01
N GLU F 242 -75.88 33.72 31.93
CA GLU F 242 -76.64 34.76 32.59
C GLU F 242 -76.99 35.90 31.66
N SER F 243 -76.11 36.22 30.73
CA SER F 243 -76.39 37.18 29.66
C SER F 243 -77.53 36.75 28.74
N LEU F 244 -77.70 35.43 28.55
CA LEU F 244 -78.83 34.86 27.80
C LEU F 244 -80.21 35.05 28.48
N LYS F 245 -80.32 34.81 29.80
CA LYS F 245 -81.46 35.33 30.63
C LYS F 245 -82.83 35.32 29.93
N SER G 2 -73.64 18.50 -35.80
CA SER G 2 -72.93 19.77 -35.46
C SER G 2 -73.89 20.89 -35.05
N ARG G 3 -73.32 21.98 -34.51
CA ARG G 3 -73.99 23.09 -33.78
C ARG G 3 -74.42 22.62 -32.39
N GLY G 4 -73.46 22.64 -31.47
CA GLY G 4 -73.66 22.19 -30.10
C GLY G 4 -73.84 20.69 -29.89
N SER G 5 -73.41 19.87 -30.86
CA SER G 5 -73.55 18.41 -30.73
C SER G 5 -72.58 17.82 -29.70
N SER G 6 -72.93 16.65 -29.18
CA SER G 6 -72.19 15.98 -28.13
C SER G 6 -72.22 14.48 -28.33
N ALA G 7 -71.08 13.82 -28.12
CA ALA G 7 -70.98 12.36 -28.07
C ALA G 7 -70.13 11.90 -26.86
N GLY G 8 -70.56 10.80 -26.27
CA GLY G 8 -69.77 10.12 -25.26
C GLY G 8 -69.50 11.02 -24.09
N PHE G 9 -68.25 11.07 -23.64
CA PHE G 9 -67.88 11.84 -22.46
C PHE G 9 -67.33 13.24 -22.75
N ASP G 10 -67.63 13.80 -23.93
CA ASP G 10 -67.09 15.08 -24.35
C ASP G 10 -67.54 16.34 -23.58
N ARG G 11 -68.49 16.23 -22.65
CA ARG G 11 -68.77 17.33 -21.74
C ARG G 11 -68.20 17.16 -20.34
N HIS G 12 -67.64 15.99 -20.06
CA HIS G 12 -67.08 15.65 -18.76
C HIS G 12 -65.54 15.73 -18.71
N ILE G 13 -64.87 15.37 -19.80
CA ILE G 13 -63.39 15.40 -19.89
C ILE G 13 -62.97 16.07 -21.15
N THR G 14 -61.69 16.39 -21.25
CA THR G 14 -61.13 17.10 -22.38
C THR G 14 -60.85 16.20 -23.58
N ILE G 15 -61.92 15.65 -24.17
CA ILE G 15 -61.86 15.02 -25.49
C ILE G 15 -62.66 15.91 -26.44
N PHE G 16 -62.45 15.70 -27.75
CA PHE G 16 -63.08 16.52 -28.78
C PHE G 16 -64.55 16.18 -28.88
N SER G 17 -65.39 17.20 -29.00
CA SER G 17 -66.79 17.05 -29.45
C SER G 17 -66.80 16.87 -30.96
N PRO G 18 -67.97 16.52 -31.56
CA PRO G 18 -68.00 16.29 -33.00
C PRO G 18 -67.59 17.51 -33.86
N GLU G 19 -67.80 18.71 -33.31
CA GLU G 19 -67.39 19.94 -34.00
C GLU G 19 -65.92 20.26 -33.79
N GLY G 20 -65.22 19.47 -32.97
CA GLY G 20 -63.84 19.77 -32.64
C GLY G 20 -63.68 20.74 -31.51
N ARG G 21 -64.69 20.87 -30.65
CA ARG G 21 -64.60 21.71 -29.46
C ARG G 21 -64.12 20.93 -28.22
N LEU G 22 -63.62 21.66 -27.23
CA LEU G 22 -63.33 21.16 -25.91
C LEU G 22 -64.27 21.85 -24.89
N TYR G 23 -65.43 21.25 -24.64
CA TYR G 23 -66.40 21.83 -23.72
C TYR G 23 -65.83 22.13 -22.32
N GLN G 24 -64.99 21.23 -21.78
CA GLN G 24 -64.44 21.42 -20.44
C GLN G 24 -63.55 22.68 -20.37
N VAL G 25 -62.87 22.98 -21.48
CA VAL G 25 -62.10 24.22 -21.60
C VAL G 25 -63.02 25.45 -21.68
N GLU G 26 -64.05 25.36 -22.52
CA GLU G 26 -65.08 26.38 -22.55
C GLU G 26 -65.64 26.63 -21.16
N TYR G 27 -65.92 25.59 -20.42
CA TYR G 27 -66.52 25.76 -19.08
C TYR G 27 -65.55 26.42 -18.06
N ALA G 28 -64.25 26.23 -18.24
CA ALA G 28 -63.24 26.89 -17.41
C ALA G 28 -63.29 28.39 -17.62
N PHE G 29 -63.62 28.85 -18.83
CA PHE G 29 -63.83 30.29 -19.04
C PHE G 29 -65.03 30.87 -18.30
N LYS G 30 -66.10 30.10 -18.21
CA LYS G 30 -67.28 30.50 -17.40
C LYS G 30 -66.88 30.59 -15.92
N ALA G 31 -66.03 29.66 -15.46
CA ALA G 31 -65.56 29.68 -14.08
C ALA G 31 -64.84 30.98 -13.70
N ILE G 32 -64.17 31.60 -14.66
CA ILE G 32 -63.46 32.90 -14.45
C ILE G 32 -64.45 33.99 -13.99
N ASN G 33 -65.64 33.97 -14.55
CA ASN G 33 -66.68 34.93 -14.19
C ASN G 33 -67.43 34.63 -12.88
N GLN G 34 -67.28 33.43 -12.32
CA GLN G 34 -67.96 33.09 -11.05
C GLN G 34 -67.62 34.09 -9.95
N GLY G 35 -66.36 34.52 -9.91
CA GLY G 35 -65.86 35.56 -8.99
C GLY G 35 -66.52 36.93 -9.07
N GLY G 36 -67.13 37.26 -10.20
CA GLY G 36 -67.89 38.51 -10.32
C GLY G 36 -67.01 39.75 -10.52
N LEU G 37 -65.72 39.59 -10.77
CA LEU G 37 -64.78 40.72 -10.86
C LEU G 37 -64.26 40.95 -12.27
N THR G 38 -63.81 42.18 -12.55
CA THR G 38 -63.20 42.57 -13.82
C THR G 38 -61.84 43.25 -13.56
N SER G 39 -60.87 42.96 -14.41
CA SER G 39 -59.53 43.58 -14.41
C SER G 39 -59.21 44.22 -15.76
N VAL G 40 -58.43 45.30 -15.72
CA VAL G 40 -57.94 46.01 -16.91
C VAL G 40 -56.41 46.24 -16.85
N ALA G 41 -55.73 46.18 -17.99
CA ALA G 41 -54.32 46.49 -18.09
C ALA G 41 -54.01 47.27 -19.32
N VAL G 42 -53.15 48.30 -19.20
CA VAL G 42 -52.77 49.16 -20.35
C VAL G 42 -51.26 49.54 -20.33
N ARG G 43 -50.70 49.60 -21.54
CA ARG G 43 -49.30 49.92 -21.72
C ARG G 43 -49.19 51.19 -22.57
N GLY G 44 -48.24 52.04 -22.21
CA GLY G 44 -47.83 53.17 -23.02
C GLY G 44 -46.34 53.05 -23.29
N LYS G 45 -45.75 54.16 -23.77
CA LYS G 45 -44.29 54.23 -24.01
C LYS G 45 -43.50 54.18 -22.68
N ASP G 46 -44.02 54.76 -21.62
CA ASP G 46 -43.30 54.88 -20.34
C ASP G 46 -43.65 53.88 -19.24
N 6V1 G 47 -44.88 53.38 -19.25
CA 6V1 G 47 -45.29 52.47 -18.23
C 6V1 G 47 -46.32 51.46 -18.66
O 6V1 G 47 -46.87 51.54 -19.74
CB 6V1 G 47 -45.76 53.26 -17.01
SG 6V1 G 47 -47.08 54.37 -17.36
C1 6V1 G 47 -47.33 55.64 -16.06
C2 6V1 G 47 -47.24 55.03 -14.67
N3 6V1 G 47 -46.72 55.83 -13.73
C4 6V1 G 47 -46.33 56.98 -14.29
C5 6V1 G 47 -46.38 56.84 -15.82
C6 6V1 G 47 -46.51 55.45 -12.34
O7 6V1 G 47 -47.52 53.86 -14.50
O8 6V1 G 47 -45.97 57.96 -13.66
C3 6V1 G 47 -47.47 56.18 -11.43
N ALA G 48 -46.56 50.51 -17.76
CA ALA G 48 -47.66 49.57 -17.86
C ALA G 48 -48.33 49.54 -16.51
N VAL G 49 -49.65 49.39 -16.55
CA VAL G 49 -50.50 49.47 -15.34
CA VAL G 49 -50.50 49.47 -15.37
C VAL G 49 -51.50 48.31 -15.32
N ILE G 50 -51.81 47.83 -14.12
CA ILE G 50 -52.88 46.86 -13.90
C ILE G 50 -53.85 47.49 -12.88
N VAL G 51 -55.14 47.46 -13.20
CA VAL G 51 -56.25 47.96 -12.28
C VAL G 51 -57.28 46.84 -12.11
N THR G 52 -57.72 46.58 -10.90
CA THR G 52 -58.77 45.59 -10.68
C THR G 52 -59.66 46.08 -9.56
N GLN G 53 -60.87 45.53 -9.55
CA GLN G 53 -61.86 45.80 -8.51
C GLN G 53 -61.40 45.19 -7.22
N LYS G 54 -61.68 45.84 -6.14
CA LYS G 54 -61.40 45.28 -4.83
C LYS G 54 -62.74 45.30 -4.11
N LYS G 55 -63.35 44.14 -3.93
CA LYS G 55 -64.60 43.97 -3.20
C LYS G 55 -64.37 43.31 -1.87
N VAL G 56 -64.68 44.05 -0.83
CA VAL G 56 -64.62 43.62 0.58
C VAL G 56 -66.07 43.75 1.15
N PRO G 57 -66.97 42.79 0.82
CA PRO G 57 -68.38 42.90 1.31
C PRO G 57 -68.47 42.77 2.83
N ASP G 58 -67.68 41.82 3.37
CA ASP G 58 -67.64 41.54 4.80
C ASP G 58 -66.78 42.58 5.56
N LYS G 59 -67.35 43.25 6.52
CA LYS G 59 -66.60 44.12 7.48
C LYS G 59 -65.53 43.41 8.37
N LEU G 60 -65.69 42.11 8.56
CA LEU G 60 -64.81 41.34 9.43
C LEU G 60 -63.52 40.83 8.77
N LEU G 61 -63.42 40.94 7.44
CA LEU G 61 -62.21 40.70 6.69
C LEU G 61 -61.15 41.70 7.04
N ASP G 62 -59.91 41.23 7.10
CA ASP G 62 -58.75 42.14 7.17
C ASP G 62 -58.52 42.47 5.72
N SER G 63 -58.90 43.68 5.33
CA SER G 63 -58.89 44.06 3.91
C SER G 63 -57.49 44.17 3.29
N SER G 64 -56.46 44.35 4.13
CA SER G 64 -55.07 44.23 3.64
C SER G 64 -54.70 42.84 3.11
N THR G 65 -55.46 41.80 3.44
CA THR G 65 -55.22 40.49 2.88
C THR G 65 -56.07 40.15 1.63
N VAL G 66 -56.98 41.04 1.23
CA VAL G 66 -57.80 40.83 0.05
C VAL G 66 -57.10 41.55 -1.10
N THR G 67 -56.44 40.81 -1.96
CA THR G 67 -55.80 41.39 -3.12
C THR G 67 -55.82 40.41 -4.28
N HIS G 68 -55.89 40.93 -5.49
CA HIS G 68 -55.62 40.14 -6.70
C HIS G 68 -54.34 40.51 -7.44
N LEU G 69 -53.52 41.36 -6.83
CA LEU G 69 -52.24 41.80 -7.39
C LEU G 69 -51.10 41.03 -6.71
N PHE G 70 -50.16 40.56 -7.51
CA PHE G 70 -49.07 39.75 -7.00
C PHE G 70 -47.73 40.10 -7.64
N LYS G 71 -46.70 40.21 -6.78
CA LYS G 71 -45.33 40.30 -7.29
C LYS G 71 -44.85 38.89 -7.70
N ILE G 72 -44.39 38.71 -8.93
CA ILE G 72 -43.84 37.46 -9.40
C ILE G 72 -42.31 37.45 -9.22
N THR G 73 -41.67 38.53 -9.62
CA THR G 73 -40.27 38.83 -9.35
C THR G 73 -40.28 40.30 -8.97
N GLU G 74 -39.10 40.85 -8.66
CA GLU G 74 -39.03 42.28 -8.36
C GLU G 74 -39.57 43.17 -9.50
N ASN G 75 -39.35 42.73 -10.73
CA ASN G 75 -39.74 43.44 -11.92
C ASN G 75 -40.98 42.96 -12.69
N ILE G 76 -41.67 41.93 -12.21
CA ILE G 76 -42.84 41.42 -12.90
C ILE G 76 -43.98 41.39 -11.91
N GLY G 77 -45.06 42.07 -12.30
CA GLY G 77 -46.28 42.06 -11.53
C GLY G 77 -47.39 41.32 -12.23
N CYS G 78 -48.40 40.92 -11.48
CA CYS G 78 -49.56 40.35 -12.13
C CYS G 78 -50.86 40.62 -11.46
N VAL G 79 -51.91 40.60 -12.27
CA VAL G 79 -53.30 40.58 -11.76
C VAL G 79 -53.93 39.25 -12.18
N MET G 80 -54.58 38.62 -11.21
CA MET G 80 -55.30 37.36 -11.37
C MET G 80 -56.82 37.59 -11.35
N THR G 81 -57.53 36.89 -12.25
CA THR G 81 -58.97 37.03 -12.34
C THR G 81 -59.53 35.58 -12.39
N GLY G 82 -60.58 35.32 -11.60
CA GLY G 82 -61.25 34.05 -11.61
C GLY G 82 -61.14 33.36 -10.28
N MET G 83 -61.13 32.03 -10.30
CA MET G 83 -61.24 31.25 -9.09
C MET G 83 -59.98 31.51 -8.24
N THR G 84 -60.15 31.83 -6.98
CA THR G 84 -59.07 32.41 -6.16
C THR G 84 -57.96 31.42 -5.84
N ALA G 85 -58.31 30.24 -5.34
CA ALA G 85 -57.32 29.24 -5.03
C ALA G 85 -56.56 28.75 -6.27
N ASP G 86 -57.24 28.54 -7.39
CA ASP G 86 -56.58 28.28 -8.66
C ASP G 86 -55.59 29.41 -9.00
N SER G 87 -56.03 30.65 -8.88
CA SER G 87 -55.16 31.79 -9.12
C SER G 87 -53.86 31.79 -8.28
N ARG G 88 -53.99 31.53 -6.99
CA ARG G 88 -52.86 31.46 -6.10
C ARG G 88 -51.86 30.39 -6.48
N SER G 89 -52.39 29.26 -6.90
CA SER G 89 -51.58 28.17 -7.36
CA SER G 89 -51.57 28.15 -7.36
C SER G 89 -50.79 28.59 -8.62
N GLN G 90 -51.46 29.29 -9.52
CA GLN G 90 -50.82 29.71 -10.75
C GLN G 90 -49.73 30.80 -10.48
N VAL G 91 -49.98 31.65 -9.48
CA VAL G 91 -49.00 32.63 -9.02
C VAL G 91 -47.74 31.93 -8.44
N GLN G 92 -47.93 30.91 -7.59
CA GLN G 92 -46.84 30.12 -7.07
C GLN G 92 -45.99 29.50 -8.18
N ARG G 93 -46.65 28.95 -9.17
CA ARG G 93 -45.98 28.33 -10.30
C ARG G 93 -45.16 29.34 -11.09
N ALA G 94 -45.74 30.50 -11.38
CA ALA G 94 -45.04 31.58 -12.04
C ALA G 94 -43.81 32.00 -11.27
N ARG G 95 -43.94 32.18 -9.96
CA ARG G 95 -42.82 32.54 -9.11
C ARG G 95 -41.66 31.53 -9.19
N TYR G 96 -42.04 30.24 -9.18
CA TYR G 96 -41.13 29.14 -9.29
C TYR G 96 -40.43 29.17 -10.66
N GLU G 97 -41.21 29.29 -11.72
CA GLU G 97 -40.65 29.32 -13.09
C GLU G 97 -39.67 30.48 -13.28
N ALA G 98 -40.00 31.66 -12.75
CA ALA G 98 -39.11 32.78 -12.88
C ALA G 98 -37.81 32.58 -12.13
N ALA G 99 -37.91 32.14 -10.89
CA ALA G 99 -36.73 31.91 -10.07
C ALA G 99 -35.78 30.85 -10.68
N ASN G 100 -36.37 29.77 -11.18
CA ASN G 100 -35.65 28.70 -11.83
C ASN G 100 -34.93 29.21 -13.11
N TRP G 101 -35.60 30.05 -13.89
CA TRP G 101 -35.02 30.67 -15.07
C TRP G 101 -33.75 31.47 -14.74
N LYS G 102 -33.83 32.29 -13.70
CA LYS G 102 -32.72 33.13 -13.29
C LYS G 102 -31.50 32.29 -12.81
N TYR G 103 -31.81 31.26 -12.04
CA TYR G 103 -30.80 30.30 -11.55
C TYR G 103 -30.06 29.58 -12.72
N LYS G 104 -30.82 29.08 -13.67
CA LYS G 104 -30.27 28.35 -14.82
C LYS G 104 -29.58 29.23 -15.86
N TYR G 105 -30.07 30.45 -16.09
CA TYR G 105 -29.65 31.23 -17.25
C TYR G 105 -28.96 32.54 -16.95
N GLY G 106 -29.00 32.99 -15.69
CA GLY G 106 -28.23 34.14 -15.23
C GLY G 106 -28.81 35.50 -15.55
N TYR G 107 -30.05 35.55 -16.03
CA TYR G 107 -30.72 36.85 -16.30
C TYR G 107 -32.22 36.65 -16.01
N GLU G 108 -32.91 37.74 -15.82
CA GLU G 108 -34.32 37.68 -15.44
C GLU G 108 -35.20 37.14 -16.60
N ILE G 109 -36.19 36.34 -16.26
CA ILE G 109 -37.09 35.83 -17.29
C ILE G 109 -37.83 37.03 -17.98
N PRO G 110 -37.87 37.07 -19.32
CA PRO G 110 -38.67 38.08 -20.02
C PRO G 110 -40.16 37.82 -19.71
N VAL G 111 -40.96 38.88 -19.65
CA VAL G 111 -42.40 38.72 -19.42
C VAL G 111 -43.05 37.78 -20.44
N ASP G 112 -42.73 37.94 -21.72
CA ASP G 112 -43.31 37.09 -22.77
C ASP G 112 -43.03 35.59 -22.55
N MET G 113 -41.80 35.28 -22.09
CA MET G 113 -41.41 33.93 -21.81
C MET G 113 -42.09 33.39 -20.59
N LEU G 114 -42.27 34.18 -19.54
CA LEU G 114 -42.95 33.71 -18.37
C LEU G 114 -44.45 33.38 -18.73
N CYS G 115 -45.06 34.28 -19.49
CA CYS G 115 -46.44 34.10 -19.94
C CYS G 115 -46.58 32.83 -20.83
N LYS G 116 -45.70 32.65 -21.79
CA LYS G 116 -45.62 31.43 -22.57
C LYS G 116 -45.46 30.17 -21.74
N ARG G 117 -44.55 30.17 -20.78
CA ARG G 117 -44.39 29.02 -19.94
C ARG G 117 -45.69 28.65 -19.17
N ILE G 118 -46.33 29.63 -18.57
CA ILE G 118 -47.59 29.37 -17.85
C ILE G 118 -48.69 28.87 -18.84
N ALA G 119 -48.74 29.45 -20.00
CA ALA G 119 -49.66 28.99 -21.02
C ALA G 119 -49.39 27.55 -21.46
N ASP G 120 -48.12 27.19 -21.58
CA ASP G 120 -47.74 25.82 -21.98
C ASP G 120 -48.13 24.80 -20.90
N ILE G 121 -47.99 25.16 -19.64
CA ILE G 121 -48.42 24.35 -18.52
C ILE G 121 -49.95 24.18 -18.56
N SER G 122 -50.69 25.27 -18.81
CA SER G 122 -52.16 25.18 -18.96
C SER G 122 -52.62 24.32 -20.13
N GLN G 123 -51.85 24.36 -21.22
CA GLN G 123 -52.14 23.50 -22.36
C GLN G 123 -52.25 22.02 -21.95
N VAL G 124 -51.35 21.56 -21.08
CA VAL G 124 -51.35 20.15 -20.67
C VAL G 124 -52.72 19.73 -20.08
N TYR G 125 -53.32 20.62 -19.29
CA TYR G 125 -54.62 20.33 -18.69
C TYR G 125 -55.75 20.25 -19.70
N THR G 126 -55.57 20.77 -20.89
CA THR G 126 -56.57 20.67 -21.94
C THR G 126 -56.44 19.36 -22.79
N GLN G 127 -55.32 18.66 -22.64
CA GLN G 127 -55.01 17.43 -23.45
C GLN G 127 -54.98 16.14 -22.61
N ASN G 128 -54.78 16.25 -21.30
CA ASN G 128 -54.78 15.13 -20.41
C ASN G 128 -56.09 15.06 -19.63
N ALA G 129 -56.68 13.87 -19.53
CA ALA G 129 -58.05 13.71 -19.05
C ALA G 129 -58.27 13.78 -17.54
N GLU G 130 -57.23 13.50 -16.76
CA GLU G 130 -57.42 13.27 -15.33
C GLU G 130 -57.56 14.50 -14.38
N MET G 131 -57.23 15.68 -14.87
CA MET G 131 -57.34 16.88 -14.10
C MET G 131 -58.15 17.95 -14.87
N ARG G 132 -58.74 18.90 -14.17
CA ARG G 132 -59.42 20.02 -14.83
C ARG G 132 -58.48 21.16 -15.15
N PRO G 133 -58.83 22.00 -16.13
CA PRO G 133 -58.16 23.30 -16.21
C PRO G 133 -58.34 24.15 -14.95
N LEU G 134 -57.47 25.12 -14.75
CA LEU G 134 -57.62 26.16 -13.72
C LEU G 134 -58.58 27.19 -14.25
N GLY G 135 -59.56 27.59 -13.44
CA GLY G 135 -60.55 28.55 -13.88
C GLY G 135 -60.08 29.97 -13.55
N CYS G 136 -58.95 30.35 -14.11
CA CYS G 136 -58.40 31.67 -13.86
C CYS G 136 -57.64 32.17 -15.04
N YCM G 137 -57.38 33.45 -15.03
CA YCM G 137 -56.69 34.15 -16.11
CB YCM G 137 -57.79 35.05 -16.58
SG YCM G 137 -57.29 35.89 -18.00
CD YCM G 137 -58.54 35.01 -19.09
CE YCM G 137 -59.79 35.67 -19.80
OZ1 YCM G 137 -59.68 35.74 -21.04
NZ2 YCM G 137 -61.00 36.14 -19.22
C YCM G 137 -55.60 35.03 -15.49
O YCM G 137 -55.82 35.64 -14.45
N MET G 138 -54.44 35.08 -16.12
CA MET G 138 -53.29 35.82 -15.59
C MET G 138 -52.93 36.93 -16.55
N ILE G 139 -52.82 38.14 -16.04
CA ILE G 139 -52.24 39.25 -16.80
C ILE G 139 -50.89 39.67 -16.12
N LEU G 140 -49.83 39.73 -16.91
CA LEU G 140 -48.50 40.06 -16.45
C LEU G 140 -48.06 41.40 -17.02
N ILE G 141 -47.38 42.20 -16.19
CA ILE G 141 -46.74 43.44 -16.66
C ILE G 141 -45.23 43.43 -16.30
N GLY G 142 -44.43 44.01 -17.19
CA GLY G 142 -42.99 44.26 -16.93
C GLY G 142 -42.36 45.09 -18.02
N ILE G 143 -41.14 45.54 -17.76
CA ILE G 143 -40.38 46.34 -18.75
C ILE G 143 -39.38 45.40 -19.43
N ASP G 144 -39.42 45.35 -20.74
CA ASP G 144 -38.42 44.72 -21.56
C ASP G 144 -37.42 45.77 -22.01
N GLU G 145 -36.15 45.46 -21.83
CA GLU G 145 -35.07 46.42 -22.14
C GLU G 145 -35.08 46.93 -23.59
N GLU G 146 -35.53 46.12 -24.55
CA GLU G 146 -35.61 46.57 -25.97
C GLU G 146 -37.01 47.07 -26.35
N GLN G 147 -38.04 46.33 -25.97
CA GLN G 147 -39.43 46.64 -26.41
C GLN G 147 -40.23 47.58 -25.51
N GLY G 148 -39.69 47.92 -24.35
CA GLY G 148 -40.36 48.82 -23.42
C GLY G 148 -41.39 48.08 -22.56
N PRO G 149 -42.40 48.82 -22.02
CA PRO G 149 -43.43 48.22 -21.16
C PRO G 149 -44.20 47.10 -21.88
N GLN G 150 -44.51 46.03 -21.17
CA GLN G 150 -45.21 44.90 -21.77
C GLN G 150 -46.46 44.59 -20.96
N VAL G 151 -47.51 44.21 -21.66
CA VAL G 151 -48.71 43.57 -21.04
C VAL G 151 -48.97 42.25 -21.75
N TYR G 152 -49.00 41.16 -20.99
CA TYR G 152 -49.27 39.82 -21.53
C TYR G 152 -50.40 39.19 -20.77
N LYS G 153 -51.21 38.40 -21.46
CA LYS G 153 -52.31 37.65 -20.87
C LYS G 153 -52.33 36.19 -21.33
N CYS G 154 -52.54 35.26 -20.42
CA CYS G 154 -52.81 33.90 -20.78
C CYS G 154 -54.09 33.39 -20.13
N ASP G 155 -54.67 32.34 -20.72
CA ASP G 155 -56.00 31.89 -20.38
C ASP G 155 -56.06 30.34 -20.16
N PRO G 156 -57.23 29.79 -19.77
CA PRO G 156 -57.31 28.35 -19.49
C PRO G 156 -57.17 27.41 -20.72
N ALA G 157 -57.29 27.95 -21.92
CA ALA G 157 -57.05 27.17 -23.12
C ALA G 157 -55.55 27.06 -23.45
N GLY G 158 -54.70 27.76 -22.70
CA GLY G 158 -53.27 27.83 -23.03
C GLY G 158 -52.98 28.82 -24.13
N TYR G 159 -53.95 29.65 -24.55
CA TYR G 159 -53.63 30.76 -25.45
C TYR G 159 -52.90 31.88 -24.67
N TYR G 160 -52.05 32.62 -25.36
CA TYR G 160 -51.43 33.83 -24.78
C TYR G 160 -51.10 34.84 -25.84
N 6V1 G 161 -51.02 36.08 -25.43
CA 6V1 G 161 -50.72 37.16 -26.34
C 6V1 G 161 -50.23 38.35 -25.57
O 6V1 G 161 -50.52 38.50 -24.37
CB 6V1 G 161 -51.93 37.58 -27.18
SG 6V1 G 161 -51.41 38.43 -28.66
C1 6V1 G 161 -51.27 37.29 -30.05
C2 6V1 G 161 -52.58 36.71 -30.54
N3 6V1 G 161 -52.87 37.06 -31.81
C4 6V1 G 161 -51.92 37.88 -32.30
C5 6V1 G 161 -50.77 38.00 -31.32
C6 6V1 G 161 -53.99 36.50 -32.58
O7 6V1 G 161 -53.27 35.97 -29.84
O8 6V1 G 161 -51.90 38.45 -33.40
C3 6V1 G 161 -55.32 36.89 -31.96
N GLY G 162 -49.44 39.18 -26.24
CA GLY G 162 -49.08 40.52 -25.79
C GLY G 162 -50.10 41.56 -26.28
N PHE G 163 -50.32 42.62 -25.53
CA PHE G 163 -51.38 43.61 -25.82
C PHE G 163 -50.94 45.07 -25.62
N LYS G 164 -51.57 45.98 -26.36
CA LYS G 164 -51.53 47.39 -26.04
C LYS G 164 -52.36 47.63 -24.77
N ALA G 165 -53.48 46.92 -24.68
CA ALA G 165 -54.31 46.95 -23.51
C ALA G 165 -55.22 45.76 -23.61
N THR G 166 -55.67 45.30 -22.46
CA THR G 166 -56.58 44.19 -22.42
C THR G 166 -57.37 44.13 -21.10
N ALA G 167 -58.26 43.15 -21.03
CA ALA G 167 -59.09 42.96 -19.85
C ALA G 167 -59.41 41.51 -19.62
N ALA G 168 -59.94 41.25 -18.44
CA ALA G 168 -60.32 39.93 -18.00
C ALA G 168 -61.53 39.99 -17.10
N GLY G 169 -62.30 38.91 -17.05
CA GLY G 169 -63.40 38.77 -16.12
C GLY G 169 -64.74 39.22 -16.71
N VAL G 170 -65.66 39.63 -15.84
CA VAL G 170 -67.10 39.70 -16.20
C VAL G 170 -67.35 40.67 -17.34
N LYS G 171 -66.70 41.83 -17.30
CA LYS G 171 -66.88 42.86 -18.33
C LYS G 171 -65.74 42.94 -19.33
N GLN G 172 -65.12 41.80 -19.60
CA GLN G 172 -64.01 41.74 -20.55
C GLN G 172 -64.37 42.32 -21.91
N THR G 173 -65.53 41.92 -22.44
CA THR G 173 -65.93 42.30 -23.82
C THR G 173 -66.18 43.79 -23.97
N GLU G 174 -66.84 44.34 -22.95
CA GLU G 174 -67.17 45.75 -22.91
C GLU G 174 -65.89 46.56 -22.76
N SER G 175 -64.97 46.10 -21.91
CA SER G 175 -63.67 46.73 -21.75
C SER G 175 -62.92 46.72 -23.07
N THR G 176 -62.90 45.59 -23.74
CA THR G 176 -62.25 45.49 -25.06
C THR G 176 -62.77 46.52 -26.04
N SER G 177 -64.10 46.72 -26.14
CA SER G 177 -64.69 47.76 -27.00
C SER G 177 -64.27 49.16 -26.60
N PHE G 178 -64.34 49.46 -25.32
CA PHE G 178 -63.93 50.79 -24.82
C PHE G 178 -62.46 51.07 -25.19
N LEU G 179 -61.59 50.07 -25.03
CA LEU G 179 -60.14 50.27 -25.26
C LEU G 179 -59.87 50.37 -26.75
N GLU G 180 -60.53 49.52 -27.54
CA GLU G 180 -60.46 49.60 -29.01
C GLU G 180 -60.81 50.98 -29.53
N LYS G 181 -61.96 51.50 -29.10
CA LYS G 181 -62.44 52.82 -29.57
C LYS G 181 -61.48 53.95 -29.18
N LYS G 182 -60.91 53.87 -27.99
CA LYS G 182 -59.97 54.88 -27.50
C LYS G 182 -58.64 54.86 -28.29
N VAL G 183 -58.03 53.68 -28.50
CA VAL G 183 -56.73 53.66 -29.27
C VAL G 183 -56.75 54.10 -30.72
N LYS G 184 -57.86 53.86 -31.43
CA LYS G 184 -57.98 54.26 -32.84
C LYS G 184 -57.80 55.75 -33.02
N LYS G 185 -58.39 56.51 -32.09
CA LYS G 185 -58.24 57.98 -31.98
C LYS G 185 -56.80 58.44 -31.77
N LYS G 186 -56.05 57.65 -31.01
CA LYS G 186 -54.65 57.98 -30.67
C LYS G 186 -53.62 57.83 -31.82
N PHE G 187 -52.73 58.83 -31.96
CA PHE G 187 -51.64 58.80 -32.96
C PHE G 187 -50.61 57.70 -32.71
N ASP G 188 -50.23 57.03 -33.80
CA ASP G 188 -49.45 55.80 -33.80
C ASP G 188 -50.08 54.73 -32.92
N TRP G 189 -51.43 54.71 -32.88
CA TRP G 189 -52.26 53.76 -32.11
C TRP G 189 -51.69 53.37 -30.74
N THR G 190 -51.26 54.37 -29.94
CA THR G 190 -50.67 54.09 -28.62
C THR G 190 -51.20 54.97 -27.49
N PHE G 191 -51.46 54.31 -26.35
CA PHE G 191 -51.99 54.97 -25.14
C PHE G 191 -50.89 55.83 -24.53
N GLU G 192 -51.30 56.96 -23.95
CA GLU G 192 -50.35 57.91 -23.37
C GLU G 192 -50.58 58.14 -21.86
N GLN G 193 -51.83 58.34 -21.46
CA GLN G 193 -52.19 58.51 -20.06
C GLN G 193 -52.70 57.19 -19.52
N THR G 194 -51.77 56.36 -19.07
CA THR G 194 -52.07 54.95 -18.96
C THR G 194 -52.89 54.58 -17.73
N VAL G 195 -52.54 55.16 -16.58
CA VAL G 195 -53.31 54.87 -15.35
C VAL G 195 -54.74 55.39 -15.46
N GLU G 196 -54.92 56.57 -16.08
CA GLU G 196 -56.27 57.15 -16.25
C GLU G 196 -57.12 56.39 -17.24
N THR G 197 -56.53 55.89 -18.32
CA THR G 197 -57.27 55.07 -19.29
C THR G 197 -57.80 53.81 -18.60
N ALA G 198 -56.92 53.14 -17.84
CA ALA G 198 -57.25 51.92 -17.12
C ALA G 198 -58.42 52.11 -16.15
N ILE G 199 -58.34 53.13 -15.33
CA ILE G 199 -59.39 53.38 -14.32
C ILE G 199 -60.70 53.85 -14.96
N THR G 200 -60.61 54.74 -15.95
CA THR G 200 -61.78 55.21 -16.71
C THR G 200 -62.50 54.04 -17.40
N CYS G 201 -61.74 53.17 -18.06
CA CYS G 201 -62.29 51.98 -18.68
C CYS G 201 -63.07 51.17 -17.68
N LEU G 202 -62.45 50.88 -16.55
CA LEU G 202 -63.09 50.02 -15.55
C LEU G 202 -64.35 50.68 -14.99
N SER G 203 -64.27 51.98 -14.75
CA SER G 203 -65.39 52.76 -14.21
C SER G 203 -66.56 52.91 -15.20
N THR G 204 -66.27 53.03 -16.49
CA THR G 204 -67.31 53.08 -17.52
C THR G 204 -68.06 51.75 -17.62
N VAL G 205 -67.32 50.65 -17.74
CA VAL G 205 -67.95 49.36 -18.00
C VAL G 205 -68.72 48.81 -16.79
N LEU G 206 -68.33 49.23 -15.58
CA LEU G 206 -69.09 48.92 -14.35
C LEU G 206 -70.14 49.96 -13.92
N SER G 207 -70.06 51.19 -14.44
CA SER G 207 -70.85 52.35 -13.98
C SER G 207 -70.71 52.67 -12.49
N ILE G 208 -69.49 52.75 -11.94
CA ILE G 208 -69.33 52.85 -10.47
C ILE G 208 -68.87 54.21 -9.96
N ASP G 209 -67.81 54.80 -10.51
CA ASP G 209 -67.19 56.04 -9.94
C ASP G 209 -66.59 55.73 -8.55
N PHE G 210 -65.34 55.28 -8.56
CA PHE G 210 -64.75 54.54 -7.45
C PHE G 210 -64.32 55.38 -6.27
N LYS G 211 -64.38 54.78 -5.08
CA LYS G 211 -63.61 55.26 -3.92
C LYS G 211 -62.19 54.68 -4.03
N PRO G 212 -61.20 55.30 -3.36
CA PRO G 212 -59.83 54.74 -3.45
C PRO G 212 -59.63 53.33 -2.84
N SER G 213 -60.54 52.90 -1.97
CA SER G 213 -60.55 51.53 -1.40
C SER G 213 -61.27 50.46 -2.22
N GLU G 214 -61.90 50.85 -3.32
CA GLU G 214 -62.62 49.89 -4.19
C GLU G 214 -61.82 49.43 -5.41
N ILE G 215 -60.60 49.94 -5.61
CA ILE G 215 -59.72 49.43 -6.65
C ILE G 215 -58.29 49.22 -6.10
N GLU G 216 -57.53 48.39 -6.82
CA GLU G 216 -56.10 48.22 -6.60
C GLU G 216 -55.38 48.54 -7.90
N VAL G 217 -54.22 49.16 -7.78
CA VAL G 217 -53.47 49.58 -8.92
C VAL G 217 -52.03 49.14 -8.74
N GLY G 218 -51.48 48.56 -9.78
CA GLY G 218 -50.07 48.18 -9.86
C GLY G 218 -49.41 48.72 -11.12
N VAL G 219 -48.12 49.08 -11.02
CA VAL G 219 -47.39 49.71 -12.09
C VAL G 219 -45.95 49.21 -12.25
N VAL G 220 -45.44 49.26 -13.48
CA VAL G 220 -44.00 49.21 -13.79
C VAL G 220 -43.72 50.35 -14.77
N THR G 221 -42.57 50.99 -14.62
CA THR G 221 -42.18 52.09 -15.51
C THR G 221 -40.74 51.89 -16.00
N VAL G 222 -40.42 52.55 -17.11
CA VAL G 222 -39.09 52.49 -17.69
C VAL G 222 -38.06 53.10 -16.72
N GLU G 223 -38.42 54.20 -16.10
CA GLU G 223 -37.56 54.80 -15.11
C GLU G 223 -37.49 54.01 -13.81
N ASN G 224 -38.58 53.31 -13.43
CA ASN G 224 -38.64 52.56 -12.19
C ASN G 224 -39.23 51.19 -12.47
N PRO G 225 -38.39 50.22 -12.92
CA PRO G 225 -38.93 48.94 -13.42
C PRO G 225 -39.44 47.99 -12.36
N LYS G 226 -39.14 48.23 -11.10
CA LYS G 226 -39.63 47.38 -10.04
C LYS G 226 -41.15 47.52 -9.92
N PHE G 227 -41.84 46.41 -9.87
CA PHE G 227 -43.29 46.39 -9.68
C PHE G 227 -43.68 47.08 -8.35
N ARG G 228 -44.62 48.01 -8.43
CA ARG G 228 -45.08 48.79 -7.31
C ARG G 228 -46.61 48.80 -7.23
N ILE G 229 -47.12 48.66 -6.00
CA ILE G 229 -48.54 48.76 -5.73
C ILE G 229 -48.83 50.15 -5.14
N LEU G 230 -49.81 50.84 -5.72
CA LEU G 230 -50.19 52.14 -5.25
C LEU G 230 -50.90 52.03 -3.90
N THR G 231 -50.66 53.01 -3.04
CA THR G 231 -51.40 53.17 -1.82
C THR G 231 -52.80 53.79 -2.15
N GLU G 232 -53.66 53.83 -1.13
CA GLU G 232 -54.96 54.49 -1.19
C GLU G 232 -54.84 55.98 -1.58
N ALA G 233 -53.96 56.71 -0.89
CA ALA G 233 -53.71 58.11 -1.15
C ALA G 233 -53.17 58.37 -2.57
N GLU G 234 -52.25 57.54 -3.03
CA GLU G 234 -51.78 57.64 -4.41
C GLU G 234 -52.96 57.42 -5.41
N ILE G 235 -53.79 56.41 -5.16
CA ILE G 235 -54.96 56.14 -5.99
C ILE G 235 -55.96 57.29 -5.93
N ASP G 236 -56.16 57.82 -4.73
CA ASP G 236 -57.05 58.94 -4.53
C ASP G 236 -56.63 60.17 -5.33
N ALA G 237 -55.34 60.44 -5.42
CA ALA G 237 -54.87 61.58 -6.22
C ALA G 237 -55.28 61.44 -7.69
N HIS G 238 -55.25 60.22 -8.21
CA HIS G 238 -55.68 59.95 -9.58
C HIS G 238 -57.19 60.09 -9.74
N LEU G 239 -57.95 59.58 -8.79
CA LEU G 239 -59.40 59.72 -8.82
C LEU G 239 -59.86 61.20 -8.79
N VAL G 240 -59.17 62.02 -7.99
CA VAL G 240 -59.50 63.46 -7.81
C VAL G 240 -59.09 64.25 -9.05
N ALA G 241 -57.89 63.98 -9.59
CA ALA G 241 -57.42 64.63 -10.83
C ALA G 241 -58.34 64.36 -12.02
N LEU G 242 -58.91 63.15 -12.05
CA LEU G 242 -59.90 62.78 -13.07
C LEU G 242 -61.20 63.52 -12.91
N ALA G 243 -61.74 63.50 -11.69
CA ALA G 243 -63.01 64.14 -11.36
C ALA G 243 -63.05 65.63 -11.73
N GLU G 244 -61.89 66.29 -11.69
CA GLU G 244 -61.75 67.73 -11.96
C GLU G 244 -61.27 68.17 -13.37
N ARG G 245 -62.08 67.99 -14.43
CA ARG G 245 -61.90 68.70 -15.71
C ARG G 245 -63.21 69.24 -16.31
N THR H 1 -1.60 22.29 -25.38
CA THR H 1 -2.57 23.33 -25.73
C THR H 1 -2.26 24.71 -25.10
N THR H 2 -2.35 25.74 -25.92
CA THR H 2 -2.39 27.12 -25.46
C THR H 2 -3.66 27.76 -26.02
N ILE H 3 -4.51 28.22 -25.12
CA ILE H 3 -5.69 29.01 -25.48
C ILE H 3 -5.73 30.26 -24.62
N ALA H 4 -6.32 31.28 -25.19
CA ALA H 4 -6.33 32.59 -24.56
C ALA H 4 -7.44 33.46 -25.11
N GLY H 5 -7.76 34.47 -24.32
CA GLY H 5 -8.68 35.49 -24.74
C GLY H 5 -8.41 36.82 -24.08
N VAL H 6 -8.87 37.85 -24.76
CA VAL H 6 -8.79 39.26 -24.36
C VAL H 6 -10.08 40.01 -24.68
N VAL H 7 -10.44 40.95 -23.78
CA VAL H 7 -11.44 41.97 -24.03
C VAL H 7 -10.73 43.22 -24.54
N TYR H 8 -11.12 43.69 -25.72
CA TYR H 8 -10.61 44.94 -26.30
C TYR H 8 -11.73 45.97 -26.37
N LYS H 9 -11.43 47.19 -26.86
CA LYS H 9 -12.38 48.28 -26.79
C LYS H 9 -13.80 47.92 -27.28
N ASP H 10 -13.90 47.21 -28.41
CA ASP H 10 -15.16 46.91 -29.05
C ASP H 10 -15.55 45.45 -29.08
N GLY H 11 -14.88 44.59 -28.31
CA GLY H 11 -15.15 43.17 -28.42
C GLY H 11 -14.19 42.25 -27.72
N ILE H 12 -14.12 41.02 -28.23
CA ILE H 12 -13.34 39.90 -27.73
C ILE H 12 -12.39 39.41 -28.82
N VAL H 13 -11.16 39.09 -28.45
CA VAL H 13 -10.30 38.26 -29.32
C VAL H 13 -9.97 36.98 -28.58
N LEU H 14 -10.28 35.86 -29.22
CA LEU H 14 -9.90 34.51 -28.75
C LEU H 14 -8.81 33.96 -29.63
N GLY H 15 -7.96 33.14 -29.02
CA GLY H 15 -6.82 32.56 -29.68
C GLY H 15 -6.57 31.15 -29.22
N ALA H 16 -5.95 30.37 -30.10
CA ALA H 16 -5.59 28.97 -29.84
C ALA H 16 -4.51 28.49 -30.79
N ASP H 17 -3.71 27.52 -30.29
CA ASP H 17 -2.78 26.75 -31.13
C ASP H 17 -3.58 25.57 -31.77
N THR H 18 -2.91 24.74 -32.59
CA THR H 18 -3.59 23.68 -33.31
C THR H 18 -3.01 22.26 -33.12
N ARG H 19 -2.18 22.06 -32.10
CA ARG H 19 -1.66 20.73 -31.74
C ARG H 19 -2.54 19.95 -30.80
N ALA H 20 -2.80 18.70 -31.15
CA ALA H 20 -3.31 17.72 -30.23
C ALA H 20 -2.27 16.61 -30.05
N THR H 21 -2.11 16.15 -28.81
CA THR H 21 -1.17 15.13 -28.48
C THR H 21 -1.82 13.86 -27.88
N GLU H 22 -1.14 12.75 -28.09
CA GLU H 22 -1.40 11.51 -27.37
C GLU H 22 -0.06 11.14 -26.75
N GLY H 23 0.03 11.23 -25.44
CA GLY H 23 1.30 11.12 -24.73
C GLY H 23 2.23 12.23 -25.19
N MET H 24 3.40 11.86 -25.65
CA MET H 24 4.37 12.84 -26.10
C MET H 24 4.56 12.72 -27.61
N VAL H 25 3.46 12.36 -28.31
CA VAL H 25 3.43 12.27 -29.77
C VAL H 25 2.34 13.18 -30.28
N VAL H 26 2.63 13.88 -31.37
CA VAL H 26 1.62 14.73 -32.03
C VAL H 26 0.65 13.86 -32.84
N ALA H 27 -0.63 13.90 -32.47
CA ALA H 27 -1.69 13.15 -33.16
C ALA H 27 -2.37 14.00 -34.23
N ASP H 28 -2.54 15.27 -33.95
CA ASP H 28 -3.10 16.20 -34.91
C ASP H 28 -2.29 17.47 -34.94
N LYS H 29 -1.89 17.85 -36.15
CA LYS H 29 -1.17 19.08 -36.40
C LYS H 29 -2.07 20.29 -36.61
N ASN H 30 -3.34 20.05 -36.91
CA ASN H 30 -4.29 21.10 -37.27
C ASN H 30 -5.68 20.91 -36.66
N CYS H 31 -5.68 20.71 -35.36
CA CYS H 31 -6.90 20.56 -34.58
C CYS H 31 -7.54 21.98 -34.46
N SER H 32 -8.87 22.08 -34.55
CA SER H 32 -9.58 23.37 -34.36
C SER H 32 -10.05 23.45 -32.93
N LYS H 33 -9.52 24.40 -32.15
CA LYS H 33 -9.81 24.48 -30.73
C LYS H 33 -10.78 25.63 -30.34
N ILE H 34 -11.18 26.45 -31.30
CA ILE H 34 -12.11 27.56 -31.06
C ILE H 34 -13.49 27.12 -31.58
N HIS H 35 -14.43 26.88 -30.67
CA HIS H 35 -15.70 26.20 -31.00
C HIS H 35 -16.87 27.19 -31.02
N PHE H 36 -17.76 27.01 -32.00
CA PHE H 36 -19.00 27.76 -32.12
C PHE H 36 -19.90 27.47 -30.90
N ILE H 37 -20.38 28.53 -30.24
CA ILE H 37 -21.46 28.40 -29.22
C ILE H 37 -22.77 28.94 -29.77
N SER H 38 -22.74 30.19 -30.22
CA SER H 38 -23.82 30.80 -30.94
C SER H 38 -23.22 31.84 -31.92
N PRO H 39 -24.02 32.47 -32.78
CA PRO H 39 -23.40 33.42 -33.70
C PRO H 39 -22.56 34.56 -33.05
N ASN H 40 -22.89 34.93 -31.81
CA ASN H 40 -22.19 35.96 -31.04
C ASN H 40 -21.29 35.44 -29.90
N ILE H 41 -21.11 34.12 -29.77
CA ILE H 41 -20.38 33.52 -28.66
C ILE H 41 -19.54 32.32 -29.15
N TYR H 42 -18.24 32.36 -28.84
CA TYR H 42 -17.33 31.25 -29.13
C TYR H 42 -16.57 30.85 -27.86
N CYS H 43 -15.94 29.68 -27.91
CA CYS H 43 -15.34 29.05 -26.74
C CYS H 43 -14.11 28.26 -27.16
N CYS H 44 -12.93 28.62 -26.65
CA CYS H 44 -11.72 27.78 -26.80
C CYS H 44 -11.72 26.65 -25.80
N GLY H 45 -11.23 25.49 -26.22
CA GLY H 45 -11.14 24.33 -25.34
C GLY H 45 -9.73 23.74 -25.14
N ALA H 46 -9.40 23.44 -23.90
CA ALA H 46 -8.21 22.73 -23.50
C ALA H 46 -8.58 21.53 -22.60
N GLY H 47 -7.70 20.55 -22.50
CA GLY H 47 -7.91 19.39 -21.65
C GLY H 47 -8.19 18.18 -22.52
N THR H 48 -9.17 17.38 -22.09
CA THR H 48 -9.50 16.14 -22.82
C THR H 48 -10.33 16.48 -24.05
N ALA H 49 -9.82 16.15 -25.23
CA ALA H 49 -10.38 16.60 -26.49
C ALA H 49 -11.84 16.16 -26.66
N ALA H 50 -12.19 14.92 -26.35
CA ALA H 50 -13.59 14.48 -26.54
C ALA H 50 -14.53 15.30 -25.62
N ASP H 51 -14.07 15.59 -24.41
CA ASP H 51 -14.84 16.33 -23.43
C ASP H 51 -15.06 17.80 -23.81
N THR H 52 -14.06 18.47 -24.37
CA THR H 52 -14.23 19.83 -24.85
C THR H 52 -15.21 19.89 -26.05
N ASP H 53 -15.04 18.99 -27.02
CA ASP H 53 -15.95 18.90 -28.16
C ASP H 53 -17.40 18.64 -27.75
N MET H 54 -17.62 17.61 -26.94
CA MET H 54 -18.95 17.20 -26.60
C MET H 54 -19.64 18.22 -25.69
N THR H 55 -18.89 18.81 -24.76
CA THR H 55 -19.42 19.79 -23.84
C THR H 55 -19.85 21.08 -24.56
N THR H 56 -18.98 21.61 -25.41
CA THR H 56 -19.33 22.78 -26.19
C THR H 56 -20.48 22.53 -27.17
N GLN H 57 -20.50 21.38 -27.84
CA GLN H 57 -21.61 20.99 -28.74
C GLN H 57 -22.95 20.95 -28.01
N LEU H 58 -22.97 20.34 -26.83
CA LEU H 58 -24.20 20.20 -26.05
C LEU H 58 -24.77 21.55 -25.62
N ILE H 59 -23.90 22.39 -25.08
CA ILE H 59 -24.30 23.72 -24.65
C ILE H 59 -24.73 24.58 -25.83
N SER H 60 -24.01 24.47 -26.94
CA SER H 60 -24.39 25.22 -28.14
C SER H 60 -25.80 24.82 -28.59
N SER H 61 -26.06 23.52 -28.60
CA SER H 61 -27.35 23.00 -28.95
C SER H 61 -28.50 23.50 -28.00
N ASN H 62 -28.25 23.43 -26.68
CA ASN H 62 -29.24 23.86 -25.69
C ASN H 62 -29.48 25.37 -25.80
N LEU H 63 -28.42 26.12 -26.16
CA LEU H 63 -28.51 27.55 -26.38
C LEU H 63 -29.29 27.93 -27.62
N GLU H 64 -29.17 27.13 -28.68
CA GLU H 64 -29.96 27.32 -29.87
C GLU H 64 -31.45 27.10 -29.55
N LEU H 65 -31.78 26.05 -28.81
CA LEU H 65 -33.16 25.81 -28.31
C LEU H 65 -33.65 27.04 -27.49
N HIS H 66 -32.78 27.55 -26.62
CA HIS H 66 -33.08 28.74 -25.83
C HIS H 66 -33.41 29.96 -26.72
N SER H 67 -32.54 30.26 -27.67
CA SER H 67 -32.71 31.43 -28.53
C SER H 67 -33.88 31.30 -29.50
N LEU H 68 -34.12 30.12 -30.01
CA LEU H 68 -35.31 29.81 -30.82
C LEU H 68 -36.60 30.17 -30.02
N SER H 69 -36.59 29.82 -28.75
CA SER H 69 -37.69 30.12 -27.86
C SER H 69 -37.84 31.61 -27.53
N THR H 70 -36.75 32.24 -27.13
CA THR H 70 -36.80 33.64 -26.74
C THR H 70 -36.92 34.57 -27.92
N GLY H 71 -36.48 34.12 -29.12
CA GLY H 71 -36.35 35.01 -30.27
C GLY H 71 -35.24 36.05 -30.10
N ARG H 72 -34.35 35.91 -29.13
CA ARG H 72 -33.30 36.91 -28.89
C ARG H 72 -31.92 36.24 -29.00
N LEU H 73 -30.96 37.07 -29.27
CA LEU H 73 -29.56 36.69 -29.24
C LEU H 73 -29.15 36.25 -27.79
N PRO H 74 -28.47 35.12 -27.65
CA PRO H 74 -28.14 34.65 -26.32
C PRO H 74 -27.11 35.51 -25.56
N ARG H 75 -27.07 35.33 -24.26
CA ARG H 75 -26.13 36.05 -23.43
C ARG H 75 -24.96 35.20 -23.04
N VAL H 76 -23.81 35.83 -22.86
CA VAL H 76 -22.62 35.09 -22.49
C VAL H 76 -22.82 34.50 -21.11
N VAL H 77 -23.49 35.23 -20.19
CA VAL H 77 -23.73 34.66 -18.85
C VAL H 77 -24.47 33.32 -18.88
N THR H 78 -25.38 33.17 -19.82
CA THR H 78 -26.20 31.99 -19.93
C THR H 78 -25.34 30.79 -20.35
N ALA H 79 -24.49 30.97 -21.35
CA ALA H 79 -23.51 29.92 -21.71
C ALA H 79 -22.63 29.56 -20.50
N ASN H 80 -22.18 30.59 -19.77
CA ASN H 80 -21.33 30.38 -18.60
C ASN H 80 -22.00 29.53 -17.53
N ARG H 81 -23.23 29.91 -17.18
CA ARG H 81 -24.03 29.14 -16.21
C ARG H 81 -24.29 27.72 -16.60
N MET H 82 -24.69 27.55 -17.85
CA MET H 82 -24.98 26.21 -18.35
C MET H 82 -23.72 25.32 -18.27
N LEU H 83 -22.59 25.87 -18.71
CA LEU H 83 -21.31 25.10 -18.68
C LEU H 83 -20.91 24.78 -17.26
N LYS H 84 -20.88 25.79 -16.41
CA LYS H 84 -20.39 25.56 -15.05
C LYS H 84 -21.27 24.62 -14.23
N GLN H 85 -22.61 24.72 -14.38
CA GLN H 85 -23.51 23.83 -13.68
C GLN H 85 -23.37 22.37 -14.13
N MET H 86 -23.16 22.13 -15.42
CA MET H 86 -22.91 20.80 -15.89
C MET H 86 -21.54 20.27 -15.36
N LEU H 87 -20.50 21.06 -15.53
CA LEU H 87 -19.17 20.63 -15.05
C LEU H 87 -19.13 20.37 -13.54
N PHE H 88 -19.80 21.22 -12.76
CA PHE H 88 -19.91 20.99 -11.33
C PHE H 88 -20.57 19.68 -11.02
N ARG H 89 -21.69 19.41 -11.69
CA ARG H 89 -22.42 18.16 -11.50
C ARG H 89 -21.50 16.94 -11.75
N TYR H 90 -20.58 17.01 -12.69
CA TYR H 90 -19.67 15.89 -13.01
C TYR H 90 -18.39 15.85 -12.18
N GLN H 91 -18.20 16.82 -11.28
CA GLN H 91 -17.19 16.77 -10.22
C GLN H 91 -15.77 16.75 -10.75
N GLY H 92 -15.54 17.38 -11.86
CA GLY H 92 -14.21 17.39 -12.45
C GLY H 92 -13.90 16.21 -13.34
N TYR H 93 -14.80 15.23 -13.46
CA TYR H 93 -14.57 14.09 -14.34
C TYR H 93 -14.69 14.42 -15.80
N ILE H 94 -15.34 15.53 -16.17
CA ILE H 94 -15.36 15.99 -17.54
C ILE H 94 -14.22 16.98 -17.61
N GLY H 95 -13.18 16.62 -18.37
CA GLY H 95 -11.92 17.36 -18.35
C GLY H 95 -11.91 18.48 -19.36
N ALA H 96 -12.86 19.40 -19.25
CA ALA H 96 -12.99 20.55 -20.15
C ALA H 96 -12.58 21.78 -19.40
N ALA H 97 -11.55 22.45 -19.93
CA ALA H 97 -11.08 23.72 -19.49
C ALA H 97 -11.32 24.75 -20.63
N LEU H 98 -12.15 25.76 -20.37
CA LEU H 98 -12.70 26.59 -21.41
C LEU H 98 -12.43 28.06 -21.27
N VAL H 99 -12.21 28.71 -22.40
CA VAL H 99 -12.19 30.15 -22.49
C VAL H 99 -13.40 30.57 -23.32
N LEU H 100 -14.38 31.16 -22.64
CA LEU H 100 -15.63 31.55 -23.24
C LEU H 100 -15.67 33.07 -23.46
N GLY H 101 -15.90 33.46 -24.69
CA GLY H 101 -16.02 34.87 -25.03
C GLY H 101 -17.15 35.15 -25.99
N GLY H 102 -17.80 36.29 -25.78
CA GLY H 102 -18.77 36.80 -26.70
C GLY H 102 -19.21 38.23 -26.48
N VAL H 103 -20.15 38.64 -27.32
CA VAL H 103 -20.71 39.98 -27.28
C VAL H 103 -22.23 39.86 -27.32
N ASP H 104 -22.88 40.41 -26.30
CA ASP H 104 -24.33 40.34 -26.18
C ASP H 104 -24.91 41.75 -25.99
N VAL H 105 -26.21 41.86 -25.68
CA VAL H 105 -26.86 43.15 -25.45
C VAL H 105 -26.18 43.98 -24.38
N THR H 106 -25.49 43.35 -23.44
CA THR H 106 -24.73 44.09 -22.41
C THR H 106 -23.25 44.28 -22.73
N GLY H 107 -22.84 43.99 -23.96
CA GLY H 107 -21.46 44.20 -24.42
C GLY H 107 -20.57 42.97 -24.41
N PRO H 108 -19.23 43.16 -24.46
CA PRO H 108 -18.30 42.04 -24.41
C PRO H 108 -18.12 41.40 -23.05
N HIS H 109 -17.96 40.07 -23.02
CA HIS H 109 -17.74 39.34 -21.78
C HIS H 109 -16.81 38.17 -22.05
N LEU H 110 -15.87 37.94 -21.11
CA LEU H 110 -14.89 36.86 -21.19
C LEU H 110 -14.80 36.11 -19.88
N TYR H 111 -14.86 34.78 -19.94
CA TYR H 111 -14.82 33.93 -18.77
C TYR H 111 -13.83 32.78 -18.97
N SER H 112 -13.13 32.38 -17.93
CA SER H 112 -12.46 31.12 -17.93
C SER H 112 -13.33 30.15 -17.12
N ILE H 113 -13.46 28.90 -17.59
CA ILE H 113 -14.25 27.89 -16.92
C ILE H 113 -13.42 26.65 -16.72
N TYR H 114 -13.36 26.19 -15.48
CA TYR H 114 -12.54 25.06 -15.10
C TYR H 114 -13.32 23.76 -14.96
N PRO H 115 -12.63 22.59 -15.06
CA PRO H 115 -13.31 21.29 -15.05
C PRO H 115 -14.18 21.01 -13.88
N HIS H 116 -13.79 21.46 -12.70
CA HIS H 116 -14.61 21.27 -11.51
C HIS H 116 -15.84 22.24 -11.44
N GLY H 117 -15.92 23.23 -12.33
CA GLY H 117 -17.07 24.11 -12.38
C GLY H 117 -16.87 25.52 -11.84
N SER H 118 -15.63 25.94 -11.49
CA SER H 118 -15.41 27.34 -11.14
C SER H 118 -15.27 28.14 -12.41
N THR H 119 -15.68 29.39 -12.33
CA THR H 119 -15.50 30.32 -13.39
C THR H 119 -14.96 31.65 -12.85
N ASP H 120 -14.22 32.34 -13.72
CA ASP H 120 -13.65 33.68 -13.41
C ASP H 120 -13.96 34.59 -14.59
N LYS H 121 -14.57 35.73 -14.30
CA LYS H 121 -14.88 36.72 -15.28
C LYS H 121 -13.75 37.78 -15.26
N LEU H 122 -13.00 37.90 -16.35
CA LEU H 122 -11.76 38.66 -16.38
C LEU H 122 -11.53 39.29 -17.74
N PRO H 123 -10.68 40.33 -17.81
CA PRO H 123 -10.43 40.95 -19.11
C PRO H 123 -9.36 40.23 -19.99
N TYR H 124 -8.61 39.30 -19.39
CA TYR H 124 -7.74 38.41 -20.11
C TYR H 124 -7.50 37.13 -19.33
N VAL H 125 -7.46 36.02 -20.07
CA VAL H 125 -7.32 34.70 -19.50
C VAL H 125 -6.53 33.79 -20.42
N THR H 126 -5.92 32.77 -19.83
CA THR H 126 -5.23 31.76 -20.57
C THR H 126 -5.48 30.38 -19.92
N MET H 127 -5.39 29.33 -20.72
CA MET H 127 -5.51 27.94 -20.23
CA MET H 127 -5.48 27.93 -20.24
C MET H 127 -4.65 27.02 -21.11
N GLY H 128 -4.46 25.77 -20.63
CA GLY H 128 -3.68 24.77 -21.32
C GLY H 128 -2.28 24.65 -20.74
N SER H 129 -1.53 23.67 -21.21
CA SER H 129 -0.14 23.51 -20.77
C SER H 129 0.74 24.71 -21.14
N GLY H 130 0.32 25.53 -22.11
CA GLY H 130 1.04 26.76 -22.49
C GLY H 130 0.56 28.01 -21.80
N SER H 131 -0.28 27.86 -20.79
CA SER H 131 -1.01 29.01 -20.30
C SER H 131 -0.14 30.03 -19.55
N LEU H 132 0.93 29.58 -18.89
CA LEU H 132 1.80 30.51 -18.17
C LEU H 132 2.67 31.33 -19.11
N ALA H 133 3.15 30.72 -20.20
CA ALA H 133 3.82 31.47 -21.25
C ALA H 133 2.93 32.56 -21.86
N ALA H 134 1.69 32.19 -22.22
CA ALA H 134 0.74 33.12 -22.75
C ALA H 134 0.37 34.21 -21.72
N MET H 135 0.25 33.82 -20.45
CA MET H 135 -0.08 34.79 -19.40
C MET H 135 1.04 35.80 -19.15
N ALA H 136 2.28 35.36 -19.25
CA ALA H 136 3.42 36.29 -19.15
C ALA H 136 3.31 37.40 -20.19
N VAL H 137 2.95 37.05 -21.44
CA VAL H 137 2.78 38.03 -22.49
C VAL H 137 1.72 39.04 -22.10
N PHE H 138 0.56 38.52 -21.66
CA PHE H 138 -0.55 39.39 -21.23
C PHE H 138 -0.17 40.28 -20.06
N GLU H 139 0.47 39.75 -19.02
CA GLU H 139 0.81 40.59 -17.87
C GLU H 139 1.78 41.73 -18.26
N ASP H 140 2.72 41.41 -19.12
CA ASP H 140 3.71 42.35 -19.60
C ASP H 140 3.12 43.44 -20.52
N LYS H 141 2.09 43.12 -21.32
CA LYS H 141 1.68 43.95 -22.48
C LYS H 141 0.19 44.33 -22.56
N PHE H 142 -0.69 43.67 -21.83
CA PHE H 142 -2.09 44.04 -21.92
C PHE H 142 -2.29 45.51 -21.48
N ARG H 143 -3.15 46.22 -22.20
CA ARG H 143 -3.65 47.52 -21.76
C ARG H 143 -5.15 47.46 -21.90
N PRO H 144 -5.90 48.16 -21.05
CA PRO H 144 -7.36 48.23 -21.32
C PRO H 144 -7.69 49.01 -22.59
N ASP H 145 -8.80 48.66 -23.23
CA ASP H 145 -9.35 49.38 -24.36
C ASP H 145 -8.42 49.40 -25.55
N MET H 146 -7.84 48.27 -25.87
CA MET H 146 -7.02 48.21 -27.06
C MET H 146 -7.87 48.28 -28.29
N GLU H 147 -7.26 48.70 -29.39
CA GLU H 147 -7.90 48.67 -30.68
C GLU H 147 -7.81 47.25 -31.23
N GLU H 148 -8.65 46.94 -32.21
CA GLU H 148 -8.78 45.61 -32.75
C GLU H 148 -7.41 45.00 -33.12
N GLU H 149 -6.63 45.73 -33.91
CA GLU H 149 -5.37 45.21 -34.39
C GLU H 149 -4.33 45.00 -33.29
N GLU H 150 -4.26 45.91 -32.31
CA GLU H 150 -3.40 45.74 -31.16
C GLU H 150 -3.78 44.46 -30.41
N ALA H 151 -5.08 44.27 -30.17
CA ALA H 151 -5.57 43.10 -29.43
C ALA H 151 -5.26 41.80 -30.15
N LYS H 152 -5.41 41.80 -31.47
CA LYS H 152 -5.08 40.65 -32.29
C LYS H 152 -3.57 40.31 -32.24
N ASN H 153 -2.73 41.32 -32.33
CA ASN H 153 -1.27 41.17 -32.15
C ASN H 153 -0.90 40.58 -30.81
N LEU H 154 -1.54 41.06 -29.75
CA LEU H 154 -1.27 40.60 -28.42
C LEU H 154 -1.68 39.14 -28.23
N VAL H 155 -2.87 38.76 -28.70
CA VAL H 155 -3.31 37.38 -28.57
C VAL H 155 -2.41 36.43 -29.36
N SER H 156 -2.03 36.79 -30.58
CA SER H 156 -1.19 35.89 -31.35
C SER H 156 0.23 35.81 -30.75
N GLU H 157 0.73 36.91 -30.19
CA GLU H 157 1.99 36.86 -29.44
C GLU H 157 1.91 35.87 -28.27
N ALA H 158 0.79 35.87 -27.57
CA ALA H 158 0.61 35.04 -26.41
C ALA H 158 0.52 33.58 -26.77
N ILE H 159 -0.23 33.26 -27.82
CA ILE H 159 -0.30 31.91 -28.35
C ILE H 159 1.08 31.46 -28.84
N ALA H 160 1.80 32.33 -29.52
CA ALA H 160 3.14 32.01 -29.98
C ALA H 160 4.09 31.68 -28.81
N ALA H 161 3.98 32.44 -27.70
CA ALA H 161 4.76 32.15 -26.52
C ALA H 161 4.53 30.68 -26.05
N GLY H 162 3.27 30.24 -26.05
CA GLY H 162 2.96 28.87 -25.70
C GLY H 162 3.45 27.88 -26.70
N ILE H 163 3.25 28.17 -28.00
CA ILE H 163 3.73 27.32 -29.09
C ILE H 163 5.24 26.99 -29.00
N PHE H 164 6.04 28.03 -28.76
CA PHE H 164 7.48 27.87 -28.78
C PHE H 164 8.09 27.41 -27.47
N ASN H 165 7.40 27.60 -26.34
CA ASN H 165 7.92 27.24 -25.00
C ASN H 165 7.28 26.04 -24.29
N ASP H 166 6.18 25.54 -24.83
CA ASP H 166 5.49 24.39 -24.28
C ASP H 166 5.52 23.25 -25.34
N LEU H 167 6.03 22.10 -24.91
CA LEU H 167 6.07 20.93 -25.77
C LEU H 167 4.65 20.41 -26.14
N GLY H 168 3.66 20.71 -25.31
CA GLY H 168 2.27 20.39 -25.62
C GLY H 168 1.60 21.22 -26.69
N SER H 169 2.20 22.32 -27.10
CA SER H 169 1.59 23.27 -28.00
C SER H 169 2.37 23.37 -29.27
N GLY H 170 1.66 23.65 -30.35
CA GLY H 170 2.32 23.83 -31.64
C GLY H 170 1.49 24.21 -32.82
N SER H 171 2.17 24.21 -33.95
CA SER H 171 1.61 24.37 -35.26
C SER H 171 1.08 25.78 -35.40
N ASN H 172 -0.18 25.96 -35.79
CA ASN H 172 -0.71 27.27 -36.23
C ASN H 172 -1.33 28.06 -35.09
N ILE H 173 -1.55 29.34 -35.36
CA ILE H 173 -2.29 30.20 -34.49
C ILE H 173 -3.65 30.49 -35.16
N ASP H 174 -4.75 30.14 -34.50
CA ASP H 174 -6.12 30.55 -34.91
C ASP H 174 -6.61 31.67 -34.01
N LEU H 175 -7.32 32.64 -34.58
CA LEU H 175 -7.97 33.70 -33.81
C LEU H 175 -9.45 33.78 -34.16
N CYS H 176 -10.25 34.26 -33.22
CA CYS H 176 -11.66 34.60 -33.48
C CYS H 176 -11.91 35.99 -32.91
N VAL H 177 -12.34 36.92 -33.75
CA VAL H 177 -12.61 38.29 -33.35
C VAL H 177 -14.12 38.50 -33.36
N ILE H 178 -14.65 38.94 -32.23
CA ILE H 178 -16.10 39.13 -32.03
C ILE H 178 -16.35 40.56 -31.59
N SER H 179 -17.13 41.30 -32.36
CA SER H 179 -17.64 42.63 -31.96
C SER H 179 -19.16 42.69 -32.17
N LYS H 180 -19.78 43.82 -31.81
CA LYS H 180 -21.22 44.06 -32.15
C LYS H 180 -21.52 43.87 -33.64
N ASN H 181 -20.57 44.27 -34.49
CA ASN H 181 -20.78 44.33 -35.94
C ASN H 181 -20.22 43.18 -36.78
N LYS H 182 -19.34 42.39 -36.21
CA LYS H 182 -18.48 41.54 -37.00
C LYS H 182 -18.11 40.29 -36.21
N LEU H 183 -17.99 39.17 -36.94
CA LEU H 183 -17.36 37.98 -36.45
C LEU H 183 -16.33 37.54 -37.48
N ASP H 184 -15.05 37.54 -37.09
CA ASP H 184 -13.95 37.10 -37.98
C ASP H 184 -13.35 35.85 -37.38
N PHE H 185 -13.59 34.71 -38.02
CA PHE H 185 -13.06 33.42 -37.58
C PHE H 185 -11.87 33.21 -38.46
N LEU H 186 -10.68 33.40 -37.90
CA LEU H 186 -9.41 33.44 -38.67
C LEU H 186 -8.62 32.15 -38.40
N ARG H 187 -8.87 31.14 -39.24
CA ARG H 187 -8.27 29.82 -39.15
CA ARG H 187 -8.26 29.82 -39.15
C ARG H 187 -7.63 29.45 -40.48
N PRO H 188 -6.30 29.45 -40.61
CA PRO H 188 -5.30 29.91 -39.64
C PRO H 188 -5.13 31.44 -39.67
N TYR H 189 -4.69 32.03 -38.56
CA TYR H 189 -4.25 33.40 -38.54
C TYR H 189 -2.81 33.51 -38.95
N THR H 190 -1.96 32.68 -38.32
CA THR H 190 -0.52 32.57 -38.63
C THR H 190 -0.11 31.08 -38.70
N VAL H 191 0.90 30.79 -39.51
CA VAL H 191 1.44 29.43 -39.70
C VAL H 191 2.92 29.59 -39.44
N PRO H 192 3.34 29.73 -38.16
CA PRO H 192 4.78 29.93 -37.86
C PRO H 192 5.64 28.68 -37.92
N ASN H 193 5.02 27.52 -38.05
CA ASN H 193 5.74 26.26 -38.17
C ASN H 193 5.43 25.50 -39.47
N LYS H 194 6.47 25.00 -40.11
CA LYS H 194 6.35 24.38 -41.41
C LYS H 194 7.25 23.13 -41.41
N LYS H 195 6.73 22.02 -41.90
CA LYS H 195 7.54 20.84 -42.09
C LYS H 195 8.66 21.17 -43.07
N GLY H 196 9.87 20.73 -42.76
CA GLY H 196 11.00 20.85 -43.71
C GLY H 196 10.75 20.03 -44.95
N THR H 197 11.50 20.29 -46.02
CA THR H 197 11.28 19.57 -47.27
C THR H 197 12.02 18.24 -47.32
N ARG H 198 11.51 17.36 -48.16
CA ARG H 198 12.04 16.04 -48.38
C ARG H 198 13.17 16.16 -49.38
N LEU H 199 14.32 15.57 -49.07
CA LEU H 199 15.54 15.65 -49.90
C LEU H 199 15.71 14.50 -50.91
N GLY H 200 15.26 13.30 -50.54
CA GLY H 200 15.30 12.11 -51.43
C GLY H 200 13.89 11.66 -51.81
N ARG H 201 13.73 11.06 -52.98
CA ARG H 201 12.40 10.55 -53.42
C ARG H 201 12.27 9.02 -53.22
N TYR H 202 11.17 8.61 -52.60
CA TYR H 202 10.86 7.20 -52.37
C TYR H 202 9.56 6.79 -53.10
N ARG H 203 9.48 7.17 -54.38
CA ARG H 203 8.38 6.81 -55.29
C ARG H 203 8.57 5.35 -55.78
N CYS H 204 7.96 4.42 -55.05
CA CYS H 204 8.16 3.00 -55.35
C CYS H 204 7.24 2.57 -56.50
N GLU H 205 7.85 2.10 -57.57
CA GLU H 205 7.16 1.63 -58.75
C GLU H 205 6.38 0.34 -58.53
N LYS H 206 5.37 0.12 -59.37
CA LYS H 206 4.49 -1.05 -59.29
C LYS H 206 5.33 -2.33 -59.34
N GLY H 207 5.02 -3.28 -58.46
CA GLY H 207 5.75 -4.53 -58.36
C GLY H 207 6.84 -4.56 -57.28
N THR H 208 7.20 -3.41 -56.73
CA THR H 208 8.10 -3.28 -55.56
C THR H 208 7.59 -4.09 -54.36
N THR H 209 6.29 -4.00 -54.11
CA THR H 209 5.62 -4.75 -53.06
C THR H 209 5.15 -6.10 -53.60
N ALA H 210 5.62 -7.21 -53.04
CA ALA H 210 5.15 -8.53 -53.47
C ALA H 210 3.75 -8.83 -52.90
N VAL H 211 2.92 -9.41 -53.74
CA VAL H 211 1.51 -9.62 -53.45
C VAL H 211 1.19 -11.09 -53.45
N LEU H 212 0.54 -11.60 -52.40
CA LEU H 212 0.12 -12.99 -52.31
C LEU H 212 -1.22 -13.24 -52.99
N THR H 213 -2.21 -12.36 -52.78
CA THR H 213 -3.57 -12.57 -53.29
C THR H 213 -4.16 -11.24 -53.71
N GLU H 214 -5.05 -11.28 -54.70
CA GLU H 214 -5.71 -10.09 -55.22
C GLU H 214 -7.18 -10.43 -55.58
N LYS H 215 -8.07 -9.51 -55.30
CA LYS H 215 -9.46 -9.61 -55.73
C LYS H 215 -9.95 -8.23 -56.08
N ILE H 216 -10.41 -8.07 -57.32
CA ILE H 216 -11.08 -6.86 -57.79
C ILE H 216 -12.59 -7.14 -57.71
N THR H 217 -13.29 -6.25 -57.03
CA THR H 217 -14.75 -6.25 -56.97
C THR H 217 -15.24 -4.97 -57.67
N PRO H 218 -15.86 -5.10 -58.87
CA PRO H 218 -16.40 -3.92 -59.59
C PRO H 218 -17.64 -3.36 -58.89
N LEU H 219 -17.82 -2.04 -58.94
CA LEU H 219 -18.98 -1.35 -58.32
C LEU H 219 -19.79 -0.55 -59.37
N GLU H 220 -20.97 -0.07 -58.99
CA GLU H 220 -21.86 0.69 -59.91
C GLU H 220 -21.52 2.16 -60.02
N SER I 2 -0.53 -2.66 -20.41
CA SER I 2 -1.54 -1.80 -21.15
C SER I 2 -2.66 -2.61 -21.87
N ILE I 3 -3.91 -2.20 -21.67
CA ILE I 3 -5.07 -2.93 -22.20
C ILE I 3 -5.00 -2.98 -23.70
N MET I 4 -4.57 -1.88 -24.31
CA MET I 4 -4.50 -1.74 -25.75
C MET I 4 -3.48 -2.59 -26.41
N SER I 5 -2.48 -3.07 -25.69
CA SER I 5 -1.50 -3.94 -26.30
C SER I 5 -1.71 -5.43 -26.00
N TYR I 6 -2.81 -5.80 -25.34
CA TYR I 6 -3.04 -7.20 -24.93
C TYR I 6 -3.13 -8.11 -26.18
N ASN I 7 -3.83 -7.63 -27.19
CA ASN I 7 -3.92 -8.29 -28.49
C ASN I 7 -2.97 -7.76 -29.57
N GLY I 8 -2.44 -6.56 -29.40
CA GLY I 8 -1.60 -5.92 -30.41
C GLY I 8 -2.42 -5.51 -31.60
N GLY I 9 -1.77 -5.13 -32.69
CA GLY I 9 -2.48 -4.85 -33.93
C GLY I 9 -2.27 -3.43 -34.42
N ALA I 10 -2.48 -3.25 -35.70
CA ALA I 10 -2.22 -2.00 -36.37
C ALA I 10 -3.14 -1.80 -37.55
N VAL I 11 -3.69 -0.59 -37.68
CA VAL I 11 -4.41 -0.19 -38.85
C VAL I 11 -3.92 1.17 -39.31
N MET I 12 -4.04 1.42 -40.60
CA MET I 12 -3.82 2.73 -41.16
C MET I 12 -4.67 2.99 -42.39
N ALA I 13 -4.90 4.26 -42.66
CA ALA I 13 -5.58 4.69 -43.86
C ALA I 13 -4.83 5.83 -44.50
N MET I 14 -5.03 5.96 -45.81
CA MET I 14 -4.28 6.90 -46.60
CA MET I 14 -4.29 6.91 -46.61
C MET I 14 -5.10 7.43 -47.80
N LYS I 15 -4.93 8.72 -48.08
CA LYS I 15 -5.63 9.41 -49.13
C LYS I 15 -4.75 9.58 -50.38
N GLY I 16 -5.33 9.29 -51.54
CA GLY I 16 -4.78 9.64 -52.84
C GLY I 16 -5.70 10.55 -53.65
N LYS I 17 -5.44 10.66 -54.93
N LYS I 17 -5.42 10.57 -54.97
CA LYS I 17 -6.17 11.65 -55.77
CA LYS I 17 -6.22 11.22 -56.00
C LYS I 17 -7.76 11.73 -55.71
C LYS I 17 -7.29 10.25 -56.42
N ASN I 18 -8.48 10.67 -56.08
CA ASN I 18 -9.84 10.14 -56.16
C ASN I 18 -9.92 8.69 -55.67
N CYS I 19 -9.12 8.38 -54.65
CA CYS I 19 -9.08 7.04 -54.08
C CYS I 19 -8.58 7.11 -52.65
N VAL I 20 -8.88 6.09 -51.87
CA VAL I 20 -8.38 5.95 -50.51
C VAL I 20 -7.94 4.50 -50.32
N ALA I 21 -7.09 4.31 -49.33
CA ALA I 21 -6.56 3.00 -48.99
C ALA I 21 -6.67 2.80 -47.48
N ILE I 22 -6.93 1.57 -47.07
CA ILE I 22 -6.98 1.19 -45.67
C ILE I 22 -6.31 -0.19 -45.60
N ALA I 23 -5.51 -0.39 -44.57
CA ALA I 23 -4.68 -1.56 -44.37
C ALA I 23 -4.63 -1.97 -42.89
N ALA I 24 -4.43 -3.27 -42.67
CA ALA I 24 -4.37 -3.80 -41.33
C ALA I 24 -3.45 -5.01 -41.29
N ASP I 25 -2.87 -5.28 -40.12
CA ASP I 25 -2.18 -6.53 -39.88
C ASP I 25 -3.22 -7.60 -39.64
N ARG I 26 -2.79 -8.87 -39.61
CA ARG I 26 -3.71 -10.00 -39.63
CA ARG I 26 -3.71 -10.00 -39.63
C ARG I 26 -3.64 -10.88 -38.40
N ARG I 27 -2.69 -10.62 -37.50
CA ARG I 27 -2.53 -11.40 -36.27
C ARG I 27 -3.67 -11.23 -35.26
N PHE I 28 -4.13 -12.34 -34.69
CA PHE I 28 -4.91 -12.35 -33.46
C PHE I 28 -4.05 -13.15 -32.53
N GLY I 29 -3.65 -12.49 -31.45
CA GLY I 29 -2.83 -13.08 -30.44
C GLY I 29 -3.23 -12.57 -29.07
N ILE I 30 -2.80 -13.31 -28.05
CA ILE I 30 -3.06 -13.05 -26.65
C ILE I 30 -1.67 -12.97 -25.99
N GLN I 31 -1.29 -11.72 -25.66
CA GLN I 31 0.06 -11.38 -25.23
C GLN I 31 1.08 -12.01 -26.24
N ALA I 32 2.02 -12.82 -25.83
CA ALA I 32 3.04 -13.33 -26.75
C ALA I 32 2.48 -14.34 -27.79
N GLN I 33 1.39 -15.01 -27.46
CA GLN I 33 0.93 -16.15 -28.26
C GLN I 33 0.05 -15.78 -29.45
N MET I 34 0.53 -16.08 -30.67
CA MET I 34 -0.32 -16.02 -31.84
C MET I 34 -1.37 -17.11 -31.70
N VAL I 35 -2.61 -16.75 -32.00
CA VAL I 35 -3.76 -17.72 -32.01
C VAL I 35 -4.23 -17.96 -33.44
N THR I 36 -4.32 -16.89 -34.22
CA THR I 36 -4.73 -17.00 -35.58
C THR I 36 -4.01 -15.95 -36.44
N THR I 37 -3.89 -16.19 -37.74
CA THR I 37 -3.28 -15.27 -38.67
C THR I 37 -4.20 -14.72 -39.78
N ASP I 38 -5.51 -14.75 -39.58
CA ASP I 38 -6.45 -14.19 -40.56
C ASP I 38 -7.59 -13.45 -39.86
N PHE I 39 -7.26 -12.69 -38.82
CA PHE I 39 -8.28 -12.03 -38.03
C PHE I 39 -8.69 -10.74 -38.72
N GLN I 40 -9.98 -10.54 -38.89
CA GLN I 40 -10.51 -9.35 -39.57
C GLN I 40 -10.58 -8.12 -38.67
N LYS I 41 -10.04 -7.02 -39.16
CA LYS I 41 -10.02 -5.75 -38.45
C LYS I 41 -10.62 -4.61 -39.27
N ILE I 42 -10.80 -4.82 -40.59
CA ILE I 42 -11.37 -3.84 -41.48
C ILE I 42 -12.75 -4.35 -41.96
N PHE I 43 -13.79 -3.51 -41.82
CA PHE I 43 -15.20 -3.89 -42.03
C PHE I 43 -15.92 -2.95 -42.96
N PRO I 44 -16.65 -3.49 -43.95
CA PRO I 44 -17.40 -2.64 -44.89
C PRO I 44 -18.58 -1.95 -44.22
N MET I 45 -18.72 -0.66 -44.46
CA MET I 45 -19.82 0.11 -43.91
C MET I 45 -20.61 0.77 -45.05
N GLY I 46 -20.44 0.24 -46.25
CA GLY I 46 -20.94 0.84 -47.47
C GLY I 46 -20.09 0.30 -48.59
N ASP I 47 -20.56 0.52 -49.81
CA ASP I 47 -19.83 0.06 -50.99
C ASP I 47 -18.43 0.66 -51.07
N ARG I 48 -18.29 1.92 -50.66
CA ARG I 48 -17.06 2.69 -50.76
C ARG I 48 -16.60 3.30 -49.40
N LEU I 49 -16.90 2.62 -48.32
CA LEU I 49 -16.69 3.17 -46.97
C LEU I 49 -16.40 2.04 -46.01
N TYR I 50 -15.19 2.05 -45.45
CA TYR I 50 -14.68 1.01 -44.58
C TYR I 50 -14.22 1.64 -43.23
N ILE I 51 -14.31 0.85 -42.16
CA ILE I 51 -13.81 1.18 -40.86
C ILE I 51 -12.80 0.11 -40.43
N GLY I 52 -11.65 0.55 -39.94
CA GLY I 52 -10.59 -0.32 -39.40
C GLY I 52 -10.45 -0.08 -37.92
N LEU I 53 -10.36 -1.14 -37.14
CA LEU I 53 -10.29 -1.03 -35.70
C LEU I 53 -9.12 -1.80 -35.16
N ALA I 54 -8.29 -1.12 -34.37
CA ALA I 54 -7.24 -1.79 -33.61
C ALA I 54 -7.52 -1.59 -32.15
N GLY I 55 -6.97 -2.46 -31.34
CA GLY I 55 -7.15 -2.40 -29.91
C GLY I 55 -7.55 -3.77 -29.43
N LEU I 56 -8.32 -3.82 -28.37
CA LEU I 56 -8.73 -5.05 -27.75
C LEU I 56 -9.71 -5.77 -28.69
N ALA I 57 -9.35 -7.01 -29.02
CA ALA I 57 -10.02 -7.77 -30.12
C ALA I 57 -11.52 -7.89 -29.83
N THR I 58 -11.90 -8.14 -28.58
CA THR I 58 -13.32 -8.26 -28.25
C THR I 58 -14.14 -6.99 -28.57
N ASP I 59 -13.50 -5.83 -28.40
CA ASP I 59 -14.10 -4.50 -28.63
C ASP I 59 -14.02 -4.09 -30.10
N VAL I 60 -12.99 -4.51 -30.80
CA VAL I 60 -12.96 -4.44 -32.25
C VAL I 60 -14.26 -5.05 -32.86
N GLN I 61 -14.62 -6.24 -32.39
CA GLN I 61 -15.76 -6.98 -32.87
C GLN I 61 -17.09 -6.37 -32.41
N THR I 62 -17.17 -5.99 -31.14
CA THR I 62 -18.36 -5.40 -30.58
C THR I 62 -18.67 -4.05 -31.23
N VAL I 63 -17.67 -3.20 -31.39
CA VAL I 63 -17.88 -1.89 -32.00
C VAL I 63 -18.27 -2.04 -33.46
N ALA I 64 -17.59 -2.90 -34.22
CA ALA I 64 -17.98 -3.16 -35.61
C ALA I 64 -19.48 -3.59 -35.69
N GLN I 65 -19.88 -4.50 -34.81
CA GLN I 65 -21.22 -5.10 -34.81
C GLN I 65 -22.29 -4.09 -34.39
N ARG I 66 -22.02 -3.34 -33.34
CA ARG I 66 -22.97 -2.37 -32.82
C ARG I 66 -23.07 -1.17 -33.75
N LEU I 67 -21.96 -0.82 -34.38
CA LEU I 67 -21.97 0.22 -35.39
C LEU I 67 -22.83 -0.19 -36.61
N LYS I 68 -22.67 -1.44 -37.01
CA LYS I 68 -23.43 -1.96 -38.16
C LYS I 68 -24.95 -1.96 -37.87
N PHE I 69 -25.35 -2.33 -36.66
CA PHE I 69 -26.74 -2.21 -36.18
C PHE I 69 -27.26 -0.80 -36.40
N ARG I 70 -26.49 0.18 -35.97
CA ARG I 70 -26.90 1.57 -36.06
C ARG I 70 -26.95 2.08 -37.48
N LEU I 71 -25.96 1.71 -38.26
CA LEU I 71 -25.89 2.13 -39.64
C LEU I 71 -27.02 1.55 -40.48
N ASN I 72 -27.33 0.28 -40.29
CA ASN I 72 -28.43 -0.37 -41.04
C ASN I 72 -29.76 0.30 -40.80
N LEU I 73 -30.02 0.63 -39.52
CA LEU I 73 -31.23 1.36 -39.16
C LEU I 73 -31.28 2.74 -39.78
N TYR I 74 -30.15 3.46 -39.71
CA TYR I 74 -30.01 4.76 -40.36
C TYR I 74 -30.34 4.69 -41.86
N GLU I 75 -29.75 3.74 -42.57
CA GLU I 75 -29.92 3.69 -44.02
C GLU I 75 -31.37 3.32 -44.41
N LEU I 76 -31.98 2.37 -43.69
CA LEU I 76 -33.39 2.03 -43.90
C LEU I 76 -34.31 3.23 -43.67
N LYS I 77 -34.04 4.01 -42.63
CA LYS I 77 -34.89 5.14 -42.25
C LYS I 77 -34.69 6.35 -43.16
N GLU I 78 -33.44 6.62 -43.50
CA GLU I 78 -33.11 7.74 -44.36
C GLU I 78 -33.24 7.22 -45.78
N GLY I 79 -33.20 8.07 -46.75
CA GLY I 79 -33.31 7.47 -48.09
C GLY I 79 -32.13 6.72 -48.69
N ARG I 80 -31.04 6.45 -47.98
CA ARG I 80 -29.73 6.63 -48.61
C ARG I 80 -28.54 6.06 -47.91
N GLN I 81 -27.43 6.04 -48.62
CA GLN I 81 -26.17 5.62 -48.06
C GLN I 81 -25.55 6.72 -47.20
N ILE I 82 -24.95 6.33 -46.10
CA ILE I 82 -24.33 7.29 -45.17
C ILE I 82 -23.13 7.99 -45.82
N LYS I 83 -23.02 9.29 -45.61
CA LYS I 83 -21.80 10.04 -45.91
C LYS I 83 -20.60 9.73 -44.93
N PRO I 84 -19.35 9.79 -45.40
CA PRO I 84 -18.20 9.46 -44.53
C PRO I 84 -18.15 10.26 -43.22
N TYR I 85 -18.32 11.56 -43.32
CA TYR I 85 -18.34 12.46 -42.20
C TYR I 85 -19.45 12.12 -41.15
N THR I 86 -20.62 11.73 -41.66
CA THR I 86 -21.70 11.27 -40.85
C THR I 86 -21.42 9.94 -40.15
N LEU I 87 -20.79 8.99 -40.82
CA LEU I 87 -20.33 7.77 -40.15
C LEU I 87 -19.35 8.07 -38.96
N MET I 88 -18.40 8.94 -39.20
CA MET I 88 -17.50 9.41 -38.16
C MET I 88 -18.26 9.90 -36.93
N SER I 89 -19.26 10.73 -37.16
CA SER I 89 -20.07 11.26 -36.07
C SER I 89 -20.85 10.21 -35.33
N MET I 90 -21.41 9.27 -36.07
CA MET I 90 -22.15 8.14 -35.50
C MET I 90 -21.24 7.35 -34.60
N VAL I 91 -20.01 7.12 -35.04
CA VAL I 91 -19.03 6.36 -34.29
C VAL I 91 -18.58 7.13 -33.03
N ALA I 92 -18.31 8.42 -33.20
CA ALA I 92 -17.99 9.30 -32.05
C ALA I 92 -19.05 9.25 -30.96
N ASN I 93 -20.33 9.29 -31.36
CA ASN I 93 -21.42 9.26 -30.47
C ASN I 93 -21.44 7.92 -29.76
N LEU I 94 -21.27 6.82 -30.51
CA LEU I 94 -21.26 5.47 -29.91
C LEU I 94 -20.13 5.30 -28.84
N LEU I 95 -18.93 5.76 -29.17
CA LEU I 95 -17.80 5.66 -28.24
C LEU I 95 -17.96 6.55 -26.99
N TYR I 96 -18.46 7.78 -27.16
CA TYR I 96 -18.59 8.72 -26.07
C TYR I 96 -19.72 8.34 -25.09
N GLU I 97 -20.75 7.60 -25.55
CA GLU I 97 -21.73 7.01 -24.65
C GLU I 97 -21.08 6.16 -23.57
N LYS I 98 -19.91 5.59 -23.86
CA LYS I 98 -19.13 4.81 -22.87
C LYS I 98 -17.94 5.57 -22.29
N ARG I 99 -18.04 6.90 -22.26
CA ARG I 99 -17.00 7.78 -21.77
C ARG I 99 -16.38 7.28 -20.47
N PHE I 100 -17.23 6.82 -19.52
CA PHE I 100 -16.73 6.37 -18.24
C PHE I 100 -16.45 4.83 -18.10
N GLY I 101 -16.51 4.07 -19.19
CA GLY I 101 -16.11 2.63 -19.19
C GLY I 101 -15.93 2.28 -20.64
N PRO I 102 -14.91 2.82 -21.28
CA PRO I 102 -14.83 2.82 -22.74
C PRO I 102 -14.59 1.46 -23.39
N TYR I 103 -14.93 1.38 -24.66
CA TYR I 103 -14.43 0.35 -25.55
C TYR I 103 -12.97 0.68 -25.81
N TYR I 104 -12.11 -0.34 -25.82
CA TYR I 104 -10.66 -0.15 -26.03
C TYR I 104 -10.32 -0.36 -27.49
N THR I 105 -10.78 0.57 -28.29
CA THR I 105 -10.51 0.53 -29.70
C THR I 105 -10.45 1.94 -30.22
N GLU I 106 -9.61 2.15 -31.21
CA GLU I 106 -9.37 3.47 -31.80
C GLU I 106 -9.48 3.36 -33.33
N PRO I 107 -10.65 3.65 -33.87
CA PRO I 107 -10.87 3.35 -35.30
C PRO I 107 -10.29 4.34 -36.27
N VAL I 108 -10.12 3.85 -37.49
CA VAL I 108 -9.88 4.68 -38.66
C VAL I 108 -10.99 4.42 -39.64
N ILE I 109 -11.39 5.47 -40.35
CA ILE I 109 -12.36 5.38 -41.41
C ILE I 109 -11.74 5.84 -42.72
N ALA I 110 -12.06 5.12 -43.80
CA ALA I 110 -11.62 5.43 -45.13
C ALA I 110 -12.76 5.22 -46.11
N GLY I 111 -13.06 6.22 -46.90
CA GLY I 111 -14.08 6.06 -47.91
C GLY I 111 -14.21 7.18 -48.91
N LEU I 112 -15.11 6.98 -49.86
CA LEU I 112 -15.44 7.98 -50.88
C LEU I 112 -16.87 8.42 -50.64
N ASP I 113 -17.16 9.72 -50.76
CA ASP I 113 -18.56 10.20 -50.58
C ASP I 113 -19.50 9.51 -51.59
N PRO I 114 -20.62 8.90 -51.12
CA PRO I 114 -21.46 8.11 -52.06
C PRO I 114 -22.04 8.85 -53.28
N LYS I 115 -22.12 10.17 -53.22
CA LYS I 115 -22.60 10.97 -54.37
C LYS I 115 -21.47 11.65 -55.13
N THR I 116 -20.55 12.29 -54.41
CA THR I 116 -19.47 13.10 -55.05
C THR I 116 -18.15 12.34 -55.27
N PHE I 117 -18.00 11.19 -54.61
CA PHE I 117 -16.78 10.36 -54.70
C PHE I 117 -15.51 11.05 -54.17
N LYS I 118 -15.68 12.11 -53.37
CA LYS I 118 -14.55 12.82 -52.76
C LYS I 118 -13.91 11.92 -51.68
N PRO I 119 -12.58 11.82 -51.64
CA PRO I 119 -11.92 11.01 -50.60
C PRO I 119 -12.03 11.54 -49.16
N PHE I 120 -12.16 10.63 -48.20
CA PHE I 120 -12.27 10.95 -46.78
C PHE I 120 -11.50 10.01 -45.93
N ILE I 121 -10.70 10.53 -45.01
CA ILE I 121 -10.12 9.67 -43.97
C ILE I 121 -10.18 10.34 -42.58
N CYS I 122 -10.35 9.53 -41.56
CA CYS I 122 -10.31 10.05 -40.19
C CYS I 122 -9.92 8.96 -39.23
N SER I 123 -9.65 9.36 -37.99
CA SER I 123 -9.50 8.44 -36.92
C SER I 123 -10.16 9.02 -35.69
N LEU I 124 -10.39 8.18 -34.71
CA LEU I 124 -10.98 8.63 -33.45
C LEU I 124 -10.26 7.99 -32.32
N ASP I 125 -10.21 8.64 -31.17
CA ASP I 125 -9.66 8.02 -29.96
C ASP I 125 -10.76 7.18 -29.31
N LEU I 126 -10.41 6.48 -28.23
CA LEU I 126 -11.31 5.49 -27.66
C LEU I 126 -12.58 6.05 -27.03
N ILE I 127 -12.61 7.36 -26.73
CA ILE I 127 -13.82 8.00 -26.24
C ILE I 127 -14.51 8.88 -27.32
N GLY I 128 -14.11 8.73 -28.57
CA GLY I 128 -14.80 9.31 -29.65
C GLY I 128 -14.40 10.70 -30.11
N CYS I 129 -13.20 11.17 -29.80
CA CYS I 129 -12.75 12.43 -30.32
C CYS I 129 -12.38 12.26 -31.81
N PRO I 130 -12.98 13.05 -32.71
CA PRO I 130 -12.66 12.82 -34.13
C PRO I 130 -11.50 13.68 -34.65
N MET I 131 -10.76 13.12 -35.59
CA MET I 131 -9.73 13.82 -36.30
C MET I 131 -9.79 13.46 -37.80
N VAL I 132 -10.15 14.43 -38.62
CA VAL I 132 -10.07 14.33 -40.06
C VAL I 132 -8.70 14.85 -40.53
N THR I 133 -8.07 14.17 -41.51
CA THR I 133 -6.84 14.63 -42.15
C THR I 133 -6.90 14.53 -43.67
N ASP I 134 -5.98 15.22 -44.32
CA ASP I 134 -5.83 15.16 -45.79
C ASP I 134 -4.73 14.25 -46.29
N ASP I 135 -4.15 13.40 -45.42
CA ASP I 135 -3.05 12.54 -45.83
C ASP I 135 -3.11 11.12 -45.31
N PHE I 136 -3.01 10.93 -44.00
CA PHE I 136 -3.02 9.61 -43.45
C PHE I 136 -3.42 9.68 -42.01
N VAL I 137 -3.79 8.51 -41.50
CA VAL I 137 -4.08 8.29 -40.10
C VAL I 137 -3.59 6.89 -39.76
N VAL I 138 -3.22 6.69 -38.52
CA VAL I 138 -2.69 5.44 -38.00
C VAL I 138 -3.27 5.13 -36.63
N SER I 139 -3.40 3.86 -36.30
CA SER I 139 -3.86 3.49 -34.96
C SER I 139 -3.30 2.11 -34.65
N GLY I 140 -2.79 1.92 -33.43
CA GLY I 140 -2.40 0.60 -32.95
C GLY I 140 -1.12 0.59 -32.16
N THR I 141 -0.61 -0.58 -31.86
CA THR I 141 0.57 -0.71 -30.99
C THR I 141 1.89 -0.27 -31.61
N CYS I 142 1.95 -0.03 -32.91
CA CYS I 142 3.18 0.51 -33.52
C CYS I 142 2.96 1.89 -34.18
N ALA I 143 2.21 2.76 -33.50
CA ALA I 143 1.82 4.06 -34.08
C ALA I 143 3.05 4.92 -34.38
N GLU I 144 4.06 4.87 -33.52
CA GLU I 144 5.28 5.63 -33.79
C GLU I 144 6.02 5.15 -35.06
N GLN I 145 6.16 3.85 -35.21
CA GLN I 145 6.67 3.26 -36.43
C GLN I 145 5.86 3.66 -37.67
N MET I 146 4.54 3.53 -37.58
CA MET I 146 3.68 3.95 -38.64
C MET I 146 3.83 5.46 -38.99
N TYR I 147 3.87 6.35 -37.98
CA TYR I 147 4.10 7.77 -38.25
C TYR I 147 5.39 8.07 -38.97
N GLY I 148 6.46 7.36 -38.61
CA GLY I 148 7.72 7.55 -39.24
C GLY I 148 7.71 7.15 -40.71
N MET I 149 7.09 6.02 -41.05
CA MET I 149 6.94 5.63 -42.45
C MET I 149 6.05 6.58 -43.26
N CYS I 150 4.87 6.92 -42.72
CA CYS I 150 3.92 7.79 -43.41
C CYS I 150 4.50 9.18 -43.66
N GLU I 151 5.10 9.80 -42.63
CA GLU I 151 5.66 11.11 -42.78
C GLU I 151 6.74 11.19 -43.84
N SER I 152 7.53 10.11 -43.97
CA SER I 152 8.60 10.08 -44.92
C SER I 152 8.16 9.71 -46.33
N LEU I 153 7.14 8.87 -46.50
CA LEU I 153 6.76 8.36 -47.81
C LEU I 153 5.54 9.04 -48.46
N TRP I 154 4.56 9.47 -47.68
CA TRP I 154 3.32 9.97 -48.30
C TRP I 154 3.56 11.21 -49.16
N GLU I 155 2.94 11.26 -50.34
CA GLU I 155 2.93 12.46 -51.15
C GLU I 155 1.49 12.76 -51.59
N PRO I 156 1.19 14.03 -51.90
CA PRO I 156 -0.16 14.35 -52.36
C PRO I 156 -0.52 13.82 -53.76
N ASN I 157 -1.81 13.63 -53.99
CA ASN I 157 -2.36 13.33 -55.31
C ASN I 157 -1.82 12.05 -55.96
N MET I 158 -1.60 11.01 -55.15
CA MET I 158 -1.10 9.75 -55.68
C MET I 158 -2.20 8.98 -56.42
N ASP I 159 -1.85 8.36 -57.54
CA ASP I 159 -2.78 7.48 -58.25
C ASP I 159 -2.91 6.15 -57.49
N PRO I 160 -3.93 5.34 -57.81
CA PRO I 160 -4.16 4.06 -57.10
C PRO I 160 -2.95 3.11 -56.96
N ASP I 161 -2.12 2.95 -58.01
CA ASP I 161 -0.94 2.07 -57.96
C ASP I 161 0.14 2.56 -56.97
N HIS I 162 0.44 3.86 -57.01
CA HIS I 162 1.41 4.47 -56.11
C HIS I 162 0.89 4.53 -54.66
N LEU I 163 -0.40 4.79 -54.50
CA LEU I 163 -1.05 4.73 -53.19
C LEU I 163 -0.91 3.37 -52.57
N PHE I 164 -1.18 2.33 -53.36
CA PHE I 164 -1.00 0.94 -52.92
C PHE I 164 0.44 0.62 -52.46
N GLU I 165 1.43 0.98 -53.27
CA GLU I 165 2.85 0.78 -52.89
C GLU I 165 3.21 1.54 -51.60
N THR I 166 2.76 2.78 -51.45
CA THR I 166 3.09 3.58 -50.33
C THR I 166 2.49 3.04 -49.02
N ILE I 167 1.20 2.71 -49.00
CA ILE I 167 0.55 2.23 -47.80
C ILE I 167 1.13 0.85 -47.46
N SER I 168 1.40 0.04 -48.48
CA SER I 168 1.96 -1.30 -48.25
C SER I 168 3.37 -1.22 -47.61
N GLN I 169 4.21 -0.32 -48.08
CA GLN I 169 5.57 -0.18 -47.57
C GLN I 169 5.52 0.46 -46.19
N ALA I 170 4.63 1.43 -45.98
CA ALA I 170 4.44 2.01 -44.66
C ALA I 170 4.01 0.95 -43.62
N MET I 171 2.99 0.13 -43.94
CA MET I 171 2.58 -0.97 -43.06
C MET I 171 3.67 -2.06 -42.82
N LEU I 172 4.24 -2.64 -43.88
CA LEU I 172 5.17 -3.76 -43.71
C LEU I 172 6.38 -3.42 -42.84
N ASN I 173 6.94 -2.24 -43.10
CA ASN I 173 8.16 -1.82 -42.43
C ASN I 173 7.89 -1.34 -40.98
N ALA I 174 6.72 -0.76 -40.74
CA ALA I 174 6.29 -0.40 -39.39
C ALA I 174 6.07 -1.63 -38.53
N VAL I 175 5.25 -2.60 -38.99
CA VAL I 175 4.95 -3.76 -38.17
C VAL I 175 6.16 -4.68 -37.93
N ASP I 176 7.13 -4.62 -38.85
CA ASP I 176 8.40 -5.37 -38.68
C ASP I 176 9.25 -4.82 -37.55
N ARG I 177 8.90 -3.67 -36.99
CA ARG I 177 9.51 -3.23 -35.74
C ARG I 177 8.63 -3.37 -34.49
N ASP I 178 7.55 -4.14 -34.59
CA ASP I 178 6.63 -4.36 -33.49
C ASP I 178 6.41 -5.86 -33.25
N ALA I 179 6.73 -6.33 -32.05
CA ALA I 179 6.63 -7.78 -31.77
C ALA I 179 5.19 -8.33 -31.92
N VAL I 180 4.21 -7.54 -31.50
CA VAL I 180 2.80 -7.98 -31.41
C VAL I 180 1.88 -7.52 -32.54
N SER I 181 2.46 -7.03 -33.62
CA SER I 181 1.67 -6.73 -34.82
C SER I 181 2.35 -7.44 -35.99
N GLY I 182 1.52 -7.87 -36.92
CA GLY I 182 2.01 -8.43 -38.21
C GLY I 182 1.33 -9.74 -38.49
N MET I 183 2.15 -10.75 -38.74
CA MET I 183 1.69 -12.04 -39.24
C MET I 183 0.83 -11.89 -40.48
N GLY I 184 1.13 -10.91 -41.33
CA GLY I 184 0.39 -10.68 -42.56
C GLY I 184 -0.22 -9.28 -42.56
N VAL I 185 -0.44 -8.76 -43.76
CA VAL I 185 -1.04 -7.46 -44.02
C VAL I 185 -2.10 -7.56 -45.13
N ILE I 186 -3.26 -6.97 -44.89
CA ILE I 186 -4.32 -6.86 -45.89
C ILE I 186 -4.51 -5.38 -46.23
N VAL I 187 -4.72 -5.10 -47.51
CA VAL I 187 -4.86 -3.73 -48.04
C VAL I 187 -6.09 -3.67 -48.96
N HIS I 188 -6.99 -2.71 -48.70
CA HIS I 188 -8.08 -2.40 -49.60
C HIS I 188 -7.81 -1.04 -50.25
N ILE I 189 -7.88 -0.99 -51.57
CA ILE I 189 -7.87 0.27 -52.30
C ILE I 189 -9.30 0.53 -52.79
N ILE I 190 -9.82 1.70 -52.48
CA ILE I 190 -11.18 2.10 -52.82
C ILE I 190 -11.14 3.19 -53.87
N GLU I 191 -11.74 2.88 -55.01
CA GLU I 191 -11.92 3.78 -56.13
C GLU I 191 -13.42 3.91 -56.45
N LYS I 192 -13.79 4.91 -57.25
CA LYS I 192 -15.17 5.15 -57.70
C LYS I 192 -15.85 3.89 -58.25
N ASP I 193 -15.13 3.17 -59.11
CA ASP I 193 -15.71 2.06 -59.88
C ASP I 193 -15.32 0.65 -59.41
N LYS I 194 -14.48 0.53 -58.37
CA LYS I 194 -14.08 -0.80 -57.86
C LYS I 194 -13.31 -0.75 -56.51
N ILE I 195 -13.34 -1.88 -55.81
CA ILE I 195 -12.52 -2.18 -54.67
C ILE I 195 -11.50 -3.28 -55.05
N THR I 196 -10.23 -3.04 -54.73
CA THR I 196 -9.15 -4.02 -54.91
C THR I 196 -8.62 -4.44 -53.54
N THR I 197 -8.75 -5.73 -53.23
CA THR I 197 -8.29 -6.29 -51.98
C THR I 197 -7.05 -7.22 -52.22
N ARG I 198 -5.97 -6.93 -51.50
CA ARG I 198 -4.71 -7.71 -51.59
C ARG I 198 -4.17 -8.12 -50.23
N THR I 199 -3.61 -9.32 -50.14
CA THR I 199 -2.78 -9.68 -49.00
C THR I 199 -1.33 -9.67 -49.50
N LEU I 200 -0.43 -9.24 -48.62
CA LEU I 200 0.95 -8.95 -48.97
C LEU I 200 1.86 -10.07 -48.55
N LYS I 201 2.90 -10.31 -49.32
CA LYS I 201 3.97 -11.19 -48.85
C LYS I 201 4.61 -10.50 -47.65
N ALA I 202 4.57 -11.14 -46.49
CA ALA I 202 5.02 -10.51 -45.26
C ALA I 202 5.70 -11.50 -44.35
N ARG I 203 6.53 -10.98 -43.48
CA ARG I 203 7.16 -11.78 -42.44
C ARG I 203 6.13 -12.44 -41.56
N MET I 204 6.40 -13.67 -41.15
CA MET I 204 5.52 -14.40 -40.26
C MET I 204 6.18 -14.76 -38.89
N ASP I 205 7.02 -13.86 -38.38
CA ASP I 205 7.63 -13.99 -37.02
C ASP I 205 7.23 -12.82 -36.02
N MET J 1 -5.00 -28.69 -14.23
CA MET J 1 -5.56 -27.50 -14.97
CA MET J 1 -5.59 -27.51 -14.98
C MET J 1 -5.92 -27.85 -16.41
N GLU J 2 -6.87 -27.14 -16.97
CA GLU J 2 -7.76 -27.74 -17.94
C GLU J 2 -7.24 -27.61 -19.35
N TYR J 3 -7.35 -28.66 -20.15
CA TYR J 3 -6.84 -28.64 -21.52
C TYR J 3 -8.00 -28.95 -22.45
N LEU J 4 -8.14 -28.14 -23.49
CA LEU J 4 -9.07 -28.35 -24.59
C LEU J 4 -8.29 -28.31 -25.89
N ILE J 5 -8.70 -29.13 -26.86
CA ILE J 5 -8.13 -29.11 -28.17
C ILE J 5 -9.17 -29.44 -29.23
N GLY J 6 -9.03 -28.80 -30.39
CA GLY J 6 -9.84 -29.11 -31.55
C GLY J 6 -9.04 -29.13 -32.84
N ILE J 7 -9.41 -30.05 -33.75
CA ILE J 7 -8.79 -30.19 -35.04
C ILE J 7 -9.88 -30.40 -36.08
N GLN J 8 -9.95 -29.50 -37.05
CA GLN J 8 -10.97 -29.52 -38.08
C GLN J 8 -10.35 -30.09 -39.33
N GLY J 9 -10.94 -31.17 -39.86
CA GLY J 9 -10.62 -31.68 -41.19
C GLY J 9 -11.65 -31.32 -42.26
N PRO J 10 -11.56 -31.95 -43.44
CA PRO J 10 -12.43 -31.57 -44.57
C PRO J 10 -13.91 -31.67 -44.30
N ASP J 11 -14.32 -32.73 -43.60
CA ASP J 11 -15.75 -33.00 -43.34
C ASP J 11 -16.06 -33.41 -41.88
N TYR J 12 -15.19 -33.08 -40.94
CA TYR J 12 -15.39 -33.44 -39.54
C TYR J 12 -14.62 -32.45 -38.66
N VAL J 13 -14.97 -32.41 -37.37
CA VAL J 13 -14.17 -31.72 -36.39
C VAL J 13 -13.96 -32.68 -35.28
N LEU J 14 -12.71 -32.84 -34.87
CA LEU J 14 -12.32 -33.73 -33.78
C LEU J 14 -12.03 -32.80 -32.59
N VAL J 15 -12.46 -33.21 -31.39
CA VAL J 15 -12.21 -32.45 -30.17
C VAL J 15 -11.86 -33.37 -29.02
N ALA J 16 -11.06 -32.84 -28.08
CA ALA J 16 -10.73 -33.57 -26.88
C ALA J 16 -10.51 -32.65 -25.74
N SER J 17 -10.60 -33.20 -24.53
CA SER J 17 -10.52 -32.41 -23.31
C SER J 17 -10.06 -33.31 -22.20
N ASP J 18 -9.26 -32.79 -21.26
CA ASP J 18 -8.87 -33.60 -20.11
C ASP J 18 -10.08 -33.92 -19.20
N ARG J 19 -9.92 -34.91 -18.33
CA ARG J 19 -11.00 -35.41 -17.51
C ARG J 19 -10.75 -35.26 -16.03
N VAL J 20 -9.95 -34.26 -15.69
CA VAL J 20 -9.56 -34.03 -14.31
C VAL J 20 -10.36 -32.85 -13.77
N ALA J 21 -10.85 -32.98 -12.54
CA ALA J 21 -11.33 -31.84 -11.78
C ALA J 21 -10.43 -31.76 -10.58
N ALA J 22 -9.73 -30.66 -10.45
CA ALA J 22 -8.76 -30.55 -9.40
C ALA J 22 -9.15 -29.48 -8.42
N SER J 23 -8.55 -29.61 -7.26
CA SER J 23 -8.74 -28.72 -6.19
C SER J 23 -7.50 -28.75 -5.32
N ASN J 24 -6.78 -27.61 -5.27
CA ASN J 24 -5.59 -27.42 -4.41
C ASN J 24 -4.52 -28.44 -4.87
N ILE J 25 -4.07 -29.38 -4.04
CA ILE J 25 -3.06 -30.36 -4.51
C ILE J 25 -3.62 -31.71 -5.03
N VAL J 26 -4.94 -31.88 -5.06
CA VAL J 26 -5.55 -33.21 -5.40
C VAL J 26 -6.41 -33.17 -6.64
N GLN J 27 -6.39 -34.26 -7.41
CA GLN J 27 -7.43 -34.56 -8.42
CA GLN J 27 -7.42 -34.52 -8.40
C GLN J 27 -8.64 -35.04 -7.59
N MET J 28 -9.81 -34.42 -7.75
CA MET J 28 -11.06 -34.84 -7.05
C MET J 28 -12.01 -35.67 -7.92
N LYS J 29 -11.77 -35.63 -9.21
CA LYS J 29 -12.43 -36.49 -10.14
C LYS J 29 -11.47 -36.73 -11.32
N ASP J 30 -11.41 -37.98 -11.77
CA ASP J 30 -10.61 -38.38 -12.93
C ASP J 30 -11.42 -38.76 -14.16
N ASP J 31 -12.74 -38.74 -14.06
CA ASP J 31 -13.62 -38.95 -15.22
C ASP J 31 -14.54 -37.72 -15.49
N HIS J 32 -14.02 -36.52 -15.31
CA HIS J 32 -14.77 -35.29 -15.56
C HIS J 32 -14.95 -35.07 -17.07
N ASP J 33 -16.10 -34.53 -17.48
CA ASP J 33 -16.40 -34.25 -18.89
C ASP J 33 -16.56 -32.74 -19.05
N LYS J 34 -15.80 -32.13 -19.97
CA LYS J 34 -15.81 -30.68 -20.17
C LYS J 34 -16.56 -30.26 -21.42
N MET J 35 -17.30 -31.20 -22.03
CA MET J 35 -18.03 -30.98 -23.28
C MET J 35 -19.55 -30.88 -23.03
N PHE J 36 -20.20 -29.96 -23.72
CA PHE J 36 -21.67 -29.73 -23.59
C PHE J 36 -22.28 -29.84 -24.95
N LYS J 37 -23.24 -30.76 -25.10
CA LYS J 37 -23.98 -30.89 -26.36
C LYS J 37 -25.01 -29.76 -26.49
N MET J 38 -24.89 -28.93 -27.51
CA MET J 38 -25.79 -27.82 -27.73
C MET J 38 -26.96 -28.23 -28.63
N SER J 39 -26.68 -29.13 -29.56
CA SER J 39 -27.61 -29.56 -30.61
C SER J 39 -27.02 -30.83 -31.24
N GLU J 40 -27.68 -31.43 -32.23
CA GLU J 40 -27.19 -32.68 -32.81
C GLU J 40 -25.78 -32.59 -33.38
N LYS J 41 -25.40 -31.41 -33.89
CA LYS J 41 -24.13 -31.22 -34.57
C LYS J 41 -23.27 -30.08 -33.96
N ILE J 42 -23.43 -29.79 -32.66
CA ILE J 42 -22.66 -28.72 -31.97
C ILE J 42 -22.22 -29.16 -30.58
N LEU J 43 -20.91 -29.05 -30.32
CA LEU J 43 -20.34 -29.19 -28.97
C LEU J 43 -19.69 -27.87 -28.52
N LEU J 44 -19.89 -27.51 -27.26
CA LEU J 44 -19.23 -26.40 -26.63
C LEU J 44 -18.31 -26.99 -25.55
N LEU J 45 -17.02 -26.66 -25.60
CA LEU J 45 -16.05 -27.15 -24.61
C LEU J 45 -15.71 -25.91 -23.79
N CYS J 46 -15.80 -26.02 -22.47
CA CYS J 46 -15.74 -24.88 -21.57
C CYS J 46 -14.84 -25.16 -20.36
N VAL J 47 -13.88 -24.25 -20.14
CA VAL J 47 -13.01 -24.29 -19.00
C VAL J 47 -12.94 -22.90 -18.40
N GLY J 48 -12.44 -22.82 -17.17
CA GLY J 48 -12.20 -21.56 -16.50
C GLY J 48 -12.59 -21.64 -15.06
N GLU J 49 -13.11 -20.55 -14.53
CA GLU J 49 -13.37 -20.47 -13.12
C GLU J 49 -14.53 -21.39 -12.73
N ALA J 50 -14.39 -21.98 -11.56
CA ALA J 50 -15.43 -22.80 -10.99
C ALA J 50 -16.74 -21.98 -10.86
N GLY J 51 -17.85 -22.64 -11.20
CA GLY J 51 -19.17 -22.05 -11.13
C GLY J 51 -19.47 -21.35 -12.44
N ASP J 52 -18.65 -20.38 -12.80
CA ASP J 52 -18.80 -19.66 -14.06
C ASP J 52 -18.92 -20.63 -15.25
N THR J 53 -18.07 -21.65 -15.28
CA THR J 53 -17.98 -22.53 -16.45
C THR J 53 -19.28 -23.26 -16.69
N VAL J 54 -19.80 -23.95 -15.68
CA VAL J 54 -21.06 -24.70 -15.85
C VAL J 54 -22.22 -23.74 -15.99
N GLN J 55 -22.27 -22.67 -15.19
CA GLN J 55 -23.36 -21.75 -15.28
C GLN J 55 -23.49 -21.14 -16.68
N PHE J 56 -22.37 -20.73 -17.25
CA PHE J 56 -22.35 -20.15 -18.57
C PHE J 56 -22.73 -21.15 -19.66
N ALA J 57 -22.03 -22.29 -19.71
CA ALA J 57 -22.30 -23.32 -20.72
C ALA J 57 -23.75 -23.83 -20.72
N GLU J 58 -24.30 -24.15 -19.57
CA GLU J 58 -25.70 -24.60 -19.47
C GLU J 58 -26.75 -23.56 -19.85
N TYR J 59 -26.48 -22.29 -19.56
CA TYR J 59 -27.29 -21.23 -20.05
C TYR J 59 -27.30 -21.14 -21.57
N ILE J 60 -26.12 -21.17 -22.17
CA ILE J 60 -26.03 -21.22 -23.66
C ILE J 60 -26.76 -22.47 -24.24
N GLN J 61 -26.52 -23.62 -23.62
CA GLN J 61 -27.12 -24.87 -24.03
C GLN J 61 -28.67 -24.79 -24.02
N LYS J 62 -29.25 -24.35 -22.90
CA LYS J 62 -30.69 -24.22 -22.80
C LYS J 62 -31.29 -23.29 -23.82
N ASN J 63 -30.61 -22.18 -24.11
CA ASN J 63 -31.08 -21.23 -25.12
C ASN J 63 -30.96 -21.74 -26.55
N VAL J 64 -29.93 -22.52 -26.84
CA VAL J 64 -29.79 -23.14 -28.17
C VAL J 64 -30.89 -24.18 -28.39
N GLN J 65 -31.19 -24.97 -27.37
CA GLN J 65 -32.28 -25.91 -27.38
C GLN J 65 -33.64 -25.21 -27.49
N LEU J 66 -33.78 -24.06 -26.84
CA LEU J 66 -35.01 -23.28 -26.91
C LEU J 66 -35.23 -22.79 -28.33
N TYR J 67 -34.19 -22.29 -28.96
CA TYR J 67 -34.26 -21.83 -30.34
C TYR J 67 -34.82 -22.96 -31.26
N LYS J 68 -34.29 -24.18 -31.09
CA LYS J 68 -34.79 -25.36 -31.82
C LYS J 68 -36.30 -25.59 -31.61
N MET J 69 -36.74 -25.57 -30.35
CA MET J 69 -38.13 -25.82 -30.01
C MET J 69 -39.02 -24.73 -30.55
N ARG J 70 -38.55 -23.48 -30.55
CA ARG J 70 -39.38 -22.38 -31.04
C ARG J 70 -39.54 -22.40 -32.54
N ASN J 71 -38.47 -22.78 -33.24
CA ASN J 71 -38.43 -22.56 -34.67
C ASN J 71 -38.56 -23.82 -35.58
N GLY J 72 -38.45 -25.02 -35.00
CA GLY J 72 -38.42 -26.26 -35.74
C GLY J 72 -37.09 -26.71 -36.36
N TYR J 73 -36.04 -25.91 -36.32
CA TYR J 73 -34.72 -26.27 -36.88
C TYR J 73 -33.66 -25.67 -35.96
N GLU J 74 -32.41 -26.11 -36.12
CA GLU J 74 -31.32 -25.74 -35.23
C GLU J 74 -30.59 -24.48 -35.66
N LEU J 75 -29.97 -23.79 -34.70
CA LEU J 75 -28.95 -22.78 -35.05
C LEU J 75 -27.79 -23.51 -35.76
N SER J 76 -27.22 -22.84 -36.74
CA SER J 76 -25.92 -23.23 -37.30
C SER J 76 -24.75 -23.07 -36.29
N PRO J 77 -23.62 -23.78 -36.49
CA PRO J 77 -22.44 -23.54 -35.62
C PRO J 77 -22.03 -22.06 -35.54
N THR J 78 -22.01 -21.38 -36.67
CA THR J 78 -21.59 -20.01 -36.70
C THR J 78 -22.57 -19.08 -35.92
N ALA J 79 -23.89 -19.30 -36.08
CA ALA J 79 -24.85 -18.54 -35.36
C ALA J 79 -24.70 -18.82 -33.87
N ALA J 80 -24.51 -20.07 -33.49
CA ALA J 80 -24.37 -20.42 -32.06
C ALA J 80 -23.09 -19.78 -31.48
N ALA J 81 -22.04 -19.73 -32.26
CA ALA J 81 -20.77 -19.14 -31.80
C ALA J 81 -20.97 -17.62 -31.55
N ASN J 82 -21.64 -16.95 -32.48
CA ASN J 82 -21.92 -15.53 -32.36
C ASN J 82 -22.91 -15.20 -31.23
N PHE J 83 -23.92 -16.04 -31.03
CA PHE J 83 -24.80 -15.98 -29.87
C PHE J 83 -24.01 -16.09 -28.52
N THR J 84 -23.10 -17.07 -28.47
CA THR J 84 -22.27 -17.33 -27.30
C THR J 84 -21.42 -16.07 -27.03
N ARG J 85 -20.80 -15.55 -28.10
CA ARG J 85 -19.99 -14.37 -28.03
C ARG J 85 -20.75 -13.13 -27.54
N ARG J 86 -21.98 -12.89 -28.06
CA ARG J 86 -22.77 -11.75 -27.70
C ARG J 86 -23.03 -11.80 -26.19
N ASN J 87 -23.36 -12.98 -25.67
CA ASN J 87 -23.65 -13.12 -24.26
C ASN J 87 -22.42 -12.85 -23.39
N LEU J 88 -21.28 -13.43 -23.77
CA LEU J 88 -20.06 -13.24 -22.99
C LEU J 88 -19.64 -11.80 -23.02
N ALA J 89 -19.61 -11.20 -24.21
CA ALA J 89 -19.22 -9.77 -24.33
C ALA J 89 -20.14 -8.82 -23.60
N ASP J 90 -21.46 -9.09 -23.64
CA ASP J 90 -22.43 -8.27 -22.95
C ASP J 90 -22.24 -8.35 -21.43
N 6V1 J 91 -21.78 -9.48 -20.91
CA 6V1 J 91 -21.53 -9.64 -19.45
C 6V1 J 91 -20.18 -9.08 -18.99
O 6V1 J 91 -19.97 -8.88 -17.78
CB 6V1 J 91 -21.76 -11.12 -19.06
SG 6V1 J 91 -23.54 -11.39 -18.93
C1 6V1 J 91 -24.33 -12.33 -20.21
C2 6V1 J 91 -24.03 -13.81 -19.99
N3 6V1 J 91 -25.21 -14.47 -19.66
C4 6V1 J 91 -26.25 -13.66 -19.93
C5 6V1 J 91 -25.86 -12.24 -20.25
C6 6V1 J 91 -25.49 -15.71 -18.91
O7 6V1 J 91 -22.83 -14.18 -20.08
O8 6V1 J 91 -27.41 -14.03 -19.89
C3 6V1 J 91 -24.50 -16.82 -19.03
N LEU J 92 -19.29 -8.79 -19.94
CA LEU J 92 -17.90 -8.48 -19.62
C LEU J 92 -17.78 -7.27 -18.71
N ARG J 93 -18.59 -6.23 -18.94
CA ARG J 93 -18.53 -5.05 -18.17
C ARG J 93 -19.72 -4.93 -17.19
N SER J 94 -20.45 -6.02 -16.97
CA SER J 94 -21.59 -6.05 -16.08
C SER J 94 -21.13 -6.43 -14.68
N ARG J 95 -22.10 -6.51 -13.79
CA ARG J 95 -21.94 -7.01 -12.43
C ARG J 95 -21.71 -8.54 -12.45
N THR J 96 -22.01 -9.23 -13.54
CA THR J 96 -21.84 -10.71 -13.60
C THR J 96 -21.02 -11.16 -14.82
N PRO J 97 -19.70 -10.90 -14.83
CA PRO J 97 -18.85 -11.38 -15.92
C PRO J 97 -18.63 -12.90 -15.76
N TYR J 98 -18.39 -13.62 -16.85
CA TYR J 98 -18.12 -15.06 -16.73
C TYR J 98 -16.67 -15.33 -17.16
N HIS J 99 -15.85 -15.88 -16.28
N HIS J 99 -15.83 -15.87 -16.27
CA HIS J 99 -14.44 -16.09 -16.56
CA HIS J 99 -14.40 -16.09 -16.61
C HIS J 99 -14.25 -17.49 -17.14
C HIS J 99 -14.23 -17.48 -17.16
N VAL J 100 -14.49 -17.61 -18.44
CA VAL J 100 -14.49 -18.89 -19.14
C VAL J 100 -13.77 -18.78 -20.45
N ASN J 101 -13.12 -19.84 -20.85
CA ASN J 101 -12.51 -19.95 -22.17
C ASN J 101 -13.17 -21.11 -22.86
N LEU J 102 -13.39 -20.98 -24.17
CA LEU J 102 -14.18 -21.96 -24.90
C LEU J 102 -13.65 -22.34 -26.26
N LEU J 103 -14.04 -23.55 -26.68
CA LEU J 103 -14.08 -23.96 -28.08
C LEU J 103 -15.50 -24.35 -28.45
N LEU J 104 -15.92 -23.95 -29.65
CA LEU J 104 -17.17 -24.40 -30.20
C LEU J 104 -16.86 -25.16 -31.48
N ALA J 105 -17.30 -26.44 -31.53
CA ALA J 105 -17.14 -27.27 -32.68
C ALA J 105 -18.53 -27.60 -33.27
N GLY J 106 -18.62 -27.60 -34.59
CA GLY J 106 -19.82 -28.02 -35.22
C GLY J 106 -19.72 -28.41 -36.66
N TYR J 107 -20.82 -28.95 -37.15
CA TYR J 107 -20.95 -29.33 -38.54
C TYR J 107 -22.25 -28.77 -39.05
N ASP J 108 -22.17 -27.97 -40.12
CA ASP J 108 -23.33 -27.45 -40.79
C ASP J 108 -23.55 -28.18 -42.12
N GLU J 109 -24.81 -28.52 -42.42
CA GLU J 109 -25.19 -29.18 -43.67
C GLU J 109 -24.60 -28.47 -44.87
N HIS J 110 -24.63 -27.15 -44.89
CA HIS J 110 -24.22 -26.39 -46.06
C HIS J 110 -22.81 -25.81 -46.02
N GLU J 111 -22.31 -25.49 -44.83
CA GLU J 111 -20.99 -24.89 -44.66
C GLU J 111 -19.88 -25.87 -44.27
N GLY J 112 -20.24 -27.10 -43.90
CA GLY J 112 -19.25 -28.07 -43.44
C GLY J 112 -18.77 -27.84 -42.00
N PRO J 113 -17.61 -28.43 -41.65
CA PRO J 113 -17.15 -28.39 -40.28
C PRO J 113 -16.66 -27.01 -39.89
N ALA J 114 -16.78 -26.68 -38.61
CA ALA J 114 -16.27 -25.40 -38.07
C ALA J 114 -15.77 -25.57 -36.64
N LEU J 115 -14.68 -24.87 -36.33
CA LEU J 115 -14.10 -24.81 -35.01
C LEU J 115 -13.87 -23.33 -34.71
N TYR J 116 -14.39 -22.91 -33.56
CA TYR J 116 -14.28 -21.54 -33.10
C TYR J 116 -13.59 -21.47 -31.76
N TYR J 117 -12.77 -20.46 -31.60
CA TYR J 117 -12.02 -20.22 -30.35
C TYR J 117 -12.49 -18.94 -29.73
N MET J 118 -12.73 -18.99 -28.43
CA MET J 118 -13.11 -17.83 -27.69
C MET J 118 -12.39 -17.76 -26.37
N ASP J 119 -11.88 -16.58 -26.01
CA ASP J 119 -11.30 -16.33 -24.69
C ASP J 119 -12.29 -15.64 -23.79
N TYR J 120 -11.93 -15.46 -22.52
CA TYR J 120 -12.81 -14.85 -21.52
C TYR J 120 -13.19 -13.42 -21.84
N LEU J 121 -12.37 -12.70 -22.58
CA LEU J 121 -12.75 -11.36 -23.05
C LEU J 121 -13.85 -11.32 -24.16
N ALA J 122 -14.11 -12.48 -24.74
CA ALA J 122 -15.09 -12.73 -25.79
C ALA J 122 -14.61 -12.35 -27.20
N ALA J 123 -13.31 -12.35 -27.41
CA ALA J 123 -12.77 -12.35 -28.80
C ALA J 123 -13.07 -13.70 -29.45
N LEU J 124 -13.65 -13.70 -30.67
CA LEU J 124 -14.05 -14.91 -31.37
C LEU J 124 -13.21 -15.09 -32.64
N ALA J 125 -12.57 -16.24 -32.79
CA ALA J 125 -11.76 -16.56 -33.96
C ALA J 125 -12.11 -17.93 -34.51
N LYS J 126 -12.30 -18.01 -35.81
CA LYS J 126 -12.43 -19.29 -36.50
C LYS J 126 -11.03 -19.79 -36.78
N ALA J 127 -10.78 -21.07 -36.52
CA ALA J 127 -9.45 -21.65 -36.71
C ALA J 127 -9.50 -23.08 -37.27
N PRO J 128 -8.46 -23.52 -38.01
CA PRO J 128 -8.42 -24.92 -38.41
C PRO J 128 -8.05 -25.88 -37.30
N PHE J 129 -7.38 -25.38 -36.26
CA PHE J 129 -7.15 -26.11 -35.02
C PHE J 129 -6.84 -25.11 -33.92
N ALA J 130 -7.00 -25.52 -32.65
CA ALA J 130 -6.88 -24.61 -31.54
C ALA J 130 -6.82 -25.37 -30.24
N ALA J 131 -6.38 -24.68 -29.19
CA ALA J 131 -6.29 -25.28 -27.88
C ALA J 131 -6.27 -24.23 -26.78
N HIS J 132 -6.73 -24.61 -25.60
CA HIS J 132 -6.78 -23.76 -24.45
C HIS J 132 -6.11 -24.48 -23.30
N GLY J 133 -5.64 -23.70 -22.33
CA GLY J 133 -4.95 -24.17 -21.16
C GLY J 133 -3.45 -24.01 -21.30
N TYR J 134 -2.74 -24.10 -20.21
CA TYR J 134 -1.29 -24.19 -20.20
C TYR J 134 -0.72 -25.27 -21.14
N GLY J 135 -1.42 -26.40 -21.25
CA GLY J 135 -1.05 -27.46 -22.17
C GLY J 135 -1.00 -27.02 -23.61
N ALA J 136 -1.78 -26.00 -23.99
CA ALA J 136 -1.71 -25.41 -25.35
C ALA J 136 -0.32 -24.90 -25.72
N PHE J 137 0.43 -24.40 -24.74
CA PHE J 137 1.77 -23.89 -24.98
C PHE J 137 2.73 -24.96 -25.50
N LEU J 138 2.53 -26.21 -25.06
CA LEU J 138 3.33 -27.35 -25.45
C LEU J 138 2.81 -28.11 -26.67
N THR J 139 1.54 -27.89 -27.07
CA THR J 139 0.95 -28.64 -28.16
C THR J 139 0.64 -27.87 -29.46
N LEU J 140 0.45 -26.55 -29.41
CA LEU J 140 0.12 -25.80 -30.62
C LEU J 140 1.21 -25.91 -31.72
N SER J 141 2.48 -25.95 -31.33
CA SER J 141 3.57 -26.08 -32.31
C SER J 141 3.60 -27.48 -32.97
N ILE J 142 3.19 -28.50 -32.24
CA ILE J 142 3.03 -29.86 -32.76
C ILE J 142 1.92 -29.85 -33.80
N LEU J 143 0.80 -29.17 -33.50
CA LEU J 143 -0.23 -29.00 -34.50
C LEU J 143 0.29 -28.21 -35.72
N ASP J 144 0.96 -27.07 -35.51
CA ASP J 144 1.52 -26.29 -36.65
C ASP J 144 2.45 -27.16 -37.50
N ARG J 145 3.19 -28.06 -36.87
CA ARG J 145 4.20 -28.86 -37.55
C ARG J 145 3.60 -29.95 -38.50
N TYR J 146 2.54 -30.60 -38.04
CA TYR J 146 1.97 -31.78 -38.69
C TYR J 146 0.56 -31.57 -39.29
N TYR J 147 -0.16 -30.51 -38.94
CA TYR J 147 -1.52 -30.34 -39.51
C TYR J 147 -1.49 -29.99 -41.02
N THR J 148 -2.39 -30.62 -41.78
CA THR J 148 -2.71 -30.19 -43.15
C THR J 148 -4.24 -30.16 -43.30
N PRO J 149 -4.74 -29.29 -44.19
CA PRO J 149 -6.24 -29.08 -44.20
C PRO J 149 -7.03 -30.32 -44.66
N THR J 150 -6.38 -31.21 -45.40
CA THR J 150 -7.03 -32.43 -45.86
C THR J 150 -6.83 -33.66 -44.94
N ILE J 151 -6.31 -33.41 -43.76
CA ILE J 151 -6.01 -34.47 -42.80
C ILE J 151 -7.21 -35.38 -42.57
N SER J 152 -6.99 -36.69 -42.71
CA SER J 152 -8.02 -37.68 -42.51
C SER J 152 -8.29 -37.84 -41.02
N ARG J 153 -9.44 -38.44 -40.69
CA ARG J 153 -9.82 -38.51 -39.29
C ARG J 153 -8.94 -39.47 -38.49
N GLU J 154 -8.49 -40.57 -39.09
CA GLU J 154 -7.48 -41.44 -38.46
C GLU J 154 -6.23 -40.65 -38.02
N ARG J 155 -5.69 -39.84 -38.94
CA ARG J 155 -4.43 -39.12 -38.75
C ARG J 155 -4.63 -38.01 -37.75
N ALA J 156 -5.83 -37.41 -37.75
CA ALA J 156 -6.19 -36.43 -36.75
C ALA J 156 -6.14 -37.05 -35.36
N VAL J 157 -6.63 -38.29 -35.21
CA VAL J 157 -6.55 -39.00 -33.91
C VAL J 157 -5.06 -39.31 -33.55
N GLU J 158 -4.24 -39.63 -34.55
CA GLU J 158 -2.78 -39.79 -34.34
C GLU J 158 -2.09 -38.50 -33.93
N LEU J 159 -2.43 -37.41 -34.60
CA LEU J 159 -1.91 -36.09 -34.30
C LEU J 159 -2.32 -35.66 -32.91
N LEU J 160 -3.60 -35.86 -32.59
CA LEU J 160 -4.11 -35.69 -31.24
C LEU J 160 -3.30 -36.45 -30.21
N ARG J 161 -3.03 -37.71 -30.50
CA ARG J 161 -2.27 -38.55 -29.58
C ARG J 161 -0.82 -38.07 -29.39
N LYS J 162 -0.20 -37.50 -30.44
CA LYS J 162 1.12 -36.87 -30.29
C LYS J 162 1.12 -35.71 -29.28
N CYS J 163 0.10 -34.86 -29.38
CA CYS J 163 -0.14 -33.76 -28.48
C CYS J 163 -0.30 -34.23 -27.05
N LEU J 164 -1.11 -35.28 -26.85
CA LEU J 164 -1.41 -35.78 -25.51
C LEU J 164 -0.21 -36.48 -24.90
N GLU J 165 0.56 -37.21 -25.70
CA GLU J 165 1.82 -37.82 -25.25
C GLU J 165 2.86 -36.74 -24.86
N GLU J 166 2.88 -35.62 -25.57
CA GLU J 166 3.75 -34.52 -25.20
C GLU J 166 3.40 -33.95 -23.82
N LEU J 167 2.13 -33.90 -23.47
CA LEU J 167 1.75 -33.45 -22.09
C LEU J 167 2.24 -34.43 -21.04
N GLN J 168 2.12 -35.74 -21.31
CA GLN J 168 2.64 -36.75 -20.40
C GLN J 168 4.16 -36.56 -20.19
N LYS J 169 4.89 -36.32 -21.27
CA LYS J 169 6.36 -36.21 -21.19
C LYS J 169 6.78 -34.92 -20.47
N ARG J 170 6.25 -33.82 -20.92
CA ARG J 170 6.83 -32.51 -20.68
C ARG J 170 6.03 -31.62 -19.72
N PHE J 171 4.70 -31.79 -19.60
CA PHE J 171 3.85 -30.89 -18.77
C PHE J 171 3.94 -31.26 -17.26
N ILE J 172 4.05 -30.27 -16.38
CA ILE J 172 4.16 -30.59 -14.95
C ILE J 172 2.91 -31.14 -14.27
N LEU J 173 1.75 -30.94 -14.88
CA LEU J 173 0.53 -31.49 -14.33
C LEU J 173 0.20 -32.93 -14.81
N ASN J 174 -0.40 -33.66 -13.90
CA ASN J 174 -0.84 -35.03 -14.09
C ASN J 174 -2.24 -35.01 -14.74
N LEU J 175 -2.26 -35.12 -16.07
CA LEU J 175 -3.49 -35.24 -16.86
C LEU J 175 -3.54 -36.57 -17.58
N PRO J 176 -3.95 -37.64 -16.89
CA PRO J 176 -3.71 -38.95 -17.49
C PRO J 176 -4.76 -39.44 -18.48
N THR J 177 -5.95 -38.84 -18.52
CA THR J 177 -6.98 -39.32 -19.46
C THR J 177 -7.73 -38.15 -20.11
N PHE J 178 -8.20 -38.41 -21.33
CA PHE J 178 -8.88 -37.42 -22.16
C PHE J 178 -10.14 -37.98 -22.83
N SER J 179 -11.21 -37.18 -22.85
CA SER J 179 -12.44 -37.45 -23.62
C SER J 179 -12.15 -37.06 -25.04
N VAL J 180 -12.62 -37.87 -25.97
CA VAL J 180 -12.47 -37.59 -27.40
C VAL J 180 -13.83 -37.77 -28.10
N ARG J 181 -14.19 -36.79 -28.93
CA ARG J 181 -15.38 -36.83 -29.73
C ARG J 181 -15.13 -36.27 -31.10
N ILE J 182 -15.94 -36.73 -32.05
CA ILE J 182 -15.90 -36.20 -33.39
C ILE J 182 -17.32 -35.84 -33.86
N ILE J 183 -17.39 -34.78 -34.66
CA ILE J 183 -18.63 -34.30 -35.26
C ILE J 183 -18.48 -34.31 -36.78
N ASP J 184 -19.52 -34.79 -37.45
CA ASP J 184 -19.58 -34.82 -38.89
C ASP J 184 -21.06 -34.79 -39.34
N LYS J 185 -21.31 -35.05 -40.64
CA LYS J 185 -22.67 -35.09 -41.24
C LYS J 185 -23.68 -35.89 -40.43
N ASN J 186 -23.21 -36.95 -39.77
CA ASN J 186 -24.07 -37.83 -38.98
C ASN J 186 -24.10 -37.52 -37.50
N GLY J 187 -23.70 -36.33 -37.11
CA GLY J 187 -23.79 -35.94 -35.70
C GLY J 187 -22.51 -36.14 -34.90
N ILE J 188 -22.70 -36.36 -33.59
CA ILE J 188 -21.66 -36.37 -32.61
C ILE J 188 -21.38 -37.82 -32.24
N HIS J 189 -20.11 -38.24 -32.35
CA HIS J 189 -19.71 -39.59 -32.01
C HIS J 189 -18.71 -39.59 -30.85
N ASP J 190 -18.95 -40.45 -29.87
CA ASP J 190 -17.98 -40.71 -28.82
C ASP J 190 -16.87 -41.63 -29.33
N LEU J 191 -15.61 -41.22 -29.23
CA LEU J 191 -14.51 -42.16 -29.47
C LEU J 191 -14.01 -42.67 -28.13
N ASP J 192 -13.14 -43.66 -28.15
CA ASP J 192 -12.55 -44.17 -26.92
C ASP J 192 -11.76 -43.04 -26.28
N ASN J 193 -11.80 -43.00 -24.95
CA ASN J 193 -10.90 -42.17 -24.20
C ASN J 193 -9.46 -42.51 -24.57
N ILE J 194 -8.60 -41.53 -24.55
CA ILE J 194 -7.16 -41.75 -24.70
C ILE J 194 -6.63 -41.65 -23.29
N SER J 195 -5.98 -42.70 -22.83
CA SER J 195 -5.49 -42.77 -21.44
C SER J 195 -4.04 -43.29 -21.33
N PHE J 196 -3.41 -42.94 -20.21
CA PHE J 196 -2.02 -43.26 -19.92
C PHE J 196 -1.95 -43.84 -18.50
N THR K 1 -11.41 -29.83 10.34
CA THR K 1 -12.49 -30.72 9.80
C THR K 1 -11.96 -31.74 8.82
N THR K 2 -12.44 -32.97 8.99
CA THR K 2 -12.33 -33.98 7.94
C THR K 2 -13.67 -34.66 7.73
N THR K 3 -14.12 -34.71 6.49
CA THR K 3 -15.33 -35.44 6.11
C THR K 3 -15.01 -36.28 4.90
N LEU K 4 -15.68 -37.43 4.78
CA LEU K 4 -15.56 -38.26 3.59
C LEU K 4 -16.86 -38.95 3.23
N ALA K 5 -16.94 -39.36 1.97
CA ALA K 5 -18.00 -40.23 1.54
C ALA K 5 -17.60 -41.05 0.33
N PHE K 6 -18.20 -42.24 0.19
CA PHE K 6 -18.03 -43.04 -1.03
C PHE K 6 -19.24 -43.91 -1.39
N LYS K 7 -19.47 -44.05 -2.71
CA LYS K 7 -20.47 -44.94 -3.23
C LYS K 7 -19.87 -46.32 -3.32
N PHE K 8 -20.68 -47.33 -3.08
CA PHE K 8 -20.25 -48.73 -3.29
C PHE K 8 -21.48 -49.61 -3.56
N ARG K 9 -21.28 -50.90 -3.76
CA ARG K 9 -22.38 -51.82 -4.06
C ARG K 9 -23.61 -51.61 -3.14
N HIS K 10 -23.39 -51.45 -1.84
CA HIS K 10 -24.44 -51.39 -0.85
C HIS K 10 -24.87 -49.98 -0.42
N GLY K 11 -24.52 -48.96 -1.21
CA GLY K 11 -25.01 -47.59 -1.02
C GLY K 11 -23.90 -46.58 -0.87
N VAL K 12 -24.02 -45.70 0.10
CA VAL K 12 -22.97 -44.71 0.30
C VAL K 12 -22.65 -44.53 1.77
N ILE K 13 -21.35 -44.61 2.05
CA ILE K 13 -20.83 -44.39 3.39
C ILE K 13 -20.51 -42.90 3.55
N VAL K 14 -20.81 -42.36 4.72
CA VAL K 14 -20.57 -40.95 5.02
C VAL K 14 -20.00 -40.88 6.41
N ALA K 15 -18.87 -40.17 6.58
CA ALA K 15 -18.22 -40.08 7.89
C ALA K 15 -17.60 -38.71 8.12
N ALA K 16 -17.47 -38.33 9.39
CA ALA K 16 -16.90 -37.05 9.74
C ALA K 16 -16.30 -37.09 11.11
N ASP K 17 -15.37 -36.14 11.35
CA ASP K 17 -14.92 -35.81 12.71
C ASP K 17 -15.93 -34.89 13.39
N SER K 18 -15.62 -34.43 14.59
CA SER K 18 -16.56 -33.61 15.33
C SER K 18 -15.98 -32.35 15.94
N ARG K 19 -14.81 -31.92 15.46
CA ARG K 19 -14.13 -30.75 16.06
C ARG K 19 -14.55 -29.48 15.37
N ALA K 20 -14.67 -28.42 16.16
CA ALA K 20 -14.75 -27.08 15.67
C ALA K 20 -13.67 -26.25 16.28
N THR K 21 -13.17 -25.30 15.51
CA THR K 21 -12.08 -24.41 15.93
C THR K 21 -12.38 -22.96 15.60
N ALA K 22 -11.80 -22.07 16.40
CA ALA K 22 -11.80 -20.63 16.15
C ALA K 22 -10.34 -20.26 16.22
N GLY K 23 -9.68 -20.03 15.09
CA GLY K 23 -8.21 -19.99 15.02
C GLY K 23 -7.64 -21.32 15.51
N ALA K 24 -6.70 -21.27 16.44
CA ALA K 24 -6.20 -22.47 17.09
C ALA K 24 -6.99 -22.95 18.35
N TYR K 25 -7.99 -22.19 18.82
CA TYR K 25 -8.79 -22.62 19.97
C TYR K 25 -9.74 -23.74 19.55
N ILE K 26 -9.80 -24.81 20.32
CA ILE K 26 -10.80 -25.87 20.08
C ILE K 26 -12.12 -25.43 20.69
N ALA K 27 -13.07 -25.08 19.84
CA ALA K 27 -14.40 -24.56 20.30
C ALA K 27 -15.36 -25.67 20.71
N SER K 28 -15.26 -26.82 20.03
CA SER K 28 -16.09 -27.97 20.37
C SER K 28 -15.45 -29.24 19.91
N GLN K 29 -15.71 -30.33 20.64
CA GLN K 29 -15.35 -31.68 20.23
C GLN K 29 -16.61 -32.52 19.88
N THR K 30 -17.78 -31.89 19.85
CA THR K 30 -19.06 -32.61 19.73
C THR K 30 -19.97 -32.05 18.63
N VAL K 31 -19.40 -31.56 17.54
CA VAL K 31 -20.21 -31.00 16.46
C VAL K 31 -20.71 -32.11 15.54
N LYS K 32 -22.00 -32.03 15.20
CA LYS K 32 -22.61 -32.89 14.18
C LYS K 32 -22.44 -32.32 12.79
N LYS K 33 -21.59 -32.94 11.98
CA LYS K 33 -21.24 -32.40 10.67
C LYS K 33 -21.99 -33.07 9.52
N VAL K 34 -22.82 -34.05 9.85
CA VAL K 34 -23.66 -34.74 8.88
C VAL K 34 -25.08 -34.29 9.17
N ILE K 35 -25.72 -33.65 8.21
CA ILE K 35 -27.06 -33.14 8.34
C ILE K 35 -28.08 -34.02 7.60
N GLU K 36 -29.23 -34.24 8.24
CA GLU K 36 -30.31 -35.09 7.71
C GLU K 36 -31.22 -34.21 6.89
N ILE K 37 -31.04 -34.21 5.56
CA ILE K 37 -31.87 -33.42 4.67
C ILE K 37 -33.27 -34.02 4.58
N ASN K 38 -33.35 -35.33 4.38
CA ASN K 38 -34.61 -36.05 4.56
C ASN K 38 -34.22 -37.50 4.90
N PRO K 39 -35.19 -38.42 5.04
CA PRO K 39 -34.76 -39.79 5.38
C PRO K 39 -33.84 -40.56 4.40
N TYR K 40 -33.66 -40.07 3.17
CA TYR K 40 -32.84 -40.75 2.15
C TYR K 40 -31.71 -39.86 1.56
N LEU K 41 -31.42 -38.73 2.24
CA LEU K 41 -30.48 -37.71 1.76
C LEU K 41 -29.75 -37.05 2.93
N LEU K 42 -28.43 -37.10 2.89
CA LEU K 42 -27.59 -36.45 3.86
C LEU K 42 -26.70 -35.39 3.19
N GLY K 43 -26.40 -34.35 3.95
CA GLY K 43 -25.39 -33.34 3.55
C GLY K 43 -24.26 -33.38 4.56
N THR K 44 -23.03 -33.14 4.13
CA THR K 44 -21.90 -32.99 5.06
C THR K 44 -21.39 -31.53 5.11
N MET K 45 -20.77 -31.18 6.23
CA MET K 45 -20.34 -29.79 6.51
C MET K 45 -18.80 -29.70 6.73
N ALA K 46 -18.15 -28.85 5.95
CA ALA K 46 -16.81 -28.45 6.18
C ALA K 46 -16.68 -26.98 5.77
N GLY K 47 -15.85 -26.23 6.50
CA GLY K 47 -15.58 -24.81 6.20
C GLY K 47 -16.18 -24.01 7.31
N GLY K 48 -16.86 -22.91 7.01
CA GLY K 48 -17.46 -22.05 8.01
C GLY K 48 -18.70 -22.74 8.55
N ALA K 49 -18.79 -22.85 9.87
CA ALA K 49 -19.88 -23.60 10.47
C ALA K 49 -21.28 -22.96 10.25
N ALA K 50 -21.36 -21.65 10.45
CA ALA K 50 -22.60 -20.92 10.21
C ALA K 50 -23.01 -21.04 8.75
N ASP K 51 -22.05 -20.90 7.84
CA ASP K 51 -22.35 -20.99 6.42
C ASP K 51 -22.90 -22.35 6.02
N CYS K 52 -22.20 -23.42 6.40
CA CYS K 52 -22.69 -24.77 6.11
C CYS K 52 -24.09 -25.06 6.69
N SER K 53 -24.28 -24.76 7.97
CA SER K 53 -25.54 -24.99 8.65
C SER K 53 -26.70 -24.23 8.05
N PHE K 54 -26.50 -22.93 7.80
CA PHE K 54 -27.52 -22.13 7.18
C PHE K 54 -27.93 -22.66 5.78
N TRP K 55 -26.96 -22.85 4.90
CA TRP K 55 -27.28 -23.16 3.50
C TRP K 55 -27.81 -24.61 3.34
N GLU K 56 -27.34 -25.51 4.19
CA GLU K 56 -27.87 -26.89 4.15
C GLU K 56 -29.26 -26.99 4.78
N ARG K 57 -29.52 -26.16 5.78
CA ARG K 57 -30.85 -26.07 6.33
C ARG K 57 -31.83 -25.49 5.30
N LEU K 58 -31.38 -24.53 4.52
CA LEU K 58 -32.18 -23.94 3.46
C LEU K 58 -32.43 -24.94 2.33
N LEU K 59 -31.40 -25.69 2.00
CA LEU K 59 -31.54 -26.81 1.10
C LEU K 59 -32.64 -27.77 1.57
N ALA K 60 -32.61 -28.17 2.83
CA ALA K 60 -33.63 -29.03 3.40
C ALA K 60 -35.06 -28.48 3.26
N ARG K 61 -35.25 -27.19 3.56
CA ARG K 61 -36.50 -26.49 3.32
C ARG K 61 -36.95 -26.63 1.87
N GLN K 62 -36.05 -26.37 0.94
CA GLN K 62 -36.40 -26.37 -0.48
C GLN K 62 -36.75 -27.80 -1.00
N CYS K 63 -35.99 -28.78 -0.56
CA CYS K 63 -36.25 -30.18 -0.91
C CYS K 63 -37.66 -30.62 -0.43
N ARG K 64 -38.05 -30.20 0.79
CA ARG K 64 -39.34 -30.52 1.32
C ARG K 64 -40.48 -29.85 0.56
N ILE K 65 -40.34 -28.56 0.25
CA ILE K 65 -41.27 -27.86 -0.66
C ILE K 65 -41.40 -28.62 -2.00
N TYR K 66 -40.25 -29.00 -2.58
CA TYR K 66 -40.20 -29.74 -3.86
C TYR K 66 -41.04 -31.01 -3.79
N GLU K 67 -40.89 -31.73 -2.71
CA GLU K 67 -41.60 -32.96 -2.46
C GLU K 67 -43.14 -32.75 -2.35
N LEU K 68 -43.54 -31.76 -1.56
CA LEU K 68 -44.95 -31.37 -1.47
C LEU K 68 -45.51 -30.94 -2.82
N ARG K 69 -44.75 -30.18 -3.61
CA ARG K 69 -45.27 -29.65 -4.88
C ARG K 69 -45.38 -30.70 -5.97
N ASN K 70 -44.35 -31.56 -6.07
CA ASN K 70 -44.27 -32.57 -7.13
C ASN K 70 -44.75 -33.98 -6.79
N LYS K 71 -45.03 -34.25 -5.52
CA LYS K 71 -45.49 -35.56 -5.04
C LYS K 71 -44.46 -36.68 -5.24
N GLU K 72 -43.18 -36.34 -5.17
CA GLU K 72 -42.12 -37.34 -5.22
C GLU K 72 -40.84 -36.81 -4.65
N ARG K 73 -39.99 -37.72 -4.20
CA ARG K 73 -38.66 -37.45 -3.63
C ARG K 73 -37.81 -36.66 -4.63
N ILE K 74 -37.12 -35.62 -4.19
CA ILE K 74 -36.13 -34.97 -5.04
C ILE K 74 -34.93 -35.91 -5.31
N SER K 75 -34.42 -35.93 -6.53
CA SER K 75 -33.18 -36.66 -6.84
C SER K 75 -31.92 -36.00 -6.20
N VAL K 76 -30.88 -36.80 -6.05
CA VAL K 76 -29.60 -36.34 -5.54
C VAL K 76 -29.05 -35.29 -6.48
N ALA K 77 -29.16 -35.51 -7.80
CA ALA K 77 -28.72 -34.52 -8.76
C ALA K 77 -29.38 -33.15 -8.60
N ALA K 78 -30.72 -33.17 -8.48
CA ALA K 78 -31.48 -31.95 -8.34
C ALA K 78 -31.24 -31.26 -7.01
N ALA K 79 -31.11 -32.02 -5.93
CA ALA K 79 -30.81 -31.42 -4.63
C ALA K 79 -29.43 -30.69 -4.62
N SER K 80 -28.42 -31.36 -5.19
CA SER K 80 -27.06 -30.80 -5.25
C SER K 80 -27.08 -29.54 -6.15
N LYS K 81 -27.93 -29.57 -7.19
CA LYS K 81 -28.05 -28.43 -8.09
C LYS K 81 -28.73 -27.20 -7.47
N LEU K 82 -29.77 -27.43 -6.69
CA LEU K 82 -30.38 -26.39 -5.93
C LEU K 82 -29.32 -25.72 -5.06
N LEU K 83 -28.51 -26.51 -4.36
CA LEU K 83 -27.51 -25.95 -3.43
C LEU K 83 -26.46 -25.09 -4.23
N ALA K 84 -26.00 -25.64 -5.35
CA ALA K 84 -25.03 -24.94 -6.20
C ALA K 84 -25.59 -23.61 -6.71
N ASN K 85 -26.84 -23.62 -7.16
CA ASN K 85 -27.47 -22.42 -7.67
C ASN K 85 -27.68 -21.35 -6.60
N MET K 86 -28.01 -21.76 -5.39
CA MET K 86 -28.09 -20.85 -4.24
C MET K 86 -26.78 -20.14 -3.93
N VAL K 87 -25.69 -20.89 -3.84
CA VAL K 87 -24.40 -20.29 -3.40
C VAL K 87 -23.65 -19.54 -4.52
N TYR K 88 -23.94 -19.86 -5.78
CA TYR K 88 -23.26 -19.26 -6.93
C TYR K 88 -23.34 -17.72 -6.87
N GLN K 89 -24.51 -17.21 -6.51
CA GLN K 89 -24.77 -15.77 -6.41
C GLN K 89 -23.91 -15.05 -5.40
N TYR K 90 -23.40 -15.75 -4.42
CA TYR K 90 -22.54 -15.21 -3.40
C TYR K 90 -21.04 -15.40 -3.62
N LYS K 91 -20.60 -15.93 -4.77
CA LYS K 91 -19.15 -16.13 -5.01
C LYS K 91 -18.41 -14.80 -4.79
N GLY K 92 -17.27 -14.85 -4.12
CA GLY K 92 -16.46 -13.67 -3.97
C GLY K 92 -16.81 -12.85 -2.72
N MET K 93 -17.85 -13.25 -1.99
CA MET K 93 -18.31 -12.53 -0.80
C MET K 93 -17.83 -13.18 0.49
N GLY K 94 -17.01 -14.21 0.37
CA GLY K 94 -16.38 -14.81 1.53
C GLY K 94 -17.12 -15.97 2.18
N LEU K 95 -18.14 -16.57 1.54
CA LEU K 95 -18.68 -17.83 2.08
C LEU K 95 -17.59 -18.89 1.99
N SER K 96 -17.54 -19.76 2.99
CA SER K 96 -16.63 -20.90 2.98
C SER K 96 -17.45 -22.15 3.26
N MET K 97 -17.62 -23.00 2.25
CA MET K 97 -18.43 -24.21 2.39
C MET K 97 -17.95 -25.29 1.43
N GLY K 98 -17.82 -26.50 1.97
CA GLY K 98 -17.51 -27.66 1.17
C GLY K 98 -18.43 -28.77 1.67
N THR K 99 -19.30 -29.24 0.80
CA THR K 99 -20.30 -30.24 1.17
C THR K 99 -20.37 -31.43 0.21
N MET K 100 -20.71 -32.59 0.74
CA MET K 100 -21.10 -33.73 -0.03
C MET K 100 -22.60 -34.01 0.18
N ILE K 101 -23.34 -34.10 -0.91
CA ILE K 101 -24.79 -34.45 -0.90
C ILE K 101 -24.87 -35.94 -1.28
N CYS K 102 -25.38 -36.75 -0.36
CA CYS K 102 -25.28 -38.24 -0.40
C CYS K 102 -26.69 -38.83 -0.29
N GLY K 103 -27.11 -39.59 -1.30
CA GLY K 103 -28.47 -40.19 -1.27
C GLY K 103 -28.57 -41.46 -2.10
N TRP K 104 -29.79 -41.94 -2.24
CA TRP K 104 -30.09 -43.06 -3.14
C TRP K 104 -31.42 -42.70 -3.78
N ASP K 105 -31.45 -42.59 -5.11
CA ASP K 105 -32.66 -42.21 -5.85
C ASP K 105 -32.89 -43.19 -7.01
N LYS K 106 -33.62 -42.79 -8.05
CA LYS K 106 -33.89 -43.65 -9.22
C LYS K 106 -32.65 -44.09 -10.02
N ARG K 107 -31.56 -43.32 -9.97
CA ARG K 107 -30.33 -43.73 -10.61
C ARG K 107 -29.43 -44.55 -9.65
N GLY K 108 -29.95 -44.91 -8.47
CA GLY K 108 -29.18 -45.67 -7.49
C GLY K 108 -28.41 -44.75 -6.54
N PRO K 109 -27.35 -45.27 -5.90
CA PRO K 109 -26.53 -44.45 -4.98
C PRO K 109 -26.01 -43.16 -5.63
N GLY K 110 -26.09 -42.06 -4.91
CA GLY K 110 -25.76 -40.74 -5.47
C GLY K 110 -24.83 -39.97 -4.55
N LEU K 111 -23.84 -39.34 -5.15
CA LEU K 111 -22.84 -38.59 -4.37
C LEU K 111 -22.32 -37.43 -5.17
N TYR K 112 -22.53 -36.22 -4.65
CA TYR K 112 -22.09 -34.98 -5.32
C TYR K 112 -21.26 -34.13 -4.34
N TYR K 113 -20.17 -33.54 -4.82
CA TYR K 113 -19.41 -32.57 -4.07
C TYR K 113 -19.88 -31.19 -4.50
N VAL K 114 -20.17 -30.32 -3.55
CA VAL K 114 -20.62 -28.93 -3.86
C VAL K 114 -19.90 -27.95 -2.94
N ASP K 115 -19.42 -26.85 -3.47
CA ASP K 115 -18.72 -25.86 -2.64
C ASP K 115 -19.04 -24.42 -3.00
N SER K 116 -18.56 -23.54 -2.15
CA SER K 116 -18.82 -22.11 -2.25
C SER K 116 -18.05 -21.47 -3.39
N GLU K 117 -17.04 -22.17 -3.94
CA GLU K 117 -16.35 -21.67 -5.16
C GLU K 117 -17.14 -21.84 -6.44
N GLY K 118 -18.26 -22.56 -6.37
CA GLY K 118 -19.08 -22.87 -7.51
C GLY K 118 -18.97 -24.29 -8.07
N ASN K 119 -18.09 -25.12 -7.53
CA ASN K 119 -17.94 -26.52 -8.03
C ASN K 119 -19.19 -27.35 -7.68
N ARG K 120 -19.56 -28.20 -8.62
CA ARG K 120 -20.52 -29.24 -8.36
C ARG K 120 -20.14 -30.44 -9.21
N ILE K 121 -19.77 -31.54 -8.59
CA ILE K 121 -19.34 -32.71 -9.33
C ILE K 121 -19.80 -33.98 -8.68
N SER K 122 -20.17 -34.93 -9.53
CA SER K 122 -20.51 -36.30 -9.11
C SER K 122 -19.23 -37.11 -9.05
N GLY K 123 -19.15 -38.10 -8.17
CA GLY K 123 -18.00 -39.03 -8.19
C GLY K 123 -18.15 -40.15 -7.22
N ALA K 124 -17.21 -41.07 -7.24
CA ALA K 124 -17.29 -42.31 -6.48
C ALA K 124 -16.89 -42.12 -5.03
N THR K 125 -15.87 -41.30 -4.80
CA THR K 125 -15.33 -41.03 -3.45
C THR K 125 -14.95 -39.55 -3.39
N PHE K 126 -15.07 -38.94 -2.21
CA PHE K 126 -14.59 -37.60 -1.96
C PHE K 126 -14.17 -37.49 -0.51
N SER K 127 -13.27 -36.56 -0.25
CA SER K 127 -13.00 -36.12 1.13
C SER K 127 -12.84 -34.62 1.07
N VAL K 128 -13.31 -33.95 2.13
CA VAL K 128 -13.38 -32.49 2.19
C VAL K 128 -12.97 -32.01 3.58
N GLY K 129 -12.20 -30.92 3.63
CA GLY K 129 -11.83 -30.26 4.86
C GLY K 129 -10.31 -30.23 5.01
N SER K 130 -9.81 -29.55 6.05
CA SER K 130 -8.39 -29.47 6.25
C SER K 130 -7.71 -30.79 6.37
N GLY K 131 -8.37 -31.81 6.90
CA GLY K 131 -7.79 -33.14 6.96
C GLY K 131 -7.98 -34.08 5.77
N SER K 132 -8.65 -33.59 4.72
CA SER K 132 -8.98 -34.42 3.59
C SER K 132 -7.79 -35.12 2.94
N VAL K 133 -6.66 -34.44 2.84
CA VAL K 133 -5.50 -35.05 2.21
C VAL K 133 -5.11 -36.36 2.93
N TYR K 134 -5.20 -36.38 4.26
CA TYR K 134 -4.84 -37.52 5.07
C TYR K 134 -5.87 -38.64 4.92
N ALA K 135 -7.15 -38.28 4.94
CA ALA K 135 -8.24 -39.24 4.67
C ALA K 135 -8.15 -39.84 3.29
N TYR K 136 -7.79 -39.04 2.29
CA TYR K 136 -7.69 -39.58 0.89
C TYR K 136 -6.68 -40.72 0.77
N GLY K 137 -5.54 -40.55 1.43
CA GLY K 137 -4.50 -41.57 1.37
C GLY K 137 -4.99 -42.93 1.86
N VAL K 138 -5.65 -42.95 3.01
CA VAL K 138 -6.06 -44.22 3.55
C VAL K 138 -7.30 -44.75 2.85
N MET K 139 -8.26 -43.87 2.55
CA MET K 139 -9.43 -44.26 1.77
C MET K 139 -9.04 -44.80 0.42
N ASP K 140 -8.15 -44.11 -0.29
CA ASP K 140 -7.77 -44.58 -1.61
C ASP K 140 -7.11 -45.95 -1.60
N ARG K 141 -6.31 -46.27 -0.59
CA ARG K 141 -5.60 -47.54 -0.60
C ARG K 141 -6.49 -48.71 -0.18
N GLY K 142 -7.64 -48.45 0.42
CA GLY K 142 -8.58 -49.50 0.79
C GLY K 142 -9.88 -49.58 -0.02
N TYR K 143 -10.17 -48.59 -0.87
CA TYR K 143 -11.48 -48.49 -1.47
C TYR K 143 -11.68 -49.51 -2.56
N SER K 144 -12.88 -50.04 -2.59
CA SER K 144 -13.37 -50.86 -3.67
C SER K 144 -14.89 -50.71 -3.69
N TYR K 145 -15.45 -50.69 -4.90
CA TYR K 145 -16.90 -50.74 -5.12
C TYR K 145 -17.50 -52.02 -4.49
N ASP K 146 -16.76 -53.11 -4.49
CA ASP K 146 -17.25 -54.38 -3.96
C ASP K 146 -16.87 -54.65 -2.50
N LEU K 147 -16.49 -53.62 -1.76
CA LEU K 147 -16.37 -53.77 -0.31
C LEU K 147 -17.64 -54.36 0.31
N GLU K 148 -17.45 -55.32 1.23
CA GLU K 148 -18.53 -55.75 2.11
C GLU K 148 -18.90 -54.61 3.08
N VAL K 149 -20.13 -54.63 3.57
CA VAL K 149 -20.65 -53.57 4.41
C VAL K 149 -19.75 -53.30 5.61
N GLU K 150 -19.41 -54.34 6.38
CA GLU K 150 -18.56 -54.14 7.55
C GLU K 150 -17.14 -53.60 7.20
N GLN K 151 -16.60 -54.01 6.04
CA GLN K 151 -15.27 -53.55 5.58
C GLN K 151 -15.33 -52.06 5.20
N ALA K 152 -16.46 -51.64 4.62
CA ALA K 152 -16.71 -50.25 4.29
C ALA K 152 -16.78 -49.36 5.53
N TYR K 153 -17.47 -49.82 6.57
CA TYR K 153 -17.51 -49.11 7.86
C TYR K 153 -16.08 -48.98 8.44
N ASP K 154 -15.32 -50.08 8.43
CA ASP K 154 -13.93 -50.09 8.92
C ASP K 154 -13.03 -49.07 8.20
N LEU K 155 -13.14 -49.00 6.88
CA LEU K 155 -12.35 -48.10 6.07
C LEU K 155 -12.62 -46.63 6.36
N ALA K 156 -13.92 -46.26 6.38
CA ALA K 156 -14.35 -44.89 6.65
C ALA K 156 -13.87 -44.41 8.01
N ARG K 157 -14.11 -45.24 9.02
CA ARG K 157 -13.72 -44.96 10.39
C ARG K 157 -12.18 -44.77 10.51
N ARG K 158 -11.42 -45.65 9.85
CA ARG K 158 -9.97 -45.60 9.88
C ARG K 158 -9.42 -44.36 9.14
N ALA K 159 -9.97 -44.03 7.97
CA ALA K 159 -9.54 -42.85 7.23
C ALA K 159 -9.74 -41.52 8.02
N ILE K 160 -10.92 -41.35 8.63
CA ILE K 160 -11.14 -40.19 9.49
C ILE K 160 -10.21 -40.19 10.69
N TYR K 161 -10.07 -41.34 11.34
CA TYR K 161 -9.12 -41.51 12.46
C TYR K 161 -7.70 -40.99 12.14
N GLN K 162 -7.16 -41.47 11.02
CA GLN K 162 -5.79 -41.14 10.59
C GLN K 162 -5.66 -39.65 10.28
N ALA K 163 -6.71 -39.08 9.69
CA ALA K 163 -6.79 -37.62 9.50
C ALA K 163 -6.75 -36.85 10.83
N THR K 164 -7.50 -37.30 11.83
CA THR K 164 -7.47 -36.65 13.14
C THR K 164 -6.08 -36.71 13.80
N TYR K 165 -5.31 -37.73 13.45
CA TYR K 165 -3.98 -37.91 14.02
C TYR K 165 -2.98 -36.86 13.47
N ARG K 166 -2.95 -36.66 12.16
CA ARG K 166 -2.01 -35.73 11.50
C ARG K 166 -2.49 -34.27 11.49
N ASP K 167 -3.78 -34.04 11.40
CA ASP K 167 -4.33 -32.68 11.21
C ASP K 167 -4.72 -32.08 12.54
N ALA K 168 -4.01 -31.03 12.93
CA ALA K 168 -4.31 -30.34 14.18
C ALA K 168 -5.78 -29.91 14.27
N TYR K 169 -6.39 -29.62 13.12
CA TYR K 169 -7.77 -29.07 13.07
C TYR K 169 -8.90 -30.11 12.99
N SER K 170 -8.57 -31.42 13.03
CA SER K 170 -9.56 -32.48 13.08
C SER K 170 -9.40 -33.29 14.37
N GLY K 171 -10.53 -33.74 14.90
CA GLY K 171 -10.54 -34.54 16.11
C GLY K 171 -11.93 -34.79 16.69
N GLY K 172 -11.93 -35.28 17.93
CA GLY K 172 -13.17 -35.55 18.67
C GLY K 172 -13.62 -36.97 18.53
N ALA K 173 -14.66 -37.17 17.73
CA ALA K 173 -15.26 -38.46 17.54
C ALA K 173 -15.42 -38.67 16.06
N VAL K 174 -15.47 -39.93 15.64
CA VAL K 174 -15.85 -40.22 14.24
C VAL K 174 -17.29 -40.73 14.18
N ASN K 175 -18.11 -40.00 13.41
CA ASN K 175 -19.52 -40.29 13.26
C ASN K 175 -19.73 -40.82 11.86
N LEU K 176 -20.39 -41.98 11.78
CA LEU K 176 -20.51 -42.75 10.55
C LEU K 176 -22.00 -43.07 10.23
N TYR K 177 -22.34 -42.91 8.95
CA TYR K 177 -23.67 -43.08 8.42
C TYR K 177 -23.59 -43.94 7.16
N HIS K 178 -24.68 -44.64 6.90
CA HIS K 178 -24.79 -45.48 5.73
C HIS K 178 -26.12 -45.13 5.06
N VAL K 179 -26.06 -44.62 3.82
CA VAL K 179 -27.25 -44.47 3.00
C VAL K 179 -27.55 -45.76 2.27
N ARG K 180 -28.70 -46.35 2.60
CA ARG K 180 -29.20 -47.60 1.99
C ARG K 180 -30.42 -47.28 1.11
N GLU K 181 -30.90 -48.25 0.35
CA GLU K 181 -32.02 -48.00 -0.58
C GLU K 181 -33.29 -47.53 0.13
N ASP K 182 -33.56 -48.05 1.33
CA ASP K 182 -34.74 -47.61 2.10
C ASP K 182 -34.48 -46.48 3.14
N GLY K 183 -33.37 -45.75 3.04
CA GLY K 183 -33.06 -44.69 3.98
C GLY K 183 -31.64 -44.74 4.50
N TRP K 184 -31.18 -43.64 5.07
CA TRP K 184 -29.91 -43.65 5.79
C TRP K 184 -30.12 -44.20 7.20
N ILE K 185 -29.05 -44.76 7.77
CA ILE K 185 -28.98 -45.11 9.20
C ILE K 185 -27.73 -44.48 9.81
N ARG K 186 -27.82 -44.14 11.09
CA ARG K 186 -26.65 -43.78 11.88
C ARG K 186 -25.93 -45.07 12.30
N VAL K 187 -24.67 -45.29 11.92
CA VAL K 187 -24.03 -46.60 12.22
C VAL K 187 -23.20 -46.59 13.51
N SER K 188 -22.40 -45.56 13.75
CA SER K 188 -21.66 -45.46 15.01
C SER K 188 -21.13 -44.04 15.31
N SER K 189 -20.81 -43.79 16.57
CA SER K 189 -20.09 -42.64 17.04
C SER K 189 -18.96 -43.17 17.91
N ASP K 190 -17.70 -42.98 17.49
CA ASP K 190 -16.56 -43.53 18.25
C ASP K 190 -15.59 -42.40 18.60
N ASN K 191 -15.39 -42.14 19.89
CA ASN K 191 -14.36 -41.21 20.30
C ASN K 191 -12.97 -41.68 19.80
N VAL K 192 -12.26 -40.73 19.20
CA VAL K 192 -10.91 -40.97 18.67
C VAL K 192 -9.93 -41.54 19.72
N ALA K 193 -10.10 -41.15 20.98
CA ALA K 193 -9.29 -41.70 22.08
C ALA K 193 -9.55 -43.21 22.28
N ASP K 194 -10.80 -43.63 22.10
CA ASP K 194 -11.14 -45.05 22.16
C ASP K 194 -10.64 -45.79 20.91
N LEU K 195 -10.71 -45.17 19.73
CA LEU K 195 -10.13 -45.79 18.52
C LEU K 195 -8.61 -45.97 18.60
N HIS K 196 -7.94 -45.04 19.28
CA HIS K 196 -6.49 -45.09 19.44
C HIS K 196 -6.05 -46.38 20.17
N GLU K 197 -6.74 -46.64 21.29
CA GLU K 197 -6.64 -47.85 22.09
C GLU K 197 -6.80 -49.12 21.24
N LYS K 198 -7.81 -49.12 20.39
CA LYS K 198 -8.14 -50.28 19.55
C LYS K 198 -7.11 -50.50 18.43
N TYR K 199 -6.72 -49.46 17.72
CA TYR K 199 -5.83 -49.63 16.57
C TYR K 199 -4.35 -49.78 16.98
N SER K 200 -4.08 -49.73 18.29
CA SER K 200 -2.81 -50.21 18.90
C SER K 200 -3.07 -50.95 20.21
N ARG L 1 -10.49 5.68 8.16
CA ARG L 1 -11.05 4.37 8.60
C ARG L 1 -11.72 4.56 9.99
N PHE L 2 -12.95 5.13 9.97
CA PHE L 2 -13.93 4.89 11.04
C PHE L 2 -14.06 3.38 11.21
N SER L 3 -13.87 2.80 12.42
CA SER L 3 -14.26 1.42 12.71
CA SER L 3 -14.27 1.39 12.69
C SER L 3 -15.60 1.37 13.39
N PRO L 4 -16.54 0.55 12.86
CA PRO L 4 -17.85 0.47 13.52
C PRO L 4 -17.88 -0.45 14.73
N TYR L 5 -16.75 -1.05 15.13
CA TYR L 5 -16.70 -1.96 16.27
C TYR L 5 -15.67 -1.53 17.31
N VAL L 6 -15.93 -1.88 18.55
CA VAL L 6 -14.96 -1.79 19.61
C VAL L 6 -15.25 -2.98 20.52
N PHE L 7 -14.22 -3.44 21.23
CA PHE L 7 -14.37 -4.58 22.13
C PHE L 7 -14.63 -4.07 23.56
N ASN L 8 -15.70 -4.51 24.21
CA ASN L 8 -16.06 -4.01 25.53
C ASN L 8 -15.94 -5.02 26.68
N GLY L 9 -15.37 -6.18 26.38
CA GLY L 9 -15.07 -7.14 27.40
C GLY L 9 -16.31 -7.92 27.81
N GLY L 10 -16.17 -8.66 28.89
CA GLY L 10 -17.25 -9.50 29.35
C GLY L 10 -16.97 -10.98 29.15
N THR L 11 -17.22 -11.71 30.24
CA THR L 11 -17.16 -13.16 30.27
C THR L 11 -18.56 -13.72 30.67
N ILE L 12 -19.02 -14.71 29.89
CA ILE L 12 -20.26 -15.40 30.14
C ILE L 12 -20.09 -16.92 30.28
N LEU L 13 -21.05 -17.52 30.97
CA LEU L 13 -21.03 -18.95 31.32
C LEU L 13 -22.43 -19.49 31.50
N ALA L 14 -22.69 -20.68 30.95
CA ALA L 14 -23.95 -21.39 31.23
C ALA L 14 -23.72 -22.87 31.50
N ILE L 15 -24.50 -23.42 32.43
CA ILE L 15 -24.43 -24.81 32.84
C ILE L 15 -25.84 -25.42 32.84
N ALA L 16 -26.02 -26.57 32.19
CA ALA L 16 -27.27 -27.32 32.22
C ALA L 16 -27.24 -28.40 33.30
N GLY L 17 -28.22 -28.37 34.20
CA GLY L 17 -28.47 -29.47 35.14
C GLY L 17 -29.66 -30.30 34.73
N GLU L 18 -29.97 -31.30 35.55
CA GLU L 18 -31.12 -32.17 35.29
C GLU L 18 -32.44 -31.38 35.37
N ASP L 19 -32.54 -30.44 36.32
CA ASP L 19 -33.76 -29.60 36.46
C ASP L 19 -33.43 -28.12 36.68
N PHE L 20 -32.30 -27.66 36.16
CA PHE L 20 -31.93 -26.28 36.30
C PHE L 20 -31.02 -25.85 35.18
N ALA L 21 -30.92 -24.54 34.98
CA ALA L 21 -29.88 -23.95 34.15
C ALA L 21 -29.31 -22.76 34.90
N ILE L 22 -28.02 -22.56 34.78
CA ILE L 22 -27.34 -21.39 35.33
C ILE L 22 -26.82 -20.56 34.19
N VAL L 23 -26.95 -19.24 34.28
CA VAL L 23 -26.32 -18.32 33.36
C VAL L 23 -25.68 -17.24 34.22
N ALA L 24 -24.39 -16.99 33.97
CA ALA L 24 -23.57 -16.14 34.83
C ALA L 24 -22.69 -15.24 33.98
N SER L 25 -22.36 -14.07 34.53
CA SER L 25 -21.52 -13.12 33.84
C SER L 25 -20.90 -12.16 34.80
N ASP L 26 -19.76 -11.59 34.45
CA ASP L 26 -19.18 -10.49 35.24
C ASP L 26 -19.89 -9.20 34.87
N THR L 27 -19.66 -8.14 35.61
CA THR L 27 -20.43 -6.91 35.45
C THR L 27 -19.59 -5.72 35.01
N ARG L 28 -18.34 -5.98 34.62
CA ARG L 28 -17.48 -4.92 34.13
C ARG L 28 -17.73 -4.63 32.64
N LEU L 29 -17.80 -3.36 32.31
CA LEU L 29 -17.86 -2.91 30.94
C LEU L 29 -16.66 -2.05 30.71
N SER L 30 -15.84 -2.43 29.73
CA SER L 30 -14.52 -1.84 29.48
C SER L 30 -14.42 -1.25 28.09
N GLU L 31 -13.38 -0.48 27.86
CA GLU L 31 -13.00 -0.06 26.53
C GLU L 31 -11.55 0.36 26.57
N GLY L 32 -10.71 -0.18 25.65
CA GLY L 32 -9.26 0.11 25.68
C GLY L 32 -8.67 -0.33 26.98
N PHE L 33 -7.99 0.56 27.68
CA PHE L 33 -7.50 0.26 29.02
C PHE L 33 -8.36 0.84 30.19
N SER L 34 -9.62 1.20 29.91
CA SER L 34 -10.50 1.92 30.85
C SER L 34 -11.73 1.12 31.19
N ILE L 35 -12.33 1.46 32.33
CA ILE L 35 -13.58 0.90 32.76
C ILE L 35 -14.68 1.97 32.56
N HIS L 36 -15.68 1.62 31.77
CA HIS L 36 -16.90 2.42 31.63
C HIS L 36 -17.75 2.38 32.91
N THR L 37 -18.08 1.18 33.37
CA THR L 37 -18.83 1.03 34.60
C THR L 37 -18.56 -0.34 35.15
N ARG L 38 -18.66 -0.45 36.47
CA ARG L 38 -18.53 -1.72 37.20
C ARG L 38 -19.86 -2.46 37.41
N ASP L 39 -20.97 -1.96 36.86
CA ASP L 39 -22.28 -2.56 37.10
C ASP L 39 -23.09 -2.65 35.81
N SER L 40 -22.62 -3.49 34.91
CA SER L 40 -23.23 -3.70 33.62
C SER L 40 -23.28 -5.22 33.40
N PRO L 41 -24.36 -5.87 33.87
CA PRO L 41 -24.51 -7.31 33.64
C PRO L 41 -24.70 -7.69 32.16
N LYS L 42 -24.36 -8.93 31.83
CA LYS L 42 -24.41 -9.38 30.45
C LYS L 42 -25.48 -10.41 30.23
N CYS L 43 -26.36 -10.57 31.22
CA CYS L 43 -27.46 -11.51 31.14
CA CYS L 43 -27.47 -11.51 31.16
C CYS L 43 -28.78 -10.76 31.02
N TYR L 44 -29.70 -11.31 30.23
CA TYR L 44 -31.01 -10.72 29.95
C TYR L 44 -32.08 -11.81 30.02
N LYS L 45 -33.13 -11.54 30.78
CA LYS L 45 -34.26 -12.43 30.87
C LYS L 45 -35.07 -12.34 29.58
N LEU L 46 -35.31 -13.48 28.93
CA LEU L 46 -36.16 -13.51 27.74
C LEU L 46 -37.60 -13.97 28.04
N THR L 47 -37.75 -15.08 28.76
CA THR L 47 -39.05 -15.57 29.24
C THR L 47 -38.81 -16.07 30.64
N ASP L 48 -39.86 -16.61 31.26
CA ASP L 48 -39.75 -17.24 32.57
C ASP L 48 -38.83 -18.48 32.61
N LYS L 49 -38.57 -19.08 31.45
CA LYS L 49 -37.82 -20.29 31.30
C LYS L 49 -36.49 -20.10 30.57
N THR L 50 -36.15 -18.89 30.14
CA THR L 50 -34.97 -18.65 29.27
C THR L 50 -34.24 -17.34 29.57
N VAL L 51 -32.91 -17.41 29.68
CA VAL L 51 -32.03 -16.27 29.90
C VAL L 51 -30.96 -16.33 28.81
N ILE L 52 -30.51 -15.17 28.33
CA ILE L 52 -29.44 -15.08 27.36
C ILE L 52 -28.28 -14.26 27.96
N GLY L 53 -27.04 -14.74 27.76
CA GLY L 53 -25.84 -14.00 28.09
C GLY L 53 -25.21 -13.48 26.80
N CYS L 54 -24.78 -12.21 26.78
CA CYS L 54 -24.22 -11.55 25.58
C CYS L 54 -22.96 -10.75 25.92
N SER L 55 -21.87 -10.98 25.22
CA SER L 55 -20.66 -10.17 25.41
C SER L 55 -20.00 -9.87 24.08
N GLY L 56 -19.15 -8.87 24.08
CA GLY L 56 -18.44 -8.48 22.87
C GLY L 56 -18.59 -6.99 22.71
N PHE L 57 -19.10 -6.56 21.56
CA PHE L 57 -19.26 -5.14 21.27
C PHE L 57 -20.61 -4.75 21.89
N HIS L 58 -20.55 -3.88 22.89
CA HIS L 58 -21.77 -3.49 23.66
C HIS L 58 -22.85 -2.86 22.80
N GLY L 59 -22.47 -2.05 21.81
CA GLY L 59 -23.46 -1.46 20.88
C GLY L 59 -24.33 -2.54 20.19
N ASP L 60 -23.68 -3.62 19.77
CA ASP L 60 -24.38 -4.77 19.20
C ASP L 60 -25.14 -5.58 20.26
N CYS L 61 -24.62 -5.71 21.47
CA CYS L 61 -25.34 -6.43 22.53
C CYS L 61 -26.71 -5.78 22.81
N LEU L 62 -26.71 -4.46 22.93
CA LEU L 62 -27.90 -3.72 23.19
C LEU L 62 -28.89 -3.85 22.04
N THR L 63 -28.44 -3.64 20.83
CA THR L 63 -29.30 -3.73 19.68
C THR L 63 -29.94 -5.14 19.55
N LEU L 64 -29.08 -6.16 19.58
CA LEU L 64 -29.51 -7.53 19.43
C LEU L 64 -30.51 -7.96 20.49
N THR L 65 -30.27 -7.61 21.76
CA THR L 65 -31.25 -7.96 22.79
C THR L 65 -32.64 -7.29 22.62
N LYS L 66 -32.65 -6.05 22.17
CA LYS L 66 -33.87 -5.37 21.84
C LYS L 66 -34.58 -5.98 20.64
N ILE L 67 -33.83 -6.43 19.64
CA ILE L 67 -34.41 -7.17 18.53
C ILE L 67 -35.07 -8.49 19.00
N ILE L 68 -34.34 -9.24 19.82
CA ILE L 68 -34.85 -10.51 20.35
C ILE L 68 -36.15 -10.27 21.12
N GLU L 69 -36.16 -9.24 21.97
CA GLU L 69 -37.37 -8.90 22.77
C GLU L 69 -38.61 -8.60 21.90
N ALA L 70 -38.41 -7.80 20.84
CA ALA L 70 -39.47 -7.52 19.87
C ALA L 70 -39.94 -8.80 19.16
N ARG L 71 -39.00 -9.63 18.73
CA ARG L 71 -39.33 -10.88 18.06
C ARG L 71 -40.09 -11.87 18.93
N LEU L 72 -39.76 -11.94 20.23
CA LEU L 72 -40.50 -12.80 21.14
C LEU L 72 -41.97 -12.39 21.27
N LYS L 73 -42.23 -11.08 21.29
CA LYS L 73 -43.60 -10.59 21.31
C LYS L 73 -44.37 -10.80 20.00
N MET L 74 -43.69 -10.56 18.88
CA MET L 74 -44.25 -10.87 17.57
C MET L 74 -44.67 -12.35 17.47
N TYR L 75 -43.80 -13.26 17.90
CA TYR L 75 -44.11 -14.71 17.93
C TYR L 75 -45.35 -15.02 18.77
N LYS L 76 -45.36 -14.48 19.98
CA LYS L 76 -46.43 -14.71 20.90
C LYS L 76 -47.76 -14.20 20.33
N HIS L 77 -47.73 -13.04 19.69
CA HIS L 77 -48.89 -12.51 19.00
C HIS L 77 -49.36 -13.35 17.83
N SER L 78 -48.45 -13.87 17.01
CA SER L 78 -48.92 -14.65 15.85
C SER L 78 -49.28 -16.11 16.19
N ASN L 79 -48.62 -16.70 17.18
CA ASN L 79 -48.80 -18.10 17.52
C ASN L 79 -49.54 -18.38 18.85
N ASN L 80 -49.84 -17.38 19.65
CA ASN L 80 -50.56 -17.56 20.93
C ASN L 80 -49.94 -18.39 22.01
N LYS L 81 -48.63 -18.34 22.09
CA LYS L 81 -47.86 -19.02 23.12
C LYS L 81 -46.42 -18.44 23.14
N ALA L 82 -45.76 -18.54 24.28
CA ALA L 82 -44.40 -18.08 24.46
C ALA L 82 -43.45 -19.00 23.67
N MET L 83 -42.38 -18.41 23.17
CA MET L 83 -41.35 -19.17 22.50
C MET L 83 -40.63 -20.11 23.48
N THR L 84 -40.39 -21.34 23.04
CA THR L 84 -39.56 -22.27 23.82
C THR L 84 -38.07 -21.88 23.71
N THR L 85 -37.25 -22.48 24.57
CA THR L 85 -35.83 -22.22 24.61
C THR L 85 -35.18 -22.63 23.30
N GLY L 86 -35.54 -23.80 22.81
CA GLY L 86 -35.10 -24.32 21.51
C GLY L 86 -35.48 -23.45 20.33
N ALA L 87 -36.70 -22.92 20.34
CA ALA L 87 -37.16 -22.03 19.26
C ALA L 87 -36.50 -20.65 19.29
N ILE L 88 -36.27 -20.10 20.47
CA ILE L 88 -35.44 -18.89 20.62
C ILE L 88 -34.02 -19.12 20.02
N ALA L 89 -33.42 -20.25 20.33
CA ALA L 89 -32.08 -20.56 19.84
C ALA L 89 -32.04 -20.65 18.30
N ALA L 90 -33.02 -21.36 17.72
CA ALA L 90 -33.13 -21.46 16.26
C ALA L 90 -33.35 -20.07 15.62
N MET L 91 -34.16 -19.24 16.27
CA MET L 91 -34.48 -17.91 15.73
C MET L 91 -33.25 -17.03 15.76
N LEU L 92 -32.56 -17.02 16.90
CA LEU L 92 -31.29 -16.27 17.03
C LEU L 92 -30.28 -16.63 15.96
N SER L 93 -30.17 -17.90 15.63
CA SER L 93 -29.32 -18.31 14.53
C SER L 93 -29.61 -17.56 13.24
N THR L 94 -30.89 -17.43 12.91
CA THR L 94 -31.26 -16.70 11.68
C THR L 94 -31.04 -15.19 11.78
N ILE L 95 -31.26 -14.59 12.96
CA ILE L 95 -31.05 -13.17 13.12
C ILE L 95 -29.57 -12.86 12.94
N LEU L 96 -28.71 -13.68 13.53
CA LEU L 96 -27.24 -13.49 13.38
C LEU L 96 -26.80 -13.61 11.92
N TYR L 97 -27.32 -14.63 11.22
CA TYR L 97 -26.94 -14.88 9.83
C TYR L 97 -27.43 -13.78 8.90
N SER L 98 -28.53 -13.10 9.26
CA SER L 98 -29.02 -11.99 8.43
C SER L 98 -27.98 -10.84 8.31
N ARG L 99 -27.08 -10.76 9.29
CA ARG L 99 -25.94 -9.86 9.24
C ARG L 99 -24.62 -10.52 8.88
N ARG L 100 -24.69 -11.63 8.14
CA ARG L 100 -23.50 -12.38 7.72
C ARG L 100 -22.40 -11.50 7.12
N PHE L 101 -22.77 -10.53 6.31
CA PHE L 101 -21.79 -9.59 5.73
C PHE L 101 -21.55 -8.24 6.50
N PHE L 102 -22.14 -8.03 7.71
CA PHE L 102 -21.77 -6.90 8.66
C PHE L 102 -22.16 -7.41 10.06
N PRO L 103 -21.40 -8.37 10.61
CA PRO L 103 -21.93 -9.12 11.73
C PRO L 103 -22.17 -8.34 13.02
N TYR L 104 -23.13 -8.82 13.78
CA TYR L 104 -23.21 -8.57 15.22
C TYR L 104 -22.00 -9.14 15.93
N TYR L 105 -21.19 -8.26 16.52
CA TYR L 105 -19.98 -8.68 17.24
C TYR L 105 -20.38 -9.02 18.68
N VAL L 106 -21.02 -10.19 18.80
CA VAL L 106 -21.60 -10.66 20.03
C VAL L 106 -21.37 -12.19 20.15
N TYR L 107 -20.92 -12.65 21.31
CA TYR L 107 -20.91 -14.04 21.69
C TYR L 107 -22.12 -14.23 22.60
N ASN L 108 -22.98 -15.16 22.19
CA ASN L 108 -24.23 -15.45 22.90
C ASN L 108 -24.21 -16.86 23.45
N ILE L 109 -24.72 -16.98 24.67
CA ILE L 109 -25.04 -18.27 25.26
C ILE L 109 -26.47 -18.19 25.84
N ILE L 110 -27.36 -19.08 25.41
CA ILE L 110 -28.70 -19.22 26.01
C ILE L 110 -28.70 -20.29 27.08
N GLY L 111 -29.32 -20.02 28.23
CA GLY L 111 -29.56 -21.02 29.25
C GLY L 111 -31.04 -20.98 29.66
N GLY L 112 -31.65 -22.16 29.70
CA GLY L 112 -33.05 -22.28 30.09
C GLY L 112 -33.50 -23.71 30.30
N LEU L 113 -34.81 -23.88 30.36
CA LEU L 113 -35.42 -25.21 30.47
C LEU L 113 -35.99 -25.58 29.14
N ASP L 114 -35.81 -26.85 28.77
CA ASP L 114 -36.41 -27.39 27.56
C ASP L 114 -37.85 -27.79 27.83
N GLU L 115 -38.52 -28.40 26.85
CA GLU L 115 -39.95 -28.75 27.04
C GLU L 115 -40.22 -29.93 27.97
N GLU L 116 -39.20 -30.70 28.32
CA GLU L 116 -39.34 -31.71 29.36
C GLU L 116 -38.95 -31.19 30.77
N GLY L 117 -38.62 -29.91 30.90
CA GLY L 117 -38.24 -29.36 32.21
C GLY L 117 -36.76 -29.54 32.54
N LYS L 118 -35.97 -29.98 31.57
CA LYS L 118 -34.56 -30.19 31.81
C LYS L 118 -33.71 -28.99 31.41
N GLY L 119 -32.57 -28.80 32.08
CA GLY L 119 -31.61 -27.76 31.70
C GLY L 119 -31.15 -27.86 30.24
N ALA L 120 -31.07 -26.71 29.59
CA ALA L 120 -30.63 -26.62 28.21
C ALA L 120 -29.71 -25.42 28.05
N VAL L 121 -28.57 -25.64 27.42
CA VAL L 121 -27.61 -24.59 27.08
C VAL L 121 -27.38 -24.62 25.56
N TYR L 122 -27.46 -23.46 24.94
CA TYR L 122 -27.11 -23.30 23.54
C TYR L 122 -26.07 -22.21 23.39
N SER L 123 -25.02 -22.50 22.62
CA SER L 123 -23.94 -21.53 22.38
C SER L 123 -23.79 -21.21 20.91
N PHE L 124 -23.39 -19.98 20.66
CA PHE L 124 -23.40 -19.36 19.35
C PHE L 124 -22.04 -18.71 19.01
N ASP L 125 -21.70 -18.70 17.72
CA ASP L 125 -20.72 -17.77 17.20
C ASP L 125 -21.42 -16.48 16.67
N PRO L 126 -20.63 -15.42 16.39
CA PRO L 126 -21.26 -14.16 15.95
C PRO L 126 -22.15 -14.22 14.71
N VAL L 127 -21.91 -15.16 13.78
CA VAL L 127 -22.77 -15.28 12.59
C VAL L 127 -23.86 -16.41 12.69
N GLY L 128 -24.04 -17.02 13.85
CA GLY L 128 -25.23 -17.83 14.15
C GLY L 128 -25.08 -19.33 14.13
N SER L 129 -23.84 -19.81 13.96
CA SER L 129 -23.55 -21.23 14.19
C SER L 129 -23.92 -21.53 15.64
N TYR L 130 -24.57 -22.66 15.89
CA TYR L 130 -24.92 -23.02 17.26
C TYR L 130 -25.14 -24.49 17.48
N GLN L 131 -25.09 -24.91 18.73
CA GLN L 131 -25.52 -26.24 19.13
C GLN L 131 -25.89 -26.23 20.59
N ARG L 132 -26.50 -27.35 21.00
CA ARG L 132 -26.77 -27.60 22.37
C ARG L 132 -25.51 -28.14 23.05
N ASP L 133 -25.27 -27.70 24.27
CA ASP L 133 -24.12 -28.08 25.06
C ASP L 133 -24.60 -28.44 26.45
N SER L 134 -23.75 -29.11 27.20
CA SER L 134 -24.01 -29.41 28.60
C SER L 134 -23.58 -28.22 29.48
N PHE L 135 -22.53 -27.53 29.04
CA PHE L 135 -22.03 -26.35 29.69
C PHE L 135 -21.17 -25.62 28.69
N LYS L 136 -20.98 -24.33 28.87
CA LYS L 136 -20.22 -23.56 27.94
C LYS L 136 -19.80 -22.22 28.51
N ALA L 137 -18.54 -21.85 28.29
CA ALA L 137 -18.06 -20.51 28.59
C ALA L 137 -17.89 -19.70 27.29
N GLY L 138 -18.03 -18.38 27.40
CA GLY L 138 -17.93 -17.50 26.27
C GLY L 138 -17.32 -16.18 26.68
N GLY L 139 -16.86 -15.43 25.69
CA GLY L 139 -16.35 -14.08 25.92
C GLY L 139 -14.88 -14.05 26.30
N SER L 140 -14.52 -12.97 26.95
CA SER L 140 -13.12 -12.60 27.15
C SER L 140 -12.25 -13.67 27.81
N ALA L 141 -12.76 -14.30 28.87
CA ALA L 141 -12.01 -15.31 29.59
C ALA L 141 -12.44 -16.73 29.28
N SER L 142 -13.09 -16.99 28.13
CA SER L 142 -13.62 -18.34 27.90
C SER L 142 -12.56 -19.41 27.85
N ALA L 143 -11.39 -19.10 27.33
CA ALA L 143 -10.34 -20.07 27.26
C ALA L 143 -9.78 -20.38 28.64
N MET L 144 -9.96 -19.48 29.59
CA MET L 144 -9.61 -19.75 30.98
C MET L 144 -10.65 -20.59 31.70
N LEU L 145 -11.92 -20.32 31.46
CA LEU L 145 -12.97 -21.10 32.13
C LEU L 145 -13.17 -22.50 31.57
N GLN L 146 -13.14 -22.65 30.25
CA GLN L 146 -13.63 -23.87 29.60
C GLN L 146 -12.91 -25.14 30.00
N PRO L 147 -11.56 -25.13 30.02
CA PRO L 147 -10.85 -26.34 30.43
C PRO L 147 -11.18 -26.89 31.82
N LEU L 148 -11.28 -26.01 32.81
CA LEU L 148 -11.66 -26.44 34.14
C LEU L 148 -13.07 -27.07 34.15
N LEU L 149 -13.99 -26.54 33.36
CA LEU L 149 -15.34 -27.09 33.28
C LEU L 149 -15.31 -28.45 32.58
N ASP L 150 -14.54 -28.54 31.49
CA ASP L 150 -14.31 -29.84 30.83
C ASP L 150 -13.88 -30.91 31.84
N ASN L 151 -12.95 -30.55 32.71
CA ASN L 151 -12.39 -31.44 33.69
C ASN L 151 -13.36 -31.78 34.83
N GLN L 152 -13.98 -30.76 35.41
CA GLN L 152 -14.78 -30.88 36.63
C GLN L 152 -16.26 -31.25 36.43
N VAL L 153 -16.85 -30.78 35.34
CA VAL L 153 -18.22 -31.17 34.95
C VAL L 153 -18.21 -32.32 33.96
N GLY L 154 -17.29 -32.30 33.00
CA GLY L 154 -17.19 -33.36 32.00
C GLY L 154 -16.40 -34.57 32.44
N PHE L 155 -15.73 -34.47 33.59
CA PHE L 155 -14.85 -35.52 34.11
C PHE L 155 -13.68 -35.90 33.18
N LYS L 156 -13.30 -35.00 32.29
CA LYS L 156 -12.28 -35.33 31.29
C LYS L 156 -10.90 -35.45 31.88
N ASN L 157 -10.16 -36.42 31.34
CA ASN L 157 -8.80 -36.80 31.79
C ASN L 157 -8.72 -37.39 33.19
N MET L 158 -9.86 -37.79 33.76
CA MET L 158 -9.89 -38.39 35.10
C MET L 158 -10.22 -39.87 35.05
N GLN L 159 -9.45 -40.66 35.78
CA GLN L 159 -9.68 -42.11 35.96
C GLN L 159 -10.22 -42.33 37.35
N ASN L 160 -10.90 -43.45 37.54
CA ASN L 160 -11.37 -43.86 38.87
C ASN L 160 -12.21 -42.81 39.60
N VAL L 161 -13.19 -42.22 38.91
CA VAL L 161 -14.19 -41.31 39.53
C VAL L 161 -15.59 -41.65 39.01
N GLU L 162 -16.56 -41.70 39.93
CA GLU L 162 -17.97 -41.90 39.57
C GLU L 162 -18.50 -40.66 38.85
N HIS L 163 -19.12 -40.89 37.69
CA HIS L 163 -19.75 -39.83 36.88
C HIS L 163 -21.15 -39.50 37.45
N VAL L 164 -21.17 -38.85 38.61
CA VAL L 164 -22.43 -38.52 39.28
C VAL L 164 -23.15 -37.32 38.63
N PRO L 165 -24.49 -37.20 38.85
CA PRO L 165 -25.20 -36.02 38.34
C PRO L 165 -24.76 -34.72 39.03
N LEU L 166 -24.77 -33.64 38.27
CA LEU L 166 -24.35 -32.37 38.77
C LEU L 166 -25.44 -31.75 39.66
N SER L 167 -25.16 -31.61 40.95
CA SER L 167 -26.05 -30.88 41.86
C SER L 167 -25.92 -29.38 41.65
N LEU L 168 -27.00 -28.67 41.97
CA LEU L 168 -27.05 -27.22 41.87
C LEU L 168 -25.98 -26.59 42.75
N ASP L 169 -25.82 -27.14 43.94
CA ASP L 169 -24.88 -26.61 44.93
C ASP L 169 -23.42 -26.71 44.42
N ARG L 170 -23.06 -27.84 43.82
CA ARG L 170 -21.72 -27.99 43.26
C ARG L 170 -21.56 -27.12 42.02
N ALA L 171 -22.58 -27.05 41.16
CA ALA L 171 -22.54 -26.18 39.97
C ALA L 171 -22.29 -24.75 40.37
N MET L 172 -22.94 -24.32 41.43
CA MET L 172 -22.77 -22.98 41.97
C MET L 172 -21.33 -22.69 42.45
N ARG L 173 -20.77 -23.63 43.20
CA ARG L 173 -19.42 -23.57 43.70
C ARG L 173 -18.43 -23.45 42.53
N LEU L 174 -18.65 -24.22 41.47
CA LEU L 174 -17.78 -24.20 40.29
C LEU L 174 -17.82 -22.86 39.57
N VAL L 175 -19.02 -22.33 39.41
CA VAL L 175 -19.21 -21.06 38.74
C VAL L 175 -18.46 -19.95 39.46
N LYS L 176 -18.60 -19.89 40.79
CA LYS L 176 -17.91 -18.85 41.54
C LYS L 176 -16.37 -19.03 41.47
N ASP L 177 -15.91 -20.27 41.58
CA ASP L 177 -14.48 -20.58 41.52
C ASP L 177 -13.84 -20.18 40.20
N VAL L 178 -14.47 -20.54 39.07
CA VAL L 178 -13.87 -20.23 37.78
C VAL L 178 -13.84 -18.72 37.50
N PHE L 179 -14.86 -17.96 37.92
CA PHE L 179 -14.82 -16.51 37.72
C PHE L 179 -13.77 -15.86 38.61
N ILE L 180 -13.63 -16.37 39.81
CA ILE L 180 -12.58 -15.90 40.71
C ILE L 180 -11.20 -16.15 40.10
N SER L 181 -10.99 -17.33 39.53
CA SER L 181 -9.74 -17.62 38.82
C SER L 181 -9.52 -16.74 37.58
N ALA L 182 -10.58 -16.52 36.80
CA ALA L 182 -10.52 -15.63 35.66
C ALA L 182 -10.22 -14.17 36.03
N ALA L 183 -10.77 -13.71 37.14
CA ALA L 183 -10.53 -12.34 37.59
C ALA L 183 -9.06 -12.09 37.97
N GLU L 184 -8.33 -13.14 38.36
CA GLU L 184 -6.88 -13.07 38.60
C GLU L 184 -6.05 -12.77 37.35
N ARG L 185 -6.50 -13.22 36.18
CA ARG L 185 -5.69 -13.22 34.97
C ARG L 185 -6.19 -12.45 33.75
N ASP L 186 -7.49 -12.42 33.53
CA ASP L 186 -8.09 -11.63 32.46
C ASP L 186 -8.31 -10.20 33.01
N VAL L 187 -7.70 -9.21 32.36
CA VAL L 187 -7.85 -7.81 32.81
C VAL L 187 -9.28 -7.31 32.68
N TYR L 188 -10.03 -7.86 31.71
CA TYR L 188 -11.44 -7.47 31.50
C TYR L 188 -12.46 -8.05 32.49
N THR L 189 -12.13 -9.14 33.19
CA THR L 189 -13.09 -9.80 34.06
C THR L 189 -12.90 -9.35 35.48
N GLY L 190 -13.97 -8.83 36.06
CA GLY L 190 -13.88 -8.27 37.40
C GLY L 190 -15.14 -7.60 37.92
N ASP L 191 -14.97 -6.95 39.07
CA ASP L 191 -15.99 -6.16 39.78
C ASP L 191 -17.02 -7.01 40.52
N ALA L 192 -17.88 -7.70 39.79
CA ALA L 192 -18.88 -8.59 40.42
C ALA L 192 -19.29 -9.69 39.47
N LEU L 193 -19.75 -10.79 40.05
CA LEU L 193 -20.28 -11.92 39.30
C LEU L 193 -21.81 -11.93 39.56
N ARG L 194 -22.60 -11.92 38.48
CA ARG L 194 -24.07 -12.03 38.55
C ARG L 194 -24.44 -13.43 38.09
N ILE L 195 -25.19 -14.17 38.91
CA ILE L 195 -25.62 -15.53 38.59
C ILE L 195 -27.16 -15.60 38.54
N CYS L 196 -27.71 -16.10 37.42
CA CYS L 196 -29.15 -16.37 37.30
C CYS L 196 -29.35 -17.89 37.32
N ILE L 197 -30.23 -18.36 38.18
CA ILE L 197 -30.59 -19.78 38.25
C ILE L 197 -32.05 -19.95 37.76
N VAL L 198 -32.21 -20.64 36.63
CA VAL L 198 -33.52 -20.94 36.07
C VAL L 198 -33.96 -22.33 36.55
N THR L 199 -35.11 -22.39 37.22
CA THR L 199 -35.78 -23.65 37.62
C THR L 199 -37.29 -23.57 37.28
N LYS L 200 -38.03 -24.65 37.52
CA LYS L 200 -39.48 -24.62 37.33
C LYS L 200 -40.19 -23.53 38.16
N GLU L 201 -39.65 -23.19 39.33
CA GLU L 201 -40.21 -22.15 40.17
C GLU L 201 -39.97 -20.72 39.67
N GLY L 202 -39.04 -20.53 38.73
CA GLY L 202 -38.73 -19.21 38.18
C GLY L 202 -37.23 -18.97 38.08
N ILE L 203 -36.85 -17.69 38.02
CA ILE L 203 -35.48 -17.27 37.87
C ILE L 203 -35.07 -16.51 39.11
N ARG L 204 -34.04 -16.97 39.81
CA ARG L 204 -33.49 -16.17 40.89
C ARG L 204 -32.05 -15.74 40.64
N GLU L 205 -31.60 -14.78 41.44
CA GLU L 205 -30.43 -14.00 41.18
C GLU L 205 -29.53 -14.05 42.39
N GLU L 206 -28.25 -14.36 42.21
CA GLU L 206 -27.20 -14.18 43.25
C GLU L 206 -26.12 -13.23 42.70
N THR L 207 -25.53 -12.40 43.56
CA THR L 207 -24.34 -11.68 43.16
C THR L 207 -23.18 -11.88 44.18
N VAL L 208 -21.97 -12.00 43.64
CA VAL L 208 -20.74 -12.25 44.37
C VAL L 208 -19.72 -11.20 43.97
N SER L 209 -18.98 -10.67 44.94
CA SER L 209 -17.98 -9.67 44.68
C SER L 209 -16.72 -10.29 44.02
N LEU L 210 -16.12 -9.58 43.05
CA LEU L 210 -14.80 -9.93 42.50
C LEU L 210 -13.85 -8.77 42.70
N ARG L 211 -12.55 -9.04 42.56
CA ARG L 211 -11.51 -8.00 42.56
C ARG L 211 -11.82 -6.84 41.63
N LYS L 212 -11.55 -5.63 42.09
CA LYS L 212 -11.83 -4.37 41.39
C LYS L 212 -10.64 -3.76 40.59
N ASP L 213 -9.43 -4.33 40.75
CA ASP L 213 -8.25 -3.92 39.91
C ASP L 213 -8.27 -4.38 38.43
N THR M 1 -20.43 12.02 9.39
CA THR M 1 -19.05 12.57 9.42
C THR M 1 -18.03 11.44 9.30
N GLN M 2 -17.16 11.53 8.32
CA GLN M 2 -15.96 10.71 8.25
C GLN M 2 -14.77 11.38 8.98
N ASN M 3 -14.73 12.71 8.93
CA ASN M 3 -13.62 13.49 9.45
C ASN M 3 -14.14 14.64 10.33
N PRO M 4 -13.94 14.57 11.66
CA PRO M 4 -14.49 15.65 12.47
C PRO M 4 -13.77 16.98 12.21
N MET M 5 -14.45 18.09 12.36
CA MET M 5 -13.86 19.37 12.01
C MET M 5 -13.72 20.17 13.30
N VAL M 6 -14.65 21.06 13.64
CA VAL M 6 -14.61 21.74 14.92
C VAL M 6 -15.13 20.78 16.00
N THR M 7 -14.36 20.60 17.06
CA THR M 7 -14.66 19.61 18.10
C THR M 7 -14.63 20.17 19.55
N GLY M 8 -15.38 19.52 20.42
CA GLY M 8 -15.40 19.80 21.85
C GLY M 8 -14.74 18.67 22.59
N THR M 9 -14.11 19.01 23.72
CA THR M 9 -13.43 18.02 24.54
C THR M 9 -14.38 17.41 25.59
N SER M 10 -13.86 17.04 26.76
CA SER M 10 -14.60 16.33 27.77
C SER M 10 -15.97 16.93 28.19
N VAL M 11 -16.88 16.05 28.60
CA VAL M 11 -18.09 16.38 29.31
C VAL M 11 -18.07 15.52 30.55
N LEU M 12 -18.40 16.13 31.70
CA LEU M 12 -18.50 15.45 32.99
C LEU M 12 -19.93 15.40 33.46
N GLY M 13 -20.25 14.36 34.22
CA GLY M 13 -21.52 14.27 34.93
C GLY M 13 -21.46 13.50 36.23
N VAL M 14 -22.22 13.97 37.22
CA VAL M 14 -22.33 13.25 38.49
C VAL M 14 -23.75 13.38 39.09
N LYS M 15 -24.25 12.27 39.62
CA LYS M 15 -25.48 12.24 40.36
C LYS M 15 -25.28 12.78 41.77
N PHE M 16 -26.32 13.47 42.27
CA PHE M 16 -26.40 13.89 43.66
C PHE M 16 -27.83 13.72 44.17
N GLU M 17 -28.01 13.86 45.47
CA GLU M 17 -29.32 13.66 46.10
C GLU M 17 -30.26 14.76 45.64
N GLY M 18 -31.21 14.42 44.79
CA GLY M 18 -32.14 15.41 44.24
C GLY M 18 -31.80 15.89 42.84
N GLY M 19 -30.77 15.33 42.19
CA GLY M 19 -30.44 15.77 40.85
C GLY M 19 -29.17 15.25 40.21
N VAL M 20 -28.76 15.93 39.15
CA VAL M 20 -27.59 15.59 38.38
C VAL M 20 -26.96 16.90 37.96
N VAL M 21 -25.63 16.92 37.94
CA VAL M 21 -24.88 18.06 37.44
C VAL M 21 -24.01 17.60 36.25
N ILE M 22 -23.97 18.38 35.19
CA ILE M 22 -23.03 18.18 34.14
C ILE M 22 -22.20 19.44 33.88
N ALA M 23 -21.01 19.23 33.32
CA ALA M 23 -20.06 20.35 33.08
C ALA M 23 -19.33 20.19 31.77
N ALA M 24 -19.10 21.31 31.08
CA ALA M 24 -18.39 21.29 29.83
C ALA M 24 -17.87 22.65 29.56
N ASP M 25 -16.62 22.69 29.07
CA ASP M 25 -16.04 23.92 28.62
C ASP M 25 -16.72 24.47 27.35
N MET M 26 -16.42 25.72 27.04
CA MET M 26 -17.11 26.46 26.00
C MET M 26 -16.31 26.60 24.69
N LEU M 27 -15.45 25.62 24.41
CA LEU M 27 -14.48 25.70 23.32
C LEU M 27 -14.81 24.78 22.17
N GLY M 28 -14.76 25.32 20.97
CA GLY M 28 -14.69 24.52 19.77
C GLY M 28 -13.31 24.63 19.18
N SER M 29 -12.59 23.51 19.17
CA SER M 29 -11.24 23.46 18.63
C SER M 29 -11.23 22.97 17.20
N TYR M 30 -10.29 23.48 16.43
CA TYR M 30 -10.14 23.14 15.05
C TYR M 30 -8.72 22.57 14.93
N GLY M 31 -8.62 21.28 15.10
CA GLY M 31 -7.33 20.65 15.38
C GLY M 31 -6.86 21.20 16.73
N SER M 32 -5.62 21.67 16.78
CA SER M 32 -5.11 22.25 18.03
C SER M 32 -5.59 23.72 18.30
N LEU M 33 -6.02 24.42 17.26
CA LEU M 33 -6.45 25.82 17.36
C LEU M 33 -7.72 25.95 18.21
N ALA M 34 -7.65 26.80 19.21
CA ALA M 34 -8.80 27.15 20.04
C ALA M 34 -9.60 28.23 19.27
N ARG M 35 -10.48 27.79 18.40
CA ARG M 35 -11.04 28.63 17.38
C ARG M 35 -12.30 29.41 17.82
N PHE M 36 -13.27 28.70 18.38
CA PHE M 36 -14.59 29.28 18.80
C PHE M 36 -14.70 29.14 20.27
N ARG M 37 -14.47 30.24 20.97
CA ARG M 37 -14.22 30.21 22.40
C ARG M 37 -15.42 30.54 23.27
N ASN M 38 -16.59 30.68 22.66
CA ASN M 38 -17.80 30.97 23.44
C ASN M 38 -19.02 30.18 22.97
N ILE M 39 -18.88 28.87 22.81
CA ILE M 39 -19.99 28.05 22.33
C ILE M 39 -20.46 27.20 23.46
N SER M 40 -21.76 26.96 23.54
CA SER M 40 -22.33 26.08 24.55
C SER M 40 -22.38 24.65 23.99
N ARG M 41 -21.88 23.71 24.79
CA ARG M 41 -21.88 22.30 24.44
C ARG M 41 -22.87 21.52 25.30
N ILE M 42 -23.85 22.23 25.86
CA ILE M 42 -24.86 21.66 26.69
C ILE M 42 -26.23 22.13 26.16
N MET M 43 -27.19 21.23 26.19
CA MET M 43 -28.59 21.49 25.71
C MET M 43 -29.59 21.20 26.82
N ARG M 44 -30.52 22.10 27.09
CA ARG M 44 -31.72 21.74 27.82
C ARG M 44 -32.61 21.03 26.82
N VAL M 45 -32.92 19.76 27.08
CA VAL M 45 -33.81 19.01 26.17
C VAL M 45 -35.28 19.34 26.49
N ASN M 46 -35.68 19.13 27.75
CA ASN M 46 -37.03 19.48 28.27
C ASN M 46 -36.83 19.74 29.76
N ASN M 47 -37.90 19.79 30.52
CA ASN M 47 -37.79 20.12 31.93
C ASN M 47 -37.09 19.14 32.85
N SER M 48 -36.96 17.90 32.40
CA SER M 48 -36.45 16.84 33.22
C SER M 48 -35.08 16.37 32.71
N THR M 49 -34.60 16.91 31.57
CA THR M 49 -33.48 16.29 30.84
C THR M 49 -32.54 17.32 30.23
N MET M 50 -31.26 17.05 30.37
CA MET M 50 -30.22 17.83 29.71
C MET M 50 -29.17 16.91 29.10
N LEU M 51 -28.41 17.49 28.17
CA LEU M 51 -27.45 16.73 27.34
C LEU M 51 -26.16 17.56 27.15
N GLY M 52 -25.01 16.93 27.30
CA GLY M 52 -23.70 17.54 26.96
C GLY M 52 -22.98 16.69 25.89
N ALA M 53 -22.35 17.32 24.91
CA ALA M 53 -21.67 16.60 23.84
C ALA M 53 -20.16 16.97 23.65
N SER M 54 -19.34 15.92 23.58
CA SER M 54 -17.97 15.95 23.05
C SER M 54 -18.04 15.63 21.55
N GLY M 55 -16.95 15.93 20.86
CA GLY M 55 -16.79 15.60 19.48
C GLY M 55 -17.29 16.69 18.55
N ASP M 56 -17.66 16.28 17.34
CA ASP M 56 -17.94 17.20 16.28
C ASP M 56 -19.16 18.12 16.59
N TYR M 57 -18.89 19.43 16.60
CA TYR M 57 -19.89 20.39 17.00
C TYR M 57 -21.03 20.53 16.00
N ALA M 58 -20.77 20.45 14.70
CA ALA M 58 -21.80 20.50 13.70
C ALA M 58 -22.79 19.34 13.89
N ASP M 59 -22.25 18.15 14.14
CA ASP M 59 -23.07 16.97 14.45
C ASP M 59 -23.90 17.18 15.73
N PHE M 60 -23.29 17.77 16.77
CA PHE M 60 -24.08 18.20 17.93
C PHE M 60 -25.22 19.16 17.58
N GLN M 61 -24.97 20.18 16.77
CA GLN M 61 -26.00 21.11 16.37
C GLN M 61 -27.17 20.42 15.63
N TYR M 62 -26.84 19.43 14.81
CA TYR M 62 -27.83 18.63 14.12
C TYR M 62 -28.70 17.86 15.12
N LEU M 63 -28.07 17.19 16.09
CA LEU M 63 -28.83 16.49 17.12
C LEU M 63 -29.72 17.43 17.94
N LYS M 64 -29.21 18.62 18.21
CA LYS M 64 -29.96 19.63 18.93
C LYS M 64 -31.21 20.05 18.15
N GLN M 65 -31.03 20.26 16.85
CA GLN M 65 -32.15 20.57 15.94
C GLN M 65 -33.19 19.44 15.95
N VAL M 66 -32.75 18.20 15.80
CA VAL M 66 -33.66 17.06 15.69
C VAL M 66 -34.42 16.84 17.02
N LEU M 67 -33.66 16.85 18.10
CA LEU M 67 -34.20 16.56 19.42
C LEU M 67 -35.08 17.70 19.93
N GLY M 68 -34.69 18.94 19.66
CA GLY M 68 -35.51 20.08 19.92
C GLY M 68 -36.87 19.99 19.22
N GLN M 69 -36.86 19.65 17.93
CA GLN M 69 -38.11 19.51 17.19
C GLN M 69 -39.00 18.34 17.74
N MET M 70 -38.37 17.25 18.16
CA MET M 70 -39.10 16.13 18.75
C MET M 70 -39.83 16.52 20.05
N VAL M 71 -39.19 17.31 20.90
CA VAL M 71 -39.82 17.80 22.12
C VAL M 71 -40.97 18.74 21.82
N ILE M 72 -40.78 19.69 20.90
CA ILE M 72 -41.85 20.56 20.46
C ILE M 72 -43.06 19.75 19.97
N ASP M 73 -42.83 18.73 19.13
CA ASP M 73 -43.89 17.92 18.52
C ASP M 73 -44.72 17.29 19.61
N GLU M 74 -44.04 16.77 20.62
CA GLU M 74 -44.66 16.14 21.75
C GLU M 74 -45.47 17.10 22.63
N GLU M 75 -44.92 18.29 22.89
CA GLU M 75 -45.65 19.34 23.61
C GLU M 75 -46.91 19.84 22.92
N LEU M 76 -46.92 19.86 21.58
CA LEU M 76 -48.14 20.20 20.84
C LEU M 76 -49.34 19.34 21.19
N LEU M 77 -49.09 18.08 21.55
CA LEU M 77 -50.21 17.17 21.77
C LEU M 77 -50.94 17.50 23.08
N GLY M 78 -50.20 18.05 24.05
CA GLY M 78 -50.80 18.46 25.32
C GLY M 78 -51.53 17.37 26.06
N ASP M 79 -50.95 16.16 26.07
CA ASP M 79 -51.66 14.93 26.48
C ASP M 79 -51.19 14.33 27.81
N GLY M 80 -50.40 15.06 28.57
CA GLY M 80 -49.90 14.53 29.86
C GLY M 80 -48.77 13.52 29.83
N HIS M 81 -48.17 13.27 28.67
CA HIS M 81 -47.05 12.34 28.56
C HIS M 81 -45.90 13.18 28.04
N SER M 82 -44.72 12.93 28.58
CA SER M 82 -43.49 13.61 28.21
C SER M 82 -42.43 12.58 28.10
N TYR M 83 -41.43 12.81 27.27
CA TYR M 83 -40.27 11.95 27.25
C TYR M 83 -39.48 12.09 28.58
N SER M 84 -39.28 10.96 29.25
CA SER M 84 -38.39 10.86 30.38
C SER M 84 -36.90 10.93 29.92
N PRO M 85 -35.98 11.20 30.85
CA PRO M 85 -34.54 11.15 30.56
C PRO M 85 -34.10 9.81 30.00
N ARG M 86 -34.64 8.74 30.54
CA ARG M 86 -34.37 7.40 30.06
C ARG M 86 -34.85 7.18 28.61
N ALA M 87 -36.02 7.74 28.25
CA ALA M 87 -36.53 7.64 26.89
C ALA M 87 -35.62 8.36 25.91
N ILE M 88 -35.15 9.54 26.30
CA ILE M 88 -34.31 10.36 25.45
C ILE M 88 -32.96 9.66 25.24
N HIS M 89 -32.42 9.10 26.30
CA HIS M 89 -31.19 8.29 26.25
C HIS M 89 -31.33 7.06 25.32
N SER M 90 -32.48 6.38 25.41
CA SER M 90 -32.82 5.29 24.50
C SER M 90 -32.88 5.74 23.05
N TRP M 91 -33.57 6.83 22.78
CA TRP M 91 -33.69 7.36 21.44
C TRP M 91 -32.26 7.66 20.85
N LEU M 92 -31.46 8.29 21.69
CA LEU M 92 -30.13 8.66 21.29
C LEU M 92 -29.26 7.44 20.98
N THR M 93 -29.34 6.42 21.79
CA THR M 93 -28.66 5.17 21.52
C THR M 93 -29.06 4.64 20.14
N ARG M 94 -30.35 4.57 19.87
CA ARG M 94 -30.82 4.09 18.58
C ARG M 94 -30.32 4.92 17.40
N ALA M 95 -30.39 6.24 17.54
CA ALA M 95 -29.96 7.14 16.49
C ALA M 95 -28.43 6.98 16.19
N MET M 96 -27.60 6.95 17.22
CA MET M 96 -26.16 6.78 17.02
C MET M 96 -25.86 5.40 16.44
N TYR M 97 -26.46 4.36 16.99
CA TYR M 97 -26.26 2.99 16.43
C TYR M 97 -26.63 2.92 14.94
N SER M 98 -27.77 3.52 14.61
CA SER M 98 -28.27 3.51 13.27
C SER M 98 -27.30 4.20 12.30
N ARG M 99 -26.74 5.34 12.72
CA ARG M 99 -25.83 6.09 11.89
C ARG M 99 -24.47 5.34 11.75
N ARG M 100 -23.98 4.75 12.85
CA ARG M 100 -22.83 3.80 12.85
C ARG M 100 -23.06 2.67 11.84
N SER M 101 -24.27 2.10 11.83
CA SER M 101 -24.56 0.94 10.97
C SER M 101 -24.69 1.31 9.51
N LYS M 102 -24.89 2.58 9.20
CA LYS M 102 -24.75 3.06 7.82
C LYS M 102 -23.34 3.54 7.43
N MET M 103 -22.37 3.37 8.33
CA MET M 103 -20.97 3.79 8.10
C MET M 103 -20.89 5.30 7.92
N ASN M 104 -21.76 6.03 8.62
CA ASN M 104 -21.80 7.47 8.56
C ASN M 104 -22.18 8.05 9.93
N PRO M 105 -21.23 7.95 10.89
CA PRO M 105 -21.56 8.22 12.26
C PRO M 105 -21.83 9.68 12.50
N LEU M 106 -22.57 9.95 13.56
CA LEU M 106 -22.56 11.27 14.19
C LEU M 106 -21.37 11.21 15.17
N TRP M 107 -20.40 12.07 14.96
CA TRP M 107 -19.09 11.95 15.65
C TRP M 107 -19.11 12.61 17.07
N ASN M 108 -19.85 12.01 17.99
CA ASN M 108 -20.07 12.59 19.29
C ASN M 108 -20.04 11.54 20.34
N THR M 109 -19.69 11.99 21.56
CA THR M 109 -19.88 11.21 22.76
C THR M 109 -20.71 12.09 23.70
N MET M 110 -21.83 11.56 24.20
CA MET M 110 -22.76 12.33 24.98
C MET M 110 -23.06 11.83 26.38
N VAL M 111 -23.40 12.80 27.23
CA VAL M 111 -23.77 12.59 28.60
C VAL M 111 -25.21 13.18 28.79
N ILE M 112 -26.16 12.34 29.14
CA ILE M 112 -27.55 12.72 29.36
C ILE M 112 -27.76 12.72 30.86
N GLY M 113 -28.18 13.84 31.40
CA GLY M 113 -28.56 13.95 32.80
C GLY M 113 -30.04 14.25 32.96
N GLY M 114 -30.67 13.70 33.98
CA GLY M 114 -32.05 14.05 34.26
C GLY M 114 -32.53 13.76 35.64
N TYR M 115 -33.74 14.20 35.89
CA TYR M 115 -34.41 13.98 37.16
C TYR M 115 -35.91 13.84 36.88
N ALA M 116 -36.47 12.70 37.26
CA ALA M 116 -37.88 12.39 37.00
C ALA M 116 -38.35 11.39 38.03
N ASP M 117 -39.55 11.59 38.57
CA ASP M 117 -40.18 10.66 39.53
C ASP M 117 -39.31 10.32 40.75
N GLY M 118 -38.65 11.32 41.33
CA GLY M 118 -37.74 11.07 42.45
C GLY M 118 -36.41 10.37 42.17
N GLU M 119 -36.07 10.09 40.91
CA GLU M 119 -34.83 9.38 40.54
C GLU M 119 -33.89 10.25 39.67
N SER M 120 -32.60 10.31 40.04
CA SER M 120 -31.56 10.91 39.19
C SER M 120 -31.21 9.97 38.04
N PHE M 121 -31.12 10.49 36.82
CA PHE M 121 -30.69 9.69 35.69
C PHE M 121 -29.36 10.24 35.12
N LEU M 122 -28.42 9.34 34.82
CA LEU M 122 -27.17 9.74 34.18
C LEU M 122 -26.73 8.64 33.23
N GLY M 123 -26.66 8.98 31.96
CA GLY M 123 -26.39 8.00 30.91
C GLY M 123 -25.42 8.50 29.88
N TYR M 124 -24.69 7.56 29.29
CA TYR M 124 -23.65 7.82 28.30
C TYR M 124 -24.10 7.22 26.96
N VAL M 125 -23.84 7.91 25.86
CA VAL M 125 -23.96 7.32 24.52
C VAL M 125 -22.82 7.76 23.65
N ASP M 126 -22.16 6.82 22.96
CA ASP M 126 -21.02 7.17 22.08
C ASP M 126 -21.43 6.96 20.63
N MET M 127 -20.51 7.27 19.73
CA MET M 127 -20.81 7.27 18.31
C MET M 127 -21.07 5.94 17.70
N LEU M 128 -20.76 4.88 18.41
CA LEU M 128 -21.05 3.55 17.97
C LEU M 128 -22.31 2.93 18.53
N GLY M 129 -23.04 3.65 19.39
CA GLY M 129 -24.17 3.12 20.09
C GLY M 129 -23.89 2.39 21.39
N VAL M 130 -22.66 2.52 21.91
CA VAL M 130 -22.33 2.00 23.23
C VAL M 130 -23.01 2.94 24.23
N ALA M 131 -23.85 2.38 25.08
CA ALA M 131 -24.61 3.15 26.03
C ALA M 131 -24.77 2.41 27.34
N TYR M 132 -24.77 3.18 28.41
CA TYR M 132 -24.95 2.63 29.73
C TYR M 132 -25.28 3.76 30.70
N GLU M 133 -25.61 3.37 31.92
CA GLU M 133 -25.79 4.36 33.00
C GLU M 133 -24.77 4.16 34.13
N ALA M 134 -24.46 5.23 34.84
CA ALA M 134 -23.56 5.15 35.98
C ALA M 134 -23.72 6.34 36.91
N PRO M 135 -23.22 6.23 38.16
CA PRO M 135 -23.34 7.37 39.08
C PRO M 135 -22.49 8.59 38.70
N SER M 136 -21.44 8.38 37.91
CA SER M 136 -20.65 9.47 37.35
C SER M 136 -20.12 9.06 35.98
N LEU M 137 -19.89 10.04 35.13
CA LEU M 137 -19.44 9.85 33.75
C LEU M 137 -18.45 10.95 33.39
N ALA M 138 -17.56 10.64 32.46
CA ALA M 138 -16.63 11.62 31.90
C ALA M 138 -16.13 11.17 30.53
N THR M 139 -16.29 11.98 29.51
CA THR M 139 -15.91 11.62 28.16
C THR M 139 -14.51 12.18 27.92
N GLY M 140 -13.91 11.71 26.86
CA GLY M 140 -12.62 12.21 26.38
C GLY M 140 -11.50 12.02 27.39
N TYR M 141 -10.63 13.01 27.51
CA TYR M 141 -9.60 12.98 28.58
C TYR M 141 -10.19 12.94 30.00
N GLY M 142 -11.45 13.37 30.15
CA GLY M 142 -12.13 13.23 31.42
C GLY M 142 -12.21 11.80 31.91
N ALA M 143 -12.26 10.84 30.98
CA ALA M 143 -12.30 9.42 31.35
C ALA M 143 -11.03 9.01 32.08
N TYR M 144 -9.89 9.64 31.75
CA TYR M 144 -8.58 9.35 32.38
C TYR M 144 -8.22 10.22 33.59
N LEU M 145 -8.64 11.47 33.56
CA LEU M 145 -8.20 12.49 34.50
C LEU M 145 -9.28 12.81 35.55
N ALA M 146 -10.54 12.81 35.16
CA ALA M 146 -11.65 13.19 36.06
C ALA M 146 -12.32 12.00 36.72
N GLN M 147 -12.67 10.98 35.93
CA GLN M 147 -13.36 9.78 36.43
C GLN M 147 -12.67 9.08 37.60
N PRO M 148 -11.32 9.02 37.62
CA PRO M 148 -10.69 8.45 38.82
C PRO M 148 -11.01 9.21 40.13
N LEU M 149 -11.03 10.54 40.03
CA LEU M 149 -11.35 11.36 41.20
C LEU M 149 -12.85 11.25 41.58
N LEU M 150 -13.72 11.22 40.57
CA LEU M 150 -15.18 11.07 40.81
C LEU M 150 -15.46 9.77 41.53
N ARG M 151 -14.90 8.69 41.00
CA ARG M 151 -15.16 7.35 41.55
C ARG M 151 -14.56 7.11 42.91
N GLU M 152 -13.40 7.72 43.20
CA GLU M 152 -12.79 7.58 44.51
C GLU M 152 -13.68 8.25 45.60
N VAL M 153 -14.18 9.44 45.29
CA VAL M 153 -15.11 10.14 46.20
C VAL M 153 -16.40 9.32 46.39
N LEU M 154 -17.01 8.90 45.28
CA LEU M 154 -18.23 8.06 45.32
C LEU M 154 -18.12 6.74 46.08
N GLU M 155 -16.91 6.15 46.17
CA GLU M 155 -16.71 4.93 46.96
C GLU M 155 -16.77 5.19 48.46
N LYS M 156 -16.15 6.28 48.91
CA LYS M 156 -16.24 6.71 50.30
C LYS M 156 -17.63 7.24 50.70
N GLN M 157 -18.42 7.68 49.73
CA GLN M 157 -19.67 8.40 50.02
C GLN M 157 -20.53 8.38 48.75
N PRO M 158 -21.30 7.30 48.57
CA PRO M 158 -22.07 7.16 47.31
C PRO M 158 -23.15 8.23 47.12
N VAL M 159 -23.65 8.80 48.21
CA VAL M 159 -24.67 9.85 48.15
C VAL M 159 -24.05 11.20 48.47
N LEU M 160 -24.01 12.08 47.47
CA LEU M 160 -23.43 13.41 47.56
C LEU M 160 -24.54 14.43 47.64
N SER M 161 -24.28 15.53 48.34
CA SER M 161 -25.15 16.67 48.29
C SER M 161 -24.88 17.46 46.99
N GLN M 162 -25.81 18.36 46.65
CA GLN M 162 -25.62 19.21 45.49
C GLN M 162 -24.34 20.03 45.56
N THR M 163 -24.03 20.60 46.73
CA THR M 163 -22.86 21.45 46.86
C THR M 163 -21.55 20.61 46.79
N GLU M 164 -21.56 19.39 47.35
CA GLU M 164 -20.43 18.46 47.24
C GLU M 164 -20.15 18.03 45.79
N ALA M 165 -21.20 17.76 45.01
CA ALA M 165 -21.09 17.37 43.62
C ALA M 165 -20.58 18.54 42.78
N ARG M 166 -21.10 19.72 43.04
CA ARG M 166 -20.61 20.93 42.38
C ARG M 166 -19.11 21.21 42.68
N ASP M 167 -18.68 21.11 43.95
CA ASP M 167 -17.26 21.33 44.28
CA ASP M 167 -17.24 21.28 44.26
C ASP M 167 -16.35 20.26 43.59
N LEU M 168 -16.78 19.02 43.59
CA LEU M 168 -16.06 17.92 42.96
C LEU M 168 -15.90 18.11 41.43
N VAL M 169 -16.98 18.52 40.76
CA VAL M 169 -16.92 18.91 39.36
C VAL M 169 -15.92 20.05 39.07
N GLU M 170 -15.89 21.08 39.92
CA GLU M 170 -14.93 22.19 39.77
C GLU M 170 -13.47 21.73 39.89
N ARG M 171 -13.19 20.81 40.82
CA ARG M 171 -11.85 20.24 40.99
C ARG M 171 -11.41 19.46 39.73
N CYS M 172 -12.32 18.67 39.15
CA CYS M 172 -12.11 17.95 37.91
C CYS M 172 -11.87 18.87 36.73
N MET M 173 -12.66 19.94 36.63
CA MET M 173 -12.44 20.93 35.56
C MET M 173 -11.04 21.57 35.66
N ARG M 174 -10.54 21.76 36.88
CA ARG M 174 -9.22 22.33 37.08
C ARG M 174 -8.13 21.39 36.57
N VAL M 175 -8.26 20.11 36.88
CA VAL M 175 -7.32 19.11 36.47
C VAL M 175 -7.27 19.05 34.95
N LEU M 176 -8.45 19.07 34.32
CA LEU M 176 -8.55 19.02 32.88
C LEU M 176 -7.90 20.22 32.22
N TYR M 177 -8.08 21.40 32.80
CA TYR M 177 -7.40 22.60 32.31
C TYR M 177 -5.86 22.49 32.44
N TYR M 178 -5.39 21.86 33.50
CA TYR M 178 -3.93 21.63 33.67
C TYR M 178 -3.33 20.65 32.61
N ARG M 179 -4.10 19.64 32.22
CA ARG M 179 -3.55 18.45 31.57
C ARG M 179 -4.09 18.07 30.19
N ASP M 180 -5.21 18.65 29.77
CA ASP M 180 -5.78 18.43 28.43
C ASP M 180 -5.43 19.66 27.58
N ALA M 181 -4.64 19.44 26.52
CA ALA M 181 -4.23 20.53 25.64
C ALA M 181 -5.32 21.04 24.67
N ARG M 182 -6.55 20.48 24.75
CA ARG M 182 -7.67 21.02 24.03
C ARG M 182 -8.73 21.59 24.97
N SER M 183 -8.38 21.81 26.24
CA SER M 183 -9.35 22.38 27.16
C SER M 183 -9.25 23.89 27.13
N TYR M 184 -10.11 24.51 27.91
CA TYR M 184 -10.20 25.96 27.97
C TYR M 184 -10.84 26.38 29.30
N ASN M 185 -10.38 27.48 29.89
CA ASN M 185 -10.80 27.82 31.25
C ASN M 185 -12.04 28.72 31.29
N ARG M 186 -13.06 28.30 30.59
CA ARG M 186 -14.34 28.98 30.52
C ARG M 186 -15.32 27.86 30.28
N PHE M 187 -16.15 27.59 31.29
CA PHE M 187 -17.06 26.47 31.23
C PHE M 187 -18.46 26.77 31.76
N GLN M 188 -19.37 25.85 31.50
CA GLN M 188 -20.73 25.90 32.03
C GLN M 188 -20.97 24.70 32.91
N ILE M 189 -21.84 24.89 33.86
CA ILE M 189 -22.32 23.86 34.71
C ILE M 189 -23.83 23.84 34.54
N ALA M 190 -24.40 22.69 34.28
CA ALA M 190 -25.85 22.54 34.17
C ALA M 190 -26.34 21.58 35.24
N THR M 191 -27.48 21.91 35.82
CA THR M 191 -28.00 21.15 36.93
C THR M 191 -29.49 20.85 36.65
N VAL M 192 -29.90 19.63 36.97
CA VAL M 192 -31.30 19.27 36.88
C VAL M 192 -31.75 18.76 38.24
N THR M 193 -32.86 19.33 38.71
CA THR M 193 -33.52 18.92 39.95
C THR M 193 -35.05 18.86 39.69
N GLU M 194 -35.83 18.64 40.76
CA GLU M 194 -37.29 18.84 40.78
C GLU M 194 -37.75 20.12 40.10
N LYS M 195 -36.97 21.18 40.25
CA LYS M 195 -37.34 22.50 39.75
C LYS M 195 -37.08 22.67 38.25
N GLY M 196 -36.40 21.75 37.58
CA GLY M 196 -36.05 21.93 36.19
C GLY M 196 -34.56 21.96 35.96
N VAL M 197 -34.17 22.51 34.82
CA VAL M 197 -32.80 22.55 34.32
C VAL M 197 -32.32 24.00 34.38
N GLU M 198 -31.15 24.21 34.97
CA GLU M 198 -30.48 25.53 35.02
C GLU M 198 -29.08 25.37 34.42
N ILE M 199 -28.68 26.29 33.57
CA ILE M 199 -27.38 26.31 32.95
C ILE M 199 -26.72 27.56 33.46
N GLU M 200 -25.55 27.42 34.10
CA GLU M 200 -24.76 28.57 34.61
C GLU M 200 -23.48 28.70 33.85
N GLY M 201 -23.05 29.94 33.66
CA GLY M 201 -21.80 30.26 33.01
C GLY M 201 -21.83 31.66 32.46
N PRO M 202 -20.73 32.12 31.87
CA PRO M 202 -19.45 31.45 31.81
C PRO M 202 -18.71 31.42 33.17
N LEU M 203 -18.09 30.29 33.51
CA LEU M 203 -17.37 30.08 34.75
C LEU M 203 -15.92 29.78 34.47
N SER M 204 -15.07 30.01 35.48
CA SER M 204 -13.60 29.81 35.41
C SER M 204 -13.15 29.13 36.66
N THR M 205 -12.12 28.30 36.59
CA THR M 205 -11.48 27.79 37.85
C THR M 205 -10.28 28.66 38.20
N GLU M 206 -10.02 28.82 39.50
CA GLU M 206 -8.73 29.31 39.99
C GLU M 206 -7.65 28.27 39.67
N THR M 207 -6.44 28.73 39.45
CA THR M 207 -5.32 27.83 39.18
C THR M 207 -4.10 28.20 40.00
N ASN M 208 -3.20 27.24 40.20
CA ASN M 208 -2.01 27.43 40.97
C ASN M 208 -0.77 27.02 40.15
N TRP M 209 0.20 27.94 40.08
CA TRP M 209 1.39 27.76 39.29
C TRP M 209 2.67 27.80 40.12
N ASP M 210 2.56 27.50 41.42
CA ASP M 210 3.71 27.50 42.35
C ASP M 210 4.82 26.56 41.86
N ILE M 211 4.42 25.44 41.27
CA ILE M 211 5.40 24.47 40.78
C ILE M 211 6.37 25.05 39.72
N ALA M 212 5.99 26.14 39.03
CA ALA M 212 6.88 26.82 38.10
C ALA M 212 8.22 27.27 38.71
N HIS M 213 8.24 27.58 40.01
CA HIS M 213 9.47 27.92 40.76
C HIS M 213 10.14 26.75 41.49
N MET M 214 9.58 25.54 41.42
CA MET M 214 10.14 24.31 42.04
C MET M 214 10.99 23.40 41.08
N ILE M 215 11.74 24.01 40.15
CA ILE M 215 12.65 23.31 39.21
C ILE M 215 14.07 23.87 39.42
N SER M 216 15.05 23.03 39.76
CA SER M 216 16.49 23.42 39.70
C SER M 216 17.43 22.22 40.01
N THR N 1 -6.33 32.32 0.59
CA THR N 1 -7.49 33.17 1.02
C THR N 1 -7.45 33.65 2.46
N THR N 2 -7.78 34.93 2.63
CA THR N 2 -8.19 35.44 3.93
C THR N 2 -9.51 36.18 3.79
N ILE N 3 -10.46 35.88 4.67
CA ILE N 3 -11.78 36.55 4.73
C ILE N 3 -12.07 37.01 6.13
N MET N 4 -12.87 38.08 6.24
CA MET N 4 -13.15 38.70 7.52
C MET N 4 -14.46 39.49 7.43
N ALA N 5 -15.17 39.52 8.55
CA ALA N 5 -16.33 40.39 8.72
C ALA N 5 -16.45 40.84 10.16
N VAL N 6 -16.99 42.04 10.36
CA VAL N 6 -17.08 42.64 11.66
C VAL N 6 -18.43 43.34 11.85
N GLN N 7 -19.04 43.18 13.01
CA GLN N 7 -20.31 43.86 13.32
C GLN N 7 -20.04 45.25 13.87
N PHE N 8 -20.85 46.24 13.48
CA PHE N 8 -20.92 47.54 14.21
C PHE N 8 -22.38 47.92 14.49
N ASP N 9 -22.62 48.98 15.22
CA ASP N 9 -24.01 49.36 15.57
C ASP N 9 -24.68 49.95 14.33
N GLY N 10 -25.51 49.13 13.65
CA GLY N 10 -26.19 49.51 12.43
C GLY N 10 -25.76 48.79 11.18
N GLY N 11 -24.77 47.88 11.25
CA GLY N 11 -24.33 47.22 10.04
C GLY N 11 -23.16 46.31 10.22
N VAL N 12 -22.54 45.96 9.09
CA VAL N 12 -21.38 45.11 9.06
C VAL N 12 -20.36 45.61 8.02
N VAL N 13 -19.09 45.22 8.26
CA VAL N 13 -18.02 45.37 7.32
C VAL N 13 -17.51 43.96 6.95
N LEU N 14 -17.29 43.72 5.67
CA LEU N 14 -16.75 42.48 5.16
C LEU N 14 -15.49 42.79 4.37
N GLY N 15 -14.57 41.83 4.35
CA GLY N 15 -13.33 41.99 3.60
C GLY N 15 -12.73 40.68 3.13
N ALA N 16 -11.98 40.77 2.05
CA ALA N 16 -11.27 39.60 1.49
C ALA N 16 -10.06 40.06 0.70
N ASP N 17 -9.08 39.17 0.62
CA ASP N 17 -7.99 39.29 -0.38
C ASP N 17 -8.56 38.91 -1.75
N SER N 18 -7.73 38.86 -2.79
CA SER N 18 -8.25 38.62 -4.12
C SER N 18 -7.49 37.54 -4.88
N ARG N 19 -6.93 36.58 -4.19
CA ARG N 19 -6.09 35.59 -4.82
C ARG N 19 -6.80 34.21 -4.96
N THR N 20 -6.80 33.68 -6.17
CA THR N 20 -7.17 32.30 -6.46
C THR N 20 -5.89 31.54 -6.90
N THR N 21 -5.62 30.41 -6.23
CA THR N 21 -4.45 29.60 -6.49
C THR N 21 -4.81 28.19 -6.95
N THR N 22 -3.95 27.61 -7.79
CA THR N 22 -3.83 26.14 -7.97
C THR N 22 -2.39 25.86 -7.63
N GLY N 23 -2.17 25.13 -6.54
CA GLY N 23 -0.83 24.85 -6.02
C GLY N 23 -0.29 26.26 -5.71
N SER N 24 0.84 26.60 -6.29
CA SER N 24 1.40 27.91 -6.07
C SER N 24 1.34 28.81 -7.32
N TYR N 25 0.53 28.45 -8.34
CA TYR N 25 0.21 29.35 -9.43
C TYR N 25 -1.02 30.21 -9.08
N ILE N 26 -0.96 31.48 -9.42
CA ILE N 26 -2.06 32.39 -9.19
C ILE N 26 -2.93 32.43 -10.46
N ALA N 27 -4.07 31.76 -10.41
CA ALA N 27 -4.99 31.68 -11.55
C ALA N 27 -5.86 32.94 -11.74
N ASN N 28 -6.08 33.67 -10.65
CA ASN N 28 -6.75 34.99 -10.69
C ASN N 28 -6.17 35.82 -9.59
N ARG N 29 -5.62 37.00 -9.93
CA ARG N 29 -5.00 37.88 -8.94
C ARG N 29 -5.96 38.99 -8.42
N VAL N 30 -7.18 39.04 -8.97
CA VAL N 30 -8.16 40.06 -8.59
C VAL N 30 -9.56 39.46 -8.36
N THR N 31 -9.62 38.24 -7.82
CA THR N 31 -10.86 37.54 -7.50
C THR N 31 -11.77 38.40 -6.61
N ASP N 32 -13.07 38.32 -6.86
CA ASP N 32 -14.06 38.92 -5.97
C ASP N 32 -14.71 37.83 -5.09
N LYS N 33 -14.28 37.75 -3.81
CA LYS N 33 -14.71 36.71 -2.89
C LYS N 33 -15.90 37.10 -1.99
N LEU N 34 -16.40 38.32 -2.16
CA LEU N 34 -17.53 38.82 -1.39
C LEU N 34 -18.66 38.76 -2.34
N THR N 35 -19.60 37.81 -2.19
CA THR N 35 -20.70 37.71 -3.17
C THR N 35 -22.05 38.07 -2.57
N PRO N 36 -22.79 38.95 -3.27
CA PRO N 36 -24.13 39.30 -2.77
C PRO N 36 -25.09 38.14 -2.86
N ILE N 37 -25.77 37.85 -1.77
CA ILE N 37 -26.81 36.83 -1.71
C ILE N 37 -28.23 37.44 -1.77
N HIS N 38 -28.39 38.65 -1.23
CA HIS N 38 -29.62 39.42 -1.40
C HIS N 38 -29.20 40.90 -1.26
N ASP N 39 -30.14 41.82 -1.31
CA ASP N 39 -29.89 43.30 -1.29
C ASP N 39 -28.91 43.72 -0.16
N ARG N 40 -29.03 43.14 1.03
CA ARG N 40 -28.17 43.49 2.17
C ARG N 40 -27.54 42.31 2.92
N ILE N 41 -27.23 41.23 2.18
CA ILE N 41 -26.68 40.01 2.74
C ILE N 41 -25.62 39.54 1.74
N PHE N 42 -24.40 39.38 2.24
CA PHE N 42 -23.26 38.93 1.45
C PHE N 42 -22.69 37.69 2.06
N CYS N 43 -21.97 36.93 1.28
CA CYS N 43 -21.10 35.92 1.86
C CYS N 43 -19.65 36.12 1.43
N CYS N 44 -18.73 35.80 2.33
CA CYS N 44 -17.28 35.79 2.02
C CYS N 44 -16.93 34.32 1.81
N ARG N 45 -16.25 34.02 0.71
CA ARG N 45 -15.97 32.63 0.37
C ARG N 45 -14.52 32.25 0.52
N SER N 46 -14.28 31.09 1.12
CA SER N 46 -12.96 30.45 1.15
C SER N 46 -13.08 28.94 0.93
N GLY N 47 -11.96 28.33 0.49
CA GLY N 47 -11.90 26.89 0.19
C GLY N 47 -11.96 26.71 -1.33
N SER N 48 -12.70 25.73 -1.78
CA SER N 48 -12.83 25.44 -3.22
C SER N 48 -13.64 26.56 -3.91
N ALA N 49 -13.11 27.09 -4.99
CA ALA N 49 -13.80 28.06 -5.79
C ALA N 49 -15.06 27.44 -6.41
N ALA N 50 -14.96 26.23 -6.91
CA ALA N 50 -16.11 25.57 -7.57
C ALA N 50 -17.26 25.37 -6.56
N ASP N 51 -16.92 24.81 -5.41
CA ASP N 51 -17.87 24.50 -4.35
C ASP N 51 -18.57 25.75 -3.78
N THR N 52 -17.79 26.79 -3.48
CA THR N 52 -18.37 27.98 -2.88
C THR N 52 -19.21 28.75 -3.91
N GLN N 53 -18.80 28.78 -5.16
CA GLN N 53 -19.65 29.37 -6.20
C GLN N 53 -20.98 28.62 -6.38
N ALA N 54 -20.92 27.28 -6.43
CA ALA N 54 -22.14 26.44 -6.60
C ALA N 54 -23.10 26.67 -5.43
N VAL N 55 -22.56 26.67 -4.21
CA VAL N 55 -23.36 26.77 -3.01
C VAL N 55 -23.99 28.20 -2.91
N ALA N 56 -23.17 29.24 -3.17
CA ALA N 56 -23.65 30.64 -3.16
C ALA N 56 -24.77 30.85 -4.18
N ASP N 57 -24.62 30.31 -5.40
CA ASP N 57 -25.68 30.35 -6.41
C ASP N 57 -26.98 29.67 -5.98
N ALA N 58 -26.87 28.46 -5.41
CA ALA N 58 -28.01 27.77 -4.91
C ALA N 58 -28.74 28.53 -3.76
N VAL N 59 -28.00 29.07 -2.82
CA VAL N 59 -28.58 29.83 -1.70
C VAL N 59 -29.26 31.15 -2.17
N THR N 60 -28.63 31.84 -3.11
CA THR N 60 -29.20 33.02 -3.74
C THR N 60 -30.60 32.69 -4.31
N TYR N 61 -30.70 31.57 -5.05
CA TYR N 61 -31.95 31.06 -5.59
C TYR N 61 -32.98 30.77 -4.50
N GLN N 62 -32.59 29.98 -3.49
CA GLN N 62 -33.51 29.64 -2.41
C GLN N 62 -34.03 30.91 -1.64
N LEU N 63 -33.11 31.80 -1.31
CA LEU N 63 -33.39 32.99 -0.52
C LEU N 63 -34.26 33.97 -1.30
N GLY N 64 -33.98 34.10 -2.60
CA GLY N 64 -34.77 34.93 -3.48
C GLY N 64 -36.24 34.52 -3.55
N PHE N 65 -36.45 33.20 -3.72
CA PHE N 65 -37.77 32.65 -3.82
C PHE N 65 -38.52 32.84 -2.48
N HIS N 66 -37.86 32.46 -1.40
CA HIS N 66 -38.36 32.64 -0.04
C HIS N 66 -38.81 34.09 0.23
N SER N 67 -37.97 35.02 -0.19
CA SER N 67 -38.23 36.44 -0.01
C SER N 67 -39.46 36.96 -0.77
N ILE N 68 -39.62 36.54 -2.02
CA ILE N 68 -40.79 36.88 -2.79
C ILE N 68 -42.07 36.29 -2.18
N GLU N 69 -42.00 35.04 -1.76
CA GLU N 69 -43.12 34.38 -1.09
C GLU N 69 -43.59 35.08 0.19
N LEU N 70 -42.64 35.43 1.03
CA LEU N 70 -42.95 36.15 2.27
C LEU N 70 -43.28 37.64 2.07
N ASN N 71 -42.90 38.22 0.93
CA ASN N 71 -43.03 39.65 0.67
C ASN N 71 -42.31 40.55 1.70
N GLU N 72 -41.10 40.16 2.08
CA GLU N 72 -40.35 40.89 3.08
C GLU N 72 -38.89 40.65 2.79
N PRO N 73 -38.02 41.57 3.24
CA PRO N 73 -36.60 41.28 3.15
C PRO N 73 -36.19 40.07 4.03
N PRO N 74 -35.24 39.30 3.58
CA PRO N 74 -34.90 38.14 4.35
C PRO N 74 -34.01 38.48 5.57
N LEU N 75 -34.11 37.63 6.57
CA LEU N 75 -33.28 37.67 7.75
C LEU N 75 -31.87 37.22 7.45
N VAL N 76 -30.89 37.89 8.08
CA VAL N 76 -29.53 37.45 7.89
C VAL N 76 -29.36 36.00 8.40
N HIS N 77 -29.98 35.73 9.54
CA HIS N 77 -30.03 34.40 10.13
C HIS N 77 -30.60 33.30 9.18
N THR N 78 -31.56 33.67 8.35
CA THR N 78 -32.12 32.76 7.35
C THR N 78 -31.09 32.40 6.27
N ALA N 79 -30.41 33.41 5.73
CA ALA N 79 -29.32 33.19 4.80
C ALA N 79 -28.23 32.27 5.37
N ALA N 80 -27.85 32.50 6.60
CA ALA N 80 -26.85 31.68 7.25
C ALA N 80 -27.34 30.23 7.43
N SER N 81 -28.61 30.06 7.82
CA SER N 81 -29.24 28.78 8.00
C SER N 81 -29.24 28.01 6.67
N LEU N 82 -29.52 28.67 5.56
CA LEU N 82 -29.54 27.99 4.26
C LEU N 82 -28.13 27.50 3.85
N PHE N 83 -27.13 28.35 4.06
CA PHE N 83 -25.74 27.93 3.87
C PHE N 83 -25.38 26.71 4.71
N LYS N 84 -25.68 26.79 5.99
CA LYS N 84 -25.41 25.78 6.96
C LYS N 84 -26.06 24.44 6.56
N GLU N 85 -27.34 24.47 6.20
CA GLU N 85 -28.01 23.26 5.80
C GLU N 85 -27.27 22.57 4.63
N MET N 86 -26.88 23.31 3.64
CA MET N 86 -26.20 22.75 2.48
CA MET N 86 -26.20 22.75 2.48
C MET N 86 -24.75 22.32 2.78
N CYS N 87 -23.98 23.17 3.47
CA CYS N 87 -22.62 22.84 3.92
C CYS N 87 -22.53 21.66 4.92
N TYR N 88 -23.55 21.45 5.75
CA TYR N 88 -23.57 20.35 6.69
C TYR N 88 -23.97 19.05 6.01
N ARG N 89 -25.08 19.08 5.29
CA ARG N 89 -25.60 17.94 4.54
C ARG N 89 -24.51 17.35 3.57
N TYR N 90 -23.82 18.21 2.85
CA TYR N 90 -22.83 17.81 1.86
C TYR N 90 -21.37 18.00 2.37
N ARG N 91 -21.17 17.92 3.67
CA ARG N 91 -19.87 18.22 4.27
C ARG N 91 -18.77 17.23 3.74
N GLU N 92 -19.13 16.02 3.42
CA GLU N 92 -18.16 15.10 2.90
C GLU N 92 -17.79 15.41 1.43
N ASP N 93 -18.54 16.23 0.71
CA ASP N 93 -18.29 16.48 -0.72
C ASP N 93 -17.94 17.94 -1.01
N LEU N 94 -17.84 18.80 -0.02
CA LEU N 94 -17.57 20.20 -0.24
C LEU N 94 -16.37 20.62 0.56
N MET N 95 -15.66 21.62 0.07
CA MET N 95 -14.59 22.28 0.82
C MET N 95 -14.91 23.77 0.81
N ALA N 96 -15.57 24.22 1.86
CA ALA N 96 -16.19 25.53 1.88
C ALA N 96 -16.11 26.10 3.31
N GLY N 97 -15.50 27.25 3.47
CA GLY N 97 -15.48 27.94 4.78
C GLY N 97 -16.00 29.32 4.49
N ILE N 98 -17.19 29.62 5.04
CA ILE N 98 -18.02 30.73 4.61
C ILE N 98 -18.23 31.69 5.81
N ILE N 99 -18.28 32.97 5.52
CA ILE N 99 -18.82 33.96 6.48
C ILE N 99 -20.05 34.59 5.82
N ILE N 100 -21.18 34.61 6.53
CA ILE N 100 -22.37 35.27 6.07
C ILE N 100 -22.53 36.52 6.93
N ALA N 101 -22.66 37.66 6.27
CA ALA N 101 -22.90 38.90 7.00
C ALA N 101 -23.85 39.82 6.25
N GLY N 102 -24.59 40.56 7.03
CA GLY N 102 -25.50 41.51 6.43
C GLY N 102 -26.29 42.27 7.45
N TRP N 103 -27.36 42.89 6.96
CA TRP N 103 -28.27 43.70 7.76
C TRP N 103 -29.70 43.29 7.45
N ASP N 104 -30.53 43.24 8.48
CA ASP N 104 -32.01 43.16 8.29
C ASP N 104 -32.71 44.04 9.33
N PRO N 105 -34.01 44.38 9.09
CA PRO N 105 -34.67 45.32 10.01
C PRO N 105 -34.95 44.78 11.40
N GLN N 106 -34.86 43.48 11.59
CA GLN N 106 -35.28 42.85 12.82
C GLN N 106 -34.11 42.76 13.80
N GLU N 107 -32.94 42.35 13.33
CA GLU N 107 -31.78 42.16 14.19
C GLU N 107 -30.56 43.03 13.86
N GLY N 108 -30.63 43.87 12.84
CA GLY N 108 -29.52 44.80 12.53
C GLY N 108 -28.33 44.07 11.88
N GLY N 109 -27.10 44.54 12.15
CA GLY N 109 -25.89 43.99 11.61
C GLY N 109 -25.53 42.66 12.26
N GLN N 110 -25.31 41.67 11.44
CA GLN N 110 -25.00 40.37 11.98
C GLN N 110 -23.92 39.67 11.16
N VAL N 111 -23.04 38.97 11.87
CA VAL N 111 -22.00 38.13 11.30
C VAL N 111 -22.15 36.68 11.75
N TYR N 112 -22.18 35.75 10.79
CA TYR N 112 -22.22 34.32 11.10
C TYR N 112 -21.05 33.61 10.44
N SER N 113 -20.39 32.73 11.19
CA SER N 113 -19.42 31.79 10.56
C SER N 113 -20.08 30.45 10.28
N VAL N 114 -19.87 29.95 9.05
CA VAL N 114 -20.13 28.56 8.69
C VAL N 114 -18.80 27.90 8.23
N PRO N 115 -18.01 27.41 9.18
CA PRO N 115 -16.72 26.83 8.78
C PRO N 115 -16.91 25.46 8.16
N MET N 116 -15.82 24.92 7.66
CA MET N 116 -15.89 23.56 7.12
C MET N 116 -16.48 22.58 8.13
N GLY N 117 -17.35 21.71 7.61
CA GLY N 117 -18.06 20.81 8.47
C GLY N 117 -19.53 21.24 8.63
N GLY N 118 -19.80 22.52 8.48
CA GLY N 118 -21.14 23.04 8.47
C GLY N 118 -21.76 23.34 9.83
N MET N 119 -20.97 23.69 10.82
CA MET N 119 -21.55 24.32 12.04
C MET N 119 -21.88 25.79 11.71
N MET N 120 -22.66 26.44 12.58
CA MET N 120 -23.02 27.87 12.38
C MET N 120 -22.97 28.54 13.74
N VAL N 121 -22.34 29.67 13.81
CA VAL N 121 -22.26 30.42 15.07
C VAL N 121 -22.26 31.92 14.73
N ARG N 122 -22.99 32.70 15.51
CA ARG N 122 -22.96 34.11 15.38
C ARG N 122 -21.72 34.61 16.12
N GLN N 123 -21.07 35.62 15.58
CA GLN N 123 -19.90 36.26 16.22
C GLN N 123 -19.86 37.79 16.05
N SER N 124 -19.18 38.49 16.95
CA SER N 124 -18.93 39.95 16.83
C SER N 124 -18.12 40.24 15.62
N PHE N 125 -17.11 39.41 15.43
CA PHE N 125 -16.30 39.44 14.20
C PHE N 125 -15.85 38.02 13.88
N ALA N 126 -15.56 37.76 12.62
CA ALA N 126 -15.16 36.44 12.16
C ALA N 126 -13.99 36.56 11.18
N ILE N 127 -13.09 35.58 11.22
CA ILE N 127 -12.06 35.46 10.23
C ILE N 127 -12.04 34.00 9.74
N GLY N 128 -11.60 33.82 8.52
CA GLY N 128 -11.53 32.49 7.90
C GLY N 128 -10.56 32.48 6.73
N GLY N 129 -10.45 31.29 6.15
CA GLY N 129 -9.50 31.00 5.09
C GLY N 129 -8.14 30.67 5.66
N SER N 130 -7.27 30.15 4.83
CA SER N 130 -5.97 29.72 5.32
C SER N 130 -5.10 30.86 5.91
N GLY N 131 -5.18 32.05 5.33
CA GLY N 131 -4.42 33.19 5.86
C GLY N 131 -4.82 33.67 7.24
N SER N 132 -6.01 33.29 7.72
CA SER N 132 -6.51 33.75 8.99
C SER N 132 -5.64 33.27 10.16
N SER N 133 -4.96 32.13 10.01
CA SER N 133 -4.08 31.63 11.05
C SER N 133 -3.14 32.73 11.56
N TYR N 134 -2.59 33.50 10.63
CA TYR N 134 -1.54 34.47 10.92
C TYR N 134 -2.02 35.78 11.58
N ILE N 135 -3.36 35.98 11.64
CA ILE N 135 -3.91 37.14 12.27
C ILE N 135 -4.77 36.90 13.51
N TYR N 136 -4.86 35.66 14.03
CA TYR N 136 -5.60 35.46 15.29
C TYR N 136 -5.10 36.37 16.44
N GLY N 137 -3.80 36.37 16.66
CA GLY N 137 -3.21 37.23 17.64
C GLY N 137 -3.56 38.71 17.44
N TYR N 138 -3.42 39.20 16.21
CA TYR N 138 -3.62 40.58 15.87
C TYR N 138 -5.07 41.03 16.18
N VAL N 139 -6.02 40.25 15.66
CA VAL N 139 -7.41 40.56 15.88
C VAL N 139 -7.79 40.48 17.36
N ASP N 140 -7.23 39.52 18.12
CA ASP N 140 -7.52 39.38 19.53
C ASP N 140 -7.01 40.57 20.36
N ALA N 141 -5.85 41.13 19.99
CA ALA N 141 -5.28 42.25 20.67
C ALA N 141 -5.87 43.60 20.24
N THR N 142 -6.42 43.68 19.04
CA THR N 142 -6.83 44.96 18.46
C THR N 142 -8.36 45.16 18.57
N TYR N 143 -9.15 44.10 18.52
CA TYR N 143 -10.60 44.24 18.64
C TYR N 143 -10.97 45.04 19.91
N ARG N 144 -11.94 45.95 19.76
CA ARG N 144 -12.54 46.74 20.87
C ARG N 144 -14.07 46.70 20.68
N GLU N 145 -14.80 46.49 21.75
CA GLU N 145 -16.27 46.61 21.71
C GLU N 145 -16.63 48.06 21.33
N GLY N 146 -17.61 48.23 20.45
CA GLY N 146 -18.17 49.55 20.15
C GLY N 146 -17.48 50.35 19.06
N MET N 147 -16.78 49.68 18.17
CA MET N 147 -16.07 50.35 17.06
C MET N 147 -17.07 50.95 16.08
N THR N 148 -16.74 52.09 15.52
CA THR N 148 -17.57 52.69 14.48
C THR N 148 -17.37 51.96 13.17
N LYS N 149 -18.21 52.28 12.19
CA LYS N 149 -18.04 51.76 10.84
C LYS N 149 -16.65 52.03 10.29
N GLU N 150 -16.19 53.27 10.43
CA GLU N 150 -14.89 53.65 9.89
C GLU N 150 -13.72 52.91 10.55
N GLU N 151 -13.81 52.68 11.85
CA GLU N 151 -12.87 51.87 12.60
C GLU N 151 -12.89 50.38 12.20
N CYS N 152 -14.08 49.83 11.90
CA CYS N 152 -14.22 48.46 11.45
C CYS N 152 -13.55 48.29 10.08
N LEU N 153 -13.67 49.30 9.22
CA LEU N 153 -13.06 49.27 7.91
C LEU N 153 -11.50 49.26 8.00
N GLN N 154 -10.97 50.10 8.89
CA GLN N 154 -9.53 50.16 9.11
C GLN N 154 -9.00 48.84 9.72
N PHE N 155 -9.69 48.36 10.77
CA PHE N 155 -9.42 47.10 11.48
C PHE N 155 -9.37 45.91 10.51
N THR N 156 -10.38 45.83 9.66
CA THR N 156 -10.43 44.85 8.59
C THR N 156 -9.28 44.98 7.56
N ALA N 157 -9.05 46.18 7.04
CA ALA N 157 -8.02 46.41 6.05
C ALA N 157 -6.61 46.08 6.60
N ASN N 158 -6.35 46.47 7.86
CA ASN N 158 -5.12 46.16 8.55
C ASN N 158 -4.89 44.65 8.71
N ALA N 159 -5.91 43.94 9.24
CA ALA N 159 -5.85 42.50 9.45
C ALA N 159 -5.57 41.77 8.16
N LEU N 160 -6.33 42.12 7.14
CA LEU N 160 -6.13 41.52 5.81
C LEU N 160 -4.75 41.81 5.22
N ALA N 161 -4.25 43.03 5.36
CA ALA N 161 -2.92 43.36 4.84
C ALA N 161 -1.81 42.51 5.48
N LEU N 162 -1.89 42.31 6.79
CA LEU N 162 -0.93 41.53 7.56
C LEU N 162 -0.96 40.07 7.10
N ALA N 163 -2.16 39.51 6.95
CA ALA N 163 -2.33 38.13 6.46
C ALA N 163 -1.74 37.97 5.07
N MET N 164 -2.01 38.95 4.21
CA MET N 164 -1.58 38.93 2.84
C MET N 164 -0.06 39.01 2.73
N GLU N 165 0.58 39.76 3.62
CA GLU N 165 2.04 39.80 3.63
C GLU N 165 2.67 38.41 3.93
N ARG N 166 2.14 37.73 4.93
CA ARG N 166 2.70 36.45 5.39
C ARG N 166 2.23 35.15 4.66
N ASP N 167 0.98 35.12 4.19
CA ASP N 167 0.40 33.93 3.58
C ASP N 167 0.64 33.99 2.08
N GLY N 168 1.50 33.09 1.59
CA GLY N 168 1.67 32.87 0.16
C GLY N 168 0.35 32.65 -0.58
N SER N 169 -0.59 32.01 0.09
CA SER N 169 -1.89 31.71 -0.50
C SER N 169 -2.92 32.83 -0.55
N SER N 170 -2.57 33.98 0.02
CA SER N 170 -3.43 35.17 -0.01
C SER N 170 -2.69 36.34 -0.69
N GLY N 171 -3.42 37.24 -1.32
CA GLY N 171 -2.79 38.45 -1.83
C GLY N 171 -3.60 39.21 -2.84
N GLY N 172 -2.92 40.14 -3.52
CA GLY N 172 -3.52 40.93 -4.57
C GLY N 172 -4.05 42.25 -4.02
N VAL N 173 -5.37 42.46 -4.14
CA VAL N 173 -6.05 43.66 -3.61
C VAL N 173 -6.92 43.29 -2.42
N ILE N 174 -7.30 44.29 -1.64
CA ILE N 174 -8.24 44.11 -0.58
C ILE N 174 -9.58 44.61 -1.05
N ARG N 175 -10.58 43.77 -1.05
CA ARG N 175 -11.96 44.18 -1.32
C ARG N 175 -12.70 44.34 0.00
N LEU N 176 -13.38 45.46 0.16
CA LEU N 176 -14.18 45.76 1.34
C LEU N 176 -15.63 46.08 0.95
N ALA N 177 -16.55 45.79 1.86
CA ALA N 177 -17.96 46.15 1.72
C ALA N 177 -18.49 46.54 3.07
N ALA N 178 -19.28 47.61 3.13
CA ALA N 178 -19.99 47.95 4.33
C ALA N 178 -21.48 47.83 4.00
N ILE N 179 -22.24 47.21 4.89
CA ILE N 179 -23.69 47.02 4.71
C ILE N 179 -24.45 47.61 5.89
N ALA N 180 -25.47 48.40 5.59
CA ALA N 180 -26.32 49.03 6.59
C ALA N 180 -27.75 49.23 5.99
N GLU N 181 -28.65 49.76 6.78
CA GLU N 181 -30.00 50.03 6.28
C GLU N 181 -30.03 50.83 4.97
N SER N 182 -29.13 51.80 4.86
CA SER N 182 -29.06 52.64 3.66
C SER N 182 -28.48 51.96 2.39
N GLY N 183 -27.90 50.77 2.50
CA GLY N 183 -27.39 50.08 1.34
C GLY N 183 -25.98 49.52 1.52
N VAL N 184 -25.33 49.27 0.39
CA VAL N 184 -24.05 48.58 0.33
C VAL N 184 -23.06 49.54 -0.30
N GLU N 185 -21.88 49.67 0.29
CA GLU N 185 -20.81 50.51 -0.24
C GLU N 185 -19.57 49.63 -0.40
N ARG N 186 -19.11 49.45 -1.62
CA ARG N 186 -17.98 48.63 -1.91
C ARG N 186 -16.78 49.47 -2.25
N GLN N 187 -15.59 48.97 -1.93
CA GLN N 187 -14.36 49.61 -2.38
C GLN N 187 -13.22 48.63 -2.47
N VAL N 188 -12.18 49.04 -3.18
CA VAL N 188 -10.95 48.26 -3.37
C VAL N 188 -9.75 49.06 -2.86
N LEU N 189 -8.92 48.45 -2.01
CA LEU N 189 -7.62 49.01 -1.66
C LEU N 189 -6.59 48.30 -2.48
N LEU N 190 -5.83 49.06 -3.26
CA LEU N 190 -4.75 48.51 -4.08
C LEU N 190 -3.44 49.24 -3.94
N GLY N 191 -2.36 48.52 -4.28
CA GLY N 191 -1.02 49.07 -4.24
C GLY N 191 -0.76 49.84 -2.99
N ASP N 192 -0.46 51.13 -3.15
CA ASP N 192 -0.09 52.03 -2.04
C ASP N 192 -1.19 52.29 -1.02
N GLN N 193 -2.44 51.97 -1.37
CA GLN N 193 -3.55 52.13 -0.46
C GLN N 193 -3.64 51.00 0.58
N ILE N 194 -2.95 49.88 0.35
CA ILE N 194 -2.96 48.77 1.29
C ILE N 194 -2.10 49.20 2.50
N PRO N 195 -2.60 49.04 3.75
CA PRO N 195 -1.78 49.37 4.91
C PRO N 195 -0.42 48.66 4.86
N LYS N 196 0.59 49.35 5.35
CA LYS N 196 2.00 49.01 5.19
C LYS N 196 2.63 48.93 6.57
N PHE N 197 3.41 47.89 6.83
CA PHE N 197 4.16 47.75 8.08
C PHE N 197 5.56 47.26 7.62
N ALA N 198 6.61 48.01 7.90
CA ALA N 198 8.02 47.58 7.59
C ALA N 198 8.37 46.06 7.69
N VAL N 199 9.34 45.62 6.88
CA VAL N 199 10.11 44.37 7.16
C VAL N 199 11.13 44.82 8.18
N ALA N 200 11.27 44.06 9.27
CA ALA N 200 12.18 44.41 10.37
C ALA N 200 13.65 44.13 10.02
N THR N 201 14.27 45.02 9.23
CA THR N 201 15.71 44.95 8.84
C THR N 201 16.60 45.24 10.05
N LEU N 202 17.86 44.80 10.00
CA LEU N 202 18.84 45.11 11.06
C LEU N 202 19.29 46.56 11.05
N ARG O 4 50.49 2.49 16.05
CA ARG O 4 49.95 1.14 16.44
C ARG O 4 50.47 0.64 17.82
N GLY O 5 51.79 0.66 18.03
CA GLY O 5 52.43 -0.07 19.12
C GLY O 5 53.45 -1.05 18.53
N TYR O 6 54.26 -1.61 19.39
CA TYR O 6 55.17 -2.65 18.98
C TYR O 6 54.39 -3.96 19.12
N SER O 7 54.47 -4.82 18.12
CA SER O 7 53.69 -6.06 18.10
C SER O 7 54.44 -7.31 18.62
N PHE O 8 55.71 -7.16 18.95
CA PHE O 8 56.56 -8.25 19.44
C PHE O 8 56.62 -8.29 20.96
N SER O 9 56.78 -9.47 21.54
CA SER O 9 56.85 -9.64 23.00
C SER O 9 58.14 -8.95 23.51
N LEU O 10 58.05 -8.31 24.69
CA LEU O 10 59.22 -7.74 25.38
C LEU O 10 59.70 -8.65 26.49
N THR O 11 58.89 -9.64 26.86
CA THR O 11 59.37 -10.73 27.71
C THR O 11 59.47 -12.00 26.88
N THR O 12 60.66 -12.61 26.94
CA THR O 12 61.00 -13.82 26.18
C THR O 12 61.84 -14.75 27.07
N PHE O 13 62.03 -15.99 26.61
CA PHE O 13 62.77 -16.98 27.38
C PHE O 13 64.27 -16.75 27.19
N SER O 14 65.00 -16.81 28.29
CA SER O 14 66.45 -16.81 28.25
C SER O 14 66.92 -18.26 27.95
N PRO O 15 68.21 -18.45 27.59
CA PRO O 15 68.67 -19.82 27.30
C PRO O 15 68.41 -20.88 28.41
N SER O 16 68.43 -20.44 29.67
CA SER O 16 68.21 -21.32 30.85
C SER O 16 66.71 -21.50 31.17
N GLY O 17 65.82 -20.93 30.37
CA GLY O 17 64.41 -21.14 30.55
C GLY O 17 63.73 -20.12 31.44
N LYS O 18 64.39 -19.02 31.78
CA LYS O 18 63.76 -18.00 32.59
C LYS O 18 63.10 -16.89 31.72
N LEU O 19 61.98 -16.37 32.21
CA LEU O 19 61.43 -15.13 31.74
C LEU O 19 61.96 -13.99 32.63
N VAL O 20 63.12 -13.42 32.29
CA VAL O 20 63.78 -12.47 33.19
C VAL O 20 62.97 -11.20 33.45
N GLN O 21 62.21 -10.68 32.47
CA GLN O 21 61.38 -9.50 32.77
C GLN O 21 60.41 -9.74 33.92
N ILE O 22 59.89 -10.96 34.04
CA ILE O 22 59.04 -11.32 35.16
C ILE O 22 59.86 -11.37 36.45
N GLU O 23 61.05 -11.97 36.40
CA GLU O 23 61.90 -11.96 37.58
C GLU O 23 62.18 -10.52 38.03
N TYR O 24 62.47 -9.66 37.08
CA TYR O 24 62.79 -8.28 37.40
C TYR O 24 61.56 -7.52 37.93
N ALA O 25 60.38 -7.83 37.40
CA ALA O 25 59.15 -7.33 37.97
C ALA O 25 59.00 -7.76 39.43
N LEU O 26 59.34 -9.02 39.75
CA LEU O 26 59.34 -9.50 41.14
C LEU O 26 60.32 -8.76 42.04
N ALA O 27 61.45 -8.31 41.50
CA ALA O 27 62.37 -7.46 42.25
C ALA O 27 61.80 -6.09 42.53
N ALA O 28 61.01 -5.53 41.61
CA ALA O 28 60.26 -4.30 41.95
C ALA O 28 59.28 -4.54 43.10
N VAL O 29 58.64 -5.71 43.12
CA VAL O 29 57.71 -6.04 44.20
C VAL O 29 58.46 -6.17 45.53
N ALA O 30 59.59 -6.88 45.53
CA ALA O 30 60.39 -7.12 46.72
C ALA O 30 60.92 -5.86 47.37
N GLY O 31 61.15 -4.82 46.57
CA GLY O 31 61.60 -3.53 47.08
C GLY O 31 60.48 -2.60 47.47
N GLY O 32 59.23 -3.01 47.31
CA GLY O 32 58.08 -2.20 47.63
C GLY O 32 57.81 -2.21 49.12
N ALA O 33 56.88 -1.37 49.56
CA ALA O 33 56.54 -1.29 50.98
C ALA O 33 55.87 -2.60 51.45
N PRO O 34 56.11 -3.02 52.72
CA PRO O 34 55.52 -4.26 53.20
C PRO O 34 53.98 -4.32 53.19
N SER O 35 53.44 -5.48 52.85
CA SER O 35 52.03 -5.77 53.01
C SER O 35 51.84 -7.13 53.65
N VAL O 36 50.74 -7.27 54.37
CA VAL O 36 50.43 -8.48 55.14
C VAL O 36 48.97 -8.82 54.94
N GLY O 37 48.66 -10.11 54.85
CA GLY O 37 47.31 -10.59 54.90
C GLY O 37 47.22 -11.80 55.80
N ILE O 38 46.18 -11.84 56.63
CA ILE O 38 45.91 -12.96 57.53
C ILE O 38 44.45 -13.37 57.42
N LYS O 39 44.22 -14.64 57.09
CA LYS O 39 42.87 -15.22 57.11
C LYS O 39 42.57 -15.80 58.50
N ALA O 40 41.69 -15.13 59.25
CA ALA O 40 41.16 -15.66 60.51
C ALA O 40 40.04 -16.65 60.23
N ALA O 41 39.48 -17.22 61.29
CA ALA O 41 38.34 -18.13 61.16
C ALA O 41 37.09 -17.42 60.65
N ASN O 42 36.86 -16.20 61.12
CA ASN O 42 35.64 -15.41 60.80
C ASN O 42 35.90 -14.15 59.95
N GLY O 43 37.07 -14.06 59.30
CA GLY O 43 37.36 -12.93 58.44
C GLY O 43 38.80 -12.82 57.99
N VAL O 44 39.11 -11.75 57.28
CA VAL O 44 40.44 -11.51 56.74
C VAL O 44 40.86 -10.10 57.06
N VAL O 45 42.15 -9.92 57.34
CA VAL O 45 42.74 -8.60 57.49
C VAL O 45 43.83 -8.42 56.47
N LEU O 46 43.89 -7.22 55.89
CA LEU O 46 44.95 -6.78 55.02
C LEU O 46 45.57 -5.55 55.66
N ALA O 47 46.89 -5.48 55.70
CA ALA O 47 47.57 -4.34 56.26
C ALA O 47 48.82 -3.98 55.49
N THR O 48 49.17 -2.70 55.51
CA THR O 48 50.26 -2.23 54.73
C THR O 48 50.87 -1.00 55.34
N GLU O 49 52.14 -0.83 55.05
CA GLU O 49 52.90 0.31 55.50
C GLU O 49 52.83 1.36 54.41
N LYS O 50 52.65 2.61 54.82
CA LYS O 50 52.86 3.71 53.90
C LYS O 50 54.35 4.04 53.78
N LYS O 51 54.89 4.02 52.55
CA LYS O 51 56.20 4.63 52.24
C LYS O 51 56.08 6.19 52.33
N GLN O 52 55.56 6.67 53.47
CA GLN O 52 55.05 8.03 53.67
C GLN O 52 56.10 8.84 54.38
N LYS O 53 56.92 9.51 53.58
CA LYS O 53 57.87 10.48 54.11
C LYS O 53 57.08 11.67 54.67
N SER O 54 57.29 12.82 54.06
CA SER O 54 56.79 14.13 54.45
C SER O 54 55.50 14.23 55.27
N ILE O 55 55.53 15.12 56.24
CA ILE O 55 54.32 15.70 56.83
C ILE O 55 53.44 16.40 55.77
N LEU O 56 54.04 16.77 54.63
CA LEU O 56 53.32 17.47 53.58
C LEU O 56 52.24 16.65 52.88
N TYR O 57 52.34 15.32 52.91
CA TYR O 57 51.34 14.46 52.29
C TYR O 57 50.03 14.57 53.04
N ASP O 58 48.92 14.58 52.29
CA ASP O 58 47.63 14.30 52.86
C ASP O 58 47.47 12.79 52.75
N GLU O 59 47.64 12.10 53.88
CA GLU O 59 47.58 10.62 53.99
C GLU O 59 46.26 10.04 53.53
N ARG O 60 45.18 10.80 53.70
CA ARG O 60 43.83 10.34 53.30
C ARG O 60 43.54 10.43 51.79
N SER O 61 44.41 11.10 51.03
CA SER O 61 44.13 11.42 49.62
C SER O 61 44.28 10.27 48.63
N VAL O 62 45.14 9.30 48.92
CA VAL O 62 45.21 8.09 48.11
C VAL O 62 45.28 6.92 49.10
N HIS O 63 44.61 5.82 48.78
CA HIS O 63 44.61 4.64 49.63
C HIS O 63 45.25 3.51 48.91
N LYS O 64 45.99 2.71 49.67
CA LYS O 64 46.57 1.48 49.19
C LYS O 64 45.62 0.30 49.38
N VAL O 65 44.80 0.36 50.40
CA VAL O 65 43.81 -0.67 50.67
C VAL O 65 42.51 -0.17 50.02
N GLU O 66 41.97 -0.91 49.04
CA GLU O 66 40.88 -0.45 48.17
C GLU O 66 39.75 -1.48 48.06
N PRO O 67 38.48 -1.02 48.04
CA PRO O 67 37.36 -1.91 47.79
C PRO O 67 37.22 -2.23 46.29
N ILE O 68 36.92 -3.48 45.98
CA ILE O 68 36.62 -3.88 44.61
C ILE O 68 35.09 -4.04 44.46
N THR O 69 34.48 -4.70 45.43
CA THR O 69 33.03 -4.82 45.55
C THR O 69 32.70 -4.61 47.02
N LYS O 70 31.42 -4.71 47.36
CA LYS O 70 30.98 -4.72 48.77
C LYS O 70 31.67 -5.79 49.63
N HIS O 71 32.11 -6.89 49.01
CA HIS O 71 32.60 -8.09 49.71
C HIS O 71 34.07 -8.48 49.40
N ILE O 72 34.78 -7.69 48.57
CA ILE O 72 36.15 -7.97 48.13
C ILE O 72 36.98 -6.70 48.23
N GLY O 73 38.20 -6.85 48.75
CA GLY O 73 39.18 -5.78 48.76
C GLY O 73 40.59 -6.25 48.46
N LEU O 74 41.47 -5.27 48.26
CA LEU O 74 42.82 -5.47 47.70
C LEU O 74 43.84 -4.62 48.43
N VAL O 75 45.07 -5.13 48.49
CA VAL O 75 46.25 -4.30 48.73
C VAL O 75 47.36 -4.83 47.82
N TYR O 76 48.52 -4.16 47.79
CA TYR O 76 49.63 -4.57 46.95
C TYR O 76 50.98 -4.24 47.61
N SER O 77 52.03 -4.80 47.01
CA SER O 77 53.40 -4.31 47.16
C SER O 77 53.98 -4.14 45.74
N GLY O 78 54.70 -3.05 45.53
CA GLY O 78 55.37 -2.77 44.28
C GLY O 78 55.04 -1.38 43.79
N MET O 79 54.79 -1.27 42.49
CA MET O 79 54.60 0.04 41.89
C MET O 79 53.14 0.51 41.94
N GLY O 80 52.91 1.60 42.66
CA GLY O 80 51.56 2.15 42.85
C GLY O 80 50.77 2.42 41.58
N PRO O 81 51.36 3.11 40.59
CA PRO O 81 50.55 3.38 39.41
C PRO O 81 50.11 2.13 38.64
N ASP O 82 50.96 1.10 38.62
CA ASP O 82 50.56 -0.22 38.06
C ASP O 82 49.36 -0.82 38.81
N TYR O 83 49.37 -0.66 40.14
CA TYR O 83 48.29 -1.13 40.98
C TYR O 83 46.96 -0.52 40.61
N ARG O 84 46.96 0.78 40.35
CA ARG O 84 45.72 1.48 40.01
C ARG O 84 45.09 0.94 38.73
N VAL O 85 45.93 0.53 37.76
CA VAL O 85 45.44 -0.13 36.56
C VAL O 85 44.66 -1.39 36.93
N LEU O 86 45.25 -2.20 37.80
CA LEU O 86 44.65 -3.48 38.17
C LEU O 86 43.37 -3.31 39.02
N VAL O 87 43.35 -2.31 39.92
CA VAL O 87 42.17 -1.95 40.71
C VAL O 87 40.99 -1.60 39.77
N HIS O 88 41.24 -0.74 38.79
CA HIS O 88 40.25 -0.31 37.80
C HIS O 88 39.72 -1.50 37.00
N ARG O 89 40.62 -2.37 36.53
CA ARG O 89 40.19 -3.57 35.80
C ARG O 89 39.44 -4.56 36.66
N ALA O 90 39.89 -4.74 37.91
CA ALA O 90 39.21 -5.65 38.82
C ALA O 90 37.78 -5.19 39.10
N ARG O 91 37.61 -3.90 39.34
CA ARG O 91 36.31 -3.33 39.56
C ARG O 91 35.41 -3.61 38.32
N LYS O 92 35.94 -3.36 37.13
CA LYS O 92 35.21 -3.54 35.86
C LYS O 92 34.85 -5.03 35.66
N LEU O 93 35.82 -5.93 35.90
CA LEU O 93 35.57 -7.37 35.86
C LEU O 93 34.46 -7.80 36.81
N ALA O 94 34.46 -7.26 38.02
CA ALA O 94 33.44 -7.61 38.99
C ALA O 94 32.03 -7.17 38.54
N GLN O 95 31.92 -5.97 37.98
CA GLN O 95 30.64 -5.49 37.49
C GLN O 95 30.13 -6.28 36.25
N GLN O 96 31.04 -6.60 35.32
CA GLN O 96 30.69 -7.45 34.16
C GLN O 96 30.07 -8.78 34.57
N TYR O 97 30.67 -9.41 35.58
CA TYR O 97 30.14 -10.64 36.19
C TYR O 97 28.77 -10.41 36.79
N TYR O 98 28.64 -9.38 37.60
CA TYR O 98 27.35 -9.11 38.24
C TYR O 98 26.22 -8.87 37.20
N LEU O 99 26.54 -8.20 36.10
CA LEU O 99 25.51 -7.93 35.08
C LEU O 99 24.99 -9.20 34.45
N VAL O 100 25.85 -10.17 34.22
CA VAL O 100 25.44 -11.44 33.63
C VAL O 100 24.74 -12.32 34.66
N TYR O 101 25.38 -12.54 35.81
CA TYR O 101 24.92 -13.57 36.76
C TYR O 101 24.02 -13.08 37.87
N GLN O 102 23.98 -11.78 38.11
CA GLN O 102 23.15 -11.17 39.19
C GLN O 102 23.49 -11.69 40.60
N GLU O 103 24.78 -11.94 40.82
CA GLU O 103 25.33 -12.53 42.03
C GLU O 103 26.72 -11.87 42.17
N PRO O 104 27.13 -11.48 43.38
CA PRO O 104 28.48 -10.91 43.49
C PRO O 104 29.55 -11.95 43.03
N ILE O 105 30.56 -11.48 42.33
CA ILE O 105 31.63 -12.35 41.84
C ILE O 105 32.31 -13.08 43.03
N PRO O 106 32.39 -14.43 42.99
CA PRO O 106 33.20 -15.14 43.99
C PRO O 106 34.64 -14.68 43.96
N THR O 107 35.24 -14.59 45.14
CA THR O 107 36.60 -14.08 45.30
C THR O 107 37.58 -14.80 44.36
N ALA O 108 37.50 -16.11 44.28
CA ALA O 108 38.41 -16.88 43.45
C ALA O 108 38.21 -16.61 41.96
N GLN O 109 36.96 -16.35 41.56
CA GLN O 109 36.65 -15.97 40.18
C GLN O 109 37.24 -14.62 39.81
N LEU O 110 37.18 -13.68 40.74
CA LEU O 110 37.78 -12.38 40.50
C LEU O 110 39.30 -12.46 40.40
N VAL O 111 39.91 -13.26 41.27
CA VAL O 111 41.38 -13.43 41.24
C VAL O 111 41.81 -14.06 39.91
N GLN O 112 41.11 -15.10 39.47
CA GLN O 112 41.40 -15.74 38.19
C GLN O 112 41.35 -14.77 37.01
N ARG O 113 40.35 -13.89 36.99
CA ARG O 113 40.22 -12.93 35.90
C ARG O 113 41.29 -11.85 35.94
N VAL O 114 41.59 -11.35 37.14
CA VAL O 114 42.67 -10.37 37.31
C VAL O 114 44.05 -10.99 36.97
N ALA O 115 44.31 -12.20 37.45
CA ALA O 115 45.57 -12.90 37.15
C ALA O 115 45.74 -13.13 35.64
N SER O 116 44.63 -13.35 34.97
CA SER O 116 44.64 -13.53 33.53
C SER O 116 45.07 -12.23 32.78
N VAL O 117 44.61 -11.07 33.26
CA VAL O 117 45.10 -9.78 32.76
C VAL O 117 46.62 -9.63 32.97
N MET O 118 47.10 -9.98 34.14
CA MET O 118 48.54 -9.89 34.43
C MET O 118 49.34 -10.79 33.47
N GLN O 119 48.86 -12.02 33.23
CA GLN O 119 49.49 -12.92 32.26
C GLN O 119 49.66 -12.27 30.88
N GLU O 120 48.65 -11.54 30.43
CA GLU O 120 48.68 -10.91 29.12
C GLU O 120 49.83 -10.00 28.93
N TYR O 121 50.13 -9.24 29.98
CA TYR O 121 51.23 -8.30 29.95
C TYR O 121 52.61 -8.96 30.05
N THR O 122 52.68 -10.30 30.12
CA THR O 122 53.95 -11.04 30.02
C THR O 122 54.21 -11.62 28.62
N GLN O 123 53.25 -11.44 27.71
CA GLN O 123 53.30 -12.06 26.36
C GLN O 123 52.88 -11.14 25.21
N SER O 124 51.95 -10.24 25.48
CA SER O 124 51.40 -9.36 24.49
C SER O 124 52.43 -8.37 23.97
N GLY O 125 52.15 -7.71 22.88
CA GLY O 125 53.13 -6.90 22.17
C GLY O 125 53.47 -5.58 22.85
N GLY O 126 54.78 -5.26 22.95
CA GLY O 126 55.21 -3.91 23.21
C GLY O 126 54.92 -3.39 24.64
N VAL O 127 54.70 -4.29 25.59
CA VAL O 127 54.49 -3.95 26.98
C VAL O 127 55.39 -4.74 27.92
N ARG O 128 55.62 -4.18 29.11
CA ARG O 128 56.29 -4.89 30.20
C ARG O 128 55.26 -5.48 31.16
N PRO O 129 55.67 -6.48 31.96
CA PRO O 129 54.75 -6.95 32.97
C PRO O 129 54.47 -5.88 34.04
N PHE O 130 53.40 -6.08 34.80
CA PHE O 130 53.12 -5.28 35.98
C PHE O 130 54.20 -5.50 37.06
N GLY O 131 54.64 -4.41 37.66
CA GLY O 131 55.54 -4.49 38.80
C GLY O 131 54.81 -4.50 40.15
N VAL O 132 53.83 -5.38 40.32
CA VAL O 132 53.04 -5.48 41.55
C VAL O 132 52.64 -6.91 41.84
N SER O 133 52.58 -7.25 43.12
CA SER O 133 51.83 -8.40 43.58
C SER O 133 50.65 -7.89 44.40
N LEU O 134 49.50 -8.55 44.22
CA LEU O 134 48.26 -8.21 44.85
C LEU O 134 47.97 -9.20 45.93
N LEU O 135 47.45 -8.71 47.07
CA LEU O 135 46.73 -9.55 48.01
C LEU O 135 45.24 -9.19 47.94
N ILE O 136 44.42 -10.20 47.72
CA ILE O 136 42.98 -10.04 47.53
C ILE O 136 42.22 -10.82 48.60
N CYS O 137 41.35 -10.13 49.34
CA CYS O 137 40.49 -10.79 50.34
C CYS O 137 39.03 -10.71 49.95
N GLY O 138 38.26 -11.70 50.40
CA GLY O 138 36.84 -11.70 50.19
C GLY O 138 36.11 -12.68 51.08
N TRP O 139 34.78 -12.59 51.08
CA TRP O 139 33.89 -13.49 51.81
C TRP O 139 32.76 -13.90 50.89
N ASN O 140 32.63 -15.21 50.65
CA ASN O 140 31.46 -15.77 49.97
C ASN O 140 31.32 -17.27 50.25
N GLU O 141 30.13 -17.82 50.03
CA GLU O 141 29.74 -19.18 50.54
C GLU O 141 30.02 -19.30 52.03
N GLY O 142 29.69 -18.26 52.80
CA GLY O 142 29.86 -18.26 54.25
C GLY O 142 31.27 -18.41 54.76
N ARG O 143 32.28 -17.93 54.03
CA ARG O 143 33.66 -18.31 54.36
C ARG O 143 34.70 -17.33 53.81
N PRO O 144 35.82 -17.09 54.55
CA PRO O 144 36.79 -16.08 54.10
C PRO O 144 37.81 -16.62 53.11
N TYR O 145 38.35 -15.74 52.29
CA TYR O 145 39.34 -16.09 51.29
C TYR O 145 40.47 -15.07 51.30
N LEU O 146 41.70 -15.55 51.18
CA LEU O 146 42.88 -14.70 50.99
C LEU O 146 43.73 -15.24 49.83
N PHE O 147 43.97 -14.41 48.83
CA PHE O 147 44.73 -14.77 47.63
C PHE O 147 45.82 -13.75 47.34
N GLN O 148 46.88 -14.25 46.71
CA GLN O 148 47.95 -13.42 46.15
C GLN O 148 48.02 -13.64 44.65
N SER O 149 48.23 -12.58 43.88
CA SER O 149 48.45 -12.69 42.44
C SER O 149 49.76 -11.98 42.09
N ASP O 150 50.67 -12.69 41.42
CA ASP O 150 52.03 -12.18 41.14
C ASP O 150 52.14 -11.61 39.72
N PRO O 151 53.26 -10.92 39.41
CA PRO O 151 53.47 -10.38 38.05
C PRO O 151 53.40 -11.40 36.89
N SER O 152 53.64 -12.68 37.13
CA SER O 152 53.47 -13.69 36.05
C SER O 152 52.01 -13.99 35.71
N GLY O 153 51.09 -13.69 36.63
CA GLY O 153 49.72 -14.12 36.51
C GLY O 153 49.44 -15.39 37.27
N ALA O 154 50.43 -15.89 38.00
CA ALA O 154 50.22 -17.00 38.93
C ALA O 154 49.52 -16.46 40.17
N TYR O 155 48.60 -17.26 40.71
CA TYR O 155 47.91 -16.89 41.97
C TYR O 155 47.91 -18.08 42.94
N PHE O 156 47.79 -17.76 44.23
CA PHE O 156 47.89 -18.72 45.32
C PHE O 156 46.91 -18.32 46.39
N ALA O 157 46.30 -19.32 47.03
CA ALA O 157 45.47 -19.13 48.21
C ALA O 157 46.34 -19.32 49.48
N TRP O 158 46.30 -18.33 50.38
CA TRP O 158 47.09 -18.33 51.61
C TRP O 158 46.21 -18.27 52.86
N LYS O 159 46.67 -18.91 53.93
CA LYS O 159 46.15 -18.68 55.29
C LYS O 159 46.70 -17.38 55.86
N ALA O 160 47.94 -17.07 55.53
CA ALA O 160 48.59 -15.82 55.92
C ALA O 160 49.85 -15.67 55.08
N THR O 161 50.21 -14.43 54.78
CA THR O 161 51.45 -14.16 54.07
C THR O 161 51.88 -12.70 54.17
N ALA O 162 53.08 -12.46 53.63
CA ALA O 162 53.70 -11.14 53.60
C ALA O 162 54.34 -10.94 52.23
N MET O 163 54.43 -9.68 51.80
CA MET O 163 55.06 -9.36 50.53
C MET O 163 55.72 -8.00 50.66
N GLY O 164 56.56 -7.65 49.68
CA GLY O 164 57.36 -6.42 49.76
C GLY O 164 58.64 -6.61 50.58
N LYS O 165 59.30 -5.50 50.94
CA LYS O 165 60.53 -5.50 51.75
C LYS O 165 60.44 -6.38 53.00
N ASN O 166 61.46 -7.19 53.22
CA ASN O 166 61.55 -8.05 54.40
C ASN O 166 60.46 -9.13 54.50
N TYR O 167 59.90 -9.54 53.36
CA TYR O 167 58.80 -10.50 53.34
C TYR O 167 59.20 -11.88 53.81
N VAL O 168 60.42 -12.31 53.47
CA VAL O 168 60.87 -13.65 53.84
C VAL O 168 60.77 -13.84 55.36
N ASN O 169 61.29 -12.85 56.10
CA ASN O 169 61.16 -12.79 57.58
C ASN O 169 59.73 -12.69 58.07
N GLY O 170 58.93 -11.85 57.42
CA GLY O 170 57.52 -11.70 57.77
C GLY O 170 56.75 -13.00 57.66
N LYS O 171 57.07 -13.81 56.64
CA LYS O 171 56.44 -15.13 56.48
C LYS O 171 56.83 -16.09 57.62
N THR O 172 58.10 -16.11 58.01
CA THR O 172 58.51 -16.93 59.15
C THR O 172 57.92 -16.38 60.49
N PHE O 173 57.85 -15.06 60.65
CA PHE O 173 57.12 -14.48 61.79
C PHE O 173 55.67 -14.99 61.89
N LEU O 174 54.94 -14.98 60.78
CA LEU O 174 53.56 -15.49 60.73
C LEU O 174 53.47 -17.02 60.91
N GLU O 175 54.43 -17.73 60.33
CA GLU O 175 54.61 -19.18 60.53
C GLU O 175 54.66 -19.64 61.96
N LYS O 176 55.39 -18.90 62.80
CA LYS O 176 55.47 -19.18 64.26
C LYS O 176 54.44 -18.35 65.05
N ARG O 177 53.20 -18.20 64.55
CA ARG O 177 52.23 -17.26 65.16
C ARG O 177 50.78 -17.36 64.72
N TYR O 178 50.52 -17.77 63.48
CA TYR O 178 49.14 -18.02 63.00
C TYR O 178 48.64 -19.38 63.52
N ASN O 179 47.37 -19.45 63.88
CA ASN O 179 46.68 -20.74 64.08
C ASN O 179 45.29 -20.73 63.40
N GLU O 180 44.79 -21.92 63.08
CA GLU O 180 43.54 -22.12 62.29
C GLU O 180 42.32 -21.47 62.96
N ASP O 181 42.27 -21.58 64.28
CA ASP O 181 41.10 -21.17 65.07
C ASP O 181 41.14 -19.70 65.53
N LEU O 182 42.08 -18.91 65.02
CA LEU O 182 42.26 -17.49 65.38
C LEU O 182 41.07 -16.59 64.93
N GLU O 183 40.67 -15.65 65.80
CA GLU O 183 39.60 -14.66 65.53
C GLU O 183 40.12 -13.44 64.76
N LEU O 184 39.21 -12.69 64.16
CA LEU O 184 39.56 -11.50 63.36
C LEU O 184 40.24 -10.38 64.17
N GLU O 185 39.72 -10.09 65.36
CA GLU O 185 40.32 -9.03 66.22
C GLU O 185 41.75 -9.38 66.68
N ASP O 186 42.02 -10.67 66.91
CA ASP O 186 43.38 -11.13 67.24
C ASP O 186 44.29 -11.05 66.02
N ALA O 187 43.76 -11.49 64.87
CA ALA O 187 44.45 -11.42 63.57
C ALA O 187 44.90 -10.02 63.16
N ILE O 188 44.06 -9.02 63.43
CA ILE O 188 44.43 -7.62 63.17
C ILE O 188 45.69 -7.27 63.97
N HIS O 189 45.68 -7.60 65.28
CA HIS O 189 46.84 -7.38 66.17
C HIS O 189 48.10 -8.03 65.60
N THR O 190 48.02 -9.29 65.15
CA THR O 190 49.26 -9.97 64.71
C THR O 190 49.73 -9.42 63.34
N ALA O 191 48.79 -8.99 62.49
CA ALA O 191 49.12 -8.31 61.23
C ALA O 191 49.92 -7.02 61.48
N ILE O 192 49.52 -6.23 62.47
CA ILE O 192 50.22 -4.98 62.80
C ILE O 192 51.60 -5.26 63.44
N LEU O 193 51.67 -6.29 64.29
CA LEU O 193 52.96 -6.77 64.80
C LEU O 193 53.89 -7.25 63.66
N THR O 194 53.32 -7.88 62.63
CA THR O 194 54.13 -8.33 61.49
C THR O 194 54.75 -7.13 60.78
N LEU O 195 53.98 -6.08 60.56
CA LEU O 195 54.53 -4.83 60.00
C LEU O 195 55.58 -4.19 60.92
N LYS O 196 55.34 -4.23 62.24
CA LYS O 196 56.27 -3.65 63.22
C LYS O 196 57.65 -4.31 63.19
N GLU O 197 57.70 -5.61 62.84
CA GLU O 197 58.95 -6.34 62.63
C GLU O 197 59.92 -5.63 61.70
N SER O 198 59.41 -5.02 60.64
CA SER O 198 60.25 -4.35 59.66
C SER O 198 59.90 -2.87 59.50
N PHE O 199 59.42 -2.19 60.53
CA PHE O 199 58.84 -0.86 60.30
C PHE O 199 59.89 0.24 60.11
N GLU O 200 60.58 0.61 61.19
CA GLU O 200 61.54 1.73 61.22
C GLU O 200 60.84 3.10 61.09
N GLY O 201 60.57 3.74 62.22
CA GLY O 201 59.95 5.07 62.19
C GLY O 201 59.03 5.48 63.34
N GLN O 202 58.47 4.50 64.08
CA GLN O 202 57.38 4.73 65.03
C GLN O 202 56.02 4.77 64.28
N MET O 203 55.17 3.78 64.59
CA MET O 203 53.87 3.62 63.96
C MET O 203 52.83 4.57 64.50
N THR O 204 52.14 5.24 63.59
CA THR O 204 50.93 5.97 63.87
C THR O 204 49.82 5.41 62.97
N GLU O 205 48.60 5.80 63.28
CA GLU O 205 47.43 5.51 62.44
C GLU O 205 47.48 6.19 61.08
N ASP O 206 48.37 7.15 60.89
CA ASP O 206 48.53 7.86 59.62
C ASP O 206 49.53 7.27 58.63
N ASN O 207 50.36 6.33 59.06
CA ASN O 207 51.30 5.69 58.12
C ASN O 207 51.17 4.17 58.02
N ILE O 208 50.11 3.60 58.58
CA ILE O 208 49.65 2.29 58.16
C ILE O 208 48.20 2.37 57.71
N GLU O 209 47.79 1.41 56.89
CA GLU O 209 46.42 1.28 56.42
C GLU O 209 45.98 -0.15 56.63
N VAL O 210 44.77 -0.32 57.15
CA VAL O 210 44.23 -1.65 57.47
C VAL O 210 42.84 -1.78 56.83
N GLY O 211 42.60 -2.94 56.26
CA GLY O 211 41.30 -3.30 55.71
C GLY O 211 40.88 -4.63 56.29
N ILE O 212 39.58 -4.84 56.41
CA ILE O 212 39.05 -6.09 56.92
C ILE O 212 37.91 -6.60 56.07
N CYS O 213 37.71 -7.91 56.14
CA CYS O 213 36.70 -8.60 55.37
C CYS O 213 36.00 -9.62 56.27
N ASN O 214 34.69 -9.55 56.36
CA ASN O 214 33.92 -10.58 57.08
C ASN O 214 32.55 -10.78 56.44
N GLU O 215 31.64 -11.44 57.14
CA GLU O 215 30.30 -11.66 56.66
C GLU O 215 29.59 -10.35 56.31
N ALA O 216 29.84 -9.28 57.06
CA ALA O 216 29.23 -7.97 56.75
C ALA O 216 29.78 -7.29 55.48
N GLY O 217 30.98 -7.68 55.03
CA GLY O 217 31.60 -7.09 53.83
C GLY O 217 33.00 -6.57 54.03
N PHE O 218 33.55 -5.93 53.01
CA PHE O 218 34.88 -5.38 53.05
C PHE O 218 34.83 -3.91 53.38
N ARG O 219 35.75 -3.45 54.23
CA ARG O 219 35.93 -2.01 54.45
C ARG O 219 37.31 -1.69 55.03
N ARG O 220 37.75 -0.45 54.81
CA ARG O 220 38.96 0.07 55.44
C ARG O 220 38.61 0.39 56.85
N LEU O 221 39.52 0.12 57.78
CA LEU O 221 39.41 0.67 59.14
C LEU O 221 39.69 2.17 59.10
N THR O 222 39.07 2.90 60.00
CA THR O 222 39.25 4.35 60.11
C THR O 222 40.53 4.62 60.87
N PRO O 223 41.09 5.83 60.70
CA PRO O 223 42.20 6.26 61.54
C PRO O 223 41.96 6.02 63.04
N THR O 224 40.79 6.37 63.56
CA THR O 224 40.47 6.16 65.00
C THR O 224 40.49 4.67 65.40
N GLU O 225 40.00 3.77 64.55
CA GLU O 225 40.02 2.34 64.86
C GLU O 225 41.46 1.81 64.89
N VAL O 226 42.29 2.26 63.95
CA VAL O 226 43.69 1.82 63.87
C VAL O 226 44.46 2.30 65.11
N LYS O 227 44.26 3.57 65.47
CA LYS O 227 44.79 4.18 66.73
C LYS O 227 44.57 3.30 67.97
N ASP O 228 43.36 2.77 68.08
CA ASP O 228 42.98 1.84 69.14
C ASP O 228 43.77 0.54 69.18
N TYR O 229 43.88 -0.11 68.02
CA TYR O 229 44.71 -1.31 67.91
C TYR O 229 46.19 -1.00 68.22
N LEU O 230 46.63 0.20 67.85
CA LEU O 230 48.02 0.66 68.12
C LEU O 230 48.32 0.88 69.61
N ALA O 231 47.29 0.97 70.44
CA ALA O 231 47.39 0.76 71.89
C ALA O 231 47.27 -0.74 72.16
N ALA O 232 48.30 -1.28 72.79
CA ALA O 232 48.65 -2.70 72.85
C ALA O 232 49.99 -2.88 72.15
N ILE O 233 50.17 -2.18 71.02
CA ILE O 233 51.44 -2.13 70.28
C ILE O 233 52.16 -0.80 70.55
N SER P 2 62.37 0.08 16.86
CA SER P 2 61.32 -0.99 16.56
C SER P 2 61.96 -2.29 15.98
N ARG P 3 62.67 -2.19 14.87
CA ARG P 3 63.48 -3.31 14.39
C ARG P 3 64.62 -3.54 15.37
N ARG P 4 65.07 -2.49 16.03
CA ARG P 4 66.16 -2.55 17.00
C ARG P 4 65.77 -3.37 18.23
N TYR P 5 64.52 -3.26 18.68
CA TYR P 5 64.12 -3.86 19.95
C TYR P 5 63.47 -5.23 19.78
N ASP P 6 63.15 -5.62 18.55
CA ASP P 6 62.45 -6.87 18.30
C ASP P 6 63.43 -8.06 18.51
N SER P 7 63.11 -8.89 19.49
CA SER P 7 63.63 -10.21 19.86
CA SER P 7 63.98 -10.06 19.73
C SER P 7 63.74 -11.21 18.72
N ARG P 8 62.73 -11.13 17.84
CA ARG P 8 62.55 -12.07 16.73
C ARG P 8 62.37 -13.49 17.25
N THR P 9 61.27 -13.67 17.95
CA THR P 9 60.96 -14.93 18.56
C THR P 9 60.56 -16.05 17.55
N THR P 10 60.14 -15.69 16.31
CA THR P 10 59.58 -16.66 15.36
C THR P 10 60.41 -16.88 14.12
N ILE P 11 61.73 -16.88 14.26
CA ILE P 11 62.61 -17.09 13.14
C ILE P 11 63.45 -18.32 13.42
N PHE P 12 63.96 -18.92 12.36
CA PHE P 12 64.95 -19.98 12.43
C PHE P 12 66.34 -19.45 12.73
N SER P 13 67.09 -20.28 13.48
CA SER P 13 68.52 -20.11 13.69
C SER P 13 69.24 -20.80 12.55
N PRO P 14 70.58 -20.60 12.43
CA PRO P 14 71.30 -21.26 11.37
C PRO P 14 71.22 -22.80 11.25
N GLU P 15 70.85 -23.52 12.32
CA GLU P 15 70.81 -24.99 12.19
C GLU P 15 69.39 -25.50 12.01
N GLY P 16 68.47 -24.62 11.63
CA GLY P 16 67.08 -24.96 11.54
C GLY P 16 66.40 -25.09 12.86
N ARG P 17 66.90 -24.40 13.89
CA ARG P 17 66.27 -24.50 15.20
C ARG P 17 65.41 -23.30 15.53
N LEU P 18 64.47 -23.51 16.44
CA LEU P 18 63.61 -22.49 16.97
C LEU P 18 64.01 -22.29 18.43
N TYR P 19 64.83 -21.27 18.67
CA TYR P 19 65.43 -21.11 20.00
C TYR P 19 64.43 -20.89 21.13
N GLN P 20 63.44 -20.04 20.94
CA GLN P 20 62.44 -19.82 21.97
C GLN P 20 61.72 -21.10 22.40
N VAL P 21 61.41 -21.97 21.43
CA VAL P 21 60.80 -23.27 21.72
C VAL P 21 61.76 -24.10 22.59
N GLU P 22 63.03 -24.23 22.18
CA GLU P 22 64.04 -24.95 23.00
C GLU P 22 64.22 -24.39 24.41
N TYR P 23 64.18 -23.06 24.53
CA TYR P 23 64.35 -22.43 25.83
C TYR P 23 63.10 -22.60 26.70
N ALA P 24 61.91 -22.58 26.10
CA ALA P 24 60.69 -22.92 26.83
C ALA P 24 60.79 -24.36 27.38
N MET P 25 61.31 -25.26 26.53
CA MET P 25 61.49 -26.66 26.93
CA MET P 25 61.59 -26.67 26.87
C MET P 25 62.44 -26.79 28.13
N GLU P 26 63.45 -25.92 28.27
CA GLU P 26 64.29 -25.87 29.48
C GLU P 26 63.50 -25.47 30.70
N ALA P 27 62.60 -24.51 30.57
CA ALA P 27 61.69 -24.11 31.68
C ALA P 27 60.87 -25.30 32.16
N ILE P 28 60.33 -26.07 31.23
CA ILE P 28 59.47 -27.23 31.54
C ILE P 28 60.22 -28.32 32.32
N GLY P 29 61.45 -28.62 31.89
CA GLY P 29 62.33 -29.58 32.56
C GLY P 29 62.63 -29.29 34.03
N HIS P 30 62.52 -28.01 34.44
CA HIS P 30 62.70 -27.59 35.83
C HIS P 30 61.40 -27.61 36.65
N ALA P 31 60.23 -27.63 36.02
CA ALA P 31 58.95 -27.65 36.73
C ALA P 31 58.64 -29.01 37.38
N GLY P 32 57.56 -29.03 38.16
CA GLY P 32 57.13 -30.23 38.86
C GLY P 32 57.02 -31.42 37.95
N THR P 33 57.51 -32.56 38.40
CA THR P 33 57.37 -33.80 37.61
C THR P 33 55.88 -34.18 37.51
N CYS P 34 55.50 -34.65 36.32
CA CYS P 34 54.13 -34.97 36.03
C CYS P 34 54.08 -36.21 35.13
N LEU P 35 53.45 -37.29 35.58
CA LEU P 35 53.36 -38.51 34.75
C LEU P 35 51.94 -38.98 34.48
N GLY P 36 51.80 -39.76 33.41
CA GLY P 36 50.56 -40.34 32.99
C GLY P 36 50.77 -41.79 32.69
N ILE P 37 49.83 -42.63 33.07
CA ILE P 37 49.91 -44.06 32.82
C ILE P 37 48.55 -44.60 32.37
N LEU P 38 48.55 -45.29 31.24
CA LEU P 38 47.37 -45.94 30.68
C LEU P 38 47.20 -47.39 31.16
N ALA P 39 45.98 -47.75 31.55
CA ALA P 39 45.66 -49.14 31.89
C ALA P 39 44.47 -49.67 31.08
N ASN P 40 44.20 -50.96 31.22
CA ASN P 40 43.03 -51.60 30.60
C ASN P 40 41.68 -51.00 31.04
N ASP P 41 41.57 -50.69 32.33
CA ASP P 41 40.30 -50.18 32.92
C ASP P 41 40.34 -48.69 33.29
N GLY P 42 41.26 -47.93 32.71
CA GLY P 42 41.37 -46.51 33.08
C GLY P 42 42.70 -45.88 32.73
N VAL P 43 42.83 -44.59 33.04
CA VAL P 43 44.05 -43.82 32.84
C VAL P 43 44.26 -42.98 34.09
N LEU P 44 45.52 -42.67 34.41
CA LEU P 44 45.82 -41.81 35.53
C LEU P 44 46.85 -40.72 35.23
N LEU P 45 46.81 -39.68 36.08
CA LEU P 45 47.80 -38.62 36.13
C LEU P 45 48.28 -38.53 37.55
N ALA P 46 49.60 -38.40 37.73
CA ALA P 46 50.18 -38.15 39.02
C ALA P 46 51.22 -37.04 38.86
N ALA P 47 51.15 -36.03 39.73
CA ALA P 47 52.00 -34.85 39.65
C ALA P 47 52.62 -34.47 40.99
N GLU P 48 53.88 -34.03 40.94
CA GLU P 48 54.53 -33.35 42.06
C GLU P 48 53.87 -32.01 42.30
N ARG P 49 53.52 -31.71 43.54
CA ARG P 49 53.04 -30.37 43.88
C ARG P 49 54.19 -29.44 44.20
N ARG P 50 54.16 -28.23 43.65
CA ARG P 50 55.10 -27.17 44.06
C ARG P 50 54.49 -26.18 45.08
N ASN P 51 53.15 -26.01 45.05
CA ASN P 51 52.39 -25.28 46.09
C ASN P 51 52.32 -26.19 47.32
N ILE P 52 53.46 -26.37 47.95
CA ILE P 52 53.73 -27.58 48.73
C ILE P 52 54.85 -27.33 49.69
N HIS P 53 54.55 -27.19 50.97
CA HIS P 53 53.31 -26.66 51.49
C HIS P 53 53.77 -25.24 51.92
N LYS P 54 53.18 -24.70 52.99
CA LYS P 54 53.70 -23.52 53.68
C LYS P 54 52.59 -23.16 54.73
N LEU P 55 52.28 -21.87 54.82
CA LEU P 55 50.97 -21.35 55.22
C LEU P 55 49.91 -21.27 54.04
N LEU P 56 50.04 -22.08 52.98
CA LEU P 56 49.06 -22.11 51.86
C LEU P 56 47.70 -22.62 52.35
N ASP P 57 46.60 -22.29 51.65
CA ASP P 57 45.24 -22.49 52.20
C ASP P 57 44.43 -23.68 51.71
N GLU P 58 44.63 -24.18 50.51
CA GLU P 58 43.77 -25.27 50.01
C GLU P 58 42.31 -24.85 49.82
N VAL P 59 42.00 -24.55 48.58
CA VAL P 59 40.72 -23.98 48.19
C VAL P 59 40.16 -24.68 46.95
N PHE P 60 41.00 -25.09 46.01
CA PHE P 60 40.56 -25.86 44.84
C PHE P 60 40.77 -27.35 45.05
N PHE P 61 40.19 -28.15 44.16
CA PHE P 61 40.24 -29.62 44.30
C PHE P 61 41.59 -30.19 43.84
N SER P 62 42.36 -29.40 43.10
CA SER P 62 43.74 -29.76 42.78
C SER P 62 44.56 -28.51 42.44
N GLU P 63 45.84 -28.72 42.19
CA GLU P 63 46.80 -27.66 41.90
C GLU P 63 47.08 -27.62 40.43
N LYS P 64 47.31 -28.78 39.82
CA LYS P 64 47.77 -28.88 38.43
C LYS P 64 46.95 -29.85 37.57
N ILE P 65 45.87 -30.42 38.10
CA ILE P 65 44.98 -31.32 37.34
C ILE P 65 43.74 -30.50 36.95
N TYR P 66 43.43 -30.44 35.67
CA TYR P 66 42.26 -29.66 35.20
C TYR P 66 41.27 -30.55 34.45
N LYS P 67 40.00 -30.49 34.82
CA LYS P 67 38.95 -31.10 34.01
C LYS P 67 38.75 -30.24 32.75
N LEU P 68 38.68 -30.89 31.59
CA LEU P 68 38.48 -30.19 30.31
C LEU P 68 37.04 -30.26 29.78
N ASN P 69 36.38 -31.39 29.99
CA ASN P 69 34.99 -31.62 29.62
C ASN P 69 34.54 -32.90 30.35
N GLU P 70 33.39 -33.46 29.99
CA GLU P 70 32.89 -34.65 30.70
C GLU P 70 33.84 -35.87 30.70
N ASP P 71 34.59 -36.03 29.61
CA ASP P 71 35.38 -37.22 29.36
C ASP P 71 36.90 -37.04 29.37
N MET P 72 37.42 -35.88 29.80
CA MET P 72 38.84 -35.59 29.66
C MET P 72 39.35 -34.69 30.72
N ALA P 73 40.62 -34.92 31.09
CA ALA P 73 41.37 -34.06 32.01
C ALA P 73 42.81 -33.91 31.52
N CYS P 74 43.53 -32.95 32.10
CA CYS P 74 44.92 -32.78 31.79
C CYS P 74 45.71 -32.35 33.01
N SER P 75 47.02 -32.51 32.90
CA SER P 75 47.97 -31.92 33.84
C SER P 75 49.01 -31.16 33.06
N VAL P 76 49.71 -30.28 33.76
CA VAL P 76 50.61 -29.35 33.11
C VAL P 76 51.96 -29.29 33.82
N ALA P 77 53.01 -29.03 33.06
CA ALA P 77 54.30 -28.72 33.61
C ALA P 77 54.78 -27.46 32.91
N GLY P 78 55.16 -26.47 33.70
CA GLY P 78 55.82 -25.28 33.18
C GLY P 78 55.27 -24.02 33.79
N ILE P 79 55.09 -22.98 32.98
CA ILE P 79 54.68 -21.68 33.49
C ILE P 79 53.17 -21.79 33.84
N THR P 80 52.81 -21.56 35.10
CA THR P 80 51.42 -21.77 35.56
C THR P 80 50.36 -20.84 34.89
N SER P 81 50.67 -19.55 34.80
CA SER P 81 49.80 -18.59 34.16
C SER P 81 49.58 -18.96 32.67
N ASP P 82 50.64 -19.41 31.97
CA ASP P 82 50.51 -19.89 30.60
C ASP P 82 49.58 -21.12 30.57
N ALA P 83 49.72 -22.03 31.54
CA ALA P 83 48.84 -23.20 31.60
C ALA P 83 47.33 -22.82 31.75
N ASN P 84 47.05 -21.78 32.55
CA ASN P 84 45.69 -21.30 32.74
C ASN P 84 45.05 -20.76 31.42
N VAL P 85 45.82 -20.06 30.59
CA VAL P 85 45.38 -19.63 29.28
C VAL P 85 45.04 -20.85 28.43
N LEU P 86 45.93 -21.83 28.37
CA LEU P 86 45.73 -22.98 27.44
C LEU P 86 44.60 -23.91 27.86
N THR P 87 44.41 -24.09 29.16
CA THR P 87 43.36 -24.96 29.65
C THR P 87 41.99 -24.29 29.49
N ASN P 88 41.96 -22.96 29.62
CA ASN P 88 40.76 -22.23 29.28
C ASN P 88 40.41 -22.39 27.78
N GLU P 89 41.41 -22.26 26.92
CA GLU P 89 41.20 -22.51 25.49
C GLU P 89 40.76 -23.94 25.17
N LEU P 90 41.33 -24.95 25.84
CA LEU P 90 40.88 -26.34 25.66
C LEU P 90 39.40 -26.55 25.97
N ARG P 91 38.94 -25.94 27.05
CA ARG P 91 37.53 -26.01 27.45
C ARG P 91 36.61 -25.37 26.40
N LEU P 92 36.99 -24.21 25.88
CA LEU P 92 36.28 -23.55 24.78
C LEU P 92 36.19 -24.42 23.53
N ILE P 93 37.31 -25.01 23.10
CA ILE P 93 37.36 -25.85 21.89
C ILE P 93 36.43 -27.05 22.07
N ALA P 94 36.49 -27.68 23.24
CA ALA P 94 35.64 -28.80 23.53
C ALA P 94 34.15 -28.40 23.50
N GLN P 95 33.78 -27.24 24.02
CA GLN P 95 32.37 -26.81 23.98
C GLN P 95 31.90 -26.39 22.58
N ARG P 96 32.83 -25.83 21.78
CA ARG P 96 32.53 -25.52 20.37
C ARG P 96 32.21 -26.76 19.59
N TYR P 97 32.97 -27.82 19.82
CA TYR P 97 32.73 -29.07 19.13
C TYR P 97 31.33 -29.62 19.56
N LEU P 98 31.06 -29.65 20.86
CA LEU P 98 29.81 -30.20 21.36
C LEU P 98 28.60 -29.42 20.82
N LEU P 99 28.73 -28.09 20.75
CA LEU P 99 27.72 -27.23 20.18
C LEU P 99 27.43 -27.63 18.74
N GLN P 100 28.48 -27.81 17.97
CA GLN P 100 28.36 -28.13 16.55
C GLN P 100 27.83 -29.55 16.20
N TYR P 101 28.36 -30.57 16.88
CA TYR P 101 28.07 -31.98 16.55
C TYR P 101 27.11 -32.68 17.52
N GLN P 102 26.90 -32.08 18.69
CA GLN P 102 26.12 -32.67 19.79
C GLN P 102 26.67 -34.00 20.25
N GLU P 103 28.00 -34.13 20.24
CA GLU P 103 28.69 -35.27 20.83
C GLU P 103 30.03 -34.74 21.37
N PRO P 104 30.62 -35.45 22.34
CA PRO P 104 31.91 -35.00 22.88
C PRO P 104 33.06 -35.03 21.85
N ILE P 105 34.00 -34.11 21.98
CA ILE P 105 35.15 -34.02 21.11
C ILE P 105 36.05 -35.25 21.38
N PRO P 106 36.42 -35.99 20.33
CA PRO P 106 37.36 -37.08 20.53
C PRO P 106 38.68 -36.50 21.00
N CYS P 107 39.37 -37.27 21.84
CA CYS P 107 40.53 -36.79 22.57
C CYS P 107 41.61 -36.20 21.69
N GLU P 108 41.97 -36.94 20.64
CA GLU P 108 43.07 -36.53 19.76
C GLU P 108 42.74 -35.23 19.02
N GLN P 109 41.46 -35.02 18.76
CA GLN P 109 40.99 -33.81 18.08
C GLN P 109 41.13 -32.61 18.98
N LEU P 110 40.88 -32.77 20.27
CA LEU P 110 41.07 -31.67 21.19
C LEU P 110 42.57 -31.31 21.28
N VAL P 111 43.42 -32.35 21.42
CA VAL P 111 44.88 -32.15 21.54
C VAL P 111 45.42 -31.40 20.32
N THR P 112 45.03 -31.89 19.13
CA THR P 112 45.43 -31.31 17.85
C THR P 112 45.01 -29.85 17.68
N ALA P 113 43.78 -29.53 18.07
CA ALA P 113 43.30 -28.18 17.97
C ALA P 113 44.17 -27.24 18.77
N LEU P 114 44.51 -27.62 20.00
CA LEU P 114 45.38 -26.77 20.83
C LEU P 114 46.79 -26.70 20.25
N CYS P 115 47.31 -27.83 19.79
CA CYS P 115 48.64 -27.85 19.18
C CYS P 115 48.77 -26.96 17.96
N ASP P 116 47.67 -26.74 17.21
CA ASP P 116 47.68 -25.77 16.10
C ASP P 116 47.84 -24.32 16.57
N ILE P 117 47.31 -23.99 17.75
CA ILE P 117 47.49 -22.68 18.36
C ILE P 117 48.97 -22.50 18.78
N LYS P 118 49.52 -23.50 19.45
CA LYS P 118 50.92 -23.46 19.87
C LYS P 118 51.85 -23.35 18.67
N GLN P 119 51.61 -24.15 17.64
CA GLN P 119 52.37 -24.05 16.40
C GLN P 119 52.35 -22.63 15.79
N ALA P 120 51.18 -22.00 15.73
CA ALA P 120 51.06 -20.66 15.18
C ALA P 120 51.98 -19.66 15.88
N TYR P 121 52.05 -19.75 17.21
CA TYR P 121 52.95 -18.94 18.01
C TYR P 121 54.44 -19.14 17.74
N THR P 122 54.82 -20.24 17.09
CA THR P 122 56.19 -20.47 16.68
C THR P 122 56.48 -20.02 15.25
N GLN P 123 55.44 -19.71 14.49
CA GLN P 123 55.59 -19.40 13.08
C GLN P 123 55.28 -17.94 12.70
N PHE P 124 54.33 -17.32 13.36
CA PHE P 124 54.10 -15.90 13.10
C PHE P 124 53.67 -15.14 14.35
N GLY P 125 53.59 -13.82 14.25
CA GLY P 125 53.12 -12.97 15.33
C GLY P 125 54.20 -12.38 16.23
N GLY P 126 55.43 -12.86 16.16
CA GLY P 126 56.52 -12.29 16.94
C GLY P 126 56.37 -12.27 18.46
N LYS P 127 55.57 -13.20 19.00
CA LYS P 127 55.38 -13.35 20.43
C LYS P 127 56.22 -14.50 20.98
N ARG P 128 56.48 -14.49 22.29
CA ARG P 128 57.04 -15.67 22.97
C ARG P 128 56.03 -16.83 22.94
N PRO P 129 56.50 -18.06 22.79
CA PRO P 129 55.61 -19.19 22.90
C PRO P 129 55.14 -19.40 24.34
N PHE P 130 54.15 -20.28 24.47
CA PHE P 130 53.64 -20.69 25.80
C PHE P 130 54.62 -21.68 26.40
N GLY P 131 54.93 -21.51 27.69
CA GLY P 131 55.96 -22.32 28.34
C GLY P 131 55.39 -23.52 29.09
N VAL P 132 54.68 -24.36 28.38
CA VAL P 132 53.85 -25.38 28.97
C VAL P 132 53.93 -26.68 28.17
N SER P 133 54.07 -27.79 28.88
CA SER P 133 53.80 -29.11 28.32
C SER P 133 52.59 -29.66 29.05
N LEU P 134 51.81 -30.47 28.36
CA LEU P 134 50.60 -31.03 28.92
C LEU P 134 50.53 -32.54 28.73
N LEU P 135 49.95 -33.21 29.72
CA LEU P 135 49.52 -34.59 29.59
C LEU P 135 48.00 -34.58 29.57
N TYR P 136 47.39 -35.30 28.64
CA TYR P 136 45.93 -35.37 28.51
C TYR P 136 45.50 -36.79 28.70
N ILE P 137 44.47 -36.99 29.52
CA ILE P 137 43.82 -38.30 29.67
C ILE P 137 42.37 -38.18 29.29
N GLY P 138 41.83 -39.27 28.76
CA GLY P 138 40.46 -39.24 28.29
C GLY P 138 39.92 -40.58 27.88
N TRP P 139 38.62 -40.60 27.60
CA TRP P 139 37.95 -41.71 26.95
C TRP P 139 37.12 -41.16 25.82
N ASP P 140 37.14 -41.81 24.65
CA ASP P 140 36.11 -41.57 23.63
C ASP P 140 35.70 -42.89 23.00
N LYS P 141 34.65 -42.82 22.18
CA LYS P 141 34.05 -44.00 21.57
C LYS P 141 34.82 -44.54 20.41
N HIS P 142 35.80 -43.79 19.88
CA HIS P 142 36.67 -44.29 18.80
C HIS P 142 37.85 -45.14 19.28
N TYR P 143 38.57 -44.71 20.29
CA TYR P 143 39.77 -45.41 20.76
C TYR P 143 39.78 -45.71 22.26
N GLY P 144 38.66 -45.50 22.95
CA GLY P 144 38.60 -45.79 24.37
C GLY P 144 39.58 -44.93 25.19
N PHE P 145 40.27 -45.58 26.14
CA PHE P 145 41.15 -44.87 27.05
C PHE P 145 42.39 -44.42 26.36
N GLN P 146 42.77 -43.16 26.60
CA GLN P 146 43.87 -42.53 25.87
C GLN P 146 44.68 -41.60 26.74
N LEU P 147 45.97 -41.50 26.40
CA LEU P 147 46.91 -40.58 27.02
C LEU P 147 47.72 -39.89 25.92
N TYR P 148 47.79 -38.56 25.98
CA TYR P 148 48.54 -37.74 25.03
C TYR P 148 49.50 -36.82 25.75
N GLN P 149 50.54 -36.41 25.04
CA GLN P 149 51.48 -35.42 25.52
C GLN P 149 51.67 -34.36 24.45
N SER P 150 51.67 -33.09 24.84
CA SER P 150 52.03 -32.01 23.92
C SER P 150 53.06 -31.07 24.52
N ASP P 151 53.87 -30.44 23.66
CA ASP P 151 54.88 -29.48 24.13
C ASP P 151 54.86 -28.14 23.37
N PRO P 152 55.71 -27.18 23.77
CA PRO P 152 55.55 -25.86 23.17
C PRO P 152 55.81 -25.74 21.67
N SER P 153 56.39 -26.74 21.03
CA SER P 153 56.54 -26.71 19.57
C SER P 153 55.20 -26.93 18.84
N GLY P 154 54.13 -27.28 19.56
CA GLY P 154 52.90 -27.72 18.95
C GLY P 154 52.95 -29.15 18.48
N ASN P 155 53.95 -29.91 18.93
CA ASN P 155 54.00 -31.32 18.68
C ASN P 155 53.27 -32.10 19.75
N TYR P 156 52.69 -33.23 19.37
CA TYR P 156 52.08 -34.12 20.33
C TYR P 156 52.29 -35.57 19.90
N GLY P 157 52.06 -36.46 20.86
CA GLY P 157 52.00 -37.87 20.62
C GLY P 157 51.18 -38.58 21.66
N GLY P 158 50.74 -39.79 21.28
CA GLY P 158 49.98 -40.67 22.18
C GLY P 158 50.91 -41.68 22.80
N TRP P 159 50.64 -42.03 24.06
CA TRP P 159 51.55 -42.83 24.90
C TRP P 159 50.75 -43.82 25.74
N LYS P 160 51.37 -44.96 26.02
CA LYS P 160 50.86 -45.89 27.02
C LYS P 160 51.29 -45.41 28.41
N ALA P 161 52.45 -44.76 28.46
CA ALA P 161 52.93 -44.11 29.69
C ALA P 161 53.95 -43.06 29.31
N THR P 162 53.97 -41.95 30.05
CA THR P 162 54.96 -40.91 29.81
C THR P 162 55.04 -39.91 31.00
N CYS P 163 56.11 -39.10 30.94
CA CYS P 163 56.49 -38.16 32.02
C CYS P 163 57.03 -36.87 31.44
N ILE P 164 56.69 -35.77 32.09
CA ILE P 164 57.23 -34.46 31.77
C ILE P 164 57.68 -33.80 33.05
N GLY P 165 58.49 -32.76 32.90
CA GLY P 165 58.97 -31.99 34.04
C GLY P 165 60.22 -32.59 34.65
N ASN P 166 60.47 -32.24 35.91
CA ASN P 166 61.73 -32.61 36.55
C ASN P 166 62.01 -34.11 36.54
N ASN P 167 63.24 -34.46 36.14
CA ASN P 167 63.70 -35.85 36.08
C ASN P 167 62.94 -36.78 35.13
N SER P 168 62.35 -36.21 34.10
CA SER P 168 61.60 -36.96 33.06
C SER P 168 62.28 -38.16 32.51
N ALA P 169 63.55 -37.99 32.13
CA ALA P 169 64.36 -39.05 31.47
C ALA P 169 64.46 -40.27 32.37
N ALA P 170 64.82 -40.03 33.64
CA ALA P 170 64.86 -41.10 34.66
C ALA P 170 63.51 -41.76 34.86
N ALA P 171 62.45 -40.97 34.96
CA ALA P 171 61.09 -41.50 35.08
C ALA P 171 60.74 -42.42 33.91
N VAL P 172 60.99 -41.97 32.67
CA VAL P 172 60.68 -42.80 31.47
C VAL P 172 61.46 -44.10 31.45
N SER P 173 62.71 -44.11 31.91
CA SER P 173 63.49 -45.35 31.97
C SER P 173 62.82 -46.34 32.89
N MET P 174 62.42 -45.88 34.07
CA MET P 174 61.68 -46.72 35.01
C MET P 174 60.36 -47.26 34.47
N LEU P 175 59.64 -46.44 33.69
CA LEU P 175 58.40 -46.87 33.04
C LEU P 175 58.68 -47.94 31.96
N LYS P 176 59.66 -47.67 31.08
CA LYS P 176 60.12 -48.64 30.06
C LYS P 176 60.37 -50.04 30.63
N GLN P 177 60.94 -50.10 31.81
CA GLN P 177 61.28 -51.40 32.38
C GLN P 177 60.12 -52.05 33.13
N ASP P 178 59.17 -51.28 33.69
CA ASP P 178 58.12 -51.88 34.53
C ASP P 178 56.74 -52.01 33.89
N TYR P 179 56.51 -51.31 32.79
CA TYR P 179 55.16 -51.22 32.22
C TYR P 179 54.91 -52.46 31.34
N LYS P 180 53.76 -53.11 31.54
CA LYS P 180 53.40 -54.35 30.85
C LYS P 180 52.35 -54.06 29.78
N GLU P 181 52.76 -53.92 28.53
CA GLU P 181 51.84 -53.58 27.43
C GLU P 181 50.68 -54.57 27.34
N GLY P 182 49.44 -54.07 27.42
CA GLY P 182 48.23 -54.91 27.38
C GLY P 182 47.79 -55.57 28.69
N GLU P 183 48.55 -55.41 29.77
CA GLU P 183 48.29 -56.14 31.01
C GLU P 183 48.17 -55.29 32.27
N MET P 184 48.19 -53.97 32.17
CA MET P 184 48.11 -53.10 33.34
C MET P 184 46.68 -52.87 33.80
N THR P 185 46.49 -52.79 35.11
CA THR P 185 45.25 -52.33 35.70
C THR P 185 45.49 -50.99 36.40
N LEU P 186 44.40 -50.35 36.79
CA LEU P 186 44.47 -49.07 37.49
C LEU P 186 45.21 -49.19 38.82
N LYS P 187 45.01 -50.32 39.47
CA LYS P 187 45.66 -50.62 40.76
C LYS P 187 47.16 -50.85 40.65
N SER P 188 47.61 -51.49 39.55
CA SER P 188 49.05 -51.66 39.29
C SER P 188 49.68 -50.40 38.65
N ALA P 189 48.92 -49.64 37.84
CA ALA P 189 49.41 -48.34 37.34
C ALA P 189 49.63 -47.35 38.49
N LEU P 190 48.72 -47.37 39.47
CA LEU P 190 48.87 -46.57 40.70
C LEU P 190 50.13 -46.94 41.46
N ALA P 191 50.37 -48.24 41.64
CA ALA P 191 51.59 -48.72 42.30
C ALA P 191 52.82 -48.25 41.54
N LEU P 192 52.80 -48.37 40.22
CA LEU P 192 53.94 -47.94 39.40
C LEU P 192 54.17 -46.43 39.46
N ALA P 193 53.10 -45.64 39.49
CA ALA P 193 53.21 -44.18 39.57
C ALA P 193 53.95 -43.76 40.83
N ILE P 194 53.57 -44.38 41.94
CA ILE P 194 54.22 -44.07 43.22
C ILE P 194 55.67 -44.52 43.28
N LYS P 195 55.96 -45.70 42.73
CA LYS P 195 57.34 -46.16 42.56
C LYS P 195 58.18 -45.12 41.82
N VAL P 196 57.66 -44.62 40.69
CA VAL P 196 58.40 -43.69 39.85
C VAL P 196 58.61 -42.33 40.52
N LEU P 197 57.57 -41.77 41.13
CA LEU P 197 57.70 -40.50 41.87
C LEU P 197 58.61 -40.61 43.09
N ASN P 198 58.59 -41.79 43.72
CA ASN P 198 59.48 -42.03 44.85
C ASN P 198 60.95 -41.94 44.46
N LYS P 199 61.31 -42.41 43.27
CA LYS P 199 62.69 -42.32 42.77
C LYS P 199 63.03 -40.95 42.18
N THR P 200 62.07 -40.28 41.54
CA THR P 200 62.36 -39.00 40.86
C THR P 200 62.17 -37.74 41.72
N MET P 201 61.45 -37.84 42.84
CA MET P 201 61.45 -36.74 43.82
C MET P 201 62.63 -36.81 44.79
N ASP P 202 63.74 -36.22 44.37
CA ASP P 202 64.95 -36.13 45.21
C ASP P 202 64.83 -35.14 46.39
N VAL P 203 63.72 -34.40 46.46
CA VAL P 203 63.21 -33.86 47.74
C VAL P 203 62.77 -35.12 48.51
N SER P 204 63.62 -35.59 49.43
CA SER P 204 63.80 -37.05 49.72
C SER P 204 62.55 -37.87 50.13
N LYS P 205 62.04 -37.71 51.35
CA LYS P 205 60.94 -38.56 51.84
C LYS P 205 59.65 -38.14 51.08
N LEU P 206 59.06 -39.08 50.34
CA LEU P 206 57.80 -38.83 49.59
C LEU P 206 56.61 -38.86 50.55
N SER P 207 55.66 -37.99 50.30
CA SER P 207 54.57 -37.71 51.23
C SER P 207 53.33 -37.32 50.43
N ALA P 208 52.15 -37.55 51.00
CA ALA P 208 50.87 -37.27 50.32
C ALA P 208 50.67 -35.78 50.07
N GLU P 209 51.08 -34.94 51.02
CA GLU P 209 51.11 -33.49 50.87
C GLU P 209 51.86 -33.01 49.63
N LYS P 210 52.81 -33.81 49.13
CA LYS P 210 53.66 -33.42 47.98
C LYS P 210 53.23 -33.99 46.60
N VAL P 211 52.21 -34.86 46.54
CA VAL P 211 51.72 -35.39 45.25
C VAL P 211 50.20 -35.26 45.10
N GLU P 212 49.79 -35.37 43.85
CA GLU P 212 48.40 -35.21 43.45
C GLU P 212 48.15 -36.30 42.43
N ILE P 213 47.10 -37.09 42.62
CA ILE P 213 46.77 -38.17 41.68
C ILE P 213 45.31 -38.07 41.26
N ALA P 214 45.07 -38.22 39.97
CA ALA P 214 43.71 -38.25 39.45
C ALA P 214 43.55 -39.48 38.59
N THR P 215 42.39 -40.12 38.68
CA THR P 215 42.07 -41.27 37.86
C THR P 215 40.87 -40.95 36.97
N LEU P 216 40.88 -41.55 35.77
CA LEU P 216 39.77 -41.48 34.83
C LEU P 216 39.36 -42.90 34.51
N THR P 217 38.09 -43.22 34.79
CA THR P 217 37.51 -44.55 34.57
C THR P 217 36.12 -44.43 33.90
N ARG P 218 35.56 -45.58 33.55
CA ARG P 218 34.21 -45.69 32.98
C ARG P 218 33.35 -46.54 33.92
N GLU P 219 32.15 -46.03 34.26
CA GLU P 219 31.20 -46.70 35.16
C GLU P 219 29.78 -46.44 34.66
N ASN P 220 29.10 -47.52 34.27
CA ASN P 220 27.69 -47.46 33.84
C ASN P 220 27.47 -46.50 32.69
N GLY P 221 28.31 -46.61 31.67
CA GLY P 221 28.21 -45.79 30.45
C GLY P 221 28.57 -44.33 30.59
N LYS P 222 29.31 -43.99 31.63
CA LYS P 222 29.64 -42.62 31.97
C LYS P 222 31.11 -42.53 32.39
N THR P 223 31.77 -41.40 32.12
CA THR P 223 33.18 -41.22 32.50
C THR P 223 33.27 -40.62 33.89
N VAL P 224 34.14 -41.15 34.74
CA VAL P 224 34.30 -40.64 36.12
C VAL P 224 35.74 -40.17 36.23
N ILE P 225 35.92 -38.92 36.63
CA ILE P 225 37.21 -38.31 36.84
C ILE P 225 37.25 -37.93 38.31
N ARG P 226 38.22 -38.46 39.05
CA ARG P 226 38.30 -38.28 40.51
C ARG P 226 39.74 -37.93 40.87
N VAL P 227 39.90 -36.96 41.78
CA VAL P 227 41.18 -36.61 42.38
C VAL P 227 41.23 -37.38 43.69
N LEU P 228 42.20 -38.29 43.85
CA LEU P 228 42.29 -39.13 45.06
C LEU P 228 42.43 -38.26 46.32
N LYS P 229 41.75 -38.66 47.39
CA LYS P 229 41.83 -37.95 48.68
C LYS P 229 43.17 -38.34 49.32
N GLN P 230 43.59 -37.55 50.30
CA GLN P 230 44.94 -37.69 50.88
C GLN P 230 45.07 -39.03 51.60
N LYS P 231 43.98 -39.49 52.22
CA LYS P 231 43.89 -40.81 52.87
C LYS P 231 44.33 -41.91 51.91
N GLU P 232 43.79 -41.90 50.69
CA GLU P 232 44.09 -42.92 49.66
C GLU P 232 45.54 -42.83 49.16
N VAL P 233 46.06 -41.61 49.04
CA VAL P 233 47.44 -41.38 48.60
C VAL P 233 48.45 -41.91 49.64
N GLU P 234 48.22 -41.63 50.92
CA GLU P 234 49.05 -42.17 52.03
C GLU P 234 49.01 -43.70 52.09
N GLN P 235 47.84 -44.27 51.83
CA GLN P 235 47.66 -45.71 51.78
C GLN P 235 48.51 -46.32 50.62
N LEU P 236 48.50 -45.72 49.44
CA LEU P 236 49.36 -46.23 48.34
C LEU P 236 50.86 -46.09 48.61
N ILE P 237 51.24 -45.02 49.34
CA ILE P 237 52.63 -44.81 49.74
C ILE P 237 53.02 -45.88 50.77
N LYS P 238 52.15 -46.13 51.76
CA LYS P 238 52.34 -47.25 52.71
C LYS P 238 52.54 -48.60 51.98
N LYS P 239 51.70 -48.94 51.00
CA LYS P 239 51.82 -50.21 50.25
C LYS P 239 53.12 -50.34 49.46
N HIS P 240 53.54 -49.26 48.79
CA HIS P 240 54.85 -49.24 48.15
C HIS P 240 56.02 -49.46 49.15
N GLU P 241 55.89 -48.93 50.36
CA GLU P 241 56.94 -49.05 51.40
C GLU P 241 56.92 -50.41 52.08
N GLU P 242 55.72 -50.96 52.29
CA GLU P 242 55.57 -52.39 52.61
C GLU P 242 56.23 -53.25 51.53
N GLU P 243 55.92 -52.97 50.26
CA GLU P 243 56.46 -53.75 49.14
C GLU P 243 58.00 -53.77 49.05
N GLU P 244 58.66 -52.61 49.17
CA GLU P 244 60.15 -52.56 49.24
C GLU P 244 60.68 -53.33 50.48
N ALA P 245 61.24 -54.53 50.27
CA ALA P 245 61.19 -55.69 51.22
C ALA P 245 59.74 -56.29 51.18
N LYS P 246 59.42 -57.16 50.21
CA LYS P 246 60.12 -58.44 49.94
C LYS P 246 61.53 -58.52 49.32
N ALA P 247 61.97 -57.47 48.64
CA ALA P 247 63.27 -57.43 47.95
C ALA P 247 64.49 -57.90 48.77
N GLU P 248 64.43 -57.80 50.11
CA GLU P 248 65.56 -58.13 51.00
C GLU P 248 65.33 -59.45 51.75
N ARG P 249 66.42 -60.19 52.06
CA ARG P 249 66.36 -61.51 52.75
C ARG P 249 67.21 -61.57 54.03
N SER Q 2 49.11 -5.98 14.69
CA SER Q 2 49.61 -7.13 13.87
C SER Q 2 51.10 -7.03 13.48
N TYR Q 3 51.80 -8.15 13.53
CA TYR Q 3 53.25 -8.19 13.43
C TYR Q 3 53.67 -8.28 11.99
N ASP Q 4 54.34 -7.24 11.50
CA ASP Q 4 54.65 -7.06 10.07
C ASP Q 4 56.13 -7.06 9.75
N ARG Q 5 56.99 -7.55 10.62
CA ARG Q 5 58.42 -7.61 10.33
C ARG Q 5 58.72 -8.46 9.07
N ALA Q 6 59.55 -7.95 8.20
CA ALA Q 6 60.09 -8.73 7.10
C ALA Q 6 61.03 -9.75 7.70
N ILE Q 7 60.67 -11.01 7.61
CA ILE Q 7 61.47 -12.06 8.19
C ILE Q 7 62.40 -12.68 7.17
N THR Q 8 61.89 -13.01 5.99
CA THR Q 8 62.74 -13.55 4.93
C THR Q 8 63.16 -12.40 4.03
N VAL Q 9 64.45 -12.14 4.01
CA VAL Q 9 65.04 -11.07 3.22
C VAL Q 9 66.27 -11.60 2.49
N PHE Q 10 66.71 -10.89 1.45
CA PHE Q 10 67.95 -11.24 0.79
C PHE Q 10 69.14 -10.80 1.61
N SER Q 11 70.22 -11.54 1.44
CA SER Q 11 71.53 -11.22 1.95
C SER Q 11 72.45 -10.97 0.78
N PRO Q 12 73.70 -10.48 1.04
CA PRO Q 12 74.51 -9.99 -0.08
C PRO Q 12 74.80 -10.85 -1.30
N ASP Q 13 74.86 -12.15 -1.18
CA ASP Q 13 75.20 -12.87 -2.42
C ASP Q 13 73.93 -13.53 -3.02
N GLY Q 14 72.76 -12.93 -2.78
CA GLY Q 14 71.50 -13.43 -3.32
C GLY Q 14 70.85 -14.53 -2.53
N HIS Q 15 71.30 -14.75 -1.31
CA HIS Q 15 70.73 -15.81 -0.47
C HIS Q 15 69.53 -15.32 0.29
N LEU Q 16 68.60 -16.26 0.50
CA LEU Q 16 67.52 -16.10 1.45
C LEU Q 16 67.82 -17.02 2.62
N PHE Q 17 68.49 -16.49 3.64
CA PHE Q 17 68.88 -17.29 4.80
C PHE Q 17 67.76 -18.01 5.57
N GLN Q 18 66.60 -17.40 5.78
CA GLN Q 18 65.51 -18.10 6.46
C GLN Q 18 65.08 -19.37 5.71
N VAL Q 19 65.13 -19.32 4.39
CA VAL Q 19 64.80 -20.48 3.54
C VAL Q 19 65.89 -21.54 3.65
N GLU Q 20 67.15 -21.10 3.60
CA GLU Q 20 68.29 -22.03 3.81
C GLU Q 20 68.21 -22.69 5.19
N TYR Q 21 67.76 -21.95 6.20
CA TYR Q 21 67.67 -22.49 7.55
C TYR Q 21 66.50 -23.43 7.67
N ALA Q 22 65.41 -23.12 6.97
CA ALA Q 22 64.26 -24.04 6.90
C ALA Q 22 64.67 -25.38 6.28
N GLN Q 23 65.49 -25.34 5.21
CA GLN Q 23 66.14 -26.53 4.62
C GLN Q 23 67.07 -27.31 5.57
N GLU Q 24 67.77 -26.62 6.46
CA GLU Q 24 68.54 -27.29 7.53
C GLU Q 24 67.61 -28.07 8.49
N ALA Q 25 66.44 -27.50 8.78
CA ALA Q 25 65.43 -28.18 9.59
C ALA Q 25 64.96 -29.48 8.92
N VAL Q 26 64.78 -29.44 7.62
CA VAL Q 26 64.36 -30.63 6.86
C VAL Q 26 65.45 -31.71 6.95
N LYS Q 27 66.71 -31.30 6.84
CA LYS Q 27 67.82 -32.24 6.83
C LYS Q 27 68.02 -32.99 8.14
N LYS Q 28 67.57 -32.41 9.25
CA LYS Q 28 67.55 -33.09 10.53
C LYS Q 28 66.28 -33.90 10.79
N GLY Q 29 65.33 -33.92 9.87
CA GLY Q 29 64.14 -34.74 10.02
C GLY Q 29 64.46 -36.17 9.65
N SER Q 30 63.56 -37.08 10.03
CA SER Q 30 63.66 -38.49 9.67
C SER Q 30 63.67 -38.66 8.16
N THR Q 31 64.42 -39.64 7.69
CA THR Q 31 64.52 -39.92 6.25
C THR Q 31 63.18 -40.36 5.72
N ALA Q 32 62.82 -39.90 4.54
CA ALA Q 32 61.61 -40.35 3.84
C ALA Q 32 61.99 -40.63 2.41
N VAL Q 33 61.43 -41.69 1.84
CA VAL Q 33 61.77 -42.13 0.49
C VAL Q 33 60.50 -42.43 -0.30
N GLY Q 34 60.53 -42.11 -1.57
CA GLY Q 34 59.42 -42.38 -2.47
C GLY Q 34 59.93 -43.07 -3.71
N VAL Q 35 59.22 -44.09 -4.15
CA VAL Q 35 59.49 -44.65 -5.45
C VAL Q 35 58.22 -44.83 -6.26
N ARG Q 36 58.28 -44.32 -7.49
CA ARG Q 36 57.24 -44.49 -8.48
C ARG Q 36 57.46 -45.80 -9.23
N GLY Q 37 56.55 -46.76 -8.98
CA GLY Q 37 56.50 -48.02 -9.74
C GLY Q 37 55.80 -47.89 -11.07
N ARG Q 38 55.53 -49.04 -11.68
CA ARG Q 38 54.82 -49.13 -12.96
C ARG Q 38 53.30 -48.90 -12.74
N ASP Q 39 52.73 -49.61 -11.76
CA ASP Q 39 51.34 -49.39 -11.35
C ASP Q 39 51.15 -49.41 -9.83
N ILE Q 40 52.20 -49.00 -9.13
CA ILE Q 40 52.18 -48.84 -7.70
C ILE Q 40 53.06 -47.61 -7.40
N VAL Q 41 52.79 -46.97 -6.27
CA VAL Q 41 53.69 -45.97 -5.76
C VAL Q 41 53.89 -46.26 -4.28
N VAL Q 42 55.13 -46.09 -3.80
CA VAL Q 42 55.48 -46.51 -2.44
C VAL Q 42 56.16 -45.37 -1.68
N LEU Q 43 55.77 -45.19 -0.42
CA LEU Q 43 56.42 -44.27 0.51
C LEU Q 43 56.90 -45.04 1.73
N GLY Q 44 58.13 -44.77 2.16
CA GLY Q 44 58.67 -45.36 3.38
C GLY Q 44 59.35 -44.29 4.16
N VAL Q 45 59.28 -44.34 5.49
CA VAL Q 45 59.95 -43.34 6.34
C VAL Q 45 60.59 -43.95 7.58
N GLU Q 46 61.69 -43.34 7.99
CA GLU Q 46 62.46 -43.76 9.14
C GLU Q 46 61.76 -43.45 10.45
N LYS Q 47 61.87 -44.40 11.38
CA LYS Q 47 61.83 -44.19 12.84
C LYS Q 47 60.74 -43.29 13.35
N LYS Q 48 60.99 -41.96 13.32
CA LYS Q 48 60.65 -41.02 14.42
C LYS Q 48 61.61 -41.41 15.61
N SER Q 49 61.12 -42.10 16.64
CA SER Q 49 61.90 -42.49 17.84
C SER Q 49 62.21 -43.99 18.04
N VAL Q 50 61.32 -44.87 17.59
CA VAL Q 50 61.05 -46.12 18.32
C VAL Q 50 60.40 -45.62 19.64
N ALA Q 51 60.75 -46.21 20.79
CA ALA Q 51 60.13 -45.91 22.11
C ALA Q 51 58.93 -46.84 22.34
N LYS Q 52 59.14 -47.88 23.13
CA LYS Q 52 58.15 -48.94 23.37
C LYS Q 52 56.79 -48.43 23.84
N LEU Q 53 56.81 -47.37 24.65
CA LEU Q 53 55.59 -46.87 25.29
C LEU Q 53 54.75 -45.92 24.41
N GLN Q 54 55.23 -45.65 23.20
CA GLN Q 54 54.51 -44.86 22.24
C GLN Q 54 53.34 -45.64 21.66
N ASP Q 55 52.21 -44.94 21.49
CA ASP Q 55 51.11 -45.40 20.64
C ASP Q 55 51.48 -45.03 19.21
N GLU Q 56 51.75 -46.06 18.41
CA GLU Q 56 52.34 -45.94 17.06
C GLU Q 56 51.44 -45.10 16.13
N ARG Q 57 50.14 -45.43 16.15
CA ARG Q 57 49.09 -44.75 15.33
C ARG Q 57 49.20 -43.21 15.28
N THR Q 58 49.52 -42.62 16.44
CA THR Q 58 49.49 -41.16 16.64
C THR Q 58 50.65 -40.37 16.03
N VAL Q 59 51.70 -41.03 15.51
CA VAL Q 59 52.88 -40.32 14.99
C VAL Q 59 53.27 -40.66 13.54
N ARG Q 60 52.37 -41.24 12.76
CA ARG Q 60 52.68 -41.58 11.38
C ARG Q 60 53.13 -40.33 10.62
N LYS Q 61 54.12 -40.52 9.76
CA LYS Q 61 54.68 -39.49 8.94
C LYS Q 61 54.19 -39.62 7.50
N ILE Q 62 53.27 -40.54 7.25
CA ILE Q 62 52.60 -40.71 5.97
C ILE Q 62 51.09 -40.43 6.16
N YCM Q 63 50.49 -39.60 5.28
CA YCM Q 63 49.14 -38.97 5.45
CB YCM Q 63 49.35 -37.49 5.81
SG YCM Q 63 49.66 -37.57 7.54
CD YCM Q 63 51.14 -37.16 8.36
CE YCM Q 63 50.59 -36.91 9.77
OZ1 YCM Q 63 50.84 -35.86 10.35
NZ2 YCM Q 63 49.81 -37.84 10.35
C YCM Q 63 48.31 -38.90 4.20
O YCM Q 63 48.82 -38.44 3.18
N ALA Q 64 47.06 -39.37 4.25
CA ALA Q 64 46.14 -39.19 3.15
C ALA Q 64 45.73 -37.70 3.03
N LEU Q 65 45.83 -37.13 1.84
CA LEU Q 65 45.31 -35.79 1.54
C LEU Q 65 43.87 -35.88 1.02
N ASP Q 66 43.64 -36.91 0.21
CA ASP Q 66 42.33 -37.25 -0.32
C ASP Q 66 42.39 -38.77 -0.63
N ASP Q 67 41.37 -39.32 -1.28
CA ASP Q 67 41.38 -40.75 -1.66
C ASP Q 67 42.50 -41.17 -2.57
N ASN Q 68 42.80 -40.32 -3.56
CA ASN Q 68 43.79 -40.62 -4.60
C ASN Q 68 45.18 -39.94 -4.44
N VAL Q 69 45.43 -39.32 -3.29
CA VAL Q 69 46.70 -38.60 -3.06
C VAL Q 69 47.16 -38.70 -1.63
N CYS Q 70 48.43 -39.01 -1.41
CA CYS Q 70 48.97 -38.99 -0.06
C CYS Q 70 50.35 -38.36 -0.05
N MET Q 71 50.89 -38.17 1.15
CA MET Q 71 52.18 -37.54 1.26
C MET Q 71 52.94 -38.00 2.47
N ALA Q 72 54.25 -37.91 2.34
CA ALA Q 72 55.15 -38.03 3.45
C ALA Q 72 55.91 -36.72 3.57
N PHE Q 73 56.49 -36.48 4.72
CA PHE Q 73 57.27 -35.26 4.91
C PHE Q 73 58.50 -35.57 5.72
N ALA Q 74 59.45 -34.67 5.65
CA ALA Q 74 60.55 -34.61 6.60
C ALA Q 74 60.69 -33.16 7.07
N GLY Q 75 60.94 -33.00 8.37
CA GLY Q 75 61.27 -31.73 8.93
C GLY Q 75 60.43 -31.53 10.18
N LEU Q 76 59.99 -30.30 10.40
CA LEU Q 76 59.21 -29.97 11.60
C LEU Q 76 57.80 -30.56 11.51
N THR Q 77 57.48 -31.47 12.41
CA THR Q 77 56.23 -32.23 12.33
C THR Q 77 55.00 -31.32 12.51
N ALA Q 78 55.08 -30.34 13.42
CA ALA Q 78 53.99 -29.38 13.67
C ALA Q 78 53.72 -28.53 12.42
N ASP Q 79 54.77 -28.04 11.79
CA ASP Q 79 54.65 -27.36 10.51
C ASP Q 79 53.97 -28.27 9.47
N ALA Q 80 54.40 -29.53 9.37
CA ALA Q 80 53.79 -30.46 8.40
C ALA Q 80 52.28 -30.65 8.60
N ARG Q 81 51.84 -30.68 9.85
CA ARG Q 81 50.42 -30.85 10.19
C ARG Q 81 49.59 -29.68 9.66
N ILE Q 82 50.15 -28.47 9.71
CA ILE Q 82 49.49 -27.28 9.16
C ILE Q 82 49.36 -27.38 7.64
N VAL Q 83 50.44 -27.76 6.97
CA VAL Q 83 50.47 -27.86 5.50
C VAL Q 83 49.49 -28.95 5.07
N ILE Q 84 49.50 -30.09 5.77
CA ILE Q 84 48.64 -31.20 5.43
C ILE Q 84 47.15 -30.80 5.52
N ASN Q 85 46.76 -30.17 6.61
CA ASN Q 85 45.39 -29.71 6.76
C ASN Q 85 44.94 -28.68 5.71
N ARG Q 86 45.80 -27.71 5.42
CA ARG Q 86 45.56 -26.75 4.35
C ARG Q 86 45.35 -27.47 3.01
N ALA Q 87 46.18 -28.48 2.71
CA ALA Q 87 46.03 -29.24 1.47
C ALA Q 87 44.73 -30.07 1.43
N ARG Q 88 44.35 -30.63 2.58
CA ARG Q 88 43.12 -31.38 2.69
C ARG Q 88 41.90 -30.49 2.38
N VAL Q 89 41.93 -29.26 2.88
CA VAL Q 89 40.86 -28.30 2.65
C VAL Q 89 40.77 -28.02 1.16
N GLU Q 90 41.92 -27.74 0.57
CA GLU Q 90 42.01 -27.44 -0.86
C GLU Q 90 41.52 -28.56 -1.76
N CYS Q 91 41.79 -29.83 -1.40
CA CYS Q 91 41.27 -30.99 -2.16
C CYS Q 91 39.75 -31.02 -2.20
N GLN Q 92 39.12 -30.66 -1.09
CA GLN Q 92 37.65 -30.54 -1.03
C GLN Q 92 37.09 -29.34 -1.82
N SER Q 93 37.74 -28.18 -1.81
CA SER Q 93 37.35 -27.09 -2.73
C SER Q 93 37.43 -27.52 -4.20
N HIS Q 94 38.54 -28.13 -4.60
CA HIS Q 94 38.66 -28.65 -5.98
C HIS Q 94 37.50 -29.55 -6.37
N ARG Q 95 37.22 -30.59 -5.59
CA ARG Q 95 36.06 -31.45 -5.83
C ARG Q 95 34.77 -30.65 -5.92
N LEU Q 96 34.65 -29.64 -5.05
CA LEU Q 96 33.44 -28.83 -4.97
C LEU Q 96 33.22 -28.04 -6.26
N THR Q 97 34.27 -27.41 -6.78
CA THR Q 97 34.14 -26.45 -7.93
C THR Q 97 34.45 -27.04 -9.32
N VAL Q 98 35.22 -28.12 -9.36
CA VAL Q 98 35.54 -28.77 -10.64
C VAL Q 98 34.87 -30.17 -10.81
N GLU Q 99 34.38 -30.78 -9.72
CA GLU Q 99 33.70 -32.10 -9.76
C GLU Q 99 34.61 -33.20 -10.33
N ASP Q 100 35.89 -33.12 -9.96
CA ASP Q 100 36.84 -34.19 -10.16
C ASP Q 100 37.77 -34.13 -9.01
N PRO Q 101 38.38 -35.27 -8.69
CA PRO Q 101 39.50 -35.22 -7.75
C PRO Q 101 40.65 -34.39 -8.33
N VAL Q 102 41.50 -33.92 -7.43
CA VAL Q 102 42.69 -33.20 -7.84
C VAL Q 102 43.64 -34.14 -8.55
N THR Q 103 44.40 -33.62 -9.50
CA THR Q 103 45.61 -34.34 -9.91
C THR Q 103 46.65 -34.18 -8.82
N VAL Q 104 47.64 -35.07 -8.84
CA VAL Q 104 48.74 -35.01 -7.91
C VAL Q 104 49.54 -33.71 -8.13
N GLU Q 105 49.68 -33.33 -9.39
CA GLU Q 105 50.36 -32.09 -9.73
C GLU Q 105 49.61 -30.85 -9.25
N TYR Q 106 48.28 -30.86 -9.36
CA TYR Q 106 47.48 -29.73 -8.89
C TYR Q 106 47.70 -29.46 -7.39
N ILE Q 107 47.60 -30.50 -6.58
CA ILE Q 107 47.74 -30.29 -5.15
C ILE Q 107 49.22 -29.99 -4.74
N THR Q 108 50.17 -30.56 -5.48
CA THR Q 108 51.58 -30.27 -5.32
C THR Q 108 51.87 -28.78 -5.58
N ARG Q 109 51.38 -28.31 -6.71
CA ARG Q 109 51.45 -26.91 -7.06
C ARG Q 109 50.84 -25.98 -5.97
N TYR Q 110 49.71 -26.38 -5.41
CA TYR Q 110 49.06 -25.62 -4.36
C TYR Q 110 49.95 -25.56 -3.08
N ILE Q 111 50.47 -26.71 -2.66
CA ILE Q 111 51.33 -26.81 -1.49
C ILE Q 111 52.62 -25.97 -1.68
N ALA Q 112 53.21 -26.08 -2.86
CA ALA Q 112 54.41 -25.34 -3.19
C ALA Q 112 54.19 -23.80 -3.15
N SER Q 113 53.05 -23.35 -3.65
CA SER Q 113 52.80 -21.91 -3.69
C SER Q 113 52.43 -21.37 -2.29
N LEU Q 114 51.78 -22.18 -1.44
CA LEU Q 114 51.69 -21.88 -0.03
C LEU Q 114 53.06 -21.71 0.64
N LYS Q 115 53.95 -22.69 0.43
CA LYS Q 115 55.28 -22.58 0.96
C LYS Q 115 56.00 -21.30 0.40
N GLN Q 116 55.93 -21.04 -0.91
CA GLN Q 116 56.59 -19.87 -1.47
C GLN Q 116 56.09 -18.58 -0.80
N ARG Q 117 54.80 -18.50 -0.59
CA ARG Q 117 54.20 -17.31 0.04
C ARG Q 117 54.75 -17.07 1.45
N TYR Q 118 54.95 -18.12 2.23
CA TYR Q 118 55.55 -17.97 3.53
C TYR Q 118 57.05 -17.62 3.47
N THR Q 119 57.63 -17.50 2.28
CA THR Q 119 59.00 -16.96 2.15
C THR Q 119 59.03 -15.51 1.71
N GLN Q 120 57.87 -14.94 1.45
CA GLN Q 120 57.77 -13.59 0.93
C GLN Q 120 56.72 -12.73 1.64
N SER Q 121 56.22 -13.13 2.80
CA SER Q 121 55.16 -12.42 3.47
C SER Q 121 55.67 -11.95 4.80
N ASN Q 122 55.32 -10.73 5.15
CA ASN Q 122 55.64 -10.19 6.44
C ASN Q 122 55.09 -10.97 7.63
N GLY Q 123 55.89 -11.03 8.68
CA GLY Q 123 55.47 -11.55 9.97
C GLY Q 123 55.59 -13.05 10.19
N ARG Q 124 56.03 -13.78 9.16
CA ARG Q 124 56.00 -15.25 9.10
C ARG Q 124 57.36 -15.80 8.73
N ARG Q 125 57.72 -16.92 9.34
CA ARG Q 125 58.89 -17.70 8.89
C ARG Q 125 58.45 -18.75 7.88
N PRO Q 126 59.37 -19.23 7.05
CA PRO Q 126 59.05 -20.33 6.14
C PRO Q 126 58.65 -21.62 6.87
N PHE Q 127 57.99 -22.53 6.16
CA PHE Q 127 57.68 -23.85 6.71
C PHE Q 127 58.98 -24.67 6.66
N GLY Q 128 59.32 -25.32 7.77
CA GLY Q 128 60.48 -26.19 7.83
C GLY Q 128 60.18 -27.62 7.42
N ILE Q 129 59.63 -27.81 6.24
CA ILE Q 129 59.35 -29.15 5.72
C ILE Q 129 59.56 -29.25 4.22
N SER Q 130 59.91 -30.48 3.80
CA SER Q 130 59.76 -30.94 2.43
C SER Q 130 58.77 -32.07 2.41
N ALA Q 131 58.11 -32.24 1.28
CA ALA Q 131 57.09 -33.26 1.16
C ALA Q 131 57.33 -34.11 -0.06
N LEU Q 132 57.07 -35.39 0.06
CA LEU Q 132 56.91 -36.28 -1.07
C LEU Q 132 55.42 -36.57 -1.26
N ILE Q 133 54.91 -36.30 -2.46
CA ILE Q 133 53.49 -36.39 -2.74
C ILE Q 133 53.28 -37.39 -3.85
N VAL Q 134 52.43 -38.39 -3.58
CA VAL Q 134 52.19 -39.47 -4.55
C VAL Q 134 50.75 -39.74 -4.79
N GLY Q 135 50.49 -40.28 -5.98
CA GLY Q 135 49.22 -40.91 -6.28
C GLY Q 135 49.07 -41.16 -7.76
N PHE Q 136 47.82 -41.18 -8.20
CA PHE Q 136 47.47 -41.50 -9.57
C PHE Q 136 46.52 -40.47 -10.13
N ASP Q 137 46.77 -40.11 -11.40
CA ASP Q 137 45.85 -39.30 -12.17
C ASP Q 137 44.72 -40.12 -12.83
N PHE Q 138 43.66 -39.40 -13.19
CA PHE Q 138 42.47 -39.91 -13.90
C PHE Q 138 42.76 -41.05 -14.89
N ASP Q 139 43.82 -40.91 -15.67
CA ASP Q 139 44.21 -41.89 -16.70
C ASP Q 139 45.13 -43.03 -16.23
N GLY Q 140 45.23 -43.23 -14.91
CA GLY Q 140 46.05 -44.28 -14.33
C GLY Q 140 47.56 -44.04 -14.18
N THR Q 141 48.06 -42.87 -14.60
CA THR Q 141 49.51 -42.61 -14.56
C THR Q 141 49.97 -42.39 -13.10
N PRO Q 142 50.95 -43.19 -12.63
CA PRO Q 142 51.51 -43.00 -11.27
C PRO Q 142 52.40 -41.74 -11.17
N ARG Q 143 52.40 -41.08 -10.01
CA ARG Q 143 53.11 -39.77 -9.84
C ARG Q 143 53.85 -39.66 -8.53
N LEU Q 144 55.02 -39.04 -8.59
CA LEU Q 144 55.79 -38.76 -7.38
C LEU Q 144 56.35 -37.35 -7.53
N TYR Q 145 55.94 -36.44 -6.63
CA TYR Q 145 56.41 -35.05 -6.65
C TYR Q 145 57.09 -34.78 -5.34
N GLN Q 146 57.97 -33.79 -5.35
CA GLN Q 146 58.59 -33.32 -4.14
C GLN Q 146 58.47 -31.80 -4.08
N THR Q 147 58.16 -31.29 -2.89
CA THR Q 147 58.20 -29.82 -2.62
C THR Q 147 59.26 -29.55 -1.58
N ASP Q 148 59.82 -28.34 -1.58
CA ASP Q 148 60.69 -27.94 -0.47
C ASP Q 148 60.34 -26.55 0.08
N PRO Q 149 61.02 -26.12 1.17
CA PRO Q 149 60.60 -24.91 1.86
C PRO Q 149 60.60 -23.66 0.98
N SER Q 150 61.41 -23.63 -0.08
CA SER Q 150 61.39 -22.51 -1.01
C SER Q 150 60.11 -22.34 -1.83
N GLY Q 151 59.29 -23.40 -1.91
CA GLY Q 151 58.18 -23.44 -2.87
C GLY Q 151 58.53 -24.02 -4.22
N THR Q 152 59.77 -24.49 -4.39
CA THR Q 152 60.16 -25.22 -5.59
C THR Q 152 59.49 -26.61 -5.58
N TYR Q 153 59.10 -27.09 -6.75
CA TYR Q 153 58.63 -28.47 -6.83
C TYR Q 153 58.98 -29.13 -8.16
N HIS Q 154 59.19 -30.43 -8.12
CA HIS Q 154 59.52 -31.22 -9.30
C HIS Q 154 58.93 -32.62 -9.17
N ALA Q 155 58.81 -33.29 -10.30
CA ALA Q 155 58.45 -34.72 -10.37
C ALA Q 155 59.73 -35.58 -10.39
N TRP Q 156 59.63 -36.76 -9.81
CA TRP Q 156 60.72 -37.69 -9.64
C TRP Q 156 60.25 -39.12 -9.92
N LYS Q 157 61.19 -39.93 -10.42
CA LYS Q 157 61.02 -41.39 -10.54
C LYS Q 157 61.18 -42.04 -9.19
N ALA Q 158 62.09 -41.50 -8.41
CA ALA Q 158 62.31 -41.90 -7.04
C ALA Q 158 63.05 -40.78 -6.38
N ASN Q 159 63.00 -40.70 -5.04
CA ASN Q 159 63.68 -39.65 -4.32
C ASN Q 159 63.72 -39.92 -2.84
N ALA Q 160 64.56 -39.18 -2.13
CA ALA Q 160 64.64 -39.20 -0.66
C ALA Q 160 64.77 -37.77 -0.16
N ILE Q 161 64.16 -37.50 1.01
CA ILE Q 161 64.32 -36.24 1.75
C ILE Q 161 64.66 -36.57 3.21
N GLY Q 162 65.09 -35.56 3.96
CA GLY Q 162 65.48 -35.76 5.37
C GLY Q 162 66.94 -36.21 5.54
N ARG Q 163 67.29 -36.65 6.74
CA ARG Q 163 68.67 -36.95 7.06
C ARG Q 163 69.13 -38.17 6.29
N GLY Q 164 70.32 -38.07 5.70
CA GLY Q 164 70.81 -39.10 4.83
C GLY Q 164 70.20 -39.12 3.44
N ALA Q 165 69.40 -38.13 3.05
CA ALA Q 165 68.87 -38.07 1.68
C ALA Q 165 69.96 -38.16 0.57
N LYS Q 166 71.14 -37.55 0.80
CA LYS Q 166 72.22 -37.52 -0.22
C LYS Q 166 72.64 -38.92 -0.63
N SER Q 167 72.96 -39.73 0.38
CA SER Q 167 73.40 -41.09 0.15
C SER Q 167 72.24 -41.99 -0.32
N VAL Q 168 71.03 -41.79 0.22
CA VAL Q 168 69.86 -42.57 -0.25
C VAL Q 168 69.57 -42.27 -1.71
N ARG Q 169 69.67 -41.00 -2.10
CA ARG Q 169 69.49 -40.62 -3.51
C ARG Q 169 70.56 -41.28 -4.39
N GLU Q 170 71.81 -41.35 -3.92
CA GLU Q 170 72.91 -42.00 -4.65
C GLU Q 170 72.59 -43.49 -4.88
N PHE Q 171 72.19 -44.16 -3.81
CA PHE Q 171 71.71 -45.54 -3.89
C PHE Q 171 70.59 -45.75 -4.92
N LEU Q 172 69.58 -44.89 -4.89
CA LEU Q 172 68.44 -44.95 -5.85
C LEU Q 172 68.85 -44.73 -7.30
N GLU Q 173 69.74 -43.75 -7.53
CA GLU Q 173 70.28 -43.48 -8.88
C GLU Q 173 70.91 -44.70 -9.53
N LYS Q 174 71.59 -45.51 -8.72
CA LYS Q 174 72.23 -46.74 -9.22
C LYS Q 174 71.26 -47.93 -9.25
N ASN Q 175 70.29 -47.97 -8.34
CA ASN Q 175 69.38 -49.12 -8.17
C ASN Q 175 67.98 -49.00 -8.83
N TYR Q 176 67.58 -47.81 -9.26
CA TYR Q 176 66.29 -47.67 -9.93
C TYR Q 176 66.42 -48.00 -11.41
N THR Q 177 65.96 -49.20 -11.78
CA THR Q 177 65.93 -49.69 -13.17
C THR Q 177 64.59 -50.37 -13.48
N ASP Q 178 64.36 -50.64 -14.77
CA ASP Q 178 63.13 -51.35 -15.19
C ASP Q 178 62.95 -52.68 -14.44
N GLU Q 179 64.06 -53.39 -14.20
CA GLU Q 179 64.06 -54.65 -13.43
C GLU Q 179 63.69 -54.52 -11.94
N ALA Q 180 64.18 -53.48 -11.27
CA ALA Q 180 63.89 -53.29 -9.83
C ALA Q 180 62.42 -52.92 -9.52
N ILE Q 181 61.69 -52.41 -10.53
CA ILE Q 181 60.26 -52.06 -10.42
C ILE Q 181 59.35 -52.90 -11.35
N GLU Q 182 59.83 -54.05 -11.81
CA GLU Q 182 59.05 -54.93 -12.70
C GLU Q 182 57.79 -55.44 -12.02
N THR Q 183 57.87 -55.67 -10.70
CA THR Q 183 56.72 -56.04 -9.90
C THR Q 183 56.56 -55.19 -8.67
N ASP Q 184 55.40 -55.35 -8.05
CA ASP Q 184 55.05 -54.69 -6.79
C ASP Q 184 55.94 -55.04 -5.59
N ASP Q 185 56.25 -56.32 -5.41
CA ASP Q 185 57.10 -56.77 -4.30
C ASP Q 185 58.53 -56.17 -4.33
N LEU Q 186 59.07 -56.00 -5.53
CA LEU Q 186 60.45 -55.52 -5.75
C LEU Q 186 60.51 -54.00 -5.56
N THR Q 187 59.50 -53.29 -6.08
CA THR Q 187 59.31 -51.85 -5.82
C THR Q 187 59.32 -51.57 -4.31
N ILE Q 188 58.55 -52.36 -3.57
CA ILE Q 188 58.50 -52.21 -2.12
C ILE Q 188 59.85 -52.49 -1.49
N LYS Q 189 60.51 -53.57 -1.91
CA LYS Q 189 61.86 -53.90 -1.42
C LYS Q 189 62.90 -52.79 -1.74
N LEU Q 190 62.79 -52.22 -2.94
CA LEU Q 190 63.69 -51.14 -3.35
C LEU Q 190 63.66 -49.97 -2.36
N VAL Q 191 62.46 -49.59 -1.90
CA VAL Q 191 62.30 -48.60 -0.84
C VAL Q 191 62.91 -49.02 0.50
N ILE Q 192 62.68 -50.27 0.92
CA ILE Q 192 63.22 -50.78 2.19
C ILE Q 192 64.75 -50.84 2.15
N LYS Q 193 65.31 -51.36 1.05
CA LYS Q 193 66.78 -51.38 0.86
C LYS Q 193 67.32 -49.94 0.96
N ALA Q 194 66.69 -49.01 0.25
CA ALA Q 194 67.09 -47.60 0.27
C ALA Q 194 67.13 -47.05 1.70
N LEU Q 195 66.06 -47.27 2.48
CA LEU Q 195 66.06 -46.90 3.90
C LEU Q 195 67.16 -47.58 4.71
N LEU Q 196 67.26 -48.92 4.59
CA LEU Q 196 68.32 -49.71 5.27
C LEU Q 196 69.76 -49.21 5.02
N GLU Q 197 69.92 -48.36 4.01
CA GLU Q 197 71.19 -47.67 3.73
C GLU Q 197 71.58 -46.64 4.81
N VAL Q 198 70.62 -45.99 5.45
CA VAL Q 198 70.93 -45.03 6.55
C VAL Q 198 70.28 -45.37 7.89
N VAL Q 199 69.22 -46.20 7.89
CA VAL Q 199 68.37 -46.34 9.07
C VAL Q 199 69.08 -47.08 10.23
N GLN Q 200 69.29 -46.32 11.30
CA GLN Q 200 70.04 -46.70 12.50
C GLN Q 200 69.32 -47.81 13.27
N SER Q 201 69.40 -49.03 12.71
CA SER Q 201 68.91 -50.32 13.28
C SER Q 201 68.33 -51.19 12.16
N GLY Q 202 67.37 -50.64 11.42
CA GLY Q 202 66.83 -51.28 10.20
C GLY Q 202 65.55 -52.10 10.26
N GLY Q 203 65.30 -52.79 11.39
CA GLY Q 203 64.07 -53.60 11.58
C GLY Q 203 62.78 -52.79 11.43
N LYS Q 204 62.22 -52.34 12.56
CA LYS Q 204 61.05 -51.46 12.52
C LYS Q 204 60.91 -50.60 13.81
N ASN Q 205 61.34 -49.33 13.83
CA ASN Q 205 61.95 -48.55 12.71
C ASN Q 205 61.01 -48.46 11.50
N ILE Q 206 61.48 -48.02 10.33
CA ILE Q 206 60.73 -48.07 9.03
C ILE Q 206 59.15 -48.24 9.06
N GLU Q 207 58.43 -47.14 8.79
CA GLU Q 207 56.98 -47.18 8.49
C GLU Q 207 56.85 -47.20 6.96
N LEU Q 208 55.95 -48.01 6.43
CA LEU Q 208 55.78 -48.11 4.99
C LEU Q 208 54.32 -48.16 4.51
N ALA Q 209 54.09 -47.50 3.38
CA ALA Q 209 52.78 -47.45 2.73
C ALA Q 209 52.87 -47.53 1.21
N VAL Q 210 51.80 -48.09 0.63
CA VAL Q 210 51.65 -48.33 -0.80
C VAL Q 210 50.34 -47.72 -1.29
N MET Q 211 50.32 -47.27 -2.55
CA MET Q 211 49.09 -46.93 -3.21
C MET Q 211 49.07 -47.58 -4.57
N ARG Q 212 48.04 -48.40 -4.79
CA ARG Q 212 47.80 -49.05 -6.08
C ARG Q 212 46.76 -48.27 -6.86
N ARG Q 213 46.78 -48.44 -8.18
CA ARG Q 213 45.84 -47.75 -9.10
C ARG Q 213 44.41 -47.99 -8.62
N ASP Q 214 43.70 -46.92 -8.28
CA ASP Q 214 42.31 -46.95 -7.79
C ASP Q 214 42.10 -47.51 -6.37
N GLN Q 215 43.13 -48.09 -5.75
CA GLN Q 215 42.93 -49.00 -4.60
C GLN Q 215 43.08 -48.35 -3.23
N SER Q 216 43.29 -47.02 -3.16
CA SER Q 216 43.47 -46.31 -1.88
C SER Q 216 44.61 -46.78 -0.94
N LEU Q 217 45.03 -45.88 -0.06
CA LEU Q 217 46.27 -46.06 0.72
C LEU Q 217 46.23 -47.27 1.66
N LYS Q 218 47.12 -48.26 1.46
CA LYS Q 218 47.32 -49.37 2.40
C LYS Q 218 48.65 -49.15 3.13
N ILE Q 219 48.61 -49.05 4.45
CA ILE Q 219 49.85 -49.03 5.26
C ILE Q 219 50.20 -50.47 5.64
N LEU Q 220 51.48 -50.83 5.58
CA LEU Q 220 51.96 -52.13 6.12
C LEU Q 220 52.39 -51.73 7.57
N ASN Q 221 52.31 -52.46 8.68
CA ASN Q 221 52.20 -53.91 8.95
C ASN Q 221 53.56 -54.45 9.38
N PRO Q 222 53.93 -54.28 10.68
CA PRO Q 222 55.31 -54.62 11.10
C PRO Q 222 55.75 -56.05 10.83
N GLU Q 223 54.82 -57.00 10.90
CA GLU Q 223 55.08 -58.40 10.52
C GLU Q 223 55.47 -58.58 9.02
N GLU Q 224 54.69 -57.95 8.15
CA GLU Q 224 54.91 -58.01 6.70
C GLU Q 224 56.19 -57.26 6.29
N ILE Q 225 56.53 -56.21 7.06
CA ILE Q 225 57.77 -55.44 6.86
C ILE Q 225 59.01 -56.23 7.25
N GLU Q 226 59.01 -56.82 8.45
CA GLU Q 226 60.16 -57.65 8.91
C GLU Q 226 60.48 -58.88 8.06
N LYS Q 227 59.50 -59.35 7.28
CA LYS Q 227 59.74 -60.33 6.19
C LYS Q 227 60.78 -59.79 5.20
N TYR Q 228 60.44 -58.63 4.64
CA TYR Q 228 61.30 -57.94 3.69
C TYR Q 228 62.68 -57.56 4.28
N VAL Q 229 62.70 -57.18 5.56
CA VAL Q 229 63.93 -56.72 6.23
C VAL Q 229 64.97 -57.84 6.30
N ALA Q 230 64.52 -59.03 6.74
CA ALA Q 230 65.36 -60.23 6.81
C ALA Q 230 65.86 -60.68 5.43
N GLU Q 231 64.91 -60.74 4.49
CA GLU Q 231 65.15 -61.07 3.07
C GLU Q 231 66.20 -60.18 2.36
N ILE Q 232 66.41 -58.95 2.87
CA ILE Q 232 67.47 -58.02 2.39
C ILE Q 232 68.77 -58.05 3.22
N GLU Q 233 68.62 -58.21 4.54
CA GLU Q 233 69.73 -58.22 5.52
C GLU Q 233 70.63 -59.45 5.37
N LYS Q 234 70.00 -60.61 5.22
CA LYS Q 234 70.73 -61.85 4.92
C LYS Q 234 71.32 -61.87 3.51
N GLU Q 235 70.74 -61.12 2.57
CA GLU Q 235 71.36 -60.95 1.24
C GLU Q 235 72.59 -60.03 1.25
N LYS Q 236 72.55 -58.95 2.05
CA LYS Q 236 73.70 -58.06 2.24
C LYS Q 236 74.82 -58.60 3.14
N GLU Q 237 74.66 -59.80 3.69
CA GLU Q 237 75.70 -60.43 4.50
C GLU Q 237 76.50 -61.30 3.56
N GLU Q 238 75.77 -62.12 2.80
CA GLU Q 238 76.29 -63.00 1.72
C GLU Q 238 77.29 -62.31 0.80
N ASN Q 239 76.95 -61.09 0.35
CA ASN Q 239 77.77 -60.33 -0.62
C ASN Q 239 79.24 -60.09 -0.23
N GLU Q 240 79.50 -59.92 1.07
CA GLU Q 240 80.86 -59.74 1.59
C GLU Q 240 81.72 -61.01 1.45
N ASP R 9 71.56 -4.96 11.40
CA ASP R 9 70.23 -5.11 10.71
C ASP R 9 69.61 -3.72 10.45
N ARG R 10 69.02 -3.62 9.26
CA ARG R 10 68.49 -2.42 8.66
C ARG R 10 67.20 -2.87 7.98
N GLY R 11 66.37 -1.93 7.58
CA GLY R 11 65.12 -2.26 6.97
C GLY R 11 65.22 -2.62 5.51
N VAL R 12 64.20 -3.28 4.98
CA VAL R 12 64.18 -3.67 3.57
C VAL R 12 64.10 -2.52 2.56
N ASN R 13 63.72 -1.32 2.99
CA ASN R 13 63.72 -0.17 2.13
C ASN R 13 64.87 0.83 2.39
N THR R 14 66.03 0.33 2.77
CA THR R 14 67.22 1.15 3.03
C THR R 14 68.03 1.36 1.77
N PHE R 15 68.33 2.62 1.49
CA PHE R 15 69.30 2.99 0.44
C PHE R 15 70.73 2.85 0.96
N SER R 16 71.63 2.39 0.08
CA SER R 16 73.07 2.35 0.34
C SER R 16 73.62 3.75 0.05
N PRO R 17 74.88 4.02 0.43
CA PRO R 17 75.48 5.32 0.11
C PRO R 17 75.64 5.62 -1.39
N GLU R 18 75.58 4.59 -2.23
CA GLU R 18 75.62 4.79 -3.68
C GLU R 18 74.27 5.00 -4.30
N GLY R 19 73.21 5.09 -3.51
CA GLY R 19 71.91 5.37 -4.09
C GLY R 19 71.21 4.18 -4.66
N ARG R 20 71.46 3.00 -4.12
CA ARG R 20 70.73 1.78 -4.51
C ARG R 20 70.05 1.12 -3.31
N LEU R 21 68.95 0.43 -3.57
CA LEU R 21 68.27 -0.32 -2.54
C LEU R 21 69.01 -1.64 -2.34
N PHE R 22 69.55 -1.87 -1.14
CA PHE R 22 70.27 -3.08 -0.81
C PHE R 22 69.52 -4.36 -1.28
N GLN R 23 68.21 -4.46 -0.93
CA GLN R 23 67.41 -5.62 -1.27
C GLN R 23 67.34 -5.88 -2.76
N VAL R 24 67.19 -4.83 -3.55
CA VAL R 24 67.16 -4.95 -5.00
C VAL R 24 68.52 -5.38 -5.57
N GLU R 25 69.60 -4.80 -5.04
CA GLU R 25 70.95 -5.22 -5.48
C GLU R 25 71.18 -6.67 -5.15
N TYR R 26 70.76 -7.08 -3.95
CA TYR R 26 70.93 -8.46 -3.58
C TYR R 26 70.08 -9.44 -4.45
N ALA R 27 68.85 -9.05 -4.77
CA ALA R 27 68.01 -9.82 -5.66
C ALA R 27 68.62 -9.97 -7.04
N ILE R 28 69.28 -8.92 -7.52
CA ILE R 28 69.99 -8.96 -8.81
C ILE R 28 71.14 -10.00 -8.77
N GLU R 29 71.85 -10.07 -7.64
CA GLU R 29 72.86 -11.12 -7.41
C GLU R 29 72.28 -12.55 -7.43
N ALA R 30 71.07 -12.73 -6.91
CA ALA R 30 70.37 -14.02 -7.03
C ALA R 30 70.11 -14.47 -8.47
N ILE R 31 69.91 -13.56 -9.41
CA ILE R 31 69.70 -13.90 -10.84
C ILE R 31 70.95 -14.57 -11.44
N LYS R 32 72.12 -14.13 -10.98
CA LYS R 32 73.40 -14.70 -11.41
C LYS R 32 73.60 -16.14 -10.99
N LEU R 33 72.81 -16.65 -10.04
CA LEU R 33 72.85 -18.06 -9.68
C LEU R 33 71.88 -18.90 -10.53
N GLY R 34 71.05 -18.26 -11.36
CA GLY R 34 70.06 -18.97 -12.17
C GLY R 34 70.67 -19.57 -13.43
N SER R 35 69.96 -20.53 -14.00
CA SER R 35 70.30 -21.11 -15.32
C SER R 35 70.22 -20.07 -16.39
N THR R 36 70.97 -20.28 -17.45
CA THR R 36 71.03 -19.32 -18.51
C THR R 36 69.80 -19.43 -19.42
N ALA R 37 69.22 -18.30 -19.79
CA ALA R 37 68.14 -18.23 -20.79
C ALA R 37 68.51 -17.18 -21.81
N ILE R 38 68.07 -17.42 -23.04
CA ILE R 38 68.38 -16.60 -24.19
C ILE R 38 67.10 -16.26 -24.97
N GLY R 39 67.00 -15.00 -25.39
CA GLY R 39 65.94 -14.54 -26.25
C GLY R 39 66.49 -13.85 -27.47
N ILE R 40 65.88 -14.09 -28.62
CA ILE R 40 66.23 -13.42 -29.88
C ILE R 40 64.97 -13.00 -30.63
N GLN R 41 64.94 -11.75 -31.06
CA GLN R 41 63.86 -11.16 -31.85
C GLN R 41 64.31 -11.00 -33.30
N THR R 42 63.54 -11.60 -34.21
CA THR R 42 63.74 -11.48 -35.65
C THR R 42 62.44 -10.94 -36.27
N SER R 43 62.50 -10.54 -37.53
CA SER R 43 61.30 -10.15 -38.26
C SER R 43 60.32 -11.33 -38.48
N GLU R 44 60.78 -12.58 -38.38
CA GLU R 44 59.92 -13.76 -38.51
C GLU R 44 59.40 -14.32 -37.19
N GLY R 45 59.73 -13.71 -36.07
CA GLY R 45 59.25 -14.22 -34.76
C GLY R 45 60.31 -14.11 -33.69
N VAL R 46 59.96 -14.48 -32.47
CA VAL R 46 60.95 -14.53 -31.41
C VAL R 46 61.12 -15.98 -30.90
N CYS R 47 62.36 -16.30 -30.51
CA CYS R 47 62.65 -17.56 -29.83
C CYS R 47 63.24 -17.34 -28.44
N LEU R 48 62.92 -18.27 -27.56
CA LEU R 48 63.31 -18.29 -26.17
C LEU R 48 63.90 -19.67 -25.96
N ALA R 49 65.09 -19.72 -25.36
CA ALA R 49 65.82 -20.97 -25.13
C ALA R 49 66.39 -20.92 -23.73
N VAL R 50 66.33 -22.03 -23.02
CA VAL R 50 66.77 -22.05 -21.67
C VAL R 50 67.44 -23.39 -21.33
N GLU R 51 68.45 -23.31 -20.47
CA GLU R 51 69.18 -24.41 -19.88
C GLU R 51 68.34 -24.95 -18.74
N LYS R 52 68.05 -26.24 -18.71
CA LYS R 52 67.18 -26.78 -17.63
C LYS R 52 67.93 -26.89 -16.32
N ARG R 53 69.16 -27.37 -16.40
CA ARG R 53 69.99 -27.65 -15.25
C ARG R 53 69.45 -28.79 -14.41
N ILE R 54 69.60 -30.00 -14.95
CA ILE R 54 69.13 -31.23 -14.30
C ILE R 54 70.16 -31.60 -13.23
N THR R 55 69.70 -31.88 -12.01
CA THR R 55 70.61 -32.16 -10.89
C THR R 55 70.64 -33.63 -10.47
N SER R 56 69.77 -34.47 -11.03
CA SER R 56 69.75 -35.90 -10.78
C SER R 56 69.08 -36.59 -11.98
N PRO R 57 69.59 -37.75 -12.41
CA PRO R 57 68.85 -38.51 -13.43
C PRO R 57 67.46 -39.05 -12.97
N LEU R 58 67.21 -39.07 -11.65
CA LEU R 58 65.90 -39.44 -11.10
C LEU R 58 64.82 -38.35 -11.27
N MET R 59 65.24 -37.11 -11.47
CA MET R 59 64.30 -36.02 -11.71
C MET R 59 63.67 -36.19 -13.10
N GLU R 60 62.37 -35.94 -13.21
CA GLU R 60 61.70 -35.87 -14.51
C GLU R 60 61.99 -34.54 -15.19
N PRO R 61 62.72 -34.57 -16.31
CA PRO R 61 63.04 -33.30 -17.01
C PRO R 61 61.86 -32.46 -17.49
N SER R 62 60.76 -33.11 -17.89
CA SER R 62 59.57 -32.38 -18.33
C SER R 62 58.89 -31.62 -17.17
N SER R 63 59.18 -31.97 -15.92
CA SER R 63 58.68 -31.18 -14.80
C SER R 63 59.43 -29.87 -14.58
N ILE R 64 60.53 -29.60 -15.29
CA ILE R 64 61.22 -28.29 -15.17
C ILE R 64 60.59 -27.42 -16.24
N GLU R 65 59.98 -26.31 -15.86
CA GLU R 65 59.32 -25.46 -16.81
C GLU R 65 59.83 -24.04 -16.58
N LYS R 66 60.80 -23.63 -17.38
CA LYS R 66 61.40 -22.32 -17.28
C LYS R 66 60.99 -21.45 -18.46
N ILE R 67 60.20 -21.99 -19.38
CA ILE R 67 59.52 -21.23 -20.39
C ILE R 67 58.02 -21.55 -20.23
N VAL R 68 57.17 -20.53 -20.22
CA VAL R 68 55.73 -20.69 -20.06
C VAL R 68 54.98 -19.80 -21.07
N GLU R 69 53.78 -20.24 -21.42
CA GLU R 69 52.84 -19.43 -22.18
C GLU R 69 52.17 -18.41 -21.25
N ILE R 70 52.20 -17.15 -21.65
CA ILE R 70 51.41 -16.09 -20.97
C ILE R 70 50.03 -16.03 -21.64
N ASP R 71 50.05 -15.95 -22.96
CA ASP R 71 48.84 -16.00 -23.80
C ASP R 71 49.31 -16.58 -25.14
N ALA R 72 48.40 -16.71 -26.09
CA ALA R 72 48.68 -17.35 -27.38
C ALA R 72 49.80 -16.66 -28.14
N HIS R 73 49.94 -15.35 -27.93
CA HIS R 73 50.87 -14.51 -28.67
C HIS R 73 52.11 -14.09 -27.81
N ILE R 74 52.23 -14.62 -26.60
CA ILE R 74 53.27 -14.17 -25.65
C ILE R 74 53.77 -15.35 -24.83
N GLY R 75 55.07 -15.59 -24.89
CA GLY R 75 55.74 -16.50 -23.97
C GLY R 75 56.71 -15.77 -23.05
N CYS R 76 57.15 -16.48 -22.04
CA CYS R 76 58.04 -15.93 -21.04
C CYS R 76 59.10 -16.96 -20.60
N ALA R 77 60.38 -16.57 -20.64
CA ALA R 77 61.50 -17.36 -20.08
C ALA R 77 62.03 -16.69 -18.80
N MET R 78 62.37 -17.49 -17.81
CA MET R 78 62.77 -16.97 -16.51
C MET R 78 64.14 -17.50 -16.09
N SER R 79 64.80 -16.74 -15.22
CA SER R 79 65.99 -17.20 -14.52
C SER R 79 66.06 -16.59 -13.13
N GLY R 80 66.52 -17.39 -12.16
CA GLY R 80 66.83 -16.94 -10.81
C GLY R 80 66.11 -17.87 -9.89
N LEU R 81 65.35 -17.32 -8.94
CA LEU R 81 64.62 -18.13 -7.97
C LEU R 81 63.26 -18.42 -8.53
N ILE R 82 63.10 -19.63 -9.06
CA ILE R 82 61.98 -19.96 -9.94
C ILE R 82 60.63 -19.92 -9.22
N ALA R 83 60.59 -20.30 -7.96
CA ALA R 83 59.37 -20.28 -7.17
C ALA R 83 58.80 -18.84 -7.10
N ASP R 84 59.69 -17.85 -6.98
CA ASP R 84 59.30 -16.45 -7.00
C ASP R 84 58.60 -16.04 -8.30
N ALA R 85 58.95 -16.67 -9.41
CA ALA R 85 58.39 -16.26 -10.68
C ALA R 85 56.87 -16.59 -10.82
N LYS R 86 56.35 -17.55 -10.05
CA LYS R 86 54.96 -18.00 -10.20
C LYS R 86 53.93 -16.92 -10.07
N THR R 87 54.04 -16.07 -9.05
CA THR R 87 53.10 -15.00 -8.91
C THR R 87 53.22 -13.96 -10.01
N LEU R 88 54.44 -13.78 -10.58
CA LEU R 88 54.61 -12.82 -11.68
C LEU R 88 53.94 -13.32 -12.95
N ILE R 89 54.15 -14.59 -13.22
CA ILE R 89 53.60 -15.28 -14.39
C ILE R 89 52.06 -15.27 -14.29
N ASP R 90 51.52 -15.57 -13.10
CA ASP R 90 50.06 -15.55 -12.92
C ASP R 90 49.51 -14.16 -13.14
N LYS R 91 50.21 -13.12 -12.63
CA LYS R 91 49.81 -11.72 -12.82
C LYS R 91 49.81 -11.41 -14.31
N ALA R 92 50.80 -11.88 -15.05
CA ALA R 92 50.86 -11.60 -16.46
C ALA R 92 49.62 -12.23 -17.22
N ARG R 93 49.30 -13.46 -16.87
CA ARG R 93 48.20 -14.20 -17.46
C ARG R 93 46.85 -13.51 -17.21
N VAL R 94 46.60 -13.19 -15.97
CA VAL R 94 45.41 -12.51 -15.51
C VAL R 94 45.27 -11.13 -16.19
N GLU R 95 46.33 -10.35 -16.25
CA GLU R 95 46.31 -9.07 -16.96
C GLU R 95 45.96 -9.15 -18.45
N THR R 96 46.49 -10.15 -19.17
CA THR R 96 46.21 -10.26 -20.59
C THR R 96 44.73 -10.63 -20.78
N GLN R 97 44.21 -11.51 -19.93
CA GLN R 97 42.80 -11.87 -19.95
C GLN R 97 41.84 -10.71 -19.56
N ASN R 98 42.21 -9.91 -18.57
CA ASN R 98 41.48 -8.72 -18.21
C ASN R 98 41.42 -7.72 -19.35
N HIS R 99 42.55 -7.54 -20.03
CA HIS R 99 42.64 -6.64 -21.14
C HIS R 99 41.71 -7.11 -22.29
N TRP R 100 41.75 -8.40 -22.61
CA TRP R 100 40.85 -9.02 -23.56
C TRP R 100 39.34 -8.78 -23.15
N PHE R 101 39.04 -9.04 -21.87
CA PHE R 101 37.68 -8.90 -21.38
C PHE R 101 37.17 -7.45 -21.63
N THR R 102 37.99 -6.49 -21.26
CA THR R 102 37.59 -5.10 -21.24
C THR R 102 37.58 -4.47 -22.65
N TYR R 103 38.62 -4.76 -23.42
CA TYR R 103 38.89 -4.07 -24.67
C TYR R 103 38.68 -4.89 -25.92
N ASN R 104 38.38 -6.17 -25.78
CA ASN R 104 38.23 -7.07 -26.88
C ASN R 104 39.39 -7.04 -27.88
N GLU R 105 40.61 -7.09 -27.38
CA GLU R 105 41.81 -7.04 -28.20
C GLU R 105 42.93 -7.69 -27.41
N THR R 106 44.01 -8.03 -28.10
CA THR R 106 45.19 -8.60 -27.43
C THR R 106 46.05 -7.51 -26.84
N MET R 107 46.62 -7.77 -25.69
CA MET R 107 47.46 -6.81 -25.01
C MET R 107 48.83 -6.82 -25.67
N THR R 108 49.44 -5.65 -25.85
CA THR R 108 50.86 -5.66 -26.35
C THR R 108 51.88 -6.29 -25.38
N VAL R 109 52.99 -6.78 -25.94
CA VAL R 109 54.06 -7.40 -25.15
C VAL R 109 54.64 -6.34 -24.19
N GLU R 110 54.87 -5.14 -24.68
CA GLU R 110 55.30 -4.02 -23.85
C GLU R 110 54.36 -3.75 -22.66
N SER R 111 53.05 -3.76 -22.95
CA SER R 111 52.06 -3.53 -21.89
C SER R 111 52.04 -4.65 -20.86
N VAL R 112 52.14 -5.90 -21.31
CA VAL R 112 52.19 -7.00 -20.35
C VAL R 112 53.42 -6.82 -19.45
N THR R 113 54.55 -6.47 -20.07
CA THR R 113 55.80 -6.36 -19.32
C THR R 113 55.72 -5.22 -18.29
N GLN R 114 55.16 -4.09 -18.74
CA GLN R 114 54.91 -2.94 -17.86
C GLN R 114 54.01 -3.32 -16.67
N ALA R 115 52.95 -4.07 -16.91
CA ALA R 115 52.04 -4.45 -15.80
C ALA R 115 52.78 -5.26 -14.73
N VAL R 116 53.56 -6.20 -15.19
CA VAL R 116 54.33 -7.04 -14.27
C VAL R 116 55.38 -6.20 -13.57
N SER R 117 56.01 -5.30 -14.29
CA SER R 117 57.07 -4.51 -13.71
C SER R 117 56.59 -3.54 -12.60
N ASN R 118 55.33 -3.14 -12.62
CA ASN R 118 54.77 -2.35 -11.53
C ASN R 118 54.61 -3.06 -10.17
N LEU R 119 54.79 -4.40 -10.14
CA LEU R 119 54.89 -5.10 -8.88
C LEU R 119 56.27 -4.97 -8.21
N ALA R 120 57.25 -4.60 -9.03
N ALA R 120 57.36 -4.67 -8.92
CA ALA R 120 58.59 -4.50 -8.59
CA ALA R 120 58.70 -5.12 -8.37
C ALA R 120 58.52 -3.14 -8.00
C ALA R 120 59.20 -4.48 -7.02
N LEU R 121 58.98 -3.17 -6.80
CA LEU R 121 59.29 -2.38 -5.61
C LEU R 121 58.15 -2.32 -4.59
N GLN R 122 57.09 -3.11 -4.79
CA GLN R 122 55.99 -3.19 -3.84
C GLN R 122 56.31 -4.19 -2.76
N PHE R 123 57.33 -3.86 -1.97
CA PHE R 123 57.63 -4.59 -0.75
C PHE R 123 57.91 -3.59 0.37
N GLY R 124 57.79 -4.04 1.61
CA GLY R 124 58.06 -3.22 2.77
C GLY R 124 57.25 -3.65 3.97
N GLU R 125 57.61 -3.14 5.14
CA GLU R 125 57.15 -3.65 6.45
C GLU R 125 56.44 -2.63 7.36
N GLU R 126 56.02 -1.47 6.81
CA GLU R 126 55.29 -0.37 7.52
C GLU R 126 53.94 0.00 6.85
N ASP R 127 53.99 0.28 5.53
CA ASP R 127 52.78 0.62 4.74
C ASP R 127 51.86 -0.61 4.83
N ALA R 128 52.27 -1.70 4.16
CA ALA R 128 51.86 -3.09 4.44
C ALA R 128 50.40 -3.39 4.83
N ASP R 129 49.62 -3.89 3.86
CA ASP R 129 48.17 -4.20 4.01
C ASP R 129 47.90 -5.56 4.72
N PRO R 130 47.76 -6.70 3.98
CA PRO R 130 47.91 -8.08 4.52
C PRO R 130 49.15 -8.34 5.42
N GLY R 131 49.64 -9.58 5.36
CA GLY R 131 51.09 -9.87 5.28
C GLY R 131 51.51 -9.70 3.81
N ALA R 132 51.66 -8.45 3.37
CA ALA R 132 52.02 -8.04 1.99
C ALA R 132 53.50 -8.49 1.74
N MET R 133 54.05 -8.21 0.56
CA MET R 133 55.43 -8.72 0.18
C MET R 133 56.54 -8.16 1.07
N SER R 134 57.38 -9.04 1.60
CA SER R 134 58.46 -8.65 2.48
C SER R 134 59.82 -8.31 1.80
N ARG R 135 59.94 -8.60 0.51
CA ARG R 135 61.16 -8.54 -0.21
C ARG R 135 60.88 -8.51 -1.69
N PRO R 136 61.84 -8.04 -2.49
CA PRO R 136 61.71 -8.17 -3.94
C PRO R 136 61.72 -9.63 -4.45
N PHE R 137 61.35 -9.78 -5.71
CA PHE R 137 61.37 -11.05 -6.45
C PHE R 137 62.78 -11.32 -6.98
N GLY R 138 63.32 -12.51 -6.72
CA GLY R 138 64.68 -12.89 -7.16
C GLY R 138 64.72 -13.51 -8.56
N VAL R 139 64.14 -12.82 -9.52
CA VAL R 139 63.78 -13.36 -10.82
C VAL R 139 64.10 -12.34 -11.87
N ALA R 140 64.66 -12.78 -12.98
CA ALA R 140 64.64 -11.99 -14.19
C ALA R 140 63.75 -12.68 -15.24
N LEU R 141 63.17 -11.88 -16.14
CA LEU R 141 62.23 -12.41 -17.14
C LEU R 141 62.54 -11.85 -18.51
N LEU R 142 62.40 -12.73 -19.50
CA LEU R 142 62.32 -12.37 -20.89
C LEU R 142 60.90 -12.65 -21.41
N PHE R 143 60.21 -11.61 -21.88
CA PHE R 143 58.86 -11.75 -22.50
C PHE R 143 59.07 -11.64 -24.00
N GLY R 144 58.75 -12.70 -24.72
CA GLY R 144 58.82 -12.72 -26.18
C GLY R 144 57.44 -12.95 -26.82
N GLY R 145 57.07 -12.12 -27.76
CA GLY R 145 55.80 -12.27 -28.43
C GLY R 145 55.63 -11.47 -29.69
N VAL R 146 54.40 -11.50 -30.21
CA VAL R 146 54.03 -10.81 -31.42
C VAL R 146 52.71 -10.02 -31.20
N ASP R 147 52.72 -8.75 -31.56
CA ASP R 147 51.53 -7.88 -31.53
C ASP R 147 51.57 -7.04 -32.80
N GLU R 148 50.72 -6.01 -32.94
CA GLU R 148 50.77 -5.15 -34.16
C GLU R 148 52.08 -4.40 -34.41
N LYS R 149 52.98 -4.28 -33.43
CA LYS R 149 54.35 -3.80 -33.69
C LYS R 149 55.23 -4.88 -34.33
N GLY R 150 54.71 -6.11 -34.47
CA GLY R 150 55.49 -7.22 -34.98
C GLY R 150 56.08 -8.00 -33.81
N PRO R 151 57.09 -8.83 -34.10
CA PRO R 151 57.77 -9.57 -33.03
C PRO R 151 58.51 -8.66 -32.02
N GLN R 152 58.50 -9.05 -30.75
CA GLN R 152 59.10 -8.25 -29.69
C GLN R 152 59.59 -9.03 -28.49
N LEU R 153 60.80 -8.66 -28.03
CA LEU R 153 61.43 -9.26 -26.88
C LEU R 153 61.69 -8.14 -25.89
N PHE R 154 61.28 -8.35 -24.65
CA PHE R 154 61.52 -7.43 -23.57
C PHE R 154 62.18 -8.15 -22.40
N HIS R 155 63.07 -7.44 -21.72
CA HIS R 155 63.74 -7.95 -20.54
C HIS R 155 63.23 -7.17 -19.33
N MET R 156 63.02 -7.87 -18.24
CA MET R 156 62.75 -7.24 -16.97
C MET R 156 63.59 -7.89 -15.85
N ASP R 157 64.05 -7.05 -14.90
CA ASP R 157 64.78 -7.51 -13.71
C ASP R 157 64.12 -7.07 -12.38
N PRO R 158 64.69 -7.46 -11.22
CA PRO R 158 63.99 -7.12 -9.95
C PRO R 158 63.88 -5.63 -9.59
N SER R 159 64.55 -4.74 -10.30
CA SER R 159 64.40 -3.32 -10.09
C SER R 159 63.07 -2.76 -10.66
N GLY R 160 62.37 -3.53 -11.50
CA GLY R 160 61.22 -3.06 -12.23
C GLY R 160 61.61 -2.29 -13.48
N THR R 161 62.88 -2.25 -13.83
CA THR R 161 63.30 -1.72 -15.12
C THR R 161 63.04 -2.78 -16.21
N PHE R 162 62.40 -2.35 -17.32
CA PHE R 162 62.16 -3.20 -18.44
C PHE R 162 62.52 -2.44 -19.68
N VAL R 163 62.92 -3.19 -20.71
CA VAL R 163 63.43 -2.61 -21.93
C VAL R 163 63.33 -3.65 -23.07
N GLN R 164 63.11 -3.17 -24.29
CA GLN R 164 63.10 -4.00 -25.50
C GLN R 164 64.56 -4.37 -25.83
N CYS R 165 64.80 -5.62 -26.23
CA CYS R 165 66.12 -6.06 -26.70
C CYS R 165 66.01 -6.84 -27.99
N ASP R 166 66.96 -6.67 -28.89
CA ASP R 166 67.02 -7.50 -30.10
C ASP R 166 67.44 -8.94 -29.77
N ALA R 167 68.33 -9.08 -28.79
CA ALA R 167 68.76 -10.35 -28.24
C ALA R 167 69.29 -10.11 -26.82
N ARG R 168 69.02 -11.03 -25.91
CA ARG R 168 69.40 -10.88 -24.52
C ARG R 168 69.58 -12.24 -23.85
N ALA R 169 70.66 -12.39 -23.09
CA ALA R 169 70.82 -13.53 -22.20
C ALA R 169 70.70 -13.10 -20.74
N ILE R 170 70.21 -13.99 -19.89
CA ILE R 170 70.07 -13.73 -18.46
C ILE R 170 70.53 -14.96 -17.73
N GLY R 171 70.90 -14.79 -16.47
CA GLY R 171 71.34 -15.90 -15.65
C GLY R 171 72.86 -15.99 -15.61
N SER R 172 73.35 -17.10 -15.07
CA SER R 172 74.76 -17.19 -14.64
C SER R 172 75.77 -16.90 -15.73
N ALA R 173 75.53 -17.33 -16.97
CA ALA R 173 76.55 -17.13 -18.01
C ALA R 173 76.23 -15.98 -18.97
N SER R 174 75.42 -15.03 -18.52
CA SER R 174 74.86 -14.03 -19.43
C SER R 174 75.89 -13.07 -19.98
N GLU R 175 76.95 -12.78 -19.24
CA GLU R 175 78.05 -11.91 -19.76
C GLU R 175 78.65 -12.48 -21.05
N GLY R 176 79.02 -13.75 -20.99
CA GLY R 176 79.65 -14.43 -22.16
C GLY R 176 78.64 -14.69 -23.28
N ALA R 177 77.43 -15.13 -22.91
CA ALA R 177 76.37 -15.36 -23.89
C ALA R 177 76.01 -14.06 -24.60
N GLN R 178 75.91 -12.96 -23.84
CA GLN R 178 75.58 -11.67 -24.43
C GLN R 178 76.61 -11.26 -25.46
N SER R 179 77.88 -11.51 -25.15
CA SER R 179 78.95 -11.27 -26.07
C SER R 179 78.81 -12.06 -27.41
N SER R 180 78.57 -13.35 -27.33
CA SER R 180 78.33 -14.16 -28.53
C SER R 180 77.05 -13.65 -29.29
N LEU R 181 76.04 -13.20 -28.54
CA LEU R 181 74.82 -12.65 -29.19
C LEU R 181 75.12 -11.38 -29.99
N GLN R 182 75.96 -10.46 -29.48
CA GLN R 182 76.42 -9.28 -30.28
C GLN R 182 77.10 -9.73 -31.58
N GLU R 183 77.92 -10.76 -31.50
CA GLU R 183 78.67 -11.25 -32.64
C GLU R 183 77.77 -11.80 -33.76
N VAL R 184 76.80 -12.63 -33.40
CA VAL R 184 75.96 -13.32 -34.41
C VAL R 184 74.67 -12.57 -34.82
N TYR R 185 74.15 -11.67 -33.98
CA TYR R 185 72.88 -11.02 -34.29
C TYR R 185 72.97 -10.09 -35.50
N HIS R 186 71.96 -10.13 -36.36
CA HIS R 186 71.76 -9.10 -37.38
C HIS R 186 70.28 -8.93 -37.64
N LYS R 187 69.88 -7.69 -37.95
CA LYS R 187 68.45 -7.31 -38.10
C LYS R 187 67.68 -8.20 -39.11
N SER R 188 68.36 -8.61 -40.18
CA SER R 188 67.74 -9.43 -41.23
C SER R 188 67.85 -10.97 -41.01
N MET R 189 68.40 -11.39 -39.88
CA MET R 189 68.50 -12.79 -39.49
C MET R 189 67.13 -13.48 -39.51
N THR R 190 67.10 -14.71 -40.01
CA THR R 190 65.88 -15.50 -39.98
C THR R 190 65.64 -16.11 -38.61
N LEU R 191 64.39 -16.51 -38.35
CA LEU R 191 64.09 -17.26 -37.14
C LEU R 191 64.87 -18.56 -37.05
N LYS R 192 64.97 -19.34 -38.13
CA LYS R 192 65.70 -20.61 -38.03
C LYS R 192 67.21 -20.39 -37.68
N GLU R 193 67.80 -19.30 -38.17
CA GLU R 193 69.17 -18.91 -37.81
C GLU R 193 69.27 -18.53 -36.32
N ALA R 194 68.27 -17.79 -35.85
CA ALA R 194 68.22 -17.37 -34.45
C ALA R 194 68.13 -18.56 -33.51
N ILE R 195 67.33 -19.56 -33.88
CA ILE R 195 67.18 -20.78 -33.11
C ILE R 195 68.52 -21.50 -32.99
N LYS R 196 69.17 -21.73 -34.12
CA LYS R 196 70.49 -22.37 -34.18
C LYS R 196 71.55 -21.61 -33.37
N SER R 197 71.63 -20.30 -33.59
CA SER R 197 72.55 -19.44 -32.83
C SER R 197 72.38 -19.60 -31.32
N SER R 198 71.13 -19.63 -30.84
CA SER R 198 70.91 -19.69 -29.41
C SER R 198 71.26 -21.07 -28.83
N LEU R 199 71.08 -22.14 -29.60
CA LEU R 199 71.49 -23.46 -29.15
C LEU R 199 73.03 -23.59 -29.18
N ILE R 200 73.68 -23.01 -30.19
CA ILE R 200 75.15 -22.98 -30.24
C ILE R 200 75.70 -22.28 -29.00
N ILE R 201 75.10 -21.14 -28.63
CA ILE R 201 75.53 -20.39 -27.48
C ILE R 201 75.24 -21.12 -26.16
N LEU R 202 74.03 -21.64 -25.99
CA LEU R 202 73.73 -22.46 -24.81
C LEU R 202 74.67 -23.62 -24.67
N LYS R 203 75.00 -24.26 -25.79
CA LYS R 203 75.96 -25.34 -25.77
C LYS R 203 77.32 -24.90 -25.18
N GLN R 204 77.85 -23.75 -25.61
CA GLN R 204 79.15 -23.26 -25.10
C GLN R 204 79.05 -23.04 -23.59
N VAL R 205 77.98 -22.39 -23.14
CA VAL R 205 77.94 -21.87 -21.77
C VAL R 205 77.45 -22.86 -20.73
N MET R 206 76.70 -23.87 -21.13
CA MET R 206 76.22 -24.90 -20.21
C MET R 206 77.35 -25.75 -19.63
N GLU R 207 77.26 -26.07 -18.33
CA GLU R 207 78.20 -27.04 -17.68
C GLU R 207 77.97 -28.46 -18.15
N GLU R 208 76.70 -28.88 -18.23
CA GLU R 208 76.32 -30.18 -18.82
C GLU R 208 76.41 -30.21 -20.36
N LYS R 209 76.66 -31.38 -20.90
CA LYS R 209 76.65 -31.57 -22.35
C LYS R 209 75.22 -31.36 -22.84
N LEU R 210 75.00 -30.42 -23.76
CA LEU R 210 73.67 -30.17 -24.30
C LEU R 210 73.07 -31.41 -24.95
N ASN R 211 71.78 -31.64 -24.75
CA ASN R 211 70.99 -32.64 -25.47
C ASN R 211 69.50 -32.26 -25.46
N ALA R 212 68.68 -33.09 -26.11
CA ALA R 212 67.27 -32.78 -26.31
C ALA R 212 66.36 -32.78 -25.08
N THR R 213 66.85 -33.23 -23.93
CA THR R 213 66.08 -33.27 -22.67
C THR R 213 66.52 -32.26 -21.61
N ASN R 214 67.73 -31.70 -21.69
CA ASN R 214 68.18 -30.70 -20.69
C ASN R 214 68.14 -29.22 -21.14
N ILE R 215 67.44 -28.94 -22.24
CA ILE R 215 67.11 -27.60 -22.66
C ILE R 215 65.60 -27.50 -22.98
N GLU R 216 65.08 -26.29 -23.04
CA GLU R 216 63.73 -26.04 -23.60
C GLU R 216 63.88 -24.95 -24.62
N LEU R 217 62.98 -24.96 -25.59
CA LEU R 217 62.96 -23.95 -26.62
C LEU R 217 61.51 -23.66 -27.01
N ALA R 218 61.17 -22.40 -27.23
CA ALA R 218 59.84 -22.01 -27.72
C ALA R 218 59.94 -20.87 -28.70
N THR R 219 58.94 -20.76 -29.57
CA THR R 219 58.84 -19.64 -30.49
C THR R 219 57.45 -18.98 -30.46
N VAL R 220 57.40 -17.75 -30.95
CA VAL R 220 56.14 -17.11 -31.31
C VAL R 220 56.39 -16.41 -32.63
N GLN R 221 55.51 -16.64 -33.60
CA GLN R 221 55.63 -16.09 -34.96
C GLN R 221 54.34 -15.36 -35.34
N PRO R 222 54.41 -14.38 -36.27
CA PRO R 222 53.21 -13.75 -36.80
C PRO R 222 52.13 -14.73 -37.30
N GLY R 223 52.52 -15.80 -37.96
CA GLY R 223 51.52 -16.79 -38.38
C GLY R 223 50.89 -17.51 -37.19
N GLN R 224 51.73 -17.85 -36.22
CA GLN R 224 51.52 -19.02 -35.39
C GLN R 224 51.62 -18.70 -33.92
N ASN R 225 50.77 -19.35 -33.14
CA ASN R 225 50.76 -19.18 -31.69
C ASN R 225 52.05 -19.67 -30.99
N PHE R 226 52.21 -19.23 -29.74
CA PHE R 226 53.22 -19.77 -28.81
C PHE R 226 53.37 -21.29 -28.99
N HIS R 227 54.60 -21.73 -29.26
CA HIS R 227 54.87 -23.13 -29.49
C HIS R 227 56.17 -23.61 -28.77
N MET R 228 55.99 -24.52 -27.82
CA MET R 228 57.04 -25.28 -27.17
C MET R 228 57.52 -26.40 -28.09
N PHE R 229 58.83 -26.45 -28.34
CA PHE R 229 59.42 -27.54 -29.13
C PHE R 229 59.30 -28.86 -28.36
N THR R 230 58.93 -29.91 -29.10
CA THR R 230 58.91 -31.29 -28.58
C THR R 230 60.33 -31.86 -28.58
N LYS R 231 60.52 -33.02 -27.91
CA LYS R 231 61.79 -33.71 -27.89
C LYS R 231 62.26 -33.92 -29.32
N GLU R 232 61.35 -34.38 -30.17
CA GLU R 232 61.66 -34.75 -31.56
C GLU R 232 62.08 -33.51 -32.38
N GLU R 233 61.39 -32.38 -32.17
CA GLU R 233 61.75 -31.15 -32.89
C GLU R 233 63.08 -30.55 -32.40
N LEU R 234 63.39 -30.76 -31.12
CA LEU R 234 64.68 -30.34 -30.56
C LEU R 234 65.82 -31.19 -31.18
N GLU R 235 65.62 -32.50 -31.18
CA GLU R 235 66.59 -33.42 -31.80
C GLU R 235 66.95 -33.03 -33.23
N GLU R 236 65.95 -32.71 -34.05
CA GLU R 236 66.20 -32.18 -35.40
C GLU R 236 67.15 -30.97 -35.40
N VAL R 237 66.85 -29.95 -34.60
CA VAL R 237 67.69 -28.74 -34.52
C VAL R 237 69.06 -29.05 -33.87
N ILE R 238 69.13 -30.03 -32.97
CA ILE R 238 70.39 -30.39 -32.30
C ILE R 238 71.41 -31.08 -33.22
N LYS R 239 70.96 -31.76 -34.28
CA LYS R 239 71.85 -32.48 -35.22
C LYS R 239 73.02 -31.64 -35.74
N ASP R 240 72.69 -30.44 -36.20
CA ASP R 240 73.71 -29.48 -36.70
C ASP R 240 74.69 -29.06 -35.59
N ILE R 241 74.27 -29.26 -34.34
CA ILE R 241 75.10 -29.23 -33.12
C ILE R 241 75.56 -27.80 -32.81
N PHE S 2 80.53 8.18 14.22
CA PHE S 2 79.97 9.48 13.68
C PHE S 2 78.99 9.39 12.49
N ARG S 3 78.58 8.20 12.04
CA ARG S 3 77.72 8.06 10.84
C ARG S 3 76.79 6.84 10.81
N ASN S 4 77.37 5.66 11.09
CA ASN S 4 76.72 4.36 10.82
C ASN S 4 75.40 4.15 11.52
N GLN S 5 75.29 4.54 12.79
CA GLN S 5 74.01 4.42 13.54
C GLN S 5 72.94 5.39 13.02
N TYR S 6 73.37 6.44 12.32
CA TYR S 6 72.49 7.42 11.77
C TYR S 6 72.15 7.22 10.30
N ASP S 7 72.59 6.18 9.61
CA ASP S 7 72.31 6.20 8.18
C ASP S 7 71.35 5.19 7.60
N ASN S 8 70.66 4.42 8.41
CA ASN S 8 69.80 3.43 7.83
C ASN S 8 68.32 3.78 7.82
N ASP S 9 67.88 4.73 8.65
CA ASP S 9 66.46 5.03 8.81
C ASP S 9 66.20 6.49 8.46
N VAL S 10 65.19 6.70 7.63
CA VAL S 10 64.79 8.04 7.24
C VAL S 10 64.24 8.86 8.42
N THR S 11 63.84 8.21 9.51
CA THR S 11 63.45 8.87 10.73
C THR S 11 64.56 9.27 11.71
N VAL S 12 65.82 8.97 11.42
CA VAL S 12 66.90 9.27 12.34
C VAL S 12 67.65 10.49 11.84
N TRP S 13 67.48 11.60 12.57
CA TRP S 13 68.33 12.78 12.39
C TRP S 13 69.77 12.44 12.83
N SER S 14 70.76 12.93 12.08
CA SER S 14 72.16 12.85 12.55
C SER S 14 72.49 14.00 13.49
N PRO S 15 73.64 13.92 14.19
CA PRO S 15 74.00 15.02 15.09
C PRO S 15 74.33 16.34 14.37
N GLN S 16 74.48 16.33 13.06
CA GLN S 16 74.70 17.52 12.26
C GLN S 16 73.40 18.08 11.64
N GLY S 17 72.24 17.54 12.02
CA GLY S 17 70.99 17.98 11.49
C GLY S 17 70.72 17.57 10.06
N ARG S 18 71.17 16.36 9.71
N ARG S 18 71.10 16.37 9.63
CA ARG S 18 71.00 15.77 8.38
CA ARG S 18 70.57 15.88 8.34
C ARG S 18 70.26 14.44 8.44
C ARG S 18 70.24 14.42 8.44
N ILE S 19 69.72 13.97 7.32
CA ILE S 19 69.07 12.69 7.22
C ILE S 19 69.78 11.95 6.10
N HIS S 20 70.62 11.01 6.48
CA HIS S 20 71.51 10.33 5.52
C HIS S 20 70.73 9.54 4.45
N GLN S 21 69.62 8.91 4.87
CA GLN S 21 68.74 8.23 3.90
C GLN S 21 68.25 9.14 2.76
N ILE S 22 67.93 10.39 3.05
CA ILE S 22 67.57 11.33 2.00
C ILE S 22 68.76 11.65 1.10
N GLU S 23 69.92 11.92 1.70
CA GLU S 23 71.14 12.17 0.93
C GLU S 23 71.51 10.96 0.04
N TYR S 24 71.36 9.76 0.57
CA TYR S 24 71.66 8.57 -0.22
C TYR S 24 70.70 8.40 -1.38
N ALA S 25 69.39 8.66 -1.14
CA ALA S 25 68.40 8.71 -2.23
C ALA S 25 68.79 9.69 -3.34
N MET S 26 69.36 10.81 -2.96
CA MET S 26 69.78 11.80 -3.93
C MET S 26 70.92 11.30 -4.78
N GLU S 27 71.73 10.37 -4.27
CA GLU S 27 72.77 9.75 -5.11
C GLU S 27 72.20 8.91 -6.24
N ALA S 28 71.01 8.35 -6.06
CA ALA S 28 70.33 7.67 -7.16
C ALA S 28 70.13 8.62 -8.33
N VAL S 29 69.74 9.86 -8.07
CA VAL S 29 69.57 10.79 -9.18
C VAL S 29 70.91 11.19 -9.81
N LYS S 30 71.94 11.45 -8.99
CA LYS S 30 73.24 11.87 -9.52
C LYS S 30 73.88 10.83 -10.40
N GLN S 31 73.54 9.55 -10.21
CA GLN S 31 74.04 8.48 -11.06
C GLN S 31 73.18 8.17 -12.28
N GLY S 32 71.98 8.73 -12.38
CA GLY S 32 71.20 8.59 -13.63
C GLY S 32 71.86 9.33 -14.79
N SER S 33 71.44 9.03 -16.01
CA SER S 33 72.01 9.71 -17.16
C SER S 33 71.47 11.15 -17.20
N ALA S 34 72.26 12.08 -17.71
CA ALA S 34 71.92 13.49 -17.62
C ALA S 34 70.67 13.86 -18.43
N THR S 35 69.95 14.84 -17.91
CA THR S 35 68.85 15.45 -18.63
C THR S 35 68.91 16.97 -18.39
N VAL S 36 68.44 17.71 -19.38
CA VAL S 36 68.44 19.14 -19.37
C VAL S 36 67.01 19.66 -19.62
N GLY S 37 66.63 20.70 -18.89
CA GLY S 37 65.40 21.44 -19.10
C GLY S 37 65.68 22.95 -19.23
N LEU S 38 65.01 23.59 -20.18
CA LEU S 38 65.10 25.04 -20.34
C LEU S 38 63.82 25.64 -20.99
N LYS S 39 63.66 26.95 -20.89
CA LYS S 39 62.49 27.62 -21.45
C LYS S 39 62.79 28.98 -22.07
N SER S 40 61.91 29.37 -22.97
CA SER S 40 61.87 30.69 -23.53
C SER S 40 60.58 31.35 -23.03
N LYS S 41 60.21 32.48 -23.64
CA LYS S 41 58.91 33.11 -23.44
C LYS S 41 57.72 32.21 -23.84
N THR S 42 57.90 31.36 -24.86
CA THR S 42 56.81 30.58 -25.46
C THR S 42 56.88 29.07 -25.36
N HIS S 43 58.05 28.48 -25.07
CA HIS S 43 58.17 27.01 -25.03
C HIS S 43 59.00 26.52 -23.85
N ALA S 44 58.72 25.30 -23.43
CA ALA S 44 59.52 24.60 -22.44
C ALA S 44 60.02 23.33 -23.12
N VAL S 45 61.34 23.10 -23.02
CA VAL S 45 61.97 21.91 -23.62
C VAL S 45 62.77 21.05 -22.63
N LEU S 46 62.69 19.74 -22.84
CA LEU S 46 63.44 18.74 -22.11
C LEU S 46 64.31 17.99 -23.11
N VAL S 47 65.53 17.70 -22.70
CA VAL S 47 66.46 16.99 -23.53
C VAL S 47 67.08 15.95 -22.64
N ALA S 48 67.19 14.72 -23.10
CA ALA S 48 67.68 13.65 -22.24
C ALA S 48 68.64 12.75 -22.98
N LEU S 49 69.72 12.39 -22.30
CA LEU S 49 70.55 11.26 -22.75
C LEU S 49 70.00 9.95 -22.27
N LYS S 50 69.87 9.00 -23.18
CA LYS S 50 69.40 7.67 -22.85
C LYS S 50 70.55 6.68 -22.81
N ARG S 51 70.57 5.86 -21.76
CA ARG S 51 71.48 4.71 -21.63
C ARG S 51 70.96 3.44 -22.27
N ALA S 52 71.79 2.75 -23.05
CA ALA S 52 71.48 1.38 -23.47
C ALA S 52 72.41 0.44 -22.69
N GLN S 53 71.83 -0.59 -22.05
CA GLN S 53 72.59 -1.58 -21.25
C GLN S 53 73.67 -2.23 -22.14
N SER S 54 73.23 -3.00 -23.13
CA SER S 54 74.13 -3.62 -24.14
C SER S 54 73.94 -2.91 -25.49
N GLU S 55 74.80 -3.26 -26.44
CA GLU S 55 74.69 -2.82 -27.85
C GLU S 55 73.33 -3.20 -28.51
N LEU S 56 72.68 -4.27 -28.02
CA LEU S 56 71.40 -4.80 -28.58
C LEU S 56 70.11 -4.40 -27.82
N ALA S 57 70.27 -3.74 -26.66
CA ALA S 57 69.13 -3.13 -25.96
C ALA S 57 68.73 -1.83 -26.66
N ALA S 58 67.43 -1.52 -26.53
CA ALA S 58 66.92 -0.21 -26.85
C ALA S 58 67.34 0.65 -25.66
N HIS S 59 67.49 1.92 -25.93
CA HIS S 59 67.79 2.91 -24.92
C HIS S 59 66.54 3.14 -24.04
N GLN S 60 66.78 3.32 -22.74
CA GLN S 60 65.75 3.47 -21.74
C GLN S 60 65.02 4.79 -21.95
N LYS S 61 63.69 4.75 -21.94
CA LYS S 61 62.95 5.98 -21.98
C LYS S 61 63.33 6.90 -20.81
N LYS S 62 63.45 8.17 -21.13
CA LYS S 62 63.70 9.19 -20.11
C LYS S 62 62.63 10.26 -20.03
N ILE S 63 61.79 10.40 -21.04
CA ILE S 63 60.83 11.49 -21.13
C ILE S 63 59.44 10.86 -21.20
N LEU S 64 58.50 11.35 -20.37
CA LEU S 64 57.16 10.71 -20.20
C LEU S 64 56.06 11.76 -20.31
N HIS S 65 54.97 11.39 -20.98
CA HIS S 65 53.79 12.26 -21.11
CA HIS S 65 53.74 12.19 -21.11
C HIS S 65 53.00 12.22 -19.79
N VAL S 66 52.62 13.39 -19.29
CA VAL S 66 51.76 13.48 -18.10
C VAL S 66 50.35 13.96 -18.51
N ASP S 67 50.27 15.05 -19.26
CA ASP S 67 48.98 15.53 -19.80
C ASP S 67 49.31 16.36 -21.05
N ASN S 68 48.31 16.85 -21.76
CA ASN S 68 48.55 17.65 -22.96
C ASN S 68 49.53 18.80 -22.76
N HIS S 69 49.57 19.33 -21.55
CA HIS S 69 50.31 20.55 -21.23
C HIS S 69 51.55 20.32 -20.35
N ILE S 70 51.87 19.06 -20.05
CA ILE S 70 52.89 18.69 -19.07
C ILE S 70 53.59 17.41 -19.46
N GLY S 71 54.92 17.43 -19.44
CA GLY S 71 55.71 16.22 -19.57
C GLY S 71 56.90 16.25 -18.61
N ILE S 72 57.51 15.08 -18.39
CA ILE S 72 58.63 14.96 -17.45
C ILE S 72 59.82 14.22 -18.03
N SER S 73 60.99 14.54 -17.46
CA SER S 73 62.24 13.83 -17.67
C SER S 73 62.70 13.31 -16.31
N ILE S 74 63.19 12.09 -16.28
CA ILE S 74 63.45 11.35 -15.05
C ILE S 74 64.96 11.05 -14.88
N ALA S 75 65.39 10.95 -13.64
CA ALA S 75 66.70 10.42 -13.32
C ALA S 75 66.66 9.73 -11.97
N GLY S 76 67.10 8.48 -11.92
CA GLY S 76 67.08 7.70 -10.69
C GLY S 76 66.32 6.42 -10.88
N LEU S 77 65.68 5.92 -9.84
CA LEU S 77 65.04 4.62 -9.92
C LEU S 77 63.81 4.67 -10.84
N THR S 78 63.87 3.87 -11.89
CA THR S 78 62.81 3.81 -12.93
C THR S 78 61.42 3.50 -12.37
N ALA S 79 61.35 2.59 -11.41
CA ALA S 79 60.09 2.16 -10.85
C ALA S 79 59.46 3.26 -10.00
N ASP S 80 60.29 4.00 -9.23
CA ASP S 80 59.83 5.22 -8.56
C ASP S 80 59.37 6.30 -9.54
N ALA S 81 60.06 6.43 -10.68
CA ALA S 81 59.69 7.39 -11.68
C ALA S 81 58.28 7.06 -12.22
N ARG S 82 58.01 5.79 -12.50
CA ARG S 82 56.68 5.41 -12.98
C ARG S 82 55.57 5.62 -11.93
N LEU S 83 55.86 5.33 -10.69
CA LEU S 83 54.89 5.53 -9.62
C LEU S 83 54.54 7.01 -9.50
N LEU S 84 55.55 7.88 -9.51
CA LEU S 84 55.35 9.31 -9.43
C LEU S 84 54.68 9.88 -10.68
N CYS S 85 55.06 9.39 -11.84
CA CYS S 85 54.41 9.78 -13.08
C CYS S 85 52.91 9.41 -13.08
N ASN S 86 52.58 8.21 -12.57
CA ASN S 86 51.18 7.78 -12.51
C ASN S 86 50.37 8.66 -11.55
N PHE S 87 50.96 9.04 -10.43
CA PHE S 87 50.36 9.99 -9.49
C PHE S 87 50.08 11.33 -10.19
N MET S 88 51.07 11.85 -10.91
CA MET S 88 50.92 13.09 -11.65
C MET S 88 49.77 13.06 -12.68
N ARG S 89 49.74 11.96 -13.43
CA ARG S 89 48.73 11.72 -14.44
C ARG S 89 47.32 11.75 -13.83
N GLN S 90 47.18 11.08 -12.70
CA GLN S 90 45.93 10.96 -12.01
C GLN S 90 45.49 12.36 -11.49
N GLU S 91 46.41 13.14 -10.93
CA GLU S 91 46.10 14.49 -10.45
C GLU S 91 45.62 15.38 -11.60
N CYS S 92 46.25 15.25 -12.77
CA CYS S 92 45.79 15.97 -13.95
C CYS S 92 44.42 15.54 -14.47
N LEU S 93 44.14 14.23 -14.47
CA LEU S 93 42.81 13.73 -14.86
C LEU S 93 41.72 14.21 -13.89
N ASP S 94 41.99 14.15 -12.59
CA ASP S 94 41.09 14.65 -11.55
C ASP S 94 40.72 16.13 -11.79
N SER S 95 41.72 16.96 -12.07
CA SER S 95 41.46 18.36 -12.32
C SER S 95 40.60 18.61 -13.54
N ARG S 96 40.86 17.91 -14.66
CA ARG S 96 39.98 18.03 -15.82
C ARG S 96 38.57 17.51 -15.55
N PHE S 97 38.44 16.44 -14.76
CA PHE S 97 37.15 15.88 -14.42
C PHE S 97 36.30 16.88 -13.61
N VAL S 98 36.90 17.43 -12.58
CA VAL S 98 36.23 18.29 -11.61
C VAL S 98 35.96 19.68 -12.22
N PHE S 99 37.01 20.29 -12.78
CA PHE S 99 37.00 21.70 -13.17
C PHE S 99 36.94 21.93 -14.68
N ASP S 100 37.06 20.87 -15.47
CA ASP S 100 37.12 20.98 -16.93
C ASP S 100 38.19 21.95 -17.45
N ARG S 101 39.33 22.01 -16.78
CA ARG S 101 40.47 22.81 -17.22
C ARG S 101 41.80 22.20 -16.76
N PRO S 102 42.91 22.53 -17.47
CA PRO S 102 44.22 21.88 -17.09
C PRO S 102 44.68 22.27 -15.70
N LEU S 103 45.25 21.32 -14.98
CA LEU S 103 45.82 21.59 -13.66
C LEU S 103 47.02 22.56 -13.83
N PRO S 104 47.01 23.72 -13.14
CA PRO S 104 48.19 24.55 -13.27
C PRO S 104 49.47 23.83 -12.82
N VAL S 105 50.56 24.08 -13.55
CA VAL S 105 51.81 23.34 -13.35
C VAL S 105 52.34 23.48 -11.92
N SER S 106 52.37 24.69 -11.40
CA SER S 106 52.85 24.94 -10.02
C SER S 106 52.02 24.26 -8.94
N ARG S 107 50.72 24.06 -9.17
CA ARG S 107 49.91 23.28 -8.23
C ARG S 107 50.25 21.80 -8.27
N LEU S 108 50.48 21.27 -9.47
CA LEU S 108 50.87 19.88 -9.59
C LEU S 108 52.20 19.66 -8.84
N VAL S 109 53.14 20.59 -9.01
CA VAL S 109 54.47 20.42 -8.35
C VAL S 109 54.32 20.44 -6.81
N SER S 110 53.49 21.35 -6.27
CA SER S 110 53.12 21.32 -4.84
C SER S 110 52.59 20.00 -4.35
N LEU S 111 51.66 19.41 -5.11
CA LEU S 111 51.14 18.07 -4.79
C LEU S 111 52.26 17.01 -4.74
N ILE S 112 53.24 17.09 -5.63
CA ILE S 112 54.39 16.15 -5.63
C ILE S 112 55.21 16.34 -4.35
N GLY S 113 55.49 17.58 -4.02
CA GLY S 113 56.18 17.95 -2.75
C GLY S 113 55.47 17.33 -1.54
N SER S 114 54.14 17.50 -1.46
CA SER S 114 53.39 16.93 -0.33
C SER S 114 53.45 15.44 -0.32
N LYS S 115 53.16 14.83 -1.45
CA LYS S 115 53.19 13.37 -1.53
C LYS S 115 54.58 12.80 -1.17
N THR S 116 55.64 13.36 -1.74
CA THR S 116 56.98 12.79 -1.56
C THR S 116 57.59 13.08 -0.19
N GLN S 117 57.09 14.07 0.52
CA GLN S 117 57.57 14.39 1.87
C GLN S 117 57.14 13.35 2.92
N ILE S 118 55.94 12.80 2.75
CA ILE S 118 55.32 11.89 3.72
C ILE S 118 56.20 10.71 4.12
N PRO S 119 56.66 9.89 3.16
CA PRO S 119 57.50 8.77 3.61
C PRO S 119 58.87 9.21 4.25
N THR S 120 59.31 10.46 4.11
CA THR S 120 60.58 10.91 4.74
C THR S 120 60.47 11.09 6.26
N GLN S 121 59.27 10.93 6.80
CA GLN S 121 59.03 11.17 8.21
C GLN S 121 58.46 10.00 8.98
N ARG S 122 58.27 8.86 8.34
CA ARG S 122 57.71 7.67 8.93
C ARG S 122 58.63 6.45 8.89
N TYR S 123 58.68 5.73 10.01
CA TYR S 123 59.61 4.64 10.20
C TYR S 123 59.34 3.53 9.22
N GLY S 124 60.42 2.97 8.68
CA GLY S 124 60.32 1.91 7.71
C GLY S 124 59.90 2.32 6.30
N ARG S 125 59.64 3.61 6.05
CA ARG S 125 59.36 4.09 4.70
C ARG S 125 60.67 4.64 4.11
N ARG S 126 60.68 5.00 2.85
CA ARG S 126 61.92 5.55 2.28
C ARG S 126 61.60 6.70 1.41
N PRO S 127 62.57 7.57 1.15
CA PRO S 127 62.32 8.54 0.11
C PRO S 127 62.16 7.93 -1.28
N TYR S 128 61.51 8.71 -2.15
CA TYR S 128 61.49 8.42 -3.58
C TYR S 128 62.92 8.62 -4.14
N GLY S 129 63.43 7.66 -4.89
CA GLY S 129 64.76 7.76 -5.39
C GLY S 129 64.80 8.26 -6.82
N VAL S 130 64.09 9.34 -7.07
CA VAL S 130 63.96 9.86 -8.41
C VAL S 130 63.89 11.38 -8.37
N GLY S 131 64.49 12.01 -9.37
CA GLY S 131 64.48 13.44 -9.51
C GLY S 131 63.83 13.65 -10.84
N LEU S 132 63.03 14.72 -10.94
CA LEU S 132 62.30 15.03 -12.16
C LEU S 132 62.62 16.41 -12.66
N LEU S 133 62.71 16.55 -13.96
CA LEU S 133 62.57 17.83 -14.62
C LEU S 133 61.16 17.85 -15.25
N ILE S 134 60.40 18.91 -14.94
CA ILE S 134 58.98 19.04 -15.35
C ILE S 134 58.82 20.24 -16.29
N ALA S 135 58.41 19.95 -17.53
CA ALA S 135 58.13 21.00 -18.51
C ALA S 135 56.62 21.14 -18.64
N GLY S 136 56.14 22.37 -18.60
CA GLY S 136 54.70 22.61 -18.72
C GLY S 136 54.40 23.97 -19.27
N TYR S 137 53.15 24.14 -19.71
CA TYR S 137 52.65 25.41 -20.22
C TYR S 137 51.24 25.62 -19.71
N ASP S 138 51.00 26.76 -19.08
CA ASP S 138 49.66 27.12 -18.62
C ASP S 138 49.49 28.63 -18.78
N ASP S 139 48.52 29.19 -18.08
CA ASP S 139 48.17 30.61 -18.19
C ASP S 139 49.28 31.50 -17.76
N MET S 140 50.20 31.00 -16.93
CA MET S 140 51.38 31.78 -16.58
C MET S 140 52.55 31.49 -17.51
N GLY S 141 52.30 30.90 -18.68
CA GLY S 141 53.37 30.64 -19.65
C GLY S 141 54.15 29.35 -19.42
N PRO S 142 55.38 29.26 -19.98
CA PRO S 142 56.17 28.03 -19.85
C PRO S 142 56.78 27.88 -18.48
N HIS S 143 56.97 26.63 -18.06
CA HIS S 143 57.67 26.33 -16.80
C HIS S 143 58.65 25.18 -16.92
N ILE S 144 59.74 25.29 -16.17
CA ILE S 144 60.62 24.19 -15.86
C ILE S 144 60.71 24.08 -14.36
N PHE S 145 60.29 22.94 -13.81
CA PHE S 145 60.48 22.68 -12.38
C PHE S 145 61.39 21.47 -12.19
N GLN S 146 62.06 21.41 -11.04
CA GLN S 146 62.87 20.29 -10.63
C GLN S 146 62.35 19.78 -9.30
N THR S 147 62.20 18.47 -9.18
CA THR S 147 61.80 17.84 -7.91
C THR S 147 62.92 16.88 -7.46
N 6V1 S 148 63.03 16.67 -6.14
CA 6V1 S 148 64.11 15.92 -5.53
C 6V1 S 148 63.58 14.91 -4.55
O 6V1 S 148 62.50 15.08 -4.05
CB 6V1 S 148 65.03 16.81 -4.69
SG 6V1 S 148 65.57 18.21 -5.65
C1 6V1 S 148 67.36 18.14 -5.32
C2 6V1 S 148 68.10 17.07 -6.14
N3 6V1 S 148 69.27 17.51 -6.65
C4 6V1 S 148 69.41 18.82 -6.40
C5 6V1 S 148 68.21 19.39 -5.62
C6 6V1 S 148 70.15 16.68 -7.51
O7 6V1 S 148 67.69 15.94 -6.37
O8 6V1 S 148 70.32 19.53 -6.84
C3 6V1 S 148 70.89 15.59 -6.76
N PRO S 149 64.38 13.87 -4.24
CA PRO S 149 64.05 12.89 -3.19
C PRO S 149 63.86 13.45 -1.80
N SER S 150 64.44 14.63 -1.54
CA SER S 150 64.16 15.37 -0.31
C SER S 150 62.69 15.91 -0.23
N ALA S 151 61.94 15.84 -1.33
CA ALA S 151 60.59 16.44 -1.50
C ALA S 151 60.62 17.93 -1.76
N ASN S 152 61.81 18.56 -1.75
CA ASN S 152 61.92 19.93 -2.18
CA ASN S 152 61.99 19.92 -2.22
C ASN S 152 61.75 19.99 -3.71
N TYR S 153 61.37 21.17 -4.16
CA TYR S 153 61.24 21.44 -5.57
C TYR S 153 61.58 22.89 -5.82
N PHE S 154 61.88 23.18 -7.08
CA PHE S 154 62.48 24.41 -7.50
C PHE S 154 61.84 24.85 -8.78
N ASP S 155 61.60 26.14 -8.91
CA ASP S 155 61.17 26.76 -10.16
C ASP S 155 62.41 27.30 -10.87
N CYS S 156 62.63 26.90 -12.12
CA CYS S 156 63.91 27.11 -12.80
C CYS S 156 63.81 27.86 -14.12
N ARG S 157 64.80 28.69 -14.39
CA ARG S 157 65.01 29.24 -15.74
C ARG S 157 65.50 28.12 -16.68
N ALA S 158 66.34 27.25 -16.11
CA ALA S 158 66.84 26.06 -16.78
C ALA S 158 67.49 25.20 -15.72
N MET S 159 67.71 23.93 -16.02
CA MET S 159 68.32 23.02 -15.04
C MET S 159 68.85 21.78 -15.73
N SER S 160 69.80 21.12 -15.07
CA SER S 160 70.29 19.80 -15.46
C SER S 160 70.51 19.00 -14.21
N ILE S 161 70.13 17.72 -14.26
CA ILE S 161 70.35 16.75 -13.19
C ILE S 161 70.96 15.49 -13.83
N GLY S 162 71.58 14.67 -12.99
CA GLY S 162 72.14 13.39 -13.38
C GLY S 162 73.66 13.48 -13.51
N ALA S 163 74.26 12.47 -14.13
CA ALA S 163 75.73 12.30 -14.08
C ALA S 163 76.41 13.34 -14.93
N ARG S 164 77.39 14.00 -14.34
CA ARG S 164 78.12 15.10 -14.95
C ARG S 164 77.25 16.28 -15.38
N SER S 165 76.13 16.46 -14.71
CA SER S 165 75.23 17.58 -14.99
C SER S 165 75.80 18.96 -14.60
N GLN S 166 76.83 18.99 -13.74
CA GLN S 166 77.55 20.22 -13.42
C GLN S 166 78.03 20.94 -14.69
N SER S 167 78.53 20.20 -15.67
CA SER S 167 78.95 20.80 -16.94
C SER S 167 77.83 21.44 -17.70
N ALA S 168 76.69 20.75 -17.72
CA ALA S 168 75.53 21.27 -18.37
C ALA S 168 75.10 22.59 -17.69
N ARG S 169 75.04 22.55 -16.36
CA ARG S 169 74.63 23.72 -15.58
C ARG S 169 75.53 24.91 -15.85
N THR S 170 76.84 24.66 -15.95
CA THR S 170 77.79 25.72 -16.30
C THR S 170 77.53 26.33 -17.70
N TYR S 171 77.23 25.49 -18.68
CA TYR S 171 76.82 26.00 -20.01
C TYR S 171 75.52 26.85 -19.90
N LEU S 172 74.53 26.32 -19.21
CA LEU S 172 73.21 26.98 -19.07
C LEU S 172 73.33 28.37 -18.42
N GLU S 173 74.11 28.48 -17.33
CA GLU S 173 74.41 29.78 -16.72
C GLU S 173 75.06 30.75 -17.68
N ARG S 174 76.04 30.26 -18.43
CA ARG S 174 76.75 31.05 -19.44
C ARG S 174 75.82 31.64 -20.53
N HIS S 175 74.77 30.93 -20.94
CA HIS S 175 73.90 31.38 -22.06
C HIS S 175 72.46 31.76 -21.70
N MET S 176 72.08 31.73 -20.43
CA MET S 176 70.68 31.86 -20.03
C MET S 176 70.05 33.22 -20.32
N SER S 177 70.85 34.27 -20.42
CA SER S 177 70.34 35.59 -20.82
C SER S 177 69.84 35.63 -22.28
N GLU S 178 70.19 34.63 -23.09
CA GLU S 178 69.65 34.46 -24.45
C GLU S 178 68.34 33.66 -24.54
N PHE S 179 67.98 32.87 -23.52
CA PHE S 179 66.92 31.88 -23.70
C PHE S 179 65.53 32.49 -23.94
N MET S 180 65.19 33.57 -23.25
CA MET S 180 63.80 34.06 -23.24
C MET S 180 63.35 34.48 -24.66
N GLU S 181 64.26 35.02 -25.44
CA GLU S 181 63.96 35.48 -26.82
C GLU S 181 64.28 34.48 -27.92
N CYS S 182 64.68 33.25 -27.57
CA CYS S 182 65.00 32.24 -28.59
C CYS S 182 63.77 31.75 -29.31
N ASN S 183 63.87 31.56 -30.62
CA ASN S 183 62.91 30.71 -31.33
C ASN S 183 63.07 29.25 -30.86
N LEU S 184 62.16 28.39 -31.26
CA LEU S 184 62.14 27.02 -30.73
C LEU S 184 63.42 26.26 -31.08
N ASN S 185 63.86 26.39 -32.33
CA ASN S 185 65.02 25.68 -32.81
C ASN S 185 66.30 26.07 -32.07
N GLU S 186 66.49 27.37 -31.88
CA GLU S 186 67.58 27.91 -31.07
C GLU S 186 67.56 27.38 -29.66
N LEU S 187 66.38 27.34 -29.05
CA LEU S 187 66.25 26.89 -27.67
C LEU S 187 66.60 25.41 -27.52
N VAL S 188 66.16 24.58 -28.45
CA VAL S 188 66.45 23.14 -28.39
C VAL S 188 67.95 22.89 -28.61
N LYS S 189 68.53 23.58 -29.59
CA LYS S 189 69.99 23.55 -29.85
C LYS S 189 70.77 23.89 -28.58
N HIS S 190 70.34 24.93 -27.85
CA HIS S 190 70.94 25.25 -26.54
C HIS S 190 70.84 24.07 -25.56
N GLY S 191 69.66 23.42 -25.49
CA GLY S 191 69.48 22.24 -24.68
C GLY S 191 70.46 21.11 -25.03
N LEU S 192 70.61 20.86 -26.33
CA LEU S 192 71.49 19.84 -26.84
C LEU S 192 72.98 20.14 -26.57
N ARG S 193 73.40 21.40 -26.74
CA ARG S 193 74.76 21.80 -26.43
C ARG S 193 75.07 21.65 -24.94
N ALA S 194 74.12 21.99 -24.08
CA ALA S 194 74.30 21.77 -22.64
C ALA S 194 74.46 20.27 -22.31
N LEU S 195 73.59 19.44 -22.84
CA LEU S 195 73.62 18.01 -22.61
C LEU S 195 74.93 17.40 -23.13
N ARG S 196 75.37 17.86 -24.30
CA ARG S 196 76.62 17.39 -24.91
C ARG S 196 77.85 17.66 -24.05
N GLU S 197 77.81 18.70 -23.22
CA GLU S 197 78.89 18.96 -22.25
C GLU S 197 79.05 17.88 -21.19
N THR S 198 78.01 17.08 -20.96
CA THR S 198 78.04 16.01 -19.98
C THR S 198 78.76 14.77 -20.49
N LEU S 199 79.01 14.69 -21.79
CA LEU S 199 79.62 13.51 -22.42
C LEU S 199 81.14 13.47 -22.35
N PRO S 200 81.72 12.24 -22.24
CA PRO S 200 83.16 12.12 -22.44
C PRO S 200 83.57 12.69 -23.79
N ALA S 201 84.79 13.24 -23.88
CA ALA S 201 85.25 13.98 -25.07
C ALA S 201 85.15 13.18 -26.38
N GLU S 202 85.28 11.87 -26.26
CA GLU S 202 85.17 10.90 -27.38
C GLU S 202 83.74 10.71 -27.91
N GLN S 203 82.74 10.86 -27.04
CA GLN S 203 81.34 10.48 -27.31
C GLN S 203 80.56 11.68 -27.89
N ASP S 204 79.59 11.42 -28.79
CA ASP S 204 78.76 12.45 -29.43
C ASP S 204 77.25 12.18 -29.30
N LEU S 205 76.43 13.21 -29.52
CA LEU S 205 74.98 13.05 -29.59
C LEU S 205 74.62 12.32 -30.85
N THR S 206 73.71 11.35 -30.74
CA THR S 206 73.25 10.62 -31.91
C THR S 206 71.75 10.47 -31.82
N THR S 207 71.15 9.99 -32.89
CA THR S 207 69.72 9.71 -32.90
C THR S 207 69.35 8.56 -31.97
N LYS S 208 70.30 7.69 -31.65
CA LYS S 208 70.07 6.57 -30.72
C LYS S 208 70.08 6.98 -29.26
N ASN S 209 70.87 7.99 -28.88
CA ASN S 209 70.98 8.36 -27.46
C ASN S 209 70.28 9.64 -27.00
N VAL S 210 69.65 10.42 -27.89
CA VAL S 210 69.02 11.69 -27.51
C VAL S 210 67.51 11.52 -27.59
N SER S 211 66.83 12.04 -26.58
CA SER S 211 65.38 12.11 -26.55
C SER S 211 64.99 13.57 -26.23
N ILE S 212 63.95 14.08 -26.90
CA ILE S 212 63.52 15.47 -26.80
C ILE S 212 62.00 15.56 -26.49
N GLY S 213 61.66 16.47 -25.58
CA GLY S 213 60.28 16.80 -25.24
C GLY S 213 60.04 18.28 -25.30
N ILE S 214 58.92 18.68 -25.90
CA ILE S 214 58.60 20.08 -26.16
C ILE S 214 57.13 20.33 -25.87
N VAL S 215 56.86 21.45 -25.21
CA VAL S 215 55.50 21.97 -25.03
C VAL S 215 55.56 23.49 -25.11
N GLY S 216 54.49 24.11 -25.61
CA GLY S 216 54.42 25.57 -25.66
C GLY S 216 53.05 26.08 -26.04
N LYS S 217 52.97 27.38 -26.32
CA LYS S 217 51.70 28.08 -26.64
C LYS S 217 50.87 27.35 -27.70
N ASP S 218 51.49 26.99 -28.83
CA ASP S 218 50.79 26.33 -29.94
C ASP S 218 51.08 24.82 -30.04
N LEU S 219 51.62 24.20 -28.97
CA LEU S 219 52.13 22.83 -29.07
C LEU S 219 51.87 22.02 -27.80
N GLU S 220 51.08 20.97 -27.92
CA GLU S 220 50.89 19.99 -26.84
C GLU S 220 52.20 19.21 -26.59
N PHE S 221 52.35 18.68 -25.38
CA PHE S 221 53.57 18.00 -25.03
C PHE S 221 53.81 16.84 -26.01
N THR S 222 54.94 16.91 -26.70
CA THR S 222 55.33 15.95 -27.76
C THR S 222 56.76 15.40 -27.47
N ILE S 223 56.94 14.09 -27.66
CA ILE S 223 58.22 13.42 -27.48
C ILE S 223 58.82 13.05 -28.84
N TYR S 224 60.10 13.38 -29.03
CA TYR S 224 60.85 13.08 -30.25
C TYR S 224 61.98 12.09 -29.94
N ASP S 225 61.97 10.95 -30.63
CA ASP S 225 62.96 9.89 -30.45
C ASP S 225 63.40 9.39 -31.80
N ASP S 226 64.58 8.75 -31.81
CA ASP S 226 65.11 8.02 -32.95
C ASP S 226 65.19 8.89 -34.17
N ASP S 227 64.62 8.48 -35.30
CA ASP S 227 64.68 9.31 -36.51
C ASP S 227 64.08 10.71 -36.33
N ASP S 228 63.11 10.87 -35.42
CA ASP S 228 62.50 12.20 -35.22
C ASP S 228 63.38 13.26 -34.51
N VAL S 229 64.53 12.88 -33.93
CA VAL S 229 65.42 13.88 -33.36
C VAL S 229 66.39 14.46 -34.37
N SER S 230 66.57 13.79 -35.52
CA SER S 230 67.51 14.24 -36.58
C SER S 230 67.38 15.69 -37.02
N PRO S 231 66.15 16.18 -37.27
CA PRO S 231 66.01 17.62 -37.59
C PRO S 231 66.71 18.56 -36.59
N PHE S 232 66.61 18.24 -35.30
CA PHE S 232 67.23 19.04 -34.23
C PHE S 232 68.75 18.89 -34.12
N LEU S 233 69.30 17.73 -34.46
CA LEU S 233 70.74 17.47 -34.35
C LEU S 233 71.57 18.12 -35.44
N GLU S 234 70.95 18.54 -36.52
CA GLU S 234 71.66 19.28 -37.55
C GLU S 234 70.88 20.57 -37.86
N GLY S 235 71.03 21.62 -37.04
CA GLY S 235 71.86 21.65 -35.83
C GLY S 235 73.34 21.59 -36.15
N LEU S 236 74.11 21.15 -35.15
CA LEU S 236 75.52 20.70 -35.30
C LEU S 236 76.55 21.81 -35.19
N GLU S 237 76.43 22.63 -34.16
CA GLU S 237 77.40 23.69 -33.90
C GLU S 237 78.52 23.19 -32.98
N GLU S 238 79.57 22.60 -33.57
CA GLU S 238 80.85 22.21 -32.88
C GLU S 238 81.49 20.94 -33.49
N ARG S 239 82.79 20.65 -33.31
CA ARG S 239 83.89 21.41 -32.60
C ARG S 239 83.63 21.95 -31.16
N THR T 6 75.83 11.90 22.30
CA THR T 6 74.88 10.99 23.01
C THR T 6 75.01 9.49 22.67
N GLY T 7 73.96 8.70 22.90
CA GLY T 7 74.17 7.27 23.23
C GLY T 7 73.19 6.20 22.76
N TYR T 8 71.86 6.41 22.72
CA TYR T 8 70.85 7.38 23.42
C TYR T 8 70.13 8.43 22.55
N ASP T 9 70.52 8.56 21.29
CA ASP T 9 70.12 9.67 20.48
C ASP T 9 69.46 9.22 19.15
N LEU T 10 68.91 8.00 19.09
CA LEU T 10 68.41 7.46 17.84
C LEU T 10 66.89 7.54 17.69
N SER T 11 66.16 7.78 18.78
CA SER T 11 64.72 7.77 18.76
C SER T 11 64.14 8.90 19.58
N ALA T 12 63.07 9.53 19.11
CA ALA T 12 62.36 10.54 19.90
C ALA T 12 61.55 9.94 21.06
N SER T 13 61.37 8.60 21.11
CA SER T 13 60.83 7.92 22.28
C SER T 13 61.86 7.52 23.38
N THR T 14 63.10 8.02 23.31
CA THR T 14 64.14 7.67 24.27
C THR T 14 64.72 8.94 24.91
N PHE T 15 64.63 9.03 26.23
CA PHE T 15 65.34 10.06 26.98
C PHE T 15 66.80 9.62 27.11
N SER T 16 67.72 10.56 27.06
CA SER T 16 69.09 10.33 27.54
C SER T 16 69.12 10.34 29.07
N PRO T 17 70.22 9.84 29.69
CA PRO T 17 70.29 9.85 31.16
C PRO T 17 70.13 11.23 31.83
N ASP T 18 70.38 12.33 31.10
CA ASP T 18 70.26 13.70 31.62
C ASP T 18 68.92 14.32 31.32
N GLY T 19 68.01 13.54 30.73
CA GLY T 19 66.66 13.99 30.47
C GLY T 19 66.51 14.79 29.20
N ARG T 20 67.36 14.54 28.21
CA ARG T 20 67.28 15.26 26.93
C ARG T 20 66.68 14.33 25.90
N VAL T 21 66.13 14.92 24.85
CA VAL T 21 65.63 14.16 23.72
C VAL T 21 66.46 14.62 22.55
N PHE T 22 67.56 13.89 22.27
CA PHE T 22 68.51 14.36 21.27
C PHE T 22 67.97 14.44 19.85
N GLN T 23 67.03 13.55 19.47
CA GLN T 23 66.46 13.65 18.13
C GLN T 23 65.79 15.01 17.90
N VAL T 24 65.17 15.57 18.94
CA VAL T 24 64.58 16.93 18.85
C VAL T 24 65.70 17.98 18.71
N GLU T 25 66.75 17.83 19.49
CA GLU T 25 67.92 18.73 19.38
C GLU T 25 68.59 18.69 18.00
N TYR T 26 68.62 17.50 17.38
CA TYR T 26 69.21 17.37 16.06
C TYR T 26 68.37 18.03 14.99
N ALA T 27 67.06 17.89 15.11
CA ALA T 27 66.12 18.61 14.28
C ALA T 27 66.29 20.13 14.39
N MET T 28 66.51 20.62 15.61
CA MET T 28 66.85 22.05 15.83
C MET T 28 68.13 22.49 15.13
N LYS T 29 69.11 21.59 15.00
CA LYS T 29 70.34 21.90 14.28
C LYS T 29 70.08 22.10 12.79
N ALA T 30 69.10 21.38 12.21
CA ALA T 30 68.75 21.62 10.79
C ALA T 30 68.19 23.05 10.56
N VAL T 31 67.46 23.55 11.53
CA VAL T 31 66.91 24.92 11.49
C VAL T 31 68.09 25.87 11.64
N GLU T 32 68.95 25.59 12.59
CA GLU T 32 70.12 26.45 12.79
C GLU T 32 71.19 26.46 11.67
N ASN T 33 71.14 25.52 10.75
CA ASN T 33 71.94 25.57 9.50
C ASN T 33 71.32 26.36 8.34
N SER T 34 70.05 26.71 8.49
CA SER T 34 69.31 27.44 7.49
C SER T 34 69.60 28.97 7.57
N SER T 35 69.46 29.68 6.44
CA SER T 35 69.61 31.13 6.43
C SER T 35 68.48 31.79 7.22
N THR T 36 68.63 33.06 7.53
CA THR T 36 67.86 33.67 8.59
C THR T 36 66.51 34.24 8.10
N ALA T 37 65.50 34.03 8.92
CA ALA T 37 64.19 34.68 8.77
C ALA T 37 63.92 35.50 10.03
N ILE T 38 63.29 36.67 9.89
CA ILE T 38 62.89 37.49 11.05
C ILE T 38 61.42 37.97 10.95
N GLY T 39 60.81 38.15 12.11
CA GLY T 39 59.54 38.82 12.20
C GLY T 39 59.59 39.93 13.22
N ILE T 40 58.84 40.99 12.95
CA ILE T 40 58.74 42.10 13.86
C ILE T 40 57.28 42.55 13.90
N ARG T 41 56.72 42.56 15.10
CA ARG T 41 55.43 43.17 15.39
C ARG T 41 55.59 44.66 15.70
N CYS T 42 54.68 45.48 15.22
CA CYS T 42 54.76 46.90 15.49
C CYS T 42 53.38 47.45 15.78
N LYS T 43 53.24 48.78 15.73
CA LYS T 43 52.04 49.47 16.21
C LYS T 43 50.78 48.92 15.53
N ASP T 44 50.87 48.66 14.22
CA ASP T 44 49.70 48.41 13.36
C ASP T 44 49.84 47.15 12.45
N GLY T 45 50.70 46.20 12.83
CA GLY T 45 50.93 45.03 12.01
C GLY T 45 52.18 44.22 12.31
N VAL T 46 52.42 43.26 11.43
CA VAL T 46 53.57 42.38 11.48
C VAL T 46 54.24 42.37 10.10
N VAL T 47 55.57 42.39 10.12
CA VAL T 47 56.40 42.34 8.91
C VAL T 47 57.37 41.12 9.02
N PHE T 48 57.49 40.36 7.92
CA PHE T 48 58.44 39.25 7.82
C PHE T 48 59.48 39.53 6.76
N GLY T 49 60.70 39.05 7.04
CA GLY T 49 61.82 39.13 6.10
C GLY T 49 62.62 37.84 6.10
N VAL T 50 63.07 37.42 4.92
CA VAL T 50 63.88 36.21 4.80
C VAL T 50 65.07 36.44 3.88
N GLU T 51 66.24 36.03 4.39
CA GLU T 51 67.48 35.99 3.64
C GLU T 51 67.41 34.71 2.80
N LYS T 52 67.16 34.82 1.51
CA LYS T 52 66.88 33.63 0.75
C LYS T 52 68.11 33.39 -0.11
N LEU T 53 68.90 32.39 0.27
CA LEU T 53 70.15 32.12 -0.42
C LEU T 53 69.81 31.62 -1.80
N VAL T 54 70.49 32.15 -2.81
CA VAL T 54 70.32 31.68 -4.17
C VAL T 54 71.51 30.74 -4.46
N LEU T 55 71.22 29.44 -4.52
CA LEU T 55 72.25 28.41 -4.64
C LEU T 55 72.64 28.20 -6.08
N SER T 56 71.80 28.67 -7.00
CA SER T 56 72.15 28.66 -8.42
C SER T 56 71.48 29.85 -9.10
N LYS T 57 72.22 30.48 -10.00
CA LYS T 57 71.67 31.49 -10.90
C LYS T 57 70.64 30.92 -11.90
N LEU T 58 70.55 29.58 -12.02
CA LEU T 58 69.55 28.96 -12.89
C LEU T 58 68.11 29.00 -12.35
N TYR T 59 67.94 29.24 -11.05
CA TYR T 59 66.61 29.39 -10.45
C TYR T 59 65.90 30.71 -10.76
N GLU T 60 64.57 30.65 -10.86
CA GLU T 60 63.73 31.82 -11.05
C GLU T 60 63.73 32.65 -9.81
N GLU T 61 63.68 33.97 -9.96
CA GLU T 61 63.23 34.85 -8.85
C GLU T 61 61.88 34.37 -8.31
N GLY T 62 61.75 34.22 -7.00
CA GLY T 62 60.54 33.62 -6.40
C GLY T 62 60.64 32.13 -6.05
N SER T 63 61.50 31.38 -6.71
CA SER T 63 61.64 29.94 -6.36
C SER T 63 61.89 29.70 -4.85
N ASN T 64 61.41 28.57 -4.35
CA ASN T 64 61.59 28.20 -2.94
C ASN T 64 61.21 29.32 -1.97
N LYS T 65 60.02 29.89 -2.16
CA LYS T 65 59.48 30.85 -1.20
C LYS T 65 59.55 30.29 0.21
N ARG T 66 59.93 31.13 1.15
CA ARG T 66 59.92 30.78 2.57
C ARG T 66 58.85 31.56 3.32
N LEU T 67 58.03 32.30 2.59
CA LEU T 67 56.88 33.04 3.13
C LEU T 67 55.58 32.50 2.49
N PHE T 68 54.63 32.12 3.34
CA PHE T 68 53.34 31.45 2.95
C PHE T 68 52.13 32.16 3.49
N ASN T 69 51.02 32.15 2.75
CA ASN T 69 49.72 32.56 3.30
C ASN T 69 49.10 31.29 3.84
N VAL T 70 48.83 31.25 5.15
CA VAL T 70 48.14 30.10 5.71
C VAL T 70 46.62 30.37 5.93
N ASP T 71 46.23 31.63 6.06
CA ASP T 71 44.81 32.03 5.93
C ASP T 71 44.84 33.43 5.36
N ARG T 72 43.68 34.00 5.05
CA ARG T 72 43.69 35.33 4.43
C ARG T 72 44.33 36.38 5.35
N HIS T 73 44.21 36.17 6.65
CA HIS T 73 44.74 37.06 7.67
C HIS T 73 46.04 36.57 8.35
N VAL T 74 46.61 35.44 7.91
CA VAL T 74 47.77 34.82 8.59
C VAL T 74 48.88 34.48 7.63
N GLY T 75 50.04 35.02 7.92
CA GLY T 75 51.28 34.71 7.19
C GLY T 75 52.19 33.82 7.99
N MET T 76 53.00 33.06 7.26
CA MET T 76 53.92 32.12 7.89
C MET T 76 55.31 32.30 7.27
N ALA T 77 56.33 32.40 8.12
CA ALA T 77 57.73 32.50 7.69
C ALA T 77 58.55 31.38 8.30
N VAL T 78 59.36 30.71 7.48
CA VAL T 78 59.94 29.42 7.87
C VAL T 78 61.45 29.39 7.76
N ALA T 79 62.05 28.53 8.54
CA ALA T 79 63.48 28.17 8.38
C ALA T 79 63.64 26.68 8.62
N GLY T 80 64.62 26.08 7.97
CA GLY T 80 64.92 24.66 8.18
C GLY T 80 64.63 23.87 6.92
N LEU T 81 64.25 22.62 7.08
CA LEU T 81 64.09 21.73 5.94
C LEU T 81 62.78 22.10 5.22
N LEU T 82 62.88 22.52 3.97
CA LEU T 82 61.79 23.26 3.34
C LEU T 82 60.56 22.33 3.06
N ALA T 83 60.78 21.07 2.68
CA ALA T 83 59.68 20.09 2.55
C ALA T 83 58.91 19.89 3.87
N ASP T 84 59.61 19.86 5.01
CA ASP T 84 58.94 19.79 6.29
C ASP T 84 58.12 21.07 6.54
N ALA T 85 58.70 22.26 6.24
CA ALA T 85 58.00 23.52 6.42
C ALA T 85 56.71 23.60 5.55
N ARG T 86 56.80 23.17 4.29
CA ARG T 86 55.64 23.16 3.41
C ARG T 86 54.50 22.23 3.89
N SER T 87 54.88 21.09 4.45
CA SER T 87 53.95 20.21 5.10
C SER T 87 53.21 20.89 6.28
N LEU T 88 53.96 21.62 7.09
CA LEU T 88 53.41 22.35 8.22
C LEU T 88 52.51 23.50 7.79
N ALA T 89 52.85 24.18 6.70
CA ALA T 89 52.01 25.20 6.12
C ALA T 89 50.67 24.55 5.70
N ASP T 90 50.73 23.35 5.12
CA ASP T 90 49.48 22.66 4.78
C ASP T 90 48.65 22.27 6.02
N ILE T 91 49.31 21.81 7.08
CA ILE T 91 48.61 21.54 8.33
C ILE T 91 47.94 22.83 8.84
N ALA T 92 48.69 23.94 8.83
CA ALA T 92 48.17 25.20 9.31
C ALA T 92 46.93 25.61 8.53
N ARG T 93 47.00 25.50 7.21
CA ARG T 93 45.90 25.88 6.35
C ARG T 93 44.66 25.06 6.64
N GLU T 94 44.85 23.76 6.78
CA GLU T 94 43.75 22.86 7.09
C GLU T 94 43.11 23.22 8.44
N GLU T 95 43.94 23.54 9.41
CA GLU T 95 43.45 23.92 10.71
C GLU T 95 42.63 25.21 10.68
N ALA T 96 43.10 26.17 9.91
CA ALA T 96 42.36 27.44 9.75
C ALA T 96 41.02 27.27 9.03
N SER T 97 41.06 26.47 7.97
CA SER T 97 39.87 26.14 7.18
C SER T 97 38.81 25.40 8.00
N ASN T 98 39.22 24.36 8.71
CA ASN T 98 38.32 23.61 9.60
C ASN T 98 37.71 24.47 10.71
N PHE T 99 38.51 25.40 11.24
CA PHE T 99 38.05 26.27 12.29
C PHE T 99 36.91 27.14 11.79
N ARG T 100 37.09 27.77 10.63
CA ARG T 100 36.06 28.56 10.02
C ARG T 100 34.76 27.73 9.75
N SER T 101 34.91 26.52 9.23
CA SER T 101 33.74 25.65 9.00
C SER T 101 32.97 25.23 10.29
N ASN T 102 33.69 24.99 11.38
CA ASN T 102 33.09 24.51 12.62
C ASN T 102 32.53 25.63 13.49
N PHE T 103 33.27 26.74 13.62
CA PHE T 103 32.93 27.87 14.52
C PHE T 103 32.40 29.12 13.84
N GLY T 104 32.65 29.27 12.54
CA GLY T 104 32.03 30.33 11.75
C GLY T 104 32.73 31.66 11.71
N TYR T 105 34.01 31.72 12.06
CA TYR T 105 34.78 33.00 12.03
C TYR T 105 36.28 32.69 11.88
N ASN T 106 37.07 33.71 11.56
CA ASN T 106 38.52 33.57 11.33
C ASN T 106 39.25 33.09 12.56
N ILE T 107 40.09 32.10 12.41
CA ILE T 107 40.80 31.51 13.55
C ILE T 107 41.70 32.57 14.21
N PRO T 108 41.61 32.70 15.54
CA PRO T 108 42.49 33.64 16.24
C PRO T 108 43.92 33.11 16.17
N LEU T 109 44.86 34.02 16.02
CA LEU T 109 46.23 33.61 15.76
C LEU T 109 46.83 32.72 16.84
N LYS T 110 46.61 33.12 18.08
CA LYS T 110 47.07 32.31 19.22
C LYS T 110 46.56 30.87 19.22
N HIS T 111 45.27 30.70 18.92
CA HIS T 111 44.71 29.37 18.83
C HIS T 111 45.33 28.59 17.64
N LEU T 112 45.55 29.25 16.51
CA LEU T 112 46.18 28.55 15.37
C LEU T 112 47.60 28.09 15.71
N ALA T 113 48.36 29.00 16.33
CA ALA T 113 49.71 28.68 16.81
C ALA T 113 49.69 27.50 17.75
N ASP T 114 48.79 27.51 18.73
CA ASP T 114 48.72 26.41 19.70
C ASP T 114 48.30 25.08 19.05
N ARG T 115 47.39 25.11 18.06
CA ARG T 115 46.98 23.86 17.41
C ARG T 115 48.08 23.27 16.54
N VAL T 116 48.76 24.10 15.76
CA VAL T 116 49.86 23.60 14.94
C VAL T 116 51.04 23.15 15.84
N ALA T 117 51.30 23.86 16.94
CA ALA T 117 52.36 23.47 17.88
C ALA T 117 52.11 22.08 18.49
N MET T 118 50.85 21.76 18.76
CA MET T 118 50.55 20.44 19.29
C MET T 118 50.75 19.33 18.28
N TYR T 119 50.56 19.67 17.00
CA TYR T 119 50.84 18.74 15.93
C TYR T 119 52.38 18.50 15.85
N VAL T 120 53.17 19.58 15.89
CA VAL T 120 54.63 19.48 15.90
C VAL T 120 55.06 18.64 17.10
N HIS T 121 54.45 18.93 18.26
CA HIS T 121 54.75 18.21 19.49
C HIS T 121 54.52 16.71 19.43
N ALA T 122 53.47 16.30 18.74
CA ALA T 122 53.14 14.90 18.55
C ALA T 122 54.23 14.12 17.80
N TYR T 123 55.09 14.80 17.04
CA TYR T 123 56.17 14.15 16.33
C TYR T 123 57.50 14.09 17.15
N THR T 124 57.44 14.34 18.46
CA THR T 124 58.59 14.33 19.36
C THR T 124 58.49 13.25 20.46
N LEU T 125 57.54 12.33 20.33
CA LEU T 125 57.24 11.30 21.36
C LEU T 125 57.53 9.85 20.95
N TYR T 126 57.77 9.59 19.66
CA TYR T 126 57.65 8.22 19.10
C TYR T 126 58.85 7.74 18.30
N SER T 127 59.19 6.47 18.37
CA SER T 127 60.10 5.87 17.39
C SER T 127 59.46 5.79 16.01
N ALA T 128 58.11 5.81 15.91
CA ALA T 128 57.45 5.64 14.62
C ALA T 128 57.62 6.82 13.64
N VAL T 129 57.91 8.03 14.15
CA VAL T 129 58.05 9.20 13.28
C VAL T 129 59.22 10.08 13.81
N ARG T 130 59.67 11.03 13.00
CA ARG T 130 60.72 11.92 13.40
C ARG T 130 60.20 13.32 13.59
N PRO T 131 60.90 14.10 14.42
CA PRO T 131 60.56 15.52 14.57
C PRO T 131 60.74 16.30 13.28
N PHE T 132 59.89 17.30 13.09
CA PHE T 132 60.01 18.27 12.00
C PHE T 132 61.32 19.05 12.11
N GLY T 133 62.01 19.21 11.00
CA GLY T 133 63.23 19.99 10.98
C GLY T 133 62.99 21.43 10.58
N CYS T 134 62.07 22.09 11.24
CA CYS T 134 61.73 23.45 10.89
CA CYS T 134 61.57 23.43 10.86
C CYS T 134 61.20 24.23 12.08
N SER T 135 61.45 25.54 12.03
CA SER T 135 60.85 26.50 12.94
C SER T 135 60.09 27.46 12.06
N PHE T 136 59.03 28.03 12.59
CA PHE T 136 58.25 28.97 11.80
C PHE T 136 57.63 30.05 12.67
N MET T 137 57.40 31.18 12.02
CA MET T 137 56.68 32.29 12.65
C MET T 137 55.29 32.39 11.99
N LEU T 138 54.28 32.76 12.80
CA LEU T 138 52.93 33.09 12.32
C LEU T 138 52.61 34.55 12.69
N GLY T 139 52.12 35.32 11.74
CA GLY T 139 51.82 36.71 11.97
C GLY T 139 50.40 37.05 11.51
N SER T 140 49.70 37.87 12.28
CA SER T 140 48.44 38.44 11.86
C SER T 140 48.12 39.80 12.49
N TYR T 141 47.08 40.42 11.92
CA TYR T 141 46.54 41.64 12.40
C TYR T 141 45.02 41.66 12.19
N SER T 142 44.31 42.21 13.16
CA SER T 142 42.88 42.54 12.99
C SER T 142 42.60 43.69 13.91
N VAL T 143 41.49 44.41 13.66
CA VAL T 143 41.13 45.51 14.54
C VAL T 143 40.85 45.02 15.94
N ASN T 144 40.10 43.94 16.09
CA ASN T 144 39.81 43.39 17.43
C ASN T 144 40.97 42.81 18.25
N ASP T 145 41.87 42.05 17.61
CA ASP T 145 43.00 41.39 18.31
C ASP T 145 44.32 42.16 18.27
N GLY T 146 44.42 43.17 17.42
CA GLY T 146 45.68 43.86 17.17
C GLY T 146 46.71 42.99 16.44
N ALA T 147 47.98 43.39 16.53
CA ALA T 147 49.07 42.69 15.83
C ALA T 147 49.52 41.54 16.69
N GLN T 148 49.76 40.37 16.07
CA GLN T 148 50.28 39.21 16.78
C GLN T 148 51.29 38.43 15.98
N LEU T 149 52.34 38.00 16.68
CA LEU T 149 53.52 37.30 16.12
C LEU T 149 53.86 36.17 17.07
N TYR T 150 53.78 34.92 16.56
CA TYR T 150 54.13 33.71 17.33
C TYR T 150 55.25 32.96 16.62
N MET T 151 56.02 32.21 17.40
CA MET T 151 57.08 31.40 16.84
C MET T 151 57.02 30.02 17.48
N ILE T 152 57.17 29.03 16.61
CA ILE T 152 57.06 27.63 16.99
C ILE T 152 58.36 26.94 16.52
N ASP T 153 58.95 26.11 17.39
CA ASP T 153 60.20 25.37 17.10
C ASP T 153 59.92 23.87 17.03
N PRO T 154 60.93 23.04 16.65
CA PRO T 154 60.71 21.61 16.47
C PRO T 154 60.26 20.84 17.72
N SER T 155 60.46 21.36 18.92
CA SER T 155 59.91 20.70 20.10
C SER T 155 58.38 20.86 20.25
N GLY T 156 57.80 21.84 19.53
CA GLY T 156 56.38 22.22 19.69
C GLY T 156 56.12 23.36 20.67
N VAL T 157 57.18 24.04 21.14
CA VAL T 157 57.01 25.22 22.03
C VAL T 157 56.60 26.41 21.15
N SER T 158 55.70 27.21 21.70
CA SER T 158 55.02 28.28 21.02
C SER T 158 54.94 29.48 22.01
N TYR T 159 55.47 30.62 21.61
CA TYR T 159 55.38 31.85 22.39
C TYR T 159 55.04 33.00 21.44
N GLY T 160 54.51 34.07 22.02
CA GLY T 160 54.34 35.34 21.32
C GLY T 160 55.49 36.33 21.52
N TYR T 161 55.74 37.14 20.49
CA TYR T 161 56.97 37.93 20.39
C TYR T 161 56.68 39.35 19.89
N TRP T 162 57.53 40.28 20.34
CA TRP T 162 57.67 41.58 19.72
C TRP T 162 58.57 41.52 18.50
N GLY T 163 59.59 40.69 18.58
CA GLY T 163 60.53 40.49 17.50
C GLY T 163 61.12 39.10 17.63
N CYS T 164 61.49 38.52 16.49
CA CYS T 164 61.88 37.13 16.47
C CYS T 164 62.76 36.87 15.29
N ALA T 165 63.71 35.95 15.49
CA ALA T 165 64.58 35.48 14.44
C ALA T 165 64.88 33.99 14.58
N ILE T 166 64.99 33.35 13.45
CA ILE T 166 65.26 31.91 13.34
C ILE T 166 66.26 31.67 12.23
N GLY T 167 67.00 30.58 12.38
CA GLY T 167 68.04 30.25 11.44
C GLY T 167 69.39 30.62 12.02
N LYS T 168 70.37 30.65 11.13
CA LYS T 168 71.77 30.58 11.53
C LYS T 168 72.35 31.85 12.11
N ALA T 169 71.81 33.03 11.79
CA ALA T 169 72.33 34.29 12.38
C ALA T 169 71.32 34.87 13.37
N ARG T 170 70.65 33.97 14.07
CA ARG T 170 69.53 34.26 14.95
C ARG T 170 69.92 35.30 16.02
N GLN T 171 71.04 35.03 16.70
CA GLN T 171 71.50 35.88 17.80
C GLN T 171 71.96 37.24 17.32
N ALA T 172 72.73 37.29 16.24
CA ALA T 172 73.05 38.57 15.62
C ALA T 172 71.78 39.35 15.21
N ALA T 173 70.78 38.67 14.65
CA ALA T 173 69.55 39.36 14.28
C ALA T 173 68.80 39.96 15.50
N LYS T 174 68.64 39.15 16.56
CA LYS T 174 67.98 39.56 17.78
C LYS T 174 68.59 40.82 18.39
N THR T 175 69.93 40.88 18.42
CA THR T 175 70.60 42.07 18.99
C THR T 175 70.33 43.33 18.17
N GLU T 176 70.25 43.24 16.85
CA GLU T 176 69.80 44.40 16.05
C GLU T 176 68.30 44.72 16.28
N ILE T 177 67.45 43.69 16.38
CA ILE T 177 65.98 43.89 16.59
C ILE T 177 65.73 44.64 17.92
N GLU T 178 66.49 44.26 18.96
CA GLU T 178 66.46 44.95 20.27
C GLU T 178 66.74 46.44 20.25
N LYS T 179 67.37 46.96 19.21
CA LYS T 179 67.61 48.40 19.08
C LYS T 179 66.41 49.21 18.60
N LEU T 180 65.38 48.56 18.06
CA LEU T 180 64.20 49.26 17.55
C LEU T 180 63.18 49.42 18.65
N GLN T 181 62.51 50.58 18.69
CA GLN T 181 61.32 50.76 19.51
C GLN T 181 60.10 50.39 18.67
N MET T 182 59.93 49.08 18.43
CA MET T 182 58.92 48.65 17.46
C MET T 182 57.45 48.93 17.86
N LYS T 183 57.15 49.01 19.15
CA LYS T 183 55.80 49.34 19.68
C LYS T 183 55.21 50.62 19.12
N GLU T 184 56.07 51.56 18.77
CA GLU T 184 55.65 52.87 18.28
C GLU T 184 55.88 53.07 16.78
N MET T 185 56.35 52.06 16.06
CA MET T 185 56.63 52.22 14.62
C MET T 185 55.51 51.58 13.80
N THR T 186 55.38 52.03 12.55
CA THR T 186 54.43 51.48 11.60
C THR T 186 55.09 50.40 10.73
N CYS T 187 54.27 49.57 10.10
CA CYS T 187 54.71 48.60 9.11
C CYS T 187 55.57 49.22 8.01
N ARG T 188 55.18 50.40 7.49
CA ARG T 188 55.91 51.05 6.39
C ARG T 188 57.32 51.50 6.82
N ASP T 189 57.51 51.79 8.11
CA ASP T 189 58.83 52.08 8.74
C ASP T 189 59.67 50.77 8.94
N ILE T 190 58.99 49.77 9.50
CA ILE T 190 59.61 48.52 9.92
C ILE T 190 60.14 47.69 8.74
N VAL T 191 59.48 47.70 7.58
CA VAL T 191 60.03 46.98 6.39
C VAL T 191 61.48 47.35 6.11
N LYS T 192 61.76 48.63 6.18
CA LYS T 192 63.11 49.13 5.92
C LYS T 192 64.08 48.51 6.92
N GLU T 193 63.67 48.47 8.19
CA GLU T 193 64.48 47.96 9.29
C GLU T 193 64.68 46.45 9.24
N VAL T 194 63.66 45.74 8.76
CA VAL T 194 63.77 44.31 8.45
C VAL T 194 64.83 44.08 7.36
N ALA T 195 64.76 44.83 6.26
CA ALA T 195 65.74 44.70 5.21
C ALA T 195 67.13 45.01 5.73
N LYS T 196 67.24 46.09 6.51
CA LYS T 196 68.52 46.52 7.08
C LYS T 196 69.17 45.40 7.89
N ILE T 197 68.40 44.82 8.81
CA ILE T 197 68.88 43.75 9.67
C ILE T 197 69.33 42.50 8.89
N ILE T 198 68.60 42.13 7.86
CA ILE T 198 68.99 40.98 7.01
C ILE T 198 70.36 41.23 6.37
N TYR T 199 70.56 42.43 5.82
CA TYR T 199 71.85 42.79 5.24
C TYR T 199 73.00 42.80 6.25
N ILE T 200 72.70 43.17 7.49
CA ILE T 200 73.72 43.21 8.54
C ILE T 200 74.20 41.80 8.86
N VAL T 201 73.27 40.89 9.08
CA VAL T 201 73.59 39.51 9.50
C VAL T 201 74.01 38.58 8.37
N HIS T 202 73.72 38.93 7.13
CA HIS T 202 74.18 38.19 5.96
C HIS T 202 75.69 38.18 5.92
N ASP T 203 76.25 36.99 5.76
CA ASP T 203 77.69 36.82 5.70
C ASP T 203 78.11 36.85 4.23
N GLU T 204 78.41 38.04 3.70
CA GLU T 204 78.64 38.23 2.23
C GLU T 204 79.89 37.49 1.71
N VAL T 205 80.85 37.25 2.61
CA VAL T 205 82.03 36.43 2.31
C VAL T 205 81.59 34.94 2.18
N LYS T 206 80.96 34.37 3.22
CA LYS T 206 80.51 32.95 3.26
C LYS T 206 79.08 32.94 2.79
N ASP T 207 78.82 32.45 1.58
CA ASP T 207 77.49 32.63 0.85
C ASP T 207 77.32 34.04 0.19
N LYS T 208 77.86 34.17 -1.02
CA LYS T 208 77.45 35.25 -1.93
C LYS T 208 76.05 34.93 -2.50
N ALA T 209 75.36 35.98 -2.91
CA ALA T 209 74.02 35.94 -3.54
C ALA T 209 72.84 35.50 -2.66
N PHE T 210 71.99 36.48 -2.40
CA PHE T 210 70.69 36.22 -1.82
C PHE T 210 69.61 37.15 -2.40
N GLU T 211 68.36 36.71 -2.25
CA GLU T 211 67.19 37.51 -2.54
C GLU T 211 66.58 37.86 -1.19
N LEU T 212 66.13 39.08 -1.04
CA LEU T 212 65.33 39.43 0.11
C LEU T 212 63.83 39.10 -0.18
N GLU T 213 63.19 38.36 0.71
CA GLU T 213 61.76 38.10 0.60
C GLU T 213 61.08 38.90 1.71
N LEU T 214 60.04 39.66 1.38
CA LEU T 214 59.30 40.46 2.38
C LEU T 214 57.77 40.29 2.27
N SER T 215 57.11 40.18 3.42
CA SER T 215 55.67 40.14 3.48
C SER T 215 55.20 40.88 4.71
N TRP T 216 53.93 41.25 4.68
CA TRP T 216 53.33 41.94 5.81
C TRP T 216 51.83 41.76 5.95
N VAL T 217 51.35 42.04 7.16
CA VAL T 217 49.95 42.02 7.46
C VAL T 217 49.68 43.09 8.49
N GLY T 218 48.74 43.98 8.21
CA GLY T 218 48.50 45.12 9.10
C GLY T 218 47.31 45.97 8.72
N GLU T 219 47.13 47.07 9.47
CA GLU T 219 46.11 48.05 9.12
C GLU T 219 46.18 48.39 7.62
N LEU T 220 47.40 48.61 7.13
CA LEU T 220 47.61 49.05 5.74
C LEU T 220 47.26 48.01 4.67
N THR T 221 47.10 46.73 5.04
CA THR T 221 46.63 45.72 4.11
C THR T 221 45.19 45.26 4.45
N ASN T 222 44.56 45.97 5.37
CA ASN T 222 43.25 45.66 5.88
C ASN T 222 43.18 44.27 6.54
N GLY T 223 44.24 43.91 7.25
CA GLY T 223 44.29 42.59 7.87
C GLY T 223 44.49 41.40 6.96
N ARG T 224 44.84 41.63 5.69
CA ARG T 224 45.24 40.57 4.78
C ARG T 224 46.80 40.39 4.77
N HIS T 225 47.27 39.15 4.85
CA HIS T 225 48.73 38.87 4.71
C HIS T 225 49.04 38.87 3.22
N GLU T 226 50.04 39.66 2.82
CA GLU T 226 50.36 39.97 1.43
C GLU T 226 51.90 40.09 1.29
N ILE T 227 52.43 39.81 0.09
CA ILE T 227 53.81 40.15 -0.23
C ILE T 227 53.96 41.68 -0.16
N VAL T 228 55.12 42.18 0.24
CA VAL T 228 55.40 43.59 0.18
C VAL T 228 55.49 43.95 -1.31
N PRO T 229 54.82 45.03 -1.76
CA PRO T 229 54.94 45.37 -3.18
C PRO T 229 56.38 45.63 -3.62
N LYS T 230 56.66 45.31 -4.89
CA LYS T 230 58.02 45.33 -5.48
C LYS T 230 58.75 46.65 -5.27
N ASP T 231 58.09 47.77 -5.54
CA ASP T 231 58.72 49.10 -5.39
C ASP T 231 59.11 49.41 -3.95
N ILE T 232 58.25 49.09 -3.00
CA ILE T 232 58.59 49.23 -1.57
C ILE T 232 59.74 48.29 -1.16
N ARG T 233 59.76 47.04 -1.66
CA ARG T 233 60.88 46.13 -1.39
C ARG T 233 62.20 46.72 -1.88
N GLU T 234 62.21 47.24 -3.10
CA GLU T 234 63.43 47.76 -3.70
C GLU T 234 63.93 48.99 -2.94
N GLU T 235 63.01 49.85 -2.50
CA GLU T 235 63.37 51.00 -1.65
C GLU T 235 63.93 50.52 -0.31
N ALA T 236 63.35 49.47 0.28
CA ALA T 236 63.91 48.91 1.52
C ALA T 236 65.31 48.32 1.30
N GLU T 237 65.52 47.59 0.21
CA GLU T 237 66.85 47.05 -0.12
C GLU T 237 67.87 48.16 -0.31
N LYS T 238 67.50 49.14 -1.10
CA LYS T 238 68.35 50.29 -1.34
C LYS T 238 68.73 50.98 -0.02
N TYR T 239 67.76 51.20 0.86
CA TYR T 239 68.01 51.72 2.22
C TYR T 239 68.95 50.86 3.05
N ALA T 240 68.73 49.53 3.05
CA ALA T 240 69.58 48.56 3.76
C ALA T 240 71.03 48.55 3.26
N LYS T 241 71.19 48.61 1.94
CA LYS T 241 72.49 48.54 1.27
C LYS T 241 73.32 49.80 1.55
N GLU T 242 72.70 50.96 1.40
CA GLU T 242 73.37 52.25 1.60
C GLU T 242 73.65 52.46 3.12
N SER T 243 72.76 51.98 3.98
CA SER T 243 73.01 51.94 5.44
C SER T 243 74.21 51.07 5.85
N LEU T 244 74.48 50.00 5.09
CA LEU T 244 75.66 49.14 5.28
C LEU T 244 76.96 49.84 4.88
N LYS T 245 76.95 50.52 3.72
CA LYS T 245 78.13 51.22 3.16
C LYS T 245 78.37 52.58 3.81
N SER U 2 73.09 -6.12 40.80
CA SER U 2 72.29 -5.00 41.41
C SER U 2 73.18 -3.85 41.91
N ARG U 3 72.54 -2.72 42.24
CA ARG U 3 73.12 -1.37 42.46
C ARG U 3 73.55 -0.72 41.12
N GLY U 4 72.56 -0.16 40.42
CA GLY U 4 72.77 0.46 39.11
C GLY U 4 73.04 -0.49 37.95
N SER U 5 72.69 -1.78 38.09
CA SER U 5 72.95 -2.75 37.00
C SER U 5 72.00 -2.52 35.82
N SER U 6 72.43 -2.99 34.66
CA SER U 6 71.69 -2.82 33.42
C SER U 6 71.84 -4.06 32.54
N ALA U 7 70.73 -4.48 31.90
CA ALA U 7 70.74 -5.54 30.89
C ALA U 7 69.90 -5.14 29.67
N GLY U 8 70.38 -5.53 28.48
CA GLY U 8 69.62 -5.40 27.26
C GLY U 8 69.26 -3.96 27.02
N PHE U 9 68.00 -3.71 26.69
CA PHE U 9 67.56 -2.36 26.34
C PHE U 9 66.93 -1.54 27.50
N ASP U 10 67.21 -1.92 28.75
CA ASP U 10 66.55 -1.30 29.92
C ASP U 10 66.91 0.16 30.19
N ARG U 11 67.88 0.76 29.47
CA ARG U 11 68.10 2.21 29.52
C ARG U 11 67.51 2.99 28.36
N HIS U 12 66.94 2.28 27.36
CA HIS U 12 66.37 2.87 26.17
C HIS U 12 64.84 2.89 26.13
N ILE U 13 64.22 1.85 26.67
CA ILE U 13 62.78 1.72 26.70
C ILE U 13 62.34 1.35 28.11
N THR U 14 61.03 1.45 28.36
CA THR U 14 60.44 1.16 29.66
C THR U 14 60.25 -0.31 29.92
N ILE U 15 61.35 -1.05 30.05
CA ILE U 15 61.36 -2.42 30.56
C ILE U 15 62.14 -2.37 31.88
N PHE U 16 61.97 -3.41 32.71
CA PHE U 16 62.57 -3.46 34.01
C PHE U 16 64.05 -3.71 33.90
N SER U 17 64.83 -2.99 34.71
CA SER U 17 66.22 -3.30 34.96
C SER U 17 66.27 -4.48 35.93
N PRO U 18 67.45 -5.08 36.12
CA PRO U 18 67.54 -6.20 37.07
C PRO U 18 67.10 -5.92 38.52
N GLU U 19 67.22 -4.65 38.94
CA GLU U 19 66.75 -4.21 40.27
C GLU U 19 65.24 -3.91 40.31
N GLY U 20 64.57 -4.01 39.16
CA GLY U 20 63.16 -3.63 39.08
C GLY U 20 62.94 -2.15 38.88
N ARG U 21 63.93 -1.43 38.37
CA ARG U 21 63.79 -0.01 38.04
C ARG U 21 63.35 0.24 36.60
N LEU U 22 62.79 1.43 36.36
CA LEU U 22 62.50 1.91 35.02
C LEU U 22 63.35 3.15 34.80
N TYR U 23 64.54 2.95 34.22
CA TYR U 23 65.44 4.05 33.95
C TYR U 23 64.84 5.18 33.11
N GLN U 24 64.07 4.83 32.06
CA GLN U 24 63.46 5.85 31.19
C GLN U 24 62.51 6.78 31.98
N VAL U 25 61.83 6.23 32.98
CA VAL U 25 60.98 7.02 33.88
C VAL U 25 61.84 7.91 34.77
N GLU U 26 62.87 7.33 35.36
CA GLU U 26 63.82 8.12 36.14
C GLU U 26 64.36 9.27 35.28
N TYR U 27 64.69 9.01 34.02
CA TYR U 27 65.23 10.07 33.17
C TYR U 27 64.23 11.19 32.83
N ALA U 28 62.94 10.85 32.81
CA ALA U 28 61.88 11.83 32.60
C ALA U 28 61.83 12.82 33.76
N PHE U 29 62.13 12.38 34.98
CA PHE U 29 62.27 13.30 36.11
C PHE U 29 63.43 14.30 35.94
N LYS U 30 64.55 13.86 35.38
CA LYS U 30 65.67 14.76 35.07
C LYS U 30 65.25 15.78 34.02
N ALA U 31 64.45 15.36 33.04
CA ALA U 31 63.95 16.27 32.01
C ALA U 31 63.15 17.45 32.61
N ILE U 32 62.44 17.21 33.71
CA ILE U 32 61.66 18.27 34.41
C ILE U 32 62.56 19.46 34.83
N ASN U 33 63.77 19.13 35.26
CA ASN U 33 64.78 20.14 35.64
C ASN U 33 65.51 20.85 34.48
N GLN U 34 65.37 20.34 33.25
CA GLN U 34 66.01 20.99 32.09
C GLN U 34 65.57 22.45 31.92
N GLY U 35 64.29 22.71 32.18
CA GLY U 35 63.73 24.07 32.20
C GLY U 35 64.33 25.07 33.18
N GLY U 36 64.94 24.60 34.27
CA GLY U 36 65.62 25.48 35.22
C GLY U 36 64.71 26.25 36.18
N LEU U 37 63.43 25.89 36.25
CA LEU U 37 62.44 26.62 37.04
C LEU U 37 61.96 25.79 38.22
N THR U 38 61.46 26.49 39.24
CA THR U 38 60.85 25.88 40.43
C THR U 38 59.43 26.45 40.65
N SER U 39 58.50 25.58 41.06
CA SER U 39 57.12 25.96 41.43
C SER U 39 56.78 25.50 42.86
N VAL U 40 55.91 26.27 43.52
CA VAL U 40 55.43 25.98 44.87
C VAL U 40 53.89 26.11 44.94
N ALA U 41 53.27 25.25 45.74
CA ALA U 41 51.84 25.37 46.00
C ALA U 41 51.54 25.11 47.46
N VAL U 42 50.60 25.87 48.02
CA VAL U 42 50.14 25.65 49.40
C VAL U 42 48.61 25.81 49.57
N ARG U 43 48.06 25.02 50.48
CA ARG U 43 46.64 25.06 50.83
C ARG U 43 46.49 25.46 52.32
N GLY U 44 45.48 26.27 52.60
CA GLY U 44 45.02 26.50 53.96
C GLY U 44 43.56 26.14 54.03
N LYS U 45 42.91 26.58 55.09
CA LYS U 45 41.47 26.37 55.25
C LYS U 45 40.64 27.15 54.23
N ASP U 46 41.09 28.35 53.86
CA ASP U 46 40.31 29.28 53.01
C ASP U 46 40.67 29.29 51.55
N 6V1 U 47 41.92 28.97 51.23
CA 6V1 U 47 42.40 29.08 49.87
C 6V1 U 47 43.52 28.13 49.55
O 6V1 U 47 44.07 27.47 50.42
CB 6V1 U 47 42.78 30.53 49.55
SG 6V1 U 47 44.06 31.18 50.58
C1 6V1 U 47 44.43 32.95 50.36
C2 6V1 U 47 43.41 34.11 50.29
N3 6V1 U 47 43.85 35.06 49.42
C4 6V1 U 47 44.90 34.63 48.71
C5 6V1 U 47 45.24 33.19 49.06
C6 6V1 U 47 43.28 36.42 49.29
O7 6V1 U 47 42.38 34.23 50.94
O8 6V1 U 47 45.52 35.30 47.86
C3 6V1 U 47 42.63 36.67 47.94
N ALA U 48 43.79 28.04 48.25
CA ALA U 48 44.94 27.34 47.73
C ALA U 48 45.60 28.27 46.72
N VAL U 49 46.94 28.23 46.69
CA VAL U 49 47.75 29.16 45.90
C VAL U 49 48.82 28.40 45.14
N ILE U 50 49.15 28.89 43.96
CA ILE U 50 50.26 28.37 43.16
C ILE U 50 51.15 29.57 42.85
N VAL U 51 52.46 29.38 43.04
CA VAL U 51 53.47 30.40 42.68
C VAL U 51 54.59 29.75 41.88
N THR U 52 55.06 30.43 40.85
CA THR U 52 56.18 29.92 40.04
C THR U 52 57.01 31.09 39.58
N GLN U 53 58.25 30.78 39.23
CA GLN U 53 59.16 31.75 38.66
C GLN U 53 58.72 32.12 37.27
N LYS U 54 58.96 33.36 36.92
CA LYS U 54 58.68 33.82 35.59
C LYS U 54 59.95 34.44 35.09
N LYS U 55 60.64 33.74 34.20
CA LYS U 55 61.88 34.23 33.59
C LYS U 55 61.61 34.67 32.15
N VAL U 56 61.79 35.97 31.90
CA VAL U 56 61.70 36.59 30.57
C VAL U 56 63.10 37.21 30.30
N PRO U 57 64.10 36.37 29.96
CA PRO U 57 65.45 36.91 29.69
C PRO U 57 65.46 37.87 28.49
N ASP U 58 64.74 37.48 27.44
CA ASP U 58 64.71 38.22 26.18
C ASP U 58 64.12 39.66 26.28
N LYS U 59 62.80 39.84 26.22
CA LYS U 59 62.18 41.20 26.12
C LYS U 59 61.71 41.51 24.69
N LEU U 60 62.27 40.79 23.73
CA LEU U 60 61.60 40.65 22.45
C LEU U 60 60.42 39.70 22.57
N LEU U 61 60.33 38.97 23.67
CA LEU U 61 59.16 38.19 24.03
C LEU U 61 57.97 39.04 24.39
N ASP U 62 56.77 38.61 24.00
CA ASP U 62 55.52 39.20 24.51
C ASP U 62 55.33 38.50 25.84
N SER U 63 55.65 39.18 26.95
CA SER U 63 55.73 38.52 28.25
C SER U 63 54.36 38.06 28.77
N SER U 64 53.28 38.63 28.26
CA SER U 64 51.94 38.10 28.58
C SER U 64 51.72 36.65 28.07
N THR U 65 52.53 36.19 27.09
CA THR U 65 52.43 34.81 26.61
C THR U 65 53.37 33.84 27.31
N VAL U 66 54.22 34.34 28.20
CA VAL U 66 55.14 33.51 28.96
C VAL U 66 54.46 33.26 30.29
N THR U 67 53.90 32.08 30.41
CA THR U 67 53.25 31.68 31.63
C THR U 67 53.35 30.17 31.78
N HIS U 68 53.40 29.74 33.01
CA HIS U 68 53.23 28.35 33.35
C HIS U 68 51.95 28.05 34.12
N LEU U 69 51.06 29.04 34.20
CA LEU U 69 49.78 28.90 34.89
C LEU U 69 48.69 28.71 33.85
N PHE U 70 47.79 27.78 34.11
CA PHE U 70 46.72 27.47 33.14
C PHE U 70 45.39 27.22 33.81
N LYS U 71 44.35 27.80 33.23
CA LYS U 71 42.98 27.47 33.63
C LYS U 71 42.59 26.13 32.97
N ILE U 72 42.15 25.16 33.76
CA ILE U 72 41.68 23.89 33.25
C ILE U 72 40.15 23.93 33.07
N THR U 73 39.44 24.40 34.10
CA THR U 73 38.01 24.75 34.05
C THR U 73 37.95 26.09 34.76
N GLU U 74 36.76 26.68 34.84
CA GLU U 74 36.60 27.94 35.56
C GLU U 74 37.12 27.85 37.00
N ASN U 75 36.94 26.68 37.62
CA ASN U 75 37.27 26.44 39.03
C ASN U 75 38.53 25.59 39.28
N ILE U 76 39.26 25.17 38.25
CA ILE U 76 40.49 24.41 38.46
C ILE U 76 41.61 25.12 37.74
N GLY U 77 42.65 25.46 38.53
CA GLY U 77 43.89 26.02 37.98
C GLY U 77 45.06 25.05 38.05
N CYS U 78 46.08 25.33 37.26
CA CYS U 78 47.29 24.51 37.38
C CYS U 78 48.57 25.23 37.07
N VAL U 79 49.64 24.74 37.68
CA VAL U 79 50.99 25.15 37.33
C VAL U 79 51.72 23.94 36.77
N MET U 80 52.38 24.17 35.63
CA MET U 80 53.18 23.16 34.92
CA MET U 80 53.18 23.15 34.91
C MET U 80 54.67 23.42 35.12
N THR U 81 55.43 22.36 35.36
CA THR U 81 56.88 22.45 35.55
C THR U 81 57.55 21.37 34.66
N GLY U 82 58.57 21.77 33.89
CA GLY U 82 59.33 20.87 33.04
C GLY U 82 59.27 21.26 31.59
N MET U 83 59.32 20.28 30.70
CA MET U 83 59.43 20.52 29.29
C MET U 83 58.11 21.19 28.82
N THR U 84 58.25 22.27 28.07
CA THR U 84 57.16 23.18 27.82
C THR U 84 56.08 22.61 26.91
N ALA U 85 56.50 22.08 25.76
CA ALA U 85 55.55 21.49 24.82
C ALA U 85 54.84 20.25 25.43
N ASP U 86 55.56 19.38 26.12
CA ASP U 86 54.95 18.30 26.87
C ASP U 86 53.90 18.83 27.85
N SER U 87 54.24 19.90 28.59
CA SER U 87 53.31 20.51 29.53
C SER U 87 51.99 21.00 28.89
N ARG U 88 52.11 21.72 27.78
CA ARG U 88 50.99 22.25 27.09
C ARG U 88 50.06 21.13 26.60
N SER U 89 50.66 20.02 26.19
CA SER U 89 49.92 18.85 25.78
C SER U 89 49.15 18.23 26.94
N GLN U 90 49.78 18.17 28.09
CA GLN U 90 49.13 17.64 29.27
C GLN U 90 47.98 18.56 29.74
N VAL U 91 48.17 19.88 29.56
CA VAL U 91 47.12 20.86 29.86
C VAL U 91 45.90 20.62 28.94
N GLN U 92 46.16 20.45 27.65
CA GLN U 92 45.08 20.17 26.69
C GLN U 92 44.30 18.92 27.05
N ARG U 93 45.02 17.89 27.41
CA ARG U 93 44.39 16.69 27.86
C ARG U 93 43.53 16.85 29.12
N ALA U 94 44.06 17.53 30.13
CA ALA U 94 43.31 17.85 31.33
C ALA U 94 42.00 18.60 31.02
N ARG U 95 42.08 19.59 30.14
CA ARG U 95 40.96 20.39 29.76
C ARG U 95 39.88 19.51 29.08
N TYR U 96 40.36 18.59 28.23
CA TYR U 96 39.49 17.64 27.54
C TYR U 96 38.81 16.71 28.56
N GLU U 97 39.60 16.17 29.49
CA GLU U 97 39.07 15.24 30.47
C GLU U 97 37.98 15.92 31.34
N ALA U 98 38.23 17.16 31.74
CA ALA U 98 37.31 17.87 32.63
C ALA U 98 36.01 18.18 31.92
N ALA U 99 36.12 18.66 30.69
CA ALA U 99 34.95 18.94 29.86
C ALA U 99 34.09 17.70 29.60
N ASN U 100 34.75 16.60 29.28
CA ASN U 100 34.09 15.33 29.03
C ASN U 100 33.39 14.81 30.29
N TRP U 101 34.06 14.93 31.43
CA TRP U 101 33.47 14.55 32.72
C TRP U 101 32.13 15.30 32.97
N LYS U 102 32.14 16.61 32.78
CA LYS U 102 30.99 17.43 33.01
C LYS U 102 29.80 17.08 32.04
N TYR U 103 30.15 16.84 30.77
CA TYR U 103 29.20 16.40 29.75
C TYR U 103 28.52 15.05 30.12
N LYS U 104 29.32 14.08 30.53
CA LYS U 104 28.81 12.76 30.87
C LYS U 104 28.10 12.68 32.20
N TYR U 105 28.58 13.43 33.20
CA TYR U 105 28.11 13.22 34.59
C TYR U 105 27.33 14.33 35.24
N GLY U 106 27.31 15.51 34.61
CA GLY U 106 26.45 16.59 35.03
C GLY U 106 26.96 17.43 36.19
N TYR U 107 28.21 17.23 36.60
CA TYR U 107 28.81 18.05 37.67
C TYR U 107 30.29 18.17 37.39
N GLU U 108 30.92 19.17 38.00
CA GLU U 108 32.34 19.47 37.70
C GLU U 108 33.27 18.35 38.18
N ILE U 109 34.29 18.05 37.41
CA ILE U 109 35.22 17.02 37.84
C ILE U 109 35.88 17.49 39.20
N PRO U 110 35.94 16.60 40.23
CA PRO U 110 36.73 16.92 41.44
C PRO U 110 38.22 17.00 41.07
N VAL U 111 38.98 17.84 41.78
CA VAL U 111 40.41 17.99 41.51
C VAL U 111 41.13 16.67 41.66
N ASP U 112 40.81 15.90 42.71
CA ASP U 112 41.47 14.61 42.92
C ASP U 112 41.25 13.63 41.74
N MET U 113 40.05 13.63 41.18
CA MET U 113 39.73 12.79 40.01
C MET U 113 40.42 13.25 38.77
N LEU U 114 40.51 14.57 38.54
CA LEU U 114 41.24 15.03 37.38
C LEU U 114 42.74 14.63 37.47
N CYS U 115 43.31 14.82 38.66
CA CYS U 115 44.71 14.46 38.89
C CYS U 115 44.93 12.96 38.67
N LYS U 116 44.08 12.13 39.27
CA LYS U 116 44.11 10.70 39.05
C LYS U 116 44.03 10.32 37.57
N ARG U 117 43.11 10.95 36.82
CA ARG U 117 42.98 10.61 35.41
C ARG U 117 44.25 10.91 34.62
N ILE U 118 44.84 12.09 34.86
CA ILE U 118 46.10 12.45 34.21
C ILE U 118 47.25 11.49 34.61
N ALA U 119 47.29 11.13 35.89
CA ALA U 119 48.24 10.17 36.35
C ALA U 119 48.09 8.77 35.70
N ASP U 120 46.85 8.34 35.52
CA ASP U 120 46.56 7.05 34.88
C ASP U 120 46.98 7.03 33.40
N ILE U 121 46.79 8.16 32.71
CA ILE U 121 47.23 8.34 31.32
C ILE U 121 48.77 8.28 31.26
N SER U 122 49.45 8.97 32.19
CA SER U 122 50.93 8.88 32.29
C SER U 122 51.42 7.47 32.56
N GLN U 123 50.68 6.73 33.38
CA GLN U 123 51.09 5.37 33.69
C GLN U 123 51.30 4.53 32.41
N VAL U 124 50.40 4.68 31.45
CA VAL U 124 50.48 3.94 30.18
C VAL U 124 51.87 4.13 29.49
N TYR U 125 52.41 5.34 29.53
CA TYR U 125 53.68 5.62 28.92
C TYR U 125 54.85 4.94 29.65
N THR U 126 54.66 4.50 30.89
CA THR U 126 55.70 3.80 31.62
C THR U 126 55.67 2.29 31.37
N GLN U 127 54.59 1.79 30.75
CA GLN U 127 54.40 0.36 30.52
C GLN U 127 54.42 -0.05 29.03
N ASN U 128 54.16 0.89 28.13
CA ASN U 128 54.21 0.64 26.71
C ASN U 128 55.45 1.20 26.07
N ALA U 129 56.13 0.40 25.26
CA ALA U 129 57.53 0.68 24.84
C ALA U 129 57.71 1.76 23.78
N GLU U 130 56.67 2.02 23.00
CA GLU U 130 56.83 2.81 21.77
C GLU U 130 56.83 4.36 21.90
N MET U 131 56.44 4.88 23.05
CA MET U 131 56.49 6.32 23.29
C MET U 131 57.24 6.62 24.59
N ARG U 132 57.79 7.83 24.70
CA ARG U 132 58.41 8.25 25.96
C ARG U 132 57.39 8.82 26.95
N PRO U 133 57.74 8.82 28.26
CA PRO U 133 57.00 9.68 29.18
C PRO U 133 57.13 11.16 28.86
N LEU U 134 56.16 11.95 29.32
CA LEU U 134 56.23 13.40 29.21
C LEU U 134 57.18 13.87 30.32
N GLY U 135 58.08 14.78 30.03
CA GLY U 135 59.01 15.28 31.02
C GLY U 135 58.49 16.49 31.75
N CYS U 136 57.35 16.34 32.39
CA CYS U 136 56.68 17.46 33.05
C CYS U 136 55.89 16.98 34.24
N YCM U 137 55.56 17.95 35.11
CA YCM U 137 54.86 17.72 36.35
CB YCM U 137 55.95 18.09 37.32
SG YCM U 137 55.41 17.70 38.92
CD YCM U 137 56.42 16.27 39.28
CE YCM U 137 57.57 16.37 40.32
OZ1 YCM U 137 58.66 16.89 40.02
NZ2 YCM U 137 57.34 15.83 41.53
C YCM U 137 53.71 18.69 36.44
O YCM U 137 53.87 19.86 36.10
N MET U 138 52.55 18.24 36.91
CA MET U 138 51.32 19.07 36.96
C MET U 138 50.91 19.22 38.40
N ILE U 139 50.72 20.46 38.80
CA ILE U 139 50.11 20.74 40.12
C ILE U 139 48.75 21.42 39.90
N LEU U 140 47.71 20.81 40.47
CA LEU U 140 46.32 21.32 40.35
C LEU U 140 45.83 21.94 41.66
N ILE U 141 45.11 23.06 41.57
CA ILE U 141 44.35 23.59 42.72
C ILE U 141 42.84 23.74 42.40
N GLY U 142 42.01 23.53 43.42
CA GLY U 142 40.56 23.82 43.36
C GLY U 142 39.88 23.65 44.70
N ILE U 143 38.63 24.09 44.78
CA ILE U 143 37.84 23.97 46.01
C ILE U 143 36.93 22.77 45.85
N ASP U 144 36.99 21.83 46.79
CA ASP U 144 36.02 20.75 46.93
C ASP U 144 34.95 21.18 47.93
N GLU U 145 33.67 21.02 47.56
CA GLU U 145 32.55 21.48 48.40
C GLU U 145 32.53 20.84 49.79
N GLU U 146 33.01 19.61 49.95
CA GLU U 146 33.07 18.95 51.27
C GLU U 146 34.42 19.11 51.97
N GLN U 147 35.53 18.87 51.24
CA GLN U 147 36.90 18.86 51.84
C GLN U 147 37.66 20.24 51.83
N GLY U 148 37.11 21.28 51.20
CA GLY U 148 37.75 22.60 51.15
C GLY U 148 38.81 22.70 50.05
N PRO U 149 39.76 23.66 50.16
CA PRO U 149 40.82 23.84 49.14
C PRO U 149 41.68 22.59 48.94
N GLN U 150 42.02 22.32 47.69
CA GLN U 150 42.80 21.13 47.38
C GLN U 150 44.03 21.51 46.58
N VAL U 151 45.16 20.82 46.85
CA VAL U 151 46.28 20.82 45.93
C VAL U 151 46.72 19.40 45.68
N TYR U 152 46.86 19.10 44.40
CA TYR U 152 47.23 17.80 43.94
C TYR U 152 48.38 17.93 42.97
N LYS U 153 49.24 16.91 42.98
CA LYS U 153 50.37 16.85 42.07
C LYS U 153 50.44 15.46 41.46
N CYS U 154 50.68 15.40 40.16
CA CYS U 154 51.06 14.14 39.52
C CYS U 154 52.37 14.28 38.70
N ASP U 155 53.00 13.15 38.44
CA ASP U 155 54.37 13.11 37.91
C ASP U 155 54.52 12.12 36.75
N PRO U 156 55.70 12.08 36.10
CA PRO U 156 55.86 11.18 34.92
C PRO U 156 55.80 9.69 35.22
N ALA U 157 55.91 9.28 36.48
CA ALA U 157 55.76 7.88 36.84
C ALA U 157 54.30 7.48 36.95
N GLY U 158 53.39 8.46 36.87
CA GLY U 158 51.98 8.19 37.14
C GLY U 158 51.64 8.14 38.63
N TYR U 159 52.55 8.55 39.51
CA TYR U 159 52.19 8.76 40.92
C TYR U 159 51.37 10.07 41.08
N TYR U 160 50.49 10.08 42.05
CA TYR U 160 49.82 11.33 42.40
C TYR U 160 49.46 11.34 43.87
N 6V1 U 161 49.26 12.54 44.39
CA 6V1 U 161 48.86 12.71 45.77
C 6V1 U 161 48.28 14.06 45.98
O 6V1 U 161 48.57 14.98 45.22
CB 6V1 U 161 50.08 12.50 46.72
SG 6V1 U 161 49.58 12.04 48.37
C1 6V1 U 161 49.56 10.25 48.51
C2 6V1 U 161 50.88 9.50 48.43
N3 6V1 U 161 51.10 8.71 49.47
C4 6V1 U 161 50.24 9.01 50.45
C5 6V1 U 161 49.08 9.81 49.90
C6 6V1 U 161 52.09 7.61 49.53
O7 6V1 U 161 51.63 9.58 47.47
O8 6V1 U 161 50.34 8.69 51.62
C3 6V1 U 161 53.50 8.15 49.51
N GLY U 162 47.46 14.16 47.04
CA GLY U 162 47.04 15.45 47.59
C GLY U 162 48.05 15.93 48.64
N PHE U 163 48.23 17.24 48.76
CA PHE U 163 49.25 17.85 49.64
C PHE U 163 48.72 19.01 50.47
N LYS U 164 49.33 19.19 51.64
CA LYS U 164 49.16 20.45 52.40
C LYS U 164 49.94 21.57 51.71
N ALA U 165 51.10 21.18 51.16
CA ALA U 165 51.90 22.05 50.32
C ALA U 165 52.92 21.19 49.62
N THR U 166 53.40 21.67 48.50
CA THR U 166 54.36 20.90 47.72
C THR U 166 55.10 21.79 46.74
N ALA U 167 56.05 21.17 46.05
CA ALA U 167 56.85 21.86 45.06
C ALA U 167 57.27 20.97 43.92
N ALA U 168 57.79 21.60 42.89
CA ALA U 168 58.24 20.92 41.68
C ALA U 168 59.42 21.67 41.09
N GLY U 169 60.28 20.94 40.37
CA GLY U 169 61.38 21.55 39.60
C GLY U 169 62.71 21.56 40.35
N VAL U 170 63.57 22.50 39.98
CA VAL U 170 65.00 22.43 40.30
C VAL U 170 65.27 22.46 41.81
N LYS U 171 64.54 23.30 42.56
CA LYS U 171 64.67 23.39 44.05
C LYS U 171 63.53 22.68 44.82
N GLN U 172 62.99 21.60 44.25
CA GLN U 172 61.90 20.84 44.87
C GLN U 172 62.24 20.34 46.27
N THR U 173 63.41 19.75 46.41
CA THR U 173 63.83 19.13 47.69
C THR U 173 64.06 20.17 48.81
N GLU U 174 64.64 21.31 48.45
CA GLU U 174 64.85 22.43 49.38
C GLU U 174 63.51 23.08 49.78
N SER U 175 62.60 23.25 48.82
CA SER U 175 61.24 23.70 49.09
C SER U 175 60.52 22.75 50.02
N THR U 176 60.63 21.46 49.76
CA THR U 176 60.03 20.45 50.65
C THR U 176 60.48 20.56 52.10
N SER U 177 61.80 20.72 52.34
CA SER U 177 62.32 20.95 53.70
C SER U 177 61.79 22.23 54.34
N PHE U 178 61.82 23.34 53.60
CA PHE U 178 61.30 24.62 54.11
C PHE U 178 59.82 24.46 54.53
N LEU U 179 59.03 23.80 53.67
CA LEU U 179 57.58 23.68 53.92
C LEU U 179 57.32 22.71 55.07
N GLU U 180 58.05 21.58 55.10
CA GLU U 180 57.98 20.63 56.22
C GLU U 180 58.22 21.31 57.55
N LYS U 181 59.31 22.07 57.66
CA LYS U 181 59.66 22.76 58.91
C LYS U 181 58.57 23.75 59.32
N LYS U 182 58.00 24.45 58.35
CA LYS U 182 56.93 25.42 58.61
C LYS U 182 55.58 24.73 58.96
N VAL U 183 55.16 23.75 58.17
CA VAL U 183 53.93 22.98 58.38
C VAL U 183 53.92 22.15 59.69
N LYS U 184 55.09 21.84 60.25
CA LYS U 184 55.21 21.06 61.50
C LYS U 184 54.66 21.78 62.74
N LYS U 185 54.76 23.09 62.78
CA LYS U 185 54.07 23.92 63.80
C LYS U 185 52.52 23.98 63.60
N LYS U 186 51.77 23.83 64.71
CA LYS U 186 50.29 24.03 64.80
C LYS U 186 49.93 25.48 65.15
N GLN U 193 49.23 32.57 56.76
CA GLN U 193 48.96 33.18 55.45
C GLN U 193 49.52 32.35 54.25
N THR U 194 48.64 31.85 53.38
CA THR U 194 49.02 30.86 52.37
C THR U 194 49.84 31.48 51.23
N VAL U 195 49.42 32.66 50.75
CA VAL U 195 50.11 33.33 49.64
C VAL U 195 51.50 33.77 50.10
N GLU U 196 51.63 34.23 51.35
CA GLU U 196 52.93 34.63 51.87
C GLU U 196 53.90 33.43 52.14
N THR U 197 53.37 32.29 52.58
CA THR U 197 54.19 31.09 52.74
C THR U 197 54.78 30.65 51.39
N ALA U 198 53.93 30.61 50.37
CA ALA U 198 54.33 30.20 49.02
C ALA U 198 55.46 31.06 48.45
N ILE U 199 55.29 32.37 48.52
CA ILE U 199 56.27 33.27 47.88
C ILE U 199 57.57 33.38 48.75
N THR U 200 57.44 33.34 50.09
CA THR U 200 58.62 33.23 51.01
C THR U 200 59.42 31.94 50.75
N CYS U 201 58.74 30.80 50.64
CA CYS U 201 59.40 29.53 50.33
C CYS U 201 60.21 29.63 49.04
N LEU U 202 59.57 30.12 47.99
CA LEU U 202 60.25 30.23 46.70
C LEU U 202 61.46 31.18 46.77
N SER U 203 61.29 32.30 47.46
CA SER U 203 62.34 33.31 47.61
C SER U 203 63.52 32.84 48.47
N THR U 204 63.25 32.03 49.49
CA THR U 204 64.31 31.44 50.33
C THR U 204 65.15 30.48 49.54
N VAL U 205 64.50 29.53 48.88
CA VAL U 205 65.22 28.45 48.22
C VAL U 205 66.00 28.92 46.98
N LEU U 206 65.56 30.01 46.35
CA LEU U 206 66.29 30.65 45.23
C LEU U 206 67.25 31.78 45.63
N SER U 207 67.09 32.32 46.84
CA SER U 207 67.80 33.53 47.30
C SER U 207 67.62 34.76 46.40
N ILE U 208 66.39 35.10 46.01
CA ILE U 208 66.18 36.15 45.01
C ILE U 208 65.61 37.49 45.56
N ASP U 209 64.52 37.48 46.32
CA ASP U 209 63.82 38.73 46.74
C ASP U 209 63.21 39.41 45.49
N PHE U 210 61.99 38.99 45.17
CA PHE U 210 61.41 39.16 43.83
C PHE U 210 60.90 40.53 43.49
N LYS U 211 60.99 40.90 42.22
CA LYS U 211 60.15 41.96 41.65
C LYS U 211 58.78 41.36 41.31
N PRO U 212 57.73 42.20 41.19
CA PRO U 212 56.40 41.62 40.86
C PRO U 212 56.30 40.96 39.45
N SER U 213 57.19 41.32 38.53
CA SER U 213 57.28 40.70 37.20
C SER U 213 58.07 39.37 37.12
N GLU U 214 58.72 38.95 38.21
CA GLU U 214 59.52 37.72 38.24
C GLU U 214 58.80 36.51 38.81
N ILE U 215 57.56 36.68 39.27
CA ILE U 215 56.75 35.54 39.67
C ILE U 215 55.35 35.64 39.06
N GLU U 216 54.66 34.50 39.04
CA GLU U 216 53.23 34.44 38.73
C GLU U 216 52.54 33.78 39.89
N VAL U 217 51.32 34.24 40.18
CA VAL U 217 50.55 33.70 41.28
C VAL U 217 49.13 33.42 40.81
N GLY U 218 48.62 32.26 41.21
CA GLY U 218 47.24 31.86 40.96
C GLY U 218 46.59 31.39 42.24
N VAL U 219 45.28 31.63 42.36
CA VAL U 219 44.52 31.34 43.59
C VAL U 219 43.11 30.81 43.35
N VAL U 220 42.65 29.96 44.26
CA VAL U 220 41.23 29.64 44.41
C VAL U 220 40.91 29.84 45.89
N THR U 221 39.71 30.36 46.18
CA THR U 221 39.26 30.51 47.56
C THR U 221 37.83 30.00 47.76
N VAL U 222 37.49 29.68 49.00
CA VAL U 222 36.17 29.17 49.35
C VAL U 222 35.10 30.23 49.03
N GLU U 223 35.42 31.50 49.33
CA GLU U 223 34.68 32.70 48.94
C GLU U 223 34.49 32.86 47.43
N ASN U 224 35.59 32.68 46.71
CA ASN U 224 35.64 32.93 45.27
C ASN U 224 36.32 31.72 44.61
N PRO U 225 35.55 30.65 44.31
CA PRO U 225 36.16 29.41 43.80
C PRO U 225 36.73 29.47 42.39
N LYS U 226 36.38 30.50 41.62
CA LYS U 226 36.89 30.66 40.24
C LYS U 226 38.39 30.90 40.30
N PHE U 227 39.16 30.11 39.53
CA PHE U 227 40.60 30.26 39.43
C PHE U 227 40.92 31.66 38.92
N ARG U 228 41.80 32.34 39.64
CA ARG U 228 42.18 33.71 39.33
C ARG U 228 43.72 33.86 39.32
N ILE U 229 44.23 34.59 38.34
CA ILE U 229 45.63 34.92 38.22
C ILE U 229 45.84 36.34 38.67
N LEU U 230 46.77 36.53 39.61
CA LEU U 230 47.03 37.86 40.16
C LEU U 230 47.70 38.72 39.11
N THR U 231 47.36 40.00 39.12
CA THR U 231 48.06 41.00 38.33
C THR U 231 49.40 41.35 39.02
N GLU U 232 50.23 42.10 38.31
CA GLU U 232 51.49 42.62 38.83
C GLU U 232 51.29 43.44 40.12
N ALA U 233 50.34 44.38 40.06
CA ALA U 233 49.99 45.22 41.18
C ALA U 233 49.51 44.40 42.38
N GLU U 234 48.66 43.41 42.13
CA GLU U 234 48.20 42.53 43.22
C GLU U 234 49.37 41.78 43.87
N ILE U 235 50.27 41.26 43.03
CA ILE U 235 51.49 40.62 43.52
C ILE U 235 52.39 41.60 44.28
N ASP U 236 52.53 42.81 43.74
CA ASP U 236 53.35 43.82 44.37
C ASP U 236 52.85 44.16 45.78
N ALA U 237 51.54 44.20 45.99
CA ALA U 237 51.01 44.46 47.34
C ALA U 237 51.45 43.40 48.35
N HIS U 238 51.52 42.15 47.90
CA HIS U 238 51.99 41.04 48.75
C HIS U 238 53.49 41.14 49.01
N LEU U 239 54.27 41.48 47.98
CA LEU U 239 55.71 41.66 48.15
C LEU U 239 56.05 42.77 49.12
N VAL U 240 55.29 43.86 49.06
CA VAL U 240 55.51 45.05 49.90
C VAL U 240 55.09 44.74 51.34
N ALA U 241 53.94 44.10 51.52
CA ALA U 241 53.46 43.71 52.87
C ALA U 241 54.45 42.76 53.58
N LEU U 242 55.09 41.90 52.80
CA LEU U 242 56.15 41.03 53.31
C LEU U 242 57.44 41.76 53.70
N ALA U 243 57.93 42.59 52.78
CA ALA U 243 59.13 43.40 52.96
C ALA U 243 59.10 44.25 54.24
N GLU U 244 57.90 44.68 54.63
CA GLU U 244 57.67 45.49 55.81
C GLU U 244 57.15 44.58 56.95
N ARG U 245 57.78 43.41 57.10
CA ARG U 245 57.54 42.40 58.19
C ARG U 245 56.57 42.89 59.26
N THR V 1 0.78 -0.54 34.06
CA THR V 1 1.71 0.05 35.05
C THR V 1 1.32 1.43 35.47
N THR V 2 1.38 1.65 36.79
CA THR V 2 1.34 2.97 37.37
C THR V 2 2.59 3.17 38.24
N ILE V 3 3.37 4.18 37.91
CA ILE V 3 4.50 4.59 38.74
C ILE V 3 4.46 6.08 38.94
N ALA V 4 5.02 6.50 40.05
CA ALA V 4 4.92 7.88 40.46
C ALA V 4 5.99 8.22 41.50
N GLY V 5 6.23 9.52 41.60
CA GLY V 5 7.10 10.05 42.60
C GLY V 5 6.72 11.47 43.00
N VAL V 6 7.14 11.81 44.21
CA VAL V 6 6.97 13.10 44.82
C VAL V 6 8.22 13.53 45.62
N VAL V 7 8.51 14.83 45.59
CA VAL V 7 9.46 15.47 46.47
C VAL V 7 8.68 15.98 47.68
N TYR V 8 9.10 15.58 48.88
CA TYR V 8 8.52 16.08 50.15
C TYR V 8 9.58 16.88 50.92
N LYS V 9 9.21 17.42 52.08
CA LYS V 9 10.06 18.37 52.80
C LYS V 9 11.51 17.89 52.96
N ASP V 10 11.68 16.61 53.30
CA ASP V 10 13.00 16.02 53.58
C ASP V 10 13.47 14.94 52.62
N GLY V 11 12.83 14.79 51.47
CA GLY V 11 13.20 13.67 50.58
C GLY V 11 12.26 13.40 49.44
N ILE V 12 12.26 12.13 49.01
CA ILE V 12 11.54 11.60 47.87
C ILE V 12 10.66 10.44 48.33
N VAL V 13 9.44 10.37 47.81
CA VAL V 13 8.66 9.13 47.89
C VAL V 13 8.38 8.66 46.47
N LEU V 14 8.78 7.41 46.18
CA LEU V 14 8.45 6.71 44.93
C LEU V 14 7.40 5.66 45.20
N GLY V 15 6.59 5.40 44.19
CA GLY V 15 5.50 4.42 44.27
C GLY V 15 5.34 3.66 42.98
N ALA V 16 4.80 2.44 43.10
CA ALA V 16 4.51 1.61 41.96
C ALA V 16 3.48 0.56 42.29
N ASP V 17 2.73 0.13 41.28
CA ASP V 17 1.88 -1.06 41.35
C ASP V 17 2.74 -2.31 41.09
N THR V 18 2.12 -3.50 41.10
CA THR V 18 2.88 -4.73 40.94
C THR V 18 2.41 -5.68 39.82
N ARG V 19 1.58 -5.19 38.91
CA ARG V 19 1.12 -5.98 37.75
C ARG V 19 2.03 -5.87 36.53
N ALA V 20 2.34 -7.02 35.95
CA ALA V 20 2.91 -7.08 34.61
C ALA V 20 1.95 -7.83 33.71
N THR V 21 1.80 -7.35 32.47
CA THR V 21 0.90 -7.94 31.51
C THR V 21 1.59 -8.42 30.25
N GLU V 22 0.96 -9.41 29.62
CA GLU V 22 1.30 -9.85 28.27
C GLU V 22 -0.02 -9.81 27.53
N GLY V 23 -0.14 -8.89 26.59
CA GLY V 23 -1.41 -8.57 25.97
C GLY V 23 -2.38 -8.11 27.04
N MET V 24 -3.54 -8.75 27.10
CA MET V 24 -4.54 -8.37 28.09
C MET V 24 -4.68 -9.48 29.17
N VAL V 25 -3.56 -10.14 29.47
CA VAL V 25 -3.47 -11.18 30.46
C VAL V 25 -2.41 -10.78 31.47
N VAL V 26 -2.71 -11.01 32.75
CA VAL V 26 -1.76 -10.75 33.82
C VAL V 26 -0.73 -11.89 33.83
N ALA V 27 0.53 -11.53 33.62
CA ALA V 27 1.64 -12.48 33.67
C ALA V 27 2.25 -12.53 35.08
N ASP V 28 2.35 -11.39 35.73
CA ASP V 28 2.89 -11.33 37.08
C ASP V 28 2.01 -10.46 37.93
N LYS V 29 1.63 -11.02 39.07
CA LYS V 29 0.84 -10.34 40.08
C LYS V 29 1.65 -9.57 41.09
N ASN V 30 2.95 -9.88 41.18
CA ASN V 30 3.83 -9.24 42.17
C ASN V 30 5.20 -8.90 41.59
N CYS V 31 5.18 -8.18 40.49
CA CYS V 31 6.39 -7.68 39.86
C CYS V 31 6.94 -6.55 40.75
N SER V 32 8.26 -6.45 40.92
CA SER V 32 8.89 -5.31 41.62
C SER V 32 9.34 -4.27 40.62
N LYS V 33 8.75 -3.08 40.67
CA LYS V 33 9.03 -2.05 39.69
C LYS V 33 9.91 -0.90 40.17
N ILE V 34 10.29 -0.89 41.45
CA ILE V 34 11.15 0.14 42.02
C ILE V 34 12.55 -0.49 42.14
N HIS V 35 13.49 0.00 41.32
CA HIS V 35 14.81 -0.62 41.15
C HIS V 35 15.90 0.18 41.87
N PHE V 36 16.83 -0.56 42.47
CA PHE V 36 18.03 0.00 43.07
C PHE V 36 18.90 0.65 41.99
N ILE V 37 19.31 1.90 42.22
CA ILE V 37 20.32 2.56 41.40
C ILE V 37 21.63 2.66 42.22
N SER V 38 21.55 3.28 43.38
CA SER V 38 22.64 3.33 44.35
C SER V 38 21.99 3.42 45.74
N PRO V 39 22.77 3.37 46.83
CA PRO V 39 22.10 3.40 48.13
C PRO V 39 21.18 4.61 48.37
N ASN V 40 21.46 5.75 47.73
CA ASN V 40 20.69 6.98 47.85
C ASN V 40 19.79 7.32 46.63
N ILE V 41 19.69 6.41 45.64
CA ILE V 41 18.96 6.65 44.37
C ILE V 41 18.21 5.39 43.91
N TYR V 42 16.91 5.53 43.72
CA TYR V 42 16.09 4.47 43.17
C TYR V 42 15.34 4.98 41.92
N CYS V 43 14.77 4.05 41.16
CA CYS V 43 14.18 4.34 39.86
C CYS V 43 12.99 3.41 39.61
N CYS V 44 11.78 3.96 39.46
CA CYS V 44 10.65 3.14 39.00
C CYS V 44 10.67 2.98 37.49
N GLY V 45 10.24 1.81 37.02
CA GLY V 45 10.23 1.54 35.58
C GLY V 45 8.89 1.13 35.02
N ALA V 46 8.56 1.73 33.88
CA ALA V 46 7.36 1.41 33.08
C ALA V 46 7.78 1.18 31.62
N GLY V 47 6.95 0.49 30.87
CA GLY V 47 7.19 0.20 29.46
C GLY V 47 7.57 -1.25 29.30
N THR V 48 8.55 -1.50 28.43
CA THR V 48 8.98 -2.86 28.15
C THR V 48 9.84 -3.37 29.32
N ALA V 49 9.39 -4.45 29.96
CA ALA V 49 9.97 -4.92 31.18
C ALA V 49 11.46 -5.28 31.05
N ALA V 50 11.86 -5.95 29.96
CA ALA V 50 13.28 -6.33 29.83
C ALA V 50 14.14 -5.09 29.73
N ASP V 51 13.62 -4.06 29.05
CA ASP V 51 14.35 -2.83 28.85
C ASP V 51 14.50 -2.00 30.12
N THR V 52 13.47 -1.96 30.97
CA THR V 52 13.60 -1.23 32.25
C THR V 52 14.56 -1.92 33.20
N ASP V 53 14.46 -3.25 33.30
CA ASP V 53 15.40 -4.03 34.09
C ASP V 53 16.86 -3.82 33.65
N MET V 54 17.11 -4.01 32.35
CA MET V 54 18.48 -4.05 31.85
C MET V 54 19.08 -2.66 31.87
N THR V 55 18.27 -1.66 31.57
CA THR V 55 18.73 -0.27 31.57
C THR V 55 19.10 0.21 32.98
N THR V 56 18.22 -0.04 33.96
CA THR V 56 18.52 0.34 35.34
C THR V 56 19.74 -0.41 35.91
N GLN V 57 19.84 -1.71 35.64
CA GLN V 57 20.97 -2.54 36.07
C GLN V 57 22.27 -1.99 35.52
N LEU V 58 22.30 -1.65 34.23
CA LEU V 58 23.52 -1.15 33.60
C LEU V 58 23.98 0.17 34.21
N ILE V 59 23.05 1.10 34.37
CA ILE V 59 23.35 2.41 34.94
C ILE V 59 23.74 2.29 36.43
N SER V 60 23.09 1.41 37.16
CA SER V 60 23.45 1.14 38.54
C SER V 60 24.90 0.63 38.65
N SER V 61 25.24 -0.31 37.78
CA SER V 61 26.57 -0.86 37.71
C SER V 61 27.65 0.18 37.35
N ASN V 62 27.40 0.99 36.33
CA ASN V 62 28.33 2.04 35.94
C ASN V 62 28.46 3.07 37.04
N LEU V 63 27.38 3.32 37.78
CA LEU V 63 27.41 4.26 38.90
C LEU V 63 28.19 3.75 40.08
N GLU V 64 28.13 2.43 40.33
CA GLU V 64 28.92 1.82 41.37
C GLU V 64 30.41 1.96 41.02
N LEU V 65 30.79 1.73 39.76
CA LEU V 65 32.18 1.97 39.28
C LEU V 65 32.57 3.43 39.48
N HIS V 66 31.64 4.34 39.16
CA HIS V 66 31.87 5.77 39.37
C HIS V 66 32.16 6.09 40.85
N SER V 67 31.28 5.64 41.75
CA SER V 67 31.42 5.94 43.20
C SER V 67 32.61 5.27 43.86
N LEU V 68 32.91 4.04 43.45
CA LEU V 68 34.13 3.33 43.85
C LEU V 68 35.39 4.19 43.53
N SER V 69 35.39 4.81 42.37
CA SER V 69 36.46 5.67 41.93
C SER V 69 36.51 6.99 42.68
N THR V 70 35.38 7.68 42.78
CA THR V 70 35.36 8.98 43.42
C THR V 70 35.50 8.88 44.95
N GLY V 71 35.13 7.74 45.53
CA GLY V 71 34.91 7.64 46.97
C GLY V 71 33.75 8.48 47.52
N ARG V 72 32.81 8.93 46.69
CA ARG V 72 31.66 9.77 47.12
C ARG V 72 30.37 9.11 46.76
N LEU V 73 29.35 9.53 47.46
CA LEU V 73 27.98 9.18 47.14
C LEU V 73 27.55 9.78 45.77
N PRO V 74 26.86 9.00 44.94
CA PRO V 74 26.55 9.51 43.61
C PRO V 74 25.48 10.60 43.57
N ARG V 75 25.43 11.35 42.49
CA ARG V 75 24.44 12.40 42.35
C ARG V 75 23.30 11.95 41.43
N VAL V 76 22.12 12.49 41.67
CA VAL V 76 20.95 12.11 40.88
C VAL V 76 21.14 12.61 39.47
N VAL V 77 21.71 13.81 39.31
CA VAL V 77 21.98 14.35 37.97
C VAL V 77 22.85 13.41 37.10
N THR V 78 23.76 12.66 37.72
CA THR V 78 24.61 11.75 37.01
C THR V 78 23.84 10.57 36.50
N ALA V 79 23.00 9.98 37.36
CA ALA V 79 22.13 8.88 36.91
C ALA V 79 21.23 9.36 35.74
N ASN V 80 20.71 10.57 35.87
CA ASN V 80 19.84 11.18 34.84
C ASN V 80 20.54 11.31 33.51
N ARG V 81 21.73 11.88 33.52
CA ARG V 81 22.56 12.01 32.31
C ARG V 81 22.89 10.72 31.66
N MET V 82 23.35 9.77 32.45
CA MET V 82 23.73 8.47 31.93
C MET V 82 22.53 7.80 31.24
N LEU V 83 21.38 7.82 31.91
CA LEU V 83 20.17 7.22 31.35
C LEU V 83 19.75 7.93 30.07
N LYS V 84 19.66 9.26 30.12
CA LYS V 84 19.12 9.99 28.99
C LYS V 84 20.04 9.92 27.76
N GLN V 85 21.36 9.94 27.99
CA GLN V 85 22.30 9.80 26.87
C GLN V 85 22.25 8.41 26.20
N MET V 86 22.06 7.36 27.00
CA MET V 86 21.90 6.04 26.44
C MET V 86 20.55 5.91 25.67
N LEU V 87 19.46 6.35 26.29
CA LEU V 87 18.15 6.27 25.64
C LEU V 87 18.10 7.08 24.33
N PHE V 88 18.71 8.26 24.33
CA PHE V 88 18.81 9.05 23.14
C PHE V 88 19.54 8.33 22.02
N ARG V 89 20.68 7.73 22.37
CA ARG V 89 21.48 6.99 21.44
C ARG V 89 20.67 5.86 20.76
N TYR V 90 19.75 5.24 21.47
CA TYR V 90 18.92 4.16 20.94
C TYR V 90 17.61 4.61 20.27
N GLN V 91 17.35 5.93 20.24
CA GLN V 91 16.32 6.54 19.40
C GLN V 91 14.93 6.08 19.73
N GLY V 92 14.66 5.80 21.01
CA GLY V 92 13.36 5.33 21.42
C GLY V 92 13.15 3.83 21.28
N TYR V 93 14.10 3.10 20.74
CA TYR V 93 13.96 1.64 20.63
C TYR V 93 14.11 0.88 21.91
N ILE V 94 14.69 1.48 22.93
CA ILE V 94 14.69 0.90 24.27
C ILE V 94 13.50 1.53 24.95
N GLY V 95 12.52 0.71 25.29
CA GLY V 95 11.21 1.21 25.74
C GLY V 95 11.13 1.37 27.24
N ALA V 96 12.01 2.19 27.80
CA ALA V 96 12.14 2.40 29.25
C ALA V 96 11.65 3.80 29.51
N ALA V 97 10.61 3.87 30.33
CA ALA V 97 10.05 5.06 30.83
C ALA V 97 10.24 5.05 32.38
N LEU V 98 10.96 6.05 32.91
CA LEU V 98 11.51 5.97 34.24
C LEU V 98 11.17 7.14 35.13
N VAL V 99 10.89 6.86 36.39
CA VAL V 99 10.80 7.86 37.42
C VAL V 99 12.04 7.68 38.35
N LEU V 100 12.97 8.65 38.26
CA LEU V 100 14.24 8.60 38.96
C LEU V 100 14.21 9.55 40.17
N GLY V 101 14.43 9.02 41.36
CA GLY V 101 14.44 9.83 42.54
C GLY V 101 15.58 9.48 43.47
N GLY V 102 16.18 10.51 44.06
CA GLY V 102 17.11 10.31 45.13
C GLY V 102 17.46 11.54 45.96
N VAL V 103 18.40 11.34 46.84
CA VAL V 103 18.91 12.40 47.71
C VAL V 103 20.44 12.38 47.67
N ASP V 104 21.04 13.52 47.30
CA ASP V 104 22.49 13.66 47.22
CA ASP V 104 22.48 13.64 47.20
C ASP V 104 22.96 14.84 48.02
N VAL V 105 24.23 15.19 47.88
CA VAL V 105 24.84 16.31 48.60
C VAL V 105 24.11 17.63 48.36
N THR V 106 23.42 17.75 47.23
CA THR V 106 22.57 18.92 46.94
C THR V 106 21.06 18.75 47.26
N GLY V 107 20.70 17.69 47.99
CA GLY V 107 19.31 17.48 48.46
C GLY V 107 18.49 16.54 47.57
N PRO V 108 17.16 16.60 47.69
CA PRO V 108 16.28 15.70 46.93
C PRO V 108 16.11 16.12 45.49
N HIS V 109 16.04 15.15 44.59
CA HIS V 109 15.83 15.42 43.17
C HIS V 109 14.98 14.30 42.55
N LEU V 110 14.07 14.71 41.68
CA LEU V 110 13.15 13.80 41.00
C LEU V 110 13.09 14.13 39.51
N TYR V 111 13.22 13.09 38.68
CA TYR V 111 13.17 13.25 37.23
C TYR V 111 12.24 12.22 36.60
N SER V 112 11.52 12.61 35.55
CA SER V 112 10.91 11.62 34.66
C SER V 112 11.83 11.52 33.44
N ILE V 113 12.07 10.29 32.97
CA ILE V 113 12.89 10.05 31.80
C ILE V 113 12.11 9.23 30.81
N TYR V 114 12.08 9.71 29.58
CA TYR V 114 11.31 9.08 28.51
C TYR V 114 12.15 8.26 27.54
N PRO V 115 11.53 7.31 26.80
CA PRO V 115 12.28 6.38 25.96
C PRO V 115 13.14 7.03 24.91
N HIS V 116 12.70 8.17 24.35
CA HIS V 116 13.50 8.88 23.34
C HIS V 116 14.67 9.70 23.96
N GLY V 117 14.72 9.82 25.27
CA GLY V 117 15.82 10.50 25.95
C GLY V 117 15.53 11.89 26.48
N SER V 118 14.28 12.35 26.47
CA SER V 118 13.97 13.60 27.13
C SER V 118 13.84 13.31 28.61
N THR V 119 14.17 14.32 29.42
CA THR V 119 13.92 14.27 30.83
C THR V 119 13.29 15.58 31.30
N ASP V 120 12.53 15.46 32.38
CA ASP V 120 11.90 16.60 33.06
C ASP V 120 12.17 16.50 34.54
N LYS V 121 12.67 17.60 35.10
CA LYS V 121 12.95 17.69 36.51
C LYS V 121 11.75 18.41 37.17
N LEU V 122 11.04 17.71 38.04
CA LEU V 122 9.75 18.20 38.58
C LEU V 122 9.55 17.74 40.00
N PRO V 123 8.62 18.39 40.75
CA PRO V 123 8.37 17.97 42.13
C PRO V 123 7.38 16.81 42.27
N TYR V 124 6.69 16.47 41.18
CA TYR V 124 5.87 15.26 41.09
C TYR V 124 5.68 14.81 39.62
N VAL V 125 5.73 13.50 39.41
CA VAL V 125 5.65 12.90 38.10
C VAL V 125 4.93 11.56 38.17
N THR V 126 4.38 11.14 37.04
CA THR V 126 3.77 9.85 36.90
C THR V 126 4.09 9.30 35.49
N MET V 127 4.11 7.97 35.38
CA MET V 127 4.28 7.29 34.11
CA MET V 127 4.29 7.28 34.11
C MET V 127 3.53 5.99 34.13
N GLY V 128 3.39 5.40 32.94
CA GLY V 128 2.67 4.15 32.75
C GLY V 128 1.29 4.37 32.19
N SER V 129 0.60 3.30 31.85
CA SER V 129 -0.79 3.40 31.39
C SER V 129 -1.74 3.97 32.47
N GLY V 130 -1.35 3.93 33.75
CA GLY V 130 -2.14 4.54 34.82
C GLY V 130 -1.76 5.96 35.17
N SER V 131 -0.94 6.57 34.36
CA SER V 131 -0.27 7.79 34.78
C SER V 131 -1.20 8.99 34.89
N LEU V 132 -2.24 9.05 34.06
CA LEU V 132 -3.17 10.18 34.14
C LEU V 132 -4.06 10.07 35.37
N ALA V 133 -4.46 8.85 35.76
CA ALA V 133 -5.19 8.65 37.02
C ALA V 133 -4.36 9.09 38.25
N ALA V 134 -3.11 8.65 38.29
CA ALA V 134 -2.17 9.07 39.32
C ALA V 134 -1.90 10.60 39.29
N MET V 135 -1.79 11.17 38.10
CA MET V 135 -1.57 12.61 37.96
C MET V 135 -2.75 13.45 38.43
N ALA V 136 -3.96 12.96 38.21
CA ALA V 136 -5.15 13.65 38.68
C ALA V 136 -5.09 13.79 40.21
N VAL V 137 -4.70 12.72 40.90
CA VAL V 137 -4.55 12.72 42.36
C VAL V 137 -3.55 13.79 42.77
N PHE V 138 -2.40 13.81 42.12
CA PHE V 138 -1.36 14.82 42.40
C PHE V 138 -1.79 16.25 42.13
N GLU V 139 -2.40 16.51 40.99
CA GLU V 139 -2.85 17.88 40.71
C GLU V 139 -3.88 18.39 41.75
N ASP V 140 -4.77 17.51 42.17
CA ASP V 140 -5.83 17.82 43.11
C ASP V 140 -5.29 18.02 44.55
N LYS V 141 -4.21 17.33 44.93
CA LYS V 141 -3.81 17.20 46.35
C LYS V 141 -2.35 17.52 46.71
N PHE V 142 -1.46 17.60 45.74
CA PHE V 142 -0.07 17.89 46.09
C PHE V 142 0.02 19.26 46.76
N ARG V 143 0.85 19.36 47.80
CA ARG V 143 1.26 20.65 48.34
C ARG V 143 2.80 20.58 48.44
N PRO V 144 3.49 21.71 48.33
CA PRO V 144 4.94 21.69 48.57
C PRO V 144 5.25 21.44 50.05
N ASP V 145 6.40 20.82 50.30
CA ASP V 145 6.93 20.62 51.66
C ASP V 145 6.03 19.77 52.53
N MET V 146 5.50 18.70 51.98
CA MET V 146 4.71 17.79 52.80
C MET V 146 5.61 17.05 53.76
N GLU V 147 5.01 16.59 54.84
CA GLU V 147 5.68 15.75 55.82
C GLU V 147 5.68 14.33 55.27
N GLU V 148 6.56 13.50 55.82
CA GLU V 148 6.80 12.15 55.32
C GLU V 148 5.50 11.36 55.16
N GLU V 149 4.68 11.33 56.21
CA GLU V 149 3.46 10.53 56.19
C GLU V 149 2.39 11.06 55.23
N GLU V 150 2.27 12.40 55.11
CA GLU V 150 1.38 12.99 54.12
C GLU V 150 1.81 12.58 52.71
N ALA V 151 3.11 12.70 52.42
CA ALA V 151 3.65 12.34 51.10
C ALA V 151 3.43 10.87 50.75
N LYS V 152 3.62 10.00 51.73
CA LYS V 152 3.37 8.57 51.57
C LYS V 152 1.91 8.27 51.27
N ASN V 153 1.00 8.89 52.02
CA ASN V 153 -0.44 8.80 51.74
C ASN V 153 -0.79 9.23 50.33
N LEU V 154 -0.22 10.34 49.88
CA LEU V 154 -0.50 10.91 48.59
C LEU V 154 -0.02 9.98 47.48
N VAL V 155 1.19 9.47 47.59
CA VAL V 155 1.69 8.55 46.59
C VAL V 155 0.87 7.28 46.52
N SER V 156 0.50 6.71 47.66
CA SER V 156 -0.25 5.47 47.60
C SER V 156 -1.67 5.71 47.08
N GLU V 157 -2.25 6.88 47.38
CA GLU V 157 -3.51 7.27 46.78
C GLU V 157 -3.42 7.34 45.24
N ALA V 158 -2.32 7.91 44.76
CA ALA V 158 -2.10 8.05 43.33
C ALA V 158 -1.93 6.72 42.62
N ILE V 159 -1.16 5.81 43.21
CA ILE V 159 -0.99 4.46 42.68
C ILE V 159 -2.31 3.73 42.72
N ALA V 160 -3.06 3.88 43.81
CA ALA V 160 -4.39 3.25 43.90
C ALA V 160 -5.33 3.73 42.78
N ALA V 161 -5.30 5.03 42.46
CA ALA V 161 -6.08 5.57 41.34
C ALA V 161 -5.78 4.82 40.03
N GLY V 162 -4.51 4.56 39.76
CA GLY V 162 -4.11 3.79 38.60
C GLY V 162 -4.53 2.33 38.66
N ILE V 163 -4.33 1.71 39.84
CA ILE V 163 -4.74 0.32 40.08
C ILE V 163 -6.22 0.06 39.75
N PHE V 164 -7.07 0.95 40.23
CA PHE V 164 -8.51 0.73 40.12
C PHE V 164 -9.11 1.22 38.81
N ASN V 165 -8.45 2.14 38.11
CA ASN V 165 -8.99 2.73 36.89
C ASN V 165 -8.32 2.34 35.57
N ASP V 166 -7.14 1.72 35.64
CA ASP V 166 -6.38 1.29 34.47
C ASP V 166 -6.32 -0.23 34.48
N LEU V 167 -6.79 -0.83 33.39
CA LEU V 167 -6.73 -2.27 33.25
C LEU V 167 -5.27 -2.81 33.20
N GLY V 168 -4.33 -1.96 32.82
CA GLY V 168 -2.90 -2.31 32.86
C GLY V 168 -2.24 -2.36 34.22
N SER V 169 -2.92 -1.84 35.24
CA SER V 169 -2.35 -1.74 36.58
C SER V 169 -3.13 -2.58 37.58
N GLY V 170 -2.42 -3.08 38.58
CA GLY V 170 -3.07 -3.86 39.63
C GLY V 170 -2.24 -4.33 40.80
N SER V 171 -2.90 -5.16 41.59
CA SER V 171 -2.31 -5.89 42.72
C SER V 171 -1.84 -4.90 43.79
N ASN V 172 -0.57 -4.92 44.21
CA ASN V 172 -0.13 -4.24 45.41
C ASN V 172 0.42 -2.87 45.12
N ILE V 173 0.57 -2.09 46.18
CA ILE V 173 1.25 -0.80 46.14
C ILE V 173 2.59 -0.96 46.87
N ASP V 174 3.71 -0.70 46.16
CA ASP V 174 5.05 -0.59 46.77
C ASP V 174 5.44 0.88 46.87
N LEU V 175 6.10 1.26 47.96
CA LEU V 175 6.70 2.58 48.10
C LEU V 175 8.20 2.47 48.41
N CYS V 176 8.94 3.53 48.08
CA CYS V 176 10.31 3.70 48.54
C CYS V 176 10.48 5.12 49.04
N VAL V 177 10.89 5.28 50.30
CA VAL V 177 11.06 6.59 50.93
C VAL V 177 12.57 6.85 51.12
N ILE V 178 13.05 7.98 50.61
CA ILE V 178 14.46 8.31 50.60
C ILE V 178 14.64 9.68 51.20
N SER V 179 15.39 9.76 52.29
CA SER V 179 15.80 11.03 52.89
C SER V 179 17.31 11.02 53.14
N LYS V 180 17.86 12.14 53.65
CA LYS V 180 19.27 12.19 54.10
C LYS V 180 19.59 11.06 55.09
N ASN V 181 18.64 10.71 55.94
CA ASN V 181 18.86 9.83 57.08
C ASN V 181 18.41 8.38 56.95
N LYS V 182 17.60 8.09 55.94
CA LYS V 182 16.84 6.85 55.90
C LYS V 182 16.56 6.44 54.46
N LEU V 183 16.50 5.13 54.27
CA LEU V 183 15.89 4.56 53.11
C LEU V 183 14.92 3.47 53.56
N ASP V 184 13.63 3.66 53.26
CA ASP V 184 12.58 2.68 53.58
C ASP V 184 12.01 2.10 52.30
N PHE V 185 12.32 0.84 52.02
CA PHE V 185 11.88 0.16 50.81
C PHE V 185 10.71 -0.68 51.30
N LEU V 186 9.50 -0.24 50.99
CA LEU V 186 8.29 -0.80 51.58
C LEU V 186 7.56 -1.61 50.50
N ARG V 187 7.88 -2.91 50.47
CA ARG V 187 7.32 -3.86 49.50
C ARG V 187 6.71 -5.08 50.23
N PRO V 188 5.38 -5.25 50.31
CA PRO V 188 4.34 -4.31 49.85
C PRO V 188 4.08 -3.21 50.89
N TYR V 189 3.59 -2.06 50.45
CA TYR V 189 3.10 -1.03 51.35
C TYR V 189 1.64 -1.30 51.68
N THR V 190 0.82 -1.55 50.65
CA THR V 190 -0.58 -1.93 50.77
C THR V 190 -0.88 -3.10 49.83
N VAL V 191 -1.86 -3.91 50.21
CA VAL V 191 -2.31 -5.06 49.45
C VAL V 191 -3.83 -4.84 49.32
N PRO V 192 -4.27 -3.92 48.43
CA PRO V 192 -5.72 -3.66 48.31
C PRO V 192 -6.51 -4.71 47.55
N ASN V 193 -5.84 -5.63 46.89
CA ASN V 193 -6.50 -6.67 46.11
C ASN V 193 -6.14 -8.07 46.61
N LYS V 194 -7.13 -8.95 46.71
CA LYS V 194 -6.93 -10.32 47.19
C LYS V 194 -7.78 -11.30 46.37
N LYS V 195 -7.21 -12.45 45.98
CA LYS V 195 -7.98 -13.51 45.29
C LYS V 195 -9.05 -13.99 46.23
N GLY V 196 -10.29 -14.11 45.74
CA GLY V 196 -11.39 -14.59 46.54
C GLY V 196 -11.17 -16.03 46.99
N THR V 197 -11.87 -16.43 48.05
CA THR V 197 -11.62 -17.73 48.67
C THR V 197 -12.27 -18.86 47.88
N ARG V 198 -11.51 -19.95 47.68
CA ARG V 198 -11.87 -21.00 46.70
C ARG V 198 -12.90 -21.93 47.33
N LEU V 199 -14.05 -22.08 46.67
CA LEU V 199 -15.26 -22.61 47.31
C LEU V 199 -15.41 -24.12 47.27
N GLY V 200 -14.80 -24.77 46.28
CA GLY V 200 -14.85 -26.24 46.18
C GLY V 200 -13.50 -26.83 46.52
N ARG V 201 -13.49 -28.01 47.13
CA ARG V 201 -12.26 -28.80 47.22
C ARG V 201 -12.16 -29.62 45.91
N TYR V 202 -10.97 -29.67 45.34
CA TYR V 202 -10.70 -30.51 44.17
C TYR V 202 -9.67 -31.58 44.55
N ARG V 203 -9.87 -32.23 45.70
CA ARG V 203 -8.86 -33.20 46.16
C ARG V 203 -8.65 -34.26 45.05
N CYS V 204 -7.50 -34.23 44.36
CA CYS V 204 -7.15 -35.20 43.29
C CYS V 204 -6.35 -36.36 43.86
N GLU V 205 -7.02 -37.48 44.07
CA GLU V 205 -6.37 -38.69 44.58
C GLU V 205 -5.35 -39.28 43.61
N LYS V 206 -4.33 -39.93 44.18
CA LYS V 206 -3.31 -40.66 43.40
C LYS V 206 -4.00 -41.69 42.49
N GLY V 207 -3.58 -41.75 41.22
CA GLY V 207 -4.20 -42.65 40.23
C GLY V 207 -5.26 -42.02 39.33
N THR V 208 -5.71 -40.79 39.69
CA THR V 208 -6.61 -39.99 38.86
C THR V 208 -6.02 -39.72 37.45
N THR V 209 -4.72 -39.41 37.41
CA THR V 209 -3.99 -39.25 36.17
C THR V 209 -3.43 -40.62 35.70
N ALA V 210 -3.84 -41.10 34.52
CA ALA V 210 -3.29 -42.32 33.94
C ALA V 210 -1.91 -42.05 33.37
N VAL V 211 -1.01 -43.01 33.59
CA VAL V 211 0.40 -42.88 33.25
C VAL V 211 0.77 -43.98 32.26
N LEU V 212 1.40 -43.61 31.14
CA LEU V 212 1.88 -44.59 30.14
C LEU V 212 3.26 -45.14 30.48
N THR V 213 4.15 -44.32 30.99
CA THR V 213 5.55 -44.67 31.12
C THR V 213 6.11 -43.97 32.36
N GLU V 214 7.06 -44.61 33.05
CA GLU V 214 7.69 -44.05 34.25
C GLU V 214 9.17 -44.43 34.32
N LYS V 215 10.00 -43.50 34.78
CA LYS V 215 11.40 -43.78 35.04
C LYS V 215 11.81 -42.99 36.26
N ILE V 216 12.31 -43.69 37.27
CA ILE V 216 12.90 -43.09 38.46
C ILE V 216 14.42 -43.07 38.23
N THR V 217 15.03 -41.90 38.36
CA THR V 217 16.48 -41.73 38.35
C THR V 217 16.89 -41.26 39.75
N PRO V 218 17.59 -42.13 40.53
CA PRO V 218 18.03 -41.72 41.86
C PRO V 218 19.22 -40.75 41.81
N LEU V 219 19.32 -39.83 42.77
CA LEU V 219 20.45 -38.87 42.87
C LEU V 219 21.20 -38.98 44.23
N GLU V 220 22.38 -38.34 44.34
CA GLU V 220 23.28 -38.44 45.53
C GLU V 220 23.55 -37.06 46.15
N SER W 2 1.15 -15.63 13.35
CA SER W 2 2.09 -15.42 14.51
C SER W 2 3.28 -16.40 14.54
N ILE W 3 4.49 -15.88 14.68
CA ILE W 3 5.70 -16.69 14.65
C ILE W 3 5.69 -17.76 15.74
N MET W 4 5.22 -17.37 16.92
CA MET W 4 5.19 -18.25 18.08
C MET W 4 4.19 -19.38 17.97
N SER W 5 3.19 -19.31 17.10
CA SER W 5 2.29 -20.44 16.91
C SER W 5 2.57 -21.33 15.68
N TYR W 6 3.67 -21.09 14.98
CA TYR W 6 4.00 -21.85 13.75
C TYR W 6 4.17 -23.34 14.08
N ASN W 7 4.87 -23.61 15.18
CA ASN W 7 5.06 -24.97 15.69
C ASN W 7 4.12 -25.35 16.88
N GLY W 8 3.53 -24.37 17.54
CA GLY W 8 2.65 -24.62 18.68
C GLY W 8 3.48 -25.05 19.87
N GLY W 9 2.84 -25.55 20.90
CA GLY W 9 3.53 -26.12 22.03
C GLY W 9 3.26 -25.41 23.33
N ALA W 10 3.51 -26.12 24.42
CA ALA W 10 3.18 -25.65 25.75
C ALA W 10 4.11 -26.24 26.78
N VAL W 11 4.59 -25.39 27.69
CA VAL W 11 5.33 -25.85 28.84
C VAL W 11 4.79 -25.16 30.10
N MET W 12 4.91 -25.84 31.22
CA MET W 12 4.62 -25.25 32.52
C MET W 12 5.50 -25.83 33.62
N ALA W 13 5.70 -25.04 34.66
CA ALA W 13 6.37 -25.51 35.87
C ALA W 13 5.56 -25.12 37.11
N MET W 14 5.76 -25.89 38.16
CA MET W 14 4.96 -25.78 39.37
C MET W 14 5.75 -26.13 40.62
N LYS W 15 5.51 -25.38 41.69
CA LYS W 15 6.20 -25.52 42.96
C LYS W 15 5.35 -26.26 44.01
N GLY W 16 5.97 -27.20 44.72
CA GLY W 16 5.42 -27.87 45.90
C GLY W 16 6.32 -27.69 47.12
N LYS W 17 6.06 -28.56 48.11
N LYS W 17 6.22 -28.52 48.17
CA LYS W 17 6.82 -28.72 49.34
CA LYS W 17 6.93 -28.19 49.43
C LYS W 17 7.95 -29.68 49.00
C LYS W 17 8.47 -28.04 49.35
N ASN W 18 9.15 -29.14 49.01
CA ASN W 18 10.55 -29.42 48.79
C ASN W 18 10.70 -30.16 47.43
N CYS W 19 9.89 -29.77 46.47
CA CYS W 19 9.91 -30.38 45.14
C CYS W 19 9.40 -29.39 44.12
N VAL W 20 9.75 -29.62 42.86
CA VAL W 20 9.21 -28.86 41.73
C VAL W 20 8.84 -29.82 40.61
N ALA W 21 7.98 -29.35 39.72
CA ALA W 21 7.52 -30.13 38.57
C ALA W 21 7.59 -29.27 37.33
N ILE W 22 7.93 -29.90 36.21
CA ILE W 22 7.98 -29.24 34.93
C ILE W 22 7.39 -30.23 33.92
N ALA W 23 6.58 -29.71 33.00
CA ALA W 23 5.83 -30.50 32.05
C ALA W 23 5.78 -29.83 30.68
N ALA W 24 5.60 -30.66 29.64
CA ALA W 24 5.50 -30.16 28.27
C ALA W 24 4.68 -31.09 27.44
N ASP W 25 4.09 -30.54 26.37
CA ASP W 25 3.50 -31.38 25.33
C ASP W 25 4.62 -31.95 24.48
N ARG W 26 4.26 -32.90 23.61
CA ARG W 26 5.23 -33.70 22.87
CA ARG W 26 5.21 -33.74 22.89
C ARG W 26 5.17 -33.55 21.36
N ARG W 27 4.20 -32.78 20.86
CA ARG W 27 4.06 -32.55 19.41
C ARG W 27 5.16 -31.68 18.80
N PHE W 28 5.69 -32.12 17.66
CA PHE W 28 6.44 -31.26 16.74
C PHE W 28 5.57 -31.28 15.50
N GLY W 29 5.08 -30.10 15.14
CA GLY W 29 4.29 -29.91 13.95
C GLY W 29 4.63 -28.58 13.28
N ILE W 30 4.22 -28.49 12.02
CA ILE W 30 4.43 -27.35 11.16
C ILE W 30 3.01 -26.93 10.70
N GLN W 31 2.56 -25.80 11.25
CA GLN W 31 1.17 -25.35 11.12
C GLN W 31 0.21 -26.51 11.44
N ALA W 32 -0.67 -26.91 10.55
CA ALA W 32 -1.64 -27.99 10.86
C ALA W 32 -1.00 -29.41 10.97
N GLN W 33 0.14 -29.61 10.33
CA GLN W 33 0.69 -30.94 10.20
C GLN W 33 1.55 -31.39 11.39
N MET W 34 1.12 -32.47 12.07
CA MET W 34 2.00 -33.16 13.00
C MET W 34 3.15 -33.82 12.19
N VAL W 35 4.37 -33.70 12.69
CA VAL W 35 5.54 -34.36 12.07
C VAL W 35 6.02 -35.50 12.97
N THR W 36 6.03 -35.23 14.26
CA THR W 36 6.53 -36.15 15.23
C THR W 36 5.76 -35.98 16.53
N THR W 37 5.71 -37.03 17.34
CA THR W 37 5.07 -37.02 18.65
C THR W 37 5.98 -37.28 19.85
N ASP W 38 7.29 -37.09 19.70
CA ASP W 38 8.23 -37.26 20.82
C ASP W 38 9.29 -36.16 20.80
N PHE W 39 8.90 -34.92 20.52
CA PHE W 39 9.85 -33.84 20.42
C PHE W 39 10.20 -33.33 21.81
N GLN W 40 11.50 -33.24 22.10
CA GLN W 40 11.98 -32.79 23.41
C GLN W 40 11.95 -31.26 23.56
N LYS W 41 11.33 -30.79 24.64
CA LYS W 41 11.23 -29.36 24.97
C LYS W 41 11.76 -29.05 26.35
N ILE W 42 12.00 -30.06 27.18
CA ILE W 42 12.54 -29.90 28.51
C ILE W 42 13.95 -30.53 28.53
N PHE W 43 14.93 -29.76 28.99
CA PHE W 43 16.36 -30.11 28.94
C PHE W 43 17.01 -29.99 30.31
N PRO W 44 17.77 -31.02 30.71
CA PRO W 44 18.52 -30.96 31.98
C PRO W 44 19.61 -29.91 31.96
N MET W 45 19.69 -29.11 33.01
CA MET W 45 20.75 -28.12 33.16
C MET W 45 21.51 -28.35 34.47
N GLY W 46 21.41 -29.56 35.00
CA GLY W 46 21.93 -29.90 36.31
C GLY W 46 21.14 -31.09 36.78
N ASP W 47 21.63 -31.71 37.85
CA ASP W 47 20.97 -32.89 38.38
C ASP W 47 19.54 -32.59 38.83
N ARG W 48 19.34 -31.37 39.37
CA ARG W 48 18.03 -30.94 39.93
C ARG W 48 17.51 -29.62 39.31
N LEU W 49 17.83 -29.38 38.05
CA LEU W 49 17.56 -28.09 37.43
C LEU W 49 17.31 -28.28 35.94
N TYR W 50 16.09 -27.98 35.53
CA TYR W 50 15.60 -28.21 34.16
C TYR W 50 15.04 -26.90 33.55
N ILE W 51 15.17 -26.78 32.23
CA ILE W 51 14.63 -25.66 31.50
C ILE W 51 13.67 -26.22 30.43
N GLY W 52 12.50 -25.61 30.34
CA GLY W 52 11.50 -25.97 29.34
C GLY W 52 11.28 -24.81 28.39
N LEU W 53 11.23 -25.08 27.08
CA LEU W 53 11.13 -24.02 26.10
C LEU W 53 10.01 -24.32 25.15
N ALA W 54 9.12 -23.35 24.98
CA ALA W 54 8.11 -23.41 23.95
C ALA W 54 8.36 -22.27 22.98
N GLY W 55 7.80 -22.39 21.80
CA GLY W 55 7.93 -21.37 20.78
C GLY W 55 8.40 -22.04 19.52
N LEU W 56 9.17 -21.33 18.72
CA LEU W 56 9.64 -21.81 17.45
C LEU W 56 10.68 -22.89 17.68
N ALA W 57 10.42 -24.06 17.08
CA ALA W 57 11.16 -25.29 17.38
C ALA W 57 12.68 -25.12 17.12
N THR W 58 13.04 -24.45 16.03
CA THR W 58 14.44 -24.18 15.76
C THR W 58 15.16 -23.42 16.90
N ASP W 59 14.47 -22.47 17.51
CA ASP W 59 15.01 -21.63 18.58
C ASP W 59 14.96 -22.35 19.95
N VAL W 60 13.97 -23.21 20.14
CA VAL W 60 13.95 -24.10 21.29
C VAL W 60 15.29 -24.88 21.37
N GLN W 61 15.68 -25.45 20.23
CA GLN W 61 16.88 -26.23 20.14
C GLN W 61 18.13 -25.38 20.27
N THR W 62 18.16 -24.22 19.59
CA THR W 62 19.32 -23.38 19.58
C THR W 62 19.57 -22.80 20.96
N VAL W 63 18.52 -22.32 21.60
CA VAL W 63 18.68 -21.75 22.95
C VAL W 63 19.13 -22.81 23.94
N ALA W 64 18.52 -23.99 23.88
CA ALA W 64 18.94 -25.07 24.75
C ALA W 64 20.45 -25.40 24.57
N GLN W 65 20.90 -25.48 23.33
CA GLN W 65 22.26 -25.84 22.98
C GLN W 65 23.26 -24.76 23.34
N ARG W 66 22.93 -23.52 23.05
CA ARG W 66 23.82 -22.40 23.34
C ARG W 66 23.87 -22.13 24.86
N LEU W 67 22.75 -22.33 25.55
CA LEU W 67 22.74 -22.23 26.98
C LEU W 67 23.63 -23.33 27.63
N LYS W 68 23.53 -24.54 27.12
CA LYS W 68 24.35 -25.64 27.60
C LYS W 68 25.86 -25.36 27.41
N PHE W 69 26.26 -24.77 26.28
CA PHE W 69 27.64 -24.32 26.03
C PHE W 69 28.09 -23.40 27.15
N ARG W 70 27.26 -22.41 27.45
CA ARG W 70 27.59 -21.42 28.47
C ARG W 70 27.62 -22.00 29.88
N LEU W 71 26.67 -22.87 30.18
CA LEU W 71 26.61 -23.51 31.49
C LEU W 71 27.80 -24.44 31.76
N ASN W 72 28.14 -25.28 30.79
CA ASN W 72 29.28 -26.18 30.92
C ASN W 72 30.56 -25.41 31.22
N LEU W 73 30.76 -24.28 30.53
CA LEU W 73 31.93 -23.45 30.76
C LEU W 73 31.92 -22.84 32.15
N TYR W 74 30.76 -22.31 32.54
CA TYR W 74 30.56 -21.82 33.89
C TYR W 74 30.94 -22.85 34.99
N GLU W 75 30.42 -24.06 34.85
CA GLU W 75 30.64 -25.09 35.87
C GLU W 75 32.09 -25.55 35.93
N LEU W 76 32.74 -25.72 34.78
CA LEU W 76 34.19 -26.01 34.74
C LEU W 76 35.04 -24.91 35.38
N LYS W 77 34.70 -23.66 35.11
CA LYS W 77 35.47 -22.52 35.61
C LYS W 77 35.23 -22.22 37.11
N GLU W 78 33.98 -22.33 37.54
CA GLU W 78 33.60 -22.14 38.92
C GLU W 78 33.78 -23.49 39.61
N GLY W 79 33.70 -23.54 40.90
CA GLY W 79 33.89 -24.87 41.50
C GLY W 79 32.74 -25.87 41.41
N ARG W 80 31.66 -25.60 40.69
CA ARG W 80 30.37 -25.96 41.26
C ARG W 80 29.19 -26.00 40.31
N GLN W 81 28.11 -26.57 40.81
CA GLN W 81 26.85 -26.53 40.07
C GLN W 81 26.19 -25.14 40.15
N ILE W 82 25.62 -24.70 39.04
CA ILE W 82 24.90 -23.41 38.99
C ILE W 82 23.65 -23.38 39.91
N LYS W 83 23.45 -22.27 40.61
CA LYS W 83 22.21 -22.02 41.34
C LYS W 83 21.02 -21.64 40.39
N PRO W 84 19.77 -22.01 40.75
CA PRO W 84 18.65 -21.75 39.85
C PRO W 84 18.56 -20.28 39.41
N TYR W 85 18.65 -19.37 40.37
CA TYR W 85 18.54 -17.93 40.14
C TYR W 85 19.64 -17.44 39.18
N THR W 86 20.85 -18.00 39.33
CA THR W 86 21.95 -17.72 38.42
C THR W 86 21.72 -18.24 37.01
N LEU W 87 21.15 -19.44 36.86
CA LEU W 87 20.76 -19.90 35.52
C LEU W 87 19.75 -18.95 34.83
N MET W 88 18.75 -18.52 35.59
CA MET W 88 17.80 -17.53 35.10
C MET W 88 18.51 -16.30 34.55
N SER W 89 19.46 -15.78 35.29
CA SER W 89 20.23 -14.62 34.85
C SER W 89 21.09 -14.85 33.61
N MET W 90 21.70 -16.02 33.53
CA MET W 90 22.49 -16.45 32.37
C MET W 90 21.59 -16.50 31.13
N VAL W 91 20.38 -17.04 31.28
CA VAL W 91 19.41 -17.14 30.19
C VAL W 91 18.91 -15.74 29.78
N ALA W 92 18.58 -14.90 30.75
CA ALA W 92 18.17 -13.52 30.49
C ALA W 92 19.21 -12.78 29.68
N ASN W 93 20.49 -12.93 30.06
CA ASN W 93 21.57 -12.29 29.38
C ASN W 93 21.66 -12.78 27.92
N LEU W 94 21.58 -14.11 27.73
CA LEU W 94 21.59 -14.70 26.39
C LEU W 94 20.46 -14.16 25.49
N LEU W 95 19.24 -14.10 26.01
CA LEU W 95 18.11 -13.64 25.22
C LEU W 95 18.19 -12.15 24.91
N TYR W 96 18.61 -11.34 25.87
CA TYR W 96 18.68 -9.91 25.70
C TYR W 96 19.81 -9.46 24.77
N GLU W 97 20.86 -10.26 24.62
CA GLU W 97 21.84 -10.04 23.54
C GLU W 97 21.18 -9.93 22.17
N LYS W 98 20.09 -10.64 21.96
CA LYS W 98 19.36 -10.63 20.68
C LYS W 98 18.10 -9.75 20.77
N ARG W 99 18.15 -8.72 21.63
CA ARG W 99 17.03 -7.78 21.84
C ARG W 99 16.39 -7.32 20.54
N PHE W 100 17.22 -7.00 19.56
CA PHE W 100 16.69 -6.48 18.29
C PHE W 100 16.53 -7.52 17.16
N GLY W 101 16.70 -8.81 17.43
CA GLY W 101 16.39 -9.89 16.46
C GLY W 101 16.25 -11.17 17.26
N PRO W 102 15.22 -11.25 18.09
CA PRO W 102 15.17 -12.23 19.16
C PRO W 102 14.99 -13.68 18.72
N TYR W 103 15.37 -14.58 19.61
CA TYR W 103 14.96 -15.97 19.54
C TYR W 103 13.50 -15.99 19.93
N TYR W 104 12.71 -16.80 19.24
CA TYR W 104 11.24 -16.89 19.49
C TYR W 104 10.93 -18.03 20.44
N THR W 105 11.37 -17.88 21.67
CA THR W 105 11.15 -18.89 22.67
C THR W 105 11.05 -18.19 24.02
N GLU W 106 10.20 -18.74 24.88
CA GLU W 106 9.88 -18.16 26.18
C GLU W 106 10.03 -19.26 27.23
N PRO W 107 11.20 -19.33 27.85
CA PRO W 107 11.45 -20.49 28.73
C PRO W 107 10.81 -20.45 30.10
N VAL W 108 10.66 -21.63 30.67
CA VAL W 108 10.44 -21.81 32.09
C VAL W 108 11.60 -22.61 32.69
N ILE W 109 11.97 -22.27 33.92
CA ILE W 109 13.00 -22.98 34.66
C ILE W 109 12.40 -23.56 35.93
N ALA W 110 12.75 -24.80 36.24
CA ALA W 110 12.31 -25.48 37.45
C ALA W 110 13.51 -26.20 38.06
N GLY W 111 13.79 -25.95 39.33
CA GLY W 111 14.80 -26.72 40.01
C GLY W 111 14.89 -26.53 41.50
N LEU W 112 15.84 -27.26 42.11
CA LEU W 112 16.13 -27.18 43.53
C LEU W 112 17.53 -26.61 43.69
N ASP W 113 17.76 -25.73 44.66
CA ASP W 113 19.11 -25.19 44.87
C ASP W 113 20.10 -26.33 45.19
N PRO W 114 21.26 -26.40 44.48
CA PRO W 114 22.16 -27.58 44.64
C PRO W 114 22.73 -27.80 46.04
N LYS W 115 22.75 -26.76 46.88
CA LYS W 115 23.19 -26.90 48.28
C LYS W 115 22.04 -27.01 49.28
N THR W 116 21.07 -26.11 49.19
CA THR W 116 19.98 -26.01 50.20
C THR W 116 18.68 -26.77 49.79
N PHE W 117 18.59 -27.18 48.52
CA PHE W 117 17.42 -27.93 48.00
C PHE W 117 16.09 -27.14 48.04
N LYS W 118 16.18 -25.81 48.14
CA LYS W 118 15.02 -24.93 48.12
C LYS W 118 14.41 -24.90 46.72
N PRO W 119 13.08 -25.04 46.60
CA PRO W 119 12.42 -24.97 45.26
C PRO W 119 12.48 -23.61 44.56
N PHE W 120 12.64 -23.64 43.23
CA PHE W 120 12.69 -22.42 42.41
C PHE W 120 11.95 -22.63 41.11
N ILE W 121 11.10 -21.66 40.74
CA ILE W 121 10.55 -21.63 39.40
C ILE W 121 10.56 -20.22 38.84
N CYS W 122 10.75 -20.13 37.52
CA CYS W 122 10.66 -18.84 36.86
C CYS W 122 10.29 -19.02 35.40
N SER W 123 9.99 -17.90 34.76
CA SER W 123 9.87 -17.90 33.31
C SER W 123 10.48 -16.60 32.83
N LEU W 124 10.72 -16.55 31.53
CA LEU W 124 11.25 -15.35 30.92
C LEU W 124 10.54 -15.11 29.63
N ASP W 125 10.42 -13.86 29.20
CA ASP W 125 9.87 -13.57 27.87
C ASP W 125 10.99 -13.68 26.86
N LEU W 126 10.67 -13.47 25.59
CA LEU W 126 11.63 -13.80 24.51
C LEU W 126 12.86 -12.89 24.46
N ILE W 127 12.77 -11.71 25.08
CA ILE W 127 13.93 -10.82 25.21
C ILE W 127 14.55 -10.84 26.61
N GLY W 128 14.17 -11.80 27.43
CA GLY W 128 14.89 -12.10 28.65
C GLY W 128 14.44 -11.40 29.92
N CYS W 129 13.19 -10.94 29.98
CA CYS W 129 12.65 -10.36 31.20
C CYS W 129 12.38 -11.51 32.15
N PRO W 130 13.02 -11.53 33.36
CA PRO W 130 12.72 -12.61 34.27
C PRO W 130 11.51 -12.38 35.22
N MET W 131 10.84 -13.48 35.53
CA MET W 131 9.76 -13.49 36.50
C MET W 131 9.87 -14.73 37.35
N VAL W 132 10.18 -14.54 38.62
CA VAL W 132 10.16 -15.59 39.63
C VAL W 132 8.78 -15.61 40.30
N THR W 133 8.20 -16.80 40.52
CA THR W 133 6.94 -16.94 41.27
C THR W 133 7.03 -18.04 42.32
N ASP W 134 6.09 -18.01 43.25
CA ASP W 134 6.01 -19.01 44.29
C ASP W 134 4.99 -20.11 44.03
N ASP W 135 4.43 -20.16 42.81
CA ASP W 135 3.37 -21.13 42.52
C ASP W 135 3.47 -21.86 41.18
N PHE W 136 3.35 -21.13 40.09
CA PHE W 136 3.43 -21.75 38.78
C PHE W 136 3.80 -20.70 37.76
N VAL W 137 4.27 -21.21 36.62
CA VAL W 137 4.54 -20.42 35.45
C VAL W 137 4.13 -21.25 34.25
N VAL W 138 3.71 -20.56 33.19
CA VAL W 138 3.25 -21.20 31.95
C VAL W 138 3.80 -20.46 30.73
N SER W 139 4.01 -21.18 29.63
CA SER W 139 4.47 -20.55 28.42
C SER W 139 4.00 -21.38 27.23
N GLY W 140 3.46 -20.73 26.20
CA GLY W 140 3.13 -21.43 24.95
C GLY W 140 1.83 -20.99 24.34
N THR W 141 1.37 -21.71 23.34
CA THR W 141 0.18 -21.28 22.56
C THR W 141 -1.15 -21.38 23.31
N CYS W 142 -1.19 -22.08 24.42
CA CYS W 142 -2.42 -22.20 25.21
C CYS W 142 -2.22 -21.64 26.62
N ALA W 143 -1.54 -20.51 26.71
CA ALA W 143 -1.26 -19.91 28.02
C ALA W 143 -2.54 -19.56 28.79
N GLU W 144 -3.58 -19.07 28.11
CA GLU W 144 -4.85 -18.76 28.79
C GLU W 144 -5.49 -20.01 29.40
N GLN W 145 -5.56 -21.07 28.63
CA GLN W 145 -6.03 -22.36 29.11
C GLN W 145 -5.21 -22.84 30.32
N MET W 146 -3.88 -22.78 30.20
CA MET W 146 -2.99 -23.14 31.31
C MET W 146 -3.21 -22.27 32.57
N TYR W 147 -3.34 -20.95 32.43
CA TYR W 147 -3.64 -20.07 33.56
C TYR W 147 -4.95 -20.42 34.26
N GLY W 148 -5.98 -20.77 33.49
CA GLY W 148 -7.27 -21.15 34.06
C GLY W 148 -7.16 -22.41 34.92
N MET W 149 -6.42 -23.41 34.42
CA MET W 149 -6.23 -24.64 35.19
C MET W 149 -5.40 -24.44 36.43
N CYS W 150 -4.28 -23.73 36.29
CA CYS W 150 -3.37 -23.50 37.41
C CYS W 150 -4.00 -22.64 38.51
N GLU W 151 -4.65 -21.55 38.14
CA GLU W 151 -5.32 -20.71 39.12
C GLU W 151 -6.39 -21.45 39.91
N SER W 152 -7.05 -22.39 39.28
CA SER W 152 -8.12 -23.14 39.92
C SER W 152 -7.62 -24.33 40.77
N LEU W 153 -6.53 -24.98 40.37
CA LEU W 153 -6.09 -26.21 41.00
C LEU W 153 -4.91 -26.07 41.96
N TRP W 154 -3.97 -25.16 41.69
CA TRP W 154 -2.77 -25.10 42.51
C TRP W 154 -3.09 -24.77 43.96
N GLU W 155 -2.44 -25.48 44.89
CA GLU W 155 -2.46 -25.14 46.31
C GLU W 155 -1.03 -25.09 46.84
N PRO W 156 -0.83 -24.32 47.94
CA PRO W 156 0.50 -24.31 48.54
C PRO W 156 0.87 -25.63 49.25
N ASN W 157 2.18 -25.86 49.35
CA ASN W 157 2.75 -26.95 50.12
C ASN W 157 2.35 -28.38 49.70
N MET W 158 2.22 -28.63 48.40
CA MET W 158 1.81 -29.95 47.91
C MET W 158 2.95 -30.94 47.97
N ASP W 159 2.66 -32.17 48.35
CA ASP W 159 3.67 -33.24 48.34
C ASP W 159 3.86 -33.72 46.90
N PRO W 160 4.96 -34.45 46.62
CA PRO W 160 5.25 -34.92 45.25
C PRO W 160 4.08 -35.59 44.48
N ASP W 161 3.31 -36.45 45.12
CA ASP W 161 2.18 -37.14 44.45
C ASP W 161 1.04 -36.19 44.04
N HIS W 162 0.68 -35.28 44.93
CA HIS W 162 -0.35 -34.27 44.66
C HIS W 162 0.13 -33.24 43.62
N LEU W 163 1.40 -32.85 43.72
CA LEU W 163 2.03 -31.98 42.73
C LEU W 163 1.96 -32.58 41.34
N PHE W 164 2.29 -33.86 41.23
CA PHE W 164 2.17 -34.61 39.96
C PHE W 164 0.76 -34.61 39.40
N GLU W 165 -0.23 -34.94 40.22
CA GLU W 165 -1.64 -34.95 39.76
C GLU W 165 -2.10 -33.56 39.32
N THR W 166 -1.70 -32.52 40.05
CA THR W 166 -2.09 -31.15 39.71
C THR W 166 -1.51 -30.64 38.41
N ILE W 167 -0.19 -30.81 38.19
CA ILE W 167 0.46 -30.34 36.99
C ILE W 167 -0.02 -31.16 35.80
N SER W 168 -0.25 -32.45 36.02
CA SER W 168 -0.76 -33.33 34.94
C SER W 168 -2.16 -32.94 34.50
N GLN W 169 -3.03 -32.64 35.45
CA GLN W 169 -4.41 -32.27 35.13
C GLN W 169 -4.45 -30.87 34.52
N ALA W 170 -3.64 -29.96 35.04
CA ALA W 170 -3.52 -28.64 34.44
C ALA W 170 -3.04 -28.71 32.97
N MET W 171 -1.99 -29.47 32.68
CA MET W 171 -1.54 -29.68 31.28
C MET W 171 -2.53 -30.37 30.36
N LEU W 172 -3.03 -31.55 30.75
CA LEU W 172 -3.90 -32.34 29.87
C LEU W 172 -5.17 -31.59 29.42
N ASN W 173 -5.79 -30.91 30.38
CA ASN W 173 -7.05 -30.23 30.13
C ASN W 173 -6.83 -28.89 29.38
N ALA W 174 -5.70 -28.22 29.63
CA ALA W 174 -5.33 -27.01 28.87
C ALA W 174 -5.05 -27.33 27.41
N VAL W 175 -4.19 -28.31 27.12
CA VAL W 175 -3.84 -28.62 25.74
C VAL W 175 -4.99 -29.24 24.94
N ASP W 176 -5.95 -29.84 25.64
CA ASP W 176 -7.16 -30.35 24.97
C ASP W 176 -8.10 -29.23 24.49
N ARG W 177 -7.85 -27.98 24.87
CA ARG W 177 -8.52 -26.85 24.20
C ARG W 177 -7.66 -26.08 23.16
N ASP W 178 -6.54 -26.65 22.75
CA ASP W 178 -5.59 -26.01 21.81
C ASP W 178 -5.28 -26.97 20.65
N ALA W 179 -5.64 -26.56 19.43
CA ALA W 179 -5.43 -27.41 18.24
C ALA W 179 -3.97 -27.83 18.01
N VAL W 180 -3.02 -26.93 18.28
CA VAL W 180 -1.60 -27.11 17.94
C VAL W 180 -0.68 -27.46 19.12
N SER W 181 -1.25 -27.85 20.24
CA SER W 181 -0.47 -28.38 21.34
C SER W 181 -1.07 -29.73 21.70
N GLY W 182 -0.21 -30.62 22.13
CA GLY W 182 -0.61 -31.89 22.70
C GLY W 182 0.15 -33.02 22.05
N MET W 183 -0.60 -34.01 21.56
CA MET W 183 -0.07 -35.29 21.08
C MET W 183 0.83 -35.93 22.15
N GLY W 184 0.48 -35.80 23.41
CA GLY W 184 1.24 -36.39 24.50
C GLY W 184 1.76 -35.34 25.43
N VAL W 185 1.98 -35.74 26.68
CA VAL W 185 2.50 -34.89 27.76
C VAL W 185 3.58 -35.64 28.53
N ILE W 186 4.72 -34.98 28.75
CA ILE W 186 5.80 -35.50 29.61
C ILE W 186 5.90 -34.62 30.86
N VAL W 187 6.11 -35.25 32.01
CA VAL W 187 6.19 -34.58 33.32
C VAL W 187 7.42 -35.06 34.09
N HIS W 188 8.25 -34.13 34.56
CA HIS W 188 9.37 -34.44 35.45
C HIS W 188 9.06 -33.88 36.84
N ILE W 189 9.17 -34.73 37.86
CA ILE W 189 9.08 -34.29 39.24
C ILE W 189 10.49 -34.35 39.82
N ILE W 190 10.93 -33.24 40.37
CA ILE W 190 12.25 -33.08 40.92
C ILE W 190 12.19 -32.99 42.44
N GLU W 191 12.85 -33.95 43.09
CA GLU W 191 12.99 -34.02 44.55
C GLU W 191 14.48 -34.08 44.91
N LYS W 192 14.80 -33.82 46.18
CA LYS W 192 16.19 -33.87 46.68
C LYS W 192 16.92 -35.14 46.28
N ASP W 193 16.26 -36.29 46.42
CA ASP W 193 16.89 -37.59 46.26
C ASP W 193 16.60 -38.34 44.94
N LYS W 194 15.74 -37.80 44.07
CA LYS W 194 15.43 -38.46 42.79
C LYS W 194 14.66 -37.58 41.81
N ILE W 195 14.74 -37.95 40.52
CA ILE W 195 13.91 -37.44 39.46
C ILE W 195 12.99 -38.57 38.98
N THR W 196 11.69 -38.26 38.88
CA THR W 196 10.67 -39.15 38.33
C THR W 196 10.13 -38.57 37.01
N THR W 197 10.28 -39.35 35.94
CA THR W 197 9.84 -38.94 34.63
C THR W 197 8.69 -39.83 34.14
N ARG W 198 7.58 -39.19 33.77
CA ARG W 198 6.39 -39.89 33.29
C ARG W 198 5.83 -39.31 31.99
N THR W 199 5.34 -40.18 31.12
CA THR W 199 4.49 -39.76 30.02
C THR W 199 3.06 -40.16 30.38
N LEU W 200 2.12 -39.30 29.99
CA LEU W 200 0.74 -39.42 30.38
C LEU W 200 -0.11 -40.03 29.29
N LYS W 201 -1.13 -40.78 29.68
CA LYS W 201 -2.16 -41.19 28.73
C LYS W 201 -2.91 -39.92 28.29
N ALA W 202 -2.89 -39.63 26.99
CA ALA W 202 -3.38 -38.36 26.50
C ALA W 202 -4.01 -38.52 25.16
N ARG W 203 -4.92 -37.61 24.84
CA ARG W 203 -5.53 -37.56 23.53
C ARG W 203 -4.47 -37.36 22.44
N MET W 204 -4.68 -38.00 21.29
CA MET W 204 -3.76 -37.92 20.17
C MET W 204 -4.43 -37.35 18.91
N ASP W 205 -5.36 -36.39 19.12
CA ASP W 205 -5.97 -35.60 18.04
C ASP W 205 -5.53 -34.09 18.04
N MET X 1 6.94 -30.57 -8.41
CA MET X 1 7.44 -30.13 -7.04
C MET X 1 7.83 -31.33 -6.19
N GLU X 2 8.77 -31.14 -5.27
CA GLU X 2 9.74 -32.19 -4.98
C GLU X 2 9.24 -33.08 -3.85
N TYR X 3 9.40 -34.39 -3.95
CA TYR X 3 8.96 -35.32 -2.93
C TYR X 3 10.16 -36.09 -2.39
N LEU X 4 10.27 -36.17 -1.06
CA LEU X 4 11.26 -37.00 -0.37
C LEU X 4 10.52 -37.89 0.62
N ILE X 5 10.99 -39.12 0.80
CA ILE X 5 10.42 -40.03 1.77
C ILE X 5 11.50 -40.95 2.38
N GLY X 6 11.34 -41.25 3.66
CA GLY X 6 12.24 -42.15 4.36
C GLY X 6 11.46 -43.09 5.27
N ILE X 7 11.90 -44.34 5.35
CA ILE X 7 11.31 -45.37 6.20
C ILE X 7 12.46 -46.12 6.87
N GLN X 8 12.52 -46.06 8.20
CA GLN X 8 13.56 -46.71 9.00
C GLN X 8 12.99 -48.02 9.54
N GLY X 9 13.65 -49.13 9.23
CA GLY X 9 13.42 -50.43 9.89
C GLY X 9 14.45 -50.81 10.94
N PRO X 10 14.43 -52.06 11.42
CA PRO X 10 15.31 -52.46 12.52
C PRO X 10 16.79 -52.25 12.27
N ASP X 11 17.25 -52.55 11.04
CA ASP X 11 18.67 -52.52 10.67
C ASP X 11 18.96 -51.86 9.32
N TYR X 12 18.04 -51.01 8.84
CA TYR X 12 18.22 -50.35 7.55
C TYR X 12 17.37 -49.07 7.54
N VAL X 13 17.69 -48.15 6.63
CA VAL X 13 16.82 -47.04 6.31
C VAL X 13 16.65 -47.05 4.82
N LEU X 14 15.38 -46.95 4.40
CA LEU X 14 15.02 -46.92 3.00
C LEU X 14 14.60 -45.47 2.69
N VAL X 15 15.04 -44.95 1.55
CA VAL X 15 14.73 -43.60 1.13
C VAL X 15 14.44 -43.54 -0.36
N ALA X 16 13.59 -42.57 -0.72
CA ALA X 16 13.27 -42.33 -2.11
C ALA X 16 12.98 -40.88 -2.36
N SER X 17 13.12 -40.47 -3.61
CA SER X 17 12.93 -39.10 -3.99
C SER X 17 12.49 -39.05 -5.44
N ASP X 18 11.67 -38.04 -5.81
CA ASP X 18 11.29 -37.89 -7.23
C ASP X 18 12.48 -37.47 -8.09
N ARG X 19 12.36 -37.66 -9.39
CA ARG X 19 13.47 -37.42 -10.32
C ARG X 19 13.16 -36.34 -11.33
N VAL X 20 12.25 -35.42 -10.95
CA VAL X 20 11.84 -34.34 -11.82
C VAL X 20 12.56 -33.05 -11.41
N ALA X 21 13.05 -32.30 -12.40
CA ALA X 21 13.46 -30.91 -12.19
C ALA X 21 12.53 -30.08 -13.06
N ALA X 22 11.76 -29.23 -12.43
CA ALA X 22 10.73 -28.48 -13.18
C ALA X 22 11.03 -27.03 -13.17
N SER X 23 10.46 -26.37 -14.16
CA SER X 23 10.60 -24.97 -14.35
C SER X 23 9.35 -24.46 -15.03
N ASN X 24 8.57 -23.65 -14.32
CA ASN X 24 7.33 -23.04 -14.82
C ASN X 24 6.34 -24.17 -15.19
N ILE X 25 5.89 -24.33 -16.43
CA ILE X 25 4.96 -25.42 -16.75
C ILE X 25 5.62 -26.74 -17.26
N VAL X 26 6.96 -26.79 -17.34
CA VAL X 26 7.63 -27.95 -17.98
C VAL X 26 8.50 -28.71 -17.02
N GLN X 27 8.55 -30.03 -17.16
CA GLN X 27 9.65 -30.83 -16.59
C GLN X 27 10.84 -30.60 -17.51
N MET X 28 11.98 -30.19 -16.96
CA MET X 28 13.23 -29.99 -17.76
C MET X 28 14.19 -31.18 -17.64
N LYS X 29 13.99 -32.00 -16.64
CA LYS X 29 14.74 -33.24 -16.49
C LYS X 29 13.85 -34.25 -15.78
N ASP X 30 13.86 -35.48 -16.25
CA ASP X 30 13.11 -36.60 -15.66
C ASP X 30 13.98 -37.65 -14.98
N ASP X 31 15.30 -37.48 -15.01
CA ASP X 31 16.23 -38.38 -14.29
C ASP X 31 17.07 -37.58 -13.26
N HIS X 32 16.46 -36.61 -12.60
CA HIS X 32 17.15 -35.81 -11.59
C HIS X 32 17.35 -36.64 -10.33
N ASP X 33 18.48 -36.45 -9.65
CA ASP X 33 18.79 -37.17 -8.42
C ASP X 33 18.87 -36.15 -7.29
N LYS X 34 18.10 -36.34 -6.23
CA LYS X 34 18.04 -35.40 -5.11
C LYS X 34 18.80 -35.87 -3.87
N MET X 35 19.61 -36.93 -4.03
CA MET X 35 20.33 -37.56 -2.93
C MET X 35 21.81 -37.23 -3.02
N PHE X 36 22.42 -36.94 -1.88
CA PHE X 36 23.87 -36.63 -1.82
C PHE X 36 24.54 -37.58 -0.87
N LYS X 37 25.54 -38.31 -1.34
CA LYS X 37 26.33 -39.21 -0.48
C LYS X 37 27.29 -38.39 0.38
N MET X 38 27.13 -38.46 1.68
CA MET X 38 27.98 -37.71 2.61
C MET X 38 29.19 -38.54 3.05
N SER X 39 29.00 -39.85 3.12
CA SER X 39 29.98 -40.81 3.62
C SER X 39 29.48 -42.20 3.24
N GLU X 40 30.20 -43.25 3.60
CA GLU X 40 29.78 -44.61 3.20
C GLU X 40 28.40 -45.01 3.67
N LYS X 41 27.97 -44.50 4.82
CA LYS X 41 26.71 -44.87 5.45
C LYS X 41 25.78 -43.68 5.72
N ILE X 42 25.88 -42.60 4.95
CA ILE X 42 25.03 -41.41 5.11
C ILE X 42 24.57 -40.86 3.76
N LEU X 43 23.24 -40.68 3.62
CA LEU X 43 22.65 -39.92 2.52
C LEU X 43 21.93 -38.66 3.05
N LEU X 44 22.10 -37.54 2.35
CA LEU X 44 21.37 -36.32 2.61
C LEU X 44 20.43 -36.07 1.40
N LEU X 45 19.12 -35.93 1.64
CA LEU X 45 18.15 -35.70 0.56
C LEU X 45 17.69 -34.28 0.77
N CYS X 46 17.75 -33.49 -0.29
CA CYS X 46 17.59 -32.05 -0.21
CA CYS X 46 17.56 -32.04 -0.23
C CYS X 46 16.65 -31.54 -1.31
N VAL X 47 15.64 -30.77 -0.89
CA VAL X 47 14.75 -30.07 -1.80
C VAL X 47 14.59 -28.62 -1.31
N GLY X 48 14.08 -27.77 -2.18
CA GLY X 48 13.77 -26.37 -1.85
C GLY X 48 14.11 -25.44 -2.98
N GLU X 49 14.51 -24.23 -2.64
CA GLU X 49 14.75 -23.23 -3.62
C GLU X 49 15.96 -23.56 -4.50
N ALA X 50 15.83 -23.23 -5.78
CA ALA X 50 16.92 -23.38 -6.72
C ALA X 50 18.17 -22.64 -6.23
N GLY X 51 19.31 -23.28 -6.41
CA GLY X 51 20.60 -22.71 -6.06
C GLY X 51 20.91 -23.05 -4.63
N ASP X 52 20.04 -22.62 -3.71
CA ASP X 52 20.16 -22.92 -2.29
C ASP X 52 20.36 -24.42 -2.03
N THR X 53 19.59 -25.25 -2.70
CA THR X 53 19.57 -26.67 -2.39
C THR X 53 20.94 -27.29 -2.66
N VAL X 54 21.46 -27.12 -3.87
CA VAL X 54 22.75 -27.70 -4.23
C VAL X 54 23.90 -27.03 -3.48
N GLN X 55 23.87 -25.70 -3.38
CA GLN X 55 24.91 -24.99 -2.68
C GLN X 55 25.04 -25.48 -1.23
N PHE X 56 23.90 -25.60 -0.54
CA PHE X 56 23.89 -26.07 0.83
C PHE X 56 24.37 -27.54 0.99
N ALA X 57 23.72 -28.46 0.26
CA ALA X 57 24.06 -29.88 0.31
C ALA X 57 25.55 -30.19 0.01
N GLU X 58 26.08 -29.58 -1.03
CA GLU X 58 27.49 -29.80 -1.40
C GLU X 58 28.49 -29.21 -0.41
N TYR X 59 28.16 -28.09 0.21
CA TYR X 59 28.92 -27.57 1.29
C TYR X 59 28.97 -28.53 2.48
N ILE X 60 27.82 -29.03 2.90
CA ILE X 60 27.78 -30.03 3.95
C ILE X 60 28.62 -31.30 3.54
N GLN X 61 28.40 -31.78 2.33
CA GLN X 61 29.07 -32.95 1.83
C GLN X 61 30.60 -32.77 1.91
N LYS X 62 31.11 -31.67 1.40
CA LYS X 62 32.54 -31.41 1.41
C LYS X 62 33.12 -31.35 2.80
N ASN X 63 32.39 -30.78 3.73
CA ASN X 63 32.83 -30.71 5.11
C ASN X 63 32.79 -32.06 5.86
N VAL X 64 31.79 -32.89 5.55
CA VAL X 64 31.71 -34.25 6.11
C VAL X 64 32.90 -35.09 5.61
N GLN X 65 33.21 -34.99 4.33
CA GLN X 65 34.36 -35.63 3.73
C GLN X 65 35.70 -35.10 4.29
N LEU X 66 35.77 -33.79 4.54
CA LEU X 66 36.92 -33.18 5.14
C LEU X 66 37.14 -33.75 6.55
N TYR X 67 36.07 -33.91 7.31
CA TYR X 67 36.17 -34.49 8.65
C TYR X 67 36.84 -35.90 8.60
N LYS X 68 36.38 -36.73 7.65
CA LYS X 68 36.93 -38.06 7.44
C LYS X 68 38.43 -38.00 7.13
N MET X 69 38.84 -37.10 6.23
CA MET X 69 40.26 -36.96 5.87
C MET X 69 41.09 -36.45 7.02
N ARG X 70 40.56 -35.53 7.82
CA ARG X 70 41.33 -35.00 8.94
C ARG X 70 41.50 -36.01 10.07
N ASN X 71 40.49 -36.84 10.28
CA ASN X 71 40.44 -37.62 11.49
C ASN X 71 40.63 -39.15 11.34
N GLY X 72 40.57 -39.67 10.12
CA GLY X 72 40.69 -41.10 9.86
C GLY X 72 39.42 -41.94 10.00
N TYR X 73 38.30 -41.38 10.46
CA TYR X 73 37.04 -42.10 10.58
C TYR X 73 35.93 -41.10 10.28
N GLU X 74 34.73 -41.61 10.07
CA GLU X 74 33.57 -40.80 9.64
C GLU X 74 32.74 -40.24 10.78
N LEU X 75 32.04 -39.14 10.51
CA LEU X 75 31.00 -38.67 11.42
C LEU X 75 29.91 -39.72 11.48
N SER X 76 29.34 -39.90 12.67
CA SER X 76 28.07 -40.64 12.81
C SER X 76 26.87 -39.90 12.13
N PRO X 77 25.77 -40.63 11.78
CA PRO X 77 24.58 -39.95 11.27
C PRO X 77 24.10 -38.83 12.18
N THR X 78 24.08 -39.08 13.48
CA THR X 78 23.60 -38.10 14.43
C THR X 78 24.48 -36.86 14.48
N ALA X 79 25.79 -37.06 14.47
CA ALA X 79 26.71 -35.94 14.47
C ALA X 79 26.57 -35.15 13.16
N ALA X 80 26.42 -35.84 12.01
CA ALA X 80 26.27 -35.15 10.72
C ALA X 80 24.94 -34.36 10.66
N ALA X 81 23.90 -34.91 11.27
CA ALA X 81 22.59 -34.22 11.30
C ALA X 81 22.69 -32.97 12.12
N ASN X 82 23.35 -33.04 13.26
CA ASN X 82 23.53 -31.86 14.08
C ASN X 82 24.42 -30.80 13.47
N PHE X 83 25.49 -31.24 12.79
CA PHE X 83 26.34 -30.34 12.02
C PHE X 83 25.51 -29.60 10.96
N THR X 84 24.66 -30.34 10.27
CA THR X 84 23.86 -29.82 9.20
C THR X 84 22.91 -28.75 9.80
N ARG X 85 22.29 -29.10 10.92
CA ARG X 85 21.40 -28.21 11.65
C ARG X 85 22.09 -26.93 12.14
N ARG X 86 23.30 -27.05 12.71
CA ARG X 86 24.06 -25.86 13.20
C ARG X 86 24.26 -24.90 12.06
N ASN X 87 24.63 -25.41 10.90
CA ASN X 87 24.89 -24.56 9.76
C ASN X 87 23.59 -23.84 9.29
N LEU X 88 22.51 -24.57 9.18
CA LEU X 88 21.27 -24.01 8.68
C LEU X 88 20.73 -22.97 9.66
N ALA X 89 20.69 -23.31 10.93
CA ALA X 89 20.29 -22.37 11.98
C ALA X 89 21.16 -21.14 12.11
N ASP X 90 22.48 -21.28 11.94
CA ASP X 90 23.40 -20.15 11.96
C ASP X 90 23.17 -19.19 10.76
N 6V1 X 91 22.74 -19.71 9.62
CA 6V1 X 91 22.44 -18.89 8.45
C 6V1 X 91 21.07 -18.24 8.45
O 6V1 X 91 20.81 -17.31 7.69
CB 6V1 X 91 22.75 -19.71 7.17
SG 6V1 X 91 24.53 -19.73 6.92
C1 6V1 X 91 25.42 -21.24 7.26
C2 6V1 X 91 25.22 -22.21 6.11
N3 6V1 X 91 26.43 -22.43 5.45
C4 6V1 X 91 27.43 -21.95 6.21
C5 6V1 X 91 26.94 -21.12 7.39
C6 6V1 X 91 26.77 -22.83 4.09
O7 6V1 X 91 24.04 -22.61 5.91
O8 6V1 X 91 28.63 -22.07 5.95
C3 6V1 X 91 25.84 -23.79 3.42
N LEU X 92 20.20 -18.71 9.32
CA LEU X 92 18.78 -18.34 9.31
C LEU X 92 18.55 -16.87 9.45
N ARG X 93 19.29 -16.20 10.32
CA ARG X 93 19.15 -14.78 10.50
C ARG X 93 20.25 -13.96 9.85
N SER X 94 21.04 -14.59 8.97
CA SER X 94 22.17 -13.94 8.31
C SER X 94 21.68 -13.33 7.04
N ARG X 95 22.63 -12.73 6.34
CA ARG X 95 22.44 -12.27 4.96
C ARG X 95 22.31 -13.41 3.95
N THR X 96 22.67 -14.64 4.31
CA THR X 96 22.62 -15.76 3.38
C THR X 96 21.88 -16.97 3.98
N PRO X 97 20.56 -16.87 4.16
CA PRO X 97 19.77 -18.01 4.61
C PRO X 97 19.64 -19.03 3.46
N TYR X 98 19.52 -20.30 3.77
CA TYR X 98 19.29 -21.33 2.71
C TYR X 98 17.89 -21.88 2.84
N HIS X 99 17.06 -21.73 1.82
CA HIS X 99 15.64 -22.24 1.89
CA HIS X 99 15.68 -22.21 1.87
C HIS X 99 15.61 -23.65 1.35
N VAL X 100 15.87 -24.59 2.24
CA VAL X 100 15.95 -26.01 1.93
C VAL X 100 15.25 -26.83 2.98
N ASN X 101 14.65 -27.95 2.57
CA ASN X 101 14.10 -28.95 3.45
C ASN X 101 14.84 -30.26 3.20
N LEU X 102 15.12 -31.02 4.27
CA LEU X 102 16.02 -32.16 4.19
C LEU X 102 15.50 -33.40 4.92
N LEU X 103 15.93 -34.56 4.44
CA LEU X 103 16.06 -35.80 5.22
C LEU X 103 17.54 -36.23 5.27
N LEU X 104 17.98 -36.69 6.43
CA LEU X 104 19.26 -37.32 6.56
C LEU X 104 19.01 -38.74 7.00
N ALA X 105 19.51 -39.69 6.21
CA ALA X 105 19.43 -41.12 6.51
C ALA X 105 20.83 -41.67 6.73
N GLY X 106 20.97 -42.51 7.75
CA GLY X 106 22.24 -43.18 7.95
C GLY X 106 22.18 -44.45 8.75
N TYR X 107 23.33 -45.13 8.77
CA TYR X 107 23.52 -46.30 9.58
C TYR X 107 24.81 -46.14 10.37
N ASP X 108 24.70 -46.27 11.70
CA ASP X 108 25.84 -46.24 12.58
C ASP X 108 26.14 -47.65 13.11
N GLU X 109 27.42 -48.01 13.13
CA GLU X 109 27.88 -49.30 13.65
C GLU X 109 27.28 -49.60 15.04
N HIS X 110 27.21 -48.61 15.91
CA HIS X 110 26.79 -48.83 17.30
C HIS X 110 25.35 -48.45 17.62
N GLU X 111 24.81 -47.45 16.94
CA GLU X 111 23.45 -46.97 17.18
C GLU X 111 22.40 -47.53 16.19
N GLY X 112 22.82 -48.19 15.11
CA GLY X 112 21.89 -48.71 14.09
C GLY X 112 21.37 -47.63 13.13
N PRO X 113 20.25 -47.90 12.45
CA PRO X 113 19.73 -46.99 11.47
C PRO X 113 19.10 -45.74 12.07
N ALA X 114 19.17 -44.63 11.33
CA ALA X 114 18.57 -43.36 11.78
C ALA X 114 18.04 -42.58 10.58
N LEU X 115 16.92 -41.90 10.81
CA LEU X 115 16.30 -41.00 9.87
C LEU X 115 15.98 -39.70 10.62
N TYR X 116 16.46 -38.60 10.04
CA TYR X 116 16.28 -37.27 10.58
C TYR X 116 15.52 -36.41 9.58
N TYR X 117 14.65 -35.57 10.12
CA TYR X 117 13.88 -34.60 9.35
C TYR X 117 14.30 -33.21 9.75
N MET X 118 14.52 -32.37 8.74
CA MET X 118 14.79 -30.97 8.98
C MET X 118 14.02 -30.09 8.03
N ASP X 119 13.41 -29.02 8.55
CA ASP X 119 12.77 -28.01 7.71
C ASP X 119 13.69 -26.82 7.54
N TYR X 120 13.28 -25.86 6.71
CA TYR X 120 14.11 -24.70 6.37
C TYR X 120 14.43 -23.79 7.58
N LEU X 121 13.59 -23.79 8.59
CA LEU X 121 13.91 -23.11 9.83
C LEU X 121 15.00 -23.77 10.70
N ALA X 122 15.35 -25.01 10.35
CA ALA X 122 16.41 -25.80 10.97
C ALA X 122 15.95 -26.48 12.30
N ALA X 123 14.65 -26.75 12.43
CA ALA X 123 14.16 -27.66 13.46
C ALA X 123 14.54 -29.08 13.06
N LEU X 124 15.16 -29.82 13.97
CA LEU X 124 15.63 -31.18 13.67
C LEU X 124 14.82 -32.17 14.49
N ALA X 125 14.24 -33.18 13.83
CA ALA X 125 13.52 -34.27 14.50
C ALA X 125 13.98 -35.62 14.00
N LYS X 126 14.22 -36.54 14.91
CA LYS X 126 14.41 -37.95 14.56
C LYS X 126 13.02 -38.59 14.43
N ALA X 127 12.83 -39.42 13.40
CA ALA X 127 11.55 -40.05 13.13
C ALA X 127 11.69 -41.47 12.60
N PRO X 128 10.70 -42.35 12.84
CA PRO X 128 10.79 -43.68 12.25
C PRO X 128 10.47 -43.67 10.76
N PHE X 129 9.75 -42.63 10.32
CA PHE X 129 9.49 -42.39 8.91
C PHE X 129 9.11 -40.93 8.72
N ALA X 130 9.25 -40.40 7.50
CA ALA X 130 9.01 -38.97 7.27
C ALA X 130 8.96 -38.68 5.79
N ALA X 131 8.45 -37.51 5.44
CA ALA X 131 8.36 -37.09 4.05
C ALA X 131 8.25 -35.59 3.93
N HIS X 132 8.72 -35.07 2.80
CA HIS X 132 8.66 -33.65 2.50
C HIS X 132 7.98 -33.46 1.19
N GLY X 133 7.50 -32.24 0.98
CA GLY X 133 6.81 -31.87 -0.23
C GLY X 133 5.30 -31.96 -0.05
N TYR X 134 4.57 -31.32 -0.93
CA TYR X 134 3.12 -31.46 -1.02
C TYR X 134 2.67 -32.92 -1.06
N GLY X 135 3.44 -33.79 -1.70
CA GLY X 135 3.17 -35.23 -1.73
C GLY X 135 3.08 -35.85 -0.37
N ALA X 136 3.78 -35.29 0.60
CA ALA X 136 3.73 -35.76 2.01
C ALA X 136 2.33 -35.73 2.62
N PHE X 137 1.56 -34.75 2.21
CA PHE X 137 0.18 -34.62 2.68
C PHE X 137 -0.69 -35.83 2.32
N LEU X 138 -0.42 -36.45 1.19
CA LEU X 138 -1.15 -37.60 0.70
C LEU X 138 -0.56 -38.96 1.11
N THR X 139 0.68 -38.98 1.58
CA THR X 139 1.34 -40.22 1.92
C THR X 139 1.60 -40.50 3.40
N LEU X 140 1.70 -39.48 4.23
CA LEU X 140 2.04 -39.71 5.66
C LEU X 140 1.02 -40.60 6.38
N SER X 141 -0.26 -40.49 6.01
CA SER X 141 -1.29 -41.26 6.65
C SER X 141 -1.22 -42.72 6.23
N ILE X 142 -0.80 -42.96 4.99
CA ILE X 142 -0.54 -44.30 4.50
C ILE X 142 0.61 -44.92 5.33
N LEU X 143 1.66 -44.16 5.60
CA LEU X 143 2.72 -44.64 6.47
C LEU X 143 2.20 -44.87 7.90
N ASP X 144 1.43 -43.94 8.46
CA ASP X 144 0.85 -44.14 9.81
C ASP X 144 -0.03 -45.38 9.88
N ARG X 145 -0.73 -45.66 8.78
CA ARG X 145 -1.68 -46.79 8.74
C ARG X 145 -0.96 -48.18 8.77
N TYR X 146 0.14 -48.31 8.03
CA TYR X 146 0.76 -49.59 7.76
C TYR X 146 2.16 -49.78 8.37
N TYR X 147 2.85 -48.72 8.80
CA TYR X 147 4.20 -48.88 9.35
C TYR X 147 4.17 -49.60 10.71
N THR X 148 5.12 -50.50 10.90
CA THR X 148 5.45 -51.06 12.22
C THR X 148 6.99 -51.02 12.38
N PRO X 149 7.49 -50.92 13.63
CA PRO X 149 8.96 -50.74 13.79
C PRO X 149 9.82 -51.93 13.34
N THR X 150 9.23 -53.12 13.30
CA THR X 150 9.95 -54.31 12.85
C THR X 150 9.77 -54.60 11.36
N ILE X 151 9.18 -53.66 10.63
CA ILE X 151 8.96 -53.82 9.19
C ILE X 151 10.21 -54.28 8.43
N SER X 152 10.07 -55.34 7.67
CA SER X 152 11.19 -55.90 6.89
C SER X 152 11.43 -55.02 5.67
N ARG X 153 12.58 -55.18 5.06
CA ARG X 153 12.93 -54.30 3.95
C ARG X 153 12.06 -54.55 2.71
N GLU X 154 11.72 -55.81 2.46
CA GLU X 154 10.77 -56.17 1.40
C GLU X 154 9.41 -55.37 1.50
N ARG X 155 8.84 -55.40 2.72
CA ARG X 155 7.56 -54.80 3.01
C ARG X 155 7.70 -53.28 3.04
N ALA X 156 8.85 -52.76 3.45
CA ALA X 156 9.13 -51.33 3.32
C ALA X 156 9.08 -50.87 1.87
N VAL X 157 9.67 -51.65 0.96
CA VAL X 157 9.61 -51.32 -0.48
C VAL X 157 8.15 -51.41 -1.00
N GLU X 158 7.39 -52.38 -0.51
CA GLU X 158 5.95 -52.43 -0.82
C GLU X 158 5.15 -51.22 -0.27
N LEU X 159 5.40 -50.85 0.98
CA LEU X 159 4.79 -49.70 1.61
C LEU X 159 5.15 -48.43 0.85
N LEU X 160 6.45 -48.28 0.52
CA LEU X 160 6.93 -47.20 -0.35
C LEU X 160 6.16 -47.13 -1.67
N ARG X 161 6.00 -48.28 -2.31
CA ARG X 161 5.25 -48.34 -3.58
C ARG X 161 3.79 -47.93 -3.41
N LYS X 162 3.15 -48.26 -2.28
CA LYS X 162 1.74 -47.80 -2.01
C LYS X 162 1.65 -46.26 -1.99
N CYS X 163 2.62 -45.64 -1.30
CA CYS X 163 2.78 -44.20 -1.24
C CYS X 163 2.93 -43.57 -2.62
N LEU X 164 3.79 -44.15 -3.45
CA LEU X 164 4.09 -43.59 -4.76
C LEU X 164 2.94 -43.79 -5.74
N GLU X 165 2.24 -44.92 -5.62
CA GLU X 165 0.99 -45.13 -6.38
C GLU X 165 -0.09 -44.12 -5.99
N GLU X 166 -0.16 -43.76 -4.72
CA GLU X 166 -1.12 -42.76 -4.29
C GLU X 166 -0.86 -41.40 -4.95
N LEU X 167 0.41 -41.07 -5.16
CA LEU X 167 0.74 -39.81 -5.86
C LEU X 167 0.30 -39.85 -7.33
N GLN X 168 0.45 -41.00 -7.98
CA GLN X 168 -0.04 -41.18 -9.36
C GLN X 168 -1.57 -41.00 -9.43
N LYS X 169 -2.29 -41.55 -8.46
CA LYS X 169 -3.74 -41.50 -8.45
C LYS X 169 -4.25 -40.10 -8.15
N ARG X 170 -3.77 -39.53 -7.06
CA ARG X 170 -4.43 -38.44 -6.41
C ARG X 170 -3.70 -37.08 -6.51
N PHE X 171 -2.37 -37.06 -6.64
CA PHE X 171 -1.60 -35.80 -6.66
C PHE X 171 -1.70 -35.07 -8.02
N ILE X 172 -1.86 -33.77 -7.98
CA ILE X 172 -2.04 -33.00 -9.21
C ILE X 172 -0.78 -32.86 -10.12
N LEU X 173 0.39 -33.06 -9.54
CA LEU X 173 1.63 -33.02 -10.30
C LEU X 173 2.09 -34.37 -10.84
N ASN X 174 2.69 -34.28 -12.01
CA ASN X 174 3.19 -35.40 -12.78
C ASN X 174 4.60 -35.76 -12.26
N LEU X 175 4.67 -36.75 -11.37
CA LEU X 175 5.90 -37.29 -10.84
C LEU X 175 6.01 -38.75 -11.19
N PRO X 176 6.47 -39.06 -12.41
CA PRO X 176 6.36 -40.45 -12.83
C PRO X 176 7.47 -41.43 -12.39
N THR X 177 8.62 -40.96 -11.93
CA THR X 177 9.69 -41.87 -11.53
C THR X 177 10.39 -41.40 -10.26
N PHE X 178 10.89 -42.37 -9.50
CA PHE X 178 11.56 -42.13 -8.22
C PHE X 178 12.84 -42.94 -8.06
N SER X 179 13.86 -42.29 -7.47
CA SER X 179 15.10 -42.93 -7.06
C SER X 179 14.82 -43.62 -5.76
N VAL X 180 15.36 -44.81 -5.58
CA VAL X 180 15.23 -45.55 -4.34
C VAL X 180 16.60 -46.10 -3.92
N ARG X 181 16.93 -45.92 -2.64
CA ARG X 181 18.16 -46.41 -2.05
C ARG X 181 17.94 -46.90 -0.64
N ILE X 182 18.81 -47.81 -0.23
CA ILE X 182 18.75 -48.33 1.13
C ILE X 182 20.13 -48.30 1.74
N ILE X 183 20.17 -48.03 3.05
CA ILE X 183 21.40 -47.97 3.83
C ILE X 183 21.29 -48.96 4.98
N ASP X 184 22.38 -49.74 5.16
CA ASP X 184 22.48 -50.73 6.20
C ASP X 184 23.95 -50.89 6.60
N LYS X 185 24.24 -51.91 7.41
CA LYS X 185 25.60 -52.17 7.88
C LYS X 185 26.66 -52.27 6.75
N ASN X 186 26.24 -52.67 5.55
CA ASN X 186 27.13 -52.77 4.38
C ASN X 186 27.14 -51.55 3.47
N GLY X 187 26.66 -50.41 3.94
CA GLY X 187 26.67 -49.20 3.14
C GLY X 187 25.36 -48.90 2.38
N ILE X 188 25.52 -48.18 1.27
CA ILE X 188 24.45 -47.60 0.51
C ILE X 188 24.26 -48.44 -0.72
N HIS X 189 23.02 -48.89 -0.95
CA HIS X 189 22.68 -49.71 -2.11
C HIS X 189 21.64 -49.03 -2.99
N ASP X 190 21.88 -49.01 -4.29
CA ASP X 190 20.90 -48.53 -5.26
C ASP X 190 19.87 -49.61 -5.52
N LEU X 191 18.59 -49.30 -5.33
CA LEU X 191 17.54 -50.22 -5.79
C LEU X 191 16.99 -49.73 -7.13
N ASP X 192 16.17 -50.55 -7.78
CA ASP X 192 15.58 -50.20 -9.06
C ASP X 192 14.78 -48.95 -8.83
N ASN X 193 14.81 -48.04 -9.79
CA ASN X 193 13.85 -46.91 -9.83
C ASN X 193 12.45 -47.48 -9.83
N ILE X 194 11.53 -46.78 -9.20
CA ILE X 194 10.13 -47.15 -9.23
C ILE X 194 9.53 -46.19 -10.21
N SER X 195 8.91 -46.73 -11.25
CA SER X 195 8.43 -45.93 -12.35
C SER X 195 7.02 -46.26 -12.77
N PHE X 196 6.37 -45.28 -13.39
CA PHE X 196 4.99 -45.40 -13.89
C PHE X 196 4.98 -44.91 -15.34
N THR Y 1 12.95 -14.55 -27.28
CA THR Y 1 14.06 -15.53 -27.49
C THR Y 1 13.62 -16.97 -27.46
N THR Y 2 14.15 -17.75 -28.41
CA THR Y 2 14.13 -19.21 -28.30
C THR Y 2 15.55 -19.76 -28.59
N THR Y 3 16.05 -20.58 -27.67
CA THR Y 3 17.27 -21.33 -27.85
C THR Y 3 16.98 -22.78 -27.55
N LEU Y 4 17.73 -23.67 -28.22
CA LEU Y 4 17.70 -25.07 -27.87
C LEU Y 4 19.04 -25.75 -28.04
N ALA Y 5 19.17 -26.89 -27.39
CA ALA Y 5 20.31 -27.76 -27.61
C ALA Y 5 20.01 -29.19 -27.26
N PHE Y 6 20.69 -30.14 -27.92
CA PHE Y 6 20.58 -31.53 -27.56
C PHE Y 6 21.81 -32.35 -27.85
N LYS Y 7 22.06 -33.34 -27.01
CA LYS Y 7 23.13 -34.31 -27.23
C LYS Y 7 22.59 -35.40 -28.11
N PHE Y 8 23.45 -35.95 -28.95
CA PHE Y 8 23.11 -37.16 -29.72
C PHE Y 8 24.39 -37.91 -30.08
N ARG Y 9 24.25 -39.02 -30.81
CA ARG Y 9 25.40 -39.85 -31.18
C ARG Y 9 26.60 -39.04 -31.73
N HIS Y 10 26.35 -38.03 -32.55
CA HIS Y 10 27.39 -37.24 -33.21
C HIS Y 10 27.74 -35.89 -32.58
N GLY Y 11 27.34 -35.67 -31.31
CA GLY Y 11 27.77 -34.53 -30.52
C GLY Y 11 26.61 -33.71 -29.96
N VAL Y 12 26.68 -32.40 -30.07
CA VAL Y 12 25.56 -31.58 -29.58
C VAL Y 12 25.19 -30.52 -30.60
N ILE Y 13 23.90 -30.46 -30.86
CA ILE Y 13 23.33 -29.43 -31.71
C ILE Y 13 22.93 -28.27 -30.84
N VAL Y 14 23.18 -27.05 -31.32
CA VAL Y 14 22.83 -25.83 -30.61
C VAL Y 14 22.21 -24.87 -31.60
N ALA Y 15 21.07 -24.30 -31.26
CA ALA Y 15 20.39 -23.39 -32.18
C ALA Y 15 19.69 -22.25 -31.46
N ALA Y 16 19.51 -21.14 -32.15
CA ALA Y 16 18.84 -19.99 -31.56
C ALA Y 16 18.21 -19.13 -32.64
N ASP Y 17 17.20 -18.33 -32.21
CA ASP Y 17 16.69 -17.24 -33.03
C ASP Y 17 17.63 -16.03 -32.91
N SER Y 18 17.26 -14.89 -33.48
CA SER Y 18 18.14 -13.75 -33.48
C SER Y 18 17.47 -12.42 -33.15
N ARG Y 19 16.30 -12.48 -32.51
CA ARG Y 19 15.56 -11.26 -32.17
C ARG Y 19 15.89 -10.75 -30.78
N ALA Y 20 15.98 -9.44 -30.67
CA ALA Y 20 15.99 -8.77 -29.40
C ALA Y 20 14.82 -7.78 -29.34
N THR Y 21 14.27 -7.65 -28.14
CA THR Y 21 13.15 -6.76 -27.88
C THR Y 21 13.38 -5.88 -26.67
N ALA Y 22 12.73 -4.71 -26.66
CA ALA Y 22 12.63 -3.81 -25.51
C ALA Y 22 11.14 -3.54 -25.37
N GLY Y 23 10.50 -4.11 -24.36
CA GLY Y 23 9.02 -4.24 -24.34
C GLY Y 23 8.58 -4.90 -25.65
N ALA Y 24 7.64 -4.29 -26.33
CA ALA Y 24 7.17 -4.77 -27.62
C ALA Y 24 7.94 -4.26 -28.87
N TYR Y 25 8.92 -3.37 -28.69
CA TYR Y 25 9.70 -2.87 -29.78
C TYR Y 25 10.73 -3.92 -30.20
N ILE Y 26 10.85 -4.20 -31.49
CA ILE Y 26 11.88 -5.10 -31.98
C ILE Y 26 13.17 -4.25 -32.11
N ALA Y 27 14.07 -4.51 -31.20
CA ALA Y 27 15.38 -3.78 -31.16
C ALA Y 27 16.37 -4.31 -32.20
N SER Y 28 16.34 -5.61 -32.45
CA SER Y 28 17.23 -6.18 -33.49
C SER Y 28 16.69 -7.48 -33.98
N GLN Y 29 17.01 -7.80 -35.25
CA GLN Y 29 16.73 -9.10 -35.86
C GLN Y 29 18.04 -9.90 -36.14
N THR Y 30 19.17 -9.39 -35.65
CA THR Y 30 20.49 -9.92 -36.01
C THR Y 30 21.38 -10.14 -34.80
N VAL Y 31 20.83 -10.53 -33.67
CA VAL Y 31 21.63 -10.80 -32.51
C VAL Y 31 22.23 -12.23 -32.57
N LYS Y 32 23.51 -12.33 -32.26
CA LYS Y 32 24.17 -13.61 -32.04
C LYS Y 32 24.01 -14.11 -30.62
N LYS Y 33 23.22 -15.15 -30.44
CA LYS Y 33 22.87 -15.65 -29.11
C LYS Y 33 23.69 -16.88 -28.70
N VAL Y 34 24.56 -17.35 -29.58
CA VAL Y 34 25.48 -18.48 -29.30
C VAL Y 34 26.86 -17.86 -29.18
N ILE Y 35 27.45 -17.95 -28.01
CA ILE Y 35 28.80 -17.40 -27.74
C ILE Y 35 29.88 -18.51 -27.74
N GLU Y 36 31.00 -18.19 -28.35
CA GLU Y 36 32.13 -19.09 -28.48
C GLU Y 36 33.00 -18.92 -27.26
N ILE Y 37 32.88 -19.83 -26.28
CA ILE Y 37 33.71 -19.79 -25.06
C ILE Y 37 35.12 -20.23 -25.36
N ASN Y 38 35.31 -21.34 -26.07
CA ASN Y 38 36.57 -21.67 -26.67
C ASN Y 38 36.26 -22.55 -27.90
N PRO Y 39 37.28 -23.08 -28.60
CA PRO Y 39 36.91 -23.86 -29.80
C PRO Y 39 36.05 -25.14 -29.61
N TYR Y 40 35.88 -25.62 -28.37
CA TYR Y 40 35.13 -26.84 -28.09
C TYR Y 40 33.97 -26.64 -27.09
N LEU Y 41 33.61 -25.37 -26.84
CA LEU Y 41 32.62 -24.99 -25.84
C LEU Y 41 31.84 -23.77 -26.29
N LEU Y 42 30.52 -23.91 -26.28
CA LEU Y 42 29.60 -22.84 -26.57
C LEU Y 42 28.67 -22.57 -25.41
N GLY Y 43 28.25 -21.31 -25.31
CA GLY Y 43 27.20 -20.89 -24.37
C GLY Y 43 26.08 -20.29 -25.16
N THR Y 44 24.85 -20.46 -24.69
CA THR Y 44 23.69 -19.79 -25.28
C THR Y 44 23.09 -18.72 -24.36
N MET Y 45 22.45 -17.74 -24.97
CA MET Y 45 21.93 -16.54 -24.28
C MET Y 45 20.40 -16.41 -24.42
N ALA Y 46 19.73 -16.33 -23.28
CA ALA Y 46 18.31 -15.99 -23.20
C ALA Y 46 18.09 -15.18 -21.91
N GLY Y 47 17.23 -14.17 -21.98
CA GLY Y 47 16.85 -13.33 -20.80
C GLY Y 47 17.35 -11.94 -21.07
N GLY Y 48 17.98 -11.31 -20.11
CA GLY Y 48 18.58 -10.00 -20.29
C GLY Y 48 19.87 -10.07 -21.11
N ALA Y 49 19.95 -9.28 -22.18
CA ALA Y 49 21.06 -9.35 -23.12
C ALA Y 49 22.39 -8.94 -22.48
N ALA Y 50 22.39 -7.83 -21.76
CA ALA Y 50 23.57 -7.39 -21.04
C ALA Y 50 24.04 -8.43 -20.01
N ASP Y 51 23.10 -8.98 -19.26
CA ASP Y 51 23.41 -9.96 -18.26
C ASP Y 51 24.05 -11.22 -18.86
N CYS Y 52 23.41 -11.81 -19.88
CA CYS Y 52 24.01 -12.97 -20.55
C CYS Y 52 25.38 -12.69 -21.12
N SER Y 53 25.53 -11.59 -21.86
CA SER Y 53 26.80 -11.26 -22.51
C SER Y 53 27.92 -11.05 -21.51
N PHE Y 54 27.64 -10.27 -20.46
CA PHE Y 54 28.63 -10.00 -19.46
C PHE Y 54 29.11 -11.31 -18.77
N TRP Y 55 28.16 -12.11 -18.28
CA TRP Y 55 28.52 -13.27 -17.47
C TRP Y 55 29.15 -14.43 -18.29
N GLU Y 56 28.72 -14.58 -19.54
CA GLU Y 56 29.34 -15.55 -20.39
C GLU Y 56 30.72 -15.11 -20.91
N ARG Y 57 30.90 -13.80 -21.09
CA ARG Y 57 32.22 -13.28 -21.42
C ARG Y 57 33.19 -13.45 -20.24
N LEU Y 58 32.68 -13.32 -19.02
CA LEU Y 58 33.45 -13.53 -17.84
C LEU Y 58 33.79 -15.02 -17.66
N LEU Y 59 32.81 -15.87 -17.96
CA LEU Y 59 33.07 -17.29 -18.01
C LEU Y 59 34.19 -17.64 -18.97
N ALA Y 60 34.16 -17.07 -20.17
CA ALA Y 60 35.23 -17.28 -21.16
C ALA Y 60 36.62 -16.88 -20.64
N ARG Y 61 36.69 -15.70 -19.99
CA ARG Y 61 37.92 -15.27 -19.32
C ARG Y 61 38.43 -16.34 -18.34
N GLN Y 62 37.54 -16.80 -17.48
CA GLN Y 62 37.91 -17.73 -16.43
C GLN Y 62 38.37 -19.11 -16.99
N CYS Y 63 37.63 -19.62 -17.98
CA CYS Y 63 38.02 -20.85 -18.66
C CYS Y 63 39.42 -20.77 -19.27
N ARG Y 64 39.74 -19.63 -19.88
CA ARG Y 64 41.05 -19.43 -20.48
C ARG Y 64 42.15 -19.41 -19.40
N ILE Y 65 41.93 -18.67 -18.30
CA ILE Y 65 42.87 -18.67 -17.16
C ILE Y 65 43.10 -20.11 -16.67
N TYR Y 66 42.00 -20.84 -16.51
CA TYR Y 66 42.03 -22.26 -16.09
C TYR Y 66 42.94 -23.09 -16.98
N GLU Y 67 42.79 -22.92 -18.29
CA GLU Y 67 43.61 -23.60 -19.29
C GLU Y 67 45.09 -23.31 -19.17
N LEU Y 68 45.43 -22.03 -19.05
CA LEU Y 68 46.79 -21.59 -18.82
C LEU Y 68 47.37 -22.13 -17.51
N ARG Y 69 46.59 -22.15 -16.44
CA ARG Y 69 47.11 -22.60 -15.14
C ARG Y 69 47.29 -24.11 -15.06
N ASN Y 70 46.32 -24.87 -15.59
CA ASN Y 70 46.29 -26.33 -15.46
C ASN Y 70 46.82 -27.11 -16.67
N LYS Y 71 47.07 -26.44 -17.78
CA LYS Y 71 47.62 -27.06 -19.01
C LYS Y 71 46.70 -28.07 -19.62
N GLU Y 72 45.40 -27.84 -19.49
CA GLU Y 72 44.40 -28.67 -20.15
C GLU Y 72 43.08 -27.93 -20.22
N ARG Y 73 42.27 -28.34 -21.19
CA ARG Y 73 40.91 -27.84 -21.46
C ARG Y 73 40.05 -27.98 -20.20
N ILE Y 74 39.28 -26.97 -19.84
CA ILE Y 74 38.26 -27.15 -18.80
C ILE Y 74 37.12 -28.11 -19.28
N SER Y 75 36.62 -28.96 -18.40
CA SER Y 75 35.46 -29.80 -18.69
C SER Y 75 34.15 -28.97 -18.77
N VAL Y 76 33.14 -29.53 -19.43
CA VAL Y 76 31.83 -28.92 -19.51
C VAL Y 76 31.22 -28.79 -18.11
N ALA Y 77 31.36 -29.82 -17.27
CA ALA Y 77 30.89 -29.77 -15.89
C ALA Y 77 31.48 -28.62 -15.08
N ALA Y 78 32.80 -28.47 -15.16
CA ALA Y 78 33.50 -27.45 -14.43
C ALA Y 78 33.18 -26.05 -14.95
N ALA Y 79 33.05 -25.89 -16.27
CA ALA Y 79 32.73 -24.60 -16.85
C ALA Y 79 31.31 -24.15 -16.41
N SER Y 80 30.35 -25.08 -16.43
CA SER Y 80 28.95 -24.79 -16.05
C SER Y 80 28.88 -24.48 -14.54
N LYS Y 81 29.74 -25.14 -13.78
CA LYS Y 81 29.83 -24.89 -12.36
C LYS Y 81 30.41 -23.54 -12.00
N LEU Y 82 31.48 -23.12 -12.69
CA LEU Y 82 32.03 -21.80 -12.54
C LEU Y 82 30.91 -20.76 -12.77
N LEU Y 83 30.14 -20.90 -13.85
CA LEU Y 83 29.08 -19.92 -14.18
C LEU Y 83 28.00 -19.91 -13.06
N ALA Y 84 27.55 -21.08 -12.64
CA ALA Y 84 26.57 -21.21 -11.54
C ALA Y 84 27.04 -20.53 -10.25
N ASN Y 85 28.30 -20.79 -9.87
CA ASN Y 85 28.85 -20.19 -8.67
C ASN Y 85 28.97 -18.66 -8.76
N MET Y 86 29.31 -18.13 -9.92
CA MET Y 86 29.32 -16.69 -10.15
C MET Y 86 27.97 -16.00 -9.94
N VAL Y 87 26.91 -16.54 -10.55
CA VAL Y 87 25.63 -15.88 -10.49
C VAL Y 87 24.88 -16.11 -9.15
N TYR Y 88 25.22 -17.19 -8.42
CA TYR Y 88 24.52 -17.58 -7.21
C TYR Y 88 24.49 -16.42 -6.25
N GLN Y 89 25.61 -15.71 -6.17
CA GLN Y 89 25.73 -14.57 -5.23
C GLN Y 89 24.80 -13.43 -5.52
N TYR Y 90 24.33 -13.32 -6.75
CA TYR Y 90 23.43 -12.26 -7.17
C TYR Y 90 21.97 -12.65 -7.15
N LYS Y 91 21.62 -13.84 -6.66
CA LYS Y 91 20.17 -14.23 -6.66
C LYS Y 91 19.30 -13.16 -5.97
N GLY Y 92 18.16 -12.85 -6.56
CA GLY Y 92 17.25 -11.89 -5.93
C GLY Y 92 17.56 -10.44 -6.27
N MET Y 93 18.63 -10.18 -7.02
CA MET Y 93 19.01 -8.81 -7.41
C MET Y 93 18.53 -8.45 -8.81
N GLY Y 94 17.82 -9.34 -9.47
CA GLY Y 94 17.20 -9.02 -10.74
C GLY Y 94 18.00 -9.37 -11.98
N LEU Y 95 19.07 -10.16 -11.86
CA LEU Y 95 19.68 -10.72 -13.09
C LEU Y 95 18.67 -11.65 -13.74
N SER Y 96 18.67 -11.65 -15.07
CA SER Y 96 17.79 -12.51 -15.81
C SER Y 96 18.65 -13.22 -16.86
N MET Y 97 18.86 -14.52 -16.67
CA MET Y 97 19.77 -15.27 -17.54
CA MET Y 97 19.75 -15.26 -17.55
C MET Y 97 19.35 -16.73 -17.56
N GLY Y 98 19.30 -17.28 -18.76
CA GLY Y 98 19.10 -18.73 -18.95
C GLY Y 98 20.04 -19.16 -20.04
N THR Y 99 20.96 -20.06 -19.70
CA THR Y 99 22.02 -20.46 -20.63
C THR Y 99 22.17 -21.99 -20.71
N MET Y 100 22.56 -22.45 -21.87
CA MET Y 100 23.02 -23.79 -22.05
C MET Y 100 24.54 -23.72 -22.31
N ILE Y 101 25.31 -24.52 -21.55
CA ILE Y 101 26.77 -24.71 -21.78
C ILE Y 101 26.94 -26.10 -22.51
N CYS Y 102 27.52 -26.07 -23.70
CA CYS Y 102 27.50 -27.16 -24.65
C CYS Y 102 28.97 -27.42 -25.08
N GLY Y 103 29.46 -28.63 -24.85
CA GLY Y 103 30.80 -29.00 -25.26
C GLY Y 103 31.00 -30.49 -25.48
N TRP Y 104 32.25 -30.86 -25.67
CA TRP Y 104 32.63 -32.26 -25.78
C TRP Y 104 33.96 -32.35 -25.03
N ASP Y 105 34.02 -33.16 -23.98
CA ASP Y 105 35.21 -33.30 -23.14
C ASP Y 105 35.49 -34.79 -22.94
N LYS Y 106 36.24 -35.18 -21.92
CA LYS Y 106 36.61 -36.59 -21.73
C LYS Y 106 35.40 -37.49 -21.43
N ARG Y 107 34.29 -36.94 -20.93
CA ARG Y 107 33.10 -37.75 -20.72
C ARG Y 107 32.22 -37.77 -21.99
N GLY Y 108 32.71 -37.21 -23.10
CA GLY Y 108 31.95 -37.14 -24.34
C GLY Y 108 31.11 -35.87 -24.44
N PRO Y 109 30.06 -35.89 -25.26
CA PRO Y 109 29.21 -34.74 -25.44
C PRO Y 109 28.63 -34.26 -24.11
N GLY Y 110 28.63 -32.95 -23.89
CA GLY Y 110 28.20 -32.39 -22.63
C GLY Y 110 27.18 -31.28 -22.82
N LEU Y 111 26.20 -31.25 -21.94
CA LEU Y 111 25.14 -30.22 -22.02
C LEU Y 111 24.56 -29.92 -20.67
N TYR Y 112 24.64 -28.65 -20.26
CA TYR Y 112 24.16 -28.21 -18.94
C TYR Y 112 23.29 -26.96 -19.10
N TYR Y 113 22.18 -26.92 -18.37
CA TYR Y 113 21.35 -25.71 -18.28
C TYR Y 113 21.74 -24.97 -17.00
N VAL Y 114 21.96 -23.68 -17.12
CA VAL Y 114 22.38 -22.85 -16.00
C VAL Y 114 21.58 -21.52 -16.05
N ASP Y 115 21.03 -21.10 -14.93
CA ASP Y 115 20.28 -19.85 -14.91
C ASP Y 115 20.51 -19.01 -13.68
N SER Y 116 19.94 -17.82 -13.73
CA SER Y 116 20.12 -16.80 -12.69
C SER Y 116 19.31 -17.12 -11.43
N GLU Y 117 18.38 -18.07 -11.50
CA GLU Y 117 17.67 -18.57 -10.30
C GLU Y 117 18.50 -19.51 -9.46
N GLY Y 118 19.63 -19.95 -10.00
CA GLY Y 118 20.51 -20.89 -9.34
C GLY Y 118 20.52 -22.34 -9.87
N ASN Y 119 19.68 -22.66 -10.86
CA ASN Y 119 19.61 -24.01 -11.38
C ASN Y 119 20.89 -24.32 -12.15
N ARG Y 120 21.35 -25.54 -12.00
CA ARG Y 120 22.40 -26.10 -12.87
C ARG Y 120 22.12 -27.59 -13.04
N ILE Y 121 21.80 -28.02 -14.27
CA ILE Y 121 21.43 -29.40 -14.49
C ILE Y 121 21.91 -29.90 -15.83
N SER Y 122 22.38 -31.14 -15.82
CA SER Y 122 22.79 -31.85 -17.03
C SER Y 122 21.56 -32.48 -17.64
N GLY Y 123 21.54 -32.63 -18.95
CA GLY Y 123 20.47 -33.38 -19.59
C GLY Y 123 20.69 -33.59 -21.08
N ALA Y 124 19.80 -34.34 -21.70
CA ALA Y 124 19.92 -34.72 -23.09
C ALA Y 124 19.49 -33.61 -24.02
N THR Y 125 18.42 -32.88 -23.66
CA THR Y 125 17.86 -31.85 -24.50
C THR Y 125 17.36 -30.74 -23.58
N PHE Y 126 17.42 -29.49 -24.07
CA PHE Y 126 16.87 -28.35 -23.35
C PHE Y 126 16.37 -27.34 -24.37
N SER Y 127 15.42 -26.52 -23.95
CA SER Y 127 15.07 -25.30 -24.67
C SER Y 127 14.81 -24.21 -23.61
N VAL Y 128 15.22 -22.99 -23.91
CA VAL Y 128 15.19 -21.87 -23.00
C VAL Y 128 14.72 -20.60 -23.72
N GLY Y 129 13.94 -19.78 -23.02
CA GLY Y 129 13.50 -18.47 -23.51
C GLY Y 129 11.98 -18.44 -23.63
N SER Y 130 11.43 -17.29 -23.99
CA SER Y 130 10.00 -17.16 -24.12
C SER Y 130 9.38 -18.12 -25.11
N GLY Y 131 10.09 -18.50 -26.16
CA GLY Y 131 9.57 -19.47 -27.11
C GLY Y 131 9.85 -20.95 -26.84
N SER Y 132 10.49 -21.26 -25.71
CA SER Y 132 10.90 -22.62 -25.40
C SER Y 132 9.77 -23.62 -25.38
N VAL Y 133 8.61 -23.23 -24.88
CA VAL Y 133 7.48 -24.15 -24.85
C VAL Y 133 7.11 -24.69 -26.25
N TYR Y 134 7.20 -23.84 -27.26
CA TYR Y 134 6.90 -24.20 -28.64
C TYR Y 134 8.00 -25.08 -29.23
N ALA Y 135 9.26 -24.72 -28.96
CA ALA Y 135 10.39 -25.55 -29.43
C ALA Y 135 10.36 -26.92 -28.82
N TYR Y 136 10.02 -27.03 -27.54
CA TYR Y 136 9.99 -28.35 -26.88
C TYR Y 136 9.04 -29.30 -27.55
N GLY Y 137 7.86 -28.83 -27.92
CA GLY Y 137 6.89 -29.68 -28.57
C GLY Y 137 7.45 -30.32 -29.85
N VAL Y 138 8.10 -29.53 -30.70
CA VAL Y 138 8.55 -30.08 -31.95
C VAL Y 138 9.81 -30.88 -31.78
N MET Y 139 10.74 -30.40 -30.94
CA MET Y 139 11.96 -31.13 -30.62
C MET Y 139 11.63 -32.47 -30.01
N ASP Y 140 10.73 -32.49 -29.04
CA ASP Y 140 10.39 -33.73 -28.39
C ASP Y 140 9.81 -34.76 -29.34
N ARG Y 141 9.00 -34.35 -30.34
CA ARG Y 141 8.36 -35.35 -31.21
CA ARG Y 141 8.35 -35.31 -31.24
C ARG Y 141 9.33 -35.88 -32.27
N GLY Y 142 10.44 -35.22 -32.49
CA GLY Y 142 11.42 -35.64 -33.46
C GLY Y 142 12.74 -36.15 -32.90
N TYR Y 143 13.00 -35.99 -31.59
CA TYR Y 143 14.32 -36.26 -31.05
C TYR Y 143 14.60 -37.76 -30.94
N SER Y 144 15.83 -38.11 -31.27
CA SER Y 144 16.35 -39.41 -31.01
C SER Y 144 17.86 -39.21 -30.85
N TYR Y 145 18.43 -39.97 -29.92
CA TYR Y 145 19.91 -40.08 -29.76
C TYR Y 145 20.54 -40.53 -31.08
N ASP Y 146 19.85 -41.39 -31.82
CA ASP Y 146 20.42 -41.97 -33.07
C ASP Y 146 20.02 -41.23 -34.33
N LEU Y 147 19.56 -39.99 -34.20
CA LEU Y 147 19.44 -39.11 -35.38
C LEU Y 147 20.74 -39.07 -36.20
N GLU Y 148 20.58 -39.14 -37.52
CA GLU Y 148 21.67 -38.80 -38.43
C GLU Y 148 21.97 -37.30 -38.37
N VAL Y 149 23.18 -36.92 -38.75
CA VAL Y 149 23.61 -35.53 -38.66
C VAL Y 149 22.63 -34.58 -39.36
N GLU Y 150 22.31 -34.85 -40.63
CA GLU Y 150 21.44 -33.95 -41.39
C GLU Y 150 20.01 -33.87 -40.79
N GLN Y 151 19.54 -34.97 -40.19
CA GLN Y 151 18.21 -35.03 -39.58
C GLN Y 151 18.19 -34.19 -38.30
N ALA Y 152 19.30 -34.22 -37.57
CA ALA Y 152 19.48 -33.41 -36.37
C ALA Y 152 19.47 -31.91 -36.69
N TYR Y 153 20.18 -31.53 -37.75
CA TYR Y 153 20.15 -30.14 -38.23
C TYR Y 153 18.72 -29.72 -38.58
N ASP Y 154 18.01 -30.57 -39.33
CA ASP Y 154 16.63 -30.32 -39.75
C ASP Y 154 15.70 -30.11 -38.54
N LEU Y 155 15.83 -30.95 -37.54
CA LEU Y 155 14.99 -30.87 -36.35
C LEU Y 155 15.17 -29.56 -35.56
N ALA Y 156 16.44 -29.22 -35.30
CA ALA Y 156 16.82 -27.99 -34.59
C ALA Y 156 16.28 -26.74 -35.28
N ARG Y 157 16.53 -26.67 -36.58
CA ARG Y 157 16.08 -25.60 -37.42
C ARG Y 157 14.50 -25.48 -37.41
N ARG Y 158 13.80 -26.61 -37.51
CA ARG Y 158 12.36 -26.65 -37.55
C ARG Y 158 11.77 -26.26 -36.18
N ALA Y 159 12.33 -26.78 -35.09
CA ALA Y 159 11.86 -26.41 -33.75
C ALA Y 159 11.96 -24.90 -33.48
N ILE Y 160 13.11 -24.29 -33.80
CA ILE Y 160 13.25 -22.85 -33.64
C ILE Y 160 12.23 -22.12 -34.51
N TYR Y 161 12.14 -22.54 -35.76
CA TYR Y 161 11.22 -21.98 -36.72
C TYR Y 161 9.79 -21.89 -36.19
N GLN Y 162 9.29 -23.02 -35.69
CA GLN Y 162 7.92 -23.12 -35.16
C GLN Y 162 7.74 -22.22 -33.95
N ALA Y 163 8.77 -22.13 -33.10
CA ALA Y 163 8.77 -21.17 -31.99
C ALA Y 163 8.67 -19.71 -32.46
N THR Y 164 9.41 -19.34 -33.50
CA THR Y 164 9.32 -17.97 -34.03
C THR Y 164 7.88 -17.66 -34.60
N TYR Y 165 7.18 -18.68 -35.05
CA TYR Y 165 5.84 -18.56 -35.61
C TYR Y 165 4.82 -18.20 -34.54
N ARG Y 166 4.82 -18.93 -33.42
CA ARG Y 166 3.85 -18.71 -32.33
C ARG Y 166 4.21 -17.58 -31.35
N ASP Y 167 5.51 -17.42 -31.08
CA ASP Y 167 6.00 -16.51 -30.03
C ASP Y 167 6.32 -15.14 -30.64
N ALA Y 168 5.53 -14.14 -30.27
CA ALA Y 168 5.78 -12.77 -30.71
C ALA Y 168 7.26 -12.33 -30.44
N TYR Y 169 7.85 -12.81 -29.34
CA TYR Y 169 9.17 -12.37 -28.91
C TYR Y 169 10.34 -13.15 -29.55
N SER Y 170 10.07 -14.07 -30.48
CA SER Y 170 11.14 -14.78 -31.19
C SER Y 170 11.01 -14.55 -32.69
N GLY Y 171 12.17 -14.49 -33.37
CA GLY Y 171 12.22 -14.27 -34.81
C GLY Y 171 13.58 -14.00 -35.39
N GLY Y 172 13.58 -13.56 -36.64
CA GLY Y 172 14.81 -13.18 -37.34
C GLY Y 172 15.37 -14.33 -38.16
N ALA Y 173 16.43 -14.94 -37.67
CA ALA Y 173 17.12 -16.00 -38.39
C ALA Y 173 17.37 -17.11 -37.43
N VAL Y 174 17.46 -18.33 -37.95
CA VAL Y 174 17.86 -19.46 -37.13
C VAL Y 174 19.34 -19.71 -37.35
N ASN Y 175 20.12 -19.61 -36.27
CA ASN Y 175 21.57 -19.87 -36.32
C ASN Y 175 21.83 -21.19 -35.64
N LEU Y 176 22.55 -22.06 -36.33
CA LEU Y 176 22.76 -23.44 -35.91
C LEU Y 176 24.28 -23.78 -35.85
N TYR Y 177 24.63 -24.50 -34.78
CA TYR Y 177 25.97 -24.91 -34.48
C TYR Y 177 25.97 -26.39 -34.14
N HIS Y 178 27.12 -27.01 -34.35
CA HIS Y 178 27.29 -28.43 -34.06
C HIS Y 178 28.63 -28.61 -33.34
N VAL Y 179 28.56 -29.05 -32.09
CA VAL Y 179 29.72 -29.41 -31.34
C VAL Y 179 30.12 -30.85 -31.65
N ARG Y 180 31.30 -31.00 -32.23
CA ARG Y 180 31.90 -32.30 -32.60
C ARG Y 180 33.11 -32.55 -31.72
N GLU Y 181 33.69 -33.75 -31.81
CA GLU Y 181 34.81 -34.10 -30.93
C GLU Y 181 36.04 -33.20 -31.12
N ASP Y 182 36.31 -32.76 -32.36
CA ASP Y 182 37.43 -31.85 -32.63
C ASP Y 182 37.08 -30.33 -32.66
N GLY Y 183 35.95 -29.93 -32.11
CA GLY Y 183 35.56 -28.52 -32.09
C GLY Y 183 34.14 -28.31 -32.59
N TRP Y 184 33.59 -27.14 -32.28
CA TRP Y 184 32.28 -26.77 -32.83
C TRP Y 184 32.51 -26.23 -34.22
N ILE Y 185 31.47 -26.35 -35.05
CA ILE Y 185 31.38 -25.65 -36.33
C ILE Y 185 30.04 -24.84 -36.38
N ARG Y 186 30.07 -23.71 -37.08
CA ARG Y 186 28.90 -22.96 -37.46
CA ARG Y 186 28.83 -23.00 -37.42
C ARG Y 186 28.23 -23.68 -38.64
N VAL Y 187 27.00 -24.16 -38.52
CA VAL Y 187 26.41 -24.98 -39.62
C VAL Y 187 25.67 -24.12 -40.60
N SER Y 188 24.77 -23.26 -40.12
CA SER Y 188 23.98 -22.42 -41.02
C SER Y 188 23.34 -21.22 -40.32
N SER Y 189 22.98 -20.22 -41.13
CA SER Y 189 22.17 -19.09 -40.70
C SER Y 189 21.05 -18.99 -41.73
N ASP Y 190 19.80 -19.20 -41.32
CA ASP Y 190 18.66 -19.20 -42.28
C ASP Y 190 17.58 -18.21 -41.85
N ASN Y 191 17.33 -17.19 -42.64
CA ASN Y 191 16.25 -16.28 -42.33
C ASN Y 191 14.92 -17.04 -42.27
N VAL Y 192 14.18 -16.78 -41.19
CA VAL Y 192 12.86 -17.38 -40.95
C VAL Y 192 11.88 -17.14 -42.11
N ALA Y 193 11.97 -16.01 -42.80
CA ALA Y 193 11.16 -15.75 -43.99
C ALA Y 193 11.47 -16.74 -45.14
N ASP Y 194 12.75 -17.09 -45.30
CA ASP Y 194 13.14 -18.13 -46.30
C ASP Y 194 12.71 -19.54 -45.83
N LEU Y 195 12.80 -19.84 -44.54
CA LEU Y 195 12.30 -21.14 -44.04
C LEU Y 195 10.77 -21.30 -44.19
N HIS Y 196 10.05 -20.19 -44.08
CA HIS Y 196 8.57 -20.22 -44.20
C HIS Y 196 8.14 -20.73 -45.56
N GLU Y 197 8.77 -20.17 -46.59
CA GLU Y 197 8.66 -20.57 -48.00
C GLU Y 197 8.89 -22.09 -48.19
N LYS Y 198 9.95 -22.60 -47.57
CA LYS Y 198 10.35 -23.99 -47.71
C LYS Y 198 9.39 -24.95 -46.98
N TYR Y 199 8.97 -24.68 -45.75
CA TYR Y 199 8.22 -25.68 -44.96
C TYR Y 199 6.73 -25.83 -45.31
N SER Y 200 6.01 -26.95 -45.08
CA SER Y 200 6.34 -28.35 -44.67
C SER Y 200 5.29 -29.10 -43.70
N GLY Y 201 4.03 -28.64 -43.58
CA GLY Y 201 2.93 -29.48 -43.02
C GLY Y 201 2.60 -30.61 -44.06
N ARG Z 1 9.92 10.15 -1.95
CA ARG Z 1 10.56 9.54 -3.13
C ARG Z 1 11.21 10.66 -3.99
N PHE Z 2 12.41 11.12 -3.57
CA PHE Z 2 13.40 11.72 -4.48
C PHE Z 2 13.61 10.71 -5.59
N SER Z 3 13.46 11.09 -6.87
CA SER Z 3 13.95 10.28 -8.01
C SER Z 3 15.27 10.83 -8.52
N PRO Z 4 16.33 9.98 -8.62
CA PRO Z 4 17.61 10.42 -9.14
C PRO Z 4 17.66 10.52 -10.68
N TYR Z 5 16.54 10.31 -11.39
CA TYR Z 5 16.50 10.40 -12.84
C TYR Z 5 15.46 11.40 -13.32
N VAL Z 6 15.70 12.00 -14.45
CA VAL Z 6 14.66 12.66 -15.23
C VAL Z 6 14.98 12.38 -16.70
N PHE Z 7 13.97 12.46 -17.55
CA PHE Z 7 14.14 12.25 -18.98
C PHE Z 7 14.33 13.61 -19.69
N ASN Z 8 15.42 13.77 -20.45
CA ASN Z 8 15.72 15.06 -21.09
C ASN Z 8 15.65 15.06 -22.63
N GLY Z 9 15.19 13.96 -23.20
CA GLY Z 9 14.89 13.92 -24.63
C GLY Z 9 16.15 13.65 -25.42
N GLY Z 10 16.04 13.81 -26.72
CA GLY Z 10 17.15 13.54 -27.59
C GLY Z 10 16.98 12.31 -28.46
N THR Z 11 17.24 12.53 -29.75
CA THR Z 11 17.22 11.48 -30.75
C THR Z 11 18.63 11.41 -31.41
N ILE Z 12 19.15 10.20 -31.47
CA ILE Z 12 20.47 9.92 -32.08
C ILE Z 12 20.40 8.87 -33.20
N LEU Z 13 21.34 8.97 -34.12
CA LEU Z 13 21.38 8.14 -35.30
C LEU Z 13 22.85 7.95 -35.74
N ALA Z 14 23.19 6.73 -36.16
CA ALA Z 14 24.46 6.49 -36.84
C ALA Z 14 24.32 5.55 -38.05
N ILE Z 15 25.11 5.81 -39.08
CA ILE Z 15 25.14 5.05 -40.34
C ILE Z 15 26.60 4.73 -40.69
N ALA Z 16 26.87 3.45 -40.97
CA ALA Z 16 28.15 2.99 -41.47
C ALA Z 16 28.18 2.89 -43.01
N GLY Z 17 29.12 3.60 -43.62
CA GLY Z 17 29.41 3.45 -45.05
C GLY Z 17 30.65 2.62 -45.26
N GLU Z 18 31.01 2.46 -46.53
CA GLU Z 18 32.20 1.75 -46.90
C GLU Z 18 33.46 2.46 -46.40
N ASP Z 19 33.50 3.78 -46.48
CA ASP Z 19 34.66 4.57 -46.00
C ASP Z 19 34.24 5.80 -45.17
N PHE Z 20 33.10 5.70 -44.50
CA PHE Z 20 32.64 6.80 -43.70
C PHE Z 20 31.73 6.29 -42.61
N ALA Z 21 31.55 7.12 -41.59
CA ALA Z 21 30.51 6.96 -40.63
C ALA Z 21 29.82 8.31 -40.40
N ILE Z 22 28.51 8.29 -40.19
CA ILE Z 22 27.76 9.48 -39.82
C ILE Z 22 27.20 9.27 -38.40
N VAL Z 23 27.27 10.30 -37.58
CA VAL Z 23 26.59 10.32 -36.30
C VAL Z 23 25.86 11.65 -36.24
N ALA Z 24 24.58 11.57 -35.94
CA ALA Z 24 23.69 12.73 -36.01
C ALA Z 24 22.79 12.76 -34.75
N SER Z 25 22.39 13.97 -34.37
CA SER Z 25 21.49 14.18 -33.25
C SER Z 25 20.77 15.50 -33.36
N ASP Z 26 19.60 15.60 -32.72
CA ASP Z 26 18.92 16.91 -32.60
C ASP Z 26 19.58 17.67 -31.44
N THR Z 27 19.30 18.95 -31.31
CA THR Z 27 19.99 19.79 -30.33
C THR Z 27 19.09 20.28 -29.20
N ARG Z 28 17.88 19.74 -29.07
CA ARG Z 28 16.95 20.15 -28.02
C ARG Z 28 17.22 19.41 -26.74
N LEU Z 29 17.26 20.14 -25.64
CA LEU Z 29 17.31 19.56 -24.31
C LEU Z 29 16.02 19.99 -23.58
N SER Z 30 15.26 19.00 -23.12
CA SER Z 30 13.91 19.20 -22.57
C SER Z 30 13.84 18.70 -21.14
N GLU Z 31 12.77 19.02 -20.48
CA GLU Z 31 12.42 18.45 -19.23
C GLU Z 31 10.93 18.69 -19.02
N GLY Z 32 10.17 17.66 -18.69
CA GLY Z 32 8.69 17.80 -18.56
C GLY Z 32 8.05 18.30 -19.85
N PHE Z 33 7.37 19.42 -19.79
CA PHE Z 33 6.86 20.08 -21.01
C PHE Z 33 7.64 21.33 -21.45
N SER Z 34 8.87 21.47 -20.98
CA SER Z 34 9.68 22.69 -21.13
C SER Z 34 10.96 22.40 -21.88
N ILE Z 35 11.51 23.45 -22.47
CA ILE Z 35 12.77 23.37 -23.18
C ILE Z 35 13.80 24.11 -22.31
N HIS Z 36 14.85 23.38 -21.96
CA HIS Z 36 16.03 23.96 -21.29
C HIS Z 36 16.84 24.82 -22.25
N THR Z 37 17.23 24.24 -23.37
CA THR Z 37 17.94 25.00 -24.38
C THR Z 37 17.69 24.34 -25.71
N ARG Z 38 17.78 25.13 -26.77
CA ARG Z 38 17.71 24.68 -28.14
C ARG Z 38 19.08 24.33 -28.78
N ASP Z 39 20.16 24.40 -28.01
CA ASP Z 39 21.50 24.21 -28.57
C ASP Z 39 22.36 23.34 -27.67
N SER Z 40 21.99 22.08 -27.58
CA SER Z 40 22.61 21.10 -26.74
C SER Z 40 22.75 19.83 -27.61
N PRO Z 41 23.85 19.74 -28.36
CA PRO Z 41 24.13 18.52 -29.16
C PRO Z 41 24.38 17.28 -28.30
N LYS Z 42 24.09 16.12 -28.88
CA LYS Z 42 24.20 14.87 -28.20
C LYS Z 42 25.35 14.02 -28.72
N CYS Z 43 26.21 14.62 -29.54
CA CYS Z 43 27.39 13.95 -30.09
CA CYS Z 43 27.40 13.95 -30.09
C CYS Z 43 28.66 14.52 -29.46
N TYR Z 44 29.65 13.67 -29.23
CA TYR Z 44 30.90 14.02 -28.58
C TYR Z 44 32.04 13.33 -29.34
N LYS Z 45 33.04 14.10 -29.69
CA LYS Z 45 34.24 13.57 -30.34
C LYS Z 45 35.08 12.79 -29.31
N LEU Z 46 35.39 11.53 -29.58
CA LEU Z 46 36.26 10.75 -28.70
C LEU Z 46 37.71 10.71 -29.17
N THR Z 47 37.93 10.40 -30.45
CA THR Z 47 39.23 10.44 -31.11
C THR Z 47 39.00 11.01 -32.49
N ASP Z 48 40.07 11.07 -33.29
CA ASP Z 48 39.94 11.49 -34.71
C ASP Z 48 39.09 10.57 -35.58
N LYS Z 49 38.86 9.36 -35.11
CA LYS Z 49 38.20 8.31 -35.85
C LYS Z 49 36.86 7.88 -35.24
N THR Z 50 36.49 8.44 -34.10
CA THR Z 50 35.35 7.94 -33.32
C THR Z 50 34.53 9.08 -32.66
N VAL Z 51 33.21 8.98 -32.82
CA VAL Z 51 32.26 9.91 -32.24
C VAL Z 51 31.20 9.08 -31.50
N ILE Z 52 30.73 9.58 -30.38
CA ILE Z 52 29.67 8.92 -29.64
C ILE Z 52 28.44 9.85 -29.55
N GLY Z 53 27.26 9.29 -29.77
CA GLY Z 53 25.97 9.99 -29.51
C GLY Z 53 25.36 9.45 -28.24
N CYS Z 54 24.85 10.34 -27.38
CA CYS Z 54 24.31 9.98 -26.06
C CYS Z 54 23.01 10.73 -25.79
N SER Z 55 21.96 10.01 -25.47
CA SER Z 55 20.70 10.67 -25.06
C SER Z 55 20.09 9.99 -23.87
N GLY Z 56 19.16 10.68 -23.21
CA GLY Z 56 18.43 10.11 -22.07
C GLY Z 56 18.48 11.13 -20.94
N PHE Z 57 18.99 10.72 -19.77
CA PHE Z 57 19.09 11.60 -18.63
C PHE Z 57 20.40 12.39 -18.78
N HIS Z 58 20.28 13.69 -18.93
CA HIS Z 58 21.43 14.53 -19.21
C HIS Z 58 22.51 14.52 -18.12
N GLY Z 59 22.12 14.44 -16.85
CA GLY Z 59 23.07 14.31 -15.76
C GLY Z 59 24.02 13.11 -15.98
N ASP Z 60 23.44 11.98 -16.43
CA ASP Z 60 24.22 10.79 -16.77
C ASP Z 60 25.00 10.95 -18.07
N CYS Z 61 24.46 11.63 -19.06
CA CYS Z 61 25.19 11.83 -20.30
C CYS Z 61 26.52 12.61 -20.07
N LEU Z 62 26.41 13.69 -19.30
CA LEU Z 62 27.56 14.46 -18.93
C LEU Z 62 28.60 13.63 -18.14
N THR Z 63 28.16 12.95 -17.10
CA THR Z 63 29.06 12.13 -16.30
C THR Z 63 29.79 11.06 -17.13
N LEU Z 64 28.99 10.30 -17.88
CA LEU Z 64 29.51 9.19 -18.66
C LEU Z 64 30.52 9.67 -19.71
N THR Z 65 30.23 10.76 -20.40
CA THR Z 65 31.17 11.23 -21.40
C THR Z 65 32.49 11.69 -20.79
N LYS Z 66 32.42 12.30 -19.62
CA LYS Z 66 33.65 12.69 -18.92
C LYS Z 66 34.46 11.45 -18.42
N ILE Z 67 33.76 10.39 -18.02
CA ILE Z 67 34.39 9.12 -17.67
C ILE Z 67 35.12 8.49 -18.89
N ILE Z 68 34.43 8.47 -20.03
CA ILE Z 68 35.01 7.92 -21.26
C ILE Z 68 36.26 8.69 -21.66
N GLU Z 69 36.20 10.02 -21.64
CA GLU Z 69 37.34 10.87 -21.94
C GLU Z 69 38.56 10.60 -21.05
N ALA Z 70 38.35 10.49 -19.73
CA ALA Z 70 39.42 10.11 -18.80
C ALA Z 70 40.00 8.71 -19.12
N ARG Z 71 39.11 7.75 -19.38
CA ARG Z 71 39.55 6.40 -19.74
C ARG Z 71 40.35 6.33 -21.04
N LEU Z 72 40.02 7.15 -22.02
CA LEU Z 72 40.76 7.16 -23.27
C LEU Z 72 42.21 7.66 -23.10
N LYS Z 73 42.40 8.67 -22.25
CA LYS Z 73 43.74 9.14 -21.91
C LYS Z 73 44.54 8.15 -21.07
N MET Z 74 43.89 7.53 -20.09
CA MET Z 74 44.52 6.45 -19.32
C MET Z 74 45.05 5.34 -20.23
N TYR Z 75 44.21 4.90 -21.18
CA TYR Z 75 44.56 3.85 -22.14
C TYR Z 75 45.77 4.25 -22.95
N LYS Z 76 45.74 5.46 -23.48
CA LYS Z 76 46.82 6.00 -24.29
C LYS Z 76 48.15 6.09 -23.52
N HIS Z 77 48.08 6.53 -22.27
CA HIS Z 77 49.24 6.49 -21.39
C HIS Z 77 49.77 5.09 -21.08
N SER Z 78 48.91 4.12 -20.81
CA SER Z 78 49.42 2.79 -20.47
C SER Z 78 49.84 1.96 -21.68
N ASN Z 79 49.19 2.16 -22.82
CA ASN Z 79 49.44 1.35 -24.00
C ASN Z 79 50.15 2.04 -25.16
N ASN Z 80 50.39 3.36 -25.09
CA ASN Z 80 51.09 4.12 -26.15
C ASN Z 80 50.47 4.19 -27.53
N LYS Z 81 49.16 4.19 -27.58
CA LYS Z 81 48.41 4.31 -28.82
C LYS Z 81 46.96 4.70 -28.44
N ALA Z 82 46.27 5.35 -29.37
CA ALA Z 82 44.88 5.67 -29.22
C ALA Z 82 44.00 4.41 -29.25
N MET Z 83 42.90 4.44 -28.51
CA MET Z 83 41.90 3.37 -28.53
C MET Z 83 41.19 3.30 -29.87
N THR Z 84 41.03 2.09 -30.38
CA THR Z 84 40.27 1.85 -31.62
C THR Z 84 38.78 1.97 -31.30
N THR Z 85 38.00 2.11 -32.36
CA THR Z 85 36.56 2.23 -32.23
C THR Z 85 35.99 0.99 -31.53
N GLY Z 86 36.43 -0.18 -31.97
CA GLY Z 86 36.04 -1.46 -31.38
C GLY Z 86 36.41 -1.62 -29.89
N ALA Z 87 37.58 -1.13 -29.50
CA ALA Z 87 37.98 -1.18 -28.11
C ALA Z 87 37.20 -0.21 -27.23
N ILE Z 88 36.89 0.99 -27.74
CA ILE Z 88 36.04 1.94 -27.06
C ILE Z 88 34.65 1.31 -26.80
N ALA Z 89 34.12 0.61 -27.80
CA ALA Z 89 32.84 -0.03 -27.67
C ALA Z 89 32.84 -1.13 -26.59
N ALA Z 90 33.86 -2.00 -26.62
CA ALA Z 90 34.03 -3.05 -25.61
C ALA Z 90 34.21 -2.44 -24.19
N MET Z 91 34.95 -1.34 -24.08
CA MET Z 91 35.19 -0.72 -22.80
C MET Z 91 33.88 -0.11 -22.26
N LEU Z 92 33.18 0.62 -23.12
CA LEU Z 92 31.88 1.21 -22.74
C LEU Z 92 30.91 0.16 -22.20
N SER Z 93 30.85 -1.00 -22.83
CA SER Z 93 30.04 -2.11 -22.32
C SER Z 93 30.34 -2.41 -20.83
N THR Z 94 31.61 -2.48 -20.46
CA THR Z 94 31.99 -2.71 -19.08
C THR Z 94 31.68 -1.53 -18.15
N ILE Z 95 31.83 -0.29 -18.60
CA ILE Z 95 31.54 0.85 -17.78
C ILE Z 95 30.01 0.89 -17.46
N LEU Z 96 29.20 0.62 -18.45
CA LEU Z 96 27.73 0.57 -18.26
C LEU Z 96 27.31 -0.54 -17.30
N TYR Z 97 27.92 -1.71 -17.43
CA TYR Z 97 27.61 -2.86 -16.56
C TYR Z 97 28.05 -2.62 -15.12
N SER Z 98 29.09 -1.79 -14.91
CA SER Z 98 29.58 -1.55 -13.57
C SER Z 98 28.46 -0.87 -12.73
N ARG Z 99 27.50 -0.24 -13.41
CA ARG Z 99 26.33 0.36 -12.77
C ARG Z 99 25.07 -0.48 -12.94
N ARG Z 100 25.23 -1.80 -13.15
CA ARG Z 100 24.10 -2.67 -13.41
C ARG Z 100 22.93 -2.46 -12.41
N PHE Z 101 23.25 -2.26 -11.16
CA PHE Z 101 22.24 -2.03 -10.10
C PHE Z 101 21.88 -0.57 -9.80
N PHE Z 102 22.45 0.42 -10.53
CA PHE Z 102 22.00 1.90 -10.46
C PHE Z 102 22.38 2.49 -11.82
N PRO Z 103 21.67 2.08 -12.89
CA PRO Z 103 22.20 2.35 -14.23
C PRO Z 103 22.35 3.82 -14.64
N TYR Z 104 23.35 4.07 -15.50
CA TYR Z 104 23.38 5.23 -16.38
C TYR Z 104 22.15 5.16 -17.31
N TYR Z 105 21.26 6.16 -17.17
CA TYR Z 105 20.11 6.28 -18.04
C TYR Z 105 20.48 7.02 -19.35
N VAL Z 106 21.14 6.27 -20.22
CA VAL Z 106 21.76 6.80 -21.41
C VAL Z 106 21.65 5.75 -22.50
N TYR Z 107 21.24 6.17 -23.69
CA TYR Z 107 21.29 5.36 -24.91
C TYR Z 107 22.45 5.90 -25.73
N ASN Z 108 23.38 5.01 -26.04
CA ASN Z 108 24.62 5.34 -26.69
C ASN Z 108 24.68 4.66 -28.04
N ILE Z 109 25.18 5.41 -29.00
CA ILE Z 109 25.54 4.88 -30.32
C ILE Z 109 26.92 5.41 -30.67
N ILE Z 110 27.87 4.52 -30.93
CA ILE Z 110 29.21 4.92 -31.40
C ILE Z 110 29.27 4.85 -32.94
N GLY Z 111 29.86 5.85 -33.58
CA GLY Z 111 30.13 5.82 -34.99
C GLY Z 111 31.57 6.21 -35.27
N GLY Z 112 32.25 5.40 -36.08
CA GLY Z 112 33.65 5.67 -36.41
C GLY Z 112 34.19 4.78 -37.51
N LEU Z 113 35.51 4.81 -37.66
CA LEU Z 113 36.19 3.94 -38.59
C LEU Z 113 36.83 2.79 -37.84
N ASP Z 114 36.72 1.59 -38.41
CA ASP Z 114 37.37 0.41 -37.88
C ASP Z 114 38.83 0.39 -38.36
N GLU Z 115 39.57 -0.67 -38.06
CA GLU Z 115 41.02 -0.68 -38.36
C GLU Z 115 41.33 -0.87 -39.82
N GLU Z 116 40.36 -1.28 -40.62
CA GLU Z 116 40.53 -1.31 -42.07
C GLU Z 116 40.09 -0.01 -42.75
N GLY Z 117 39.68 1.00 -42.00
CA GLY Z 117 39.22 2.27 -42.57
C GLY Z 117 37.75 2.24 -42.98
N LYS Z 118 37.03 1.21 -42.57
CA LYS Z 118 35.62 1.10 -42.94
C LYS Z 118 34.70 1.65 -41.84
N GLY Z 119 33.52 2.14 -42.23
CA GLY Z 119 32.52 2.60 -41.27
C GLY Z 119 32.15 1.52 -40.27
N ALA Z 120 32.02 1.92 -39.02
CA ALA Z 120 31.58 1.03 -37.97
C ALA Z 120 30.58 1.76 -37.04
N VAL Z 121 29.46 1.09 -36.75
CA VAL Z 121 28.46 1.57 -35.83
C VAL Z 121 28.28 0.53 -34.74
N TYR Z 122 28.30 1.00 -33.49
CA TYR Z 122 27.95 0.16 -32.35
C TYR Z 122 26.83 0.81 -31.55
N SER Z 123 25.83 0.01 -31.19
CA SER Z 123 24.72 0.48 -30.39
C SER Z 123 24.58 -0.28 -29.07
N PHE Z 124 24.09 0.43 -28.07
CA PHE Z 124 24.11 0.01 -26.70
C PHE Z 124 22.75 0.20 -26.02
N ASP Z 125 22.42 -0.68 -25.11
CA ASP Z 125 21.39 -0.41 -24.12
C ASP Z 125 22.01 0.18 -22.83
N PRO Z 126 21.18 0.68 -21.90
CA PRO Z 126 21.76 1.40 -20.74
C PRO Z 126 22.72 0.60 -19.87
N VAL Z 127 22.57 -0.72 -19.82
CA VAL Z 127 23.46 -1.54 -18.99
C VAL Z 127 24.60 -2.23 -19.77
N GLY Z 128 24.77 -1.89 -21.03
CA GLY Z 128 25.97 -2.23 -21.79
C GLY Z 128 25.88 -3.36 -22.78
N SER Z 129 24.69 -3.91 -23.01
CA SER Z 129 24.48 -4.80 -24.13
C SER Z 129 24.83 -4.04 -25.41
N TYR Z 130 25.57 -4.67 -26.33
CA TYR Z 130 25.90 -3.99 -27.58
C TYR Z 130 26.18 -4.91 -28.73
N GLN Z 131 26.10 -4.38 -29.94
CA GLN Z 131 26.61 -5.08 -31.13
C GLN Z 131 26.94 -4.11 -32.19
N ARG Z 132 27.62 -4.62 -33.21
CA ARG Z 132 27.89 -3.86 -34.39
C ARG Z 132 26.67 -3.89 -35.32
N ASP Z 133 26.38 -2.77 -35.92
CA ASP Z 133 25.22 -2.59 -36.78
C ASP Z 133 25.69 -1.88 -38.03
N SER Z 134 24.88 -1.94 -39.06
CA SER Z 134 25.13 -1.20 -40.28
C SER Z 134 24.61 0.24 -40.13
N PHE Z 135 23.53 0.39 -39.37
CA PHE Z 135 22.88 1.66 -39.11
C PHE Z 135 21.96 1.47 -37.93
N LYS Z 136 21.70 2.54 -37.18
CA LYS Z 136 20.95 2.43 -35.97
C LYS Z 136 20.45 3.79 -35.48
N ALA Z 137 19.17 3.83 -35.08
CA ALA Z 137 18.60 5.00 -34.44
C ALA Z 137 18.45 4.69 -32.94
N GLY Z 138 18.51 5.75 -32.13
CA GLY Z 138 18.37 5.63 -30.68
C GLY Z 138 17.69 6.86 -30.10
N GLY Z 139 17.23 6.72 -28.87
CA GLY Z 139 16.60 7.81 -28.17
C GLY Z 139 15.12 8.01 -28.46
N SER Z 140 14.66 9.24 -28.20
CA SER Z 140 13.24 9.56 -28.14
C SER Z 140 12.41 9.16 -29.38
N ALA Z 141 12.92 9.46 -30.57
CA ALA Z 141 12.22 9.16 -31.80
C ALA Z 141 12.79 7.90 -32.53
N SER Z 142 13.48 7.00 -31.86
CA SER Z 142 14.08 5.87 -32.57
C SER Z 142 13.09 4.99 -33.27
N ALA Z 143 11.89 4.81 -32.71
CA ALA Z 143 10.88 3.99 -33.35
C ALA Z 143 10.30 4.62 -34.58
N MET Z 144 10.41 5.94 -34.67
CA MET Z 144 10.08 6.64 -35.90
C MET Z 144 11.17 6.56 -36.97
N LEU Z 145 12.43 6.69 -36.58
CA LEU Z 145 13.52 6.63 -37.56
C LEU Z 145 13.81 5.24 -38.10
N GLN Z 146 13.81 4.22 -37.22
CA GLN Z 146 14.36 2.93 -37.57
C GLN Z 146 13.70 2.25 -38.78
N PRO Z 147 12.35 2.22 -38.85
CA PRO Z 147 11.71 1.52 -39.96
C PRO Z 147 12.05 2.05 -41.32
N LEU Z 148 12.13 3.38 -41.44
CA LEU Z 148 12.46 3.97 -42.72
C LEU Z 148 13.92 3.61 -43.12
N LEU Z 149 14.81 3.51 -42.13
CA LEU Z 149 16.19 3.10 -42.42
C LEU Z 149 16.23 1.61 -42.84
N ASP Z 150 15.46 0.78 -42.14
CA ASP Z 150 15.33 -0.64 -42.49
C ASP Z 150 14.96 -0.79 -43.97
N ASN Z 151 13.99 0.03 -44.42
CA ASN Z 151 13.48 0.01 -45.75
C ASN Z 151 14.47 0.57 -46.79
N GLN Z 152 15.00 1.74 -46.54
CA GLN Z 152 15.78 2.50 -47.51
C GLN Z 152 17.26 2.14 -47.56
N VAL Z 153 17.85 1.79 -46.42
CA VAL Z 153 19.27 1.35 -46.33
C VAL Z 153 19.37 -0.16 -46.37
N GLY Z 154 18.49 -0.85 -45.64
CA GLY Z 154 18.45 -2.30 -45.65
C GLY Z 154 17.72 -2.91 -46.85
N PHE Z 155 17.04 -2.11 -47.65
CA PHE Z 155 16.18 -2.60 -48.76
C PHE Z 155 15.09 -3.60 -48.35
N LYS Z 156 14.69 -3.57 -47.11
CA LYS Z 156 13.70 -4.51 -46.64
C LYS Z 156 12.30 -4.30 -47.24
N ASN Z 157 11.63 -5.42 -47.48
CA ASN Z 157 10.29 -5.48 -48.05
C ASN Z 157 10.20 -4.99 -49.48
N MET Z 158 11.33 -4.82 -50.15
CA MET Z 158 11.33 -4.37 -51.56
C MET Z 158 11.76 -5.49 -52.50
N GLN Z 159 11.02 -5.66 -53.60
CA GLN Z 159 11.33 -6.62 -54.66
C GLN Z 159 11.90 -5.88 -55.85
N ASN Z 160 12.68 -6.58 -56.68
CA ASN Z 160 13.22 -6.05 -57.94
C ASN Z 160 13.90 -4.69 -57.75
N VAL Z 161 14.78 -4.59 -56.75
CA VAL Z 161 15.57 -3.39 -56.46
C VAL Z 161 17.03 -3.83 -56.33
N GLU Z 162 17.95 -3.17 -57.06
CA GLU Z 162 19.41 -3.44 -56.91
C GLU Z 162 19.93 -2.98 -55.54
N HIS Z 163 20.59 -3.89 -54.83
CA HIS Z 163 21.18 -3.63 -53.52
C HIS Z 163 22.56 -2.95 -53.67
N VAL Z 164 22.55 -1.68 -54.10
CA VAL Z 164 23.80 -0.93 -54.36
C VAL Z 164 24.44 -0.43 -53.05
N PRO Z 165 25.76 -0.12 -53.07
CA PRO Z 165 26.39 0.45 -51.86
C PRO Z 165 25.86 1.87 -51.53
N LEU Z 166 25.86 2.19 -50.25
CA LEU Z 166 25.36 3.47 -49.77
C LEU Z 166 26.40 4.59 -49.99
N SER Z 167 26.09 5.53 -50.87
CA SER Z 167 26.90 6.73 -51.04
C SER Z 167 26.69 7.69 -49.86
N LEU Z 168 27.73 8.50 -49.60
CA LEU Z 168 27.66 9.51 -48.57
C LEU Z 168 26.48 10.49 -48.81
N ASP Z 169 26.32 10.90 -50.07
CA ASP Z 169 25.35 11.89 -50.48
C ASP Z 169 23.93 11.37 -50.21
N ARG Z 170 23.67 10.11 -50.55
CA ARG Z 170 22.37 9.52 -50.23
C ARG Z 170 22.18 9.36 -48.73
N ALA Z 171 23.22 8.88 -48.02
CA ALA Z 171 23.14 8.70 -46.56
C ALA Z 171 22.79 10.03 -45.89
N MET Z 172 23.37 11.10 -46.38
CA MET Z 172 23.09 12.43 -45.87
C MET Z 172 21.62 12.88 -46.06
N ARG Z 173 21.10 12.65 -47.26
CA ARG Z 173 19.72 12.96 -47.60
C ARG Z 173 18.78 12.19 -46.69
N LEU Z 174 19.08 10.91 -46.45
CA LEU Z 174 18.25 10.09 -45.57
C LEU Z 174 18.24 10.60 -44.14
N VAL Z 175 19.41 10.97 -43.65
CA VAL Z 175 19.52 11.47 -42.30
C VAL Z 175 18.66 12.72 -42.10
N LYS Z 176 18.73 13.67 -43.03
CA LYS Z 176 17.99 14.89 -42.89
C LYS Z 176 16.48 14.64 -42.99
N ASP Z 177 16.10 13.77 -43.91
CA ASP Z 177 14.70 13.40 -44.10
C ASP Z 177 14.09 12.78 -42.87
N VAL Z 178 14.79 11.80 -42.27
CA VAL Z 178 14.20 11.11 -41.12
C VAL Z 178 14.07 12.01 -39.89
N PHE Z 179 15.01 12.91 -39.68
CA PHE Z 179 14.88 13.87 -38.56
C PHE Z 179 13.76 14.89 -38.81
N ILE Z 180 13.59 15.32 -40.05
CA ILE Z 180 12.53 16.21 -40.42
C ILE Z 180 11.16 15.54 -40.17
N SER Z 181 11.03 14.28 -40.55
CA SER Z 181 9.84 13.50 -40.23
C SER Z 181 9.62 13.31 -38.74
N ALA Z 182 10.66 12.98 -38.00
CA ALA Z 182 10.58 12.85 -36.55
C ALA Z 182 10.15 14.17 -35.88
N ALA Z 183 10.64 15.31 -36.37
CA ALA Z 183 10.35 16.59 -35.77
C ALA Z 183 8.86 16.94 -35.87
N GLU Z 184 8.18 16.40 -36.88
CA GLU Z 184 6.74 16.52 -37.04
C GLU Z 184 5.92 15.83 -35.92
N ARG Z 185 6.43 14.74 -35.37
CA ARG Z 185 5.63 13.89 -34.49
C ARG Z 185 6.13 13.70 -33.06
N ASP Z 186 7.42 13.63 -32.84
CA ASP Z 186 8.01 13.52 -31.51
C ASP Z 186 8.14 14.94 -30.94
N VAL Z 187 7.47 15.19 -29.81
CA VAL Z 187 7.50 16.53 -29.17
C VAL Z 187 8.94 16.90 -28.71
N TYR Z 188 9.75 15.91 -28.38
CA TYR Z 188 11.14 16.15 -27.93
C TYR Z 188 12.17 16.46 -29.05
N THR Z 189 11.88 16.09 -30.29
CA THR Z 189 12.86 16.23 -31.37
C THR Z 189 12.60 17.51 -32.10
N GLY Z 190 13.62 18.36 -32.14
CA GLY Z 190 13.45 19.66 -32.76
C GLY Z 190 14.64 20.57 -32.66
N ASP Z 191 14.41 21.82 -33.08
CA ASP Z 191 15.37 22.95 -33.07
C ASP Z 191 16.43 22.91 -34.18
N ALA Z 192 17.34 21.94 -34.10
CA ALA Z 192 18.37 21.77 -35.12
C ALA Z 192 18.88 20.34 -35.17
N LEU Z 193 19.38 19.94 -36.35
CA LEU Z 193 20.01 18.64 -36.54
C LEU Z 193 21.52 18.90 -36.71
N ARG Z 194 22.34 18.27 -35.88
CA ARG Z 194 23.83 18.32 -35.96
C ARG Z 194 24.30 16.99 -36.54
N ILE Z 195 25.05 17.05 -37.63
CA ILE Z 195 25.58 15.86 -38.32
C ILE Z 195 27.13 15.87 -38.30
N CYS Z 196 27.73 14.79 -37.81
CA CYS Z 196 29.20 14.60 -37.86
C CYS Z 196 29.50 13.50 -38.88
N ILE Z 197 30.37 13.80 -39.81
CA ILE Z 197 30.82 12.83 -40.81
C ILE Z 197 32.31 12.48 -40.53
N VAL Z 198 32.55 11.23 -40.13
CA VAL Z 198 33.88 10.70 -39.90
C VAL Z 198 34.40 10.04 -41.18
N THR Z 199 35.54 10.52 -41.71
CA THR Z 199 36.26 9.89 -42.84
C THR Z 199 37.76 9.83 -42.49
N LYS Z 200 38.57 9.28 -43.39
CA LYS Z 200 40.03 9.27 -43.15
C LYS Z 200 40.64 10.67 -43.06
N GLU Z 201 40.02 11.67 -43.70
CA GLU Z 201 40.49 13.05 -43.61
C GLU Z 201 40.14 13.76 -42.29
N GLY Z 202 39.23 13.21 -41.49
CA GLY Z 202 38.88 13.79 -40.21
C GLY Z 202 37.37 13.82 -40.05
N ILE Z 203 36.92 14.71 -39.15
CA ILE Z 203 35.51 14.80 -38.75
C ILE Z 203 35.01 16.16 -39.16
N ARG Z 204 34.00 16.22 -40.02
CA ARG Z 204 33.38 17.49 -40.32
C ARG Z 204 31.90 17.50 -39.91
N GLU Z 205 31.38 18.71 -39.86
CA GLU Z 205 30.18 19.03 -39.13
C GLU Z 205 29.26 19.76 -40.05
N GLU Z 206 28.01 19.31 -40.15
CA GLU Z 206 26.93 20.10 -40.83
C GLU Z 206 25.82 20.35 -39.81
N THR Z 207 25.17 21.51 -39.89
CA THR Z 207 23.94 21.70 -39.14
C THR Z 207 22.78 22.16 -40.03
N VAL Z 208 21.59 21.64 -39.73
CA VAL Z 208 20.38 21.98 -40.47
C VAL Z 208 19.23 22.29 -39.49
N SER Z 209 18.44 23.29 -39.86
CA SER Z 209 17.41 23.78 -38.99
C SER Z 209 16.23 22.81 -38.94
N LEU Z 210 15.62 22.63 -37.77
CA LEU Z 210 14.34 21.92 -37.62
C LEU Z 210 13.30 22.85 -36.98
N ARG Z 211 12.02 22.48 -37.10
CA ARG Z 211 10.90 23.17 -36.43
C ARG Z 211 11.18 23.42 -34.95
N LYS Z 212 10.84 24.61 -34.49
CA LYS Z 212 11.06 25.10 -33.12
C LYS Z 212 9.88 24.92 -32.12
N ASP Z 213 8.70 24.52 -32.61
CA ASP Z 213 7.54 24.23 -31.74
C ASP Z 213 7.62 22.90 -30.92
N THR AA 1 19.48 16.37 1.71
CA THR AA 1 18.09 16.70 2.01
C THR AA 1 17.13 15.74 1.31
N GLN AA 2 16.28 15.10 2.07
CA GLN AA 2 15.14 14.38 1.52
C GLN AA 2 13.91 15.30 1.39
N ASN AA 3 13.77 16.22 2.34
CA ASN AA 3 12.58 17.04 2.44
C ASN AA 3 13.00 18.50 2.60
N PRO AA 4 12.83 19.31 1.57
CA PRO AA 4 13.22 20.71 1.75
C PRO AA 4 12.40 21.46 2.85
N MET AA 5 13.02 22.42 3.51
CA MET AA 5 12.36 23.12 4.60
C MET AA 5 12.16 24.57 4.17
N VAL AA 6 13.04 25.50 4.54
CA VAL AA 6 12.89 26.88 4.08
C VAL AA 6 13.43 26.94 2.66
N THR AA 7 12.67 27.51 1.73
CA THR AA 7 12.99 27.47 0.29
C THR AA 7 12.89 28.83 -0.41
N GLY AA 8 13.68 28.99 -1.47
CA GLY AA 8 13.64 30.17 -2.34
C GLY AA 8 13.02 29.77 -3.67
N THR AA 9 12.35 30.73 -4.29
CA THR AA 9 11.72 30.54 -5.60
C THR AA 9 12.69 30.88 -6.74
N SER AA 10 12.18 31.34 -7.86
CA SER AA 10 12.94 31.56 -9.08
C SER AA 10 14.25 32.39 -8.96
N VAL AA 11 15.21 32.06 -9.83
CA VAL AA 11 16.36 32.85 -10.10
C VAL AA 11 16.38 33.05 -11.59
N LEU AA 12 16.65 34.28 -12.01
CA LEU AA 12 16.76 34.65 -13.42
C LEU AA 12 18.19 35.05 -13.76
N GLY AA 13 18.56 34.85 -15.03
CA GLY AA 13 19.80 35.32 -15.58
C GLY AA 13 19.76 35.62 -17.07
N VAL AA 14 20.47 36.69 -17.47
CA VAL AA 14 20.58 37.05 -18.87
C VAL AA 14 21.97 37.64 -19.20
N LYS AA 15 22.49 37.25 -20.36
CA LYS AA 15 23.74 37.77 -20.86
C LYS AA 15 23.50 39.10 -21.54
N PHE AA 16 24.47 40.01 -21.38
CA PHE AA 16 24.49 41.27 -22.12
C PHE AA 16 25.92 41.57 -22.57
N GLU AA 17 26.06 42.57 -23.44
CA GLU AA 17 27.36 42.94 -24.00
C GLU AA 17 28.25 43.52 -22.88
N GLY AA 18 29.23 42.75 -22.44
CA GLY AA 18 30.10 43.14 -21.35
C GLY AA 18 29.79 42.49 -20.01
N GLY AA 19 28.79 41.62 -19.94
CA GLY AA 19 28.48 41.02 -18.67
C GLY AA 19 27.25 40.11 -18.61
N VAL AA 20 26.81 39.88 -17.39
CA VAL AA 20 25.69 39.03 -17.06
C VAL AA 20 24.99 39.66 -15.87
N VAL AA 21 23.65 39.59 -15.88
CA VAL AA 21 22.83 40.04 -14.76
C VAL AA 21 22.02 38.83 -14.25
N ILE AA 22 21.97 38.66 -12.93
CA ILE AA 22 21.08 37.72 -12.32
C ILE AA 22 20.17 38.43 -11.27
N ALA AA 23 19.02 37.81 -11.01
CA ALA AA 23 18.03 38.40 -10.12
C ALA AA 23 17.36 37.34 -9.27
N ALA AA 24 17.08 37.67 -8.02
CA ALA AA 24 16.37 36.77 -7.15
C ALA AA 24 15.75 37.54 -6.03
N ASP AA 25 14.52 37.18 -5.70
CA ASP AA 25 13.86 37.78 -4.56
C ASP AA 25 14.51 37.37 -3.22
N MET AA 26 14.14 38.07 -2.17
CA MET AA 26 14.80 37.94 -0.87
C MET AA 26 14.03 37.12 0.15
N LEU AA 27 13.24 36.14 -0.32
CA LEU AA 27 12.31 35.42 0.52
C LEU AA 27 12.77 34.01 0.78
N GLY AA 28 12.69 33.58 2.03
CA GLY AA 28 12.68 32.18 2.38
C GLY AA 28 11.32 31.74 2.87
N SER AA 29 10.66 30.89 2.07
CA SER AA 29 9.31 30.42 2.40
C SER AA 29 9.37 29.11 3.16
N TYR AA 30 8.41 28.89 4.04
CA TYR AA 30 8.31 27.68 4.82
C TYR AA 30 6.93 27.12 4.51
N GLY AA 31 6.88 26.24 3.48
CA GLY AA 31 5.64 25.90 2.82
C GLY AA 31 5.12 27.19 2.18
N SER AA 32 3.85 27.52 2.43
CA SER AA 32 3.30 28.75 1.91
C SER AA 32 3.69 30.03 2.70
N LEU AA 33 4.11 29.86 3.95
CA LEU AA 33 4.45 31.00 4.82
C LEU AA 33 5.67 31.75 4.33
N ALA AA 34 5.53 33.07 4.16
CA ALA AA 34 6.63 33.93 3.78
C ALA AA 34 7.41 34.27 5.09
N ARG AA 35 8.34 33.42 5.46
CA ARG AA 35 8.83 33.36 6.82
C ARG AA 35 10.04 34.31 7.06
N PHE AA 36 11.02 34.25 6.17
CA PHE AA 36 12.27 35.04 6.27
C PHE AA 36 12.33 35.95 5.09
N ARG AA 37 11.98 37.21 5.32
CA ARG AA 37 11.71 38.15 4.24
C ARG AA 37 12.91 39.05 3.86
N ASN AA 38 14.09 38.79 4.42
CA ASN AA 38 15.27 39.60 4.09
C ASN AA 38 16.58 38.77 3.93
N ILE AA 39 16.52 37.67 3.20
CA ILE AA 39 17.67 36.82 3.01
C ILE AA 39 18.16 36.99 1.58
N SER AA 40 19.47 36.95 1.37
CA SER AA 40 20.06 37.02 0.04
C SER AA 40 20.23 35.60 -0.49
N ARG AA 41 19.78 35.39 -1.72
CA ARG AA 41 19.90 34.12 -2.38
C ARG AA 41 20.96 34.17 -3.49
N ILE AA 42 21.81 35.17 -3.43
CA ILE AA 42 22.86 35.38 -4.43
C ILE AA 42 24.19 35.42 -3.66
N MET AA 43 25.21 34.86 -4.27
CA MET AA 43 26.59 34.83 -3.72
C MET AA 43 27.58 35.44 -4.73
N ARG AA 44 28.45 36.32 -4.28
CA ARG AA 44 29.69 36.60 -5.03
C ARG AA 44 30.66 35.43 -4.77
N VAL AA 45 31.03 34.69 -5.79
CA VAL AA 45 31.95 33.57 -5.64
C VAL AA 45 33.42 34.10 -5.62
N ASN AA 46 33.79 34.81 -6.70
CA ASN AA 46 35.08 35.52 -6.80
C ASN AA 46 34.83 36.71 -7.71
N ASN AA 47 35.88 37.34 -8.21
CA ASN AA 47 35.68 38.56 -9.00
C ASN AA 47 35.02 38.44 -10.35
N SER AA 48 35.01 37.24 -10.87
CA SER AA 48 34.53 36.99 -12.20
C SER AA 48 33.18 36.23 -12.19
N THR AA 49 32.72 35.76 -11.02
CA THR AA 49 31.68 34.76 -10.91
C THR AA 49 30.69 35.02 -9.80
N MET AA 50 29.42 34.83 -10.11
CA MET AA 50 28.36 34.91 -9.10
C MET AA 50 27.42 33.76 -9.29
N LEU AA 51 26.66 33.50 -8.23
CA LEU AA 51 25.74 32.33 -8.20
C LEU AA 51 24.41 32.75 -7.54
N GLY AA 52 23.27 32.33 -8.12
CA GLY AA 52 21.96 32.44 -7.46
C GLY AA 52 21.33 31.06 -7.25
N ALA AA 53 20.66 30.83 -6.13
CA ALA AA 53 20.03 29.52 -5.84
C ALA AA 53 18.52 29.56 -5.49
N SER AA 54 17.76 28.69 -6.15
CA SER AA 54 16.42 28.27 -5.78
C SER AA 54 16.54 27.03 -4.89
N GLY AA 55 15.46 26.73 -4.18
CA GLY AA 55 15.36 25.54 -3.37
C GLY AA 55 15.79 25.76 -1.95
N ASP AA 56 16.23 24.68 -1.29
CA ASP AA 56 16.45 24.63 0.14
C ASP AA 56 17.60 25.60 0.54
N TYR AA 57 17.26 26.56 1.40
CA TYR AA 57 18.16 27.60 1.75
C TYR AA 57 19.31 27.09 2.63
N ALA AA 58 19.06 26.13 3.51
CA ALA AA 58 20.13 25.55 4.33
C ALA AA 58 21.17 24.86 3.44
N ASP AA 59 20.71 24.15 2.41
CA ASP AA 59 21.61 23.57 1.38
C ASP AA 59 22.38 24.64 0.60
N PHE AA 60 21.73 25.73 0.22
CA PHE AA 60 22.46 26.88 -0.34
C PHE AA 60 23.56 27.42 0.61
N GLN AA 61 23.23 27.60 1.89
CA GLN AA 61 24.24 28.08 2.84
C GLN AA 61 25.46 27.14 2.94
N TYR AA 62 25.19 25.83 2.89
CA TYR AA 62 26.25 24.84 2.88
C TYR AA 62 27.14 25.02 1.62
N LEU AA 63 26.55 25.11 0.46
CA LEU AA 63 27.33 25.35 -0.74
C LEU AA 63 28.15 26.63 -0.66
N LYS AA 64 27.55 27.68 -0.09
CA LYS AA 64 28.22 28.93 0.05
C LYS AA 64 29.45 28.80 0.93
N GLN AA 65 29.31 28.08 2.04
CA GLN AA 65 30.40 27.77 2.96
C GLN AA 65 31.51 26.99 2.23
N VAL AA 66 31.15 25.93 1.51
CA VAL AA 66 32.14 25.08 0.79
C VAL AA 66 32.85 25.86 -0.34
N LEU AA 67 32.07 26.54 -1.16
CA LEU AA 67 32.60 27.26 -2.29
C LEU AA 67 33.41 28.53 -1.87
N GLY AA 68 32.94 29.22 -0.84
CA GLY AA 68 33.69 30.31 -0.22
C GLY AA 68 35.07 29.88 0.29
N GLN AA 69 35.14 28.72 0.95
CA GLN AA 69 36.40 28.16 1.44
C GLN AA 69 37.34 27.74 0.27
N MET AA 70 36.77 27.20 -0.80
CA MET AA 70 37.56 26.86 -1.99
C MET AA 70 38.21 28.05 -2.65
N VAL AA 71 37.49 29.17 -2.77
CA VAL AA 71 38.11 30.39 -3.36
C VAL AA 71 39.18 30.95 -2.41
N ILE AA 72 38.94 31.00 -1.10
CA ILE AA 72 39.96 31.38 -0.16
C ILE AA 72 41.24 30.53 -0.33
N ASP AA 73 41.10 29.20 -0.41
CA ASP AA 73 42.24 28.27 -0.48
C ASP AA 73 43.08 28.61 -1.68
N GLU AA 74 42.41 28.81 -2.80
CA GLU AA 74 43.06 29.19 -4.04
C GLU AA 74 43.79 30.55 -3.98
N GLU AA 75 43.15 31.56 -3.39
CA GLU AA 75 43.79 32.88 -3.19
C GLU AA 75 45.04 32.81 -2.32
N LEU AA 76 45.06 31.92 -1.32
CA LEU AA 76 46.30 31.73 -0.52
C LEU AA 76 47.54 31.40 -1.34
N LEU AA 77 47.37 30.74 -2.48
CA LEU AA 77 48.54 30.30 -3.26
C LEU AA 77 49.18 31.45 -3.99
N GLY AA 78 48.39 32.45 -4.37
CA GLY AA 78 48.91 33.66 -5.03
C GLY AA 78 49.71 33.40 -6.28
N ASP AA 79 49.22 32.45 -7.09
CA ASP AA 79 49.99 31.87 -8.21
C ASP AA 79 49.51 32.32 -9.61
N GLY AA 80 48.65 33.34 -9.69
CA GLY AA 80 48.16 33.80 -10.99
C GLY AA 80 47.08 32.96 -11.69
N HIS AA 81 46.52 31.97 -11.02
CA HIS AA 81 45.47 31.16 -11.59
C HIS AA 81 44.29 31.34 -10.68
N SER AA 82 43.13 31.50 -11.28
CA SER AA 82 41.86 31.65 -10.58
C SER AA 82 40.86 30.81 -11.26
N TYR AA 83 39.89 30.31 -10.51
CA TYR AA 83 38.78 29.56 -11.10
C TYR AA 83 37.92 30.48 -11.98
N SER AA 84 37.82 30.12 -13.25
CA SER AA 84 36.94 30.78 -14.18
C SER AA 84 35.47 30.41 -13.84
N PRO AA 85 34.50 31.19 -14.37
CA PRO AA 85 33.09 30.88 -14.18
C PRO AA 85 32.75 29.46 -14.66
N ARG AA 86 33.30 29.09 -15.80
CA ARG AA 86 33.12 27.78 -16.32
C ARG AA 86 33.66 26.68 -15.38
N ALA AA 87 34.81 26.90 -14.73
CA ALA AA 87 35.39 25.92 -13.82
C ALA AA 87 34.47 25.74 -12.57
N ILE AA 88 33.94 26.85 -12.08
CA ILE AA 88 33.02 26.84 -10.93
C ILE AA 88 31.74 26.06 -11.29
N HIS AA 89 31.23 26.31 -12.49
CA HIS AA 89 30.04 25.64 -12.99
C HIS AA 89 30.31 24.09 -13.10
N SER AA 90 31.47 23.74 -13.60
CA SER AA 90 31.92 22.34 -13.68
C SER AA 90 31.98 21.71 -12.31
N TRP AA 91 32.63 22.39 -11.38
CA TRP AA 91 32.71 21.86 -10.02
C TRP AA 91 31.30 21.60 -9.42
N LEU AA 92 30.44 22.57 -9.61
CA LEU AA 92 29.06 22.50 -9.11
C LEU AA 92 28.31 21.32 -9.72
N THR AA 93 28.44 21.14 -11.02
CA THR AA 93 27.81 20.01 -11.68
C THR AA 93 28.26 18.69 -11.02
N ARG AA 94 29.58 18.54 -10.82
CA ARG AA 94 30.11 17.34 -10.18
C ARG AA 94 29.61 17.10 -8.77
N ALA AA 95 29.60 18.15 -7.99
CA ALA AA 95 29.14 18.10 -6.61
C ALA AA 95 27.62 17.70 -6.53
N MET AA 96 26.77 18.33 -7.34
CA MET AA 96 25.33 17.97 -7.35
C MET AA 96 25.15 16.52 -7.84
N TYR AA 97 25.83 16.14 -8.92
CA TYR AA 97 25.71 14.79 -9.43
C TYR AA 97 26.13 13.76 -8.40
N SER AA 98 27.24 14.05 -7.72
CA SER AA 98 27.76 13.15 -6.72
C SER AA 98 26.80 12.98 -5.55
N ARG AA 99 26.19 14.06 -5.11
CA ARG AA 99 25.21 14.02 -4.03
C ARG AA 99 23.89 13.28 -4.47
N ARG AA 100 23.43 13.54 -5.68
CA ARG AA 100 22.35 12.75 -6.33
C ARG AA 100 22.65 11.25 -6.36
N SER AA 101 23.90 10.90 -6.69
CA SER AA 101 24.27 9.49 -6.84
C SER AA 101 24.40 8.78 -5.49
N LYS AA 102 24.52 9.51 -4.39
CA LYS AA 102 24.39 8.95 -3.05
C LYS AA 102 22.98 8.95 -2.49
N MET AA 103 21.98 9.36 -3.28
CA MET AA 103 20.56 9.45 -2.86
C MET AA 103 20.39 10.45 -1.70
N ASN AA 104 21.19 11.50 -1.72
CA ASN AA 104 21.15 12.52 -0.69
C ASN AA 104 21.46 13.87 -1.33
N PRO AA 105 20.53 14.36 -2.14
CA PRO AA 105 20.80 15.53 -2.94
C PRO AA 105 20.98 16.80 -2.11
N LEU AA 106 21.63 17.77 -2.70
CA LEU AA 106 21.50 19.15 -2.28
C LEU AA 106 20.33 19.71 -3.07
N TRP AA 107 19.32 20.14 -2.36
CA TRP AA 107 17.98 20.43 -2.99
C TRP AA 107 17.89 21.85 -3.57
N ASN AA 108 18.66 22.08 -4.62
CA ASN AA 108 18.82 23.40 -5.22
C ASN AA 108 18.86 23.33 -6.73
N THR AA 109 18.44 24.44 -7.33
CA THR AA 109 18.65 24.71 -8.73
C THR AA 109 19.39 26.03 -8.78
N MET AA 110 20.54 26.05 -9.48
CA MET AA 110 21.40 27.20 -9.53
C MET AA 110 21.71 27.79 -10.91
N VAL AA 111 21.95 29.10 -10.86
CA VAL AA 111 22.30 29.89 -12.01
C VAL AA 111 23.67 30.51 -11.68
N ILE AA 112 24.65 30.23 -12.52
CA ILE AA 112 26.03 30.77 -12.39
C ILE AA 112 26.24 31.79 -13.51
N GLY AA 113 26.64 33.01 -13.14
CA GLY AA 113 26.93 34.06 -14.08
C GLY AA 113 28.37 34.51 -13.93
N GLY AA 114 29.00 34.85 -15.05
CA GLY AA 114 30.32 35.35 -14.99
C GLY AA 114 30.76 36.13 -16.18
N TYR AA 115 31.92 36.73 -16.02
CA TYR AA 115 32.56 37.46 -17.08
C TYR AA 115 34.08 37.25 -16.95
N ALA AA 116 34.71 36.70 -17.99
CA ALA AA 116 36.15 36.39 -17.98
C ALA AA 116 36.65 36.42 -19.41
N ASP AA 117 37.80 37.07 -19.64
CA ASP AA 117 38.46 37.13 -20.96
C ASP AA 117 37.57 37.65 -22.09
N GLY AA 118 36.80 38.70 -21.85
CA GLY AA 118 35.88 39.20 -22.85
C GLY AA 118 34.62 38.39 -23.17
N GLU AA 119 34.35 37.29 -22.45
CA GLU AA 119 33.19 36.41 -22.71
C GLU AA 119 32.23 36.39 -21.50
N SER AA 120 30.93 36.58 -21.75
CA SER AA 120 29.89 36.37 -20.74
C SER AA 120 29.63 34.88 -20.53
N PHE AA 121 29.51 34.43 -19.30
CA PHE AA 121 29.17 33.04 -19.01
C PHE AA 121 27.84 32.98 -18.26
N LEU AA 122 26.96 32.10 -18.70
CA LEU AA 122 25.72 31.84 -17.98
C LEU AA 122 25.41 30.35 -18.03
N GLY AA 123 25.31 29.74 -16.87
CA GLY AA 123 25.13 28.29 -16.76
C GLY AA 123 24.14 27.89 -15.68
N TYR AA 124 23.51 26.76 -15.91
CA TYR AA 124 22.48 26.18 -15.04
C TYR AA 124 23.00 24.89 -14.46
N VAL AA 125 22.75 24.63 -13.17
CA VAL AA 125 22.94 23.29 -12.58
C VAL AA 125 21.76 22.97 -11.65
N ASP AA 126 21.20 21.76 -11.76
CA ASP AA 126 20.07 21.35 -10.92
C ASP AA 126 20.53 20.25 -9.97
N MET AA 127 19.60 19.80 -9.14
CA MET AA 127 19.97 18.90 -8.07
C MET AA 127 20.31 17.49 -8.52
N LEU AA 128 20.05 17.16 -9.78
CA LEU AA 128 20.40 15.89 -10.33
C LEU AA 128 21.69 15.92 -11.15
N GLY AA 129 22.36 17.07 -11.26
CA GLY AA 129 23.51 17.22 -12.11
C GLY AA 129 23.23 17.52 -13.57
N VAL AA 130 21.98 17.88 -13.88
CA VAL AA 130 21.65 18.39 -15.20
C VAL AA 130 22.28 19.81 -15.30
N ALA AA 131 23.13 20.03 -16.30
CA ALA AA 131 23.81 21.30 -16.48
C ALA AA 131 23.97 21.67 -17.93
N TYR AA 132 23.90 22.98 -18.20
CA TYR AA 132 24.08 23.47 -19.56
C TYR AA 132 24.27 24.96 -19.52
N GLU AA 133 24.60 25.52 -20.67
CA GLU AA 133 24.73 26.97 -20.82
C GLU AA 133 23.70 27.52 -21.77
N ALA AA 134 23.33 28.79 -21.55
CA ALA AA 134 22.40 29.44 -22.48
C ALA AA 134 22.46 30.95 -22.34
N PRO AA 135 21.95 31.69 -23.34
CA PRO AA 135 21.97 33.16 -23.24
C PRO AA 135 21.06 33.73 -22.14
N SER AA 136 20.06 32.98 -21.72
CA SER AA 136 19.20 33.35 -20.61
C SER AA 136 18.72 32.10 -19.91
N LEU AA 137 18.46 32.22 -18.61
CA LEU AA 137 18.04 31.13 -17.74
C LEU AA 137 17.00 31.64 -16.74
N ALA AA 138 16.15 30.73 -16.29
CA ALA AA 138 15.18 31.00 -15.24
C ALA AA 138 14.79 29.70 -14.56
N THR AA 139 14.92 29.62 -13.26
CA THR AA 139 14.56 28.46 -12.53
C THR AA 139 13.09 28.59 -12.03
N GLY AA 140 12.53 27.48 -11.58
CA GLY AA 140 11.24 27.43 -10.87
C GLY AA 140 10.14 27.91 -11.78
N TYR AA 141 9.23 28.70 -11.24
CA TYR AA 141 8.16 29.31 -12.08
C TYR AA 141 8.69 30.26 -13.12
N GLY AA 142 9.91 30.78 -12.89
CA GLY AA 142 10.57 31.57 -13.91
C GLY AA 142 10.71 30.84 -15.23
N ALA AA 143 10.87 29.53 -15.17
CA ALA AA 143 10.99 28.72 -16.41
C ALA AA 143 9.73 28.82 -17.28
N TYR AA 144 8.57 28.95 -16.66
CA TYR AA 144 7.30 29.08 -17.34
C TYR AA 144 6.85 30.51 -17.65
N LEU AA 145 7.20 31.43 -16.76
CA LEU AA 145 6.69 32.82 -16.80
C LEU AA 145 7.72 33.83 -17.33
N ALA AA 146 8.97 33.66 -17.02
CA ALA AA 146 10.01 34.60 -17.39
C ALA AA 146 10.75 34.22 -18.65
N GLN AA 147 11.16 32.96 -18.75
CA GLN AA 147 11.94 32.47 -19.90
C GLN AA 147 11.27 32.68 -21.26
N PRO AA 148 9.94 32.53 -21.36
CA PRO AA 148 9.31 32.89 -22.66
C PRO AA 148 9.52 34.36 -23.08
N LEU AA 149 9.47 35.25 -22.13
CA LEU AA 149 9.70 36.69 -22.41
C LEU AA 149 11.21 36.95 -22.74
N LEU AA 150 12.10 36.35 -21.98
CA LEU AA 150 13.54 36.50 -22.22
C LEU AA 150 13.89 36.03 -23.62
N ARG AA 151 13.45 34.83 -23.98
CA ARG AA 151 13.76 34.26 -25.29
C ARG AA 151 13.12 34.98 -26.48
N GLU AA 152 11.92 35.52 -26.32
CA GLU AA 152 11.30 36.26 -27.36
C GLU AA 152 12.09 37.58 -27.67
N VAL AA 153 12.54 38.29 -26.62
CA VAL AA 153 13.37 39.48 -26.78
C VAL AA 153 14.69 39.11 -27.46
N LEU AA 154 15.37 38.10 -26.91
CA LEU AA 154 16.63 37.60 -27.48
C LEU AA 154 16.56 37.13 -28.94
N GLU AA 155 15.40 36.70 -29.43
CA GLU AA 155 15.25 36.32 -30.87
C GLU AA 155 15.24 37.55 -31.78
N LYS AA 156 14.52 38.60 -31.41
CA LYS AA 156 14.55 39.87 -32.11
C LYS AA 156 15.89 40.65 -31.97
N GLN AA 157 16.70 40.36 -30.96
CA GLN AA 157 17.90 41.13 -30.66
C GLN AA 157 18.78 40.31 -29.73
N PRO AA 158 19.61 39.43 -30.30
CA PRO AA 158 20.45 38.56 -29.46
C PRO AA 158 21.47 39.28 -28.56
N VAL AA 159 21.89 40.48 -28.97
CA VAL AA 159 22.86 41.25 -28.21
C VAL AA 159 22.15 42.41 -27.55
N LEU AA 160 22.10 42.37 -26.23
CA LEU AA 160 21.46 43.38 -25.39
C LEU AA 160 22.50 44.23 -24.70
N SER AA 161 22.18 45.51 -24.50
CA SER AA 161 22.96 46.36 -23.65
C SER AA 161 22.67 46.06 -22.19
N GLN AA 162 23.54 46.55 -21.31
CA GLN AA 162 23.34 46.35 -19.87
C GLN AA 162 21.99 46.92 -19.41
N THR AA 163 21.64 48.12 -19.89
CA THR AA 163 20.41 48.76 -19.46
C THR AA 163 19.15 48.04 -20.02
N GLU AA 164 19.22 47.55 -21.26
CA GLU AA 164 18.18 46.70 -21.85
C GLU AA 164 17.94 45.36 -21.10
N ALA AA 165 19.01 44.70 -20.70
CA ALA AA 165 18.96 43.48 -19.91
C ALA AA 165 18.38 43.75 -18.53
N ARG AA 166 18.82 44.82 -17.89
CA ARG AA 166 18.27 45.19 -16.61
C ARG AA 166 16.74 45.52 -16.67
N ASP AA 167 16.28 46.27 -17.69
CA ASP AA 167 14.86 46.56 -17.83
CA ASP AA 167 14.82 46.55 -17.95
C ASP AA 167 14.05 45.24 -18.07
N LEU AA 168 14.59 44.35 -18.88
CA LEU AA 168 13.98 43.06 -19.16
C LEU AA 168 13.83 42.16 -17.90
N VAL AA 169 14.88 42.12 -17.10
CA VAL AA 169 14.81 41.43 -15.81
C VAL AA 169 13.72 42.01 -14.85
N GLU AA 170 13.62 43.34 -14.78
CA GLU AA 170 12.61 43.98 -13.96
C GLU AA 170 11.16 43.61 -14.41
N ARG AA 171 10.93 43.55 -15.72
CA ARG AA 171 9.62 43.17 -16.27
C ARG AA 171 9.29 41.74 -15.86
N CYS AA 172 10.27 40.84 -15.95
CA CYS AA 172 10.11 39.44 -15.54
C CYS AA 172 9.83 39.30 -14.04
N MET AA 173 10.55 40.05 -13.22
CA MET AA 173 10.32 40.02 -11.78
C MET AA 173 8.87 40.47 -11.46
N ARG AA 174 8.34 41.41 -12.24
CA ARG AA 174 6.98 41.87 -12.02
C ARG AA 174 5.99 40.72 -12.30
N VAL AA 175 6.16 40.03 -13.42
CA VAL AA 175 5.27 38.96 -13.84
C VAL AA 175 5.28 37.87 -12.78
N LEU AA 176 6.46 37.56 -12.26
CA LEU AA 176 6.60 36.55 -11.23
C LEU AA 176 5.90 36.94 -9.94
N TYR AA 177 6.03 38.19 -9.55
CA TYR AA 177 5.30 38.68 -8.41
C TYR AA 177 3.74 38.62 -8.62
N TYR AA 178 3.28 38.85 -9.83
CA TYR AA 178 1.83 38.70 -10.13
C TYR AA 178 1.32 37.26 -10.06
N ARG AA 179 2.17 36.29 -10.43
CA ARG AA 179 1.71 34.91 -10.76
C ARG AA 179 2.25 33.76 -9.99
N ASP AA 180 3.35 33.97 -9.26
CA ASP AA 180 3.96 32.96 -8.37
C ASP AA 180 3.58 33.25 -6.91
N ALA AA 181 2.82 32.35 -6.29
CA ALA AA 181 2.36 32.54 -4.90
C ALA AA 181 3.44 32.29 -3.83
N ARG AA 182 4.68 32.00 -4.24
CA ARG AA 182 5.81 32.02 -3.34
C ARG AA 182 6.80 33.15 -3.63
N SER AA 183 6.40 34.14 -4.43
CA SER AA 183 7.30 35.24 -4.69
C SER AA 183 7.10 36.36 -3.64
N TYR AA 184 7.92 37.39 -3.76
CA TYR AA 184 7.92 38.52 -2.83
C TYR AA 184 8.49 39.73 -3.52
N ASN AA 185 7.93 40.91 -3.27
CA ASN AA 185 8.30 42.11 -4.03
C ASN AA 185 9.47 42.86 -3.40
N ARG AA 186 10.54 42.16 -3.15
CA ARG AA 186 11.75 42.70 -2.60
C ARG AA 186 12.79 41.77 -3.18
N PHE AA 187 13.61 42.29 -4.08
CA PHE AA 187 14.63 41.47 -4.75
C PHE AA 187 15.98 42.15 -4.90
N GLN AA 188 16.96 41.36 -5.30
CA GLN AA 188 18.30 41.85 -5.59
C GLN AA 188 18.61 41.58 -7.03
N ILE AA 189 19.46 42.43 -7.59
CA ILE AA 189 20.00 42.26 -8.92
C ILE AA 189 21.50 42.23 -8.75
N ALA AA 190 22.14 41.23 -9.32
CA ALA AA 190 23.60 41.14 -9.31
C ALA AA 190 24.12 41.20 -10.74
N THR AA 191 25.21 41.92 -10.91
CA THR AA 191 25.77 42.14 -12.22
C THR AA 191 27.26 41.80 -12.18
N VAL AA 192 27.75 41.14 -13.21
CA VAL AA 192 29.17 40.90 -13.34
C VAL AA 192 29.60 41.51 -14.65
N THR AA 193 30.66 42.32 -14.59
CA THR AA 193 31.32 42.91 -15.74
C THR AA 193 32.87 42.81 -15.55
N GLU AA 194 33.63 43.39 -16.47
CA GLU AA 194 35.08 43.65 -16.33
C GLU AA 194 35.49 44.17 -14.98
N LYS AA 195 34.64 45.02 -14.38
CA LYS AA 195 34.92 45.64 -13.11
C LYS AA 195 34.67 44.75 -11.88
N GLY AA 196 34.09 43.54 -12.04
CA GLY AA 196 33.78 42.70 -10.90
C GLY AA 196 32.27 42.45 -10.75
N VAL AA 197 31.87 42.06 -9.55
CA VAL AA 197 30.53 41.67 -9.20
C VAL AA 197 29.92 42.71 -8.26
N GLU AA 198 28.75 43.23 -8.62
CA GLU AA 198 28.02 44.20 -7.80
C GLU AA 198 26.64 43.58 -7.50
N ILE AA 199 26.21 43.64 -6.23
CA ILE AA 199 24.90 43.16 -5.81
C ILE AA 199 24.14 44.40 -5.36
N GLU AA 200 22.97 44.67 -5.96
CA GLU AA 200 22.13 45.79 -5.59
C GLU AA 200 20.86 45.31 -4.97
N GLY AA 201 20.36 46.06 -3.99
N GLY AA 201 20.38 46.06 -3.97
CA GLY AA 201 19.08 45.78 -3.36
CA GLY AA 201 19.06 45.86 -3.39
C GLY AA 201 19.03 46.46 -2.01
C GLY AA 201 19.04 46.45 -2.01
N PRO AA 202 17.91 46.34 -1.30
CA PRO AA 202 16.64 45.70 -1.74
C PRO AA 202 15.91 46.57 -2.76
N LEU AA 203 15.38 45.93 -3.80
CA LEU AA 203 14.61 46.57 -4.88
C LEU AA 203 13.18 46.03 -4.89
N SER AA 204 12.29 46.82 -5.50
CA SER AA 204 10.84 46.54 -5.63
C SER AA 204 10.38 46.91 -7.02
N THR AA 205 9.42 46.20 -7.57
CA THR AA 205 8.85 46.60 -8.86
C THR AA 205 7.59 47.38 -8.56
N GLU AA 206 7.28 48.39 -9.38
CA GLU AA 206 5.94 48.98 -9.41
C GLU AA 206 4.97 47.95 -9.99
N THR AA 207 3.73 48.02 -9.55
CA THR AA 207 2.71 47.08 -9.98
C THR AA 207 1.47 47.84 -10.38
N ASN AA 208 0.63 47.20 -11.18
CA ASN AA 208 -0.60 47.82 -11.66
C ASN AA 208 -1.78 46.86 -11.37
N TRP AA 209 -2.79 47.39 -10.71
CA TRP AA 209 -3.97 46.65 -10.28
C TRP AA 209 -5.28 47.18 -10.92
N ASP AA 210 -5.16 47.84 -12.09
CA ASP AA 210 -6.33 48.36 -12.82
C ASP AA 210 -7.37 47.27 -13.11
N ILE AA 211 -6.89 46.06 -13.41
CA ILE AA 211 -7.80 44.98 -13.72
C ILE AA 211 -8.79 44.69 -12.57
N ALA AA 212 -8.45 45.05 -11.33
CA ALA AA 212 -9.36 44.85 -10.20
C ALA AA 212 -10.74 45.50 -10.39
N HIS AA 213 -10.80 46.60 -11.15
CA HIS AA 213 -12.07 47.27 -11.50
C HIS AA 213 -12.69 46.85 -12.86
N MET AA 214 -12.05 45.94 -13.60
CA MET AA 214 -12.52 45.42 -14.92
C MET AA 214 -13.19 44.03 -14.86
N ILE AA 215 -13.90 43.70 -13.78
CA ILE AA 215 -14.55 42.37 -13.77
C ILE AA 215 -15.63 42.55 -14.87
N SER AA 216 -15.29 42.01 -16.06
CA SER AA 216 -15.36 42.77 -17.39
C SER AA 216 -16.63 42.81 -18.30
N THR BA 1 4.29 24.67 21.64
CA THR BA 1 5.41 25.62 21.92
C THR BA 1 5.35 26.91 21.17
N THR BA 2 5.58 27.99 21.89
CA THR BA 2 5.88 29.26 21.29
C THR BA 2 7.17 29.80 21.95
N ILE BA 3 8.13 30.22 21.11
CA ILE BA 3 9.38 30.83 21.56
C ILE BA 3 9.62 32.13 20.83
N MET BA 4 10.39 33.00 21.46
CA MET BA 4 10.60 34.34 20.93
C MET BA 4 11.83 34.97 21.55
N ALA BA 5 12.50 35.82 20.77
CA ALA BA 5 13.57 36.63 21.28
C ALA BA 5 13.65 37.92 20.50
N VAL BA 6 14.10 38.97 21.17
CA VAL BA 6 14.10 40.30 20.62
C VAL BA 6 15.39 41.05 20.97
N GLN BA 7 15.98 41.73 20.01
CA GLN BA 7 17.21 42.49 20.27
C GLN BA 7 16.82 43.88 20.81
N PHE BA 8 17.58 44.40 21.78
CA PHE BA 8 17.55 45.84 22.10
C PHE BA 8 18.99 46.39 22.14
N ASP BA 9 19.14 47.69 22.31
CA ASP BA 9 20.48 48.29 22.37
C ASP BA 9 21.11 47.93 23.70
N GLY BA 10 22.03 46.96 23.68
CA GLY BA 10 22.72 46.47 24.89
C GLY BA 10 22.34 45.06 25.34
N GLY BA 11 21.41 44.39 24.66
CA GLY BA 11 21.10 43.03 25.07
C GLY BA 11 19.98 42.43 24.28
N VAL BA 12 19.41 41.36 24.85
CA VAL BA 12 18.30 40.63 24.28
C VAL BA 12 17.27 40.26 25.36
N VAL BA 13 16.03 40.09 24.91
CA VAL BA 13 14.96 39.46 25.70
C VAL BA 13 14.54 38.14 25.01
N LEU BA 14 14.38 37.09 25.79
CA LEU BA 14 13.92 35.80 25.32
C LEU BA 14 12.70 35.41 26.07
N GLY BA 15 11.83 34.63 25.43
CA GLY BA 15 10.59 34.18 26.05
C GLY BA 15 10.11 32.85 25.51
N ALA BA 16 9.39 32.14 26.35
CA ALA BA 16 8.75 30.88 25.97
C ALA BA 16 7.55 30.59 26.81
N ASP BA 17 6.62 29.79 26.26
CA ASP BA 17 5.56 29.17 27.07
C ASP BA 17 6.19 28.00 27.84
N SER BA 18 5.39 27.24 28.57
CA SER BA 18 5.95 26.20 29.41
C SER BA 18 5.32 24.86 29.24
N ARG BA 19 4.78 24.56 28.06
CA ARG BA 19 4.02 23.35 27.85
C ARG BA 19 4.81 22.28 27.06
N THR BA 20 4.86 21.06 27.58
CA THR BA 20 5.32 19.89 26.87
C THR BA 20 4.12 18.98 26.64
N THR BA 21 3.90 18.58 25.39
CA THR BA 21 2.81 17.71 25.02
C THR BA 21 3.26 16.38 24.42
N THR BA 22 2.44 15.32 24.64
CA THR BA 22 2.43 14.15 23.77
C THR BA 22 0.98 14.05 23.29
N GLY BA 23 0.77 14.25 21.99
CA GLY BA 23 -0.54 14.34 21.41
C GLY BA 23 -1.16 15.55 22.12
N SER BA 24 -2.32 15.34 22.72
CA SER BA 24 -2.96 16.43 23.42
C SER BA 24 -2.91 16.29 24.97
N TYR BA 25 -2.06 15.37 25.51
CA TYR BA 25 -1.79 15.30 26.94
C TYR BA 25 -0.62 16.21 27.29
N ILE BA 26 -0.78 16.94 28.39
CA ILE BA 26 0.27 17.83 28.85
C ILE BA 26 1.15 17.07 29.84
N ALA BA 27 2.34 16.71 29.38
CA ALA BA 27 3.28 15.91 30.18
C ALA BA 27 4.10 16.76 31.17
N ASN BA 28 4.27 18.04 30.87
CA ASN BA 28 4.86 18.99 31.78
C ASN BA 28 4.18 20.34 31.52
N ARG BA 29 3.56 20.92 32.55
CA ARG BA 29 2.87 22.23 32.43
C ARG BA 29 3.79 23.43 32.74
N VAL BA 30 5.00 23.18 33.25
CA VAL BA 30 5.92 24.24 33.68
C VAL BA 30 7.35 24.02 33.15
N THR BA 31 7.45 23.49 31.94
CA THR BA 31 8.75 23.29 31.25
C THR BA 31 9.57 24.56 31.15
N ASP BA 32 10.88 24.42 31.31
CA ASP BA 32 11.78 25.54 31.07
C ASP BA 32 12.45 25.35 29.71
N LYS BA 33 12.00 26.11 28.73
CA LYS BA 33 12.47 25.98 27.34
C LYS BA 33 13.61 26.95 26.98
N LEU BA 34 14.02 27.77 27.92
CA LEU BA 34 15.10 28.73 27.71
C LEU BA 34 16.29 28.15 28.40
N THR BA 35 17.28 27.64 27.67
CA THR BA 35 18.39 26.94 28.34
C THR BA 35 19.72 27.68 28.18
N PRO BA 36 20.43 27.87 29.30
CA PRO BA 36 21.72 28.57 29.21
C PRO BA 36 22.76 27.71 28.51
N ILE BA 37 23.41 28.26 27.51
CA ILE BA 37 24.52 27.60 26.81
C ILE BA 37 25.88 28.10 27.28
N HIS BA 38 25.97 29.37 27.68
CA HIS BA 38 27.12 29.89 28.37
C HIS BA 38 26.62 31.01 29.28
N ASP BA 39 27.51 31.73 29.97
CA ASP BA 39 27.14 32.82 30.90
C ASP BA 39 26.08 33.80 30.33
N ARG BA 40 26.22 34.21 29.07
CA ARG BA 40 25.34 35.21 28.46
C ARG BA 40 24.77 34.81 27.09
N ILE BA 41 24.56 33.50 26.90
CA ILE BA 41 24.06 32.94 25.66
C ILE BA 41 23.08 31.85 26.04
N PHE BA 42 21.85 31.98 25.53
CA PHE BA 42 20.77 31.07 25.79
C PHE BA 42 20.26 30.52 24.49
N CYS BA 43 19.64 29.36 24.55
CA CYS BA 43 18.82 28.97 23.42
C CYS BA 43 17.36 28.75 23.84
N CYS BA 44 16.44 29.03 22.92
CA CYS BA 44 15.03 28.76 23.12
C CYS BA 44 14.73 27.56 22.31
N ARG BA 45 14.09 26.56 22.90
CA ARG BA 45 13.91 25.28 22.22
C ARG BA 45 12.47 24.98 21.82
N SER BA 46 12.27 24.57 20.56
CA SER BA 46 11.00 24.01 20.08
C SER BA 46 11.23 22.76 19.26
N GLY BA 47 10.17 21.94 19.16
CA GLY BA 47 10.21 20.67 18.41
C GLY BA 47 10.31 19.54 19.40
N SER BA 48 11.14 18.54 19.09
CA SER BA 48 11.31 17.39 19.95
C SER BA 48 12.07 17.79 21.24
N ALA BA 49 11.52 17.44 22.40
CA ALA BA 49 12.19 17.64 23.66
C ALA BA 49 13.50 16.83 23.74
N ALA BA 50 13.49 15.57 23.29
CA ALA BA 50 14.67 14.72 23.34
C ALA BA 50 15.80 15.31 22.48
N ASP BA 51 15.45 15.67 21.26
CA ASP BA 51 16.39 16.22 20.30
C ASP BA 51 16.99 17.54 20.72
N THR BA 52 16.15 18.49 21.13
CA THR BA 52 16.66 19.79 21.53
C THR BA 52 17.48 19.72 22.85
N GLN BA 53 17.12 18.84 23.78
CA GLN BA 53 17.94 18.64 24.96
C GLN BA 53 19.34 18.06 24.61
N ALA BA 54 19.35 17.02 23.75
CA ALA BA 54 20.64 16.35 23.35
C ALA BA 54 21.54 17.40 22.68
N VAL BA 55 20.96 18.21 21.77
CA VAL BA 55 21.72 19.14 20.95
C VAL BA 55 22.26 20.30 21.82
N ALA BA 56 21.40 20.85 22.69
CA ALA BA 56 21.80 21.87 23.66
C ALA BA 56 22.92 21.40 24.57
N ASP BA 57 22.84 20.17 25.11
CA ASP BA 57 23.92 19.60 25.92
C ASP BA 57 25.23 19.45 25.17
N ALA BA 58 25.18 18.98 23.90
CA ALA BA 58 26.36 18.85 23.10
C ALA BA 58 26.99 20.20 22.79
N VAL BA 59 26.20 21.18 22.43
CA VAL BA 59 26.73 22.54 22.13
C VAL BA 59 27.35 23.20 23.36
N THR BA 60 26.70 23.04 24.50
CA THR BA 60 27.19 23.56 25.77
C THR BA 60 28.61 23.04 25.98
N TYR BA 61 28.77 21.73 25.82
CA TYR BA 61 30.08 21.08 25.91
C TYR BA 61 31.11 21.65 24.91
N GLN BA 62 30.73 21.73 23.64
CA GLN BA 62 31.62 22.28 22.61
C GLN BA 62 32.04 23.74 22.87
N LEU BA 63 31.06 24.57 23.20
CA LEU BA 63 31.28 25.96 23.45
C LEU BA 63 32.11 26.22 24.72
N GLY BA 64 31.86 25.42 25.77
CA GLY BA 64 32.61 25.50 27.01
C GLY BA 64 34.09 25.23 26.83
N PHE BA 65 34.38 24.18 26.04
CA PHE BA 65 35.78 23.80 25.79
C PHE BA 65 36.47 24.87 24.97
N HIS BA 66 35.79 25.30 23.90
CA HIS BA 66 36.27 26.37 23.00
C HIS BA 66 36.61 27.65 23.79
N SER BA 67 35.73 27.99 24.72
CA SER BA 67 35.91 29.17 25.54
C SER BA 67 37.12 29.11 26.47
N ILE BA 68 37.33 27.97 27.13
CA ILE BA 68 38.54 27.76 27.97
C ILE BA 68 39.82 27.85 27.15
N GLU BA 69 39.79 27.23 25.99
CA GLU BA 69 40.94 27.26 25.08
C GLU BA 69 41.32 28.68 24.63
N LEU BA 70 40.32 29.46 24.24
CA LEU BA 70 40.54 30.83 23.81
C LEU BA 70 40.77 31.81 24.96
N ASN BA 71 40.38 31.44 26.18
CA ASN BA 71 40.45 32.30 27.34
C ASN BA 71 39.66 33.61 27.19
N GLU BA 72 38.47 33.51 26.63
CA GLU BA 72 37.63 34.68 26.35
C GLU BA 72 36.18 34.21 26.35
N PRO BA 73 35.23 35.16 26.60
CA PRO BA 73 33.83 34.78 26.46
C PRO BA 73 33.48 34.46 25.00
N PRO BA 74 32.63 33.48 24.78
CA PRO BA 74 32.34 33.14 23.40
C PRO BA 74 31.42 34.15 22.71
N LEU BA 75 31.56 34.24 21.40
CA LEU BA 75 30.70 35.04 20.55
C LEU BA 75 29.33 34.38 20.40
N VAL BA 76 28.29 35.22 20.33
CA VAL BA 76 26.94 34.66 20.16
C VAL BA 76 26.86 33.93 18.82
N HIS BA 77 27.44 34.56 17.79
CA HIS BA 77 27.54 33.98 16.46
C HIS BA 77 28.23 32.57 16.43
N THR BA 78 29.20 32.35 17.32
CA THR BA 78 29.85 31.02 17.47
C THR BA 78 28.89 29.97 18.04
N ALA BA 79 28.14 30.32 19.08
CA ALA BA 79 27.10 29.44 19.60
C ALA BA 79 26.07 29.05 18.52
N ALA BA 80 25.65 30.05 17.75
CA ALA BA 80 24.66 29.85 16.68
C ALA BA 80 25.20 28.93 15.60
N SER BA 81 26.48 29.14 15.25
CA SER BA 81 27.18 28.34 14.25
C SER BA 81 27.28 26.89 14.69
N LEU BA 82 27.53 26.64 15.97
CA LEU BA 82 27.65 25.29 16.45
C LEU BA 82 26.27 24.57 16.40
N PHE BA 83 25.21 25.27 16.80
CA PHE BA 83 23.85 24.74 16.69
C PHE BA 83 23.52 24.38 15.25
N LYS BA 84 23.80 25.33 14.36
CA LYS BA 84 23.59 25.21 12.93
C LYS BA 84 24.32 23.99 12.33
N GLU BA 85 25.60 23.80 12.67
CA GLU BA 85 26.35 22.71 12.13
C GLU BA 85 25.72 21.39 12.52
N MET BA 86 25.32 21.26 13.78
CA MET BA 86 24.70 20.02 14.23
C MET BA 86 23.24 19.82 13.67
N CYS BA 87 22.43 20.87 13.68
CA CYS BA 87 21.06 20.83 13.13
C CYS BA 87 21.01 20.62 11.62
N TYR BA 88 22.01 21.11 10.88
CA TYR BA 88 22.11 20.90 9.47
C TYR BA 88 22.59 19.50 9.12
N ARG BA 89 23.76 19.09 9.67
CA ARG BA 89 24.32 17.74 9.47
C ARG BA 89 23.31 16.61 9.79
N TYR BA 90 22.58 16.72 10.91
CA TYR BA 90 21.62 15.71 11.33
C TYR BA 90 20.12 16.10 11.03
N ARG BA 91 19.92 16.91 10.02
CA ARG BA 91 18.59 17.47 9.72
C ARG BA 91 17.58 16.35 9.43
N GLU BA 92 18.02 15.23 8.88
CA GLU BA 92 17.10 14.13 8.66
C GLU BA 92 16.69 13.37 9.93
N ASP BA 93 17.41 13.54 11.02
CA ASP BA 93 17.19 12.77 12.24
C ASP BA 93 16.79 13.62 13.41
N LEU BA 94 16.58 14.93 13.24
CA LEU BA 94 16.25 15.79 14.35
C LEU BA 94 14.99 16.57 14.01
N MET BA 95 14.23 16.92 15.04
CA MET BA 95 13.12 17.85 14.90
C MET BA 95 13.37 18.96 15.92
N ALA BA 96 13.95 20.04 15.45
CA ALA BA 96 14.50 21.06 16.32
C ALA BA 96 14.36 22.40 15.64
N GLY BA 97 13.66 23.33 16.29
CA GLY BA 97 13.54 24.70 15.77
C GLY BA 97 14.03 25.56 16.91
N ILE BA 98 15.17 26.22 16.71
CA ILE BA 98 15.91 26.85 17.79
C ILE BA 98 16.03 28.35 17.58
N ILE BA 99 16.07 29.11 18.68
CA ILE BA 99 16.53 30.52 18.65
C ILE BA 99 17.72 30.62 19.58
N ILE BA 100 18.82 31.18 19.06
CA ILE BA 100 20.02 31.45 19.91
C ILE BA 100 20.11 32.95 20.13
N ALA BA 101 20.18 33.37 21.39
CA ALA BA 101 20.28 34.78 21.69
C ALA BA 101 21.14 35.04 22.89
N GLY BA 102 21.82 36.16 22.84
CA GLY BA 102 22.71 36.47 23.90
C GLY BA 102 23.45 37.74 23.67
N TRP BA 103 24.51 37.93 24.48
CA TRP BA 103 25.31 39.13 24.45
C TRP BA 103 26.77 38.70 24.42
N ASP BA 104 27.57 39.39 23.64
CA ASP BA 104 29.04 39.31 23.79
C ASP BA 104 29.67 40.69 23.62
N PRO BA 105 30.93 40.90 24.12
CA PRO BA 105 31.54 42.25 24.06
C PRO BA 105 31.81 42.80 22.66
N GLN BA 106 31.79 41.95 21.65
CA GLN BA 106 32.23 42.35 20.33
C GLN BA 106 31.05 42.87 19.51
N GLU BA 107 29.91 42.19 19.57
CA GLU BA 107 28.73 42.52 18.74
C GLU BA 107 27.47 42.84 19.54
N GLY BA 108 27.52 42.80 20.87
CA GLY BA 108 26.38 43.21 21.70
C GLY BA 108 25.24 42.19 21.67
N GLY BA 109 24.00 42.66 21.76
CA GLY BA 109 22.82 41.80 21.77
C GLY BA 109 22.49 41.26 20.38
N GLN BA 110 22.36 39.95 20.29
CA GLN BA 110 22.14 39.32 19.02
C GLN BA 110 21.15 38.19 19.11
N VAL BA 111 20.29 38.08 18.09
CA VAL BA 111 19.27 37.00 17.94
C VAL BA 111 19.50 36.24 16.63
N TYR BA 112 19.64 34.92 16.70
CA TYR BA 112 19.80 34.06 15.52
C TYR BA 112 18.71 33.03 15.48
N SER BA 113 18.06 32.84 14.33
CA SER BA 113 17.17 31.68 14.15
C SER BA 113 17.88 30.55 13.49
N VAL BA 114 17.72 29.33 14.06
CA VAL BA 114 18.11 28.08 13.42
C VAL BA 114 16.85 27.19 13.27
N PRO BA 115 16.06 27.43 12.22
CA PRO BA 115 14.81 26.66 12.09
C PRO BA 115 15.11 25.23 11.62
N MET BA 116 14.07 24.43 11.59
CA MET BA 116 14.22 23.08 11.10
C MET BA 116 14.85 23.07 9.71
N GLY BA 117 15.78 22.14 9.53
CA GLY BA 117 16.55 22.08 8.32
C GLY BA 117 17.99 22.58 8.51
N GLY BA 118 18.20 23.45 9.49
CA GLY BA 118 19.50 23.93 9.86
C GLY BA 118 20.06 25.10 9.07
N MET BA 119 19.22 25.99 8.56
CA MET BA 119 19.70 27.29 8.11
C MET BA 119 19.97 28.17 9.36
N MET BA 120 20.67 29.29 9.17
CA MET BA 120 20.93 30.25 10.26
C MET BA 120 20.79 31.64 9.70
N VAL BA 121 20.11 32.51 10.41
CA VAL BA 121 19.95 33.88 9.98
C VAL BA 121 19.87 34.75 11.23
N ARG BA 122 20.54 35.90 11.20
CA ARG BA 122 20.42 36.90 12.24
C ARG BA 122 19.14 37.69 12.00
N GLN BA 123 18.42 38.00 13.06
CA GLN BA 123 17.19 38.82 12.97
C GLN BA 123 17.07 39.83 14.13
N SER BA 124 16.31 40.91 13.90
CA SER BA 124 15.96 41.87 14.97
C SER BA 124 15.15 41.25 16.07
N PHE BA 125 14.20 40.44 15.65
CA PHE BA 125 13.45 39.58 16.55
C PHE BA 125 13.12 38.29 15.80
N ALA BA 126 12.88 37.24 16.56
CA ALA BA 126 12.58 35.94 16.01
C ALA BA 126 11.43 35.30 16.78
N ILE BA 127 10.60 34.53 16.07
CA ILE BA 127 9.61 33.70 16.72
C ILE BA 127 9.71 32.31 16.14
N GLY BA 128 9.30 31.33 16.90
CA GLY BA 128 9.33 29.93 16.45
C GLY BA 128 8.42 29.08 17.30
N GLY BA 129 8.38 27.79 16.96
CA GLY BA 129 7.44 26.84 17.51
C GLY BA 129 6.09 26.92 16.85
N SER BA 130 5.27 25.90 17.05
CA SER BA 130 3.99 25.80 16.35
C SER BA 130 3.04 26.99 16.68
N GLY BA 131 3.08 27.50 17.90
CA GLY BA 131 2.23 28.63 18.25
C GLY BA 131 2.54 29.96 17.56
N SER BA 132 3.73 30.05 16.99
CA SER BA 132 4.17 31.29 16.36
C SER BA 132 3.34 31.66 15.15
N SER BA 133 2.74 30.66 14.47
CA SER BA 133 1.86 30.95 13.35
C SER BA 133 0.84 32.04 13.70
N TYR BA 134 0.28 31.96 14.90
CA TYR BA 134 -0.84 32.81 15.31
C TYR BA 134 -0.47 34.25 15.72
N ILE BA 135 0.82 34.52 15.82
CA ILE BA 135 1.29 35.85 16.13
C ILE BA 135 2.15 36.55 15.08
N TYR BA 136 2.29 36.01 13.87
CA TYR BA 136 3.00 36.76 12.82
C TYR BA 136 2.43 38.15 12.58
N GLY BA 137 1.13 38.21 12.39
CA GLY BA 137 0.45 39.48 12.23
C GLY BA 137 0.74 40.47 13.36
N TYR BA 138 0.60 39.98 14.59
CA TYR BA 138 0.71 40.78 15.78
C TYR BA 138 2.12 41.40 15.87
N VAL BA 139 3.13 40.53 15.78
CA VAL BA 139 4.52 41.00 15.85
C VAL BA 139 4.84 41.94 14.69
N ASP BA 140 4.32 41.68 13.48
CA ASP BA 140 4.58 42.56 12.34
C ASP BA 140 3.95 43.98 12.53
N ALA BA 141 2.77 44.06 13.15
CA ALA BA 141 2.07 45.33 13.38
C ALA BA 141 2.63 46.08 14.60
N THR BA 142 3.24 45.37 15.54
CA THR BA 142 3.60 45.93 16.83
C THR BA 142 5.12 46.23 16.94
N TYR BA 143 5.98 45.47 16.26
CA TYR BA 143 7.41 45.76 16.30
C TYR BA 143 7.72 47.22 15.92
N ARG BA 144 8.64 47.83 16.67
CA ARG BA 144 9.16 49.18 16.39
C ARG BA 144 10.69 49.13 16.53
N GLU BA 145 11.43 49.74 15.61
CA GLU BA 145 12.88 49.91 15.77
C GLU BA 145 13.13 50.75 17.03
N GLY BA 146 14.12 50.36 17.82
CA GLY BA 146 14.59 51.16 18.94
C GLY BA 146 13.89 50.95 20.26
N MET BA 147 13.23 49.80 20.45
CA MET BA 147 12.50 49.53 21.70
CA MET BA 147 12.49 49.53 21.67
C MET BA 147 13.47 49.37 22.86
N THR BA 148 13.09 49.85 24.03
CA THR BA 148 13.90 49.65 25.22
C THR BA 148 13.78 48.22 25.73
N LYS BA 149 14.63 47.86 26.67
CA LYS BA 149 14.53 46.57 27.33
C LYS BA 149 13.11 46.32 27.88
N GLU BA 150 12.56 47.32 28.58
CA GLU BA 150 11.27 47.16 29.25
C GLU BA 150 10.13 46.99 28.24
N GLU BA 151 10.22 47.70 27.12
CA GLU BA 151 9.34 47.52 25.98
C GLU BA 151 9.45 46.15 25.28
N CYS BA 152 10.68 45.61 25.14
CA CYS BA 152 10.91 44.27 24.58
C CYS BA 152 10.31 43.20 25.47
N LEU BA 153 10.40 43.38 26.80
CA LEU BA 153 9.81 42.44 27.75
C LEU BA 153 8.25 42.42 27.65
N GLN BA 154 7.64 43.61 27.52
CA GLN BA 154 6.17 43.72 27.35
C GLN BA 154 5.69 43.15 26.02
N PHE BA 155 6.38 43.52 24.93
CA PHE BA 155 6.19 43.02 23.56
C PHE BA 155 6.22 41.49 23.51
N THR BA 156 7.26 40.93 24.11
CA THR BA 156 7.42 39.48 24.21
C THR BA 156 6.32 38.82 25.03
N ALA BA 157 6.06 39.33 26.23
CA ALA BA 157 5.02 38.77 27.06
C ALA BA 157 3.61 38.80 26.38
N ASN BA 158 3.30 39.92 25.72
CA ASN BA 158 2.05 40.10 24.98
C ASN BA 158 1.91 39.09 23.84
N ALA BA 159 2.96 38.97 23.03
CA ALA BA 159 2.98 38.03 21.89
C ALA BA 159 2.76 36.61 22.37
N LEU BA 160 3.52 36.20 23.37
CA LEU BA 160 3.39 34.85 23.92
C LEU BA 160 2.02 34.60 24.52
N ALA BA 161 1.45 35.58 25.23
CA ALA BA 161 0.10 35.40 25.81
C ALA BA 161 -0.97 35.12 24.75
N LEU BA 162 -0.89 35.87 23.64
CA LEU BA 162 -1.78 35.74 22.51
C LEU BA 162 -1.67 34.32 21.86
N ALA BA 163 -0.45 33.86 21.65
CA ALA BA 163 -0.18 32.54 21.07
C ALA BA 163 -0.70 31.47 21.98
N MET BA 164 -0.47 31.62 23.28
CA MET BA 164 -0.88 30.65 24.27
C MET BA 164 -2.41 30.58 24.38
N GLU BA 165 -3.10 31.68 24.20
CA GLU BA 165 -4.59 31.65 24.21
C GLU BA 165 -5.16 30.79 23.03
N ARG BA 166 -4.61 30.95 21.84
CA ARG BA 166 -5.07 30.30 20.63
C ARG BA 166 -4.52 28.88 20.33
N ASP BA 167 -3.26 28.62 20.66
CA ASP BA 167 -2.59 27.35 20.31
C ASP BA 167 -2.79 26.37 21.44
N GLY BA 168 -3.61 25.34 21.20
CA GLY BA 168 -3.72 24.20 22.11
C GLY BA 168 -2.34 23.64 22.56
N SER BA 169 -1.37 23.68 21.66
CA SER BA 169 -0.03 23.13 21.93
C SER BA 169 0.94 24.02 22.71
N SER BA 170 0.49 25.22 23.07
CA SER BA 170 1.24 26.14 23.92
C SER BA 170 0.47 26.48 25.17
N GLY BA 171 1.17 26.77 26.27
CA GLY BA 171 0.48 27.27 27.44
C GLY BA 171 1.26 27.26 28.72
N GLY BA 172 0.53 27.44 29.83
CA GLY BA 172 1.10 27.32 31.17
C GLY BA 172 1.54 28.68 31.67
N VAL BA 173 2.83 28.84 31.94
CA VAL BA 173 3.41 30.12 32.34
C VAL BA 173 4.26 30.70 31.23
N ILE BA 174 4.55 31.99 31.35
CA ILE BA 174 5.50 32.64 30.46
C ILE BA 174 6.83 32.77 31.18
N ARG BA 175 7.88 32.20 30.62
CA ARG BA 175 9.25 32.41 31.15
C ARG BA 175 9.96 33.44 30.30
N LEU BA 176 10.57 34.43 30.96
CA LEU BA 176 11.28 35.49 30.28
C LEU BA 176 12.70 35.58 30.82
N ALA BA 177 13.61 36.05 29.97
CA ALA BA 177 15.00 36.32 30.39
C ALA BA 177 15.46 37.53 29.66
N ALA BA 178 16.21 38.39 30.35
CA ALA BA 178 16.89 39.50 29.71
C ALA BA 178 18.39 39.29 29.91
N ILE BA 179 19.17 39.51 28.85
CA ILE BA 179 20.60 39.28 28.88
C ILE BA 179 21.27 40.53 28.42
N ALA BA 180 22.28 40.95 29.19
CA ALA BA 180 23.05 42.11 28.87
C ALA BA 180 24.48 41.97 29.48
N GLU BA 181 25.31 42.97 29.27
CA GLU BA 181 26.67 42.93 29.84
C GLU BA 181 26.66 42.64 31.36
N SER BA 182 25.68 43.22 32.07
CA SER BA 182 25.60 43.05 33.52
C SER BA 182 25.13 41.67 34.00
N GLY BA 183 24.62 40.83 33.11
CA GLY BA 183 24.21 39.47 33.50
C GLY BA 183 22.86 39.07 32.93
N VAL BA 184 22.23 38.09 33.60
CA VAL BA 184 20.98 37.46 33.17
C VAL BA 184 19.93 37.65 34.26
N GLU BA 185 18.73 38.09 33.88
CA GLU BA 185 17.62 38.33 34.81
C GLU BA 185 16.45 37.51 34.30
N ARG BA 186 16.03 36.53 35.09
CA ARG BA 186 14.99 35.65 34.72
C ARG BA 186 13.73 35.97 35.52
N GLN BA 187 12.57 35.75 34.92
CA GLN BA 187 11.31 35.88 35.66
C GLN BA 187 10.22 35.04 35.01
N VAL BA 188 9.17 34.80 35.77
CA VAL BA 188 8.01 34.02 35.37
C VAL BA 188 6.78 34.89 35.50
N LEU BA 189 5.96 34.94 34.45
CA LEU BA 189 4.60 35.50 34.53
C LEU BA 189 3.64 34.35 34.66
N LEU BA 190 2.84 34.37 35.71
CA LEU BA 190 1.82 33.33 35.92
C LEU BA 190 0.44 33.87 36.28
N GLY BA 191 -0.57 33.04 36.02
CA GLY BA 191 -1.96 33.37 36.29
C GLY BA 191 -2.32 34.79 35.86
N ASP BA 192 -2.69 35.60 36.85
CA ASP BA 192 -3.14 36.99 36.63
C ASP BA 192 -2.07 37.94 36.09
N GLN BA 193 -0.79 37.56 36.17
CA GLN BA 193 0.28 38.35 35.61
C GLN BA 193 0.41 38.24 34.09
N ILE BA 194 -0.18 37.20 33.50
CA ILE BA 194 -0.13 37.01 32.03
C ILE BA 194 -1.04 38.08 31.40
N PRO BA 195 -0.56 38.84 30.40
CA PRO BA 195 -1.42 39.81 29.74
C PRO BA 195 -2.71 39.16 29.27
N LYS BA 196 -3.79 39.93 29.33
CA LYS BA 196 -5.16 39.49 29.18
C LYS BA 196 -5.82 40.33 28.09
N PHE BA 197 -6.55 39.68 27.19
CA PHE BA 197 -7.31 40.38 26.15
C PHE BA 197 -8.68 39.65 26.09
N ALA BA 198 -9.78 40.35 26.35
CA ALA BA 198 -11.16 39.79 26.23
C ALA BA 198 -11.43 38.76 25.08
N VAL BA 199 -12.36 37.83 25.32
CA VAL BA 199 -13.04 37.07 24.25
C VAL BA 199 -14.15 38.02 23.81
N ALA BA 200 -14.26 38.25 22.50
CA ALA BA 200 -15.23 39.22 21.96
C ALA BA 200 -16.65 38.66 21.99
N THR BA 201 -17.26 38.68 23.17
CA THR BA 201 -18.62 38.18 23.37
C THR BA 201 -19.60 39.15 22.71
N LEU BA 202 -20.82 38.66 22.48
CA LEU BA 202 -21.71 39.36 21.58
C LEU BA 202 -22.39 40.60 22.22
N PRO BA 203 -22.25 41.80 21.57
CA PRO BA 203 -23.00 43.02 21.99
C PRO BA 203 -24.52 42.84 22.07
CL CL CA . -56.20 3.94 -15.48
CL CL DA . -37.39 33.90 -38.50
CL CL EA . -39.88 26.07 -28.24
CL CL FA . -29.78 22.17 -36.95
CL CL GA . -29.96 -5.87 -42.95
CL CL HA . -30.31 -8.62 -41.97
CL CL IA . -64.21 -27.39 -25.23
CL CL JA . -47.22 -14.62 -15.41
CL CL KA . -70.09 -23.67 2.04
CL CL LA . -72.63 -0.14 16.66
CL CL MA . -68.03 8.66 13.10
CL CL NA . -66.06 -10.56 7.83
CL CL OA . -68.23 -8.91 14.71
CL CL PA . -68.77 27.50 7.13
CL CL QA . -30.71 33.10 -8.75
CL CL RA . -54.31 57.72 -23.59
K K SA . -58.28 17.79 -18.60
MG MG TA . -15.95 18.41 -5.35
MG MG UA . 5.62 23.71 -28.62
CL CL VA . -22.57 32.89 -13.70
OH2 1PE WA . -25.87 7.13 -20.16
C12 1PE WA . -25.28 7.47 -18.90
C22 1PE WA . -24.39 8.71 -18.99
OH3 1PE WA . -23.74 8.85 -20.29
C13 1PE WA . -21.74 9.83 -21.29
C23 1PE WA . -22.31 8.89 -20.25
OH4 1PE WA . -21.05 10.92 -20.63
C14 1PE WA . -21.12 13.36 -20.28
C24 1PE WA . -21.82 12.11 -20.78
OH5 1PE WA . -21.84 14.53 -20.70
C15 1PE WA . -23.95 15.77 -20.33
C25 1PE WA . -23.26 14.44 -20.52
OH6 1PE WA . -25.36 15.52 -20.46
C16 1PE WA . -26.44 13.47 -19.66
C26 1PE WA . -26.01 14.91 -19.33
OH7 1PE WA . -27.83 13.27 -19.41
C5 6VC XA . -6.33 12.72 -26.74
C6 6VC XA . -7.08 12.84 -28.03
C8 6VC XA . -6.43 14.04 -26.00
O2 6VC XA . -7.54 14.31 -25.50
N2 6VC XA . -5.30 14.78 -25.86
C9 6VC XA . -5.24 16.04 -25.14
C10 6VC XA . -4.16 16.16 -24.06
O3 6VC XA . -4.23 14.87 -23.45
C12 6VC XA . -4.99 17.22 -26.03
O4 6VC XA . -4.43 17.05 -27.10
N3 6VC XA . -5.38 18.38 -25.50
C13 6VC XA . -5.26 19.64 -26.17
C21 6VC XA . -4.38 20.57 -25.33
C22 6VC XA . -2.91 20.08 -25.04
C23 6VC XA . -2.02 21.22 -24.43
O6 6VC XA . -2.92 19.02 -24.08
C24 6VC XA . -2.20 19.46 -26.28
O5 6VC XA . -5.07 20.74 -24.09
C14 6VC XA . -6.66 20.22 -26.44
C15 6VC XA . -7.57 19.30 -27.27
C16 6VC XA . -8.97 19.92 -27.34
C20 6VC XA . -7.01 19.09 -28.65
C1 6VC XA . -6.14 13.46 -29.06
C2 6VC XA . -6.22 12.76 -30.41
C3 6VC XA . -7.16 13.35 -31.47
C4 6VC XA . -7.85 14.65 -30.99
C7 6VC XA . -8.22 12.33 -31.90
O8 6VC XA . -0.93 18.90 -25.90
MG MG YA . 5.75 -7.47 -36.11
CL CL ZA . -25.28 -0.21 -29.50
OH2 1PE AB . -27.01 -6.25 -21.86
C12 1PE AB . -26.14 -5.95 -22.96
C22 1PE AB . -26.00 -4.46 -23.19
OH3 1PE AB . -24.84 -3.99 -22.49
C13 1PE AB . -23.25 -2.75 -23.89
C23 1PE AB . -23.58 -4.08 -23.20
OH4 1PE AB . -24.46 -2.07 -24.18
C14 1PE AB . -25.51 -0.03 -24.71
C24 1PE AB . -24.45 -1.05 -25.17
OH5 1PE AB . -25.59 1.10 -25.58
C15 1PE AB . -25.82 2.81 -23.73
C25 1PE AB . -25.28 2.42 -25.11
OH6 1PE AB . -24.72 2.91 -22.80
C16 1PE AB . -23.67 3.95 -20.87
C26 1PE AB . -24.89 3.89 -21.77
OH7 1PE AB . -23.57 2.85 -19.96
MG MG BB . -17.75 -13.65 -10.65
MG MG CB . -6.05 -33.73 14.97
CL CL DB . -11.98 -27.09 6.59
CL CL EB . -20.12 -36.11 18.40
CL CL FB . -40.10 -26.71 -5.90
CL CL GB . -20.15 -34.25 -12.49
C5 6VC HB . -16.42 -21.06 14.13
C6 6VC HB . -16.95 -22.10 15.15
C8 6VC HB . -16.14 -21.82 12.84
O2 6VC HB . -16.92 -21.69 11.91
N2 6VC HB . -15.07 -22.63 12.77
C9 6VC HB . -14.74 -23.43 11.58
C10 6VC HB . -13.30 -23.28 11.08
O3 6VC HB . -13.13 -21.87 11.06
C12 6VC HB . -14.87 -24.90 11.81
O4 6VC HB . -14.72 -25.32 12.93
N3 6VC HB . -15.09 -25.66 10.74
C13 6VC HB . -15.18 -27.10 10.78
C21 6VC HB . -14.01 -27.76 10.05
C22 6VC HB . -12.57 -27.53 10.61
C23 6VC HB . -11.49 -28.37 9.96
O6 6VC HB . -12.21 -26.17 10.34
C24 6VC HB . -12.51 -27.67 12.13
O5 6VC HB . -14.12 -27.31 8.70
C14 6VC HB . -16.56 -27.52 10.26
C15 6VC HB . -17.74 -26.86 10.95
C16 6VC HB . -19.04 -27.38 10.37
C20 6VC HB . -17.79 -27.08 12.46
C1 6VC HB . -17.38 -21.68 16.56
C2 6VC HB . -16.46 -20.68 17.30
C3 6VC HB . -16.83 -20.19 18.76
C4 6VC HB . -16.52 -18.68 18.94
C7 6VC HB . -18.23 -20.50 19.37
O8 6VC HB . -11.23 -27.41 12.68
OH2 1PE IB . -37.10 -17.57 4.91
C12 1PE IB . -35.80 -18.08 4.61
C22 1PE IB . -34.75 -17.18 5.27
OH3 1PE IB . -33.54 -17.18 4.52
C13 1PE IB . -32.49 -15.24 3.41
C23 1PE IB . -33.53 -16.37 3.33
OH4 1PE IB . -31.16 -15.76 3.20
C14 1PE IB . -28.81 -15.09 3.30
C24 1PE IB . -30.20 -14.79 2.74
OH5 1PE IB . -28.32 -14.00 4.09
C15 1PE IB . -27.54 -11.72 4.11
C25 1PE IB . -27.61 -13.03 3.34
OH6 1PE IB . -28.30 -10.65 3.50
C16 1PE IB . -26.54 -10.20 1.77
C26 1PE IB . -28.01 -10.23 2.14
OH7 1PE IB . -26.30 -9.69 0.44
K K JB . -9.30 -8.93 36.39
CL CL KB . -17.45 31.30 19.78
CL CL LB . -13.14 26.58 7.89
CL CL MB . -30.11 24.81 25.63
OH2 1PE NB . -0.54 10.27 22.14
C12 1PE NB . -0.34 9.88 23.50
C22 1PE NB . -1.49 10.40 24.36
OH3 1PE NB . -1.54 9.72 25.62
C13 1PE NB . -3.80 8.86 25.80
C23 1PE NB . -2.78 9.85 26.33
OH4 1PE NB . -4.66 8.43 26.87
C14 1PE NB . -3.89 6.89 28.57
C24 1PE NB . -4.60 7.04 27.22
OH5 1PE NB . -3.14 5.67 28.60
C15 1PE NB . -3.57 3.59 27.35
C25 1PE NB . -3.91 4.46 28.57
OH6 1PE NB . -2.38 4.04 26.66
C16 1PE NB . -0.65 2.29 26.58
C26 1PE NB . -1.14 3.60 27.24
OH7 1PE NB . 0.51 1.77 27.25
CL CL OB . -14.24 32.70 -6.79
CL CL PB . -8.63 28.60 2.48
CL CL QB . -13.05 29.49 7.08
CL CL RB . -3.15 37.82 -5.96
OH2 1PE SB . -23.27 16.36 -7.64
C12 1PE SB . -22.19 17.03 -6.99
C22 1PE SB . -22.73 17.85 -5.82
OH3 1PE SB . -22.07 17.55 -4.60
C13 1PE SB . -23.09 19.28 -3.17
C23 1PE SB . -21.82 18.67 -3.75
OH4 1PE SB . -23.39 20.46 -3.90
C14 1PE SB . -24.33 22.63 -4.11
C24 1PE SB . -24.13 21.46 -3.18
OH5 1PE SB . -25.20 22.21 -5.13
C15 1PE SB . -26.47 22.68 -7.16
C25 1PE SB . -25.27 23.08 -6.27
OH6 1PE SB . -27.67 22.79 -6.37
C16 1PE SB . -29.93 23.64 -6.19
C26 1PE SB . -28.92 22.89 -7.07
OH7 1PE SB . -30.73 24.56 -6.98
K K TB . 1.00 36.79 -0.07
C5 6VC UB . -8.94 26.29 -7.81
C6 6VC UB . -9.68 27.07 -8.82
C8 6VC UB . -9.40 26.63 -6.44
O2 6VC UB . -10.50 26.26 -6.09
N2 6VC UB . -8.52 27.21 -5.64
C9 6VC UB . -8.73 27.48 -4.25
C10 6VC UB . -7.64 26.52 -3.71
O3 6VC UB . -7.74 26.65 -2.31
C12 6VC UB . -8.67 28.96 -3.92
O4 6VC UB . -8.05 29.70 -4.66
N3 6VC UB . -9.34 29.32 -2.81
C13 6VC UB . -9.50 30.67 -2.30
C21 6VC UB . -8.81 30.78 -0.93
C22 6VC UB . -7.25 30.44 -0.84
C23 6VC UB . -6.56 30.85 0.49
O6 6VC UB . -7.08 29.04 -0.95
C24 6VC UB . -6.52 31.02 -2.07
O5 6VC UB . -9.49 29.92 -0.05
C14 6VC UB . -10.99 31.04 -2.25
C15 6VC UB . -11.77 30.80 -3.54
C16 6VC UB . -13.27 30.94 -3.23
C20 6VC UB . -11.36 31.81 -4.57
C1 6VC UB . -9.15 26.82 -10.25
C2 6VC UB . -8.58 25.45 -10.61
C3 6VC UB . -7.72 25.25 -11.87
C4 6VC UB . -7.01 23.93 -11.86
C7 6VC UB . -6.73 26.42 -11.96
O8 6VC UB . -5.16 30.61 -2.12
CL CL VB . 56.17 -4.30 15.53
CL CL WB . 27.24 -16.96 30.43
CL CL XB . 36.19 1.18 52.63
CL CL YB . 38.80 2.55 39.67
CL CL ZB . 31.13 -31.38 28.57
CL CL AC . 34.71 -35.27 -7.01
CL CL BC . 66.12 -33.07 2.13
CL CL CC . 71.28 -11.82 -15.72
CL CL DC . 66.27 1.37 -11.45
CL CL EC . 72.21 15.72 -10.35
CL CL FC . 66.98 19.56 -1.87
CL CL GC . 68.17 7.60 -14.95
CL CL HC . 28.75 20.41 29.62
OH2 1PE IC . 29.99 14.86 23.09
C12 1PE IC . 30.21 15.35 21.75
C22 1PE IC . 28.86 15.56 21.08
OH3 1PE IC . 28.02 14.41 21.31
C13 1PE IC . 25.71 13.56 21.06
C23 1PE IC . 26.91 14.26 20.40
OH4 1PE IC . 24.50 14.32 20.87
C14 1PE IC . 23.18 15.25 19.00
C24 1PE IC . 23.88 14.06 19.63
OH5 1PE IC . 22.84 15.00 17.62
C15 1PE IC . 21.87 13.44 15.96
C25 1PE IC . 21.94 13.89 17.41
OH6 1PE IC . 21.25 12.15 15.70
C16 1PE IC . 21.63 9.88 16.50
C26 1PE IC . 20.87 11.19 16.69
OH7 1PE IC . 21.37 8.96 17.59
K K JC . 57.49 4.00 27.23
MG MG KC . -6.42 -2.09 37.23
MG MG LC . 14.79 10.90 16.70
CL CL MC . 20.81 16.14 33.23
C5 6VC NC . 6.17 -8.21 28.72
C6 6VC NC . 6.94 -8.95 29.77
C8 6VC NC . 6.18 -6.74 29.03
O2 6VC NC . 7.21 -6.13 28.86
N2 6VC NC . 5.01 -6.18 29.44
C9 6VC NC . 4.85 -4.76 29.75
C10 6VC NC . 3.71 -4.02 29.04
O3 6VC NC . 3.75 -4.51 27.75
C12 6VC NC . 4.56 -4.53 31.20
O4 6VC NC . 4.02 -5.40 31.87
N3 6VC NC . 4.86 -3.30 31.63
C13 6VC NC . 4.66 -2.83 32.98
C21 6VC NC . 3.71 -1.63 32.96
C22 6VC NC . 2.26 -1.86 32.38
C23 6VC NC . 1.29 -0.68 32.66
O6 6VC NC . 2.32 -2.01 30.93
C24 6VC NC . 1.60 -3.19 32.87
O5 6VC NC . 4.37 -0.63 32.16
C14 6VC NC . 6.05 -2.52 33.59
C15 6VC NC . 7.01 -3.72 33.62
C16 6VC NC . 8.36 -3.29 34.21
C20 6VC NC . 6.58 -5.01 34.34
C1 6VC NC . 6.20 -9.25 31.06
C2 6VC NC . 6.18 -10.73 31.45
C3 6VC NC . 6.81 -11.26 32.69
C4 6VC NC . 7.10 -10.19 33.73
C7 6VC NC . 8.04 -12.05 32.24
O8 6VC NC . 0.38 -3.44 32.18
MG MG OC . -4.47 -30.04 21.75
CL CL PC . 26.01 -18.24 22.23
OH2 1PE QC . 20.82 -9.10 16.71
C12 1PE QC . 21.87 -9.57 15.84
C22 1PE QC . 23.26 -9.20 16.37
OH3 1PE QC . 23.67 -10.13 17.39
C13 1PE QC . 24.96 -10.15 19.46
C23 1PE QC . 23.73 -9.62 18.73
OH4 1PE QC . 24.97 -11.58 19.49
C14 1PE QC . 26.29 -13.43 20.43
C24 1PE QC . 25.50 -12.16 20.70
OH5 1PE QC . 25.42 -14.35 19.79
C15 1PE QC . 25.05 -16.28 18.43
C25 1PE QC . 26.03 -15.19 18.81
OH6 1PE QC . 24.53 -15.98 17.13
C16 1PE QC . 23.52 -16.70 15.05
C26 1PE QC . 24.17 -17.13 16.37
OH7 1PE QC . 24.44 -16.77 13.96
MG MG RC . 18.64 -16.17 -0.95
MG MG SC . 7.70 -14.64 -33.53
CL CL TC . 13.51 -15.02 -22.73
CL CL UC . 41.65 -21.23 -12.71
CL CL VC . 21.87 -13.33 -37.30
CL CL WC . 22.33 -32.63 -13.23
CL CL XC . 12.58 -32.05 -38.88
C5 6VC YC . 17.28 -5.18 -23.99
C6 6VC YC . 17.56 -4.80 -25.42
C8 6VC YC . 17.14 -6.68 -23.72
O2 6VC YC . 17.95 -7.18 -22.93
N2 6VC YC . 16.11 -7.38 -24.23
C9 6VC YC . 15.88 -8.79 -23.95
C10 6VC YC . 14.45 -9.12 -23.50
O3 6VC YC . 14.18 -8.14 -22.55
C12 6VC YC . 16.08 -9.69 -25.10
O4 6VC YC . 15.93 -9.24 -26.19
N3 6VC YC . 16.32 -10.98 -24.80
C13 6VC YC . 16.54 -11.97 -25.78
C21 6VC YC . 15.44 -13.06 -25.70
C22 6VC YC . 13.94 -12.58 -25.97
C23 6VC YC . 12.95 -13.72 -26.05
O6 6VC YC . 13.51 -11.80 -24.88
C24 6VC YC . 13.85 -11.67 -27.19
O5 6VC YC . 15.54 -13.62 -24.39
C14 6VC YC . 17.97 -12.55 -25.64
C15 6VC YC . 19.08 -11.50 -25.69
C16 6VC YC . 20.47 -12.13 -25.52
C20 6VC YC . 19.10 -10.67 -26.96
C1 6VC YC . 18.70 -5.53 -26.09
C2 6VC YC . 19.69 -4.69 -26.90
C3 6VC YC . 20.04 -5.17 -28.32
C4 6VC YC . 20.63 -6.55 -28.18
C7 6VC YC . 21.00 -4.17 -28.96
O8 6VC YC . 12.53 -11.18 -27.45
OH2 1PE ZC . 39.82 -5.48 -14.88
C12 1PE ZC . 38.46 -5.90 -14.72
C22 1PE ZC . 38.38 -7.31 -14.12
OH3 1PE ZC . 37.39 -8.09 -14.80
C13 1PE ZC . 35.41 -7.02 -13.80
C23 1PE ZC . 36.17 -8.32 -14.07
OH4 1PE ZC . 34.08 -7.29 -13.30
C14 1PE ZC . 32.64 -8.06 -11.44
C24 1PE ZC . 34.01 -7.53 -11.88
OH5 1PE ZC . 31.60 -7.33 -12.12
C15 1PE ZC . 29.69 -6.48 -10.89
C25 1PE ZC . 30.24 -7.63 -11.72
OH6 1PE ZC . 28.49 -5.98 -11.46
C16 1PE ZC . 28.35 -4.16 -9.74
C26 1PE ZC . 28.14 -4.62 -11.18
OH7 1PE ZC . 27.72 -5.06 -8.79
K K AD . 8.97 18.22 -32.56
CL CL BD . 15.03 37.40 6.87
CL CL CD . 11.27 25.67 12.52
CL CL DD . 28.04 37.19 -1.33
OH2 1PE ED . -1.22 22.20 -11.19
C12 1PE ED . -0.57 22.94 -10.13
C22 1PE ED . 0.42 23.97 -10.69
OH3 1PE ED . 0.28 24.18 -12.11
C13 1PE ED . 2.61 24.41 -12.92
C23 1PE ED . 1.23 25.07 -12.71
OH4 1PE ED . 3.12 24.71 -14.23
C14 1PE ED . 3.01 24.09 -16.59
C24 1PE ED . 3.17 23.61 -15.14
OH5 1PE ED . 2.21 23.15 -17.31
C15 1PE ED . 1.97 20.81 -18.06
C25 1PE ED . 2.91 22.00 -17.81
OH6 1PE ED . 0.99 20.64 -17.02
C16 1PE ED . -1.43 20.38 -17.51
C26 1PE ED . -0.28 21.35 -17.19
OH7 1PE ED . -2.00 20.59 -18.82
CL CL FD . 6.85 23.20 17.76
CL CL GD . 10.92 27.18 15.08
CL CL HD . 1.03 23.92 30.12
CL CL ID . 12.40 20.33 27.60
K K JD . -3.27 27.01 24.92
C5 6VC KD . 7.47 14.74 23.78
C6 6VC KD . 8.24 14.59 25.06
C8 6VC KD . 7.89 15.94 23.00
O2 6VC KD . 9.03 15.90 22.56
N2 6VC KD . 6.96 16.88 22.79
C9 6VC KD . 7.20 18.07 21.99
C10 6VC KD . 6.27 18.29 20.79
O3 6VC KD . 5.86 17.00 20.60
C12 6VC KD . 7.02 19.30 22.77
O4 6VC KD . 6.33 19.26 23.79
N3 6VC KD . 7.58 20.32 22.19
C13 6VC KD . 7.64 21.65 22.73
C21 6VC KD . 6.89 22.61 21.79
C22 6VC KD . 5.36 22.30 21.48
C23 6VC KD . 4.61 23.49 20.78
O6 6VC KD . 5.25 21.19 20.59
C24 6VC KD . 4.65 21.85 22.74
O5 6VC KD . 7.63 22.57 20.57
C14 6VC KD . 9.12 22.04 22.99
C15 6VC KD . 9.94 21.06 23.78
C16 6VC KD . 11.41 21.48 23.69
C20 6VC KD . 9.52 21.06 25.25
C1 6VC KD . 7.82 13.13 25.33
C2 6VC KD . 7.59 12.60 26.75
C3 6VC KD . 6.35 11.68 26.82
C4 6VC KD . 6.40 10.58 25.73
C7 6VC KD . 5.07 12.49 26.76
O8 6VC KD . 3.31 21.43 22.49
#